data_3TDD
#
_entry.id   3TDD
#
_cell.length_a   134.930
_cell.length_b   301.600
_cell.length_c   144.200
_cell.angle_alpha   90.00
_cell.angle_beta   112.94
_cell.angle_gamma   90.00
#
_symmetry.space_group_name_H-M   'P 1 21 1'
#
loop_
_entity.id
_entity.type
_entity.pdbx_description
1 polymer 'Proteasome component Y7'
2 polymer 'Proteasome component Y13'
3 polymer 'Proteasome component PRE6'
4 polymer 'Proteasome component PUP2'
5 polymer 'Proteasome component PRE5'
6 polymer 'Proteasome component C1'
7 polymer 'Proteasome component C7-alpha'
8 polymer 'Proteasome component PUP1'
9 polymer 'Proteasome component PUP3'
10 polymer 'Proteasome component C11'
11 polymer 'Proteasome component PRE2'
12 polymer 'Proteasome component C5'
13 polymer 'Proteasome component PRE4'
14 polymer 'Proteasome component PRE3'
15 non-polymer 'benzyl N-[(naphthalen-2-ylmethoxy)carbonyl]-L-alanyl-N~5~-[(2R,3S,4S)-3-formyl-2-hydroxy-4-methylhexanoyl]-L-ornithinate'
16 water water
#
loop_
_entity_poly.entity_id
_entity_poly.type
_entity_poly.pdbx_seq_one_letter_code
_entity_poly.pdbx_strand_id
1 'polypeptide(L)'
;MTDRYSFSLTTFSPSGKLGQIDYALTAVKQGVTSLGIKATNGVVIATEKKSSSPLAMSETLSKVSLLTPDIGAVYSGMGP
DYRVLVDKSRKVAHTSYKRIYGEYPPTKLLVSEVAKIMQEATQSGGVRPFGVSLLIAGHDEFNGFSLYQVDPSGSYFPWK
ATAIGKGSVAAKTFLEKRWNDELELEDAIHIALLTLKESVEGEFNGDTIELAIIGDENPDLLGYTGIPTDKGPRFRKLTS
QEINDRLEAL
;
A,O
2 'polypeptide(L)'
;GSRRYDSRTTIFSPEGRLYQVEYALESISHAGTAIGIMASDGIVLAAERKVTSTLLEQDTSTEKLYKLNDKIAVAVAGLT
ADAEILINTARIHAQNYLKTYNEDIPVEILVRRLSDIKQGYTQHGGLRPFGVSFIYAGYDDRYGYQLYTSNPSGNYTGWK
AISVGANTSAAQTLLQMDYKDDMKVDDAIELALKTLSKTTDSSALTYDRLEFATIRKGANDGEVYQKIFKPQEIKDILVK
TGIT
;
B,P
3 'polypeptide(L)'
;GYDRALSIFSPDGHIFQVEYALEAVKRGTCAVGVKGKNCVVLGCERRSTLKLQDTRITPSKVSKIDSHVVLSFSGLNADS
RILIEKARVEAQSHRLTLEDPVTVEYLTRYVAGVQQRYTQSGGVRPFGVSTLIAGFDPRDDEPKLYQTEPSGIYSSWSAQ
TIGRNSKTVREFLEKNYDRKEPPATVEECVKLTVRSLLEVVQTGAKNIEITVVKPDSDIVALSSEEINQYVTQIEQEKQE
Q
;
C,Q
4 'polypeptide(L)'
;DRGVSTFSPEGRLFQVEYSLEAIKLGSTAIGIATKEGVVLGVEKRATSPLLESDSIEKIVEIDRHIGCAMSGLTADARSM
IEHARTAAVTHNLYYDEDINVESLTQSVCDLALRFGEGASGEERLMSRPFGVALLIAGHDADDGYQLFHAEPSGTFYRYN
AKAIGSGSEGAQAELLNEWHSSLTLKEAELLVLKILKQVMEEKLDENNAQLSCITKQDGFKIYDNEKTAELIKELKEKEA
AE
;
D,R
5 'polypeptide(L)'
;FRNNYDGDTVTFSPTGRLFQVEYALEAIKQGSVTVGLRSNTHAVLVALKRNADELSSYQKKIIKCDEHMGLSLAGLAPDA
RVLSNYLRQQCNYSSLVFNRKLAVERAGHLLCDKAQKNTQSYGGRPYGVGLLIIGYDKSGAHLLEFQPSGNVTELYGTAI
GARSQGAKTYLERTLDTFIKIDGNPDELIKAGVEAISQSLRDESLTVDNLSIAIVGKDTPFTIYDGEAVAKYI
;
E,S
6 'polypeptide(L)'
;GTGYDLSNSVFSPDGRNFQVEYAVKAVENGTTSIGIKCNDGVVFAVEKLITSKLLVPQKNVKIQVVDRHIGCVYSGLIPD
GRHLVNRGREEAASFKKLYKTPIPIPAFADRLGQYVQAHTLYNSVRPFGVSTIFGGVDKNGAHLYMLEPSGSYWGYKGAA
TGKGRQSAKAELEKLVDHHPEGLSAREAVKQAAKIIYLAHEDNKEKDFELEISWCSLSETNGLHKFVKGDLLQEAIDFAQ
KEIN
;
F,T
7 'polypeptide(L)'
;AGYDRHITIFSPEGRLYQVEYAFKATNQTNINSLAVRGKDCTVVISQKKVPDKLLDPTTVSYIFCISRTIGMVVNGPIPD
ARNAALRAKAEAAEFRYKYGYDMPCDVLAKRMANLSQIYTQRAYMRPLGVILTFVSVDEELGPSIYKTDPAGYYVGYKAT
ATGPKQQEITTNLENHFKKSKIDHINEESWEKVVEFAITHMIDALGTEFSKNDLEVGVATKDKFFTLSAENIEERLVAIA
EQD
;
G,U
8 'polypeptide(L)'
;TTIVGVKFNNGVVIAADTRSTQGPIVADKNCAKLHRISPKIWCAGAGTAADTEAVTQLIGSNIELHSLYTSREPRVVSAL
QMLKQHLFKYQGHIGAYLIVAGVDPTGSHLFSIHAHGSTDVGYYLSLGSGSLAAMAVLESHWKQDLTKEEAIKLASDAIQ
AGIWNDLGSGSNVDVCVMEIGKDAEYLRNYLTPNVREEKQKSYKFPRGTTAVLKESIVNICD
;
H,V
9 'polypeptide(L)'
;SDPSSINGGIVVAMTGKDCVAIACDLRLGSQSLGVSNKFEKIFHYGHVFLGITGLATDVTTLNEMFRYKTNLYKLKEERA
IEPETFTQLVSSSLYERRFGPYFVGPVVAGINSKSGKPFIAGFDLIGCIDEAKDFIVSGTASDQLFGMCESLYEPNLEPE
DLFETISQALLNAADRDALSGWGAVVYIIKKDEVVKRYLKMRQD
;
I,W
10 'polypeptide(L)'
;MDIILGIRVQDSVILASSKAVTRGISVLKDSDDKTRQLSPHTLMSFAGEAGDTVQFAEYIQANIQLYSIREDYELSPQAV
SSFVRQELAKSIRSRRPYQVNVLIGGYDKKKNKPELYQIDYLGTKVELPYGAHGYSGFYTFSLLDHHYRPDMTTEEGLDL
LKLCVQELEKRMPMDFKGVIVKIVDKDGIRQVDDFQAQ
;
J,X
11 'polypeptide(L)'
;TTTLAFRFQGGIIVAVDSRATAGNWVASQTVKKVIEINPFLLGTMAGGAADCQFWETWLGSQCRLHELREKERISVAAAS
KILSNLVYQYKGAGLSMGTMICGYTRKEGPTIYYVDSDGTRLKGDIFCVGSGQTFAYGVLDSNYKWDLSVEDALYLGKRS
ILAAAHRDAYSGGSVNLYHVTEDGWIYHGNHDVGELFWKVKEEEGSFNNVIG
;
K,Y
12 'polypeptide(L)'
;QFNPYGDNGGTILGIAGEDFAVLAGDTRNITDYSINSRYEPKVFDCGDNIVMSANGFAADGDALVKRFKNSVKWYHFDHN
DKKLSINSAARNIQHLLYGKRFFPYYVHTIIAGLDEDGKGAVYSFDPVGSYEREQCRAGGAAASLIMPFLDNQVNFKNQY
EPGTNGKVKKPLKYLSVEEVIKLVRDSFTSATERHIQVGDGLEILIVTKDGVRKEFYELKRD
;
L,Z
13 'polypeptide(L)'
;TQQPIVTGTSVISMKYDNGVIIAADNLGSYGSLLRFNGVERLIPVGDNTVVGISGDISDMQHIERLLKDLVTENAYDNPL
ADAEEALEPSYIFEYLATVMYQRRSKMNPLWNAIIVAGVQSNGDQFLRYVNLLGVTYSSPTLATGFGAHMANPLLRKVVD
RESDIPKTTVQVAEEAIVNAMRVLYYRDARSSRNFSLAIIDKNTGLTFKKNLQVENMKWDFAKDIKGYGTQKI
;
M,1
14 'polypeptide(L)'
;TSIMAVTFKDGVILGADSRTTTGAYIANRVTDKLTRVHDKIWCCRSGSAADTQAIADIVQYHLELYTSQYGTPSTETAAS
VFKELCYENKDNLTAGIIVAGYDDKNKGEVYTIPLGGSVHKLPYAIAGSGSTFIYGYCDKNFRENMSKEETVDFIKHSLS
QAIKWDGSSGGVIRMVVLTAAGVERLIFYPDEYEQL
;
N,2
#
loop_
_chem_comp.id
_chem_comp.type
_chem_comp.name
_chem_comp.formula
BFO non-polymer 'benzyl N-[(naphthalen-2-ylmethoxy)carbonyl]-L-alanyl-N~5~-[(2R,3S,4S)-3-formyl-2-hydroxy-4-methylhexanoyl]-L-ornithinate' 'C35 H43 N3 O8'
#
# COMPACT_ATOMS: atom_id res chain seq x y z
N MET A 1 19.54 52.12 1.83
CA MET A 1 19.36 51.77 3.27
C MET A 1 20.48 50.82 3.68
N THR A 2 20.12 49.80 4.44
CA THR A 2 21.05 48.79 4.91
C THR A 2 22.23 49.42 5.64
N ASP A 3 22.40 49.04 6.90
CA ASP A 3 23.49 49.55 7.70
C ASP A 3 24.76 49.27 6.89
N ARG A 4 25.43 50.33 6.46
CA ARG A 4 26.65 50.17 5.68
C ARG A 4 27.86 50.48 6.54
N TYR A 5 27.60 50.60 7.84
CA TYR A 5 28.64 50.88 8.84
C TYR A 5 29.05 49.54 9.43
N SER A 6 29.85 48.79 8.68
CA SER A 6 30.28 47.48 9.11
C SER A 6 31.69 47.51 9.71
N PHE A 7 32.27 48.70 9.79
CA PHE A 7 33.61 48.87 10.33
C PHE A 7 33.50 49.41 11.76
N SER A 8 34.58 49.26 12.53
CA SER A 8 34.58 49.72 13.93
C SER A 8 34.50 51.24 14.01
N LEU A 9 33.84 51.74 15.05
CA LEU A 9 33.73 53.18 15.27
C LEU A 9 34.63 53.53 16.47
N THR A 10 35.20 52.49 17.07
CA THR A 10 36.12 52.63 18.19
C THR A 10 37.41 52.00 17.70
N THR A 11 38.49 52.77 17.64
CA THR A 11 39.78 52.25 17.17
C THR A 11 40.91 52.75 18.07
N PHE A 12 42.12 52.28 17.81
CA PHE A 12 43.26 52.68 18.62
C PHE A 12 43.92 53.94 18.09
N SER A 13 44.08 54.95 18.95
CA SER A 13 44.76 56.17 18.54
C SER A 13 46.24 55.89 18.72
N PRO A 14 47.12 56.67 18.07
CA PRO A 14 48.56 56.44 18.19
C PRO A 14 49.08 56.23 19.60
N SER A 15 48.48 56.89 20.58
CA SER A 15 48.92 56.74 21.96
C SER A 15 48.43 55.43 22.58
N GLY A 16 47.60 54.70 21.82
CA GLY A 16 47.08 53.43 22.31
C GLY A 16 45.75 53.53 23.04
N LYS A 17 45.19 54.74 23.09
CA LYS A 17 43.91 54.95 23.76
C LYS A 17 42.78 54.54 22.84
N LEU A 18 41.64 54.20 23.43
CA LEU A 18 40.46 53.84 22.65
C LEU A 18 39.49 54.97 22.98
N GLY A 19 39.65 56.06 22.24
CA GLY A 19 38.86 57.26 22.42
C GLY A 19 37.41 57.12 22.82
N GLN A 20 36.65 56.37 22.01
CA GLN A 20 35.24 56.20 22.28
C GLN A 20 34.95 55.64 23.67
N ILE A 21 35.81 54.75 24.15
CA ILE A 21 35.63 54.17 25.47
C ILE A 21 35.94 55.25 26.51
N ASP A 22 37.01 56.01 26.28
CA ASP A 22 37.40 57.09 27.19
C ASP A 22 36.25 58.08 27.31
N TYR A 23 35.69 58.47 26.17
CA TYR A 23 34.59 59.42 26.15
C TYR A 23 33.36 58.86 26.85
N ALA A 24 33.10 57.58 26.67
CA ALA A 24 31.96 56.96 27.31
C ALA A 24 32.15 57.06 28.84
N LEU A 25 33.37 56.87 29.31
CA LEU A 25 33.69 56.97 30.73
C LEU A 25 33.42 58.38 31.23
N THR A 26 33.68 59.36 30.36
CA THR A 26 33.46 60.75 30.71
C THR A 26 31.97 60.97 30.95
N ALA A 27 31.15 60.40 30.07
CA ALA A 27 29.71 60.54 30.21
C ALA A 27 29.30 59.94 31.54
N VAL A 28 29.96 58.86 31.95
CA VAL A 28 29.65 58.21 33.22
C VAL A 28 29.97 59.14 34.40
N LYS A 29 31.09 59.84 34.32
CA LYS A 29 31.52 60.76 35.38
C LYS A 29 30.54 61.89 35.64
N GLN A 30 29.79 62.30 34.61
CA GLN A 30 28.82 63.38 34.75
C GLN A 30 27.54 62.82 35.38
N GLY A 31 27.39 61.50 35.32
CA GLY A 31 26.20 60.87 35.87
C GLY A 31 26.01 60.98 37.36
N VAL A 32 24.76 60.85 37.79
CA VAL A 32 24.45 60.91 39.20
C VAL A 32 25.17 59.79 39.93
N THR A 33 25.61 60.07 41.15
CA THR A 33 26.34 59.09 41.94
C THR A 33 25.50 57.90 42.35
N SER A 34 26.12 56.72 42.33
CA SER A 34 25.49 55.49 42.77
C SER A 34 26.57 54.66 43.47
N LEU A 35 26.19 53.79 44.38
CA LEU A 35 27.16 53.01 45.12
C LEU A 35 26.68 51.65 45.56
N GLY A 36 27.63 50.82 46.00
CA GLY A 36 27.29 49.49 46.47
C GLY A 36 28.16 49.11 47.64
N ILE A 37 27.56 48.48 48.65
CA ILE A 37 28.30 48.06 49.82
C ILE A 37 27.94 46.63 50.14
N LYS A 38 28.96 45.82 50.35
CA LYS A 38 28.74 44.43 50.68
C LYS A 38 28.90 44.19 52.19
N ALA A 39 27.90 43.58 52.80
CA ALA A 39 27.96 43.27 54.22
C ALA A 39 28.22 41.77 54.29
N THR A 40 28.19 41.20 55.49
CA THR A 40 28.43 39.77 55.64
C THR A 40 27.19 38.95 55.27
N ASN A 41 26.03 39.54 55.47
CA ASN A 41 24.78 38.84 55.17
C ASN A 41 23.89 39.60 54.19
N GLY A 42 24.53 40.25 53.22
CA GLY A 42 23.76 40.99 52.24
C GLY A 42 24.59 42.04 51.54
N VAL A 43 23.99 42.66 50.52
CA VAL A 43 24.65 43.70 49.76
C VAL A 43 23.62 44.80 49.57
N VAL A 44 24.08 46.04 49.44
CA VAL A 44 23.15 47.14 49.23
C VAL A 44 23.65 48.01 48.08
N ILE A 45 22.71 48.42 47.23
CA ILE A 45 23.03 49.30 46.11
C ILE A 45 22.07 50.47 46.21
N ALA A 46 22.59 51.68 46.02
CA ALA A 46 21.77 52.87 46.13
C ALA A 46 22.22 53.94 45.17
N THR A 47 21.31 54.86 44.88
CA THR A 47 21.59 55.97 43.99
C THR A 47 20.56 57.07 44.27
N GLU A 48 20.72 58.22 43.62
CA GLU A 48 19.81 59.34 43.80
C GLU A 48 18.81 59.43 42.63
N LYS A 49 17.54 59.63 42.95
CA LYS A 49 16.51 59.77 41.92
C LYS A 49 16.38 61.23 41.52
N LYS A 50 17.36 61.71 40.76
CA LYS A 50 17.42 63.07 40.26
C LYS A 50 16.21 63.43 39.38
N SER A 51 15.07 63.74 40.00
CA SER A 51 13.87 64.08 39.25
C SER A 51 14.14 65.26 38.31
N SER A 52 13.98 65.02 37.01
CA SER A 52 14.23 66.05 35.99
C SER A 52 13.09 67.06 35.86
N SER A 53 12.26 67.16 36.90
CA SER A 53 11.12 68.09 36.95
C SER A 53 10.21 67.64 38.08
N PRO A 54 9.53 68.60 38.72
CA PRO A 54 8.63 68.20 39.81
C PRO A 54 7.34 67.60 39.25
N LEU A 55 7.09 67.84 37.96
CA LEU A 55 5.90 67.30 37.33
C LEU A 55 6.07 65.83 36.97
N ALA A 56 7.32 65.39 36.92
CA ALA A 56 7.64 64.00 36.61
C ALA A 56 7.38 63.15 37.85
N MET A 57 7.02 61.88 37.63
CA MET A 57 6.76 60.96 38.73
C MET A 57 7.97 60.05 38.87
N SER A 58 8.85 60.40 39.81
CA SER A 58 10.07 59.65 40.04
C SER A 58 9.91 58.14 40.25
N GLU A 59 8.72 57.69 40.64
CA GLU A 59 8.50 56.26 40.85
C GLU A 59 8.48 55.52 39.51
N THR A 60 7.89 56.14 38.50
CA THR A 60 7.81 55.55 37.16
C THR A 60 9.18 55.54 36.50
N LEU A 61 10.23 55.40 37.30
CA LEU A 61 11.57 55.40 36.75
C LEU A 61 12.53 54.83 37.78
N SER A 62 12.71 53.52 37.75
CA SER A 62 13.61 52.85 38.68
C SER A 62 15.02 52.81 38.12
N LYS A 63 15.97 53.30 38.91
CA LYS A 63 17.36 53.28 38.51
C LYS A 63 17.95 51.97 39.04
N VAL A 64 17.23 51.36 39.99
CA VAL A 64 17.64 50.10 40.58
C VAL A 64 16.73 49.01 40.02
N SER A 65 17.29 48.10 39.24
CA SER A 65 16.52 47.05 38.60
C SER A 65 16.87 45.63 39.01
N LEU A 66 15.84 44.79 39.07
CA LEU A 66 16.01 43.38 39.40
C LEU A 66 16.38 42.67 38.09
N LEU A 67 17.45 41.87 38.11
CA LEU A 67 17.86 41.14 36.92
C LEU A 67 17.39 39.69 37.03
N THR A 68 17.52 39.13 38.23
CA THR A 68 17.07 37.78 38.53
C THR A 68 16.57 37.93 39.96
N PRO A 69 15.83 36.95 40.48
CA PRO A 69 15.38 37.15 41.85
C PRO A 69 16.48 37.30 42.92
N ASP A 70 17.74 37.09 42.53
CA ASP A 70 18.86 37.22 43.47
C ASP A 70 19.94 38.17 42.97
N ILE A 71 19.60 38.98 41.98
CA ILE A 71 20.59 39.90 41.43
C ILE A 71 19.92 41.22 41.08
N GLY A 72 20.57 42.32 41.41
CA GLY A 72 20.02 43.62 41.09
C GLY A 72 21.11 44.47 40.50
N ALA A 73 20.73 45.53 39.80
CA ALA A 73 21.72 46.41 39.20
C ALA A 73 21.33 47.87 39.38
N VAL A 74 22.34 48.73 39.32
CA VAL A 74 22.13 50.17 39.45
C VAL A 74 23.22 50.76 38.57
N TYR A 75 23.13 52.04 38.23
CA TYR A 75 24.14 52.60 37.35
C TYR A 75 24.43 54.09 37.54
N SER A 76 25.30 54.57 36.65
CA SER A 76 25.71 55.96 36.56
C SER A 76 26.06 56.21 35.10
N GLY A 77 25.44 57.22 34.52
CA GLY A 77 25.69 57.54 33.13
C GLY A 77 24.41 57.77 32.36
N MET A 78 24.36 57.25 31.15
CA MET A 78 23.19 57.42 30.30
C MET A 78 22.06 56.45 30.59
N GLY A 79 21.02 56.98 31.22
CA GLY A 79 19.86 56.20 31.56
C GLY A 79 19.34 55.28 30.45
N PRO A 80 18.99 55.81 29.26
CA PRO A 80 18.50 54.97 28.17
C PRO A 80 19.38 53.75 27.86
N ASP A 81 20.71 53.95 27.85
CA ASP A 81 21.62 52.84 27.59
C ASP A 81 21.44 51.77 28.68
N TYR A 82 21.31 52.22 29.92
CA TYR A 82 21.11 51.32 31.06
C TYR A 82 19.80 50.51 30.91
N ARG A 83 18.74 51.20 30.53
CA ARG A 83 17.45 50.54 30.39
C ARG A 83 17.52 49.35 29.41
N VAL A 84 18.03 49.57 28.19
CA VAL A 84 18.12 48.48 27.24
C VAL A 84 19.10 47.43 27.73
N LEU A 85 20.12 47.86 28.46
CA LEU A 85 21.10 46.92 28.98
C LEU A 85 20.42 46.00 29.99
N VAL A 86 19.47 46.56 30.73
CA VAL A 86 18.71 45.78 31.71
C VAL A 86 17.82 44.77 31.01
N ASP A 87 17.18 45.17 29.92
CA ASP A 87 16.32 44.25 29.21
C ASP A 87 17.14 43.07 28.68
N LYS A 88 18.30 43.38 28.09
CA LYS A 88 19.17 42.36 27.54
C LYS A 88 19.70 41.43 28.62
N SER A 89 19.99 41.98 29.78
CA SER A 89 20.52 41.20 30.89
C SER A 89 19.48 40.23 31.42
N ARG A 90 18.26 40.69 31.56
CA ARG A 90 17.21 39.82 32.05
C ARG A 90 16.99 38.67 31.07
N LYS A 91 17.03 38.97 29.79
CA LYS A 91 16.83 37.95 28.79
C LYS A 91 17.98 36.96 28.72
N VAL A 92 19.19 37.46 28.66
CA VAL A 92 20.36 36.58 28.57
C VAL A 92 20.43 35.67 29.81
N ALA A 93 19.89 36.13 30.92
CA ALA A 93 19.89 35.31 32.13
C ALA A 93 19.11 34.04 31.87
N HIS A 94 18.09 34.13 31.01
CA HIS A 94 17.24 32.99 30.65
C HIS A 94 17.80 32.21 29.47
N THR A 95 17.97 32.89 28.34
CA THR A 95 18.47 32.23 27.13
C THR A 95 19.82 31.55 27.29
N SER A 96 20.75 32.19 27.99
CA SER A 96 22.07 31.58 28.15
C SER A 96 22.28 30.84 29.45
N TYR A 97 21.23 30.67 30.24
CA TYR A 97 21.41 29.97 31.49
C TYR A 97 20.21 29.23 32.03
N LYS A 98 19.18 29.95 32.44
CA LYS A 98 18.01 29.28 33.01
C LYS A 98 17.39 28.24 32.10
N ARG A 99 17.33 28.53 30.80
CA ARG A 99 16.75 27.59 29.85
C ARG A 99 17.62 26.36 29.59
N ILE A 100 18.85 26.39 30.08
CA ILE A 100 19.79 25.30 29.91
C ILE A 100 20.02 24.48 31.18
N TYR A 101 20.16 25.17 32.30
CA TYR A 101 20.42 24.53 33.60
C TYR A 101 19.24 24.53 34.56
N GLY A 102 18.16 25.20 34.16
CA GLY A 102 16.99 25.21 35.02
C GLY A 102 17.13 26.01 36.29
N GLU A 103 18.16 26.85 36.36
CA GLU A 103 18.38 27.70 37.53
C GLU A 103 18.94 29.04 37.05
N TYR A 104 18.76 30.09 37.85
CA TYR A 104 19.26 31.40 37.48
C TYR A 104 20.78 31.42 37.57
N PRO A 105 21.44 32.26 36.78
CA PRO A 105 22.90 32.31 36.81
C PRO A 105 23.51 32.92 38.05
N PRO A 106 24.74 32.53 38.38
CA PRO A 106 25.41 33.08 39.56
C PRO A 106 25.90 34.50 39.18
N THR A 107 25.85 35.41 40.13
CA THR A 107 26.26 36.80 39.90
C THR A 107 27.45 37.02 38.94
N LYS A 108 28.55 36.31 39.16
CA LYS A 108 29.71 36.49 38.30
C LYS A 108 29.44 36.19 36.83
N LEU A 109 28.74 35.10 36.56
CA LEU A 109 28.44 34.72 35.17
C LEU A 109 27.50 35.68 34.46
N LEU A 110 26.45 36.14 35.14
CA LEU A 110 25.52 37.07 34.53
C LEU A 110 26.29 38.37 34.26
N VAL A 111 27.14 38.75 35.20
CA VAL A 111 27.95 39.96 35.06
C VAL A 111 28.83 39.75 33.83
N SER A 112 29.34 38.55 33.72
CA SER A 112 30.19 38.18 32.60
C SER A 112 29.43 38.40 31.28
N GLU A 113 28.17 37.97 31.25
CA GLU A 113 27.34 38.10 30.06
C GLU A 113 27.13 39.57 29.71
N VAL A 114 26.76 40.35 30.72
CA VAL A 114 26.53 41.78 30.54
C VAL A 114 27.80 42.44 30.01
N ALA A 115 28.93 42.07 30.60
CA ALA A 115 30.22 42.62 30.20
C ALA A 115 30.49 42.33 28.73
N LYS A 116 30.16 41.10 28.31
CA LYS A 116 30.36 40.70 26.93
C LYS A 116 29.55 41.58 25.99
N ILE A 117 28.31 41.86 26.37
CA ILE A 117 27.44 42.70 25.56
C ILE A 117 28.07 44.07 25.38
N MET A 118 28.66 44.60 26.44
CA MET A 118 29.30 45.90 26.38
C MET A 118 30.62 45.85 25.60
N GLN A 119 31.36 44.77 25.73
CA GLN A 119 32.63 44.66 25.02
C GLN A 119 32.38 44.69 23.52
N GLU A 120 31.29 44.07 23.10
CA GLU A 120 30.95 44.02 21.69
C GLU A 120 30.62 45.39 21.10
N ALA A 121 29.96 46.22 21.89
CA ALA A 121 29.57 47.57 21.45
C ALA A 121 30.81 48.45 21.36
N THR A 122 31.95 47.83 21.60
CA THR A 122 33.25 48.48 21.59
C THR A 122 34.08 48.03 20.38
N GLN A 123 33.58 47.02 19.68
CA GLN A 123 34.31 46.48 18.54
C GLN A 123 33.43 46.17 17.31
N SER A 124 32.16 45.82 17.51
CA SER A 124 31.27 45.53 16.40
C SER A 124 31.22 46.71 15.47
N GLY A 125 30.81 46.47 14.23
CA GLY A 125 30.73 47.55 13.29
C GLY A 125 29.53 48.45 13.52
N GLY A 126 29.69 49.72 13.19
CA GLY A 126 28.61 50.69 13.26
C GLY A 126 27.97 51.09 14.58
N VAL A 127 28.65 50.90 15.71
CA VAL A 127 28.04 51.29 16.98
C VAL A 127 29.04 52.04 17.86
N ARG A 128 28.54 52.59 18.96
CA ARG A 128 29.37 53.31 19.92
C ARG A 128 29.26 52.53 21.21
N PRO A 129 30.22 52.70 22.13
CA PRO A 129 30.16 51.97 23.40
C PRO A 129 28.97 52.42 24.24
N PHE A 130 28.60 51.64 25.25
CA PHE A 130 27.51 52.03 26.12
C PHE A 130 28.04 53.12 27.05
N GLY A 131 27.24 54.16 27.25
CA GLY A 131 27.67 55.26 28.11
C GLY A 131 27.29 55.08 29.56
N VAL A 132 27.54 53.90 30.13
CA VAL A 132 27.22 53.69 31.52
C VAL A 132 28.19 52.75 32.21
N SER A 133 28.15 52.78 33.54
CA SER A 133 28.94 51.88 34.38
C SER A 133 27.87 51.31 35.28
N LEU A 134 27.90 49.99 35.46
CA LEU A 134 26.91 49.33 36.28
C LEU A 134 27.52 48.79 37.55
N LEU A 135 26.67 48.64 38.57
CA LEU A 135 27.05 48.05 39.84
C LEU A 135 26.01 46.96 39.96
N ILE A 136 26.45 45.72 39.91
CA ILE A 136 25.54 44.59 40.00
C ILE A 136 25.80 43.87 41.32
N ALA A 137 24.73 43.69 42.09
CA ALA A 137 24.83 43.02 43.37
C ALA A 137 23.95 41.78 43.37
N GLY A 138 24.51 40.65 43.80
CA GLY A 138 23.72 39.44 43.83
C GLY A 138 24.21 38.40 44.81
N HIS A 139 23.50 37.28 44.84
CA HIS A 139 23.84 36.16 45.71
C HIS A 139 23.51 34.83 45.06
N ASP A 140 24.41 33.87 45.18
CA ASP A 140 24.18 32.54 44.66
C ASP A 140 24.75 31.54 45.67
N GLU A 141 24.17 30.33 45.67
CA GLU A 141 24.56 29.29 46.60
C GLU A 141 26.06 29.02 46.82
N PHE A 142 26.83 28.96 45.74
CA PHE A 142 28.25 28.65 45.92
C PHE A 142 29.21 29.83 46.03
N ASN A 143 28.73 31.06 45.85
CA ASN A 143 29.63 32.19 45.93
C ASN A 143 29.13 33.20 46.95
N GLY A 144 28.01 32.91 47.57
CA GLY A 144 27.45 33.82 48.56
C GLY A 144 27.10 35.17 47.96
N PHE A 145 27.42 36.23 48.67
CA PHE A 145 27.12 37.58 48.20
C PHE A 145 28.29 38.17 47.44
N SER A 146 27.99 38.96 46.43
CA SER A 146 29.03 39.61 45.66
C SER A 146 28.55 40.93 45.07
N LEU A 147 29.49 41.78 44.69
CA LEU A 147 29.21 43.08 44.13
C LEU A 147 30.21 43.33 43.01
N TYR A 148 29.72 43.69 41.83
CA TYR A 148 30.60 43.91 40.69
C TYR A 148 30.35 45.24 40.03
N GLN A 149 31.40 45.76 39.40
CA GLN A 149 31.31 47.01 38.65
C GLN A 149 31.66 46.63 37.22
N VAL A 150 30.89 47.15 36.26
CA VAL A 150 31.15 46.85 34.84
C VAL A 150 31.26 48.17 34.10
N ASP A 151 32.40 48.42 33.47
CA ASP A 151 32.62 49.66 32.74
C ASP A 151 32.33 49.56 31.24
N PRO A 152 32.21 50.72 30.55
CA PRO A 152 31.92 50.78 29.11
C PRO A 152 32.84 49.90 28.25
N SER A 153 34.05 49.64 28.73
CA SER A 153 35.00 48.81 27.98
C SER A 153 34.61 47.36 28.01
N GLY A 154 33.83 46.96 29.01
CA GLY A 154 33.44 45.57 29.13
C GLY A 154 34.17 44.94 30.30
N SER A 155 35.03 45.73 30.94
CA SER A 155 35.80 45.26 32.09
C SER A 155 34.96 45.28 33.35
N TYR A 156 35.12 44.26 34.18
CA TYR A 156 34.36 44.22 35.43
C TYR A 156 35.30 43.76 36.53
N PHE A 157 35.02 44.18 37.76
CA PHE A 157 35.83 43.83 38.91
C PHE A 157 34.96 43.73 40.14
N PRO A 158 35.30 42.81 41.06
CA PRO A 158 34.58 42.60 42.31
C PRO A 158 34.98 43.63 43.37
N TRP A 159 33.99 44.10 44.13
CA TRP A 159 34.22 45.09 45.16
C TRP A 159 33.65 44.72 46.53
N LYS A 160 34.19 45.36 47.56
CA LYS A 160 33.71 45.16 48.92
C LYS A 160 32.71 46.30 49.04
N ALA A 161 33.08 47.42 48.44
CA ALA A 161 32.27 48.63 48.41
C ALA A 161 32.89 49.58 47.39
N THR A 162 32.07 50.40 46.76
CA THR A 162 32.56 51.37 45.80
C THR A 162 31.44 52.28 45.32
N ALA A 163 31.81 53.36 44.65
CA ALA A 163 30.85 54.30 44.13
C ALA A 163 31.30 54.67 42.72
N ILE A 164 30.35 55.14 41.93
CA ILE A 164 30.64 55.54 40.56
C ILE A 164 29.82 56.80 40.27
N GLY A 165 30.26 57.57 39.28
CA GLY A 165 29.55 58.77 38.94
C GLY A 165 30.14 60.04 39.54
N LYS A 166 29.37 61.13 39.42
CA LYS A 166 29.73 62.45 39.91
C LYS A 166 30.76 62.49 41.05
N GLY A 167 30.34 62.14 42.26
CA GLY A 167 31.25 62.20 43.38
C GLY A 167 31.83 60.88 43.83
N SER A 168 32.19 60.04 42.87
CA SER A 168 32.74 58.73 43.17
C SER A 168 34.05 58.84 43.96
N VAL A 169 34.93 59.77 43.58
CA VAL A 169 36.21 59.93 44.27
C VAL A 169 36.03 60.15 45.77
N ALA A 170 35.23 61.14 46.12
CA ALA A 170 34.96 61.46 47.53
C ALA A 170 34.27 60.28 48.22
N ALA A 171 33.17 59.82 47.63
CA ALA A 171 32.40 58.71 48.17
C ALA A 171 33.25 57.46 48.41
N LYS A 172 34.16 57.16 47.49
CA LYS A 172 35.00 55.99 47.66
C LYS A 172 35.91 56.19 48.87
N THR A 173 36.32 57.43 49.08
CA THR A 173 37.18 57.74 50.22
C THR A 173 36.39 57.56 51.51
N PHE A 174 35.19 58.12 51.56
CA PHE A 174 34.38 57.99 52.75
C PHE A 174 34.04 56.53 53.03
N LEU A 175 33.97 55.74 51.96
CA LEU A 175 33.65 54.33 52.13
C LEU A 175 34.81 53.54 52.73
N GLU A 176 36.03 53.83 52.26
CA GLU A 176 37.21 53.13 52.78
C GLU A 176 37.29 53.30 54.29
N LYS A 177 36.90 54.46 54.78
CA LYS A 177 36.94 54.74 56.21
C LYS A 177 35.99 53.87 57.03
N ARG A 178 34.75 53.76 56.59
CA ARG A 178 33.75 53.02 57.34
C ARG A 178 33.62 51.51 57.06
N TRP A 179 34.26 51.01 56.01
CA TRP A 179 34.11 49.58 55.71
C TRP A 179 35.04 48.60 56.41
N ASN A 180 34.45 47.51 56.88
CA ASN A 180 35.19 46.45 57.54
C ASN A 180 34.48 45.15 57.17
N ASP A 181 35.18 44.01 57.32
CA ASP A 181 34.60 42.72 56.97
C ASP A 181 33.69 42.10 58.03
N GLU A 182 33.07 42.93 58.86
CA GLU A 182 32.17 42.43 59.90
C GLU A 182 30.85 43.18 59.93
N LEU A 183 30.58 43.92 58.86
CA LEU A 183 29.35 44.70 58.75
C LEU A 183 28.15 43.82 58.54
N GLU A 184 27.06 44.16 59.24
CA GLU A 184 25.81 43.43 59.11
C GLU A 184 25.05 44.26 58.07
N LEU A 185 24.05 43.69 57.42
CA LEU A 185 23.32 44.43 56.38
C LEU A 185 22.88 45.84 56.79
N GLU A 186 22.24 45.97 57.94
CA GLU A 186 21.78 47.27 58.43
C GLU A 186 22.90 48.30 58.52
N ASP A 187 24.08 47.84 58.92
CA ASP A 187 25.25 48.71 59.04
C ASP A 187 25.58 49.27 57.66
N ALA A 188 25.63 48.39 56.66
CA ALA A 188 25.94 48.80 55.30
C ALA A 188 24.87 49.76 54.80
N ILE A 189 23.61 49.48 55.07
CA ILE A 189 22.54 50.36 54.64
C ILE A 189 22.76 51.73 55.26
N HIS A 190 23.16 51.72 56.52
CA HIS A 190 23.41 52.96 57.24
C HIS A 190 24.55 53.73 56.56
N ILE A 191 25.69 53.06 56.41
CA ILE A 191 26.83 53.69 55.77
C ILE A 191 26.49 54.19 54.37
N ALA A 192 25.67 53.41 53.67
CA ALA A 192 25.25 53.76 52.32
C ALA A 192 24.51 55.08 52.37
N LEU A 193 23.56 55.19 53.29
CA LEU A 193 22.79 56.41 53.42
C LEU A 193 23.65 57.61 53.76
N LEU A 194 24.65 57.42 54.62
CA LEU A 194 25.55 58.50 55.00
C LEU A 194 26.38 58.95 53.80
N THR A 195 26.95 57.98 53.09
CA THR A 195 27.80 58.24 51.94
C THR A 195 27.06 59.00 50.85
N LEU A 196 25.79 58.66 50.68
CA LEU A 196 24.96 59.28 49.66
C LEU A 196 24.56 60.69 50.01
N LYS A 197 24.34 60.96 51.30
CA LYS A 197 23.95 62.29 51.73
C LYS A 197 24.94 63.34 51.23
N GLU A 198 26.22 63.01 51.25
CA GLU A 198 27.25 63.94 50.79
C GLU A 198 27.05 64.33 49.33
N SER A 199 26.68 63.35 48.51
CA SER A 199 26.49 63.57 47.08
C SER A 199 25.18 64.22 46.70
N VAL A 200 24.22 64.28 47.62
CA VAL A 200 22.93 64.89 47.31
C VAL A 200 22.89 66.36 47.69
N GLU A 201 22.46 67.19 46.74
CA GLU A 201 22.36 68.64 46.93
C GLU A 201 21.07 69.03 47.63
N GLY A 202 19.94 68.70 47.01
CA GLY A 202 18.64 69.05 47.57
C GLY A 202 18.05 68.10 48.59
N GLU A 203 16.76 67.80 48.42
CA GLU A 203 16.05 66.93 49.33
C GLU A 203 16.66 65.54 49.46
N PHE A 204 16.79 65.07 50.70
CA PHE A 204 17.35 63.76 50.97
C PHE A 204 16.37 62.96 51.81
N ASN A 205 15.50 62.20 51.13
CA ASN A 205 14.50 61.39 51.79
C ASN A 205 14.16 60.18 50.95
N GLY A 206 13.26 59.35 51.46
CA GLY A 206 12.86 58.14 50.75
C GLY A 206 12.21 58.31 49.39
N ASP A 207 11.97 59.56 48.98
CA ASP A 207 11.34 59.80 47.69
C ASP A 207 12.34 60.32 46.66
N THR A 208 13.51 60.73 47.14
CA THR A 208 14.57 61.23 46.27
C THR A 208 15.73 60.24 46.22
N ILE A 209 15.59 59.17 46.98
CA ILE A 209 16.61 58.13 47.05
C ILE A 209 16.01 56.79 46.60
N GLU A 210 16.84 55.99 45.93
CA GLU A 210 16.41 54.68 45.48
C GLU A 210 17.42 53.70 46.08
N LEU A 211 16.93 52.71 46.82
CA LEU A 211 17.83 51.77 47.45
C LEU A 211 17.26 50.35 47.47
N ALA A 212 18.12 49.39 47.17
CA ALA A 212 17.73 47.98 47.16
C ALA A 212 18.80 47.14 47.82
N ILE A 213 18.42 45.95 48.27
CA ILE A 213 19.35 45.06 48.92
C ILE A 213 19.26 43.64 48.38
N ILE A 214 20.26 42.84 48.71
CA ILE A 214 20.30 41.45 48.35
C ILE A 214 20.51 40.85 49.72
N GLY A 215 19.44 40.34 50.34
CA GLY A 215 19.57 39.77 51.67
C GLY A 215 19.07 38.36 51.80
N ASP A 216 18.15 38.13 52.74
CA ASP A 216 17.60 36.80 52.95
C ASP A 216 16.50 36.58 51.92
N GLU A 217 15.97 35.35 51.89
CA GLU A 217 14.90 35.01 50.98
C GLU A 217 13.60 35.59 51.55
N ASN A 218 12.80 36.19 50.68
CA ASN A 218 11.52 36.80 51.06
C ASN A 218 10.36 35.91 50.60
N PRO A 219 10.08 34.82 51.35
CA PRO A 219 8.99 33.91 50.98
C PRO A 219 7.67 34.64 50.73
N ASP A 220 7.54 35.80 51.35
CA ASP A 220 6.35 36.62 51.21
C ASP A 220 6.26 37.26 49.82
N LEU A 221 7.38 37.27 49.10
CA LEU A 221 7.43 37.86 47.77
C LEU A 221 7.49 36.79 46.66
N LEU A 222 7.23 35.53 47.02
CA LEU A 222 7.27 34.43 46.06
C LEU A 222 5.99 34.33 45.24
N GLY A 223 4.85 34.54 45.88
CA GLY A 223 3.59 34.48 45.17
C GLY A 223 2.88 33.14 45.24
N TYR A 224 3.56 32.12 45.77
CA TYR A 224 2.97 30.80 45.90
C TYR A 224 3.69 29.99 46.97
N THR A 225 3.07 28.88 47.36
CA THR A 225 3.63 27.98 48.36
C THR A 225 3.38 26.54 47.96
N GLY A 226 4.19 25.63 48.48
CA GLY A 226 4.04 24.23 48.16
C GLY A 226 5.32 23.57 47.68
N ILE A 227 6.32 24.39 47.36
CA ILE A 227 7.60 23.86 46.89
C ILE A 227 8.68 24.26 47.90
N PRO A 228 8.94 23.39 48.90
CA PRO A 228 9.94 23.62 49.95
C PRO A 228 11.24 24.28 49.51
N THR A 229 11.73 23.92 48.33
CA THR A 229 12.98 24.46 47.83
C THR A 229 12.91 25.91 47.33
N ASP A 230 11.72 26.35 46.93
CA ASP A 230 11.54 27.73 46.46
C ASP A 230 11.13 28.58 47.66
N LYS A 231 12.07 29.36 48.20
CA LYS A 231 11.79 30.18 49.37
C LYS A 231 11.59 31.68 49.15
N GLY A 232 11.72 32.14 47.90
CA GLY A 232 11.54 33.56 47.64
C GLY A 232 12.80 34.26 47.16
N PRO A 233 12.68 35.46 46.57
CA PRO A 233 13.82 36.24 46.07
C PRO A 233 14.62 36.93 47.17
N ARG A 234 15.94 37.01 46.99
CA ARG A 234 16.81 37.65 47.96
C ARG A 234 16.89 39.15 47.69
N PHE A 235 16.50 39.54 46.49
CA PHE A 235 16.50 40.93 46.08
C PHE A 235 15.24 41.63 46.59
N ARG A 236 15.43 42.76 47.24
CA ARG A 236 14.29 43.54 47.72
C ARG A 236 14.62 45.02 47.67
N LYS A 237 13.75 45.77 46.99
CA LYS A 237 13.92 47.20 46.87
C LYS A 237 13.25 47.79 48.12
N LEU A 238 13.89 48.76 48.77
CA LEU A 238 13.28 49.35 49.95
C LEU A 238 12.22 50.35 49.54
N THR A 239 11.22 50.51 50.41
CA THR A 239 10.13 51.44 50.15
C THR A 239 10.50 52.84 50.63
N SER A 240 9.77 53.84 50.16
CA SER A 240 10.02 55.22 50.54
C SER A 240 10.05 55.29 52.06
N GLN A 241 9.07 54.65 52.70
CA GLN A 241 8.96 54.62 54.15
C GLN A 241 10.17 53.98 54.81
N GLU A 242 10.47 52.73 54.46
CA GLU A 242 11.60 52.02 55.06
C GLU A 242 12.88 52.84 55.04
N ILE A 243 12.98 53.74 54.07
CA ILE A 243 14.15 54.59 53.95
C ILE A 243 14.10 55.72 54.98
N ASN A 244 12.98 56.44 55.02
CA ASN A 244 12.82 57.54 55.96
C ASN A 244 13.05 57.09 57.39
N ASP A 245 12.51 55.92 57.74
CA ASP A 245 12.68 55.37 59.07
C ASP A 245 14.16 55.33 59.44
N ARG A 246 14.99 54.84 58.54
CA ARG A 246 16.42 54.75 58.79
C ARG A 246 17.12 56.09 58.70
N LEU A 247 16.48 57.08 58.07
CA LEU A 247 17.07 58.41 57.94
C LEU A 247 17.04 59.16 59.27
N GLU A 248 16.10 58.80 60.14
CA GLU A 248 15.98 59.44 61.45
C GLU A 248 17.13 59.00 62.35
N ALA A 249 17.54 57.75 62.19
CA ALA A 249 18.66 57.22 62.97
C ALA A 249 19.95 57.51 62.23
N LEU A 250 19.97 58.63 61.51
CA LEU A 250 21.14 59.05 60.71
C LEU A 250 22.13 59.88 61.53
N GLY B 1 27.59 59.22 1.96
CA GLY B 1 27.83 57.78 2.27
C GLY B 1 28.60 57.55 3.57
N SER B 2 28.81 56.27 3.89
CA SER B 2 29.52 55.85 5.11
C SER B 2 31.04 55.94 5.03
N ARG B 3 31.59 55.59 3.87
CA ARG B 3 33.03 55.60 3.61
C ARG B 3 33.75 56.73 4.34
N ARG B 4 33.05 57.83 4.53
CA ARG B 4 33.57 59.01 5.19
C ARG B 4 34.11 58.77 6.61
N TYR B 5 33.40 57.96 7.39
CA TYR B 5 33.78 57.68 8.78
C TYR B 5 34.55 56.38 8.99
N ASP B 6 34.95 55.72 7.92
CA ASP B 6 35.69 54.46 7.99
C ASP B 6 37.18 54.66 8.26
N SER B 7 37.64 54.22 9.44
CA SER B 7 39.04 54.34 9.85
C SER B 7 39.98 53.43 9.07
N ARG B 8 39.40 52.43 8.39
CA ARG B 8 40.19 51.48 7.61
C ARG B 8 41.24 50.85 8.52
N THR B 9 40.76 50.12 9.53
CA THR B 9 41.61 49.45 10.51
C THR B 9 42.56 48.41 9.96
N THR B 10 42.37 47.98 8.71
CA THR B 10 43.26 46.95 8.16
C THR B 10 44.13 47.35 6.96
N ILE B 11 44.77 48.51 7.01
CA ILE B 11 45.62 48.90 5.89
C ILE B 11 47.07 49.03 6.30
N PHE B 12 47.94 48.98 5.30
CA PHE B 12 49.38 49.08 5.48
C PHE B 12 49.82 50.55 5.49
N SER B 13 50.89 50.83 6.23
CA SER B 13 51.45 52.17 6.27
C SER B 13 52.46 52.21 5.12
N PRO B 14 52.89 53.40 4.69
CA PRO B 14 53.86 53.43 3.59
C PRO B 14 55.09 52.58 3.88
N GLU B 15 55.38 52.41 5.17
CA GLU B 15 56.52 51.61 5.60
C GLU B 15 56.20 50.11 5.65
N GLY B 16 54.93 49.78 5.38
CA GLY B 16 54.53 48.39 5.39
C GLY B 16 54.27 47.86 6.78
N ARG B 17 53.63 48.68 7.61
CA ARG B 17 53.29 48.29 8.97
C ARG B 17 51.78 48.37 9.13
N LEU B 18 51.27 47.72 10.16
CA LEU B 18 49.82 47.75 10.40
C LEU B 18 49.48 48.71 11.53
N TYR B 19 49.13 49.94 11.15
CA TYR B 19 48.76 50.98 12.11
C TYR B 19 48.09 50.46 13.37
N GLN B 20 46.88 49.94 13.23
CA GLN B 20 46.13 49.41 14.36
C GLN B 20 46.91 48.42 15.22
N VAL B 21 47.60 47.48 14.59
CA VAL B 21 48.38 46.50 15.36
C VAL B 21 49.41 47.24 16.21
N GLU B 22 50.12 48.17 15.57
CA GLU B 22 51.15 48.95 16.22
C GLU B 22 50.61 49.76 17.40
N TYR B 23 49.42 50.35 17.20
CA TYR B 23 48.79 51.15 18.24
C TYR B 23 48.21 50.27 19.35
N ALA B 24 47.81 49.06 19.00
CA ALA B 24 47.26 48.13 19.98
C ALA B 24 48.43 47.75 20.90
N LEU B 25 49.58 47.47 20.29
CA LEU B 25 50.77 47.11 21.04
C LEU B 25 51.14 48.24 21.99
N GLU B 26 51.05 49.48 21.50
CA GLU B 26 51.36 50.64 22.32
C GLU B 26 50.45 50.61 23.55
N SER B 27 49.19 50.25 23.33
CA SER B 27 48.21 50.17 24.40
C SER B 27 48.66 49.14 25.43
N ILE B 28 49.00 47.96 24.94
CA ILE B 28 49.43 46.85 25.77
C ILE B 28 50.66 47.19 26.62
N SER B 29 51.55 48.02 26.08
CA SER B 29 52.76 48.40 26.79
C SER B 29 52.47 49.15 28.10
N HIS B 30 51.22 49.50 28.33
CA HIS B 30 50.83 50.23 29.54
C HIS B 30 50.08 49.31 30.50
N ALA B 31 49.95 48.04 30.13
CA ALA B 31 49.25 47.08 30.97
C ALA B 31 50.16 46.47 32.02
N GLY B 32 49.58 46.04 33.13
CA GLY B 32 50.39 45.42 34.18
C GLY B 32 51.25 44.34 33.58
N THR B 33 52.52 44.30 33.98
CA THR B 33 53.47 43.32 33.47
C THR B 33 53.17 41.88 33.86
N ALA B 34 53.34 40.97 32.90
CA ALA B 34 53.11 39.56 33.15
C ALA B 34 54.36 38.82 32.69
N ILE B 35 54.76 37.82 33.48
CA ILE B 35 55.95 37.06 33.17
C ILE B 35 55.71 35.56 33.12
N GLY B 36 56.43 34.90 32.22
CA GLY B 36 56.34 33.47 32.08
C GLY B 36 57.75 32.89 32.07
N ILE B 37 58.02 31.97 32.98
CA ILE B 37 59.33 31.34 33.04
C ILE B 37 59.16 29.83 33.04
N MET B 38 59.89 29.16 32.16
CA MET B 38 59.80 27.72 32.06
C MET B 38 61.02 27.02 32.66
N ALA B 39 60.76 26.16 33.63
CA ALA B 39 61.81 25.39 34.30
C ALA B 39 61.80 23.97 33.78
N SER B 40 62.72 23.15 34.30
CA SER B 40 62.81 21.75 33.90
C SER B 40 61.63 20.93 34.42
N ASP B 41 61.20 21.24 35.64
CA ASP B 41 60.10 20.53 36.26
C ASP B 41 58.78 21.29 36.33
N GLY B 42 58.63 22.33 35.51
CA GLY B 42 57.39 23.08 35.54
C GLY B 42 57.45 24.47 34.93
N ILE B 43 56.33 25.18 34.98
CA ILE B 43 56.26 26.54 34.42
C ILE B 43 55.67 27.51 35.43
N VAL B 44 56.14 28.75 35.37
CA VAL B 44 55.66 29.78 36.27
C VAL B 44 55.08 30.97 35.53
N LEU B 45 53.90 31.42 35.98
CA LEU B 45 53.23 32.57 35.40
C LEU B 45 53.03 33.57 36.53
N ALA B 46 53.47 34.79 36.32
CA ALA B 46 53.34 35.83 37.33
C ALA B 46 52.87 37.10 36.67
N ALA B 47 51.99 37.84 37.34
CA ALA B 47 51.48 39.08 36.77
C ALA B 47 51.20 40.14 37.83
N GLU B 48 51.38 41.40 37.44
CA GLU B 48 51.17 42.53 38.33
C GLU B 48 49.82 43.18 38.05
N ARG B 49 48.94 43.18 39.05
CA ARG B 49 47.62 43.79 38.91
C ARG B 49 47.78 45.30 38.79
N LYS B 50 47.42 45.83 37.63
CA LYS B 50 47.53 47.27 37.41
C LYS B 50 46.34 47.90 38.14
N VAL B 51 46.62 48.92 38.94
CA VAL B 51 45.59 49.65 39.70
C VAL B 51 44.82 48.79 40.72
N THR B 52 44.77 49.28 41.96
CA THR B 52 44.06 48.59 43.03
C THR B 52 43.62 49.58 44.10
N SER B 53 42.69 49.15 44.95
CA SER B 53 42.17 49.98 46.03
C SER B 53 42.02 49.13 47.28
N THR B 54 41.81 49.78 48.41
CA THR B 54 41.65 49.07 49.67
C THR B 54 40.40 48.20 49.58
N LEU B 55 39.36 48.74 48.97
CA LEU B 55 38.08 48.04 48.84
C LEU B 55 37.99 47.02 47.73
N LEU B 56 39.01 46.93 46.88
CA LEU B 56 38.97 45.96 45.80
C LEU B 56 39.01 44.56 46.39
N GLU B 57 38.02 43.74 46.04
CA GLU B 57 37.90 42.37 46.52
C GLU B 57 38.94 41.51 45.80
N GLN B 58 40.05 41.20 46.47
CA GLN B 58 41.09 40.43 45.81
C GLN B 58 40.87 38.92 45.80
N ASP B 59 40.07 38.41 46.72
CA ASP B 59 39.82 36.97 46.77
C ASP B 59 38.95 36.50 45.62
N THR B 60 38.00 37.35 45.22
CA THR B 60 37.09 37.01 44.12
C THR B 60 37.55 37.60 42.80
N SER B 61 38.80 38.07 42.75
CA SER B 61 39.34 38.67 41.52
C SER B 61 40.25 37.75 40.71
N THR B 62 40.40 38.07 39.43
CA THR B 62 41.22 37.33 38.47
C THR B 62 41.23 38.12 37.18
N GLU B 63 42.17 39.05 37.04
CA GLU B 63 42.26 39.87 35.85
C GLU B 63 43.43 39.50 34.95
N LYS B 64 44.27 38.56 35.37
CA LYS B 64 45.42 38.24 34.55
C LYS B 64 45.73 36.78 34.29
N LEU B 65 45.29 35.90 35.18
CA LEU B 65 45.55 34.46 35.01
C LEU B 65 44.28 33.69 34.75
N TYR B 66 44.20 33.09 33.57
CA TYR B 66 43.03 32.32 33.19
C TYR B 66 43.37 30.88 32.81
N LYS B 67 42.51 29.97 33.21
CA LYS B 67 42.71 28.57 32.91
C LYS B 67 41.98 28.34 31.59
N LEU B 68 42.66 27.76 30.62
CA LEU B 68 42.05 27.47 29.33
C LEU B 68 41.64 26.02 29.27
N ASN B 69 42.49 25.20 29.86
CA ASN B 69 42.36 23.75 29.85
C ASN B 69 42.89 23.28 31.20
N ASP B 70 43.00 21.98 31.39
CA ASP B 70 43.55 21.45 32.64
C ASP B 70 45.06 21.43 32.53
N LYS B 71 45.57 21.60 31.31
CA LYS B 71 47.01 21.57 31.05
C LYS B 71 47.52 22.86 30.44
N ILE B 72 46.62 23.81 30.23
CA ILE B 72 47.03 25.07 29.62
C ILE B 72 46.42 26.27 30.30
N ALA B 73 47.23 27.28 30.57
CA ALA B 73 46.75 28.51 31.21
C ALA B 73 47.42 29.68 30.50
N VAL B 74 46.87 30.87 30.66
CA VAL B 74 47.47 32.05 30.03
C VAL B 74 47.53 33.24 30.96
N ALA B 75 48.47 34.13 30.65
CA ALA B 75 48.65 35.36 31.39
C ALA B 75 48.25 36.44 30.40
N VAL B 76 47.36 37.33 30.83
CA VAL B 76 46.84 38.41 29.99
C VAL B 76 47.49 39.76 30.20
N ALA B 77 47.69 40.50 29.11
CA ALA B 77 48.23 41.86 29.17
C ALA B 77 47.48 42.71 28.13
N GLY B 78 46.63 43.61 28.61
CA GLY B 78 45.87 44.46 27.71
C GLY B 78 44.42 44.58 28.17
N LEU B 79 43.48 44.67 27.23
CA LEU B 79 42.06 44.81 27.55
C LEU B 79 41.46 43.52 28.09
N THR B 80 41.09 43.54 29.36
CA THR B 80 40.51 42.37 30.01
C THR B 80 39.32 41.81 29.24
N ALA B 81 38.35 42.68 28.95
CA ALA B 81 37.15 42.29 28.21
C ALA B 81 37.50 41.62 26.87
N ASP B 82 38.43 42.21 26.12
CA ASP B 82 38.86 41.63 24.84
C ASP B 82 39.43 40.24 25.12
N ALA B 83 40.33 40.17 26.08
CA ALA B 83 40.96 38.92 26.45
C ALA B 83 39.92 37.85 26.74
N GLU B 84 38.87 38.18 27.49
CA GLU B 84 37.85 37.19 27.81
C GLU B 84 37.20 36.63 26.56
N ILE B 85 36.88 37.49 25.60
CA ILE B 85 36.28 37.02 24.35
C ILE B 85 37.16 35.94 23.74
N LEU B 86 38.45 36.23 23.63
CA LEU B 86 39.39 35.28 23.05
C LEU B 86 39.55 34.03 23.89
N ILE B 87 39.68 34.21 25.21
CA ILE B 87 39.83 33.09 26.13
C ILE B 87 38.70 32.10 25.99
N ASN B 88 37.48 32.60 25.90
CA ASN B 88 36.34 31.73 25.75
C ASN B 88 36.37 30.90 24.46
N THR B 89 36.70 31.53 23.35
CA THR B 89 36.72 30.75 22.12
C THR B 89 37.90 29.79 22.17
N ALA B 90 38.93 30.15 22.92
CA ALA B 90 40.10 29.26 23.06
C ALA B 90 39.66 28.02 23.84
N ARG B 91 38.90 28.23 24.93
CA ARG B 91 38.41 27.13 25.76
C ARG B 91 37.54 26.19 24.95
N ILE B 92 36.78 26.74 24.01
CA ILE B 92 35.91 25.93 23.18
C ILE B 92 36.71 25.13 22.16
N HIS B 93 37.76 25.72 21.59
CA HIS B 93 38.57 24.99 20.62
C HIS B 93 39.19 23.77 21.31
N ALA B 94 39.61 23.95 22.55
CA ALA B 94 40.22 22.87 23.32
C ALA B 94 39.26 21.70 23.44
N GLN B 95 38.01 22.00 23.80
CA GLN B 95 36.99 20.97 23.95
C GLN B 95 36.61 20.31 22.63
N ASN B 96 36.53 21.09 21.55
CA ASN B 96 36.20 20.51 20.25
C ASN B 96 37.25 19.47 19.92
N TYR B 97 38.52 19.86 20.08
CA TYR B 97 39.63 18.97 19.79
C TYR B 97 39.48 17.69 20.59
N LEU B 98 39.24 17.84 21.89
CA LEU B 98 39.08 16.70 22.78
C LEU B 98 37.95 15.79 22.32
N LYS B 99 36.83 16.37 21.91
CA LYS B 99 35.69 15.57 21.47
C LYS B 99 35.97 14.84 20.17
N THR B 100 36.76 15.46 19.31
CA THR B 100 37.09 14.86 18.02
C THR B 100 38.10 13.73 18.09
N TYR B 101 39.16 13.94 18.86
CA TYR B 101 40.23 12.96 18.96
C TYR B 101 40.37 12.19 20.26
N ASN B 102 39.63 12.58 21.28
CA ASN B 102 39.72 11.94 22.59
C ASN B 102 41.13 12.04 23.16
N GLU B 103 41.75 13.20 22.91
CA GLU B 103 43.09 13.52 23.38
C GLU B 103 43.06 15.02 23.66
N ASP B 104 43.82 15.47 24.66
CA ASP B 104 43.87 16.89 24.99
C ASP B 104 44.61 17.61 23.87
N ILE B 105 44.20 18.84 23.58
CA ILE B 105 44.82 19.56 22.49
C ILE B 105 46.27 19.96 22.72
N PRO B 106 47.19 19.53 21.84
CA PRO B 106 48.62 19.87 21.96
C PRO B 106 48.73 21.39 22.12
N VAL B 107 49.57 21.83 23.03
CA VAL B 107 49.72 23.26 23.31
C VAL B 107 49.85 24.19 22.11
N GLU B 108 50.74 23.88 21.17
CA GLU B 108 50.89 24.78 20.03
C GLU B 108 49.64 24.88 19.19
N ILE B 109 49.02 23.74 18.90
CA ILE B 109 47.82 23.75 18.09
C ILE B 109 46.80 24.76 18.61
N LEU B 110 46.63 24.82 19.93
CA LEU B 110 45.68 25.76 20.49
C LEU B 110 46.21 27.20 20.36
N VAL B 111 47.49 27.39 20.60
CA VAL B 111 48.07 28.73 20.47
C VAL B 111 47.98 29.26 19.03
N ARG B 112 48.21 28.39 18.06
CA ARG B 112 48.14 28.80 16.66
C ARG B 112 46.73 29.20 16.24
N ARG B 113 45.75 28.42 16.65
CA ARG B 113 44.37 28.72 16.32
C ARG B 113 43.97 30.07 16.87
N LEU B 114 44.28 30.31 18.14
CA LEU B 114 43.94 31.59 18.75
C LEU B 114 44.66 32.72 18.05
N SER B 115 45.89 32.47 17.61
CA SER B 115 46.68 33.48 16.90
C SER B 115 46.08 33.80 15.55
N ASP B 116 45.59 32.77 14.85
CA ASP B 116 44.99 32.94 13.54
C ASP B 116 43.74 33.82 13.63
N ILE B 117 43.01 33.68 14.74
CA ILE B 117 41.82 34.48 14.96
C ILE B 117 42.23 35.93 15.05
N LYS B 118 43.33 36.19 15.74
CA LYS B 118 43.81 37.54 15.88
C LYS B 118 44.26 38.05 14.52
N GLN B 119 45.01 37.22 13.81
CA GLN B 119 45.51 37.59 12.48
C GLN B 119 44.35 38.00 11.59
N GLY B 120 43.22 37.35 11.77
CA GLY B 120 42.06 37.67 10.95
C GLY B 120 41.65 39.12 11.04
N TYR B 121 41.46 39.62 12.26
CA TYR B 121 41.05 41.00 12.51
C TYR B 121 42.05 41.97 11.92
N THR B 122 43.13 41.43 11.39
CA THR B 122 44.22 42.19 10.81
C THR B 122 44.16 42.33 9.29
N GLN B 123 43.46 41.41 8.63
CA GLN B 123 43.41 41.41 7.18
C GLN B 123 42.05 41.61 6.57
N HIS B 124 40.99 41.52 7.35
CA HIS B 124 39.65 41.71 6.81
C HIS B 124 38.62 42.00 7.89
N GLY B 125 37.48 42.54 7.49
CA GLY B 125 36.43 42.83 8.45
C GLY B 125 36.23 44.28 8.84
N GLY B 126 37.28 45.09 8.67
CA GLY B 126 37.19 46.50 9.02
C GLY B 126 37.02 46.78 10.50
N LEU B 127 37.30 45.78 11.34
CA LEU B 127 37.15 45.93 12.79
C LEU B 127 38.50 46.20 13.43
N ARG B 128 38.50 46.71 14.65
CA ARG B 128 39.75 46.97 15.35
C ARG B 128 40.31 45.66 15.87
N PRO B 129 41.64 45.57 16.03
CA PRO B 129 42.28 44.35 16.53
C PRO B 129 41.95 44.21 18.02
N PHE B 130 42.29 43.07 18.61
CA PHE B 130 42.06 42.88 20.04
C PHE B 130 43.29 43.46 20.73
N GLY B 131 43.08 44.35 21.71
CA GLY B 131 44.21 44.93 22.40
C GLY B 131 44.67 43.98 23.49
N VAL B 132 45.20 42.83 23.08
CA VAL B 132 45.61 41.81 24.02
C VAL B 132 46.84 41.02 23.62
N SER B 133 47.68 40.71 24.60
CA SER B 133 48.86 39.90 24.37
C SER B 133 48.76 38.80 25.41
N PHE B 134 49.05 37.57 24.99
CA PHE B 134 48.96 36.42 25.89
C PHE B 134 50.31 35.74 26.08
N ILE B 135 50.47 35.12 27.25
CA ILE B 135 51.64 34.31 27.51
C ILE B 135 50.96 32.97 27.79
N TYR B 136 51.33 31.94 27.04
CA TYR B 136 50.73 30.63 27.24
C TYR B 136 51.66 29.68 27.96
N ALA B 137 51.19 29.11 29.05
CA ALA B 137 51.95 28.15 29.83
C ALA B 137 51.17 26.85 29.73
N GLY B 138 51.77 25.82 29.18
CA GLY B 138 51.06 24.57 29.05
C GLY B 138 51.94 23.37 28.89
N TYR B 139 51.31 22.19 28.95
CA TYR B 139 52.03 20.94 28.83
C TYR B 139 51.31 19.88 28.01
N ASP B 140 52.05 19.15 27.20
CA ASP B 140 51.48 18.06 26.43
C ASP B 140 52.54 16.98 26.29
N ASP B 141 52.11 15.78 25.94
CA ASP B 141 53.01 14.65 25.81
C ASP B 141 53.86 14.61 24.54
N ARG B 142 54.06 15.74 23.88
CA ARG B 142 54.89 15.75 22.67
C ARG B 142 56.06 16.72 22.79
N TYR B 143 55.86 17.79 23.55
CA TYR B 143 56.88 18.78 23.75
C TYR B 143 57.00 19.10 25.23
N GLY B 144 56.22 18.42 26.05
CA GLY B 144 56.26 18.67 27.47
C GLY B 144 55.86 20.10 27.79
N TYR B 145 56.64 20.74 28.66
CA TYR B 145 56.37 22.11 29.06
C TYR B 145 56.69 23.07 27.93
N GLN B 146 55.74 23.97 27.65
CA GLN B 146 55.92 24.96 26.60
C GLN B 146 55.45 26.32 27.07
N LEU B 147 56.09 27.36 26.56
CA LEU B 147 55.75 28.73 26.91
C LEU B 147 55.68 29.50 25.59
N TYR B 148 54.51 30.08 25.32
CA TYR B 148 54.29 30.84 24.10
C TYR B 148 53.80 32.25 24.36
N THR B 149 53.88 33.06 23.31
CA THR B 149 53.43 34.44 23.42
C THR B 149 52.77 34.82 22.09
N SER B 150 51.65 35.53 22.17
CA SER B 150 50.96 35.99 20.97
C SER B 150 50.47 37.41 21.26
N ASN B 151 50.50 38.26 20.23
CA ASN B 151 50.09 39.65 20.36
C ASN B 151 49.03 39.98 19.30
N PRO B 152 48.56 41.24 19.26
CA PRO B 152 47.54 41.70 18.30
C PRO B 152 47.76 41.34 16.83
N SER B 153 49.01 41.23 16.41
CA SER B 153 49.32 40.92 15.03
C SER B 153 48.88 39.50 14.66
N GLY B 154 48.89 38.62 15.65
CA GLY B 154 48.50 37.25 15.41
C GLY B 154 49.75 36.38 15.33
N ASN B 155 50.88 36.99 15.61
CA ASN B 155 52.14 36.28 15.58
C ASN B 155 52.39 35.64 16.93
N TYR B 156 53.01 34.47 16.95
CA TYR B 156 53.31 33.81 18.21
C TYR B 156 54.70 33.18 18.16
N THR B 157 55.32 33.05 19.32
CA THR B 157 56.65 32.48 19.42
C THR B 157 56.85 31.72 20.73
N GLY B 158 57.85 30.84 20.77
CA GLY B 158 58.12 30.06 21.97
C GLY B 158 59.28 30.61 22.78
N TRP B 159 59.20 30.48 24.10
CA TRP B 159 60.24 31.01 24.98
C TRP B 159 60.59 30.14 26.18
N LYS B 160 61.71 30.48 26.81
CA LYS B 160 62.17 29.78 28.02
C LYS B 160 61.75 30.71 29.16
N ALA B 161 61.70 31.99 28.84
CA ALA B 161 61.29 33.03 29.78
C ALA B 161 60.87 34.23 28.92
N ILE B 162 59.76 34.87 29.27
CA ILE B 162 59.29 36.01 28.50
C ILE B 162 58.34 36.86 29.33
N SER B 163 58.18 38.12 28.93
CA SER B 163 57.29 39.03 29.65
C SER B 163 56.49 39.84 28.63
N VAL B 164 55.33 40.32 29.05
CA VAL B 164 54.47 41.12 28.18
C VAL B 164 53.90 42.25 29.02
N GLY B 165 53.52 43.33 28.35
CA GLY B 165 52.95 44.46 29.04
C GLY B 165 53.93 45.60 29.21
N ALA B 166 53.90 46.23 30.38
CA ALA B 166 54.78 47.33 30.69
C ALA B 166 56.22 46.92 30.95
N ASN B 167 57.13 47.86 30.67
CA ASN B 167 58.56 47.68 30.88
C ASN B 167 59.06 46.30 30.53
N THR B 168 58.73 45.82 29.34
CA THR B 168 59.18 44.50 28.93
C THR B 168 60.67 44.47 28.67
N SER B 169 61.21 45.59 28.21
CA SER B 169 62.63 45.70 27.91
C SER B 169 63.44 45.45 29.19
N ALA B 170 63.11 46.20 30.24
CA ALA B 170 63.79 46.05 31.51
C ALA B 170 63.62 44.61 31.98
N ALA B 171 62.39 44.10 31.90
CA ALA B 171 62.08 42.75 32.35
C ALA B 171 62.88 41.70 31.58
N GLN B 172 62.90 41.84 30.26
CA GLN B 172 63.61 40.87 29.42
C GLN B 172 65.10 40.83 29.70
N THR B 173 65.72 42.00 29.91
CA THR B 173 67.14 42.06 30.19
C THR B 173 67.45 41.37 31.52
N LEU B 174 66.62 41.63 32.52
CA LEU B 174 66.79 41.03 33.85
C LEU B 174 66.66 39.51 33.81
N LEU B 175 65.78 39.01 32.94
CA LEU B 175 65.53 37.57 32.80
C LEU B 175 66.67 36.90 32.03
N GLN B 176 67.11 37.56 30.96
CA GLN B 176 68.18 37.04 30.13
C GLN B 176 69.52 37.10 30.87
N MET B 177 69.50 37.73 32.03
CA MET B 177 70.69 37.90 32.84
C MET B 177 70.81 36.83 33.92
N ASP B 178 69.68 36.34 34.42
CA ASP B 178 69.72 35.33 35.47
C ASP B 178 69.05 34.01 35.15
N TYR B 179 68.59 33.84 33.92
CA TYR B 179 67.93 32.60 33.56
C TYR B 179 68.95 31.52 33.21
N LYS B 180 68.69 30.29 33.66
CA LYS B 180 69.56 29.17 33.35
C LYS B 180 68.73 27.92 32.99
N ASP B 181 69.12 27.24 31.92
CA ASP B 181 68.43 26.06 31.42
C ASP B 181 68.05 24.99 32.43
N ASP B 182 68.91 24.78 33.42
CA ASP B 182 68.67 23.76 34.44
C ASP B 182 67.88 24.26 35.66
N MET B 183 67.25 25.43 35.54
CA MET B 183 66.46 25.97 36.63
C MET B 183 65.44 24.99 37.14
N LYS B 184 64.84 25.33 38.27
CA LYS B 184 63.84 24.49 38.87
C LYS B 184 62.67 25.42 39.19
N VAL B 185 61.46 24.88 39.13
CA VAL B 185 60.25 25.66 39.39
C VAL B 185 60.44 26.68 40.51
N ASP B 186 61.00 26.24 41.64
CA ASP B 186 61.20 27.13 42.78
C ASP B 186 62.17 28.25 42.45
N ASP B 187 63.19 27.95 41.66
CA ASP B 187 64.16 28.97 41.26
C ASP B 187 63.44 29.99 40.40
N ALA B 188 62.66 29.49 39.43
CA ALA B 188 61.90 30.32 38.50
C ALA B 188 60.91 31.23 39.23
N ILE B 189 60.24 30.68 40.23
CA ILE B 189 59.27 31.44 41.00
C ILE B 189 59.97 32.66 41.58
N GLU B 190 61.18 32.43 42.06
CA GLU B 190 61.96 33.50 42.66
C GLU B 190 62.36 34.54 41.63
N LEU B 191 62.89 34.10 40.49
CA LEU B 191 63.32 35.01 39.43
C LEU B 191 62.16 35.90 38.99
N ALA B 192 60.98 35.29 38.83
CA ALA B 192 59.78 36.00 38.41
C ALA B 192 59.46 37.16 39.36
N LEU B 193 59.34 36.85 40.64
CA LEU B 193 59.03 37.87 41.64
C LEU B 193 60.11 38.95 41.68
N LYS B 194 61.37 38.53 41.56
CA LYS B 194 62.48 39.48 41.59
C LYS B 194 62.33 40.46 40.43
N THR B 195 62.17 39.90 39.23
CA THR B 195 62.03 40.71 38.02
C THR B 195 60.90 41.73 38.14
N LEU B 196 59.71 41.26 38.53
CA LEU B 196 58.56 42.15 38.68
C LEU B 196 58.85 43.22 39.72
N SER B 197 59.49 42.80 40.80
CA SER B 197 59.84 43.70 41.88
C SER B 197 60.76 44.83 41.44
N LYS B 198 61.60 44.57 40.45
CA LYS B 198 62.51 45.60 39.96
C LYS B 198 61.96 46.43 38.82
N THR B 199 60.88 45.99 38.19
CA THR B 199 60.31 46.73 37.07
C THR B 199 58.98 47.41 37.38
N THR B 200 58.46 47.20 38.57
CA THR B 200 57.19 47.81 38.97
C THR B 200 57.30 49.32 38.96
N ASP B 201 56.20 49.98 38.63
CA ASP B 201 56.16 51.43 38.62
C ASP B 201 55.60 51.84 39.98
N SER B 202 55.23 50.83 40.78
CA SER B 202 54.67 51.07 42.09
C SER B 202 55.72 51.08 43.18
N SER B 203 55.31 51.54 44.36
CA SER B 203 56.18 51.63 45.53
C SER B 203 56.85 50.30 45.82
N ALA B 204 56.08 49.39 46.42
CA ALA B 204 56.58 48.08 46.74
C ALA B 204 55.76 47.05 45.98
N LEU B 205 56.10 45.79 46.17
CA LEU B 205 55.38 44.72 45.50
C LEU B 205 54.74 43.88 46.60
N THR B 206 53.49 44.18 46.90
CA THR B 206 52.74 43.45 47.92
C THR B 206 51.93 42.36 47.24
N TYR B 207 51.45 41.40 48.02
CA TYR B 207 50.68 40.30 47.46
C TYR B 207 49.39 40.74 46.77
N ASP B 208 48.70 41.69 47.37
CA ASP B 208 47.44 42.18 46.82
C ASP B 208 47.56 42.68 45.38
N ARG B 209 48.79 42.90 44.92
CA ARG B 209 48.99 43.39 43.57
C ARG B 209 49.56 42.34 42.63
N LEU B 210 49.48 41.06 43.04
CA LEU B 210 50.01 39.98 42.22
C LEU B 210 49.07 38.82 42.00
N GLU B 211 49.37 38.06 40.95
CA GLU B 211 48.63 36.86 40.61
C GLU B 211 49.73 35.87 40.24
N PHE B 212 49.59 34.66 40.75
CA PHE B 212 50.60 33.64 40.52
C PHE B 212 50.01 32.30 40.16
N ALA B 213 50.70 31.57 39.31
CA ALA B 213 50.23 30.25 38.90
C ALA B 213 51.41 29.42 38.46
N THR B 214 51.31 28.12 38.68
CA THR B 214 52.37 27.19 38.31
C THR B 214 51.79 25.91 37.73
N ILE B 215 52.44 25.38 36.71
CA ILE B 215 52.00 24.14 36.10
C ILE B 215 53.12 23.14 36.36
N ARG B 216 52.91 22.29 37.36
CA ARG B 216 53.89 21.29 37.70
C ARG B 216 53.37 19.88 37.51
N LYS B 217 54.29 18.92 37.48
CA LYS B 217 53.93 17.53 37.32
C LYS B 217 54.27 16.82 38.63
N GLY B 218 53.56 17.20 39.70
CA GLY B 218 53.78 16.61 41.02
C GLY B 218 54.32 15.19 41.02
N ALA B 219 55.61 15.05 41.35
CA ALA B 219 56.28 13.74 41.39
C ALA B 219 55.41 12.65 41.99
N ASN B 220 54.71 12.99 43.07
CA ASN B 220 53.82 12.05 43.74
C ASN B 220 52.46 12.09 43.04
N ASP B 221 52.39 11.52 41.85
CA ASP B 221 51.17 11.48 41.05
C ASP B 221 51.44 10.96 39.63
N GLY B 222 52.18 11.73 38.86
CA GLY B 222 52.49 11.33 37.49
C GLY B 222 51.72 12.13 36.45
N GLU B 223 50.89 13.06 36.93
CA GLU B 223 50.06 13.89 36.05
C GLU B 223 50.44 15.38 36.17
N VAL B 224 49.86 16.21 35.31
CA VAL B 224 50.11 17.65 35.31
C VAL B 224 49.08 18.45 36.11
N TYR B 225 49.56 19.28 37.02
CA TYR B 225 48.67 20.07 37.87
C TYR B 225 48.93 21.58 37.78
N GLN B 226 47.86 22.34 37.63
CA GLN B 226 47.94 23.79 37.56
C GLN B 226 47.57 24.31 38.94
N LYS B 227 48.26 25.35 39.40
CA LYS B 227 47.97 25.89 40.70
C LYS B 227 47.87 27.41 40.63
N ILE B 228 46.67 27.94 40.80
CA ILE B 228 46.53 29.39 40.76
C ILE B 228 46.56 29.89 42.19
N PHE B 229 47.75 30.26 42.64
CA PHE B 229 47.98 30.72 44.00
C PHE B 229 46.93 31.66 44.56
N LYS B 230 46.53 31.38 45.79
CA LYS B 230 45.52 32.17 46.49
C LYS B 230 46.23 33.36 47.15
N PRO B 231 45.49 34.44 47.42
CA PRO B 231 46.05 35.64 48.05
C PRO B 231 47.04 35.32 49.17
N GLN B 232 46.66 34.42 50.07
CA GLN B 232 47.52 34.05 51.19
C GLN B 232 48.77 33.34 50.69
N GLU B 233 48.59 32.46 49.70
CA GLU B 233 49.70 31.71 49.15
C GLU B 233 50.75 32.64 48.53
N ILE B 234 50.28 33.71 47.90
CA ILE B 234 51.17 34.68 47.29
C ILE B 234 51.88 35.45 48.41
N LYS B 235 51.11 35.83 49.42
CA LYS B 235 51.63 36.56 50.56
C LYS B 235 52.78 35.78 51.20
N ASP B 236 52.60 34.47 51.30
CA ASP B 236 53.60 33.58 51.89
C ASP B 236 54.89 33.57 51.08
N ILE B 237 54.81 33.04 49.86
CA ILE B 237 55.95 32.94 48.96
C ILE B 237 56.66 34.29 48.78
N LEU B 238 55.94 35.39 49.01
CA LEU B 238 56.51 36.72 48.87
C LEU B 238 57.47 37.02 50.03
N VAL B 239 57.21 36.42 51.17
CA VAL B 239 58.04 36.60 52.35
C VAL B 239 59.28 35.71 52.22
N LYS B 240 59.04 34.43 51.96
CA LYS B 240 60.10 33.44 51.82
C LYS B 240 61.17 33.89 50.82
N THR B 241 60.74 34.42 49.68
CA THR B 241 61.67 34.88 48.66
C THR B 241 62.35 36.17 49.10
N GLY B 242 62.15 36.53 50.36
CA GLY B 242 62.76 37.73 50.91
C GLY B 242 62.35 39.06 50.29
N ILE B 243 61.06 39.31 50.24
CA ILE B 243 60.53 40.56 49.73
C ILE B 243 59.49 40.98 50.75
N THR B 244 59.24 40.06 51.69
CA THR B 244 58.26 40.23 52.78
C THR B 244 56.99 40.90 52.27
N GLY C 1 30.14 41.72 5.21
CA GLY C 1 29.60 43.10 5.09
C GLY C 1 30.65 44.11 4.66
N TYR C 2 31.77 44.19 5.38
CA TYR C 2 32.82 45.14 5.04
C TYR C 2 33.43 44.84 3.67
N ASP C 3 33.45 45.82 2.77
CA ASP C 3 34.00 45.59 1.44
C ASP C 3 34.65 46.81 0.81
N ARG C 4 35.20 47.69 1.64
CA ARG C 4 35.86 48.89 1.14
C ARG C 4 37.01 48.47 0.25
N ALA C 5 37.16 49.15 -0.88
CA ALA C 5 38.25 48.85 -1.80
C ALA C 5 39.52 49.44 -1.19
N LEU C 6 40.31 48.59 -0.53
CA LEU C 6 41.54 49.03 0.10
C LEU C 6 42.71 49.07 -0.87
N SER C 7 42.71 48.16 -1.84
CA SER C 7 43.76 48.11 -2.85
C SER C 7 43.20 48.74 -4.10
N ILE C 8 43.55 49.99 -4.36
CA ILE C 8 43.09 50.69 -5.56
C ILE C 8 44.24 51.40 -6.25
N PHE C 9 43.98 51.93 -7.44
CA PHE C 9 44.99 52.63 -8.22
C PHE C 9 45.11 54.10 -7.82
N SER C 10 46.33 54.62 -7.92
CA SER C 10 46.62 56.01 -7.63
C SER C 10 46.94 56.62 -8.99
N PRO C 11 46.87 57.95 -9.13
CA PRO C 11 47.14 58.68 -10.37
C PRO C 11 48.33 58.20 -11.23
N ASP C 12 49.42 57.79 -10.59
CA ASP C 12 50.59 57.32 -11.31
C ASP C 12 50.50 55.86 -11.71
N GLY C 13 49.34 55.24 -11.46
CA GLY C 13 49.15 53.85 -11.80
C GLY C 13 49.68 52.86 -10.77
N HIS C 14 49.79 53.27 -9.52
CA HIS C 14 50.30 52.38 -8.48
C HIS C 14 49.20 51.92 -7.53
N ILE C 15 49.42 50.78 -6.89
CA ILE C 15 48.48 50.25 -5.93
C ILE C 15 49.28 50.25 -4.64
N PHE C 16 49.21 51.37 -3.92
CA PHE C 16 50.00 51.52 -2.72
C PHE C 16 49.89 50.42 -1.67
N GLN C 17 48.71 49.86 -1.48
CA GLN C 17 48.61 48.80 -0.48
C GLN C 17 49.47 47.59 -0.86
N VAL C 18 49.61 47.32 -2.16
CA VAL C 18 50.42 46.21 -2.61
C VAL C 18 51.89 46.61 -2.49
N GLU C 19 52.18 47.87 -2.77
CA GLU C 19 53.54 48.39 -2.69
C GLU C 19 54.00 48.36 -1.23
N TYR C 20 53.11 48.74 -0.33
CA TYR C 20 53.41 48.76 1.09
C TYR C 20 53.55 47.33 1.61
N ALA C 21 52.84 46.41 0.96
CA ALA C 21 52.92 45.01 1.34
C ALA C 21 54.34 44.57 1.12
N LEU C 22 54.98 45.12 0.09
CA LEU C 22 56.38 44.78 -0.21
C LEU C 22 57.29 45.35 0.86
N GLU C 23 56.98 46.55 1.35
CA GLU C 23 57.78 47.17 2.39
C GLU C 23 57.83 46.29 3.62
N ALA C 24 56.78 45.51 3.83
CA ALA C 24 56.73 44.59 4.96
C ALA C 24 57.69 43.44 4.70
N VAL C 25 57.76 43.01 3.45
CA VAL C 25 58.65 41.91 3.09
C VAL C 25 60.09 42.35 3.28
N LYS C 26 60.42 43.56 2.84
CA LYS C 26 61.78 44.10 2.97
C LYS C 26 62.23 44.07 4.43
N ARG C 27 61.28 44.31 5.33
CA ARG C 27 61.56 44.32 6.75
C ARG C 27 61.70 42.91 7.33
N GLY C 28 61.13 41.92 6.67
CA GLY C 28 61.22 40.55 7.15
C GLY C 28 62.62 40.00 7.10
N THR C 29 62.89 38.96 7.90
CA THR C 29 64.21 38.36 7.94
C THR C 29 64.52 37.78 6.56
N CYS C 30 65.80 37.73 6.23
CA CYS C 30 66.24 37.25 4.94
C CYS C 30 66.00 35.76 4.70
N ALA C 31 65.68 35.44 3.46
CA ALA C 31 65.46 34.07 3.04
C ALA C 31 66.11 33.89 1.67
N VAL C 32 66.75 32.75 1.48
CA VAL C 32 67.41 32.50 0.21
C VAL C 32 67.24 31.05 -0.22
N GLY C 33 67.30 30.82 -1.52
CA GLY C 33 67.17 29.48 -2.04
C GLY C 33 68.02 29.32 -3.28
N VAL C 34 68.77 28.23 -3.34
CA VAL C 34 69.62 27.96 -4.49
C VAL C 34 69.46 26.52 -4.92
N LYS C 35 69.31 26.31 -6.22
CA LYS C 35 69.15 24.95 -6.71
C LYS C 35 70.46 24.39 -7.24
N GLY C 36 70.77 23.19 -6.79
CA GLY C 36 71.97 22.49 -7.21
C GLY C 36 71.66 21.66 -8.44
N LYS C 37 72.48 20.65 -8.69
CA LYS C 37 72.23 19.82 -9.86
C LYS C 37 71.26 18.70 -9.53
N ASN C 38 71.08 18.45 -8.24
CA ASN C 38 70.21 17.38 -7.79
C ASN C 38 69.61 17.69 -6.43
N CYS C 39 69.40 18.97 -6.17
CA CYS C 39 68.83 19.38 -4.89
C CYS C 39 68.55 20.86 -4.91
N VAL C 40 67.82 21.33 -3.89
CA VAL C 40 67.50 22.74 -3.74
C VAL C 40 67.72 22.99 -2.25
N VAL C 41 68.36 24.10 -1.92
CA VAL C 41 68.63 24.40 -0.53
C VAL C 41 67.96 25.71 -0.13
N LEU C 42 67.38 25.73 1.06
CA LEU C 42 66.71 26.92 1.57
C LEU C 42 67.32 27.38 2.88
N GLY C 43 67.73 28.63 2.93
CA GLY C 43 68.31 29.16 4.15
C GLY C 43 67.58 30.42 4.57
N CYS C 44 67.49 30.62 5.87
CA CYS C 44 66.81 31.78 6.42
C CYS C 44 67.65 32.31 7.57
N GLU C 45 67.54 33.61 7.85
CA GLU C 45 68.29 34.20 8.95
C GLU C 45 67.35 34.28 10.15
N ARG C 46 67.92 34.32 11.36
CA ARG C 46 67.10 34.40 12.56
C ARG C 46 67.35 35.70 13.30
N ARG C 47 66.29 36.49 13.44
CA ARG C 47 66.35 37.77 14.12
C ARG C 47 66.99 37.56 15.51
N SER C 48 67.29 38.65 16.20
CA SER C 48 67.87 38.61 17.54
C SER C 48 67.42 39.80 18.41
N THR C 49 66.25 40.35 18.07
CA THR C 49 65.65 41.48 18.79
C THR C 49 65.42 41.07 20.25
N LEU C 50 65.25 39.76 20.45
CA LEU C 50 65.04 39.13 21.75
C LEU C 50 65.55 37.69 21.64
N LYS C 51 66.44 37.29 22.55
CA LYS C 51 66.97 35.93 22.52
C LYS C 51 66.88 35.32 23.92
N LEU C 52 66.01 34.32 24.06
CA LEU C 52 65.76 33.61 25.30
C LEU C 52 64.58 32.73 24.94
N GLN C 53 64.50 32.44 23.63
CA GLN C 53 63.46 31.64 23.03
C GLN C 53 63.61 30.15 23.23
N ASP C 54 62.52 29.44 22.97
CA ASP C 54 62.50 27.99 23.10
C ASP C 54 62.45 27.43 21.69
N THR C 55 63.60 27.47 21.02
CA THR C 55 63.76 26.98 19.65
C THR C 55 62.97 25.74 19.24
N ARG C 56 62.78 24.80 20.18
CA ARG C 56 62.05 23.57 19.89
C ARG C 56 60.64 23.84 19.39
N ILE C 57 59.93 24.71 20.11
CA ILE C 57 58.55 25.03 19.79
C ILE C 57 58.33 26.26 18.90
N THR C 58 59.15 27.29 19.05
CA THR C 58 58.97 28.49 18.22
C THR C 58 58.90 28.08 16.75
N PRO C 59 57.81 28.45 16.07
CA PRO C 59 57.66 28.11 14.65
C PRO C 59 58.91 28.33 13.82
N SER C 60 59.23 27.36 12.97
CA SER C 60 60.41 27.42 12.09
C SER C 60 60.05 28.08 10.76
N LYS C 61 61.03 28.72 10.12
CA LYS C 61 60.80 29.45 8.88
C LYS C 61 60.46 28.65 7.62
N VAL C 62 60.97 27.43 7.49
CA VAL C 62 60.65 26.61 6.32
C VAL C 62 59.52 25.67 6.67
N SER C 63 58.55 25.54 5.76
CA SER C 63 57.40 24.67 5.99
C SER C 63 57.16 23.68 4.86
N LYS C 64 56.77 22.47 5.22
CA LYS C 64 56.47 21.48 4.21
C LYS C 64 55.01 21.70 3.80
N ILE C 65 54.75 21.74 2.51
CA ILE C 65 53.40 21.90 2.01
C ILE C 65 52.93 20.47 1.80
N ASP C 66 53.83 19.64 1.30
CA ASP C 66 53.58 18.22 1.11
C ASP C 66 54.92 17.56 1.40
N SER C 67 55.03 16.24 1.26
CA SER C 67 56.29 15.59 1.58
C SER C 67 57.41 15.84 0.57
N HIS C 68 57.09 16.52 -0.52
CA HIS C 68 58.09 16.79 -1.54
C HIS C 68 58.22 18.27 -1.89
N VAL C 69 57.51 19.13 -1.15
CA VAL C 69 57.56 20.57 -1.44
C VAL C 69 57.61 21.41 -0.17
N VAL C 70 58.50 22.39 -0.14
CA VAL C 70 58.61 23.25 1.02
C VAL C 70 58.43 24.71 0.64
N LEU C 71 58.06 25.52 1.62
CA LEU C 71 57.84 26.93 1.40
C LEU C 71 58.46 27.78 2.52
N SER C 72 59.31 28.73 2.14
CA SER C 72 59.92 29.63 3.12
C SER C 72 59.43 31.01 2.70
N PHE C 73 59.60 32.01 3.57
CA PHE C 73 59.08 33.33 3.27
C PHE C 73 59.75 34.47 4.05
N SER C 74 59.37 35.69 3.69
CA SER C 74 59.86 36.91 4.34
C SER C 74 58.66 37.83 4.42
N GLY C 75 58.45 38.43 5.58
CA GLY C 75 57.32 39.33 5.75
C GLY C 75 56.61 39.03 7.04
N LEU C 76 55.31 39.35 7.06
CA LEU C 76 54.48 39.13 8.24
C LEU C 76 54.28 37.64 8.54
N ASN C 77 54.75 37.20 9.70
CA ASN C 77 54.61 35.80 10.08
C ASN C 77 53.17 35.32 10.12
N ALA C 78 52.30 36.10 10.75
CA ALA C 78 50.89 35.73 10.86
C ALA C 78 50.29 35.49 9.48
N ASP C 79 50.61 36.36 8.52
CA ASP C 79 50.08 36.21 7.16
C ASP C 79 50.58 34.94 6.48
N SER C 80 51.84 34.61 6.66
CA SER C 80 52.39 33.40 6.04
C SER C 80 51.60 32.15 6.43
N ARG C 81 51.11 32.11 7.67
CA ARG C 81 50.36 30.95 8.14
C ARG C 81 49.11 30.72 7.30
N ILE C 82 48.38 31.78 7.02
CA ILE C 82 47.17 31.66 6.22
C ILE C 82 47.50 31.07 4.85
N LEU C 83 48.59 31.52 4.26
CA LEU C 83 48.99 31.00 2.95
C LEU C 83 49.46 29.55 3.04
N ILE C 84 50.18 29.23 4.10
CA ILE C 84 50.69 27.87 4.28
C ILE C 84 49.57 26.86 4.48
N GLU C 85 48.55 27.24 5.25
CA GLU C 85 47.44 26.34 5.48
C GLU C 85 46.68 26.09 4.18
N LYS C 86 46.38 27.17 3.45
CA LYS C 86 45.66 27.06 2.19
C LYS C 86 46.41 26.19 1.20
N ALA C 87 47.73 26.33 1.17
CA ALA C 87 48.57 25.57 0.28
C ALA C 87 48.53 24.07 0.62
N ARG C 88 48.72 23.76 1.90
CA ARG C 88 48.70 22.37 2.35
C ARG C 88 47.38 21.72 2.03
N VAL C 89 46.29 22.46 2.20
CA VAL C 89 44.96 21.93 1.90
C VAL C 89 44.84 21.66 0.41
N GLU C 90 45.28 22.60 -0.41
CA GLU C 90 45.21 22.43 -1.85
C GLU C 90 46.04 21.23 -2.31
N ALA C 91 47.15 20.97 -1.62
CA ALA C 91 48.00 19.85 -1.98
C ALA C 91 47.27 18.51 -1.76
N GLN C 92 46.51 18.40 -0.68
CA GLN C 92 45.76 17.19 -0.40
C GLN C 92 44.59 17.04 -1.36
N SER C 93 43.93 18.15 -1.65
CA SER C 93 42.81 18.15 -2.57
C SER C 93 43.26 17.65 -3.95
N HIS C 94 44.39 18.17 -4.41
CA HIS C 94 44.94 17.79 -5.71
C HIS C 94 45.23 16.29 -5.77
N ARG C 95 45.80 15.75 -4.70
CA ARG C 95 46.11 14.32 -4.64
C ARG C 95 44.82 13.51 -4.69
N LEU C 96 43.81 14.04 -4.02
CA LEU C 96 42.52 13.38 -3.93
C LEU C 96 41.73 13.37 -5.25
N THR C 97 41.83 14.44 -6.03
CA THR C 97 41.08 14.48 -7.28
C THR C 97 41.87 14.10 -8.53
N LEU C 98 43.15 14.47 -8.60
CA LEU C 98 43.98 14.14 -9.75
C LEU C 98 44.71 12.82 -9.55
N GLU C 99 44.75 12.37 -8.29
CA GLU C 99 45.45 11.13 -7.93
C GLU C 99 46.94 11.24 -8.26
N ASP C 100 47.53 12.36 -7.87
CA ASP C 100 48.94 12.64 -8.08
C ASP C 100 49.29 13.91 -7.30
N PRO C 101 50.40 13.88 -6.55
CA PRO C 101 50.74 15.11 -5.80
C PRO C 101 51.04 16.26 -6.74
N VAL C 102 50.91 17.48 -6.24
CA VAL C 102 51.13 18.69 -7.03
C VAL C 102 52.57 18.87 -7.49
N THR C 103 52.73 19.57 -8.62
CA THR C 103 54.06 19.88 -9.13
C THR C 103 54.43 21.12 -8.33
N VAL C 104 55.70 21.52 -8.35
CA VAL C 104 56.12 22.69 -7.60
C VAL C 104 55.53 23.94 -8.22
N GLU C 105 55.50 23.97 -9.55
CA GLU C 105 54.95 25.11 -10.27
C GLU C 105 53.46 25.26 -10.00
N TYR C 106 52.74 24.15 -10.00
CA TYR C 106 51.30 24.20 -9.75
C TYR C 106 51.02 24.76 -8.36
N LEU C 107 51.71 24.24 -7.36
CA LEU C 107 51.53 24.69 -5.99
C LEU C 107 51.89 26.17 -5.88
N THR C 108 52.87 26.59 -6.69
CA THR C 108 53.31 27.98 -6.70
C THR C 108 52.23 28.84 -7.34
N ARG C 109 51.78 28.42 -8.52
CA ARG C 109 50.74 29.15 -9.24
C ARG C 109 49.51 29.32 -8.34
N TYR C 110 49.24 28.33 -7.49
CA TYR C 110 48.10 28.39 -6.61
C TYR C 110 48.27 29.48 -5.57
N VAL C 111 49.35 29.40 -4.80
CA VAL C 111 49.62 30.39 -3.76
C VAL C 111 49.64 31.81 -4.35
N ALA C 112 50.27 31.97 -5.51
CA ALA C 112 50.34 33.28 -6.13
C ALA C 112 48.92 33.79 -6.41
N GLY C 113 48.04 32.88 -6.82
CA GLY C 113 46.66 33.25 -7.10
C GLY C 113 45.94 33.76 -5.87
N VAL C 114 46.17 33.12 -4.72
CA VAL C 114 45.52 33.56 -3.50
C VAL C 114 46.01 34.97 -3.19
N GLN C 115 47.30 35.21 -3.42
CA GLN C 115 47.85 36.53 -3.15
C GLN C 115 47.28 37.55 -4.12
N GLN C 116 47.30 37.23 -5.40
CA GLN C 116 46.77 38.14 -6.41
C GLN C 116 45.34 38.56 -6.05
N ARG C 117 44.53 37.57 -5.67
CA ARG C 117 43.13 37.78 -5.33
C ARG C 117 42.95 38.78 -4.18
N TYR C 118 43.84 38.75 -3.21
CA TYR C 118 43.74 39.68 -2.08
C TYR C 118 44.14 41.10 -2.46
N THR C 119 44.56 41.30 -3.70
CA THR C 119 44.95 42.63 -4.16
C THR C 119 43.79 43.32 -4.87
N GLN C 120 42.74 42.57 -5.21
CA GLN C 120 41.59 43.21 -5.83
C GLN C 120 40.24 42.66 -5.39
N SER C 121 40.11 42.50 -4.07
CA SER C 121 38.90 42.03 -3.41
C SER C 121 38.58 43.04 -2.30
N GLY C 122 37.32 43.43 -2.21
CA GLY C 122 36.93 44.39 -1.20
C GLY C 122 37.05 43.91 0.23
N GLY C 123 37.36 44.84 1.14
CA GLY C 123 37.47 44.51 2.55
C GLY C 123 38.69 43.76 3.04
N VAL C 124 39.69 43.59 2.19
CA VAL C 124 40.89 42.85 2.59
C VAL C 124 42.16 43.55 2.11
N ARG C 125 43.24 43.39 2.86
CA ARG C 125 44.52 43.98 2.47
C ARG C 125 45.39 42.86 1.91
N PRO C 126 46.36 43.21 1.04
CA PRO C 126 47.25 42.19 0.45
C PRO C 126 48.10 41.51 1.52
N PHE C 127 48.67 40.36 1.18
CA PHE C 127 49.52 39.65 2.10
C PHE C 127 50.87 40.35 2.18
N GLY C 128 51.36 40.59 3.40
CA GLY C 128 52.65 41.22 3.55
C GLY C 128 53.68 40.13 3.55
N VAL C 129 53.64 39.29 2.52
CA VAL C 129 54.54 38.14 2.41
C VAL C 129 55.04 37.87 1.00
N SER C 130 56.24 37.30 0.92
CA SER C 130 56.85 36.90 -0.34
C SER C 130 57.34 35.50 -0.07
N THR C 131 57.23 34.61 -1.03
CA THR C 131 57.65 33.25 -0.76
C THR C 131 58.63 32.63 -1.72
N LEU C 132 59.26 31.56 -1.23
CA LEU C 132 60.19 30.77 -1.99
C LEU C 132 59.62 29.37 -1.83
N ILE C 133 59.30 28.76 -2.95
CA ILE C 133 58.73 27.43 -2.96
C ILE C 133 59.69 26.51 -3.72
N ALA C 134 60.12 25.43 -3.08
CA ALA C 134 61.07 24.51 -3.70
C ALA C 134 60.69 23.05 -3.52
N GLY C 135 61.15 22.23 -4.47
CA GLY C 135 60.86 20.81 -4.41
C GLY C 135 61.08 20.10 -5.74
N PHE C 136 60.56 18.90 -5.84
CA PHE C 136 60.69 18.09 -7.05
C PHE C 136 59.34 17.54 -7.47
N ASP C 137 58.99 17.72 -8.74
CA ASP C 137 57.74 17.20 -9.25
C ASP C 137 57.75 15.70 -9.03
N PRO C 138 56.57 15.09 -8.80
CA PRO C 138 56.52 13.65 -8.57
C PRO C 138 57.25 12.88 -9.68
N ARG C 139 58.07 11.91 -9.27
CA ARG C 139 58.82 11.09 -10.22
C ARG C 139 59.81 11.86 -11.11
N ASP C 140 60.15 13.09 -10.73
CA ASP C 140 61.09 13.92 -11.50
C ASP C 140 62.30 14.21 -10.63
N ASP C 141 63.46 14.37 -11.26
CA ASP C 141 64.71 14.64 -10.52
C ASP C 141 65.25 16.06 -10.71
N GLU C 142 64.63 16.81 -11.61
CA GLU C 142 65.05 18.18 -11.89
C GLU C 142 64.54 19.14 -10.80
N PRO C 143 65.46 19.74 -10.00
CA PRO C 143 65.07 20.66 -8.94
C PRO C 143 64.27 21.88 -9.41
N LYS C 144 63.32 22.29 -8.57
CA LYS C 144 62.45 23.44 -8.87
C LYS C 144 62.52 24.49 -7.76
N LEU C 145 62.62 25.75 -8.16
CA LEU C 145 62.68 26.87 -7.23
C LEU C 145 61.85 28.02 -7.80
N TYR C 146 60.88 28.47 -7.02
CA TYR C 146 59.98 29.54 -7.44
C TYR C 146 59.86 30.60 -6.37
N GLN C 147 59.42 31.78 -6.80
CA GLN C 147 59.24 32.88 -5.87
C GLN C 147 57.94 33.60 -6.17
N THR C 148 57.21 33.99 -5.12
CA THR C 148 55.96 34.70 -5.30
C THR C 148 56.01 35.95 -4.43
N GLU C 149 55.19 36.94 -4.76
CA GLU C 149 55.14 38.18 -3.99
C GLU C 149 53.73 38.76 -3.82
N PRO C 150 53.57 39.73 -2.91
CA PRO C 150 52.27 40.35 -2.66
C PRO C 150 51.38 40.60 -3.87
N SER C 151 51.95 41.08 -4.98
CA SER C 151 51.17 41.36 -6.18
C SER C 151 50.49 40.13 -6.77
N GLY C 152 51.11 38.97 -6.57
CA GLY C 152 50.56 37.74 -7.10
C GLY C 152 51.41 37.19 -8.23
N ILE C 153 52.49 37.89 -8.53
CA ILE C 153 53.41 37.49 -9.59
C ILE C 153 54.38 36.43 -9.07
N TYR C 154 54.72 35.47 -9.94
CA TYR C 154 55.63 34.42 -9.59
C TYR C 154 56.45 34.01 -10.79
N SER C 155 57.62 33.43 -10.53
CA SER C 155 58.53 32.97 -11.58
C SER C 155 59.57 32.04 -10.95
N SER C 156 60.34 31.34 -11.78
CA SER C 156 61.36 30.44 -11.26
C SER C 156 62.75 31.06 -11.32
N TRP C 157 63.60 30.63 -10.39
CA TRP C 157 64.94 31.14 -10.28
C TRP C 157 65.97 30.02 -10.13
N SER C 158 67.22 30.31 -10.47
CA SER C 158 68.31 29.35 -10.33
C SER C 158 68.71 29.50 -8.86
N ALA C 159 68.55 30.72 -8.37
CA ALA C 159 68.86 31.09 -6.99
C ALA C 159 68.17 32.44 -6.76
N GLN C 160 67.71 32.67 -5.54
CA GLN C 160 67.02 33.92 -5.25
C GLN C 160 66.94 34.13 -3.76
N THR C 161 66.72 35.37 -3.37
CA THR C 161 66.63 35.74 -1.97
C THR C 161 65.57 36.85 -1.81
N ILE C 162 64.94 36.90 -0.64
CA ILE C 162 63.93 37.92 -0.36
C ILE C 162 64.14 38.35 1.07
N GLY C 163 63.68 39.55 1.41
CA GLY C 163 63.82 40.01 2.77
C GLY C 163 64.84 41.13 2.92
N ARG C 164 65.11 41.50 4.16
CA ARG C 164 66.06 42.58 4.45
C ARG C 164 67.45 42.25 3.95
N ASN C 165 68.03 43.20 3.21
CA ASN C 165 69.37 43.04 2.66
C ASN C 165 69.44 41.97 1.58
N SER C 166 68.29 41.61 1.01
CA SER C 166 68.27 40.61 -0.04
C SER C 166 68.98 41.24 -1.25
N LYS C 167 69.09 42.56 -1.22
CA LYS C 167 69.75 43.31 -2.28
C LYS C 167 71.19 42.84 -2.32
N THR C 168 71.80 42.89 -1.14
CA THR C 168 73.18 42.47 -0.95
C THR C 168 73.38 41.00 -1.34
N VAL C 169 72.67 40.12 -0.63
CA VAL C 169 72.78 38.70 -0.88
C VAL C 169 72.47 38.27 -2.32
N ARG C 170 71.65 39.02 -3.03
CA ARG C 170 71.35 38.66 -4.41
C ARG C 170 72.61 38.89 -5.24
N GLU C 171 73.23 40.04 -5.03
CA GLU C 171 74.45 40.41 -5.73
C GLU C 171 75.46 39.29 -5.58
N PHE C 172 75.68 38.87 -4.34
CA PHE C 172 76.61 37.78 -4.06
C PHE C 172 76.29 36.62 -4.99
N LEU C 173 75.02 36.23 -5.03
CA LEU C 173 74.57 35.12 -5.87
C LEU C 173 74.74 35.39 -7.36
N GLU C 174 74.45 36.62 -7.79
CA GLU C 174 74.59 36.96 -9.21
C GLU C 174 76.04 36.84 -9.69
N LYS C 175 76.99 36.96 -8.77
CA LYS C 175 78.40 36.86 -9.11
C LYS C 175 79.03 35.73 -8.30
N ASN C 176 78.31 34.61 -8.19
CA ASN C 176 78.78 33.45 -7.47
C ASN C 176 77.98 32.22 -7.86
N TYR C 177 77.06 32.38 -8.82
CA TYR C 177 76.25 31.27 -9.30
C TYR C 177 76.38 31.16 -10.81
N ASP C 178 76.90 30.02 -11.26
CA ASP C 178 77.10 29.78 -12.67
C ASP C 178 76.06 28.76 -13.14
N ARG C 179 75.16 29.19 -14.02
CA ARG C 179 74.13 28.30 -14.53
C ARG C 179 74.77 27.14 -15.29
N LYS C 180 75.95 27.40 -15.85
CA LYS C 180 76.68 26.39 -16.61
C LYS C 180 76.95 25.19 -15.70
N GLU C 181 77.54 25.47 -14.55
CA GLU C 181 77.88 24.42 -13.59
C GLU C 181 77.29 24.69 -12.21
N PRO C 182 76.02 24.35 -12.00
CA PRO C 182 75.34 24.56 -10.72
C PRO C 182 75.93 23.65 -9.66
N PRO C 183 75.91 24.08 -8.39
CA PRO C 183 76.46 23.29 -7.28
C PRO C 183 76.11 21.81 -7.43
N ALA C 184 77.00 21.06 -8.08
CA ALA C 184 76.79 19.64 -8.32
C ALA C 184 76.76 18.74 -7.08
N THR C 185 76.71 19.35 -5.90
CA THR C 185 76.67 18.56 -4.68
C THR C 185 75.80 19.19 -3.63
N VAL C 186 75.18 18.35 -2.81
CA VAL C 186 74.35 18.85 -1.73
C VAL C 186 75.25 19.75 -0.88
N GLU C 187 76.45 19.25 -0.59
CA GLU C 187 77.41 19.99 0.23
C GLU C 187 77.81 21.33 -0.35
N GLU C 188 78.28 21.36 -1.59
CA GLU C 188 78.70 22.63 -2.17
C GLU C 188 77.53 23.56 -2.47
N CYS C 189 76.32 23.02 -2.46
CA CYS C 189 75.15 23.86 -2.70
C CYS C 189 74.81 24.50 -1.36
N VAL C 190 74.92 23.71 -0.30
CA VAL C 190 74.65 24.21 1.04
C VAL C 190 75.71 25.23 1.42
N LYS C 191 76.93 25.04 0.94
CA LYS C 191 78.01 25.97 1.24
C LYS C 191 77.72 27.32 0.60
N LEU C 192 77.43 27.29 -0.70
CA LEU C 192 77.12 28.51 -1.42
C LEU C 192 75.98 29.27 -0.75
N THR C 193 75.04 28.53 -0.16
CA THR C 193 73.89 29.15 0.52
C THR C 193 74.33 29.83 1.82
N VAL C 194 75.12 29.12 2.62
CA VAL C 194 75.61 29.68 3.86
C VAL C 194 76.48 30.90 3.55
N ARG C 195 77.33 30.79 2.53
CA ARG C 195 78.19 31.89 2.14
C ARG C 195 77.37 33.16 1.86
N SER C 196 76.30 33.00 1.08
CA SER C 196 75.45 34.14 0.74
C SER C 196 74.82 34.75 1.99
N LEU C 197 74.38 33.90 2.91
CA LEU C 197 73.75 34.42 4.13
C LEU C 197 74.74 35.15 5.06
N LEU C 198 75.99 34.69 5.08
CA LEU C 198 76.99 35.32 5.92
C LEU C 198 77.23 36.76 5.48
N GLU C 199 77.00 37.03 4.20
CA GLU C 199 77.17 38.37 3.66
C GLU C 199 76.28 39.36 4.39
N VAL C 200 75.30 38.85 5.13
CA VAL C 200 74.37 39.72 5.84
C VAL C 200 74.05 39.31 7.27
N VAL C 201 74.21 38.03 7.59
CA VAL C 201 73.89 37.56 8.94
C VAL C 201 74.84 38.07 10.04
N GLN C 202 76.08 38.38 9.66
CA GLN C 202 77.06 38.88 10.63
C GLN C 202 77.21 37.86 11.78
N THR C 203 78.02 36.84 11.54
CA THR C 203 78.27 35.78 12.51
C THR C 203 76.98 35.35 13.21
N GLY C 204 76.29 34.40 12.59
CA GLY C 204 75.05 33.92 13.16
C GLY C 204 74.92 32.41 13.07
N ALA C 205 75.72 31.71 13.87
CA ALA C 205 75.66 30.26 13.87
C ALA C 205 74.22 29.87 14.21
N LYS C 206 73.72 30.38 15.33
CA LYS C 206 72.35 30.09 15.76
C LYS C 206 71.36 30.99 15.03
N ASN C 207 71.88 31.81 14.12
CA ASN C 207 71.06 32.73 13.34
C ASN C 207 70.84 32.29 11.90
N ILE C 208 71.39 31.14 11.53
CA ILE C 208 71.24 30.61 10.17
C ILE C 208 70.78 29.16 10.16
N GLU C 209 69.63 28.92 9.52
CA GLU C 209 69.10 27.57 9.42
C GLU C 209 68.99 27.16 7.95
N ILE C 210 69.43 25.95 7.66
CA ILE C 210 69.42 25.41 6.31
C ILE C 210 68.53 24.17 6.22
N THR C 211 67.88 24.01 5.07
CA THR C 211 67.03 22.85 4.81
C THR C 211 67.36 22.34 3.42
N VAL C 212 67.65 21.05 3.32
CA VAL C 212 68.00 20.44 2.03
C VAL C 212 66.87 19.58 1.52
N VAL C 213 66.53 19.75 0.25
CA VAL C 213 65.47 18.99 -0.36
C VAL C 213 65.98 18.25 -1.59
N LYS C 214 65.86 16.93 -1.58
CA LYS C 214 66.30 16.08 -2.68
C LYS C 214 65.08 15.44 -3.30
N PRO C 215 65.25 14.72 -4.43
CA PRO C 215 64.11 14.08 -5.07
C PRO C 215 63.43 13.05 -4.17
N ASP C 216 62.21 12.66 -4.55
CA ASP C 216 61.43 11.68 -3.80
C ASP C 216 61.19 11.95 -2.33
N SER C 217 60.64 13.12 -2.04
CA SER C 217 60.31 13.51 -0.67
C SER C 217 61.43 13.41 0.36
N ASP C 218 62.66 13.53 -0.10
CA ASP C 218 63.80 13.45 0.79
C ASP C 218 64.14 14.85 1.30
N ILE C 219 63.49 15.26 2.38
CA ILE C 219 63.72 16.57 2.95
C ILE C 219 64.26 16.47 4.37
N VAL C 220 65.24 17.32 4.68
CA VAL C 220 65.84 17.34 6.01
C VAL C 220 66.47 18.67 6.33
N ALA C 221 66.38 19.07 7.60
CA ALA C 221 66.94 20.33 8.06
C ALA C 221 68.22 20.08 8.85
N LEU C 222 69.26 20.84 8.54
CA LEU C 222 70.54 20.72 9.22
C LEU C 222 70.46 21.24 10.65
N SER C 223 71.35 20.76 11.51
CA SER C 223 71.40 21.18 12.90
C SER C 223 72.53 22.18 13.09
N SER C 224 72.42 23.00 14.13
CA SER C 224 73.42 24.02 14.43
C SER C 224 74.82 23.60 14.04
N GLU C 225 75.28 22.49 14.61
CA GLU C 225 76.62 21.97 14.34
C GLU C 225 76.89 21.83 12.85
N GLU C 226 76.10 20.99 12.19
CA GLU C 226 76.24 20.75 10.76
C GLU C 226 76.48 22.07 10.04
N ILE C 227 75.62 23.04 10.33
CA ILE C 227 75.70 24.36 9.73
C ILE C 227 76.97 25.07 10.19
N ASN C 228 77.12 25.17 11.51
CA ASN C 228 78.28 25.81 12.13
C ASN C 228 79.59 25.27 11.56
N GLN C 229 79.56 24.03 11.10
CA GLN C 229 80.74 23.41 10.50
C GLN C 229 81.02 24.10 9.18
N TYR C 230 79.95 24.39 8.44
CA TYR C 230 80.08 25.06 7.15
C TYR C 230 80.65 26.46 7.33
N VAL C 231 80.17 27.15 8.36
CA VAL C 231 80.62 28.50 8.64
C VAL C 231 82.12 28.49 8.91
N THR C 232 82.52 27.66 9.87
CA THR C 232 83.92 27.52 10.25
C THR C 232 84.80 27.33 9.02
N GLN C 233 84.47 26.32 8.22
CA GLN C 233 85.23 26.03 7.01
C GLN C 233 85.23 27.21 6.04
N ILE C 234 84.19 28.04 6.10
CA ILE C 234 84.09 29.20 5.21
C ILE C 234 84.96 30.38 5.66
N GLU C 235 85.01 30.63 6.96
CA GLU C 235 85.82 31.74 7.47
C GLU C 235 87.29 31.46 7.26
N GLN C 236 87.64 30.19 7.11
CA GLN C 236 89.01 29.82 6.87
C GLN C 236 89.38 30.16 5.44
N GLU C 237 88.48 29.88 4.52
CA GLU C 237 88.70 30.18 3.10
C GLU C 237 89.17 31.63 2.97
N LYS C 238 88.60 32.49 3.82
CA LYS C 238 88.93 33.91 3.84
C LYS C 238 90.31 34.18 4.45
N GLN C 239 90.46 33.79 5.71
CA GLN C 239 91.72 33.98 6.42
C GLN C 239 92.89 33.39 5.64
N GLU C 240 92.64 32.28 4.96
CA GLU C 240 93.67 31.63 4.16
C GLU C 240 93.92 32.50 2.92
N GLN C 241 94.01 33.81 3.14
CA GLN C 241 94.25 34.76 2.06
C GLN C 241 94.43 36.18 2.59
N ASP D 1 37.13 59.33 1.72
CA ASP D 1 37.97 59.38 0.49
C ASP D 1 37.11 59.69 -0.74
N ARG D 2 37.08 58.78 -1.72
CA ARG D 2 36.29 58.97 -2.94
C ARG D 2 35.99 57.62 -3.61
N GLY D 3 34.76 57.46 -4.10
CA GLY D 3 34.36 56.22 -4.74
C GLY D 3 35.29 55.69 -5.81
N VAL D 4 35.36 54.37 -5.96
CA VAL D 4 36.22 53.76 -6.97
C VAL D 4 35.56 53.74 -8.34
N SER D 5 34.33 54.26 -8.40
CA SER D 5 33.61 54.31 -9.67
C SER D 5 33.09 55.72 -9.91
N THR D 6 33.88 56.71 -9.48
CA THR D 6 33.55 58.12 -9.62
C THR D 6 33.99 58.66 -10.99
N PHE D 7 33.25 59.64 -11.48
CA PHE D 7 33.54 60.28 -12.76
C PHE D 7 34.34 61.56 -12.54
N SER D 8 35.32 61.81 -13.41
CA SER D 8 36.12 63.02 -13.31
C SER D 8 35.27 64.10 -13.98
N PRO D 9 35.63 65.38 -13.78
CA PRO D 9 34.83 66.43 -14.41
C PRO D 9 34.83 66.33 -15.95
N GLU D 10 35.81 65.63 -16.51
CA GLU D 10 35.89 65.45 -17.96
C GLU D 10 35.06 64.25 -18.42
N GLY D 11 34.38 63.61 -17.47
CA GLY D 11 33.56 62.47 -17.81
C GLY D 11 34.33 61.17 -18.01
N ARG D 12 35.40 60.99 -17.24
CA ARG D 12 36.21 59.78 -17.33
C ARG D 12 36.22 59.11 -15.97
N LEU D 13 36.42 57.80 -15.94
CA LEU D 13 36.45 57.08 -14.67
C LEU D 13 37.87 57.03 -14.13
N PHE D 14 38.10 57.73 -13.03
CA PHE D 14 39.42 57.78 -12.40
C PHE D 14 40.15 56.45 -12.35
N GLN D 15 39.55 55.48 -11.69
CA GLN D 15 40.19 54.17 -11.58
C GLN D 15 40.60 53.56 -12.90
N VAL D 16 39.82 53.79 -13.94
CA VAL D 16 40.16 53.22 -15.24
C VAL D 16 41.33 53.99 -15.87
N GLU D 17 41.34 55.30 -15.72
CA GLU D 17 42.43 56.10 -16.28
C GLU D 17 43.73 55.72 -15.58
N TYR D 18 43.70 55.70 -14.26
CA TYR D 18 44.89 55.35 -13.49
C TYR D 18 45.29 53.93 -13.85
N SER D 19 44.30 53.12 -14.20
CA SER D 19 44.56 51.74 -14.60
C SER D 19 45.44 51.73 -15.84
N LEU D 20 45.12 52.61 -16.78
CA LEU D 20 45.86 52.72 -18.03
C LEU D 20 47.29 53.18 -17.81
N GLU D 21 47.52 53.92 -16.73
CA GLU D 21 48.86 54.39 -16.40
C GLU D 21 49.76 53.23 -16.04
N ALA D 22 49.25 52.31 -15.22
CA ALA D 22 50.02 51.16 -14.79
C ALA D 22 50.40 50.29 -15.97
N ILE D 23 49.51 50.23 -16.96
CA ILE D 23 49.74 49.44 -18.16
C ILE D 23 50.86 50.03 -19.01
N LYS D 24 51.05 51.35 -18.92
CA LYS D 24 52.11 52.02 -19.67
C LYS D 24 53.48 51.58 -19.18
N LEU D 25 53.55 51.16 -17.93
CA LEU D 25 54.80 50.71 -17.34
C LEU D 25 55.09 49.25 -17.66
N GLY D 26 54.13 48.58 -18.26
CA GLY D 26 54.32 47.18 -18.57
C GLY D 26 55.23 46.88 -19.74
N SER D 27 55.70 45.64 -19.82
CA SER D 27 56.56 45.20 -20.90
C SER D 27 55.82 45.35 -22.21
N THR D 28 56.55 45.63 -23.28
CA THR D 28 55.93 45.80 -24.58
C THR D 28 55.37 44.48 -25.12
N ALA D 29 54.24 44.58 -25.81
CA ALA D 29 53.60 43.43 -26.44
C ALA D 29 53.13 43.94 -27.80
N ILE D 30 53.34 43.15 -28.85
CA ILE D 30 52.95 43.58 -30.19
C ILE D 30 52.24 42.51 -31.00
N GLY D 31 51.21 42.93 -31.74
CA GLY D 31 50.46 42.01 -32.57
C GLY D 31 50.25 42.54 -33.98
N ILE D 32 50.50 41.68 -34.97
CA ILE D 32 50.32 42.04 -36.37
C ILE D 32 49.46 40.96 -37.04
N ALA D 33 48.38 41.38 -37.68
CA ALA D 33 47.49 40.43 -38.33
C ALA D 33 47.61 40.48 -39.85
N THR D 34 47.88 39.33 -40.46
CA THR D 34 48.01 39.21 -41.90
C THR D 34 47.09 38.12 -42.41
N LYS D 35 46.90 38.05 -43.73
CA LYS D 35 46.02 37.04 -44.32
C LYS D 35 46.61 35.63 -44.23
N GLU D 36 47.79 35.51 -43.64
CA GLU D 36 48.45 34.23 -43.48
C GLU D 36 48.53 33.84 -42.00
N GLY D 37 47.95 34.67 -41.15
CA GLY D 37 47.97 34.41 -39.73
C GLY D 37 48.21 35.67 -38.94
N VAL D 38 48.19 35.56 -37.61
CA VAL D 38 48.42 36.72 -36.76
C VAL D 38 49.63 36.41 -35.90
N VAL D 39 50.51 37.39 -35.73
CA VAL D 39 51.71 37.21 -34.92
C VAL D 39 51.62 37.99 -33.62
N LEU D 40 52.11 37.38 -32.54
CA LEU D 40 52.08 37.99 -31.22
C LEU D 40 53.47 37.86 -30.62
N GLY D 41 54.05 38.99 -30.25
CA GLY D 41 55.38 38.97 -29.67
C GLY D 41 55.39 39.82 -28.42
N VAL D 42 56.21 39.42 -27.44
CA VAL D 42 56.30 40.13 -26.18
C VAL D 42 57.73 40.26 -25.67
N GLU D 43 57.94 41.25 -24.82
CA GLU D 43 59.23 41.50 -24.20
C GLU D 43 59.24 40.79 -22.84
N LYS D 44 60.03 39.74 -22.71
CA LYS D 44 60.10 39.02 -21.43
C LYS D 44 60.43 40.00 -20.29
N ARG D 45 61.56 40.68 -20.40
CA ARG D 45 62.02 41.65 -19.40
C ARG D 45 62.23 41.09 -17.99
N ALA D 46 63.18 40.16 -17.84
CA ALA D 46 63.44 39.61 -16.51
C ALA D 46 64.07 40.69 -15.64
N THR D 47 63.85 40.61 -14.33
CA THR D 47 64.40 41.61 -13.41
C THR D 47 65.81 41.27 -12.90
N SER D 48 66.24 40.03 -13.10
CA SER D 48 67.57 39.61 -12.67
C SER D 48 68.04 38.45 -13.51
N PRO D 49 69.37 38.31 -13.67
CA PRO D 49 69.94 37.21 -14.47
C PRO D 49 69.70 35.82 -13.86
N LEU D 50 69.32 35.79 -12.59
CA LEU D 50 69.07 34.51 -11.91
C LEU D 50 67.67 33.98 -12.16
N LEU D 51 66.83 34.84 -12.74
CA LEU D 51 65.45 34.50 -13.08
C LEU D 51 65.45 33.68 -14.37
N GLU D 52 64.89 32.48 -14.33
CA GLU D 52 64.84 31.64 -15.52
C GLU D 52 63.79 32.23 -16.46
N SER D 53 64.27 32.91 -17.49
CA SER D 53 63.41 33.60 -18.47
C SER D 53 62.25 32.81 -19.07
N ASP D 54 62.40 31.51 -19.23
CA ASP D 54 61.30 30.75 -19.84
C ASP D 54 60.12 30.54 -18.90
N SER D 55 60.29 30.91 -17.64
CA SER D 55 59.19 30.78 -16.69
C SER D 55 58.35 32.06 -16.77
N ILE D 56 58.67 32.92 -17.73
CA ILE D 56 57.91 34.16 -17.94
C ILE D 56 56.91 33.86 -19.04
N GLU D 57 55.63 33.84 -18.68
CA GLU D 57 54.57 33.51 -19.62
C GLU D 57 53.62 34.67 -19.87
N LYS D 58 53.95 35.50 -20.86
CA LYS D 58 53.11 36.64 -21.18
C LYS D 58 52.34 36.42 -22.46
N ILE D 59 52.41 35.21 -22.99
CA ILE D 59 51.66 34.83 -24.18
C ILE D 59 51.02 33.49 -23.83
N VAL D 60 49.70 33.46 -23.83
CA VAL D 60 49.01 32.22 -23.49
C VAL D 60 47.96 31.85 -24.50
N GLU D 61 47.65 30.55 -24.55
CA GLU D 61 46.63 30.01 -25.43
C GLU D 61 45.26 30.02 -24.74
N ILE D 62 44.25 30.49 -25.44
CA ILE D 62 42.91 30.51 -24.90
C ILE D 62 42.15 29.30 -25.46
N ASP D 63 42.40 28.99 -26.72
CA ASP D 63 41.83 27.83 -27.39
C ASP D 63 42.74 27.58 -28.59
N ARG D 64 42.52 26.50 -29.33
CA ARG D 64 43.37 26.20 -30.47
C ARG D 64 43.41 27.31 -31.51
N HIS D 65 42.33 28.07 -31.62
CA HIS D 65 42.25 29.14 -32.61
C HIS D 65 42.35 30.54 -32.00
N ILE D 66 42.68 30.64 -30.72
CA ILE D 66 42.81 31.93 -30.06
C ILE D 66 43.94 31.95 -29.04
N GLY D 67 44.80 32.94 -29.18
CA GLY D 67 45.92 33.09 -28.26
C GLY D 67 45.91 34.53 -27.82
N CYS D 68 46.65 34.87 -26.77
CA CYS D 68 46.64 36.25 -26.36
C CYS D 68 47.92 36.69 -25.67
N ALA D 69 48.21 37.99 -25.77
CA ALA D 69 49.40 38.58 -25.16
C ALA D 69 48.95 39.64 -24.17
N MET D 70 49.70 39.74 -23.07
CA MET D 70 49.37 40.69 -22.01
C MET D 70 50.47 41.70 -21.74
N SER D 71 50.08 42.81 -21.11
CA SER D 71 51.01 43.87 -20.76
C SER D 71 50.46 44.68 -19.59
N GLY D 72 51.27 44.84 -18.55
CA GLY D 72 50.83 45.59 -17.38
C GLY D 72 51.03 44.76 -16.13
N LEU D 73 50.06 44.78 -15.22
CA LEU D 73 50.14 43.97 -14.00
C LEU D 73 49.71 42.57 -14.44
N THR D 74 50.67 41.73 -14.80
CA THR D 74 50.35 40.39 -15.30
C THR D 74 49.57 39.45 -14.39
N ALA D 75 49.74 39.57 -13.09
CA ALA D 75 49.00 38.69 -12.19
C ALA D 75 47.50 38.88 -12.37
N ASP D 76 47.09 40.12 -12.69
CA ASP D 76 45.68 40.44 -12.90
C ASP D 76 45.08 39.71 -14.10
N ALA D 77 45.94 39.26 -15.01
CA ALA D 77 45.46 38.60 -16.21
C ALA D 77 45.08 37.13 -16.05
N ARG D 78 45.49 36.50 -14.95
CA ARG D 78 45.19 35.08 -14.74
C ARG D 78 43.70 34.75 -14.77
N SER D 79 42.91 35.49 -14.01
CA SER D 79 41.47 35.24 -13.98
C SER D 79 40.84 35.54 -15.33
N MET D 80 41.41 36.52 -16.04
CA MET D 80 40.89 36.89 -17.36
C MET D 80 41.12 35.73 -18.33
N ILE D 81 42.30 35.12 -18.24
CA ILE D 81 42.64 34.00 -19.11
C ILE D 81 41.71 32.84 -18.79
N GLU D 82 41.55 32.58 -17.49
CA GLU D 82 40.70 31.52 -17.01
C GLU D 82 39.28 31.72 -17.54
N HIS D 83 38.77 32.93 -17.38
CA HIS D 83 37.44 33.26 -17.86
C HIS D 83 37.36 32.97 -19.36
N ALA D 84 38.35 33.49 -20.09
CA ALA D 84 38.43 33.31 -21.53
C ALA D 84 38.40 31.84 -21.94
N ARG D 85 39.32 31.05 -21.37
CA ARG D 85 39.39 29.63 -21.68
C ARG D 85 38.04 28.95 -21.42
N THR D 86 37.45 29.27 -20.27
CA THR D 86 36.15 28.70 -19.91
C THR D 86 35.06 29.09 -20.92
N ALA D 87 35.01 30.36 -21.28
CA ALA D 87 34.01 30.84 -22.25
C ALA D 87 34.12 30.08 -23.56
N ALA D 88 35.35 29.88 -24.02
CA ALA D 88 35.59 29.18 -25.27
C ALA D 88 35.15 27.74 -25.17
N VAL D 89 35.66 27.03 -24.15
CA VAL D 89 35.31 25.63 -23.94
C VAL D 89 33.80 25.50 -23.75
N THR D 90 33.23 26.36 -22.91
CA THR D 90 31.80 26.32 -22.65
C THR D 90 31.01 26.49 -23.94
N HIS D 91 31.42 27.46 -24.76
CA HIS D 91 30.74 27.69 -26.01
C HIS D 91 30.75 26.43 -26.87
N ASN D 92 31.89 25.79 -26.96
CA ASN D 92 31.98 24.60 -27.76
C ASN D 92 31.10 23.47 -27.22
N LEU D 93 30.93 23.42 -25.90
CA LEU D 93 30.09 22.39 -25.29
C LEU D 93 28.63 22.60 -25.67
N TYR D 94 28.19 23.86 -25.60
CA TYR D 94 26.81 24.21 -25.93
C TYR D 94 26.49 24.18 -27.41
N TYR D 95 27.42 24.59 -28.26
CA TYR D 95 27.15 24.65 -29.69
C TYR D 95 27.92 23.75 -30.63
N ASP D 96 28.76 22.88 -30.09
CA ASP D 96 29.54 21.98 -30.93
C ASP D 96 30.20 22.77 -32.07
N GLU D 97 30.97 23.79 -31.69
CA GLU D 97 31.64 24.63 -32.68
C GLU D 97 32.64 25.55 -31.96
N ASP D 98 33.43 26.28 -32.73
CA ASP D 98 34.41 27.22 -32.17
C ASP D 98 33.75 28.54 -31.86
N ILE D 99 34.20 29.20 -30.80
CA ILE D 99 33.64 30.49 -30.45
C ILE D 99 34.33 31.51 -31.37
N ASN D 100 33.57 32.50 -31.83
CA ASN D 100 34.13 33.54 -32.69
C ASN D 100 35.10 34.41 -31.90
N VAL D 101 36.23 34.77 -32.52
CA VAL D 101 37.22 35.61 -31.86
C VAL D 101 36.62 36.86 -31.22
N GLU D 102 35.72 37.50 -31.92
CA GLU D 102 35.09 38.70 -31.40
C GLU D 102 34.24 38.40 -30.17
N SER D 103 33.46 37.32 -30.24
CA SER D 103 32.61 36.90 -29.14
C SER D 103 33.44 36.65 -27.88
N LEU D 104 34.51 35.87 -28.04
CA LEU D 104 35.39 35.57 -26.92
C LEU D 104 35.91 36.88 -26.29
N THR D 105 36.34 37.80 -27.14
CA THR D 105 36.85 39.08 -26.68
C THR D 105 35.77 39.90 -25.97
N GLN D 106 34.56 39.89 -26.49
CA GLN D 106 33.47 40.63 -25.89
C GLN D 106 33.17 40.05 -24.51
N SER D 107 33.31 38.73 -24.38
CA SER D 107 33.07 38.04 -23.12
C SER D 107 34.07 38.52 -22.06
N VAL D 108 35.34 38.52 -22.45
CA VAL D 108 36.41 38.95 -21.56
C VAL D 108 36.19 40.39 -21.11
N CYS D 109 35.85 41.26 -22.05
CA CYS D 109 35.63 42.66 -21.72
C CYS D 109 34.45 42.87 -20.81
N ASP D 110 33.55 41.91 -20.77
CA ASP D 110 32.37 42.03 -19.91
C ASP D 110 32.79 42.10 -18.44
N LEU D 111 33.92 41.49 -18.10
CA LEU D 111 34.41 41.52 -16.73
C LEU D 111 34.91 42.89 -16.34
N ALA D 112 35.61 43.52 -17.26
CA ALA D 112 36.22 44.84 -17.05
C ALA D 112 35.56 45.82 -16.08
N LEU D 113 34.39 46.36 -16.43
CA LEU D 113 33.76 47.34 -15.55
C LEU D 113 33.01 46.79 -14.34
N ARG D 114 33.19 45.51 -14.05
CA ARG D 114 32.54 44.87 -12.91
C ARG D 114 33.32 45.13 -11.61
N PHE D 115 33.46 46.39 -11.24
CA PHE D 115 34.14 46.72 -10.01
C PHE D 115 33.40 47.83 -9.29
N GLY D 116 33.71 48.00 -8.01
CA GLY D 116 33.05 49.03 -7.21
C GLY D 116 32.88 48.57 -5.77
N GLU D 117 32.13 49.33 -4.98
CA GLU D 117 31.90 48.98 -3.57
C GLU D 117 30.42 48.78 -3.29
N GLY D 118 29.65 48.54 -4.35
CA GLY D 118 28.21 48.33 -4.20
C GLY D 118 27.41 49.05 -5.29
N ALA D 119 27.91 48.98 -6.52
CA ALA D 119 27.25 49.62 -7.67
C ALA D 119 25.90 48.99 -8.01
N SER D 120 24.86 49.83 -8.09
CA SER D 120 23.50 49.39 -8.40
C SER D 120 23.28 49.00 -9.87
N GLY D 121 23.58 47.75 -10.21
CA GLY D 121 23.41 47.28 -11.58
C GLY D 121 23.48 45.76 -11.67
N GLU D 122 23.97 45.14 -10.59
CA GLU D 122 24.12 43.70 -10.48
C GLU D 122 24.90 43.42 -9.18
N GLU D 123 25.93 42.57 -9.27
CA GLU D 123 26.75 42.27 -8.09
C GLU D 123 28.23 42.29 -8.45
N ARG D 124 28.68 43.46 -8.92
CA ARG D 124 30.07 43.67 -9.32
C ARG D 124 31.03 43.70 -8.12
N LEU D 125 31.41 42.51 -7.66
CA LEU D 125 32.31 42.37 -6.54
C LEU D 125 33.75 42.22 -7.03
N MET D 126 34.44 43.36 -7.10
CA MET D 126 35.82 43.43 -7.53
C MET D 126 36.21 44.84 -7.10
N SER D 127 37.19 44.97 -6.22
CA SER D 127 37.56 46.28 -5.69
C SER D 127 38.17 47.27 -6.64
N ARG D 128 38.79 46.80 -7.72
CA ARG D 128 39.43 47.71 -8.67
C ARG D 128 39.45 47.14 -10.07
N PRO D 129 39.70 47.99 -11.08
CA PRO D 129 39.75 47.52 -12.47
C PRO D 129 41.02 46.68 -12.65
N PHE D 130 41.12 45.95 -13.75
CA PHE D 130 42.31 45.15 -14.00
C PHE D 130 43.43 46.10 -14.39
N GLY D 131 44.66 45.77 -14.03
CA GLY D 131 45.77 46.64 -14.38
C GLY D 131 46.61 46.02 -15.49
N VAL D 132 45.93 45.45 -16.47
CA VAL D 132 46.59 44.80 -17.59
C VAL D 132 45.74 44.87 -18.85
N ALA D 133 46.38 45.06 -19.99
CA ALA D 133 45.67 45.12 -21.27
C ALA D 133 46.00 43.83 -22.01
N LEU D 134 45.14 43.45 -22.96
CA LEU D 134 45.38 42.22 -23.70
C LEU D 134 45.22 42.38 -25.20
N LEU D 135 46.04 41.64 -25.94
CA LEU D 135 45.96 41.61 -27.38
C LEU D 135 45.48 40.20 -27.64
N ILE D 136 44.23 40.08 -28.04
CA ILE D 136 43.64 38.79 -28.31
C ILE D 136 43.68 38.53 -29.81
N ALA D 137 44.37 37.47 -30.20
CA ALA D 137 44.49 37.15 -31.62
C ALA D 137 43.94 35.76 -31.93
N GLY D 138 43.21 35.65 -33.03
CA GLY D 138 42.67 34.36 -33.39
C GLY D 138 42.13 34.32 -34.80
N HIS D 139 41.46 33.22 -35.11
CA HIS D 139 40.87 33.03 -36.42
C HIS D 139 39.56 32.27 -36.32
N ASP D 140 38.64 32.59 -37.20
CA ASP D 140 37.37 31.91 -37.22
C ASP D 140 36.87 31.94 -38.66
N ALA D 141 35.89 31.11 -39.00
CA ALA D 141 35.40 31.02 -40.36
C ALA D 141 34.68 32.24 -40.90
N ASP D 142 34.02 33.00 -40.05
CA ASP D 142 33.28 34.14 -40.52
C ASP D 142 34.08 35.42 -40.77
N ASP D 143 35.16 35.63 -40.01
CA ASP D 143 35.96 36.85 -40.17
C ASP D 143 37.47 36.63 -40.26
N GLY D 144 37.89 35.44 -40.64
CA GLY D 144 39.31 35.15 -40.75
C GLY D 144 40.14 35.58 -39.55
N TYR D 145 41.41 35.88 -39.81
CA TYR D 145 42.33 36.30 -38.77
C TYR D 145 41.97 37.65 -38.18
N GLN D 146 42.01 37.73 -36.86
CA GLN D 146 41.67 38.96 -36.15
C GLN D 146 42.61 39.26 -35.00
N LEU D 147 42.77 40.55 -34.72
CA LEU D 147 43.59 41.03 -33.63
C LEU D 147 42.74 42.03 -32.86
N PHE D 148 42.66 41.83 -31.55
CA PHE D 148 41.87 42.71 -30.68
C PHE D 148 42.69 43.24 -29.51
N HIS D 149 42.32 44.43 -29.07
CA HIS D 149 42.98 45.04 -27.93
C HIS D 149 41.89 45.23 -26.89
N ALA D 150 42.01 44.50 -25.77
CA ALA D 150 41.02 44.59 -24.70
C ALA D 150 41.61 45.41 -23.56
N GLU D 151 40.91 46.48 -23.19
CA GLU D 151 41.37 47.35 -22.11
C GLU D 151 40.53 47.21 -20.84
N PRO D 152 41.03 47.73 -19.71
CA PRO D 152 40.33 47.66 -18.42
C PRO D 152 39.06 48.50 -18.43
N SER D 153 38.89 49.26 -19.52
CA SER D 153 37.72 50.12 -19.70
C SER D 153 36.54 49.30 -20.18
N GLY D 154 36.80 48.05 -20.52
CA GLY D 154 35.74 47.19 -21.01
C GLY D 154 35.56 47.30 -22.51
N THR D 155 36.18 48.31 -23.11
CA THR D 155 36.06 48.46 -24.55
C THR D 155 37.22 47.72 -25.21
N PHE D 156 36.98 47.21 -26.42
CA PHE D 156 38.01 46.51 -27.16
C PHE D 156 37.95 47.00 -28.58
N TYR D 157 39.12 47.11 -29.20
CA TYR D 157 39.21 47.60 -30.57
C TYR D 157 39.84 46.54 -31.44
N ARG D 158 39.48 46.53 -32.72
CA ARG D 158 40.08 45.58 -33.63
C ARG D 158 41.24 46.34 -34.30
N TYR D 159 42.36 45.67 -34.53
CA TYR D 159 43.52 46.31 -35.15
C TYR D 159 44.14 45.42 -36.22
N ASN D 160 44.88 46.04 -37.14
CA ASN D 160 45.59 45.30 -38.18
C ASN D 160 46.94 45.00 -37.54
N ALA D 161 47.34 45.90 -36.66
CA ALA D 161 48.58 45.80 -35.91
C ALA D 161 48.40 46.68 -34.67
N LYS D 162 49.02 46.29 -33.57
CA LYS D 162 48.89 47.07 -32.34
C LYS D 162 49.99 46.74 -31.36
N ALA D 163 50.40 47.75 -30.61
CA ALA D 163 51.46 47.59 -29.63
C ALA D 163 50.99 48.23 -28.33
N ILE D 164 51.21 47.53 -27.21
CA ILE D 164 50.82 48.02 -25.89
C ILE D 164 52.02 47.80 -24.98
N GLY D 165 52.15 48.64 -23.96
CA GLY D 165 53.28 48.53 -23.04
C GLY D 165 54.13 49.78 -23.07
N SER D 166 55.25 49.76 -22.36
CA SER D 166 56.12 50.93 -22.30
C SER D 166 56.52 51.53 -23.66
N GLY D 167 56.83 50.70 -24.64
CA GLY D 167 57.23 51.25 -25.93
C GLY D 167 56.12 51.38 -26.96
N SER D 168 54.87 51.38 -26.51
CA SER D 168 53.71 51.46 -27.40
C SER D 168 53.61 52.63 -28.39
N GLU D 169 53.60 53.87 -27.92
CA GLU D 169 53.47 55.02 -28.83
C GLU D 169 54.56 55.04 -29.89
N GLY D 170 55.77 54.65 -29.51
CA GLY D 170 56.86 54.62 -30.46
C GLY D 170 56.64 53.49 -31.46
N ALA D 171 56.46 52.28 -30.94
CA ALA D 171 56.24 51.10 -31.76
C ALA D 171 54.98 51.17 -32.61
N GLN D 172 53.99 51.92 -32.15
CA GLN D 172 52.74 52.05 -32.90
C GLN D 172 53.00 52.88 -34.13
N ALA D 173 53.82 53.92 -33.99
CA ALA D 173 54.16 54.79 -35.10
C ALA D 173 54.89 53.93 -36.13
N GLU D 174 55.73 53.04 -35.64
CA GLU D 174 56.47 52.15 -36.52
C GLU D 174 55.48 51.31 -37.33
N LEU D 175 54.58 50.63 -36.64
CA LEU D 175 53.56 49.78 -37.27
C LEU D 175 52.75 50.55 -38.30
N LEU D 176 52.51 51.83 -38.03
CA LEU D 176 51.77 52.69 -38.94
C LEU D 176 52.36 52.67 -40.35
N ASN D 177 53.70 52.79 -40.42
CA ASN D 177 54.41 52.82 -41.68
C ASN D 177 54.64 51.43 -42.30
N GLU D 178 55.05 50.48 -41.47
CA GLU D 178 55.35 49.13 -41.92
C GLU D 178 54.18 48.26 -42.37
N TRP D 179 53.01 48.45 -41.77
CA TRP D 179 51.87 47.60 -42.11
C TRP D 179 51.15 47.92 -43.42
N HIS D 180 50.88 46.86 -44.17
CA HIS D 180 50.16 46.94 -45.44
C HIS D 180 49.34 45.66 -45.62
N SER D 181 48.19 45.79 -46.28
CA SER D 181 47.26 44.68 -46.49
C SER D 181 47.78 43.41 -47.16
N SER D 182 49.06 43.29 -47.40
CA SER D 182 49.55 42.08 -48.05
C SER D 182 50.83 41.51 -47.46
N LEU D 183 51.07 41.78 -46.19
CA LEU D 183 52.24 41.26 -45.51
C LEU D 183 52.12 39.74 -45.43
N THR D 184 53.25 39.06 -45.34
CA THR D 184 53.25 37.62 -45.22
C THR D 184 53.51 37.32 -43.75
N LEU D 185 53.28 36.07 -43.34
CA LEU D 185 53.53 35.73 -41.96
C LEU D 185 54.99 36.00 -41.61
N LYS D 186 55.89 35.55 -42.47
CA LYS D 186 57.32 35.76 -42.28
C LYS D 186 57.68 37.24 -42.12
N GLU D 187 57.04 38.09 -42.93
CA GLU D 187 57.31 39.51 -42.86
C GLU D 187 56.84 40.02 -41.51
N ALA D 188 55.60 39.71 -41.16
CA ALA D 188 55.03 40.13 -39.88
C ALA D 188 55.93 39.70 -38.72
N GLU D 189 56.44 38.48 -38.78
CA GLU D 189 57.31 37.96 -37.74
C GLU D 189 58.53 38.85 -37.56
N LEU D 190 59.33 38.98 -38.62
CA LEU D 190 60.54 39.80 -38.60
C LEU D 190 60.20 41.21 -38.15
N LEU D 191 59.08 41.71 -38.65
CA LEU D 191 58.61 43.05 -38.33
C LEU D 191 58.35 43.23 -36.83
N VAL D 192 57.72 42.24 -36.21
CA VAL D 192 57.45 42.30 -34.77
C VAL D 192 58.77 42.25 -34.03
N LEU D 193 59.61 41.32 -34.44
CA LEU D 193 60.92 41.13 -33.83
C LEU D 193 61.77 42.41 -33.91
N LYS D 194 61.62 43.14 -35.02
CA LYS D 194 62.37 44.38 -35.21
C LYS D 194 61.92 45.48 -34.25
N ILE D 195 60.63 45.80 -34.28
CA ILE D 195 60.09 46.85 -33.42
C ILE D 195 60.31 46.57 -31.94
N LEU D 196 60.28 45.30 -31.55
CA LEU D 196 60.51 44.97 -30.15
C LEU D 196 61.92 45.42 -29.82
N LYS D 197 62.83 45.12 -30.74
CA LYS D 197 64.25 45.47 -30.59
C LYS D 197 64.49 46.98 -30.45
N GLN D 198 63.70 47.78 -31.16
CA GLN D 198 63.87 49.23 -31.08
C GLN D 198 63.45 49.81 -29.74
N VAL D 199 62.34 49.31 -29.19
CA VAL D 199 61.82 49.83 -27.93
C VAL D 199 62.35 49.15 -26.67
N MET D 200 62.94 47.98 -26.82
CA MET D 200 63.46 47.26 -25.67
C MET D 200 64.74 47.86 -25.10
N GLU D 201 64.77 48.02 -23.78
CA GLU D 201 65.95 48.54 -23.10
C GLU D 201 67.11 47.61 -23.40
N GLU D 202 66.87 46.32 -23.23
CA GLU D 202 67.86 45.29 -23.45
C GLU D 202 68.03 44.93 -24.93
N LYS D 203 69.12 44.23 -25.22
CA LYS D 203 69.41 43.82 -26.58
C LYS D 203 68.61 42.56 -26.86
N LEU D 204 67.67 42.66 -27.77
CA LEU D 204 66.80 41.53 -28.13
C LEU D 204 67.54 40.27 -28.53
N ASP D 205 67.19 39.17 -27.87
CA ASP D 205 67.76 37.85 -28.16
C ASP D 205 66.61 36.88 -27.90
N GLU D 206 66.80 35.59 -28.24
CA GLU D 206 65.73 34.62 -28.05
C GLU D 206 65.37 34.30 -26.59
N ASN D 207 66.05 34.95 -25.65
CA ASN D 207 65.78 34.71 -24.25
C ASN D 207 64.99 35.80 -23.54
N ASN D 208 65.02 37.02 -24.07
CA ASN D 208 64.27 38.10 -23.44
C ASN D 208 63.13 38.55 -24.32
N ALA D 209 62.81 37.74 -25.33
CA ALA D 209 61.73 38.05 -26.25
C ALA D 209 61.08 36.73 -26.69
N GLN D 210 59.79 36.79 -27.00
CA GLN D 210 59.07 35.59 -27.39
C GLN D 210 58.06 35.88 -28.48
N LEU D 211 57.99 34.98 -29.46
CA LEU D 211 57.08 35.12 -30.58
C LEU D 211 56.07 33.98 -30.57
N SER D 212 55.03 34.15 -31.36
CA SER D 212 53.99 33.13 -31.49
C SER D 212 53.03 33.61 -32.57
N CYS D 213 52.19 32.69 -33.02
CA CYS D 213 51.21 33.03 -34.04
C CYS D 213 50.02 32.09 -33.96
N ILE D 214 49.07 32.33 -34.85
CA ILE D 214 47.87 31.51 -34.94
C ILE D 214 47.49 31.51 -36.41
N THR D 215 47.51 30.32 -36.99
CA THR D 215 47.14 30.13 -38.39
C THR D 215 45.98 29.15 -38.43
N LYS D 216 45.09 29.32 -39.40
CA LYS D 216 43.93 28.45 -39.56
C LYS D 216 44.35 26.98 -39.59
N GLN D 217 45.53 26.69 -40.11
CA GLN D 217 45.98 25.32 -40.21
C GLN D 217 46.48 24.69 -38.91
N ASP D 218 47.47 25.30 -38.27
CA ASP D 218 48.02 24.73 -37.05
C ASP D 218 47.56 25.39 -35.76
N GLY D 219 46.68 26.38 -35.88
CA GLY D 219 46.18 27.05 -34.71
C GLY D 219 47.26 27.85 -33.99
N PHE D 220 47.05 28.10 -32.70
CA PHE D 220 47.98 28.87 -31.91
C PHE D 220 49.21 28.09 -31.47
N LYS D 221 50.38 28.65 -31.77
CA LYS D 221 51.67 28.03 -31.42
C LYS D 221 52.64 29.09 -30.91
N ILE D 222 53.34 28.76 -29.84
CA ILE D 222 54.35 29.67 -29.29
C ILE D 222 55.70 29.21 -29.82
N TYR D 223 56.46 30.11 -30.45
CA TYR D 223 57.76 29.78 -31.02
C TYR D 223 58.78 29.42 -29.95
N ASP D 224 59.35 28.22 -30.05
CA ASP D 224 60.37 27.81 -29.09
C ASP D 224 61.62 28.64 -29.38
N ASN D 225 62.45 28.87 -28.38
CA ASN D 225 63.64 29.69 -28.53
C ASN D 225 64.46 29.51 -29.81
N GLU D 226 64.85 28.27 -30.11
CA GLU D 226 65.63 27.99 -31.31
C GLU D 226 65.00 28.58 -32.56
N LYS D 227 63.71 28.39 -32.72
CA LYS D 227 62.98 28.90 -33.87
C LYS D 227 63.07 30.42 -33.99
N THR D 228 62.96 31.11 -32.86
CA THR D 228 63.04 32.57 -32.84
C THR D 228 64.47 33.05 -33.02
N ALA D 229 65.42 32.37 -32.39
CA ALA D 229 66.82 32.73 -32.50
C ALA D 229 67.17 32.95 -33.97
N GLU D 230 66.76 32.02 -34.83
CA GLU D 230 67.03 32.11 -36.26
C GLU D 230 66.34 33.30 -36.89
N LEU D 231 65.08 33.54 -36.53
CA LEU D 231 64.36 34.67 -37.09
C LEU D 231 65.02 35.98 -36.69
N ILE D 232 65.77 35.95 -35.59
CA ILE D 232 66.47 37.15 -35.11
C ILE D 232 67.68 37.39 -36.01
N LYS D 233 68.43 36.31 -36.23
CA LYS D 233 69.61 36.32 -37.07
C LYS D 233 69.20 36.84 -38.46
N GLU D 234 68.14 36.25 -39.00
CA GLU D 234 67.63 36.66 -40.30
C GLU D 234 67.29 38.15 -40.34
N LEU D 235 66.93 38.70 -39.18
CA LEU D 235 66.57 40.11 -39.09
C LEU D 235 67.84 40.97 -39.13
N LYS D 236 68.82 40.59 -38.31
CA LYS D 236 70.09 41.29 -38.27
C LYS D 236 70.67 41.43 -39.67
N GLU D 237 70.63 40.32 -40.41
CA GLU D 237 71.14 40.26 -41.77
C GLU D 237 70.42 41.21 -42.72
N LYS D 238 69.11 41.07 -42.85
CA LYS D 238 68.36 41.93 -43.76
C LYS D 238 68.48 43.40 -43.38
N GLU D 239 68.82 43.68 -42.13
CA GLU D 239 68.99 45.06 -41.66
C GLU D 239 70.37 45.59 -42.08
N ALA D 240 71.39 44.78 -41.84
CA ALA D 240 72.74 45.15 -42.21
C ALA D 240 72.88 45.06 -43.73
N ALA D 241 71.83 44.59 -44.40
CA ALA D 241 71.82 44.46 -45.85
C ALA D 241 71.45 45.80 -46.49
N GLU D 242 71.39 46.84 -45.64
CA GLU D 242 71.07 48.19 -46.06
C GLU D 242 70.45 48.95 -44.89
N PHE E 1 33.16 74.73 -3.13
CA PHE E 1 31.83 74.37 -3.72
C PHE E 1 31.90 72.99 -4.37
N ARG E 2 31.46 72.91 -5.64
CA ARG E 2 31.41 71.68 -6.42
C ARG E 2 32.27 70.53 -5.93
N ASN E 3 33.57 70.79 -5.73
CA ASN E 3 34.48 69.75 -5.28
C ASN E 3 33.99 69.03 -4.02
N ASN E 4 33.17 69.72 -3.22
CA ASN E 4 32.65 69.14 -1.99
C ASN E 4 31.37 68.37 -2.20
N TYR E 5 30.70 68.62 -3.32
CA TYR E 5 29.42 67.97 -3.60
C TYR E 5 29.44 67.02 -4.82
N ASP E 6 30.61 66.73 -5.36
CA ASP E 6 30.69 65.86 -6.53
C ASP E 6 31.39 64.53 -6.28
N GLY E 7 31.41 64.09 -5.02
CA GLY E 7 32.07 62.84 -4.69
C GLY E 7 31.28 61.58 -5.01
N ASP E 8 29.96 61.72 -5.12
CA ASP E 8 29.08 60.60 -5.41
C ASP E 8 27.72 61.09 -5.87
N THR E 9 26.90 60.18 -6.39
CA THR E 9 25.58 60.56 -6.89
C THR E 9 24.55 60.78 -5.80
N VAL E 10 24.86 60.36 -4.60
CA VAL E 10 23.92 60.50 -3.50
C VAL E 10 23.97 61.89 -2.84
N THR E 11 24.73 62.82 -3.42
CA THR E 11 24.84 64.15 -2.86
C THR E 11 24.29 65.29 -3.71
N PHE E 12 23.50 66.14 -3.09
CA PHE E 12 22.93 67.31 -3.77
C PHE E 12 23.85 68.49 -3.48
N SER E 13 24.04 69.38 -4.46
CA SER E 13 24.88 70.55 -4.21
C SER E 13 23.92 71.59 -3.64
N PRO E 14 24.46 72.64 -3.00
CA PRO E 14 23.62 73.69 -2.40
C PRO E 14 22.57 74.29 -3.37
N THR E 15 22.86 74.22 -4.66
CA THR E 15 21.95 74.75 -5.67
C THR E 15 20.91 73.73 -6.13
N GLY E 16 21.13 72.46 -5.76
CA GLY E 16 20.19 71.40 -6.12
C GLY E 16 20.61 70.57 -7.31
N ARG E 17 21.92 70.46 -7.52
CA ARG E 17 22.46 69.70 -8.64
C ARG E 17 23.14 68.40 -8.25
N LEU E 18 23.25 67.51 -9.23
CA LEU E 18 23.90 66.22 -9.04
C LEU E 18 25.08 66.19 -9.99
N PHE E 19 26.23 66.63 -9.48
CA PHE E 19 27.44 66.70 -10.29
C PHE E 19 27.88 65.39 -10.92
N GLN E 20 27.86 64.30 -10.16
CA GLN E 20 28.26 63.04 -10.74
C GLN E 20 27.45 62.76 -12.00
N VAL E 21 26.17 63.11 -11.97
CA VAL E 21 25.29 62.90 -13.12
C VAL E 21 25.74 63.83 -14.25
N GLU E 22 26.02 65.08 -13.89
CA GLU E 22 26.46 66.06 -14.87
C GLU E 22 27.78 65.63 -15.48
N TYR E 23 28.64 65.01 -14.67
CA TYR E 23 29.92 64.55 -15.16
C TYR E 23 29.67 63.40 -16.14
N ALA E 24 28.64 62.63 -15.86
CA ALA E 24 28.28 61.51 -16.73
C ALA E 24 27.85 62.04 -18.09
N LEU E 25 27.00 63.07 -18.07
CA LEU E 25 26.51 63.68 -19.31
C LEU E 25 27.68 64.20 -20.13
N GLU E 26 28.76 64.54 -19.43
CA GLU E 26 29.93 65.06 -20.09
C GLU E 26 30.64 64.00 -20.92
N ALA E 27 30.48 62.74 -20.51
CA ALA E 27 31.10 61.63 -21.22
C ALA E 27 30.45 61.50 -22.59
N ILE E 28 29.21 61.95 -22.68
CA ILE E 28 28.45 61.89 -23.91
C ILE E 28 28.99 62.90 -24.92
N LYS E 29 29.07 64.16 -24.48
CA LYS E 29 29.58 65.24 -25.33
C LYS E 29 30.92 64.87 -25.93
N GLN E 30 31.72 64.14 -25.17
CA GLN E 30 33.03 63.71 -25.61
C GLN E 30 32.90 62.56 -26.63
N GLY E 31 31.69 62.02 -26.78
CA GLY E 31 31.47 60.92 -27.70
C GLY E 31 31.20 61.34 -29.15
N SER E 32 31.50 60.44 -30.08
CA SER E 32 31.27 60.72 -31.50
C SER E 32 29.81 61.01 -31.80
N VAL E 33 29.56 61.91 -32.74
CA VAL E 33 28.21 62.30 -33.09
C VAL E 33 27.38 61.18 -33.72
N THR E 34 26.08 61.23 -33.47
CA THR E 34 25.14 60.26 -34.01
C THR E 34 23.82 61.02 -34.17
N VAL E 35 23.10 60.72 -35.26
CA VAL E 35 21.85 61.40 -35.55
C VAL E 35 20.67 60.45 -35.73
N GLY E 36 19.47 60.96 -35.42
CA GLY E 36 18.27 60.16 -35.57
C GLY E 36 17.12 61.02 -36.05
N LEU E 37 16.32 60.48 -36.98
CA LEU E 37 15.17 61.21 -37.51
C LEU E 37 14.11 60.24 -38.03
N ARG E 38 12.86 60.69 -38.09
CA ARG E 38 11.77 59.86 -38.55
C ARG E 38 10.71 60.58 -39.37
N SER E 39 10.08 59.85 -40.29
CA SER E 39 9.01 60.39 -41.10
C SER E 39 7.75 59.81 -40.45
N ASN E 40 6.81 59.29 -41.24
CA ASN E 40 5.62 58.72 -40.65
C ASN E 40 5.59 57.26 -41.00
N THR E 41 6.59 56.84 -41.79
CA THR E 41 6.68 55.44 -42.20
C THR E 41 8.02 54.84 -41.80
N HIS E 42 9.03 55.69 -41.57
CA HIS E 42 10.34 55.19 -41.20
C HIS E 42 11.02 56.01 -40.11
N ALA E 43 12.10 55.44 -39.57
CA ALA E 43 12.91 56.08 -38.54
C ALA E 43 14.32 55.69 -38.91
N VAL E 44 15.23 56.66 -38.90
CA VAL E 44 16.61 56.38 -39.28
C VAL E 44 17.65 56.80 -38.25
N LEU E 45 18.71 56.01 -38.19
CA LEU E 45 19.80 56.29 -37.28
C LEU E 45 21.07 56.35 -38.12
N VAL E 46 21.72 57.51 -38.09
CA VAL E 46 22.97 57.72 -38.81
C VAL E 46 23.98 58.02 -37.71
N ALA E 47 25.05 57.23 -37.66
CA ALA E 47 26.05 57.45 -36.63
C ALA E 47 27.45 57.45 -37.19
N LEU E 48 28.25 58.39 -36.72
CA LEU E 48 29.64 58.52 -37.14
C LEU E 48 30.52 57.63 -36.25
N LYS E 49 31.08 56.58 -36.83
CA LYS E 49 31.92 55.68 -36.06
C LYS E 49 33.32 56.26 -35.91
N ARG E 50 33.82 56.31 -34.68
CA ARG E 50 35.14 56.85 -34.39
C ARG E 50 36.20 55.75 -34.39
N ASN E 51 37.42 56.11 -34.80
CA ASN E 51 38.53 55.14 -34.86
C ASN E 51 39.68 55.59 -33.94
N ALA E 52 40.34 54.62 -33.31
CA ALA E 52 41.47 54.91 -32.43
C ALA E 52 42.70 55.32 -33.25
N ASP E 53 43.19 54.39 -34.07
CA ASP E 53 44.34 54.61 -34.95
C ASP E 53 43.84 54.47 -36.37
N GLU E 54 44.79 54.39 -37.30
CA GLU E 54 44.45 54.21 -38.70
C GLU E 54 44.64 52.73 -38.96
N LEU E 55 45.01 52.03 -37.89
CA LEU E 55 45.22 50.59 -37.93
C LEU E 55 44.08 49.97 -37.11
N SER E 56 43.24 50.84 -36.55
CA SER E 56 42.10 50.43 -35.73
C SER E 56 40.78 50.47 -36.49
N SER E 57 39.78 49.79 -35.94
CA SER E 57 38.46 49.73 -36.53
C SER E 57 37.66 50.93 -36.06
N TYR E 58 36.52 51.15 -36.69
CA TYR E 58 35.63 52.24 -36.31
C TYR E 58 34.52 51.61 -35.47
N GLN E 59 34.73 51.62 -34.15
CA GLN E 59 33.81 51.04 -33.17
C GLN E 59 32.32 51.23 -33.47
N LYS E 60 31.58 50.12 -33.42
CA LYS E 60 30.15 50.12 -33.71
C LYS E 60 29.36 51.04 -32.79
N LYS E 61 28.36 51.72 -33.33
CA LYS E 61 27.56 52.64 -32.52
C LYS E 61 26.06 52.33 -32.57
N ILE E 62 25.69 51.30 -33.33
CA ILE E 62 24.29 50.93 -33.45
C ILE E 62 23.99 49.50 -33.02
N ILE E 63 23.01 49.35 -32.14
CA ILE E 63 22.63 48.05 -31.63
C ILE E 63 21.15 47.78 -31.82
N LYS E 64 20.85 46.57 -32.30
CA LYS E 64 19.47 46.15 -32.53
C LYS E 64 18.94 45.54 -31.24
N CYS E 65 17.74 45.95 -30.84
CA CYS E 65 17.14 45.42 -29.61
C CYS E 65 16.07 44.38 -29.91
N ASP E 66 15.39 44.55 -31.03
CA ASP E 66 14.35 43.61 -31.46
C ASP E 66 14.19 43.81 -32.96
N GLU E 67 13.20 43.16 -33.55
CA GLU E 67 12.96 43.28 -34.97
C GLU E 67 12.36 44.63 -35.33
N HIS E 68 11.81 45.31 -34.33
CA HIS E 68 11.17 46.59 -34.57
C HIS E 68 11.79 47.73 -33.76
N MET E 69 12.94 47.48 -33.14
CA MET E 69 13.57 48.53 -32.32
C MET E 69 15.09 48.45 -32.26
N GLY E 70 15.72 49.60 -32.11
CA GLY E 70 17.17 49.65 -32.05
C GLY E 70 17.64 51.01 -31.59
N LEU E 71 18.93 51.15 -31.30
CA LEU E 71 19.44 52.43 -30.82
C LEU E 71 20.86 52.72 -31.26
N SER E 72 21.26 53.98 -31.08
CA SER E 72 22.61 54.44 -31.39
C SER E 72 23.14 55.01 -30.08
N LEU E 73 24.43 54.80 -29.85
CA LEU E 73 25.07 55.24 -28.61
C LEU E 73 26.16 56.30 -28.79
N ALA E 74 26.34 57.10 -27.73
CA ALA E 74 27.36 58.15 -27.71
C ALA E 74 27.83 58.24 -26.27
N GLY E 75 29.05 57.75 -26.01
CA GLY E 75 29.58 57.78 -24.66
C GLY E 75 30.28 56.46 -24.36
N LEU E 76 30.13 55.95 -23.14
CA LEU E 76 30.75 54.69 -22.76
C LEU E 76 30.09 53.50 -23.46
N ALA E 77 30.86 52.82 -24.28
CA ALA E 77 30.35 51.66 -25.01
C ALA E 77 29.80 50.62 -24.04
N PRO E 78 30.57 50.24 -23.01
CA PRO E 78 30.12 49.24 -22.04
C PRO E 78 28.71 49.51 -21.54
N ASP E 79 28.47 50.73 -21.09
CA ASP E 79 27.16 51.10 -20.58
C ASP E 79 26.04 50.90 -21.60
N ALA E 80 26.32 51.19 -22.87
CA ALA E 80 25.32 51.02 -23.91
C ALA E 80 24.98 49.55 -24.04
N ARG E 81 26.02 48.71 -23.94
CA ARG E 81 25.87 47.27 -24.02
C ARG E 81 24.93 46.80 -22.89
N VAL E 82 25.16 47.32 -21.70
CA VAL E 82 24.34 46.98 -20.53
C VAL E 82 22.89 47.41 -20.71
N LEU E 83 22.69 48.65 -21.13
CA LEU E 83 21.35 49.20 -21.33
C LEU E 83 20.60 48.60 -22.52
N SER E 84 21.31 48.35 -23.62
CA SER E 84 20.67 47.77 -24.79
C SER E 84 20.30 46.33 -24.49
N ASN E 85 21.14 45.66 -23.71
CA ASN E 85 20.88 44.28 -23.34
C ASN E 85 19.62 44.23 -22.48
N TYR E 86 19.49 45.21 -21.60
CA TYR E 86 18.31 45.28 -20.74
C TYR E 86 17.08 45.53 -21.59
N LEU E 87 17.24 46.33 -22.64
CA LEU E 87 16.13 46.62 -23.53
C LEU E 87 15.78 45.40 -24.36
N ARG E 88 16.80 44.63 -24.74
CA ARG E 88 16.57 43.42 -25.51
C ARG E 88 15.72 42.44 -24.69
N GLN E 89 15.97 42.38 -23.39
CA GLN E 89 15.22 41.47 -22.54
C GLN E 89 13.79 41.96 -22.38
N GLN E 90 13.62 43.26 -22.16
CA GLN E 90 12.30 43.84 -22.01
C GLN E 90 11.46 43.63 -23.27
N CYS E 91 12.10 43.70 -24.44
CA CYS E 91 11.38 43.46 -25.69
C CYS E 91 10.98 41.99 -25.74
N ASN E 92 11.97 41.13 -25.47
CA ASN E 92 11.78 39.69 -25.47
C ASN E 92 10.68 39.29 -24.49
N TYR E 93 10.69 39.88 -23.30
CA TYR E 93 9.68 39.58 -22.30
C TYR E 93 8.29 39.86 -22.84
N SER E 94 8.08 41.06 -23.38
CA SER E 94 6.78 41.45 -23.92
C SER E 94 6.26 40.45 -24.97
N SER E 95 7.16 40.01 -25.84
CA SER E 95 6.80 39.07 -26.88
C SER E 95 6.41 37.70 -26.33
N LEU E 96 7.32 37.09 -25.56
CA LEU E 96 7.08 35.77 -25.00
C LEU E 96 5.85 35.70 -24.11
N VAL E 97 5.78 36.59 -23.12
CA VAL E 97 4.66 36.56 -22.21
C VAL E 97 3.33 37.05 -22.76
N PHE E 98 3.35 38.18 -23.45
CA PHE E 98 2.10 38.74 -23.99
C PHE E 98 1.90 38.63 -25.50
N ASN E 99 2.90 38.14 -26.22
CA ASN E 99 2.77 38.01 -27.67
C ASN E 99 2.49 39.41 -28.23
N ARG E 100 3.22 40.38 -27.70
CA ARG E 100 3.05 41.78 -28.06
C ARG E 100 4.41 42.45 -28.21
N LYS E 101 4.59 43.22 -29.27
CA LYS E 101 5.85 43.92 -29.48
C LYS E 101 5.86 45.10 -28.53
N LEU E 102 6.98 45.30 -27.85
CA LEU E 102 7.11 46.39 -26.88
C LEU E 102 7.03 47.78 -27.51
N ALA E 103 6.12 48.60 -26.98
CA ALA E 103 5.94 49.97 -27.44
C ALA E 103 7.21 50.80 -27.18
N VAL E 104 7.60 51.58 -28.18
CA VAL E 104 8.79 52.42 -28.08
C VAL E 104 8.69 53.40 -26.92
N GLU E 105 7.49 53.92 -26.68
CA GLU E 105 7.33 54.85 -25.58
C GLU E 105 7.56 54.17 -24.24
N ARG E 106 7.19 52.90 -24.18
CA ARG E 106 7.35 52.13 -22.97
C ARG E 106 8.81 51.73 -22.75
N ALA E 107 9.51 51.47 -23.86
CA ALA E 107 10.91 51.11 -23.80
C ALA E 107 11.66 52.29 -23.19
N GLY E 108 11.19 53.49 -23.52
CA GLY E 108 11.82 54.70 -23.00
C GLY E 108 11.59 54.82 -21.52
N HIS E 109 10.39 54.46 -21.08
CA HIS E 109 10.06 54.51 -19.65
C HIS E 109 10.96 53.55 -18.87
N LEU E 110 11.14 52.36 -19.42
CA LEU E 110 11.97 51.36 -18.77
C LEU E 110 13.40 51.89 -18.62
N LEU E 111 13.95 52.42 -19.71
CA LEU E 111 15.31 52.96 -19.68
C LEU E 111 15.44 54.09 -18.67
N CYS E 112 14.44 54.94 -18.62
CA CYS E 112 14.48 56.05 -17.68
C CYS E 112 14.57 55.49 -16.26
N ASP E 113 13.65 54.60 -15.92
CA ASP E 113 13.61 54.03 -14.59
C ASP E 113 14.86 53.25 -14.20
N LYS E 114 15.51 52.61 -15.17
CA LYS E 114 16.71 51.85 -14.84
C LYS E 114 17.84 52.82 -14.51
N ALA E 115 17.98 53.85 -15.33
CA ALA E 115 19.02 54.84 -15.12
C ALA E 115 18.80 55.63 -13.85
N GLN E 116 17.55 55.87 -13.52
CA GLN E 116 17.22 56.67 -12.34
C GLN E 116 17.76 56.07 -11.07
N LYS E 117 17.70 54.75 -10.97
CA LYS E 117 18.16 54.03 -9.79
C LYS E 117 19.66 54.20 -9.50
N ASN E 118 20.44 54.45 -10.55
CA ASN E 118 21.86 54.67 -10.41
C ASN E 118 22.17 56.12 -10.08
N THR E 119 21.18 56.87 -9.64
CA THR E 119 21.39 58.27 -9.32
C THR E 119 20.86 58.62 -7.94
N GLN E 120 20.35 57.64 -7.21
CA GLN E 120 19.80 57.91 -5.89
C GLN E 120 20.39 57.05 -4.77
N SER E 121 21.23 56.08 -5.15
CA SER E 121 21.84 55.19 -4.16
C SER E 121 23.37 55.23 -4.12
N TYR E 122 23.88 55.12 -2.91
CA TYR E 122 25.30 55.14 -2.66
C TYR E 122 25.96 53.91 -3.29
N GLY E 123 27.23 54.04 -3.66
CA GLY E 123 27.94 52.92 -4.26
C GLY E 123 27.90 52.77 -5.76
N GLY E 124 26.82 53.23 -6.39
CA GLY E 124 26.74 53.11 -7.83
C GLY E 124 27.24 54.37 -8.53
N ARG E 125 27.15 54.36 -9.86
CA ARG E 125 27.55 55.49 -10.65
C ARG E 125 26.51 55.60 -11.75
N PRO E 126 26.26 56.82 -12.26
CA PRO E 126 25.29 56.99 -13.33
C PRO E 126 25.83 56.35 -14.60
N TYR E 127 24.96 56.05 -15.54
CA TYR E 127 25.43 55.47 -16.79
C TYR E 127 26.11 56.62 -17.52
N GLY E 128 27.19 56.32 -18.22
CA GLY E 128 27.91 57.36 -18.94
C GLY E 128 27.74 57.23 -20.45
N VAL E 129 26.49 57.16 -20.89
CA VAL E 129 26.21 57.04 -22.30
C VAL E 129 24.84 57.61 -22.66
N GLY E 130 24.77 58.22 -23.86
CA GLY E 130 23.53 58.79 -24.34
C GLY E 130 23.01 57.84 -25.41
N LEU E 131 21.69 57.74 -25.54
CA LEU E 131 21.14 56.81 -26.52
C LEU E 131 20.00 57.38 -27.34
N LEU E 132 19.95 56.99 -28.60
CA LEU E 132 18.89 57.41 -29.50
C LEU E 132 18.17 56.13 -29.89
N ILE E 133 16.89 56.05 -29.55
CA ILE E 133 16.10 54.85 -29.83
C ILE E 133 15.06 55.10 -30.93
N ILE E 134 15.05 54.25 -31.94
CA ILE E 134 14.08 54.34 -33.02
C ILE E 134 13.35 53.01 -33.10
N GLY E 135 12.10 53.05 -33.53
CA GLY E 135 11.33 51.84 -33.65
C GLY E 135 9.99 52.08 -34.29
N TYR E 136 9.42 51.05 -34.90
CA TYR E 136 8.11 51.16 -35.54
C TYR E 136 7.16 50.23 -34.79
N ASP E 137 6.18 50.79 -34.10
CA ASP E 137 5.24 49.98 -33.35
C ASP E 137 3.80 50.20 -33.76
N LYS E 138 2.85 49.85 -32.89
CA LYS E 138 1.43 50.01 -33.21
C LYS E 138 0.95 51.45 -33.39
N SER E 139 1.82 52.43 -33.15
CA SER E 139 1.41 53.82 -33.32
C SER E 139 2.37 54.53 -34.26
N GLY E 140 2.98 53.77 -35.16
CA GLY E 140 3.90 54.36 -36.12
C GLY E 140 5.37 54.38 -35.81
N ALA E 141 6.09 55.28 -36.47
CA ALA E 141 7.52 55.44 -36.28
C ALA E 141 7.82 56.28 -35.05
N HIS E 142 8.98 56.02 -34.43
CA HIS E 142 9.36 56.74 -33.21
C HIS E 142 10.86 56.96 -33.06
N LEU E 143 11.19 58.07 -32.38
CA LEU E 143 12.56 58.44 -32.09
C LEU E 143 12.61 58.95 -30.65
N LEU E 144 13.53 58.37 -29.86
CA LEU E 144 13.69 58.72 -28.46
C LEU E 144 15.13 59.11 -28.16
N GLU E 145 15.30 60.06 -27.24
CA GLU E 145 16.64 60.47 -26.83
C GLU E 145 16.77 60.19 -25.34
N PHE E 146 17.74 59.34 -25.01
CA PHE E 146 18.00 58.93 -23.64
C PHE E 146 19.24 59.60 -23.06
N GLN E 147 19.08 60.20 -21.89
CA GLN E 147 20.19 60.83 -21.19
C GLN E 147 20.39 60.12 -19.85
N PRO E 148 21.64 59.88 -19.45
CA PRO E 148 22.04 59.21 -18.19
C PRO E 148 21.34 59.77 -16.96
N SER E 149 20.85 61.00 -17.07
CA SER E 149 20.15 61.61 -15.96
C SER E 149 18.84 60.86 -15.80
N GLY E 150 18.49 60.10 -16.82
CA GLY E 150 17.25 59.35 -16.79
C GLY E 150 16.15 60.02 -17.62
N ASN E 151 16.47 61.15 -18.23
CA ASN E 151 15.49 61.87 -19.05
C ASN E 151 15.42 61.31 -20.47
N VAL E 152 14.22 60.86 -20.85
CA VAL E 152 14.00 60.32 -22.18
C VAL E 152 12.93 61.16 -22.88
N THR E 153 13.22 61.60 -24.10
CA THR E 153 12.26 62.43 -24.82
C THR E 153 11.98 61.94 -26.23
N GLU E 154 10.72 62.10 -26.65
CA GLU E 154 10.33 61.70 -28.00
C GLU E 154 10.45 62.90 -28.94
N LEU E 155 11.10 62.67 -30.08
CA LEU E 155 11.34 63.72 -31.05
C LEU E 155 11.10 63.25 -32.48
N TYR E 156 11.23 64.20 -33.42
CA TYR E 156 11.08 63.90 -34.85
C TYR E 156 12.48 63.59 -35.35
N GLY E 157 13.45 64.23 -34.70
CA GLY E 157 14.85 64.03 -35.05
C GLY E 157 15.72 64.67 -33.98
N THR E 158 17.00 64.33 -33.96
CA THR E 158 17.96 64.88 -33.00
C THR E 158 19.34 64.26 -33.16
N ALA E 159 20.28 64.73 -32.35
CA ALA E 159 21.64 64.23 -32.40
C ALA E 159 22.32 64.46 -31.05
N ILE E 160 23.31 63.62 -30.77
CA ILE E 160 24.07 63.70 -29.53
C ILE E 160 25.53 63.41 -29.85
N GLY E 161 26.42 63.89 -28.98
CA GLY E 161 27.84 63.69 -29.19
C GLY E 161 28.55 65.02 -29.44
N ALA E 162 29.76 64.94 -29.97
CA ALA E 162 30.53 66.15 -30.23
C ALA E 162 29.98 66.90 -31.44
N ARG E 163 29.87 68.21 -31.31
CA ARG E 163 29.39 69.04 -32.41
C ARG E 163 28.00 68.65 -32.88
N SER E 164 27.32 67.83 -32.09
CA SER E 164 25.98 67.37 -32.41
C SER E 164 25.04 68.55 -32.69
N GLN E 165 25.37 69.70 -32.13
CA GLN E 165 24.54 70.90 -32.30
C GLN E 165 24.37 71.27 -33.77
N GLY E 166 25.38 71.00 -34.57
CA GLY E 166 25.30 71.32 -35.99
C GLY E 166 24.10 70.65 -36.62
N ALA E 167 24.05 69.33 -36.47
CA ALA E 167 22.99 68.51 -37.02
C ALA E 167 21.64 68.85 -36.39
N LYS E 168 21.65 69.09 -35.08
CA LYS E 168 20.42 69.41 -34.38
C LYS E 168 19.75 70.68 -34.88
N THR E 169 20.56 71.67 -35.25
CA THR E 169 20.02 72.92 -35.77
C THR E 169 19.48 72.67 -37.17
N TYR E 170 20.27 71.94 -37.96
CA TYR E 170 19.90 71.58 -39.32
C TYR E 170 18.53 70.89 -39.33
N LEU E 171 18.38 69.87 -38.48
CA LEU E 171 17.14 69.11 -38.37
C LEU E 171 15.97 69.98 -37.93
N GLU E 172 16.23 70.93 -37.04
CA GLU E 172 15.18 71.79 -36.53
C GLU E 172 14.69 72.69 -37.67
N ARG E 173 15.51 72.78 -38.69
CA ARG E 173 15.23 73.58 -39.88
C ARG E 173 14.51 72.71 -40.91
N THR E 174 15.19 71.63 -41.32
CA THR E 174 14.67 70.66 -42.29
C THR E 174 13.38 69.96 -41.84
N LEU E 175 12.96 70.19 -40.59
CA LEU E 175 11.78 69.54 -40.04
C LEU E 175 10.61 69.33 -41.00
N ASP E 176 9.87 70.40 -41.29
CA ASP E 176 8.71 70.35 -42.19
C ASP E 176 8.99 69.52 -43.43
N THR E 177 10.27 69.42 -43.81
CA THR E 177 10.71 68.68 -44.98
C THR E 177 10.75 67.15 -44.82
N PHE E 178 11.66 66.65 -44.00
CA PHE E 178 11.81 65.21 -43.80
C PHE E 178 10.64 64.53 -43.08
N ILE E 179 9.92 65.28 -42.25
CA ILE E 179 8.78 64.71 -41.52
C ILE E 179 7.74 64.18 -42.49
N LYS E 180 7.98 64.38 -43.78
CA LYS E 180 7.04 63.94 -44.81
C LYS E 180 7.63 62.96 -45.80
N ILE E 181 8.87 62.54 -45.56
CA ILE E 181 9.53 61.59 -46.45
C ILE E 181 8.99 60.19 -46.18
N ASP E 182 7.70 60.01 -46.41
CA ASP E 182 7.04 58.73 -46.19
C ASP E 182 7.11 57.86 -47.44
N GLY E 183 7.29 56.56 -47.25
CA GLY E 183 7.36 55.65 -48.37
C GLY E 183 8.66 55.68 -49.15
N ASN E 184 9.64 56.45 -48.68
CA ASN E 184 10.92 56.51 -49.36
C ASN E 184 12.09 56.53 -48.41
N PRO E 185 12.63 55.35 -48.07
CA PRO E 185 13.76 55.25 -47.16
C PRO E 185 15.02 55.99 -47.63
N ASP E 186 15.43 55.75 -48.87
CA ASP E 186 16.63 56.40 -49.40
C ASP E 186 16.66 57.90 -49.16
N GLU E 187 15.50 58.54 -49.20
CA GLU E 187 15.44 59.97 -48.98
C GLU E 187 15.66 60.30 -47.51
N LEU E 188 14.98 59.58 -46.63
CA LEU E 188 15.13 59.80 -45.18
C LEU E 188 16.59 59.59 -44.77
N ILE E 189 17.22 58.55 -45.30
CA ILE E 189 18.61 58.26 -44.98
C ILE E 189 19.54 59.36 -45.47
N LYS E 190 19.31 59.83 -46.69
CA LYS E 190 20.14 60.91 -47.26
C LYS E 190 19.99 62.15 -46.39
N ALA E 191 18.75 62.46 -46.01
CA ALA E 191 18.48 63.62 -45.16
C ALA E 191 19.21 63.46 -43.83
N GLY E 192 19.27 62.22 -43.35
CA GLY E 192 19.95 61.94 -42.10
C GLY E 192 21.45 62.14 -42.24
N VAL E 193 21.99 61.72 -43.37
CA VAL E 193 23.43 61.85 -43.64
C VAL E 193 23.84 63.31 -43.83
N GLU E 194 22.87 64.14 -44.22
CA GLU E 194 23.12 65.55 -44.45
C GLU E 194 23.12 66.27 -43.11
N ALA E 195 22.27 65.81 -42.20
CA ALA E 195 22.19 66.37 -40.88
C ALA E 195 23.47 66.06 -40.13
N ILE E 196 23.96 64.83 -40.30
CA ILE E 196 25.17 64.40 -39.60
C ILE E 196 26.42 65.12 -40.09
N SER E 197 26.49 65.40 -41.38
CA SER E 197 27.65 66.10 -41.94
C SER E 197 27.69 67.55 -41.46
N GLN E 198 26.60 67.99 -40.84
CA GLN E 198 26.48 69.34 -40.31
C GLN E 198 27.30 69.41 -39.03
N SER E 199 27.74 68.26 -38.55
CA SER E 199 28.53 68.15 -37.32
C SER E 199 29.94 67.64 -37.60
N LEU E 200 30.30 67.55 -38.88
CA LEU E 200 31.64 67.10 -39.26
C LEU E 200 32.55 68.30 -39.05
N ARG E 201 33.85 68.09 -39.23
CA ARG E 201 34.80 69.19 -39.02
C ARG E 201 36.20 68.63 -39.20
N ASP E 202 36.42 67.46 -38.60
CA ASP E 202 37.68 66.77 -38.66
C ASP E 202 37.92 66.28 -40.09
N GLU E 203 37.08 65.35 -40.52
CA GLU E 203 37.18 64.75 -41.84
C GLU E 203 35.82 64.78 -42.55
N SER E 204 35.59 63.75 -43.34
CA SER E 204 34.34 63.57 -44.07
C SER E 204 33.95 62.09 -43.93
N LEU E 205 32.66 61.81 -43.86
CA LEU E 205 32.19 60.45 -43.70
C LEU E 205 32.60 59.51 -44.84
N THR E 206 33.49 58.57 -44.52
CA THR E 206 33.98 57.60 -45.50
C THR E 206 33.08 56.37 -45.51
N VAL E 207 33.51 55.30 -46.19
CA VAL E 207 32.71 54.09 -46.28
C VAL E 207 32.75 53.24 -45.02
N ASP E 208 33.94 53.00 -44.48
CA ASP E 208 34.09 52.20 -43.28
C ASP E 208 33.98 53.11 -42.06
N ASN E 209 33.56 54.34 -42.32
CA ASN E 209 33.41 55.35 -41.29
C ASN E 209 31.93 55.66 -41.00
N LEU E 210 31.07 55.40 -41.98
CA LEU E 210 29.65 55.66 -41.84
C LEU E 210 28.88 54.42 -41.41
N SER E 211 27.83 54.65 -40.62
CA SER E 211 26.98 53.58 -40.12
C SER E 211 25.51 54.05 -40.08
N ILE E 212 24.65 53.31 -40.77
CA ILE E 212 23.24 53.66 -40.84
C ILE E 212 22.32 52.51 -40.47
N ALA E 213 21.20 52.85 -39.84
CA ALA E 213 20.22 51.86 -39.43
C ALA E 213 18.84 52.39 -39.76
N ILE E 214 17.93 51.49 -40.14
CA ILE E 214 16.58 51.88 -40.48
C ILE E 214 15.52 50.87 -40.01
N VAL E 215 14.31 51.37 -39.78
CA VAL E 215 13.20 50.54 -39.35
C VAL E 215 11.93 51.26 -39.78
N GLY E 216 10.88 50.49 -40.10
CA GLY E 216 9.63 51.11 -40.51
C GLY E 216 8.59 50.18 -41.08
N LYS E 217 7.38 50.71 -41.26
CA LYS E 217 6.22 50.00 -41.80
C LYS E 217 6.49 48.57 -42.24
N ASP E 218 7.26 48.40 -43.31
CA ASP E 218 7.59 47.06 -43.78
C ASP E 218 9.10 46.93 -43.93
N THR E 219 9.79 47.29 -42.86
CA THR E 219 11.24 47.24 -42.82
C THR E 219 11.72 46.87 -41.42
N PRO E 220 12.16 45.62 -41.24
CA PRO E 220 12.64 45.20 -39.92
C PRO E 220 13.95 45.93 -39.64
N PHE E 221 14.07 46.50 -38.44
CA PHE E 221 15.29 47.22 -38.06
C PHE E 221 16.52 46.51 -38.59
N THR E 222 17.19 47.14 -39.53
CA THR E 222 18.41 46.57 -40.12
C THR E 222 19.54 47.59 -40.08
N ILE E 223 20.77 47.10 -39.96
CA ILE E 223 21.94 47.97 -39.89
C ILE E 223 22.81 47.86 -41.14
N TYR E 224 23.17 49.02 -41.70
CA TYR E 224 24.00 49.07 -42.89
C TYR E 224 25.37 49.68 -42.60
N ASP E 225 26.42 48.96 -42.98
CA ASP E 225 27.79 49.41 -42.78
C ASP E 225 28.69 49.13 -43.96
N GLY E 226 29.57 50.10 -44.26
CA GLY E 226 30.50 49.96 -45.36
C GLY E 226 29.87 50.09 -46.74
N GLU E 227 30.34 49.26 -47.66
CA GLU E 227 29.84 49.24 -49.04
C GLU E 227 28.34 49.51 -49.11
N ALA E 228 27.61 48.98 -48.13
CA ALA E 228 26.17 49.15 -48.07
C ALA E 228 25.74 50.60 -47.88
N VAL E 229 26.64 51.45 -47.35
CA VAL E 229 26.34 52.87 -47.15
C VAL E 229 27.05 53.73 -48.20
N ALA E 230 27.81 53.06 -49.08
CA ALA E 230 28.53 53.74 -50.14
C ALA E 230 27.61 54.66 -50.94
N LYS E 231 26.46 54.14 -51.36
CA LYS E 231 25.52 54.93 -52.14
C LYS E 231 24.91 56.11 -51.39
N TYR E 232 25.53 56.50 -50.27
CA TYR E 232 25.03 57.62 -49.48
C TYR E 232 26.11 58.66 -49.22
N ILE E 233 27.37 58.24 -49.39
CA ILE E 233 28.52 59.13 -49.19
C ILE E 233 28.67 60.05 -50.40
N GLY F 1 30.98 73.47 14.03
CA GLY F 1 31.83 73.37 12.80
C GLY F 1 31.03 73.50 11.50
N THR F 2 31.37 72.67 10.51
CA THR F 2 30.68 72.68 9.22
C THR F 2 30.67 71.30 8.58
N GLY F 3 30.12 71.21 7.38
CA GLY F 3 30.04 69.93 6.68
C GLY F 3 28.72 69.23 6.95
N TYR F 4 27.89 69.85 7.77
CA TYR F 4 26.59 69.30 8.13
C TYR F 4 25.66 69.13 6.93
N ASP F 5 26.09 69.63 5.76
CA ASP F 5 25.28 69.56 4.55
C ASP F 5 25.82 68.59 3.51
N LEU F 6 26.76 67.74 3.89
CA LEU F 6 27.35 66.80 2.96
C LEU F 6 26.69 65.42 3.00
N SER F 7 26.18 65.03 4.17
CA SER F 7 25.51 63.74 4.33
C SER F 7 24.01 63.94 4.52
N ASN F 8 23.22 63.03 3.97
CA ASN F 8 21.77 63.13 4.02
C ASN F 8 21.04 63.09 5.36
N SER F 9 21.33 62.17 6.25
CA SER F 9 20.53 62.19 7.48
C SER F 9 21.07 62.98 8.65
N VAL F 10 22.01 63.89 8.39
CA VAL F 10 22.64 64.70 9.44
C VAL F 10 21.88 65.95 9.88
N PHE F 11 21.72 66.12 11.18
CA PHE F 11 21.05 67.29 11.74
C PHE F 11 22.10 68.39 11.89
N SER F 12 21.84 69.56 11.32
CA SER F 12 22.78 70.65 11.48
C SER F 12 22.52 71.18 12.88
N PRO F 13 23.42 72.02 13.42
CA PRO F 13 23.27 72.57 14.78
C PRO F 13 21.91 73.22 15.07
N ASP F 14 21.26 73.74 14.03
CA ASP F 14 19.96 74.37 14.19
C ASP F 14 18.81 73.39 13.88
N GLY F 15 19.13 72.10 13.90
CA GLY F 15 18.13 71.07 13.66
C GLY F 15 17.57 70.87 12.27
N ARG F 16 18.30 71.30 11.24
CA ARG F 16 17.82 71.16 9.87
C ARG F 16 18.56 70.04 9.13
N ASN F 17 18.01 69.63 8.00
CA ASN F 17 18.62 68.60 7.16
C ASN F 17 18.90 69.22 5.80
N PHE F 18 20.01 69.92 5.70
CA PHE F 18 20.40 70.61 4.47
C PHE F 18 20.22 69.85 3.17
N GLN F 19 20.58 68.57 3.15
CA GLN F 19 20.44 67.81 1.92
C GLN F 19 19.01 67.84 1.42
N VAL F 20 18.06 67.82 2.36
CA VAL F 20 16.65 67.85 1.97
C VAL F 20 16.36 69.24 1.41
N GLU F 21 16.93 70.26 2.04
CA GLU F 21 16.73 71.63 1.61
C GLU F 21 17.31 71.85 0.21
N TYR F 22 18.45 71.22 -0.06
CA TYR F 22 19.08 71.35 -1.38
C TYR F 22 18.21 70.66 -2.41
N ALA F 23 17.48 69.63 -1.98
CA ALA F 23 16.61 68.91 -2.89
C ALA F 23 15.51 69.88 -3.29
N VAL F 24 14.97 70.61 -2.31
CA VAL F 24 13.91 71.56 -2.59
C VAL F 24 14.34 72.53 -3.69
N LYS F 25 15.63 72.84 -3.74
CA LYS F 25 16.14 73.73 -4.77
C LYS F 25 15.86 73.15 -6.15
N ALA F 26 16.20 71.87 -6.32
CA ALA F 26 15.98 71.20 -7.60
C ALA F 26 14.50 71.27 -7.99
N VAL F 27 13.63 71.32 -6.98
CA VAL F 27 12.20 71.38 -7.22
C VAL F 27 11.81 72.76 -7.75
N GLU F 28 12.24 73.80 -7.05
CA GLU F 28 11.94 75.17 -7.45
C GLU F 28 12.47 75.42 -8.85
N ASN F 29 13.61 74.84 -9.14
CA ASN F 29 14.22 75.01 -10.44
C ASN F 29 13.43 74.33 -11.56
N GLY F 30 12.45 73.53 -11.17
CA GLY F 30 11.67 72.84 -12.18
C GLY F 30 10.43 73.56 -12.70
N THR F 31 9.78 72.93 -13.68
CA THR F 31 8.56 73.43 -14.31
C THR F 31 7.47 73.65 -13.26
N THR F 32 6.50 74.51 -13.57
CA THR F 32 5.43 74.76 -12.63
C THR F 32 4.27 73.81 -12.90
N SER F 33 3.70 73.26 -11.83
CA SER F 33 2.58 72.35 -11.93
C SER F 33 1.62 72.68 -10.80
N ILE F 34 0.34 72.35 -10.98
CA ILE F 34 -0.65 72.67 -9.97
C ILE F 34 -1.79 71.68 -9.85
N GLY F 35 -2.61 71.90 -8.84
CA GLY F 35 -3.76 71.05 -8.58
C GLY F 35 -4.84 71.91 -7.99
N ILE F 36 -6.07 71.68 -8.41
CA ILE F 36 -7.22 72.44 -7.94
C ILE F 36 -8.30 71.47 -7.54
N LYS F 37 -8.70 71.54 -6.28
CA LYS F 37 -9.76 70.67 -5.76
C LYS F 37 -11.09 71.36 -6.06
N CYS F 38 -11.99 70.65 -6.73
CA CYS F 38 -13.29 71.23 -7.02
C CYS F 38 -14.37 70.59 -6.15
N ASN F 39 -15.63 70.88 -6.44
CA ASN F 39 -16.73 70.35 -5.63
C ASN F 39 -17.01 68.84 -5.69
N ASP F 40 -16.35 68.11 -6.57
CA ASP F 40 -16.56 66.67 -6.65
C ASP F 40 -15.40 65.95 -7.32
N GLY F 41 -14.25 66.58 -7.35
CA GLY F 41 -13.09 65.97 -7.97
C GLY F 41 -11.86 66.84 -7.83
N VAL F 42 -10.90 66.64 -8.72
CA VAL F 42 -9.68 67.42 -8.69
C VAL F 42 -9.14 67.57 -10.11
N VAL F 43 -8.38 68.63 -10.34
CA VAL F 43 -7.81 68.88 -11.64
C VAL F 43 -6.32 69.07 -11.47
N PHE F 44 -5.55 68.48 -12.39
CA PHE F 44 -4.11 68.60 -12.36
C PHE F 44 -3.70 69.21 -13.69
N ALA F 45 -2.71 70.09 -13.65
CA ALA F 45 -2.20 70.75 -14.85
C ALA F 45 -0.71 70.97 -14.70
N VAL F 46 -0.01 71.06 -15.82
CA VAL F 46 1.43 71.26 -15.75
C VAL F 46 1.97 71.95 -17.00
N GLU F 47 3.09 72.64 -16.80
CA GLU F 47 3.76 73.38 -17.87
C GLU F 47 4.80 72.48 -18.54
N LYS F 48 4.72 72.32 -19.85
CA LYS F 48 5.69 71.51 -20.56
C LYS F 48 6.53 72.41 -21.46
N LEU F 49 7.73 72.77 -21.01
CA LEU F 49 8.61 73.63 -21.79
C LEU F 49 9.06 73.02 -23.11
N ILE F 50 8.74 73.70 -24.20
CA ILE F 50 9.12 73.23 -25.53
C ILE F 50 10.54 73.69 -25.86
N THR F 51 11.50 72.82 -25.55
CA THR F 51 12.91 73.10 -25.80
C THR F 51 13.16 73.39 -27.28
N SER F 52 12.38 72.77 -28.16
CA SER F 52 12.53 72.99 -29.59
C SER F 52 11.33 72.46 -30.36
N LYS F 53 11.35 72.69 -31.67
CA LYS F 53 10.28 72.24 -32.55
C LYS F 53 10.37 70.73 -32.76
N LEU F 54 11.54 70.18 -32.45
CA LEU F 54 11.77 68.75 -32.61
C LEU F 54 10.97 67.86 -31.65
N LEU F 55 10.52 68.41 -30.53
CA LEU F 55 9.73 67.64 -29.58
C LEU F 55 8.37 67.35 -30.19
N VAL F 56 8.02 66.08 -30.33
CA VAL F 56 6.73 65.73 -30.89
C VAL F 56 5.65 66.27 -29.94
N PRO F 57 4.75 67.13 -30.44
CA PRO F 57 3.69 67.68 -29.60
C PRO F 57 2.75 66.63 -29.05
N GLN F 58 2.21 66.88 -27.86
CA GLN F 58 1.27 65.98 -27.22
C GLN F 58 1.84 64.63 -26.79
N LYS F 59 3.12 64.39 -27.04
CA LYS F 59 3.68 63.09 -26.69
C LYS F 59 4.27 62.89 -25.30
N ASN F 60 5.36 63.58 -24.99
CA ASN F 60 6.00 63.41 -23.70
C ASN F 60 5.10 63.74 -22.50
N VAL F 61 4.10 62.88 -22.26
CA VAL F 61 3.14 63.06 -21.18
C VAL F 61 3.79 63.10 -19.81
N LYS F 62 3.38 64.06 -18.98
CA LYS F 62 3.96 64.21 -17.64
C LYS F 62 3.07 63.74 -16.50
N ILE F 63 1.77 64.01 -16.56
CA ILE F 63 0.89 63.57 -15.50
C ILE F 63 0.81 62.05 -15.52
N GLN F 64 0.68 61.43 -14.36
CA GLN F 64 0.61 59.99 -14.27
C GLN F 64 -0.56 59.53 -13.45
N VAL F 65 -1.08 58.34 -13.78
CA VAL F 65 -2.21 57.79 -13.05
C VAL F 65 -1.74 56.65 -12.15
N VAL F 66 -2.30 56.62 -10.95
CA VAL F 66 -1.99 55.56 -10.01
C VAL F 66 -3.31 54.85 -9.82
N ASP F 67 -3.29 53.54 -10.04
CA ASP F 67 -4.49 52.72 -9.95
C ASP F 67 -5.41 53.18 -11.07
N ARG F 68 -6.65 53.48 -10.73
CA ARG F 68 -7.59 53.94 -11.74
C ARG F 68 -8.31 55.21 -11.31
N HIS F 69 -8.03 55.67 -10.10
CA HIS F 69 -8.71 56.85 -9.57
C HIS F 69 -7.78 57.92 -9.02
N ILE F 70 -6.48 57.81 -9.23
CA ILE F 70 -5.55 58.79 -8.69
C ILE F 70 -4.67 59.46 -9.75
N GLY F 71 -4.48 60.76 -9.60
CA GLY F 71 -3.66 61.50 -10.53
C GLY F 71 -2.46 62.05 -9.82
N CYS F 72 -1.33 62.07 -10.50
CA CYS F 72 -0.09 62.57 -9.92
C CYS F 72 0.68 63.42 -10.91
N VAL F 73 1.18 64.54 -10.42
CA VAL F 73 2.00 65.43 -11.24
C VAL F 73 3.06 65.97 -10.30
N TYR F 74 4.26 66.22 -10.84
CA TYR F 74 5.37 66.72 -10.04
C TYR F 74 6.33 67.64 -10.79
N SER F 75 7.06 68.44 -10.02
CA SER F 75 8.02 69.40 -10.57
C SER F 75 9.37 69.07 -9.96
N GLY F 76 10.42 69.12 -10.77
CA GLY F 76 11.77 68.83 -10.29
C GLY F 76 12.43 67.79 -11.16
N LEU F 77 13.20 66.88 -10.55
CA LEU F 77 13.86 65.82 -11.32
C LEU F 77 12.78 64.83 -11.76
N ILE F 78 12.46 64.83 -13.04
CA ILE F 78 11.43 63.95 -13.54
C ILE F 78 11.62 62.49 -13.20
N PRO F 79 12.82 61.93 -13.45
CA PRO F 79 13.04 60.52 -13.12
C PRO F 79 12.68 60.20 -11.66
N ASP F 80 12.94 61.13 -10.76
CA ASP F 80 12.60 60.89 -9.35
C ASP F 80 11.09 60.79 -9.20
N GLY F 81 10.37 61.59 -9.97
CA GLY F 81 8.92 61.54 -9.91
C GLY F 81 8.40 60.19 -10.33
N ARG F 82 8.88 59.68 -11.46
CA ARG F 82 8.43 58.37 -11.93
C ARG F 82 8.66 57.30 -10.87
N HIS F 83 9.88 57.28 -10.33
CA HIS F 83 10.25 56.33 -9.28
C HIS F 83 9.19 56.33 -8.18
N LEU F 84 8.84 57.53 -7.72
CA LEU F 84 7.86 57.67 -6.66
C LEU F 84 6.48 57.17 -7.10
N VAL F 85 6.13 57.36 -8.37
CA VAL F 85 4.83 56.90 -8.88
C VAL F 85 4.81 55.39 -8.95
N ASN F 86 5.94 54.81 -9.37
CA ASN F 86 6.06 53.37 -9.44
C ASN F 86 5.78 52.78 -8.06
N ARG F 87 6.40 53.36 -7.05
CA ARG F 87 6.20 52.90 -5.69
C ARG F 87 4.74 53.07 -5.30
N GLY F 88 4.13 54.17 -5.71
CA GLY F 88 2.73 54.39 -5.39
C GLY F 88 1.85 53.35 -6.04
N ARG F 89 2.24 52.93 -7.24
CA ARG F 89 1.48 51.93 -7.95
C ARG F 89 1.55 50.58 -7.23
N GLU F 90 2.75 50.20 -6.78
CA GLU F 90 2.91 48.95 -6.05
C GLU F 90 2.15 49.10 -4.75
N GLU F 91 2.30 50.27 -4.15
CA GLU F 91 1.66 50.59 -2.90
C GLU F 91 0.14 50.40 -3.02
N ALA F 92 -0.44 50.95 -4.07
CA ALA F 92 -1.88 50.85 -4.31
C ALA F 92 -2.34 49.44 -4.66
N ALA F 93 -1.57 48.72 -5.47
CA ALA F 93 -1.90 47.35 -5.86
C ALA F 93 -1.98 46.44 -4.64
N SER F 94 -1.01 46.57 -3.76
CA SER F 94 -0.94 45.78 -2.54
C SER F 94 -2.16 46.02 -1.64
N PHE F 95 -2.51 47.29 -1.48
CA PHE F 95 -3.65 47.66 -0.65
C PHE F 95 -4.96 47.06 -1.18
N LYS F 96 -5.18 47.19 -2.49
CA LYS F 96 -6.39 46.65 -3.10
C LYS F 96 -6.42 45.12 -3.00
N LYS F 97 -5.25 44.51 -3.17
CA LYS F 97 -5.16 43.04 -3.11
C LYS F 97 -5.59 42.49 -1.74
N LEU F 98 -5.22 43.18 -0.67
CA LEU F 98 -5.58 42.71 0.67
C LEU F 98 -6.96 43.15 1.13
N TYR F 99 -7.30 44.40 0.84
CA TYR F 99 -8.57 44.98 1.26
C TYR F 99 -9.67 45.06 0.21
N LYS F 100 -9.35 44.65 -1.02
CA LYS F 100 -10.32 44.62 -2.12
C LYS F 100 -10.69 46.01 -2.65
N THR F 101 -11.01 46.92 -1.74
CA THR F 101 -11.38 48.28 -2.14
C THR F 101 -10.18 49.10 -2.57
N PRO F 102 -10.32 49.89 -3.65
CA PRO F 102 -9.18 50.70 -4.11
C PRO F 102 -8.76 51.67 -2.99
N ILE F 103 -7.46 51.92 -2.90
CA ILE F 103 -6.89 52.76 -1.86
C ILE F 103 -7.42 54.19 -1.71
N PRO F 104 -7.87 54.55 -0.49
CA PRO F 104 -8.39 55.90 -0.19
C PRO F 104 -7.26 56.90 -0.39
N ILE F 105 -7.57 58.06 -0.95
CA ILE F 105 -6.54 59.05 -1.20
C ILE F 105 -5.69 59.38 0.03
N PRO F 106 -6.31 59.56 1.20
CA PRO F 106 -5.52 59.86 2.39
C PRO F 106 -4.52 58.72 2.64
N ALA F 107 -5.05 57.50 2.68
CA ALA F 107 -4.20 56.33 2.89
C ALA F 107 -3.05 56.35 1.90
N PHE F 108 -3.36 56.61 0.63
CA PHE F 108 -2.35 56.65 -0.43
C PHE F 108 -1.30 57.72 -0.17
N ALA F 109 -1.75 58.87 0.31
CA ALA F 109 -0.84 59.97 0.59
C ALA F 109 0.19 59.55 1.62
N ASP F 110 -0.26 58.94 2.71
CA ASP F 110 0.68 58.52 3.75
C ASP F 110 1.65 57.47 3.23
N ARG F 111 1.21 56.66 2.27
CA ARG F 111 2.08 55.65 1.68
C ARG F 111 3.24 56.37 1.00
N LEU F 112 2.93 57.39 0.20
CA LEU F 112 3.98 58.15 -0.49
C LEU F 112 4.77 58.95 0.55
N GLY F 113 4.07 59.43 1.56
CA GLY F 113 4.70 60.20 2.61
C GLY F 113 5.76 59.40 3.36
N GLN F 114 5.37 58.23 3.85
CA GLN F 114 6.28 57.35 4.57
C GLN F 114 7.48 56.95 3.72
N TYR F 115 7.24 56.68 2.43
CA TYR F 115 8.31 56.28 1.54
C TYR F 115 9.32 57.41 1.36
N VAL F 116 8.82 58.62 1.08
CA VAL F 116 9.70 59.76 0.88
C VAL F 116 10.42 60.13 2.18
N GLN F 117 9.70 60.10 3.30
CA GLN F 117 10.30 60.43 4.59
C GLN F 117 11.47 59.47 4.83
N ALA F 118 11.30 58.23 4.40
CA ALA F 118 12.30 57.19 4.55
C ALA F 118 13.64 57.54 3.89
N HIS F 119 13.60 58.36 2.84
CA HIS F 119 14.84 58.73 2.15
C HIS F 119 15.53 59.93 2.77
N THR F 120 15.20 60.21 4.02
CA THR F 120 15.81 61.31 4.75
C THR F 120 16.31 60.73 6.07
N LEU F 121 16.32 59.40 6.14
CA LEU F 121 16.74 58.67 7.33
C LEU F 121 18.16 58.13 7.28
N TYR F 122 18.69 57.94 6.08
CA TYR F 122 20.02 57.37 5.90
C TYR F 122 20.87 58.21 4.94
N ASN F 123 22.20 58.12 5.08
CA ASN F 123 23.09 58.87 4.20
C ASN F 123 23.45 58.01 3.00
N SER F 124 22.90 56.81 2.96
CA SER F 124 23.18 55.92 1.86
C SER F 124 22.23 56.22 0.70
N VAL F 125 21.29 57.13 0.93
CA VAL F 125 20.35 57.53 -0.11
C VAL F 125 20.22 59.03 -0.18
N ARG F 126 19.66 59.48 -1.29
CA ARG F 126 19.45 60.90 -1.57
C ARG F 126 17.95 61.20 -1.46
N PRO F 127 17.59 62.41 -1.02
CA PRO F 127 16.17 62.74 -0.93
C PRO F 127 15.57 62.86 -2.33
N PHE F 128 14.25 62.79 -2.42
CA PHE F 128 13.59 62.92 -3.72
C PHE F 128 13.61 64.36 -4.21
N GLY F 129 14.08 64.56 -5.43
CA GLY F 129 14.13 65.90 -5.99
C GLY F 129 12.83 66.38 -6.63
N VAL F 130 11.70 66.09 -5.99
CA VAL F 130 10.42 66.51 -6.54
C VAL F 130 9.35 66.77 -5.48
N SER F 131 8.42 67.65 -5.82
CA SER F 131 7.29 67.93 -4.95
C SER F 131 6.18 67.36 -5.82
N THR F 132 5.25 66.65 -5.20
CA THR F 132 4.20 66.03 -5.97
C THR F 132 2.82 66.46 -5.55
N ILE F 133 2.01 66.75 -6.55
CA ILE F 133 0.62 67.15 -6.34
C ILE F 133 -0.15 65.96 -6.88
N PHE F 134 -1.02 65.39 -6.05
CA PHE F 134 -1.78 64.22 -6.43
C PHE F 134 -3.08 64.18 -5.65
N GLY F 135 -4.02 63.35 -6.12
CA GLY F 135 -5.28 63.23 -5.43
C GLY F 135 -6.29 62.47 -6.26
N GLY F 136 -7.53 62.45 -5.79
CA GLY F 136 -8.57 61.75 -6.52
C GLY F 136 -9.85 61.68 -5.72
N VAL F 137 -10.77 60.84 -6.18
CA VAL F 137 -12.06 60.66 -5.52
C VAL F 137 -12.13 59.30 -4.86
N ASP F 138 -12.71 59.23 -3.66
CA ASP F 138 -12.83 57.97 -3.00
C ASP F 138 -14.13 57.86 -2.21
N LYS F 139 -14.30 56.73 -1.52
CA LYS F 139 -15.50 56.45 -0.73
C LYS F 139 -16.16 57.69 -0.15
N ASN F 140 -15.38 58.71 0.21
CA ASN F 140 -15.99 59.91 0.75
C ASN F 140 -15.33 61.23 0.37
N GLY F 141 -15.61 61.69 -0.83
CA GLY F 141 -15.07 62.97 -1.25
C GLY F 141 -13.85 62.94 -2.15
N ALA F 142 -13.43 64.14 -2.53
CA ALA F 142 -12.26 64.31 -3.36
C ALA F 142 -11.18 64.83 -2.44
N HIS F 143 -9.92 64.55 -2.77
CA HIS F 143 -8.82 65.00 -1.93
C HIS F 143 -7.67 65.45 -2.81
N LEU F 144 -7.02 66.54 -2.42
CA LEU F 144 -5.87 67.06 -3.15
C LEU F 144 -4.70 67.09 -2.17
N TYR F 145 -3.51 66.68 -2.63
CA TYR F 145 -2.34 66.63 -1.76
C TYR F 145 -1.06 67.09 -2.45
N MET F 146 -0.12 67.56 -1.63
CA MET F 146 1.19 67.96 -2.12
C MET F 146 2.22 67.42 -1.13
N LEU F 147 3.23 66.74 -1.67
CA LEU F 147 4.28 66.11 -0.87
C LEU F 147 5.66 66.68 -1.14
N GLU F 148 6.33 67.16 -0.09
CA GLU F 148 7.66 67.76 -0.19
C GLU F 148 8.79 66.74 -0.07
N PRO F 149 10.00 67.11 -0.52
CA PRO F 149 11.16 66.20 -0.44
C PRO F 149 11.44 65.74 1.00
N SER F 150 10.97 66.52 1.97
CA SER F 150 11.16 66.18 3.37
C SER F 150 10.23 65.06 3.76
N GLY F 151 9.23 64.82 2.91
CA GLY F 151 8.25 63.79 3.21
C GLY F 151 7.00 64.44 3.78
N SER F 152 7.08 65.74 4.02
CA SER F 152 5.93 66.47 4.55
C SER F 152 4.83 66.60 3.50
N TYR F 153 3.58 66.55 3.95
CA TYR F 153 2.45 66.66 3.04
C TYR F 153 1.18 67.05 3.79
N TRP F 154 0.28 67.75 3.10
CA TRP F 154 -0.99 68.15 3.70
C TRP F 154 -2.07 68.11 2.63
N GLY F 155 -3.32 68.25 3.08
CA GLY F 155 -4.44 68.28 2.16
C GLY F 155 -4.62 69.73 1.73
N TYR F 156 -4.79 69.96 0.43
CA TYR F 156 -4.96 71.31 -0.08
C TYR F 156 -6.30 71.60 -0.76
N LYS F 157 -6.61 72.89 -0.84
CA LYS F 157 -7.80 73.37 -1.54
C LYS F 157 -7.28 73.57 -2.96
N GLY F 158 -6.05 74.06 -3.02
CA GLY F 158 -5.38 74.30 -4.28
C GLY F 158 -3.91 74.19 -3.96
N ALA F 159 -3.10 73.77 -4.92
CA ALA F 159 -1.68 73.62 -4.66
C ALA F 159 -0.86 73.86 -5.90
N ALA F 160 0.36 74.34 -5.70
CA ALA F 160 1.26 74.62 -6.80
C ALA F 160 2.69 74.48 -6.37
N THR F 161 3.55 74.13 -7.33
CA THR F 161 4.97 73.97 -7.06
C THR F 161 5.74 74.22 -8.34
N GLY F 162 7.01 74.58 -8.22
CA GLY F 162 7.83 74.83 -9.39
C GLY F 162 8.24 76.28 -9.56
N LYS F 163 8.86 76.54 -10.71
CA LYS F 163 9.34 77.86 -11.10
C LYS F 163 8.38 78.98 -10.74
N GLY F 164 7.17 78.92 -11.29
CA GLY F 164 6.19 79.96 -11.03
C GLY F 164 5.14 79.59 -10.01
N ARG F 165 5.57 79.04 -8.89
CA ARG F 165 4.64 78.62 -7.84
C ARG F 165 3.96 79.80 -7.15
N GLN F 166 4.67 80.92 -7.01
CA GLN F 166 4.13 82.11 -6.35
C GLN F 166 2.93 82.70 -7.09
N SER F 167 3.08 82.85 -8.41
CA SER F 167 1.99 83.38 -9.25
C SER F 167 0.79 82.49 -8.98
N ALA F 168 1.01 81.20 -9.17
CA ALA F 168 -0.01 80.19 -8.98
C ALA F 168 -0.68 80.31 -7.62
N LYS F 169 0.09 80.21 -6.54
CA LYS F 169 -0.48 80.29 -5.20
C LYS F 169 -1.34 81.54 -5.05
N ALA F 170 -0.92 82.64 -5.65
CA ALA F 170 -1.68 83.88 -5.57
C ALA F 170 -3.03 83.70 -6.27
N GLU F 171 -2.99 83.19 -7.51
CA GLU F 171 -4.19 82.94 -8.30
C GLU F 171 -5.13 81.97 -7.61
N LEU F 172 -4.55 80.95 -6.98
CA LEU F 172 -5.32 79.94 -6.27
C LEU F 172 -6.02 80.58 -5.07
N GLU F 173 -5.29 81.38 -4.31
CA GLU F 173 -5.88 82.05 -3.15
C GLU F 173 -7.07 82.91 -3.57
N LYS F 174 -6.97 83.56 -4.72
CA LYS F 174 -8.07 84.39 -5.22
C LYS F 174 -9.30 83.51 -5.39
N LEU F 175 -9.14 82.42 -6.11
CA LEU F 175 -10.23 81.49 -6.34
C LEU F 175 -10.82 81.02 -5.01
N VAL F 176 -9.97 80.71 -4.04
CA VAL F 176 -10.44 80.26 -2.73
C VAL F 176 -11.34 81.29 -2.09
N ASP F 177 -10.96 82.55 -2.16
CA ASP F 177 -11.75 83.63 -1.58
C ASP F 177 -13.06 83.85 -2.35
N HIS F 178 -12.93 83.99 -3.67
CA HIS F 178 -14.08 84.24 -4.53
C HIS F 178 -14.99 83.06 -4.83
N HIS F 179 -14.85 81.96 -4.08
CA HIS F 179 -15.70 80.80 -4.31
C HIS F 179 -15.80 79.90 -3.09
N PRO F 180 -16.19 80.47 -1.94
CA PRO F 180 -16.31 79.67 -0.71
C PRO F 180 -17.30 78.51 -0.82
N GLU F 181 -18.07 78.49 -1.92
CA GLU F 181 -19.05 77.43 -2.16
C GLU F 181 -18.46 76.25 -2.93
N GLY F 182 -17.36 76.48 -3.63
CA GLY F 182 -16.73 75.40 -4.37
C GLY F 182 -16.80 75.49 -5.88
N LEU F 183 -15.64 75.54 -6.52
CA LEU F 183 -15.55 75.60 -7.97
C LEU F 183 -16.06 74.27 -8.55
N SER F 184 -16.32 74.22 -9.84
CA SER F 184 -16.80 72.97 -10.44
C SER F 184 -15.70 72.31 -11.25
N ALA F 185 -15.90 71.04 -11.58
CA ALA F 185 -14.92 70.30 -12.36
C ALA F 185 -14.65 71.04 -13.67
N ARG F 186 -15.74 71.32 -14.39
CA ARG F 186 -15.68 72.03 -15.67
C ARG F 186 -14.93 73.36 -15.51
N GLU F 187 -15.29 74.10 -14.47
CA GLU F 187 -14.69 75.39 -14.18
C GLU F 187 -13.22 75.30 -13.81
N ALA F 188 -12.91 74.40 -12.88
CA ALA F 188 -11.54 74.20 -12.41
C ALA F 188 -10.58 73.92 -13.56
N VAL F 189 -11.06 73.19 -14.57
CA VAL F 189 -10.23 72.86 -15.73
C VAL F 189 -9.78 74.14 -16.44
N LYS F 190 -10.71 75.05 -16.69
CA LYS F 190 -10.40 76.32 -17.36
C LYS F 190 -9.48 77.13 -16.46
N GLN F 191 -9.91 77.29 -15.21
CA GLN F 191 -9.18 78.04 -14.22
C GLN F 191 -7.73 77.56 -14.15
N ALA F 192 -7.56 76.25 -14.19
CA ALA F 192 -6.25 75.64 -14.16
C ALA F 192 -5.45 76.02 -15.39
N ALA F 193 -6.11 75.95 -16.55
CA ALA F 193 -5.46 76.31 -17.81
C ALA F 193 -4.93 77.74 -17.73
N LYS F 194 -5.68 78.60 -17.07
CA LYS F 194 -5.29 80.00 -16.92
C LYS F 194 -4.09 80.13 -16.01
N ILE F 195 -4.21 79.64 -14.78
CA ILE F 195 -3.13 79.72 -13.80
C ILE F 195 -1.78 79.23 -14.32
N ILE F 196 -1.79 78.23 -15.21
CA ILE F 196 -0.53 77.73 -15.76
C ILE F 196 0.01 78.77 -16.72
N TYR F 197 -0.88 79.38 -17.51
CA TYR F 197 -0.49 80.41 -18.46
C TYR F 197 0.13 81.60 -17.74
N LEU F 198 -0.48 82.03 -16.65
CA LEU F 198 0.02 83.15 -15.87
C LEU F 198 1.39 82.77 -15.30
N ALA F 199 1.41 81.72 -14.49
CA ALA F 199 2.64 81.24 -13.88
C ALA F 199 3.72 80.98 -14.90
N HIS F 200 3.36 80.88 -16.19
CA HIS F 200 4.36 80.63 -17.21
C HIS F 200 5.21 81.86 -17.52
N GLU F 201 4.85 83.00 -16.93
CA GLU F 201 5.60 84.23 -17.14
C GLU F 201 7.04 84.13 -16.58
N ASP F 202 7.18 83.41 -15.47
CA ASP F 202 8.48 83.21 -14.82
C ASP F 202 9.33 82.28 -15.69
N ASN F 203 8.94 82.14 -16.95
CA ASN F 203 9.63 81.27 -17.87
C ASN F 203 9.22 81.68 -19.28
N LYS F 204 8.63 82.88 -19.37
CA LYS F 204 8.15 83.47 -20.61
C LYS F 204 9.12 83.35 -21.78
N GLU F 205 10.39 83.13 -21.47
CA GLU F 205 11.43 83.00 -22.47
C GLU F 205 11.19 81.84 -23.45
N LYS F 206 10.80 80.68 -22.91
CA LYS F 206 10.57 79.48 -23.71
C LYS F 206 9.09 79.21 -23.96
N ASP F 207 8.78 78.62 -25.10
CA ASP F 207 7.39 78.30 -25.43
C ASP F 207 7.03 76.97 -24.75
N PHE F 208 5.76 76.77 -24.45
CA PHE F 208 5.35 75.55 -23.76
C PHE F 208 4.10 74.87 -24.31
N GLU F 209 3.76 73.74 -23.71
CA GLU F 209 2.59 72.94 -24.06
C GLU F 209 1.85 72.67 -22.76
N LEU F 210 0.55 72.94 -22.73
CA LEU F 210 -0.26 72.74 -21.54
C LEU F 210 -0.80 71.32 -21.43
N GLU F 211 -0.86 70.81 -20.21
CA GLU F 211 -1.38 69.46 -19.97
C GLU F 211 -2.32 69.49 -18.76
N ILE F 212 -3.50 68.91 -18.92
CA ILE F 212 -4.48 68.87 -17.86
C ILE F 212 -5.11 67.49 -17.75
N SER F 213 -5.59 67.17 -16.55
CA SER F 213 -6.26 65.90 -16.29
C SER F 213 -7.19 66.17 -15.11
N TRP F 214 -8.19 65.33 -14.96
CA TRP F 214 -9.14 65.53 -13.87
C TRP F 214 -9.75 64.23 -13.43
N CYS F 215 -10.38 64.28 -12.27
CA CYS F 215 -11.04 63.13 -11.68
C CYS F 215 -12.26 63.70 -10.97
N SER F 216 -13.42 63.57 -11.61
CA SER F 216 -14.66 64.09 -11.05
C SER F 216 -15.71 63.01 -10.94
N LEU F 217 -16.41 62.98 -9.81
CA LEU F 217 -17.45 61.99 -9.57
C LEU F 217 -18.51 62.03 -10.65
N SER F 218 -18.84 63.23 -11.12
CA SER F 218 -19.86 63.42 -12.14
C SER F 218 -19.31 63.50 -13.56
N GLU F 219 -18.15 64.11 -13.73
CA GLU F 219 -17.56 64.27 -15.05
C GLU F 219 -16.80 63.06 -15.61
N THR F 220 -16.09 62.34 -14.75
CA THR F 220 -15.31 61.18 -15.19
C THR F 220 -15.70 59.88 -14.49
N ASN F 221 -16.70 59.94 -13.62
CA ASN F 221 -17.16 58.76 -12.89
C ASN F 221 -16.20 58.35 -11.78
N GLY F 222 -15.39 59.29 -11.31
CA GLY F 222 -14.46 58.98 -10.26
C GLY F 222 -13.17 58.39 -10.78
N LEU F 223 -13.02 58.36 -12.10
CA LEU F 223 -11.81 57.82 -12.72
C LEU F 223 -10.95 58.95 -13.26
N HIS F 224 -9.64 58.86 -13.06
CA HIS F 224 -8.73 59.89 -13.52
C HIS F 224 -8.64 59.81 -15.04
N LYS F 225 -8.81 60.97 -15.68
CA LYS F 225 -8.74 61.03 -17.12
C LYS F 225 -8.04 62.29 -17.59
N PHE F 226 -7.44 62.22 -18.78
CA PHE F 226 -6.73 63.36 -19.35
C PHE F 226 -7.70 64.24 -20.14
N VAL F 227 -7.49 65.55 -20.06
CA VAL F 227 -8.35 66.48 -20.80
C VAL F 227 -7.79 66.52 -22.22
N LYS F 228 -8.59 66.05 -23.19
CA LYS F 228 -8.14 65.99 -24.57
C LYS F 228 -9.07 66.75 -25.51
N GLY F 229 -8.63 66.92 -26.75
CA GLY F 229 -9.42 67.58 -27.77
C GLY F 229 -10.16 68.86 -27.44
N ASP F 230 -11.46 68.88 -27.74
CA ASP F 230 -12.30 70.04 -27.52
C ASP F 230 -12.22 70.69 -26.15
N LEU F 231 -12.51 69.91 -25.10
CA LEU F 231 -12.48 70.44 -23.75
C LEU F 231 -11.14 71.12 -23.45
N LEU F 232 -10.07 70.57 -24.02
CA LEU F 232 -8.73 71.11 -23.83
C LEU F 232 -8.55 72.44 -24.55
N GLN F 233 -8.88 72.46 -25.85
CA GLN F 233 -8.77 73.67 -26.65
C GLN F 233 -9.63 74.80 -26.07
N GLU F 234 -10.82 74.44 -25.61
CA GLU F 234 -11.73 75.40 -25.01
C GLU F 234 -11.06 76.08 -23.82
N ALA F 235 -10.31 75.31 -23.04
CA ALA F 235 -9.63 75.85 -21.87
C ALA F 235 -8.37 76.60 -22.27
N ILE F 236 -7.71 76.17 -23.35
CA ILE F 236 -6.51 76.83 -23.82
C ILE F 236 -6.86 78.25 -24.25
N ASP F 237 -8.05 78.40 -24.81
CA ASP F 237 -8.49 79.71 -25.25
C ASP F 237 -8.91 80.56 -24.06
N PHE F 238 -9.70 79.98 -23.16
CA PHE F 238 -10.15 80.70 -21.96
C PHE F 238 -8.97 81.36 -21.25
N ALA F 239 -7.79 80.79 -21.44
CA ALA F 239 -6.58 81.32 -20.84
C ALA F 239 -6.00 82.40 -21.75
N GLN F 240 -5.71 82.03 -22.99
CA GLN F 240 -5.16 82.95 -23.98
C GLN F 240 -5.94 84.27 -23.99
N LYS F 241 -7.21 84.19 -23.63
CA LYS F 241 -8.07 85.34 -23.60
C LYS F 241 -7.77 86.21 -22.37
N GLU F 242 -7.73 85.57 -21.20
CA GLU F 242 -7.48 86.29 -19.96
C GLU F 242 -6.01 86.60 -19.68
N ILE F 243 -5.14 86.31 -20.63
CA ILE F 243 -3.72 86.58 -20.46
C ILE F 243 -3.44 87.94 -21.10
N ASN F 244 -4.47 88.53 -21.70
CA ASN F 244 -4.37 89.83 -22.36
C ASN F 244 -5.49 90.77 -21.91
N ALA G 1 37.89 63.15 13.16
CA ALA G 1 37.76 63.99 14.39
C ALA G 1 36.42 64.75 14.42
N GLY G 2 36.36 65.88 13.68
CA GLY G 2 35.14 66.70 13.64
C GLY G 2 33.86 66.04 13.15
N TYR G 3 33.89 64.73 12.95
CA TYR G 3 32.71 64.01 12.48
C TYR G 3 31.92 63.45 13.63
N ASP G 4 32.44 63.63 14.84
CA ASP G 4 31.76 63.15 16.03
C ASP G 4 30.50 64.00 16.24
N ARG G 5 30.22 64.85 15.27
CA ARG G 5 29.05 65.72 15.33
C ARG G 5 28.08 65.43 14.19
N HIS G 6 28.43 64.48 13.34
CA HIS G 6 27.58 64.09 12.22
C HIS G 6 26.87 62.76 12.48
N ILE G 7 27.53 61.86 13.19
CA ILE G 7 26.93 60.59 13.53
C ILE G 7 26.87 60.45 15.04
N THR G 8 26.13 59.46 15.52
CA THR G 8 25.96 59.29 16.96
C THR G 8 27.08 58.58 17.71
N ILE G 9 28.23 59.22 17.80
CA ILE G 9 29.36 58.68 18.56
C ILE G 9 29.68 59.75 19.60
N PHE G 10 30.48 59.40 20.60
CA PHE G 10 30.80 60.35 21.64
C PHE G 10 31.74 61.47 21.25
N SER G 11 31.48 62.64 21.83
CA SER G 11 32.34 63.80 21.60
C SER G 11 33.31 63.68 22.77
N PRO G 12 34.46 64.37 22.72
CA PRO G 12 35.38 64.24 23.85
C PRO G 12 34.74 64.57 25.20
N GLU G 13 33.65 65.34 25.22
CA GLU G 13 32.97 65.67 26.46
C GLU G 13 31.96 64.60 26.83
N GLY G 14 31.87 63.57 26.00
CA GLY G 14 30.92 62.50 26.26
C GLY G 14 29.52 62.85 25.81
N ARG G 15 29.40 63.73 24.83
CA ARG G 15 28.10 64.13 24.34
C ARG G 15 27.78 63.57 22.96
N LEU G 16 26.50 63.63 22.61
CA LEU G 16 26.02 63.15 21.32
C LEU G 16 25.30 64.31 20.63
N TYR G 17 26.07 65.18 19.98
CA TYR G 17 25.51 66.34 19.31
C TYR G 17 24.30 66.04 18.44
N GLN G 18 24.38 64.98 17.64
CA GLN G 18 23.26 64.62 16.76
C GLN G 18 21.97 64.45 17.55
N VAL G 19 22.06 63.99 18.77
CA VAL G 19 20.87 63.84 19.60
C VAL G 19 20.42 65.23 20.06
N GLU G 20 21.39 66.10 20.34
CA GLU G 20 21.07 67.44 20.79
C GLU G 20 20.40 68.24 19.70
N TYR G 21 20.93 68.15 18.49
CA TYR G 21 20.38 68.87 17.37
C TYR G 21 19.00 68.30 17.03
N ALA G 22 18.80 67.02 17.31
CA ALA G 22 17.52 66.38 17.04
C ALA G 22 16.49 67.04 17.95
N PHE G 23 16.89 67.36 19.17
CA PHE G 23 16.00 68.02 20.11
C PHE G 23 15.64 69.39 19.53
N LYS G 24 16.60 70.05 18.90
CA LYS G 24 16.38 71.35 18.31
C LYS G 24 15.24 71.24 17.30
N ALA G 25 15.29 70.20 16.47
CA ALA G 25 14.27 70.01 15.46
C ALA G 25 12.85 69.92 16.03
N THR G 26 12.71 69.40 17.26
CA THR G 26 11.37 69.26 17.83
C THR G 26 10.59 70.56 17.97
N ASN G 27 11.30 71.69 17.95
CA ASN G 27 10.62 72.98 18.07
C ASN G 27 10.39 73.67 16.75
N GLN G 28 10.84 73.04 15.67
CA GLN G 28 10.71 73.57 14.32
C GLN G 28 9.29 74.00 13.93
N THR G 29 8.28 73.34 14.51
CA THR G 29 6.89 73.65 14.21
C THR G 29 6.34 74.85 14.99
N ASN G 30 7.09 75.24 16.02
CA ASN G 30 6.70 76.37 16.85
C ASN G 30 5.32 76.15 17.46
N ILE G 31 5.06 74.91 17.87
CA ILE G 31 3.78 74.55 18.47
C ILE G 31 3.96 74.07 19.90
N ASN G 32 3.09 74.52 20.80
CA ASN G 32 3.15 74.10 22.18
C ASN G 32 1.99 73.15 22.48
N SER G 33 2.21 72.21 23.39
CA SER G 33 1.18 71.25 23.77
C SER G 33 1.35 70.96 25.23
N LEU G 34 0.29 70.48 25.86
CA LEU G 34 0.35 70.13 27.27
C LEU G 34 -0.67 69.05 27.56
N ALA G 35 -0.43 68.27 28.61
CA ALA G 35 -1.34 67.20 28.98
C ALA G 35 -1.56 67.23 30.48
N VAL G 36 -2.80 66.94 30.88
CA VAL G 36 -3.15 66.91 32.30
C VAL G 36 -4.03 65.72 32.55
N ARG G 37 -4.05 65.26 33.79
CA ARG G 37 -4.86 64.11 34.15
C ARG G 37 -6.10 64.48 34.95
N GLY G 38 -7.23 63.93 34.53
CA GLY G 38 -8.49 64.16 35.21
C GLY G 38 -8.68 63.09 36.28
N LYS G 39 -9.87 63.05 36.87
CA LYS G 39 -10.17 62.07 37.91
C LYS G 39 -10.23 60.69 37.26
N ASP G 40 -10.60 60.65 35.99
CA ASP G 40 -10.70 59.39 35.25
C ASP G 40 -10.61 59.60 33.74
N CYS G 41 -9.79 60.55 33.32
CA CYS G 41 -9.60 60.84 31.91
C CYS G 41 -8.25 61.51 31.77
N THR G 42 -7.77 61.67 30.54
CA THR G 42 -6.52 62.33 30.31
C THR G 42 -6.73 63.23 29.11
N VAL G 43 -6.22 64.45 29.20
CA VAL G 43 -6.40 65.42 28.13
C VAL G 43 -5.09 65.96 27.59
N VAL G 44 -5.08 66.24 26.29
CA VAL G 44 -3.91 66.80 25.66
C VAL G 44 -4.35 67.94 24.77
N ILE G 45 -3.76 69.10 25.02
CA ILE G 45 -4.03 70.31 24.26
C ILE G 45 -2.80 70.62 23.42
N SER G 46 -3.03 71.11 22.22
CA SER G 46 -1.94 71.46 21.34
C SER G 46 -2.38 72.58 20.42
N GLN G 47 -1.50 73.53 20.20
CA GLN G 47 -1.80 74.64 19.32
C GLN G 47 -1.93 74.12 17.90
N LYS G 48 -2.90 74.66 17.16
CA LYS G 48 -3.10 74.28 15.78
C LYS G 48 -2.85 75.55 14.98
N LYS G 49 -1.92 75.50 14.03
CA LYS G 49 -1.61 76.68 13.22
C LYS G 49 -1.63 76.34 11.75
N VAL G 50 -2.53 76.98 11.01
CA VAL G 50 -2.63 76.75 9.57
C VAL G 50 -2.38 78.05 8.84
N PRO G 51 -1.11 78.34 8.53
CA PRO G 51 -0.73 79.57 7.82
C PRO G 51 -1.27 79.69 6.39
N ASP G 52 -0.96 78.71 5.53
CA ASP G 52 -1.42 78.75 4.14
C ASP G 52 -2.94 78.69 3.99
N LYS G 53 -3.50 79.61 3.21
CA LYS G 53 -4.95 79.64 2.98
C LYS G 53 -5.37 78.52 2.03
N LEU G 54 -4.39 77.96 1.32
CA LEU G 54 -4.63 76.88 0.37
C LEU G 54 -4.73 75.51 1.05
N LEU G 55 -4.40 75.45 2.34
CA LEU G 55 -4.45 74.20 3.10
C LEU G 55 -5.84 73.82 3.55
N ASP G 56 -6.06 72.52 3.66
CA ASP G 56 -7.32 71.97 4.15
C ASP G 56 -7.11 71.77 5.65
N PRO G 57 -7.52 72.74 6.47
CA PRO G 57 -7.40 72.72 7.93
C PRO G 57 -7.70 71.39 8.60
N THR G 58 -8.65 70.65 8.02
CA THR G 58 -9.03 69.37 8.60
C THR G 58 -7.95 68.29 8.48
N THR G 59 -6.93 68.54 7.66
CA THR G 59 -5.87 67.56 7.49
C THR G 59 -4.57 67.98 8.19
N VAL G 60 -4.62 69.05 8.96
CA VAL G 60 -3.44 69.53 9.68
C VAL G 60 -3.58 69.17 11.15
N SER G 61 -2.86 68.13 11.58
CA SER G 61 -2.94 67.67 12.96
C SER G 61 -1.64 67.03 13.48
N TYR G 62 -1.41 67.14 14.78
CA TYR G 62 -0.23 66.54 15.38
C TYR G 62 -0.66 65.62 16.52
N ILE G 63 -1.96 65.31 16.52
CA ILE G 63 -2.54 64.41 17.51
C ILE G 63 -2.93 63.15 16.73
N PHE G 64 -2.56 61.98 17.27
CA PHE G 64 -2.85 60.71 16.61
C PHE G 64 -3.56 59.69 17.49
N CYS G 65 -4.34 58.83 16.86
CA CYS G 65 -5.06 57.77 17.57
C CYS G 65 -4.25 56.51 17.29
N ILE G 66 -3.43 56.12 18.24
CA ILE G 66 -2.58 54.94 18.08
C ILE G 66 -3.40 53.68 18.20
N SER G 67 -4.33 53.67 19.13
CA SER G 67 -5.18 52.50 19.32
C SER G 67 -6.47 52.93 19.99
N ARG G 68 -7.40 52.00 20.10
CA ARG G 68 -8.67 52.31 20.74
C ARG G 68 -8.44 53.08 22.05
N THR G 69 -7.40 52.73 22.79
CA THR G 69 -7.15 53.38 24.07
C THR G 69 -6.01 54.38 24.16
N ILE G 70 -5.02 54.27 23.27
CA ILE G 70 -3.88 55.17 23.34
C ILE G 70 -3.88 56.31 22.33
N GLY G 71 -3.60 57.51 22.84
CA GLY G 71 -3.52 58.69 21.99
C GLY G 71 -2.12 59.27 22.07
N MET G 72 -1.63 59.82 20.98
CA MET G 72 -0.29 60.38 20.96
C MET G 72 -0.22 61.76 20.29
N VAL G 73 0.41 62.71 20.97
CA VAL G 73 0.59 64.05 20.43
C VAL G 73 2.10 64.18 20.16
N VAL G 74 2.44 64.79 19.03
CA VAL G 74 3.85 64.92 18.66
C VAL G 74 4.36 66.34 18.50
N ASN G 75 5.51 66.63 19.09
CA ASN G 75 6.14 67.94 18.95
C ASN G 75 7.35 67.79 18.03
N GLY G 76 7.20 68.18 16.77
CA GLY G 76 8.28 68.07 15.81
C GLY G 76 7.77 68.04 14.39
N PRO G 77 8.67 68.02 13.40
CA PRO G 77 8.29 68.00 11.97
C PRO G 77 7.22 66.92 11.71
N ILE G 78 6.33 67.16 10.76
CA ILE G 78 5.28 66.19 10.48
C ILE G 78 5.77 64.88 9.88
N PRO G 79 6.76 64.94 8.94
CA PRO G 79 7.19 63.65 8.39
C PRO G 79 7.70 62.68 9.45
N ASP G 80 8.46 63.17 10.43
CA ASP G 80 8.97 62.31 11.50
C ASP G 80 7.85 61.90 12.44
N ALA G 81 6.92 62.82 12.70
CA ALA G 81 5.80 62.53 13.58
C ALA G 81 4.98 61.38 13.04
N ARG G 82 4.75 61.37 11.72
CA ARG G 82 3.98 60.32 11.08
C ARG G 82 4.73 59.00 11.07
N ASN G 83 6.04 59.06 10.94
CA ASN G 83 6.84 57.84 10.96
C ASN G 83 6.59 57.20 12.33
N ALA G 84 6.79 57.98 13.39
CA ALA G 84 6.59 57.51 14.76
C ALA G 84 5.18 56.98 15.00
N ALA G 85 4.19 57.68 14.46
CA ALA G 85 2.79 57.29 14.62
C ALA G 85 2.52 55.92 14.02
N LEU G 86 2.98 55.71 12.79
CA LEU G 86 2.78 54.43 12.11
C LEU G 86 3.41 53.28 12.90
N ARG G 87 4.65 53.47 13.34
CA ARG G 87 5.34 52.46 14.10
C ARG G 87 4.57 52.14 15.37
N ALA G 88 4.18 53.17 16.09
CA ALA G 88 3.44 53.00 17.33
C ALA G 88 2.16 52.19 17.12
N LYS G 89 1.44 52.51 16.06
CA LYS G 89 0.19 51.82 15.74
C LYS G 89 0.43 50.35 15.47
N ALA G 90 1.50 50.07 14.72
CA ALA G 90 1.89 48.71 14.36
C ALA G 90 2.26 47.93 15.61
N GLU G 91 3.06 48.57 16.46
CA GLU G 91 3.50 47.97 17.72
C GLU G 91 2.32 47.66 18.63
N ALA G 92 1.36 48.58 18.68
CA ALA G 92 0.20 48.38 19.54
C ALA G 92 -0.69 47.26 19.04
N ALA G 93 -0.79 47.11 17.72
CA ALA G 93 -1.62 46.07 17.12
C ALA G 93 -0.98 44.70 17.32
N GLU G 94 0.33 44.63 17.06
CA GLU G 94 1.05 43.39 17.22
C GLU G 94 1.03 42.90 18.66
N PHE G 95 1.23 43.82 19.60
CA PHE G 95 1.23 43.48 21.02
C PHE G 95 -0.07 42.80 21.43
N ARG G 96 -1.20 43.35 20.97
CA ARG G 96 -2.50 42.79 21.29
C ARG G 96 -2.63 41.36 20.76
N TYR G 97 -2.13 41.15 19.55
CA TYR G 97 -2.16 39.85 18.90
C TYR G 97 -1.30 38.83 19.66
N LYS G 98 -0.08 39.24 20.00
CA LYS G 98 0.83 38.35 20.70
C LYS G 98 0.52 38.07 22.15
N TYR G 99 0.05 39.08 22.89
CA TYR G 99 -0.21 38.91 24.30
C TYR G 99 -1.66 38.86 24.82
N GLY G 100 -2.61 39.03 23.91
CA GLY G 100 -4.01 38.94 24.28
C GLY G 100 -4.66 40.08 25.04
N TYR G 101 -3.94 41.18 25.20
CA TYR G 101 -4.52 42.33 25.88
C TYR G 101 -3.93 43.61 25.30
N ASP G 102 -4.67 44.71 25.44
CA ASP G 102 -4.24 46.00 24.91
C ASP G 102 -2.92 46.52 25.47
N MET G 103 -2.05 46.97 24.59
CA MET G 103 -0.76 47.48 25.02
C MET G 103 -0.91 48.69 25.91
N PRO G 104 -0.35 48.63 27.12
CA PRO G 104 -0.44 49.75 28.06
C PRO G 104 0.34 50.95 27.52
N CYS G 105 -0.18 52.13 27.80
CA CYS G 105 0.42 53.40 27.38
C CYS G 105 1.89 53.52 27.80
N ASP G 106 2.16 53.23 29.07
CA ASP G 106 3.53 53.31 29.57
C ASP G 106 4.44 52.31 28.84
N VAL G 107 3.90 51.14 28.52
CA VAL G 107 4.68 50.11 27.83
C VAL G 107 5.00 50.52 26.39
N LEU G 108 4.01 51.08 25.70
CA LEU G 108 4.23 51.54 24.33
C LEU G 108 5.26 52.67 24.33
N ALA G 109 5.24 53.48 25.38
CA ALA G 109 6.20 54.57 25.49
C ALA G 109 7.59 53.96 25.61
N LYS G 110 7.74 52.99 26.51
CA LYS G 110 9.05 52.35 26.71
C LYS G 110 9.54 51.78 25.39
N ARG G 111 8.66 51.07 24.70
CA ARG G 111 9.00 50.46 23.44
C ARG G 111 9.52 51.48 22.42
N MET G 112 8.83 52.61 22.31
CA MET G 112 9.24 53.66 21.38
C MET G 112 10.52 54.31 21.85
N ALA G 113 10.65 54.46 23.17
CA ALA G 113 11.85 55.06 23.75
C ALA G 113 13.05 54.18 23.41
N ASN G 114 12.86 52.86 23.51
CA ASN G 114 13.93 51.90 23.19
C ASN G 114 14.32 51.99 21.74
N LEU G 115 13.34 52.09 20.87
CA LEU G 115 13.60 52.22 19.45
C LEU G 115 14.48 53.47 19.25
N SER G 116 14.13 54.57 19.91
CA SER G 116 14.88 55.81 19.79
C SER G 116 16.30 55.64 20.32
N GLN G 117 16.42 55.03 21.50
CA GLN G 117 17.73 54.80 22.11
C GLN G 117 18.66 54.16 21.09
N ILE G 118 18.11 53.28 20.24
CA ILE G 118 18.90 52.63 19.21
C ILE G 118 19.48 53.59 18.19
N TYR G 119 18.71 54.56 17.71
CA TYR G 119 19.23 55.49 16.72
C TYR G 119 20.40 56.29 17.33
N THR G 120 20.40 56.29 18.66
CA THR G 120 21.39 56.95 19.50
C THR G 120 22.74 56.21 19.52
N GLN G 121 22.67 54.89 19.35
CA GLN G 121 23.86 54.01 19.39
C GLN G 121 24.35 53.52 18.02
N ARG G 122 23.42 53.21 17.11
CA ARG G 122 23.79 52.75 15.79
C ARG G 122 24.00 53.97 14.89
N ALA G 123 25.14 54.01 14.20
CA ALA G 123 25.47 55.13 13.35
C ALA G 123 24.65 55.32 12.07
N TYR G 124 24.11 54.27 11.50
CA TYR G 124 23.36 54.44 10.25
C TYR G 124 21.95 54.97 10.42
N MET G 125 21.43 54.94 11.64
CA MET G 125 20.08 55.44 11.93
C MET G 125 20.16 56.85 12.55
N ARG G 126 19.36 57.79 12.04
CA ARG G 126 19.34 59.13 12.61
C ARG G 126 18.20 59.21 13.61
N PRO G 127 18.35 60.01 14.65
CA PRO G 127 17.26 60.11 15.62
C PRO G 127 16.08 60.83 14.95
N LEU G 128 14.89 60.66 15.49
CA LEU G 128 13.73 61.35 14.94
C LEU G 128 13.58 62.65 15.74
N GLY G 129 13.50 63.78 15.04
CA GLY G 129 13.37 65.05 15.73
C GLY G 129 11.99 65.29 16.29
N VAL G 130 11.52 64.40 17.14
CA VAL G 130 10.21 64.53 17.72
C VAL G 130 10.16 64.15 19.19
N ILE G 131 9.14 64.64 19.87
CA ILE G 131 8.93 64.32 21.27
C ILE G 131 7.52 63.76 21.31
N LEU G 132 7.39 62.54 21.80
CA LEU G 132 6.10 61.88 21.84
C LEU G 132 5.47 61.89 23.23
N THR G 133 4.22 62.30 23.30
CA THR G 133 3.50 62.33 24.55
C THR G 133 2.37 61.33 24.37
N PHE G 134 2.38 60.26 25.18
CA PHE G 134 1.35 59.26 25.07
C PHE G 134 0.38 59.40 26.23
N VAL G 135 -0.90 59.24 25.94
CA VAL G 135 -1.93 59.34 26.96
C VAL G 135 -3.01 58.28 26.78
N SER G 136 -3.65 57.96 27.90
CA SER G 136 -4.72 56.97 27.94
C SER G 136 -5.19 56.85 29.37
N VAL G 137 -6.17 55.99 29.58
CA VAL G 137 -6.68 55.72 30.92
C VAL G 137 -6.39 54.21 31.04
N ASP G 138 -5.18 53.90 31.49
CA ASP G 138 -4.76 52.51 31.64
C ASP G 138 -5.69 51.70 32.55
N GLU G 139 -5.92 50.45 32.18
CA GLU G 139 -6.80 49.60 32.97
C GLU G 139 -6.18 49.23 34.30
N GLU G 140 -4.88 49.47 34.47
CA GLU G 140 -4.22 49.15 35.72
C GLU G 140 -3.70 50.40 36.43
N LEU G 141 -3.23 51.38 35.66
CA LEU G 141 -2.68 52.59 36.24
C LEU G 141 -3.58 53.82 36.20
N GLY G 142 -4.71 53.70 35.49
CA GLY G 142 -5.59 54.85 35.40
C GLY G 142 -5.03 55.88 34.44
N PRO G 143 -5.53 57.13 34.49
CA PRO G 143 -5.06 58.22 33.61
C PRO G 143 -3.54 58.21 33.53
N SER G 144 -2.98 58.22 32.32
CA SER G 144 -1.53 58.17 32.17
C SER G 144 -0.94 59.06 31.09
N ILE G 145 0.21 59.66 31.42
CA ILE G 145 0.94 60.50 30.50
C ILE G 145 2.40 60.03 30.53
N TYR G 146 2.91 59.59 29.37
CA TYR G 146 4.29 59.13 29.25
C TYR G 146 4.88 59.81 28.03
N LYS G 147 6.04 60.41 28.20
CA LYS G 147 6.66 61.15 27.11
C LYS G 147 8.06 60.66 26.82
N THR G 148 8.41 60.58 25.54
CA THR G 148 9.73 60.12 25.11
C THR G 148 10.35 61.15 24.19
N ASP G 149 11.68 61.21 24.18
CA ASP G 149 12.43 62.17 23.36
C ASP G 149 13.50 61.51 22.48
N PRO G 150 14.20 62.30 21.65
CA PRO G 150 15.24 61.76 20.76
C PRO G 150 16.40 61.07 21.47
N ALA G 151 16.50 61.24 22.78
CA ALA G 151 17.57 60.61 23.54
C ALA G 151 17.20 59.19 23.96
N GLY G 152 15.93 58.83 23.79
CA GLY G 152 15.48 57.50 24.15
C GLY G 152 15.06 57.49 25.62
N TYR G 153 14.87 58.67 26.15
CA TYR G 153 14.45 58.82 27.54
C TYR G 153 12.93 58.89 27.63
N TYR G 154 12.38 58.41 28.74
CA TYR G 154 10.93 58.48 28.93
C TYR G 154 10.57 58.39 30.40
N VAL G 155 9.41 58.94 30.74
CA VAL G 155 8.96 58.90 32.12
C VAL G 155 7.48 59.28 32.16
N GLY G 156 6.83 58.97 33.27
CA GLY G 156 5.43 59.31 33.43
C GLY G 156 5.31 60.67 34.09
N TYR G 157 4.23 61.39 33.79
CA TYR G 157 4.01 62.71 34.35
C TYR G 157 2.62 62.84 34.98
N LYS G 158 2.48 63.80 35.90
CA LYS G 158 1.21 64.08 36.53
C LYS G 158 0.52 64.99 35.53
N ALA G 159 1.36 65.72 34.81
CA ALA G 159 0.98 66.66 33.77
C ALA G 159 2.29 67.10 33.11
N THR G 160 2.24 67.59 31.88
CA THR G 160 3.48 67.98 31.20
C THR G 160 3.18 68.94 30.05
N ALA G 161 4.22 69.59 29.54
CA ALA G 161 4.10 70.53 28.45
C ALA G 161 5.30 70.39 27.56
N THR G 162 5.13 70.65 26.27
CA THR G 162 6.21 70.52 25.30
C THR G 162 6.08 71.60 24.23
N GLY G 163 7.22 72.09 23.75
CA GLY G 163 7.23 73.12 22.72
C GLY G 163 8.13 74.30 23.08
N PRO G 164 8.23 75.31 22.22
CA PRO G 164 9.05 76.49 22.45
C PRO G 164 8.81 77.15 23.80
N LYS G 165 7.56 77.34 24.18
CA LYS G 165 7.23 77.96 25.45
C LYS G 165 6.85 76.92 26.49
N GLN G 166 7.54 75.79 26.43
CA GLN G 166 7.34 74.69 27.34
C GLN G 166 7.53 75.12 28.80
N GLN G 167 8.61 75.84 29.07
CA GLN G 167 8.93 76.27 30.43
C GLN G 167 7.85 77.08 31.11
N GLU G 168 7.25 78.02 30.39
CA GLU G 168 6.20 78.85 30.94
C GLU G 168 5.00 78.00 31.33
N ILE G 169 4.57 77.14 30.41
CA ILE G 169 3.44 76.27 30.65
C ILE G 169 3.73 75.34 31.84
N THR G 170 4.96 74.86 31.93
CA THR G 170 5.35 73.95 33.01
C THR G 170 5.32 74.60 34.41
N THR G 171 5.91 75.79 34.54
CA THR G 171 5.91 76.45 35.84
C THR G 171 4.48 76.86 36.21
N ASN G 172 3.66 77.12 35.20
CA ASN G 172 2.27 77.47 35.45
C ASN G 172 1.61 76.25 36.10
N LEU G 173 1.73 75.10 35.43
CA LEU G 173 1.16 73.85 35.94
C LEU G 173 1.73 73.49 37.30
N GLU G 174 3.05 73.66 37.46
CA GLU G 174 3.71 73.37 38.72
C GLU G 174 3.04 74.11 39.86
N ASN G 175 2.91 75.42 39.68
CA ASN G 175 2.29 76.29 40.67
C ASN G 175 0.93 75.79 41.09
N HIS G 176 0.08 75.49 40.10
CA HIS G 176 -1.25 75.00 40.40
C HIS G 176 -1.25 73.76 41.29
N PHE G 177 -0.37 72.81 41.01
CA PHE G 177 -0.32 71.58 41.80
C PHE G 177 0.28 71.80 43.19
N LYS G 178 1.19 72.76 43.31
CA LYS G 178 1.79 73.07 44.62
C LYS G 178 0.63 73.53 45.50
N LYS G 179 -0.30 74.24 44.86
CA LYS G 179 -1.49 74.78 45.50
C LYS G 179 -2.49 73.68 45.87
N SER G 180 -3.03 73.01 44.84
CA SER G 180 -4.01 71.95 45.02
C SER G 180 -3.53 70.77 45.88
N LYS G 181 -2.22 70.55 45.92
CA LYS G 181 -1.65 69.47 46.72
C LYS G 181 -1.97 68.04 46.23
N ILE G 182 -2.71 67.95 45.13
CA ILE G 182 -3.04 66.64 44.54
C ILE G 182 -2.33 66.58 43.19
N ASP G 183 -2.18 65.38 42.65
CA ASP G 183 -1.49 65.22 41.38
C ASP G 183 -2.42 65.01 40.19
N HIS G 184 -3.55 65.71 40.18
CA HIS G 184 -4.50 65.60 39.08
C HIS G 184 -5.59 66.64 39.21
N ILE G 185 -6.34 66.85 38.15
CA ILE G 185 -7.44 67.81 38.16
C ILE G 185 -8.66 67.11 38.73
N ASN G 186 -9.03 67.46 39.96
CA ASN G 186 -10.18 66.83 40.62
C ASN G 186 -11.53 67.19 39.99
N GLU G 187 -11.72 66.75 38.76
CA GLU G 187 -12.97 67.01 38.03
C GLU G 187 -13.55 65.67 37.56
N GLU G 188 -14.88 65.56 37.56
CA GLU G 188 -15.53 64.32 37.15
C GLU G 188 -15.73 64.23 35.64
N SER G 189 -15.97 65.36 35.00
CA SER G 189 -16.18 65.36 33.55
C SER G 189 -14.90 65.74 32.83
N TRP G 190 -14.68 65.11 31.68
CA TRP G 190 -13.49 65.42 30.91
C TRP G 190 -13.61 66.82 30.33
N GLU G 191 -14.85 67.24 30.07
CA GLU G 191 -15.12 68.57 29.51
C GLU G 191 -14.49 69.64 30.39
N LYS G 192 -14.66 69.52 31.70
CA LYS G 192 -14.08 70.50 32.62
C LYS G 192 -12.55 70.38 32.65
N VAL G 193 -12.04 69.16 32.53
CA VAL G 193 -10.59 68.97 32.52
C VAL G 193 -10.06 69.63 31.26
N VAL G 194 -10.77 69.46 30.14
CA VAL G 194 -10.39 70.09 28.89
C VAL G 194 -10.39 71.61 29.05
N GLU G 195 -11.39 72.13 29.77
CA GLU G 195 -11.49 73.57 30.00
C GLU G 195 -10.35 74.04 30.90
N PHE G 196 -10.01 73.23 31.89
CA PHE G 196 -8.91 73.55 32.79
C PHE G 196 -7.65 73.65 31.95
N ALA G 197 -7.44 72.60 31.15
CA ALA G 197 -6.28 72.53 30.28
C ALA G 197 -6.18 73.77 29.41
N ILE G 198 -7.25 74.10 28.68
CA ILE G 198 -7.23 75.27 27.81
C ILE G 198 -7.01 76.56 28.57
N THR G 199 -7.61 76.68 29.75
CA THR G 199 -7.46 77.90 30.55
C THR G 199 -5.99 78.15 30.89
N HIS G 200 -5.36 77.18 31.56
CA HIS G 200 -3.96 77.36 31.93
C HIS G 200 -3.07 77.54 30.72
N MET G 201 -3.50 77.02 29.58
CA MET G 201 -2.75 77.18 28.33
C MET G 201 -2.74 78.69 28.02
N ILE G 202 -3.90 79.31 28.17
CA ILE G 202 -4.06 80.74 27.90
C ILE G 202 -3.27 81.60 28.89
N ASP G 203 -3.37 81.30 30.18
CA ASP G 203 -2.63 82.06 31.20
C ASP G 203 -1.13 82.01 30.97
N ALA G 204 -0.62 80.82 30.72
CA ALA G 204 0.81 80.64 30.52
C ALA G 204 1.31 81.30 29.25
N LEU G 205 0.59 81.11 28.14
CA LEU G 205 1.02 81.70 26.89
C LEU G 205 0.59 83.15 26.76
N GLY G 206 -0.33 83.57 27.63
CA GLY G 206 -0.83 84.94 27.56
C GLY G 206 -1.50 85.22 26.23
N THR G 207 -2.22 84.23 25.70
CA THR G 207 -2.89 84.40 24.42
C THR G 207 -4.29 83.84 24.46
N GLU G 208 -5.17 84.45 23.68
CA GLU G 208 -6.56 84.04 23.58
C GLU G 208 -6.62 83.04 22.42
N PHE G 209 -7.63 82.18 22.40
CA PHE G 209 -7.74 81.19 21.33
C PHE G 209 -9.11 81.15 20.70
N SER G 210 -9.17 80.85 19.40
CA SER G 210 -10.45 80.72 18.72
C SER G 210 -10.65 79.20 18.63
N LYS G 211 -11.75 78.75 18.02
CA LYS G 211 -12.00 77.32 17.92
C LYS G 211 -11.06 76.64 16.92
N ASN G 212 -10.31 77.43 16.15
CA ASN G 212 -9.39 76.87 15.16
C ASN G 212 -7.93 77.06 15.52
N ASP G 213 -7.67 77.54 16.74
CA ASP G 213 -6.30 77.77 17.20
C ASP G 213 -5.83 76.59 18.03
N LEU G 214 -6.76 75.69 18.35
CA LEU G 214 -6.45 74.54 19.16
C LEU G 214 -6.76 73.19 18.52
N GLU G 215 -6.31 72.16 19.22
CA GLU G 215 -6.47 70.77 18.83
C GLU G 215 -6.59 70.07 20.19
N VAL G 216 -7.63 69.27 20.38
CA VAL G 216 -7.81 68.60 21.66
C VAL G 216 -7.98 67.11 21.54
N GLY G 217 -7.36 66.38 22.47
CA GLY G 217 -7.47 64.94 22.47
C GLY G 217 -7.90 64.51 23.86
N VAL G 218 -8.81 63.56 23.96
CA VAL G 218 -9.28 63.09 25.25
C VAL G 218 -9.26 61.57 25.33
N ALA G 219 -8.79 61.06 26.47
CA ALA G 219 -8.72 59.63 26.69
C ALA G 219 -9.55 59.28 27.91
N THR G 220 -10.37 58.24 27.77
CA THR G 220 -11.22 57.78 28.85
C THR G 220 -11.14 56.27 28.92
N LYS G 221 -11.83 55.68 29.89
CA LYS G 221 -11.85 54.24 30.02
C LYS G 221 -12.31 53.66 28.68
N ASP G 222 -11.46 52.83 28.09
CA ASP G 222 -11.77 52.18 26.83
C ASP G 222 -11.92 53.03 25.58
N LYS G 223 -11.42 54.26 25.60
CA LYS G 223 -11.48 55.06 24.40
C LYS G 223 -10.74 56.40 24.43
N PHE G 224 -10.11 56.70 23.30
CA PHE G 224 -9.39 57.95 23.12
C PHE G 224 -9.93 58.59 21.85
N PHE G 225 -10.33 59.86 21.94
CA PHE G 225 -10.89 60.58 20.80
C PHE G 225 -10.42 62.03 20.80
N THR G 226 -10.55 62.67 19.63
CA THR G 226 -10.18 64.07 19.48
C THR G 226 -11.43 64.91 19.24
N LEU G 227 -11.49 66.09 19.87
CA LEU G 227 -12.63 66.98 19.73
C LEU G 227 -12.63 67.68 18.38
N SER G 228 -13.78 68.19 17.98
CA SER G 228 -13.93 68.90 16.71
C SER G 228 -13.94 70.40 16.98
N ALA G 229 -13.94 71.19 15.91
CA ALA G 229 -13.93 72.64 16.05
C ALA G 229 -15.12 73.07 16.92
N GLU G 230 -16.26 72.42 16.69
CA GLU G 230 -17.45 72.76 17.44
C GLU G 230 -17.46 72.21 18.86
N ASN G 231 -16.79 71.07 19.07
CA ASN G 231 -16.71 70.49 20.41
C ASN G 231 -15.82 71.41 21.24
N ILE G 232 -14.87 72.04 20.56
CA ILE G 232 -13.92 72.97 21.19
C ILE G 232 -14.62 74.29 21.47
N GLU G 233 -15.28 74.83 20.44
CA GLU G 233 -15.99 76.10 20.58
C GLU G 233 -16.87 76.09 21.82
N GLU G 234 -17.49 74.96 22.08
CA GLU G 234 -18.35 74.79 23.24
C GLU G 234 -17.53 74.95 24.52
N ARG G 235 -16.29 74.47 24.46
CA ARG G 235 -15.38 74.55 25.59
C ARG G 235 -14.95 76.00 25.80
N LEU G 236 -14.59 76.67 24.71
CA LEU G 236 -14.15 78.06 24.71
C LEU G 236 -15.22 79.02 25.24
N VAL G 237 -16.48 78.69 24.95
CA VAL G 237 -17.60 79.48 25.40
C VAL G 237 -17.73 79.36 26.91
N ALA G 238 -17.72 78.12 27.39
CA ALA G 238 -17.81 77.86 28.81
C ALA G 238 -16.76 78.60 29.63
N ILE G 239 -15.50 78.54 29.19
CA ILE G 239 -14.42 79.21 29.92
C ILE G 239 -14.61 80.73 29.92
N ALA G 240 -15.22 81.23 28.85
CA ALA G 240 -15.46 82.66 28.71
C ALA G 240 -16.45 83.13 29.77
N GLU G 241 -17.51 82.35 29.97
CA GLU G 241 -18.52 82.67 30.97
C GLU G 241 -18.01 82.32 32.36
N GLN G 242 -16.98 83.03 32.80
CA GLN G 242 -16.37 82.80 34.10
C GLN G 242 -15.33 83.89 34.29
N ASP G 243 -14.88 84.45 33.16
CA ASP G 243 -13.89 85.53 33.11
C ASP G 243 -14.59 86.85 32.79
N THR H 1 -3.39 9.44 32.13
CA THR H 1 -3.38 10.81 32.73
C THR H 1 -4.81 11.33 32.97
N THR H 2 -5.02 12.00 34.10
CA THR H 2 -6.32 12.59 34.42
C THR H 2 -6.07 13.98 35.01
N ILE H 3 -6.56 15.01 34.32
CA ILE H 3 -6.39 16.37 34.82
C ILE H 3 -7.71 17.11 34.72
N VAL H 4 -8.00 17.92 35.73
CA VAL H 4 -9.23 18.70 35.76
C VAL H 4 -8.94 20.12 36.23
N GLY H 5 -9.88 21.01 35.94
CA GLY H 5 -9.77 22.40 36.36
C GLY H 5 -11.17 22.79 36.77
N VAL H 6 -11.33 23.42 37.93
CA VAL H 6 -12.65 23.83 38.38
C VAL H 6 -12.66 25.24 38.94
N LYS H 7 -13.59 26.05 38.45
CA LYS H 7 -13.74 27.43 38.90
C LYS H 7 -14.61 27.45 40.14
N PHE H 8 -14.29 28.35 41.08
CA PHE H 8 -15.09 28.49 42.29
C PHE H 8 -15.28 29.99 42.58
N ASN H 9 -16.27 30.32 43.40
CA ASN H 9 -16.61 31.72 43.72
C ASN H 9 -15.52 32.81 43.69
N ASN H 10 -14.30 32.48 44.11
CA ASN H 10 -13.26 33.51 44.12
C ASN H 10 -11.90 33.02 43.64
N GLY H 11 -11.91 32.15 42.63
CA GLY H 11 -10.67 31.64 42.11
C GLY H 11 -10.85 30.44 41.19
N VAL H 12 -9.82 29.60 41.15
CA VAL H 12 -9.81 28.41 40.32
C VAL H 12 -8.89 27.36 40.93
N VAL H 13 -9.19 26.09 40.69
CA VAL H 13 -8.38 25.01 41.20
C VAL H 13 -8.14 23.95 40.13
N ILE H 14 -6.96 23.38 40.10
CA ILE H 14 -6.65 22.34 39.13
C ILE H 14 -6.00 21.17 39.85
N ALA H 15 -6.34 19.95 39.43
CA ALA H 15 -5.77 18.75 40.04
C ALA H 15 -5.38 17.74 38.97
N ALA H 16 -4.61 16.73 39.36
CA ALA H 16 -4.14 15.71 38.44
C ALA H 16 -3.71 14.46 39.19
N ASP H 17 -3.60 13.33 38.48
CA ASP H 17 -3.15 12.10 39.12
C ASP H 17 -1.62 12.13 39.03
N THR H 18 -0.95 11.10 39.55
CA THR H 18 0.52 11.10 39.53
C THR H 18 1.17 9.92 38.83
N ARG H 19 0.38 9.11 38.13
CA ARG H 19 0.92 7.96 37.41
C ARG H 19 1.52 8.36 36.05
N SER H 20 2.63 7.71 35.71
CA SER H 20 3.34 7.95 34.46
C SER H 20 3.57 6.57 33.83
N THR H 21 3.25 6.41 32.55
CA THR H 21 3.41 5.11 31.94
C THR H 21 4.17 5.05 30.62
N GLN H 22 4.73 3.87 30.33
CA GLN H 22 5.43 3.59 29.08
C GLN H 22 4.67 2.35 28.63
N GLY H 23 3.69 2.54 27.75
CA GLY H 23 2.91 1.39 27.34
C GLY H 23 2.15 0.90 28.57
N PRO H 24 2.16 -0.40 28.86
CA PRO H 24 1.43 -0.88 30.04
C PRO H 24 2.21 -0.80 31.34
N ILE H 25 3.47 -0.38 31.25
CA ILE H 25 4.32 -0.30 32.41
C ILE H 25 4.27 1.05 33.11
N VAL H 26 4.20 1.03 34.45
CA VAL H 26 4.19 2.26 35.23
C VAL H 26 5.63 2.66 35.52
N ALA H 27 6.10 3.67 34.79
CA ALA H 27 7.48 4.14 34.95
C ALA H 27 7.67 5.01 36.19
N ASP H 28 6.71 5.90 36.45
CA ASP H 28 6.78 6.78 37.61
C ASP H 28 5.44 6.72 38.36
N LYS H 29 5.49 6.34 39.64
CA LYS H 29 4.28 6.24 40.44
C LYS H 29 3.91 7.59 41.04
N ASN H 30 4.82 8.56 40.96
CA ASN H 30 4.53 9.86 41.52
C ASN H 30 5.15 11.00 40.72
N CYS H 31 4.68 11.19 39.49
CA CYS H 31 5.23 12.28 38.69
C CYS H 31 4.28 13.45 38.76
N ALA H 32 4.80 14.66 38.64
CA ALA H 32 3.99 15.85 38.71
C ALA H 32 3.43 16.26 37.36
N LYS H 33 2.12 16.36 37.25
CA LYS H 33 1.49 16.77 36.00
C LYS H 33 1.02 18.23 36.09
N LEU H 34 1.37 18.88 37.20
CA LEU H 34 1.01 20.28 37.43
C LEU H 34 2.26 21.13 37.20
N HIS H 35 2.10 22.21 36.45
CA HIS H 35 3.24 23.07 36.11
C HIS H 35 2.98 24.52 36.43
N ARG H 36 4.02 25.21 36.91
CA ARG H 36 3.88 26.63 37.21
C ARG H 36 4.36 27.42 36.00
N ILE H 37 3.56 28.38 35.55
CA ILE H 37 3.94 29.22 34.43
C ILE H 37 4.48 30.50 35.02
N SER H 38 3.74 31.04 35.99
CA SER H 38 4.16 32.24 36.70
C SER H 38 3.70 31.93 38.11
N PRO H 39 4.00 32.80 39.08
CA PRO H 39 3.56 32.50 40.45
C PRO H 39 2.09 32.15 40.59
N LYS H 40 1.23 32.90 39.90
CA LYS H 40 -0.21 32.65 40.03
C LYS H 40 -0.93 32.12 38.81
N ILE H 41 -0.20 31.49 37.91
CA ILE H 41 -0.76 30.89 36.69
C ILE H 41 -0.16 29.50 36.63
N TRP H 42 -0.99 28.48 36.81
CA TRP H 42 -0.51 27.12 36.76
C TRP H 42 -1.15 26.30 35.65
N CYS H 43 -0.52 25.18 35.34
CA CYS H 43 -0.95 24.31 34.26
C CYS H 43 -1.06 22.88 34.66
N ALA H 44 -2.07 22.21 34.12
CA ALA H 44 -2.25 20.77 34.33
C ALA H 44 -1.98 20.26 32.91
N GLY H 45 -1.04 19.32 32.76
CA GLY H 45 -0.72 18.84 31.43
C GLY H 45 -0.87 17.35 31.17
N ALA H 46 -1.38 17.04 29.98
CA ALA H 46 -1.59 15.67 29.51
C ALA H 46 -0.96 15.53 28.13
N GLY H 47 -0.68 14.30 27.71
CA GLY H 47 -0.07 14.07 26.41
C GLY H 47 1.38 13.59 26.53
N THR H 48 2.31 14.33 25.93
CA THR H 48 3.72 13.99 25.97
C THR H 48 4.40 14.80 27.06
N ALA H 49 4.82 14.11 28.11
CA ALA H 49 5.45 14.71 29.27
C ALA H 49 6.59 15.68 28.97
N ALA H 50 7.52 15.27 28.12
CA ALA H 50 8.62 16.16 27.79
C ALA H 50 8.04 17.44 27.19
N ASP H 51 6.93 17.30 26.47
CA ASP H 51 6.28 18.44 25.84
C ASP H 51 5.48 19.33 26.77
N THR H 52 4.66 18.76 27.65
CA THR H 52 3.90 19.62 28.54
C THR H 52 4.87 20.44 29.38
N GLU H 53 5.95 19.80 29.80
CA GLU H 53 6.97 20.46 30.62
C GLU H 53 7.74 21.53 29.86
N ALA H 54 8.17 21.19 28.66
CA ALA H 54 8.95 22.09 27.84
C ALA H 54 8.17 23.33 27.41
N VAL H 55 6.94 23.13 26.99
CA VAL H 55 6.12 24.22 26.54
C VAL H 55 5.73 25.11 27.72
N THR H 56 5.54 24.48 28.87
CA THR H 56 5.16 25.17 30.08
C THR H 56 6.25 26.12 30.54
N GLN H 57 7.49 25.69 30.43
CA GLN H 57 8.60 26.51 30.86
C GLN H 57 9.09 27.51 29.84
N LEU H 58 8.85 27.25 28.57
CA LEU H 58 9.27 28.18 27.53
C LEU H 58 8.41 29.43 27.65
N ILE H 59 7.09 29.23 27.64
CA ILE H 59 6.18 30.34 27.76
C ILE H 59 6.36 30.97 29.13
N GLY H 60 6.60 30.14 30.14
CA GLY H 60 6.81 30.65 31.48
C GLY H 60 7.98 31.61 31.49
N SER H 61 9.04 31.24 30.80
CA SER H 61 10.24 32.06 30.70
C SER H 61 9.93 33.38 30.03
N ASN H 62 9.18 33.33 28.93
CA ASN H 62 8.85 34.55 28.23
C ASN H 62 7.84 35.39 28.99
N ILE H 63 6.96 34.73 29.73
CA ILE H 63 5.98 35.45 30.53
C ILE H 63 6.74 36.24 31.60
N GLU H 64 7.76 35.62 32.17
CA GLU H 64 8.55 36.28 33.20
C GLU H 64 9.24 37.52 32.64
N LEU H 65 9.85 37.36 31.46
CA LEU H 65 10.53 38.48 30.82
C LEU H 65 9.54 39.58 30.42
N HIS H 66 8.34 39.16 30.02
CA HIS H 66 7.30 40.12 29.63
C HIS H 66 6.86 40.91 30.86
N SER H 67 6.74 40.20 31.97
CA SER H 67 6.34 40.77 33.25
C SER H 67 7.34 41.85 33.66
N LEU H 68 8.62 41.49 33.67
CA LEU H 68 9.68 42.44 34.04
C LEU H 68 9.67 43.63 33.10
N TYR H 69 9.45 43.37 31.82
CA TYR H 69 9.45 44.43 30.83
C TYR H 69 8.28 45.40 30.97
N THR H 70 7.09 44.87 31.27
CA THR H 70 5.88 45.70 31.39
C THR H 70 5.57 46.14 32.82
N SER H 71 6.32 45.60 33.78
CA SER H 71 6.11 45.94 35.17
C SER H 71 4.68 45.66 35.59
N ARG H 72 4.14 44.53 35.13
CA ARG H 72 2.78 44.11 35.45
C ARG H 72 2.74 42.62 35.76
N GLU H 73 1.74 42.20 36.53
CA GLU H 73 1.58 40.79 36.86
C GLU H 73 1.15 40.11 35.57
N PRO H 74 1.68 38.91 35.31
CA PRO H 74 1.34 38.16 34.10
C PRO H 74 -0.15 37.86 34.07
N ARG H 75 -0.73 37.88 32.88
CA ARG H 75 -2.15 37.56 32.74
C ARG H 75 -2.27 36.17 32.12
N VAL H 76 -3.36 35.49 32.45
CA VAL H 76 -3.61 34.17 31.92
C VAL H 76 -3.87 34.23 30.42
N VAL H 77 -4.60 35.23 29.96
CA VAL H 77 -4.87 35.34 28.52
C VAL H 77 -3.56 35.48 27.75
N SER H 78 -2.50 35.91 28.43
CA SER H 78 -1.21 36.05 27.75
C SER H 78 -0.51 34.70 27.65
N ALA H 79 -0.49 33.96 28.75
CA ALA H 79 0.15 32.65 28.73
C ALA H 79 -0.61 31.80 27.71
N LEU H 80 -1.91 32.05 27.61
CA LEU H 80 -2.79 31.31 26.70
C LEU H 80 -2.51 31.62 25.23
N GLN H 81 -2.33 32.90 24.93
CA GLN H 81 -2.06 33.30 23.56
C GLN H 81 -0.69 32.80 23.10
N MET H 82 0.28 32.89 23.99
CA MET H 82 1.63 32.46 23.67
C MET H 82 1.69 30.95 23.49
N LEU H 83 0.93 30.22 24.30
CA LEU H 83 0.88 28.77 24.20
C LEU H 83 0.22 28.30 22.91
N LYS H 84 -0.97 28.80 22.63
CA LYS H 84 -1.67 28.37 21.43
C LYS H 84 -0.94 28.73 20.15
N GLN H 85 -0.35 29.91 20.08
CA GLN H 85 0.35 30.29 18.86
C GLN H 85 1.59 29.42 18.66
N HIS H 86 2.19 29.00 19.77
CA HIS H 86 3.37 28.13 19.71
C HIS H 86 2.94 26.72 19.26
N LEU H 87 1.93 26.18 19.93
CA LEU H 87 1.43 24.85 19.59
C LEU H 87 0.90 24.80 18.18
N PHE H 88 0.20 25.84 17.76
CA PHE H 88 -0.36 25.90 16.40
C PHE H 88 0.74 25.85 15.35
N LYS H 89 1.79 26.61 15.61
CA LYS H 89 2.93 26.66 14.71
C LYS H 89 3.47 25.25 14.44
N TYR H 90 3.44 24.39 15.46
CA TYR H 90 3.96 23.03 15.33
C TYR H 90 2.93 21.97 14.92
N GLN H 91 1.81 22.43 14.37
CA GLN H 91 0.78 21.54 13.88
C GLN H 91 0.47 20.26 14.66
N GLY H 92 0.48 20.33 15.99
CA GLY H 92 0.19 19.17 16.79
C GLY H 92 1.35 18.24 17.10
N HIS H 93 2.52 18.52 16.55
CA HIS H 93 3.68 17.68 16.81
C HIS H 93 4.22 17.81 18.21
N ILE H 94 3.82 18.87 18.92
CA ILE H 94 4.22 19.03 20.31
C ILE H 94 2.97 18.57 21.06
N GLY H 95 3.00 17.32 21.51
CA GLY H 95 1.86 16.71 22.19
C GLY H 95 1.47 17.26 23.54
N ALA H 96 1.17 18.54 23.59
CA ALA H 96 0.77 19.19 24.82
C ALA H 96 -0.72 19.49 24.86
N TYR H 97 -1.38 18.93 25.86
CA TYR H 97 -2.81 19.13 26.08
C TYR H 97 -2.86 19.69 27.48
N LEU H 98 -3.20 20.96 27.59
CA LEU H 98 -3.19 21.61 28.90
C LEU H 98 -4.47 22.27 29.36
N ILE H 99 -4.58 22.36 30.69
CA ILE H 99 -5.69 23.04 31.32
C ILE H 99 -4.94 24.15 32.05
N VAL H 100 -5.05 25.37 31.54
CA VAL H 100 -4.35 26.50 32.11
C VAL H 100 -5.26 27.40 32.93
N ALA H 101 -4.86 27.66 34.17
CA ALA H 101 -5.64 28.49 35.07
C ALA H 101 -4.76 29.47 35.84
N GLY H 102 -5.40 30.40 36.54
CA GLY H 102 -4.65 31.37 37.32
C GLY H 102 -5.45 32.61 37.61
N VAL H 103 -4.88 33.48 38.43
CA VAL H 103 -5.51 34.73 38.78
C VAL H 103 -4.54 35.85 38.40
N ASP H 104 -5.09 36.99 38.01
CA ASP H 104 -4.26 38.12 37.63
C ASP H 104 -5.07 39.39 37.84
N PRO H 105 -4.49 40.56 37.54
CA PRO H 105 -5.23 41.82 37.72
C PRO H 105 -6.66 41.83 37.19
N THR H 106 -6.97 41.00 36.19
CA THR H 106 -8.31 41.02 35.62
C THR H 106 -9.29 39.98 36.18
N GLY H 107 -8.83 39.12 37.08
CA GLY H 107 -9.69 38.10 37.67
C GLY H 107 -9.14 36.69 37.65
N SER H 108 -10.02 35.70 37.79
CA SER H 108 -9.60 34.29 37.78
C SER H 108 -10.05 33.68 36.45
N HIS H 109 -9.19 32.84 35.85
CA HIS H 109 -9.49 32.23 34.55
C HIS H 109 -9.23 30.74 34.46
N LEU H 110 -9.94 30.09 33.53
CA LEU H 110 -9.81 28.66 33.29
C LEU H 110 -9.99 28.38 31.79
N PHE H 111 -8.96 27.82 31.17
CA PHE H 111 -8.96 27.50 29.75
C PHE H 111 -8.34 26.13 29.49
N SER H 112 -8.56 25.61 28.29
CA SER H 112 -7.96 24.35 27.87
C SER H 112 -7.33 24.60 26.51
N ILE H 113 -6.19 23.95 26.25
CA ILE H 113 -5.52 24.09 24.97
C ILE H 113 -5.17 22.70 24.46
N HIS H 114 -5.39 22.46 23.17
CA HIS H 114 -5.06 21.18 22.58
C HIS H 114 -3.78 21.31 21.76
N ALA H 115 -3.10 20.18 21.55
CA ALA H 115 -1.84 20.14 20.83
C ALA H 115 -1.83 20.95 19.54
N HIS H 116 -2.95 20.97 18.82
CA HIS H 116 -3.02 21.70 17.57
C HIS H 116 -3.17 23.19 17.71
N GLY H 117 -3.49 23.66 18.90
CA GLY H 117 -3.60 25.08 19.11
C GLY H 117 -4.97 25.67 19.37
N SER H 118 -6.00 24.83 19.45
CA SER H 118 -7.32 25.36 19.70
C SER H 118 -7.49 25.53 21.21
N THR H 119 -8.27 26.54 21.62
CA THR H 119 -8.51 26.77 23.03
C THR H 119 -9.99 26.81 23.35
N ASP H 120 -10.31 26.49 24.61
CA ASP H 120 -11.68 26.48 25.10
C ASP H 120 -11.76 27.15 26.46
N VAL H 121 -12.95 27.64 26.80
CA VAL H 121 -13.17 28.27 28.09
C VAL H 121 -14.35 27.56 28.73
N GLY H 122 -14.29 27.39 30.05
CA GLY H 122 -15.39 26.73 30.76
C GLY H 122 -15.22 26.84 32.26
N TYR H 123 -16.23 26.42 33.02
CA TYR H 123 -16.15 26.48 34.48
C TYR H 123 -15.52 25.23 35.06
N TYR H 124 -15.56 24.14 34.30
CA TYR H 124 -14.97 22.88 34.70
C TYR H 124 -14.52 22.15 33.44
N LEU H 125 -13.30 21.60 33.49
CA LEU H 125 -12.73 20.91 32.34
C LEU H 125 -11.92 19.68 32.76
N SER H 126 -11.81 18.71 31.85
CA SER H 126 -11.02 17.51 32.11
C SER H 126 -10.30 17.10 30.82
N LEU H 127 -9.10 16.56 30.96
CA LEU H 127 -8.34 16.11 29.80
C LEU H 127 -7.62 14.85 30.20
N GLY H 128 -7.19 14.08 29.21
CA GLY H 128 -6.47 12.86 29.50
C GLY H 128 -7.31 11.61 29.32
N SER H 129 -6.73 10.45 29.57
CA SER H 129 -7.45 9.20 29.42
C SER H 129 -8.49 9.01 30.52
N GLY H 130 -8.37 9.77 31.61
CA GLY H 130 -9.32 9.69 32.70
C GLY H 130 -10.41 10.70 32.46
N SER H 131 -10.20 11.49 31.41
CA SER H 131 -11.08 12.55 30.96
C SER H 131 -12.55 12.25 31.14
N LEU H 132 -12.98 11.08 30.67
CA LEU H 132 -14.37 10.70 30.76
C LEU H 132 -14.84 10.32 32.16
N ALA H 133 -13.98 9.64 32.92
CA ALA H 133 -14.32 9.26 34.28
C ALA H 133 -14.49 10.54 35.10
N ALA H 134 -13.55 11.47 34.95
CA ALA H 134 -13.58 12.74 35.65
C ALA H 134 -14.78 13.58 35.22
N MET H 135 -15.01 13.70 33.92
CA MET H 135 -16.13 14.50 33.46
C MET H 135 -17.48 13.97 33.95
N ALA H 136 -17.59 12.65 34.13
CA ALA H 136 -18.84 12.10 34.62
C ALA H 136 -19.10 12.69 36.02
N VAL H 137 -18.06 12.73 36.83
CA VAL H 137 -18.17 13.27 38.17
C VAL H 137 -18.51 14.77 38.13
N LEU H 138 -17.76 15.51 37.32
CA LEU H 138 -17.99 16.95 37.20
C LEU H 138 -19.42 17.22 36.72
N GLU H 139 -19.86 16.52 35.68
CA GLU H 139 -21.20 16.73 35.16
C GLU H 139 -22.24 16.41 36.20
N SER H 140 -21.86 15.61 37.19
CA SER H 140 -22.80 15.21 38.24
C SER H 140 -22.80 16.05 39.50
N HIS H 141 -21.73 16.78 39.77
CA HIS H 141 -21.70 17.56 40.99
C HIS H 141 -21.38 19.03 40.87
N TRP H 142 -21.00 19.49 39.68
CA TRP H 142 -20.69 20.90 39.56
C TRP H 142 -21.96 21.73 39.67
N LYS H 143 -21.78 22.93 40.21
CA LYS H 143 -22.87 23.88 40.39
C LYS H 143 -22.20 25.25 40.42
N GLN H 144 -22.94 26.29 40.05
CA GLN H 144 -22.38 27.63 40.06
C GLN H 144 -22.21 28.06 41.51
N ASP H 145 -21.17 28.86 41.76
CA ASP H 145 -20.88 29.35 43.10
C ASP H 145 -20.42 28.30 44.11
N LEU H 146 -19.40 27.56 43.74
CA LEU H 146 -18.83 26.56 44.64
C LEU H 146 -17.89 27.33 45.54
N THR H 147 -17.63 26.81 46.73
CA THR H 147 -16.72 27.48 47.64
C THR H 147 -15.35 26.87 47.40
N LYS H 148 -14.30 27.53 47.86
CA LYS H 148 -12.96 26.99 47.69
C LYS H 148 -12.88 25.53 48.12
N GLU H 149 -13.53 25.18 49.22
CA GLU H 149 -13.50 23.80 49.71
C GLU H 149 -14.34 22.86 48.86
N GLU H 150 -15.48 23.34 48.40
CA GLU H 150 -16.35 22.51 47.58
C GLU H 150 -15.62 22.19 46.27
N ALA H 151 -14.90 23.17 45.74
CA ALA H 151 -14.16 22.99 44.50
C ALA H 151 -13.03 21.98 44.67
N ILE H 152 -12.23 22.13 45.73
CA ILE H 152 -11.14 21.19 45.95
C ILE H 152 -11.66 19.76 46.10
N LYS H 153 -12.87 19.61 46.66
CA LYS H 153 -13.45 18.29 46.85
C LYS H 153 -13.88 17.72 45.51
N LEU H 154 -14.57 18.55 44.74
CA LEU H 154 -15.05 18.17 43.42
C LEU H 154 -13.90 17.78 42.50
N ALA H 155 -12.90 18.66 42.41
CA ALA H 155 -11.74 18.40 41.56
C ALA H 155 -11.05 17.13 42.03
N SER H 156 -10.89 17.01 43.33
CA SER H 156 -10.25 15.87 43.94
C SER H 156 -11.02 14.58 43.64
N ASP H 157 -12.35 14.66 43.67
CA ASP H 157 -13.20 13.52 43.38
C ASP H 157 -13.08 13.10 41.93
N ALA H 158 -13.06 14.08 41.03
CA ALA H 158 -12.94 13.82 39.60
C ALA H 158 -11.63 13.10 39.28
N ILE H 159 -10.54 13.50 39.92
CA ILE H 159 -9.25 12.83 39.67
C ILE H 159 -9.36 11.39 40.16
N GLN H 160 -10.04 11.21 41.29
CA GLN H 160 -10.21 9.87 41.84
C GLN H 160 -10.97 8.99 40.87
N ALA H 161 -11.98 9.55 40.21
CA ALA H 161 -12.77 8.80 39.24
C ALA H 161 -11.81 8.17 38.23
N GLY H 162 -10.82 8.95 37.79
CA GLY H 162 -9.86 8.46 36.83
C GLY H 162 -8.86 7.49 37.43
N ILE H 163 -8.38 7.79 38.63
CA ILE H 163 -7.41 6.92 39.28
C ILE H 163 -7.93 5.49 39.39
N TRP H 164 -9.16 5.35 39.89
CA TRP H 164 -9.77 4.05 40.08
C TRP H 164 -10.28 3.41 38.81
N ASN H 165 -10.94 4.20 37.95
CA ASN H 165 -11.50 3.64 36.74
C ASN H 165 -10.68 3.67 35.45
N ASP H 166 -9.65 4.50 35.40
CA ASP H 166 -8.81 4.56 34.21
C ASP H 166 -7.46 3.92 34.48
N LEU H 167 -7.08 2.99 33.59
CA LEU H 167 -5.80 2.28 33.71
C LEU H 167 -4.64 3.20 33.41
N GLY H 168 -4.93 4.29 32.70
CA GLY H 168 -3.89 5.25 32.35
C GLY H 168 -3.57 6.16 33.52
N SER H 169 -4.43 6.16 34.53
CA SER H 169 -4.25 7.00 35.71
C SER H 169 -4.15 6.19 37.00
N GLY H 170 -3.46 6.77 37.99
CA GLY H 170 -3.31 6.09 39.26
C GLY H 170 -2.55 6.87 40.31
N SER H 171 -2.20 6.17 41.39
CA SER H 171 -1.44 6.75 42.50
C SER H 171 -2.08 7.87 43.32
N ASN H 172 -1.45 9.04 43.32
CA ASN H 172 -1.93 10.17 44.12
C ASN H 172 -2.67 11.28 43.40
N VAL H 173 -3.06 12.28 44.17
CA VAL H 173 -3.78 13.43 43.64
C VAL H 173 -3.03 14.72 44.00
N ASP H 174 -2.62 15.49 42.99
CA ASP H 174 -1.94 16.76 43.21
C ASP H 174 -3.00 17.83 42.95
N VAL H 175 -2.98 18.90 43.72
CA VAL H 175 -3.92 19.99 43.58
C VAL H 175 -3.21 21.32 43.71
N CYS H 176 -3.72 22.34 43.02
CA CYS H 176 -3.17 23.68 43.11
C CYS H 176 -4.32 24.65 43.10
N VAL H 177 -4.42 25.43 44.18
CA VAL H 177 -5.49 26.41 44.32
C VAL H 177 -5.00 27.83 44.09
N MET H 178 -5.72 28.55 43.23
CA MET H 178 -5.38 29.93 42.91
C MET H 178 -6.58 30.79 43.26
N GLU H 179 -6.47 31.51 44.37
CA GLU H 179 -7.55 32.38 44.82
C GLU H 179 -7.21 33.82 44.52
N ILE H 180 -8.20 34.58 44.09
CA ILE H 180 -8.01 35.98 43.69
C ILE H 180 -7.17 36.87 44.59
N GLY H 181 -7.44 36.90 45.89
CA GLY H 181 -6.66 37.79 46.72
C GLY H 181 -5.40 37.23 47.35
N LYS H 182 -5.20 35.92 47.27
CA LYS H 182 -4.05 35.31 47.94
C LYS H 182 -2.96 34.71 47.05
N ASP H 183 -2.01 34.06 47.70
CA ASP H 183 -0.92 33.38 47.00
C ASP H 183 -1.51 32.09 46.46
N ALA H 184 -0.95 31.59 45.37
CA ALA H 184 -1.45 30.34 44.81
C ALA H 184 -0.86 29.25 45.69
N GLU H 185 -1.69 28.28 46.08
CA GLU H 185 -1.14 27.21 46.90
C GLU H 185 -1.14 25.85 46.21
N TYR H 186 0.07 25.34 46.07
CA TYR H 186 0.35 24.07 45.42
C TYR H 186 0.36 22.95 46.45
N LEU H 187 -0.59 22.03 46.32
CA LEU H 187 -0.70 20.92 47.24
C LEU H 187 -0.25 19.61 46.59
N ARG H 188 1.06 19.37 46.61
CA ARG H 188 1.62 18.15 46.05
C ARG H 188 1.25 16.95 46.91
N ASN H 189 0.62 15.94 46.31
CA ASN H 189 0.19 14.74 47.02
C ASN H 189 -0.90 15.07 48.03
N TYR H 190 -1.83 15.92 47.62
CA TYR H 190 -2.95 16.30 48.46
C TYR H 190 -3.68 15.06 48.95
N LEU H 191 -3.60 14.00 48.18
CA LEU H 191 -4.22 12.71 48.52
C LEU H 191 -3.29 11.58 48.11
N THR H 192 -3.15 10.58 48.96
CA THR H 192 -2.30 9.45 48.67
C THR H 192 -3.06 8.17 49.08
N PRO H 193 -4.12 7.83 48.34
CA PRO H 193 -4.97 6.66 48.57
C PRO H 193 -4.46 5.33 48.03
N ASN H 194 -3.20 5.29 47.63
CA ASN H 194 -2.63 4.06 47.08
C ASN H 194 -1.27 3.68 47.67
N VAL H 195 -1.23 3.48 48.98
CA VAL H 195 0.02 3.09 49.63
C VAL H 195 0.19 1.58 49.54
N ARG H 196 1.35 1.15 49.06
CA ARG H 196 1.64 -0.27 48.90
C ARG H 196 1.69 -1.01 50.25
N GLU H 197 0.87 -2.05 50.39
CA GLU H 197 0.85 -2.83 51.63
C GLU H 197 2.24 -3.40 51.87
N GLU H 198 2.57 -3.67 53.12
CA GLU H 198 3.88 -4.22 53.45
C GLU H 198 4.09 -5.54 52.74
N LYS H 199 5.31 -5.77 52.26
CA LYS H 199 5.60 -7.01 51.57
C LYS H 199 5.47 -8.19 52.52
N GLN H 200 5.36 -9.38 51.95
CA GLN H 200 5.19 -10.60 52.73
C GLN H 200 6.53 -11.12 53.24
N LYS H 201 7.63 -10.48 52.85
CA LYS H 201 8.93 -10.97 53.24
C LYS H 201 9.97 -9.91 52.92
N SER H 202 11.16 -10.02 53.50
CA SER H 202 12.22 -9.06 53.22
C SER H 202 13.18 -9.75 52.27
N TYR H 203 13.68 -9.02 51.28
CA TYR H 203 14.57 -9.63 50.31
C TYR H 203 16.00 -9.17 50.43
N LYS H 204 16.32 -8.68 51.62
CA LYS H 204 17.66 -8.21 51.93
C LYS H 204 18.56 -9.45 51.83
N PHE H 205 19.62 -9.34 51.04
CA PHE H 205 20.55 -10.44 50.82
C PHE H 205 21.69 -10.50 51.83
N PRO H 206 22.14 -11.72 52.19
CA PRO H 206 23.24 -11.76 53.13
C PRO H 206 24.46 -11.24 52.35
N ARG H 207 25.30 -10.43 53.00
CA ARG H 207 26.47 -9.89 52.33
C ARG H 207 27.37 -11.00 51.84
N GLY H 208 27.93 -10.82 50.64
CA GLY H 208 28.79 -11.82 50.06
C GLY H 208 28.03 -12.73 49.12
N THR H 209 26.71 -12.50 49.04
CA THR H 209 25.85 -13.30 48.16
C THR H 209 26.20 -13.15 46.68
N THR H 210 26.71 -11.98 46.31
CA THR H 210 27.09 -11.69 44.91
C THR H 210 28.54 -12.03 44.57
N ALA H 211 28.75 -12.71 43.45
CA ALA H 211 30.10 -13.06 43.02
C ALA H 211 30.77 -11.85 42.40
N VAL H 212 31.97 -11.51 42.87
CA VAL H 212 32.72 -10.36 42.36
C VAL H 212 34.01 -10.79 41.69
N LEU H 213 34.32 -10.19 40.55
CA LEU H 213 35.54 -10.54 39.79
C LEU H 213 36.71 -9.61 40.05
N LYS H 214 36.43 -8.32 40.15
CA LYS H 214 37.46 -7.34 40.35
C LYS H 214 36.87 -6.18 41.13
N GLU H 215 37.72 -5.40 41.76
CA GLU H 215 37.25 -4.28 42.55
C GLU H 215 38.29 -3.18 42.55
N SER H 216 37.84 -1.93 42.59
CA SER H 216 38.76 -0.80 42.59
C SER H 216 38.05 0.46 43.05
N ILE H 217 38.85 1.48 43.37
CA ILE H 217 38.30 2.74 43.82
C ILE H 217 38.30 3.70 42.65
N VAL H 218 37.22 4.45 42.51
CA VAL H 218 37.09 5.41 41.43
C VAL H 218 37.56 6.79 41.86
N ASN H 219 38.35 7.43 41.00
CA ASN H 219 38.88 8.75 41.29
C ASN H 219 37.89 9.86 40.90
N ILE H 220 37.36 10.54 41.90
CA ILE H 220 36.41 11.63 41.70
C ILE H 220 37.07 13.01 41.78
N CYS H 221 38.25 13.08 42.40
CA CYS H 221 38.97 14.34 42.54
C CYS H 221 39.96 14.57 41.40
N ASP H 222 39.93 15.77 40.84
CA ASP H 222 40.80 16.15 39.72
C ASP H 222 42.26 16.44 40.11
N SER I 1 15.51 -2.32 13.23
CA SER I 1 14.44 -1.30 13.07
C SER I 1 14.35 -0.35 14.27
N ASP I 2 14.02 -0.90 15.44
CA ASP I 2 13.93 -0.08 16.65
C ASP I 2 15.36 0.21 17.09
N PRO I 3 15.80 1.47 16.98
CA PRO I 3 17.15 1.88 17.36
C PRO I 3 17.50 1.53 18.81
N SER I 4 16.49 1.35 19.65
CA SER I 4 16.72 1.02 21.04
C SER I 4 16.89 -0.47 21.32
N SER I 5 16.83 -1.28 20.27
CA SER I 5 16.96 -2.72 20.44
C SER I 5 18.00 -3.31 19.52
N ILE I 6 18.88 -2.47 19.00
CA ILE I 6 19.92 -2.94 18.10
C ILE I 6 21.13 -3.42 18.86
N ASN I 7 21.57 -2.59 19.81
CA ASN I 7 22.75 -2.86 20.62
C ASN I 7 22.48 -3.57 21.95
N GLY I 8 21.32 -3.29 22.55
CA GLY I 8 20.96 -3.91 23.82
C GLY I 8 21.74 -3.35 24.99
N GLY I 9 21.39 -3.79 26.20
CA GLY I 9 22.08 -3.31 27.38
C GLY I 9 21.14 -2.69 28.40
N ILE I 10 21.57 -2.63 29.65
CA ILE I 10 20.74 -2.05 30.71
C ILE I 10 21.52 -1.26 31.74
N VAL I 11 20.80 -0.43 32.48
CA VAL I 11 21.36 0.40 33.53
C VAL I 11 20.32 0.50 34.64
N VAL I 12 20.79 0.55 35.88
CA VAL I 12 19.88 0.68 37.01
C VAL I 12 20.57 1.49 38.11
N ALA I 13 19.80 2.35 38.77
CA ALA I 13 20.34 3.17 39.85
C ALA I 13 19.42 3.09 41.06
N MET I 14 20.01 3.12 42.25
CA MET I 14 19.25 3.04 43.49
C MET I 14 19.80 3.98 44.56
N THR I 15 18.92 4.42 45.45
CA THR I 15 19.32 5.29 46.54
C THR I 15 19.37 4.48 47.84
N GLY I 16 20.38 4.76 48.66
CA GLY I 16 20.53 4.07 49.93
C GLY I 16 20.74 5.07 51.05
N LYS I 17 21.31 4.61 52.16
CA LYS I 17 21.56 5.49 53.30
C LYS I 17 22.85 6.27 53.05
N ASP I 18 22.70 7.55 52.74
CA ASP I 18 23.83 8.44 52.47
C ASP I 18 24.69 7.91 51.34
N CYS I 19 24.05 7.25 50.38
CA CYS I 19 24.75 6.69 49.22
C CYS I 19 23.79 6.43 48.05
N VAL I 20 24.38 6.21 46.88
CA VAL I 20 23.63 5.90 45.66
C VAL I 20 24.45 4.85 44.96
N ALA I 21 23.79 4.03 44.14
CA ALA I 21 24.48 2.99 43.40
C ALA I 21 23.95 2.96 41.97
N ILE I 22 24.84 2.81 41.00
CA ILE I 22 24.44 2.75 39.61
C ILE I 22 25.19 1.59 38.94
N ALA I 23 24.44 0.73 38.24
CA ALA I 23 25.05 -0.42 37.60
C ALA I 23 24.60 -0.63 36.15
N CYS I 24 25.40 -1.39 35.40
CA CYS I 24 25.09 -1.66 34.01
C CYS I 24 25.69 -2.98 33.55
N ASP I 25 25.16 -3.53 32.46
CA ASP I 25 25.71 -4.76 31.89
C ASP I 25 26.85 -4.29 30.98
N LEU I 26 27.52 -5.21 30.32
CA LEU I 26 28.64 -4.82 29.48
C LEU I 26 28.52 -5.20 28.02
N ARG I 27 27.36 -5.72 27.65
CA ARG I 27 27.15 -6.15 26.28
C ARG I 27 26.89 -5.02 25.29
N LEU I 28 27.36 -5.26 24.07
CA LEU I 28 27.17 -4.37 22.93
C LEU I 28 27.00 -5.41 21.85
N GLY I 29 25.81 -5.54 21.32
CA GLY I 29 25.63 -6.53 20.28
C GLY I 29 25.18 -5.87 19.00
N SER I 30 25.03 -6.70 17.98
CA SER I 30 24.56 -6.26 16.69
C SER I 30 23.40 -7.21 16.44
N GLN I 31 22.25 -6.90 17.03
CA GLN I 31 21.07 -7.74 16.94
C GLN I 31 21.42 -9.03 17.68
N SER I 32 21.33 -10.17 17.03
CA SER I 32 21.62 -11.43 17.69
C SER I 32 23.11 -11.65 17.97
N LEU I 33 23.97 -11.02 17.16
CA LEU I 33 25.41 -11.17 17.31
C LEU I 33 26.03 -10.38 18.45
N GLY I 34 26.69 -11.06 19.37
CA GLY I 34 27.34 -10.37 20.47
C GLY I 34 28.61 -9.80 19.89
N VAL I 35 28.92 -8.53 20.17
CA VAL I 35 30.12 -7.91 19.61
C VAL I 35 31.19 -7.53 20.63
N SER I 36 30.76 -7.03 21.78
CA SER I 36 31.70 -6.64 22.81
C SER I 36 31.17 -6.92 24.21
N ASN I 37 32.07 -7.36 25.08
CA ASN I 37 31.73 -7.67 26.47
C ASN I 37 32.39 -6.65 27.39
N LYS I 38 32.83 -5.55 26.80
CA LYS I 38 33.47 -4.51 27.57
C LYS I 38 32.91 -3.13 27.29
N PHE I 39 31.66 -3.08 26.87
CA PHE I 39 31.05 -1.79 26.57
C PHE I 39 30.38 -1.27 27.82
N GLU I 40 31.10 -0.45 28.58
CA GLU I 40 30.55 0.12 29.79
C GLU I 40 29.61 1.24 29.43
N LYS I 41 28.50 1.33 30.16
CA LYS I 41 27.49 2.32 29.90
C LYS I 41 27.38 3.39 30.98
N ILE I 42 28.36 3.42 31.88
CA ILE I 42 28.36 4.39 32.96
C ILE I 42 29.59 5.30 32.87
N PHE I 43 29.36 6.60 32.96
CA PHE I 43 30.43 7.57 32.88
C PHE I 43 30.27 8.53 34.04
N HIS I 44 31.27 9.37 34.28
CA HIS I 44 31.15 10.34 35.34
C HIS I 44 31.89 11.61 34.99
N TYR I 45 31.36 12.71 35.48
CA TYR I 45 31.93 14.04 35.24
C TYR I 45 31.99 14.59 36.66
N GLY I 46 33.20 14.57 37.23
CA GLY I 46 33.37 15.02 38.59
C GLY I 46 32.79 13.92 39.46
N HIS I 47 31.91 14.28 40.38
CA HIS I 47 31.29 13.30 41.25
C HIS I 47 29.92 12.89 40.73
N VAL I 48 29.54 13.38 39.56
CA VAL I 48 28.23 13.03 39.01
C VAL I 48 28.36 11.88 38.01
N PHE I 49 27.53 10.86 38.19
CA PHE I 49 27.56 9.68 37.31
C PHE I 49 26.40 9.63 36.35
N LEU I 50 26.69 9.17 35.15
CA LEU I 50 25.69 9.06 34.09
C LEU I 50 25.74 7.74 33.38
N GLY I 51 24.61 7.04 33.39
CA GLY I 51 24.51 5.78 32.69
C GLY I 51 23.65 6.04 31.46
N ILE I 52 23.97 5.39 30.33
CA ILE I 52 23.18 5.61 29.12
C ILE I 52 22.95 4.31 28.36
N THR I 53 21.70 3.87 28.25
CA THR I 53 21.37 2.66 27.49
C THR I 53 20.83 3.12 26.14
N GLY I 54 20.70 2.20 25.18
CA GLY I 54 20.17 2.56 23.88
C GLY I 54 21.13 2.35 22.72
N LEU I 55 20.98 3.15 21.66
CA LEU I 55 21.84 3.04 20.47
C LEU I 55 23.25 3.43 20.86
N ALA I 56 24.16 2.46 20.78
CA ALA I 56 25.55 2.65 21.17
C ALA I 56 26.22 3.90 20.64
N THR I 57 26.04 4.21 19.35
CA THR I 57 26.68 5.40 18.81
C THR I 57 26.21 6.66 19.56
N ASP I 58 24.94 6.70 19.95
CA ASP I 58 24.40 7.85 20.66
C ASP I 58 24.91 7.87 22.09
N VAL I 59 25.06 6.69 22.68
CA VAL I 59 25.57 6.57 24.04
C VAL I 59 26.95 7.22 24.04
N THR I 60 27.78 6.82 23.08
CA THR I 60 29.13 7.36 22.94
C THR I 60 29.11 8.87 22.69
N THR I 61 28.29 9.31 21.73
CA THR I 61 28.19 10.72 21.40
C THR I 61 27.75 11.56 22.59
N LEU I 62 26.70 11.13 23.27
CA LEU I 62 26.19 11.87 24.41
C LEU I 62 27.24 11.97 25.51
N ASN I 63 28.04 10.93 25.68
CA ASN I 63 29.05 11.00 26.71
C ASN I 63 30.09 12.05 26.34
N GLU I 64 30.53 12.04 25.09
CA GLU I 64 31.50 13.00 24.62
C GLU I 64 30.94 14.41 24.71
N MET I 65 29.63 14.54 24.50
CA MET I 65 28.99 15.85 24.58
C MET I 65 28.98 16.36 26.01
N PHE I 66 28.57 15.52 26.95
CA PHE I 66 28.51 15.93 28.34
C PHE I 66 29.90 16.16 28.96
N ARG I 67 30.92 15.45 28.47
CA ARG I 67 32.25 15.66 28.99
C ARG I 67 32.58 17.10 28.62
N TYR I 68 32.32 17.41 27.36
CA TYR I 68 32.54 18.74 26.76
C TYR I 68 31.84 19.86 27.54
N LYS I 69 30.54 19.69 27.80
CA LYS I 69 29.77 20.71 28.50
C LYS I 69 30.12 20.86 29.98
N THR I 70 30.35 19.74 30.67
CA THR I 70 30.70 19.84 32.07
C THR I 70 32.10 20.41 32.22
N ASN I 71 32.94 20.21 31.19
CA ASN I 71 34.29 20.74 31.22
C ASN I 71 34.24 22.26 31.18
N LEU I 72 33.49 22.82 30.26
CA LEU I 72 33.37 24.27 30.14
C LEU I 72 32.59 24.82 31.33
N TYR I 73 31.70 24.00 31.90
CA TYR I 73 30.92 24.44 33.05
C TYR I 73 31.85 24.69 34.23
N LYS I 74 32.74 23.73 34.47
CA LYS I 74 33.70 23.82 35.55
C LYS I 74 34.59 25.05 35.36
N LEU I 75 35.06 25.28 34.14
CA LEU I 75 35.92 26.43 33.85
C LEU I 75 35.26 27.78 34.13
N LYS I 76 33.97 27.89 33.87
CA LYS I 76 33.25 29.14 34.11
C LYS I 76 32.76 29.26 35.53
N GLU I 77 32.05 28.24 36.00
CA GLU I 77 31.50 28.22 37.34
C GLU I 77 32.58 28.10 38.43
N GLU I 78 33.72 27.54 38.05
CA GLU I 78 34.82 27.32 38.97
C GLU I 78 34.42 26.38 40.09
N ARG I 79 33.61 25.39 39.75
CA ARG I 79 33.14 24.36 40.69
C ARG I 79 32.56 23.26 39.83
N ALA I 80 32.59 22.03 40.34
CA ALA I 80 32.06 20.89 39.61
C ALA I 80 30.54 20.94 39.64
N ILE I 81 29.92 20.48 38.56
CA ILE I 81 28.47 20.48 38.47
C ILE I 81 27.86 19.45 39.43
N GLU I 82 26.67 19.75 39.95
CA GLU I 82 25.96 18.87 40.87
C GLU I 82 24.93 17.99 40.14
N PRO I 83 24.47 16.93 40.80
CA PRO I 83 23.48 16.03 40.16
C PRO I 83 22.24 16.74 39.67
N GLU I 84 21.62 17.54 40.54
CA GLU I 84 20.40 18.25 40.18
C GLU I 84 20.58 19.15 38.95
N THR I 85 21.70 19.87 38.92
CA THR I 85 22.01 20.78 37.81
C THR I 85 22.27 20.00 36.54
N PHE I 86 23.07 18.95 36.64
CA PHE I 86 23.40 18.13 35.48
C PHE I 86 22.13 17.53 34.88
N THR I 87 21.24 17.08 35.75
CA THR I 87 19.97 16.50 35.29
C THR I 87 19.25 17.49 34.38
N GLN I 88 19.23 18.76 34.77
CA GLN I 88 18.60 19.79 33.97
C GLN I 88 19.33 19.92 32.63
N LEU I 89 20.66 19.85 32.68
CA LEU I 89 21.46 19.96 31.48
C LEU I 89 21.19 18.81 30.53
N VAL I 90 21.05 17.61 31.08
CA VAL I 90 20.77 16.43 30.27
C VAL I 90 19.41 16.59 29.58
N SER I 91 18.44 17.05 30.35
CA SER I 91 17.09 17.26 29.87
C SER I 91 17.03 18.28 28.72
N SER I 92 17.57 19.46 28.93
CA SER I 92 17.55 20.48 27.90
C SER I 92 18.37 20.06 26.68
N SER I 93 19.44 19.31 26.89
CA SER I 93 20.24 18.89 25.75
C SER I 93 19.47 17.88 24.91
N LEU I 94 18.68 17.03 25.56
CA LEU I 94 17.92 16.04 24.81
C LEU I 94 16.74 16.65 24.07
N TYR I 95 16.00 17.54 24.75
CA TYR I 95 14.83 18.17 24.14
C TYR I 95 15.22 19.05 22.96
N GLU I 96 16.48 19.45 22.94
CA GLU I 96 16.98 20.29 21.88
C GLU I 96 16.94 19.53 20.55
N ARG I 97 16.84 18.21 20.65
CA ARG I 97 16.77 17.34 19.48
C ARG I 97 15.39 16.73 19.46
N ARG I 98 14.40 17.45 19.99
CA ARG I 98 13.02 16.95 20.06
C ARG I 98 12.48 16.21 18.82
N PHE I 99 12.86 16.65 17.63
CA PHE I 99 12.35 16.02 16.42
C PHE I 99 13.37 15.25 15.62
N GLY I 100 14.37 14.72 16.33
CA GLY I 100 15.42 13.94 15.72
C GLY I 100 16.30 13.60 16.90
N PRO I 101 15.70 12.96 17.93
CA PRO I 101 16.31 12.54 19.19
C PRO I 101 17.37 11.49 19.15
N TYR I 102 18.17 11.47 20.20
CA TYR I 102 19.19 10.46 20.36
C TYR I 102 18.39 9.30 20.93
N PHE I 103 18.68 8.09 20.49
CA PHE I 103 17.93 6.93 20.97
C PHE I 103 18.58 6.34 22.22
N VAL I 104 18.38 7.03 23.34
CA VAL I 104 18.98 6.62 24.59
C VAL I 104 18.04 6.73 25.78
N GLY I 105 18.44 6.08 26.88
CA GLY I 105 17.67 6.13 28.11
C GLY I 105 18.66 6.51 29.19
N PRO I 106 18.91 7.81 29.40
CA PRO I 106 19.86 8.27 30.41
C PRO I 106 19.44 8.08 31.86
N VAL I 107 20.43 7.89 32.72
CA VAL I 107 20.20 7.72 34.15
C VAL I 107 21.30 8.47 34.89
N VAL I 108 20.90 9.35 35.79
CA VAL I 108 21.84 10.14 36.58
C VAL I 108 21.86 9.73 38.05
N ALA I 109 23.07 9.62 38.61
CA ALA I 109 23.24 9.25 40.01
C ALA I 109 24.43 10.01 40.61
N GLY I 110 24.29 10.40 41.86
CA GLY I 110 25.34 11.12 42.54
C GLY I 110 24.86 11.73 43.83
N ILE I 111 25.79 12.30 44.59
CA ILE I 111 25.46 12.93 45.87
C ILE I 111 25.87 14.39 45.83
N ASN I 112 24.95 15.26 46.26
CA ASN I 112 25.23 16.68 46.25
C ASN I 112 26.34 17.04 47.23
N SER I 113 27.49 17.40 46.69
CA SER I 113 28.65 17.75 47.51
C SER I 113 28.41 18.76 48.63
N LYS I 114 27.30 19.47 48.58
CA LYS I 114 27.04 20.48 49.61
C LYS I 114 25.99 20.06 50.64
N SER I 115 24.99 19.31 50.20
CA SER I 115 23.92 18.86 51.10
C SER I 115 24.10 17.40 51.46
N GLY I 116 24.94 16.70 50.71
CA GLY I 116 25.18 15.28 50.95
C GLY I 116 23.99 14.40 50.59
N LYS I 117 22.91 15.04 50.13
CA LYS I 117 21.69 14.34 49.77
C LYS I 117 21.88 13.44 48.53
N PRO I 118 21.46 12.17 48.62
CA PRO I 118 21.58 11.22 47.51
C PRO I 118 20.60 11.59 46.40
N PHE I 119 21.03 11.44 45.16
CA PHE I 119 20.21 11.79 44.00
C PHE I 119 20.30 10.87 42.79
N ILE I 120 19.13 10.54 42.23
CA ILE I 120 19.06 9.72 41.02
C ILE I 120 17.92 10.25 40.16
N ALA I 121 18.08 10.12 38.84
CA ALA I 121 17.06 10.57 37.89
C ALA I 121 17.11 9.79 36.58
N GLY I 122 15.96 9.68 35.93
CA GLY I 122 15.87 9.00 34.65
C GLY I 122 15.26 9.96 33.63
N PHE I 123 15.51 9.73 32.35
CA PHE I 123 14.96 10.58 31.30
C PHE I 123 14.51 9.72 30.12
N ASP I 124 13.57 10.23 29.32
CA ASP I 124 13.16 9.50 28.13
C ASP I 124 14.03 10.09 27.00
N LEU I 125 14.01 9.50 25.82
CA LEU I 125 14.86 9.98 24.74
C LEU I 125 14.76 11.49 24.44
N ILE I 126 13.66 12.14 24.78
CA ILE I 126 13.55 13.58 24.52
C ILE I 126 13.67 14.48 25.74
N GLY I 127 14.29 13.97 26.80
CA GLY I 127 14.52 14.79 27.98
C GLY I 127 13.59 14.83 29.18
N CYS I 128 12.40 14.24 29.11
CA CYS I 128 11.52 14.27 30.25
C CYS I 128 12.22 13.65 31.47
N ILE I 129 12.21 14.37 32.58
CA ILE I 129 12.88 13.92 33.81
C ILE I 129 12.01 13.16 34.80
N ASP I 130 12.55 12.08 35.34
CA ASP I 130 11.88 11.26 36.34
C ASP I 130 12.81 11.21 37.53
N GLU I 131 12.47 11.95 38.58
CA GLU I 131 13.32 11.98 39.76
C GLU I 131 12.71 11.06 40.80
N ALA I 132 13.19 9.83 40.83
CA ALA I 132 12.67 8.86 41.77
C ALA I 132 13.46 8.92 43.07
N LYS I 133 12.82 8.49 44.15
CA LYS I 133 13.46 8.47 45.45
C LYS I 133 14.09 7.09 45.68
N ASP I 134 13.56 6.07 45.00
CA ASP I 134 14.05 4.71 45.14
C ASP I 134 15.00 4.21 44.05
N PHE I 135 14.46 3.90 42.87
CA PHE I 135 15.28 3.38 41.78
C PHE I 135 14.86 3.87 40.39
N ILE I 136 15.78 3.70 39.45
CA ILE I 136 15.58 4.09 38.05
C ILE I 136 16.12 2.96 37.19
N VAL I 137 15.33 2.51 36.23
CA VAL I 137 15.76 1.42 35.35
C VAL I 137 15.75 1.89 33.90
N SER I 138 16.57 1.27 33.07
CA SER I 138 16.66 1.64 31.67
C SER I 138 17.29 0.55 30.83
N GLY I 139 16.86 0.42 29.57
CA GLY I 139 17.44 -0.60 28.73
C GLY I 139 16.47 -1.63 28.20
N THR I 140 17.01 -2.59 27.44
CA THR I 140 16.23 -3.65 26.82
C THR I 140 15.60 -4.65 27.78
N ALA I 141 15.97 -4.58 29.07
CA ALA I 141 15.40 -5.49 30.07
C ALA I 141 14.81 -4.66 31.22
N SER I 142 14.26 -3.50 30.88
CA SER I 142 13.68 -2.59 31.85
C SER I 142 12.44 -3.17 32.54
N ASP I 143 11.66 -3.98 31.83
CA ASP I 143 10.48 -4.60 32.44
C ASP I 143 10.96 -5.52 33.56
N GLN I 144 11.98 -6.30 33.24
CA GLN I 144 12.56 -7.23 34.21
C GLN I 144 13.13 -6.46 35.39
N LEU I 145 13.87 -5.38 35.11
CA LEU I 145 14.43 -4.54 36.16
C LEU I 145 13.33 -4.00 37.07
N PHE I 146 12.24 -3.52 36.50
CA PHE I 146 11.14 -3.00 37.30
C PHE I 146 10.64 -4.11 38.20
N GLY I 147 10.54 -5.30 37.64
CA GLY I 147 10.09 -6.44 38.43
C GLY I 147 11.02 -6.70 39.59
N MET I 148 12.31 -6.82 39.29
CA MET I 148 13.31 -7.06 40.32
C MET I 148 13.28 -5.98 41.39
N CYS I 149 13.47 -4.74 40.96
CA CYS I 149 13.49 -3.60 41.88
C CYS I 149 12.27 -3.48 42.76
N GLU I 150 11.08 -3.62 42.19
CA GLU I 150 9.87 -3.48 42.98
C GLU I 150 9.83 -4.47 44.15
N SER I 151 10.49 -5.60 44.01
CA SER I 151 10.51 -6.61 45.07
C SER I 151 11.73 -6.52 45.98
N LEU I 152 12.92 -6.59 45.39
CA LEU I 152 14.15 -6.55 46.14
C LEU I 152 14.45 -5.26 46.90
N TYR I 153 13.96 -4.13 46.40
CA TYR I 153 14.24 -2.85 47.04
C TYR I 153 13.50 -2.50 48.33
N GLU I 154 14.23 -1.82 49.21
CA GLU I 154 13.73 -1.29 50.48
C GLU I 154 14.63 -0.09 50.76
N PRO I 155 14.07 0.95 51.41
CA PRO I 155 14.77 2.19 51.76
C PRO I 155 15.96 2.13 52.72
N ASN I 156 16.77 3.18 52.66
CA ASN I 156 17.94 3.36 53.50
C ASN I 156 18.89 2.19 53.69
N LEU I 157 19.09 1.40 52.64
CA LEU I 157 20.04 0.30 52.78
C LEU I 157 21.45 0.88 52.94
N GLU I 158 22.31 0.15 53.65
CA GLU I 158 23.69 0.60 53.84
C GLU I 158 24.44 0.26 52.58
N PRO I 159 25.52 1.00 52.28
CA PRO I 159 26.31 0.75 51.08
C PRO I 159 26.57 -0.72 50.74
N GLU I 160 26.97 -1.52 51.73
CA GLU I 160 27.28 -2.93 51.52
C GLU I 160 26.06 -3.79 51.24
N ASP I 161 24.90 -3.32 51.68
CA ASP I 161 23.67 -4.04 51.46
C ASP I 161 23.09 -3.61 50.12
N LEU I 162 23.10 -2.31 49.85
CA LEU I 162 22.59 -1.79 48.59
C LEU I 162 23.32 -2.48 47.45
N PHE I 163 24.62 -2.70 47.63
CA PHE I 163 25.39 -3.37 46.60
C PHE I 163 24.83 -4.75 46.26
N GLU I 164 24.45 -5.50 47.28
CA GLU I 164 23.90 -6.85 47.08
C GLU I 164 22.58 -6.72 46.34
N THR I 165 21.74 -5.83 46.84
CA THR I 165 20.43 -5.60 46.24
C THR I 165 20.50 -5.19 44.78
N ILE I 166 21.21 -4.11 44.49
CA ILE I 166 21.31 -3.66 43.10
C ILE I 166 21.92 -4.71 42.18
N SER I 167 22.94 -5.43 42.64
CA SER I 167 23.58 -6.45 41.81
C SER I 167 22.63 -7.59 41.45
N GLN I 168 21.81 -8.01 42.41
CA GLN I 168 20.87 -9.08 42.17
C GLN I 168 19.76 -8.63 41.23
N ALA I 169 19.43 -7.34 41.29
CA ALA I 169 18.40 -6.79 40.43
C ALA I 169 18.92 -6.77 39.00
N LEU I 170 20.14 -6.27 38.83
CA LEU I 170 20.77 -6.21 37.51
C LEU I 170 21.00 -7.59 36.92
N LEU I 171 21.66 -8.45 37.70
CA LEU I 171 22.02 -9.81 37.29
C LEU I 171 20.85 -10.70 36.87
N ASN I 172 19.78 -10.73 37.65
CA ASN I 172 18.65 -11.58 37.32
C ASN I 172 17.77 -11.04 36.21
N ALA I 173 17.81 -9.72 36.05
CA ALA I 173 17.04 -9.09 34.99
C ALA I 173 17.74 -9.40 33.67
N ALA I 174 19.05 -9.17 33.64
CA ALA I 174 19.85 -9.40 32.44
C ALA I 174 19.84 -10.85 31.95
N ASP I 175 19.54 -11.78 32.85
CA ASP I 175 19.53 -13.18 32.49
C ASP I 175 18.21 -13.59 31.88
N ARG I 176 17.26 -12.65 31.84
CA ARG I 176 15.96 -12.88 31.23
C ARG I 176 15.85 -12.04 29.95
N ASP I 177 16.96 -11.40 29.58
CA ASP I 177 17.02 -10.57 28.39
C ASP I 177 18.13 -11.06 27.47
N ALA I 178 17.74 -11.44 26.26
CA ALA I 178 18.66 -11.95 25.26
C ALA I 178 19.74 -10.96 24.86
N LEU I 179 19.42 -9.67 24.92
CA LEU I 179 20.36 -8.63 24.52
C LEU I 179 21.16 -7.97 25.63
N SER I 180 21.10 -8.52 26.84
CA SER I 180 21.85 -7.98 27.98
C SER I 180 22.72 -9.04 28.63
N GLY I 181 23.76 -8.59 29.34
CA GLY I 181 24.66 -9.51 30.01
C GLY I 181 26.10 -9.38 29.53
N TRP I 182 26.81 -10.50 29.48
CA TRP I 182 28.20 -10.50 29.01
C TRP I 182 29.10 -9.69 29.93
N GLY I 183 28.71 -9.59 31.19
CA GLY I 183 29.50 -8.82 32.14
C GLY I 183 28.61 -7.77 32.76
N ALA I 184 29.06 -7.22 33.88
CA ALA I 184 28.30 -6.20 34.58
C ALA I 184 29.25 -5.49 35.51
N VAL I 185 28.94 -4.25 35.84
CA VAL I 185 29.78 -3.46 36.71
C VAL I 185 28.85 -2.65 37.60
N VAL I 186 29.18 -2.58 38.89
CA VAL I 186 28.37 -1.84 39.85
C VAL I 186 29.20 -0.75 40.51
N TYR I 187 28.60 0.42 40.67
CA TYR I 187 29.25 1.56 41.30
C TYR I 187 28.54 1.88 42.61
N ILE I 188 29.29 1.87 43.72
CA ILE I 188 28.71 2.23 45.00
C ILE I 188 29.30 3.60 45.27
N ILE I 189 28.44 4.59 45.46
CA ILE I 189 28.87 5.96 45.65
C ILE I 189 28.52 6.55 47.01
N LYS I 190 29.53 7.15 47.65
CA LYS I 190 29.36 7.80 48.94
C LYS I 190 29.99 9.18 48.84
N LYS I 191 29.65 10.07 49.77
CA LYS I 191 30.17 11.44 49.78
C LYS I 191 31.66 11.57 49.55
N ASP I 192 32.42 10.67 50.14
CA ASP I 192 33.88 10.70 50.08
C ASP I 192 34.53 9.70 49.14
N GLU I 193 33.90 8.55 48.92
CA GLU I 193 34.49 7.55 48.04
C GLU I 193 33.51 6.80 47.14
N VAL I 194 34.06 6.31 46.04
CA VAL I 194 33.30 5.56 45.06
C VAL I 194 34.06 4.28 44.74
N VAL I 195 33.38 3.15 44.90
CA VAL I 195 33.97 1.84 44.64
C VAL I 195 33.27 1.21 43.45
N LYS I 196 34.07 0.64 42.56
CA LYS I 196 33.57 0.01 41.34
C LYS I 196 33.90 -1.48 41.33
N ARG I 197 32.88 -2.32 41.26
CA ARG I 197 33.10 -3.76 41.23
C ARG I 197 32.52 -4.44 39.99
N TYR I 198 33.26 -5.38 39.43
CA TYR I 198 32.80 -6.13 38.28
C TYR I 198 32.21 -7.43 38.81
N LEU I 199 31.01 -7.79 38.35
CA LEU I 199 30.35 -9.00 38.79
C LEU I 199 30.67 -10.18 37.88
N LYS I 200 30.41 -11.39 38.36
CA LYS I 200 30.64 -12.62 37.59
C LYS I 200 29.27 -13.16 37.23
N MET I 201 29.04 -13.38 35.94
CA MET I 201 27.76 -13.87 35.47
C MET I 201 27.88 -14.76 34.24
N ARG I 202 26.75 -15.38 33.85
CA ARG I 202 26.75 -16.24 32.67
C ARG I 202 27.22 -15.44 31.48
N GLN I 203 27.80 -16.10 30.49
CA GLN I 203 28.26 -15.40 29.31
C GLN I 203 27.53 -15.87 28.04
N ASP I 204 26.22 -16.08 28.15
CA ASP I 204 25.43 -16.54 27.01
C ASP I 204 24.15 -15.69 26.74
N MET J 1 27.37 -9.17 1.68
CA MET J 1 28.49 -8.19 1.78
C MET J 1 29.86 -8.85 1.56
N ASP J 2 30.91 -8.02 1.58
CA ASP J 2 32.27 -8.48 1.41
C ASP J 2 32.82 -8.98 2.74
N ILE J 3 34.03 -9.55 2.71
CA ILE J 3 34.63 -10.05 3.93
C ILE J 3 35.63 -9.05 4.45
N ILE J 4 35.48 -8.69 5.72
CA ILE J 4 36.34 -7.73 6.38
C ILE J 4 36.68 -8.29 7.76
N LEU J 5 37.90 -8.80 7.90
CA LEU J 5 38.35 -9.38 9.16
C LEU J 5 39.57 -8.66 9.68
N GLY J 6 39.75 -8.73 10.99
CA GLY J 6 40.90 -8.11 11.60
C GLY J 6 41.26 -8.84 12.86
N ILE J 7 42.56 -9.03 13.08
CA ILE J 7 43.01 -9.68 14.29
C ILE J 7 44.25 -8.97 14.81
N ARG J 8 44.24 -8.72 16.11
CA ARG J 8 45.32 -8.05 16.79
C ARG J 8 46.12 -9.05 17.60
N VAL J 9 47.34 -9.33 17.15
CA VAL J 9 48.19 -10.27 17.87
C VAL J 9 49.16 -9.55 18.80
N GLN J 10 50.28 -10.20 19.11
CA GLN J 10 51.27 -9.63 20.01
C GLN J 10 51.83 -8.29 19.57
N ASP J 11 52.41 -8.23 18.37
CA ASP J 11 53.02 -6.99 17.93
C ASP J 11 52.58 -6.44 16.61
N SER J 12 51.35 -6.74 16.23
CA SER J 12 50.83 -6.21 14.97
C SER J 12 49.34 -6.49 14.83
N VAL J 13 48.75 -5.84 13.83
CA VAL J 13 47.34 -5.99 13.52
C VAL J 13 47.31 -6.53 12.12
N ILE J 14 46.40 -7.47 11.87
CA ILE J 14 46.29 -8.07 10.55
C ILE J 14 44.88 -7.86 10.03
N LEU J 15 44.79 -7.43 8.77
CA LEU J 15 43.50 -7.20 8.13
C LEU J 15 43.36 -8.08 6.89
N ALA J 16 42.25 -8.81 6.82
CA ALA J 16 41.98 -9.67 5.69
C ALA J 16 40.70 -9.13 5.03
N SER J 17 40.76 -8.86 3.73
CA SER J 17 39.62 -8.31 2.99
C SER J 17 39.40 -9.01 1.67
N SER J 18 38.16 -9.42 1.39
CA SER J 18 37.87 -10.13 0.14
C SER J 18 38.23 -9.30 -1.09
N LYS J 19 38.56 -9.98 -2.18
CA LYS J 19 38.95 -9.30 -3.40
C LYS J 19 37.86 -9.07 -4.44
N ALA J 20 36.72 -9.72 -4.26
CA ALA J 20 35.63 -9.59 -5.21
C ALA J 20 34.87 -8.27 -5.15
N VAL J 21 34.42 -7.82 -6.32
CA VAL J 21 33.61 -6.61 -6.46
C VAL J 21 32.49 -7.02 -7.40
N THR J 22 31.30 -7.21 -6.86
CA THR J 22 30.17 -7.64 -7.68
C THR J 22 29.12 -6.57 -7.87
N ARG J 23 28.52 -6.59 -9.05
CA ARG J 23 27.45 -5.68 -9.40
C ARG J 23 26.33 -6.54 -10.00
N GLY J 24 25.49 -7.07 -9.11
CA GLY J 24 24.39 -7.90 -9.53
C GLY J 24 24.72 -9.27 -10.08
N ILE J 25 24.62 -9.42 -11.40
CA ILE J 25 24.89 -10.69 -12.09
C ILE J 25 26.35 -11.00 -12.35
N SER J 26 27.19 -9.96 -12.43
CA SER J 26 28.60 -10.22 -12.70
C SER J 26 29.59 -9.73 -11.65
N VAL J 27 30.71 -10.44 -11.60
CA VAL J 27 31.81 -10.11 -10.71
C VAL J 27 32.73 -9.26 -11.58
N LEU J 28 32.64 -7.95 -11.42
CA LEU J 28 33.45 -7.01 -12.21
C LEU J 28 34.95 -7.08 -11.98
N LYS J 29 35.36 -7.46 -10.78
CA LYS J 29 36.77 -7.52 -10.45
C LYS J 29 36.99 -8.57 -9.37
N ASP J 30 38.17 -9.15 -9.33
CA ASP J 30 38.52 -10.17 -8.34
C ASP J 30 39.87 -9.89 -7.69
N SER J 31 40.34 -8.66 -7.83
CA SER J 31 41.63 -8.25 -7.27
C SER J 31 41.49 -6.89 -6.62
N ASP J 32 40.36 -6.64 -5.98
CA ASP J 32 40.12 -5.36 -5.35
C ASP J 32 40.73 -5.26 -3.95
N ASP J 33 41.46 -4.18 -3.72
CA ASP J 33 42.10 -3.95 -2.42
C ASP J 33 41.24 -2.99 -1.60
N LYS J 34 40.38 -3.55 -0.75
CA LYS J 34 39.47 -2.74 0.07
C LYS J 34 40.14 -2.09 1.27
N THR J 35 41.24 -1.39 1.00
CA THR J 35 42.00 -0.78 2.08
C THR J 35 42.64 0.56 1.68
N ARG J 36 42.91 1.39 2.68
CA ARG J 36 43.58 2.68 2.46
C ARG J 36 44.50 2.93 3.65
N GLN J 37 45.73 3.33 3.36
CA GLN J 37 46.66 3.65 4.43
C GLN J 37 46.43 5.09 4.86
N LEU J 38 46.03 5.29 6.12
CA LEU J 38 45.78 6.64 6.61
C LEU J 38 47.08 7.36 7.04
N SER J 39 48.05 6.59 7.52
CA SER J 39 49.34 7.12 7.92
C SER J 39 50.28 5.92 7.92
N PRO J 40 51.60 6.16 7.96
CA PRO J 40 52.56 5.05 7.96
C PRO J 40 52.28 3.85 8.87
N HIS J 41 51.63 4.08 10.03
CA HIS J 41 51.34 2.97 10.94
C HIS J 41 49.85 2.72 11.18
N THR J 42 49.00 3.27 10.33
CA THR J 42 47.55 3.07 10.45
C THR J 42 46.90 2.70 9.13
N LEU J 43 46.22 1.56 9.13
CA LEU J 43 45.54 1.05 7.95
C LEU J 43 44.04 0.92 8.22
N MET J 44 43.22 1.22 7.21
CA MET J 44 41.77 1.10 7.37
C MET J 44 41.16 0.30 6.22
N SER J 45 40.43 -0.75 6.57
CA SER J 45 39.75 -1.58 5.59
C SER J 45 38.28 -1.17 5.66
N PHE J 46 37.53 -1.42 4.59
CA PHE J 46 36.14 -1.01 4.55
C PHE J 46 35.25 -1.84 3.62
N ALA J 47 33.95 -1.78 3.88
CA ALA J 47 32.95 -2.51 3.08
C ALA J 47 31.61 -1.80 3.23
N GLY J 48 30.78 -1.88 2.21
CA GLY J 48 29.48 -1.22 2.27
C GLY J 48 28.92 -0.82 0.92
N GLU J 49 28.17 0.27 0.91
CA GLU J 49 27.51 0.82 -0.28
C GLU J 49 28.50 1.14 -1.39
N ALA J 50 28.15 0.76 -2.61
CA ALA J 50 28.96 0.94 -3.81
C ALA J 50 29.88 2.15 -3.93
N GLY J 51 29.36 3.35 -3.96
CA GLY J 51 30.28 4.47 -4.11
C GLY J 51 30.82 5.05 -2.81
N ASP J 52 29.96 5.11 -1.80
CA ASP J 52 30.29 5.66 -0.49
C ASP J 52 31.57 5.05 0.07
N THR J 53 31.69 3.75 -0.13
CA THR J 53 32.81 2.96 0.33
C THR J 53 34.19 3.61 0.07
N VAL J 54 34.56 3.78 -1.19
CA VAL J 54 35.85 4.38 -1.51
C VAL J 54 35.88 5.89 -1.29
N GLN J 55 34.75 6.57 -1.53
CA GLN J 55 34.70 8.02 -1.34
C GLN J 55 35.03 8.35 0.10
N PHE J 56 34.44 7.60 1.04
CA PHE J 56 34.68 7.85 2.46
C PHE J 56 36.13 7.55 2.82
N ALA J 57 36.60 6.37 2.46
CA ALA J 57 37.98 5.98 2.76
C ALA J 57 38.99 7.03 2.29
N GLU J 58 38.87 7.48 1.05
CA GLU J 58 39.80 8.46 0.50
C GLU J 58 39.64 9.81 1.19
N TYR J 59 38.42 10.14 1.58
CA TYR J 59 38.15 11.39 2.27
C TYR J 59 38.89 11.36 3.61
N ILE J 60 38.77 10.24 4.33
CA ILE J 60 39.45 10.10 5.62
C ILE J 60 40.96 10.16 5.41
N GLN J 61 41.45 9.39 4.44
CA GLN J 61 42.87 9.38 4.16
C GLN J 61 43.39 10.81 3.97
N ALA J 62 42.74 11.58 3.11
CA ALA J 62 43.16 12.95 2.86
C ALA J 62 43.25 13.76 4.16
N ASN J 63 42.22 13.66 4.99
CA ASN J 63 42.23 14.40 6.25
C ASN J 63 43.37 14.02 7.18
N ILE J 64 43.67 12.75 7.29
CA ILE J 64 44.77 12.36 8.16
C ILE J 64 46.11 12.83 7.58
N GLN J 65 46.27 12.74 6.26
CA GLN J 65 47.51 13.17 5.65
C GLN J 65 47.70 14.68 5.85
N LEU J 66 46.60 15.42 5.77
CA LEU J 66 46.68 16.86 5.98
C LEU J 66 47.13 17.14 7.41
N TYR J 67 46.57 16.39 8.37
CA TYR J 67 46.93 16.58 9.77
C TYR J 67 48.42 16.29 9.96
N SER J 68 48.88 15.20 9.34
CA SER J 68 50.27 14.79 9.42
C SER J 68 51.21 15.90 8.96
N ILE J 69 50.87 16.53 7.84
CA ILE J 69 51.70 17.59 7.32
C ILE J 69 51.65 18.87 8.15
N ARG J 70 50.46 19.23 8.61
CA ARG J 70 50.32 20.44 9.40
C ARG J 70 51.12 20.33 10.70
N GLU J 71 50.96 19.22 11.39
CA GLU J 71 51.63 19.00 12.66
C GLU J 71 52.96 18.25 12.61
N ASP J 72 53.32 17.76 11.43
CA ASP J 72 54.55 16.98 11.29
C ASP J 72 54.54 15.95 12.42
N TYR J 73 53.45 15.18 12.48
CA TYR J 73 53.27 14.19 13.52
C TYR J 73 52.22 13.19 13.04
N GLU J 74 52.30 11.96 13.55
CA GLU J 74 51.35 10.93 13.18
C GLU J 74 50.40 10.66 14.34
N LEU J 75 49.13 10.99 14.17
CA LEU J 75 48.13 10.79 15.20
C LEU J 75 48.13 9.35 15.67
N SER J 76 47.82 9.16 16.94
CA SER J 76 47.76 7.81 17.50
C SER J 76 46.58 7.06 16.89
N PRO J 77 46.68 5.73 16.82
CA PRO J 77 45.56 4.96 16.26
C PRO J 77 44.25 5.35 16.93
N GLN J 78 44.30 5.58 18.24
CA GLN J 78 43.12 5.94 18.98
C GLN J 78 42.55 7.25 18.46
N ALA J 79 43.43 8.23 18.28
CA ALA J 79 43.00 9.53 17.78
C ALA J 79 42.31 9.40 16.41
N VAL J 80 42.94 8.68 15.51
CA VAL J 80 42.39 8.50 14.18
C VAL J 80 41.04 7.81 14.19
N SER J 81 40.85 6.84 15.08
CA SER J 81 39.60 6.11 15.13
C SER J 81 38.48 6.96 15.73
N SER J 82 38.85 7.89 16.60
CA SER J 82 37.84 8.76 17.21
C SER J 82 37.41 9.76 16.14
N PHE J 83 38.36 10.22 15.35
CA PHE J 83 38.07 11.14 14.28
C PHE J 83 37.09 10.48 13.33
N VAL J 84 37.41 9.24 12.95
CA VAL J 84 36.57 8.49 12.02
C VAL J 84 35.18 8.22 12.60
N ARG J 85 35.10 7.89 13.89
CA ARG J 85 33.78 7.64 14.46
C ARG J 85 32.91 8.88 14.37
N GLN J 86 33.49 10.03 14.71
CA GLN J 86 32.75 11.29 14.65
C GLN J 86 32.24 11.55 13.23
N GLU J 87 33.08 11.32 12.23
CA GLU J 87 32.64 11.53 10.86
C GLU J 87 31.44 10.67 10.53
N LEU J 88 31.47 9.41 10.94
CA LEU J 88 30.36 8.50 10.68
C LEU J 88 29.13 8.87 11.51
N ALA J 89 29.36 9.30 12.74
CA ALA J 89 28.24 9.70 13.59
C ALA J 89 27.51 10.93 13.04
N LYS J 90 28.21 11.80 12.31
CA LYS J 90 27.58 12.99 11.71
C LYS J 90 26.78 12.50 10.52
N SER J 91 27.44 11.68 9.72
CA SER J 91 26.87 11.11 8.52
C SER J 91 25.54 10.38 8.74
N ILE J 92 25.41 9.66 9.83
CA ILE J 92 24.18 8.91 10.04
C ILE J 92 22.94 9.79 10.19
N ARG J 93 23.14 11.05 10.57
CA ARG J 93 21.99 11.95 10.73
C ARG J 93 21.97 13.03 9.63
N SER J 94 22.72 12.80 8.55
CA SER J 94 22.77 13.74 7.44
C SER J 94 21.76 13.33 6.37
N ARG J 95 21.64 14.15 5.31
CA ARG J 95 20.69 13.90 4.24
C ARG J 95 20.86 12.53 3.62
N ARG J 96 22.09 12.21 3.22
CA ARG J 96 22.38 10.89 2.66
C ARG J 96 23.64 10.32 3.33
N PRO J 97 23.45 9.49 4.36
CA PRO J 97 24.51 8.84 5.14
C PRO J 97 25.45 7.94 4.35
N TYR J 98 26.71 7.94 4.76
CA TYR J 98 27.72 7.09 4.17
C TYR J 98 27.43 5.70 4.70
N GLN J 99 27.16 4.74 3.82
CA GLN J 99 26.92 3.40 4.30
C GLN J 99 28.21 2.59 4.19
N VAL J 100 29.13 2.89 5.10
CA VAL J 100 30.44 2.24 5.12
C VAL J 100 30.79 1.76 6.51
N ASN J 101 31.32 0.54 6.59
CA ASN J 101 31.75 -0.04 7.86
C ASN J 101 33.26 -0.19 7.75
N VAL J 102 33.97 0.08 8.83
CA VAL J 102 35.43 -0.01 8.73
C VAL J 102 36.11 -0.69 9.90
N LEU J 103 37.35 -1.11 9.64
CA LEU J 103 38.21 -1.72 10.63
C LEU J 103 39.46 -0.88 10.57
N ILE J 104 39.89 -0.35 11.70
CA ILE J 104 41.11 0.43 11.68
C ILE J 104 42.18 -0.30 12.47
N GLY J 105 43.25 -0.66 11.77
CA GLY J 105 44.35 -1.34 12.39
C GLY J 105 45.57 -0.42 12.41
N GLY J 106 46.14 -0.23 13.59
CA GLY J 106 47.29 0.64 13.68
C GLY J 106 48.24 0.24 14.79
N TYR J 107 49.51 0.60 14.62
CA TYR J 107 50.51 0.29 15.63
C TYR J 107 50.86 1.61 16.28
N ASP J 108 50.57 1.72 17.57
CA ASP J 108 50.85 2.94 18.30
C ASP J 108 52.34 2.97 18.66
N LYS J 109 53.11 3.77 17.94
CA LYS J 109 54.55 3.87 18.19
C LYS J 109 54.92 4.39 19.58
N LYS J 110 54.02 5.15 20.20
CA LYS J 110 54.27 5.67 21.52
C LYS J 110 54.03 4.58 22.57
N LYS J 111 52.87 3.94 22.52
CA LYS J 111 52.54 2.85 23.46
C LYS J 111 53.26 1.56 23.08
N ASN J 112 53.74 1.52 21.84
CA ASN J 112 54.42 0.35 21.29
C ASN J 112 53.55 -0.88 21.41
N LYS J 113 52.31 -0.75 20.93
CA LYS J 113 51.33 -1.82 20.97
C LYS J 113 50.39 -1.70 19.78
N PRO J 114 49.93 -2.83 19.23
CA PRO J 114 49.01 -2.77 18.08
C PRO J 114 47.59 -2.56 18.59
N GLU J 115 46.75 -1.97 17.75
CA GLU J 115 45.35 -1.72 18.12
C GLU J 115 44.40 -1.96 16.95
N LEU J 116 43.26 -2.58 17.25
CA LEU J 116 42.23 -2.86 16.24
C LEU J 116 40.92 -2.22 16.67
N TYR J 117 40.35 -1.41 15.78
CA TYR J 117 39.10 -0.72 16.04
C TYR J 117 38.05 -1.09 15.03
N GLN J 118 36.84 -1.35 15.50
CA GLN J 118 35.73 -1.71 14.62
C GLN J 118 34.70 -0.60 14.73
N ILE J 119 34.35 0.00 13.59
CA ILE J 119 33.36 1.07 13.58
C ILE J 119 32.36 0.84 12.44
N ASP J 120 31.07 0.81 12.75
CA ASP J 120 30.08 0.61 11.69
C ASP J 120 29.57 1.97 11.23
N TYR J 121 28.78 1.99 10.16
CA TYR J 121 28.29 3.26 9.61
C TYR J 121 27.47 4.14 10.57
N LEU J 122 26.98 3.59 11.68
CA LEU J 122 26.21 4.41 12.62
C LEU J 122 27.15 5.22 13.50
N GLY J 123 28.43 4.89 13.43
CA GLY J 123 29.40 5.57 14.28
C GLY J 123 29.58 4.79 15.57
N THR J 124 29.37 3.47 15.49
CA THR J 124 29.51 2.59 16.65
C THR J 124 30.94 2.03 16.64
N LYS J 125 31.75 2.49 17.59
CA LYS J 125 33.13 2.06 17.70
C LYS J 125 33.36 1.18 18.91
N VAL J 126 34.26 0.23 18.77
CA VAL J 126 34.61 -0.69 19.85
C VAL J 126 36.03 -1.16 19.56
N GLU J 127 36.83 -1.39 20.60
CA GLU J 127 38.21 -1.87 20.39
C GLU J 127 38.22 -3.38 20.64
N LEU J 128 38.86 -4.13 19.76
CA LEU J 128 38.84 -5.59 19.89
C LEU J 128 40.13 -6.35 19.57
N PRO J 129 40.24 -7.59 20.07
CA PRO J 129 41.39 -8.46 19.85
C PRO J 129 41.28 -8.82 18.38
N TYR J 130 40.03 -9.10 17.97
CA TYR J 130 39.69 -9.42 16.59
C TYR J 130 38.24 -9.00 16.35
N GLY J 131 37.95 -8.63 15.11
CA GLY J 131 36.61 -8.20 14.76
C GLY J 131 36.31 -8.40 13.29
N ALA J 132 35.06 -8.18 12.91
CA ALA J 132 34.63 -8.34 11.53
C ALA J 132 33.39 -7.49 11.28
N HIS J 133 33.03 -7.36 10.01
CA HIS J 133 31.84 -6.60 9.64
C HIS J 133 31.00 -7.48 8.73
N GLY J 134 29.68 -7.37 8.87
CA GLY J 134 28.80 -8.15 8.04
C GLY J 134 28.55 -9.52 8.60
N TYR J 135 28.56 -10.51 7.71
CA TYR J 135 28.30 -11.88 8.10
C TYR J 135 29.58 -12.58 8.49
N SER J 136 30.70 -11.98 8.12
CA SER J 136 32.01 -12.55 8.40
C SER J 136 32.16 -13.09 9.82
N GLY J 137 31.72 -12.33 10.81
CA GLY J 137 31.85 -12.77 12.19
C GLY J 137 31.11 -14.05 12.53
N PHE J 138 29.93 -14.24 11.93
CA PHE J 138 29.11 -15.42 12.17
C PHE J 138 29.80 -16.75 11.89
N TYR J 139 30.68 -16.81 10.90
CA TYR J 139 31.37 -18.05 10.57
C TYR J 139 32.72 -18.21 11.26
N THR J 140 33.36 -17.08 11.54
CA THR J 140 34.69 -17.07 12.12
C THR J 140 34.85 -16.81 13.62
N PHE J 141 33.92 -16.12 14.24
CA PHE J 141 34.07 -15.83 15.66
C PHE J 141 34.22 -17.03 16.58
N SER J 142 33.52 -18.12 16.29
CA SER J 142 33.64 -19.31 17.14
C SER J 142 35.07 -19.83 17.08
N LEU J 143 35.71 -19.69 15.93
CA LEU J 143 37.09 -20.15 15.75
C LEU J 143 38.06 -19.22 16.50
N LEU J 144 37.90 -17.92 16.33
CA LEU J 144 38.77 -16.95 17.00
C LEU J 144 38.57 -17.04 18.51
N ASP J 145 37.32 -17.13 18.95
CA ASP J 145 37.03 -17.25 20.38
C ASP J 145 37.78 -18.43 20.97
N HIS J 146 38.04 -19.43 20.15
CA HIS J 146 38.71 -20.62 20.62
C HIS J 146 40.23 -20.52 20.63
N HIS J 147 40.81 -20.29 19.46
CA HIS J 147 42.26 -20.22 19.31
C HIS J 147 42.99 -18.92 19.68
N TYR J 148 42.27 -17.81 19.75
CA TYR J 148 42.96 -16.55 20.06
C TYR J 148 43.70 -16.51 21.40
N ARG J 149 44.94 -16.02 21.33
CA ARG J 149 45.81 -15.85 22.50
C ARG J 149 46.52 -14.51 22.31
N PRO J 150 46.50 -13.63 23.33
CA PRO J 150 47.12 -12.30 23.30
C PRO J 150 48.60 -12.27 22.95
N ASP J 151 49.28 -13.39 23.15
CA ASP J 151 50.71 -13.47 22.86
C ASP J 151 51.08 -14.09 21.51
N MET J 152 50.09 -14.30 20.64
CA MET J 152 50.33 -14.87 19.32
C MET J 152 51.33 -14.09 18.51
N THR J 153 52.16 -14.80 17.75
CA THR J 153 53.14 -14.14 16.90
C THR J 153 52.34 -13.79 15.65
N THR J 154 52.91 -12.96 14.80
CA THR J 154 52.23 -12.59 13.57
C THR J 154 51.97 -13.85 12.75
N GLU J 155 52.89 -14.79 12.83
CA GLU J 155 52.78 -16.03 12.09
C GLU J 155 51.61 -16.90 12.57
N GLU J 156 51.41 -16.96 13.87
CA GLU J 156 50.32 -17.75 14.42
C GLU J 156 49.01 -17.10 14.00
N GLY J 157 48.99 -15.77 14.01
CA GLY J 157 47.81 -15.03 13.62
C GLY J 157 47.44 -15.35 12.19
N LEU J 158 48.41 -15.31 11.30
CA LEU J 158 48.15 -15.60 9.89
C LEU J 158 47.59 -17.01 9.72
N ASP J 159 47.97 -17.93 10.59
CA ASP J 159 47.48 -19.30 10.48
C ASP J 159 46.05 -19.39 10.97
N LEU J 160 45.73 -18.64 12.02
CA LEU J 160 44.37 -18.61 12.56
C LEU J 160 43.44 -17.98 11.51
N LEU J 161 43.94 -16.97 10.81
CA LEU J 161 43.16 -16.29 9.76
C LEU J 161 42.89 -17.28 8.66
N LYS J 162 43.94 -17.97 8.23
CA LYS J 162 43.82 -18.96 7.17
C LYS J 162 42.68 -19.93 7.52
N LEU J 163 42.63 -20.35 8.77
CA LEU J 163 41.60 -21.28 9.21
C LEU J 163 40.24 -20.61 9.06
N CYS J 164 40.16 -19.34 9.46
CA CYS J 164 38.92 -18.58 9.36
C CYS J 164 38.46 -18.48 7.91
N VAL J 165 39.38 -18.10 7.03
CA VAL J 165 39.09 -17.97 5.62
C VAL J 165 38.62 -19.29 5.02
N GLN J 166 39.17 -20.40 5.50
CA GLN J 166 38.77 -21.71 4.98
C GLN J 166 37.34 -22.01 5.39
N GLU J 167 37.00 -21.67 6.63
CA GLU J 167 35.63 -21.92 7.10
C GLU J 167 34.69 -21.04 6.29
N LEU J 168 35.14 -19.83 5.98
CA LEU J 168 34.33 -18.91 5.19
C LEU J 168 34.11 -19.47 3.78
N GLU J 169 35.18 -19.96 3.16
CA GLU J 169 35.05 -20.49 1.82
C GLU J 169 34.19 -21.74 1.78
N LYS J 170 34.07 -22.42 2.91
CA LYS J 170 33.24 -23.62 2.94
C LYS J 170 31.75 -23.38 3.17
N ARG J 171 31.41 -22.63 4.22
CA ARG J 171 30.01 -22.38 4.58
C ARG J 171 29.31 -21.17 3.97
N MET J 172 30.06 -20.25 3.36
CA MET J 172 29.43 -19.08 2.77
C MET J 172 28.98 -19.28 1.33
N PRO J 173 27.75 -18.85 1.02
CA PRO J 173 27.11 -18.93 -0.30
C PRO J 173 27.78 -18.18 -1.43
N MET J 174 28.39 -17.05 -1.09
CA MET J 174 29.05 -16.21 -2.09
C MET J 174 30.50 -16.56 -2.33
N ASP J 175 30.98 -16.26 -3.53
CA ASP J 175 32.38 -16.50 -3.88
C ASP J 175 33.05 -15.13 -3.79
N PHE J 176 33.75 -14.87 -2.68
CA PHE J 176 34.41 -13.58 -2.50
C PHE J 176 35.82 -13.49 -3.12
N LYS J 177 36.15 -14.46 -3.96
CA LYS J 177 37.45 -14.53 -4.66
C LYS J 177 38.70 -14.33 -3.81
N GLY J 178 38.75 -14.97 -2.65
CA GLY J 178 39.91 -14.85 -1.80
C GLY J 178 40.01 -13.55 -1.05
N VAL J 179 41.10 -13.38 -0.31
CA VAL J 179 41.30 -12.17 0.47
C VAL J 179 42.71 -11.64 0.32
N ILE J 180 42.88 -10.34 0.49
CA ILE J 180 44.20 -9.71 0.47
C ILE J 180 44.45 -9.46 1.94
N VAL J 181 45.63 -9.82 2.42
CA VAL J 181 45.98 -9.67 3.83
C VAL J 181 47.10 -8.66 4.01
N LYS J 182 47.02 -7.88 5.07
CA LYS J 182 48.03 -6.87 5.32
C LYS J 182 48.41 -6.80 6.78
N ILE J 183 49.68 -6.55 7.06
CA ILE J 183 50.17 -6.46 8.43
C ILE J 183 50.62 -5.06 8.78
N VAL J 184 50.24 -4.62 9.97
CA VAL J 184 50.60 -3.31 10.48
C VAL J 184 51.39 -3.52 11.77
N ASP J 185 52.64 -3.09 11.79
CA ASP J 185 53.46 -3.23 12.98
C ASP J 185 54.36 -2.02 13.18
N LYS J 186 55.27 -2.13 14.15
CA LYS J 186 56.19 -1.04 14.46
C LYS J 186 56.92 -0.51 13.25
N ASP J 187 57.06 -1.33 12.23
CA ASP J 187 57.78 -0.93 11.03
C ASP J 187 56.89 -0.46 9.88
N GLY J 188 55.59 -0.39 10.12
CA GLY J 188 54.69 0.07 9.06
C GLY J 188 53.69 -0.94 8.56
N ILE J 189 53.29 -0.77 7.31
CA ILE J 189 52.29 -1.64 6.69
C ILE J 189 52.87 -2.40 5.50
N ARG J 190 52.73 -3.71 5.50
CA ARG J 190 53.23 -4.53 4.38
C ARG J 190 52.15 -5.55 4.01
N GLN J 191 52.13 -5.95 2.75
CA GLN J 191 51.13 -6.89 2.25
C GLN J 191 51.67 -8.31 2.06
N VAL J 192 50.96 -9.28 2.63
CA VAL J 192 51.31 -10.69 2.53
C VAL J 192 50.89 -11.22 1.16
N ASP J 193 51.65 -10.85 0.13
CA ASP J 193 51.35 -11.27 -1.24
C ASP J 193 51.22 -12.79 -1.45
N ASP J 194 51.48 -13.56 -0.40
CA ASP J 194 51.38 -15.01 -0.50
C ASP J 194 50.41 -15.64 0.51
N PHE J 195 49.12 -15.52 0.23
CA PHE J 195 48.09 -16.08 1.10
C PHE J 195 47.17 -16.94 0.24
N GLN J 196 47.41 -16.89 -1.07
CA GLN J 196 46.63 -17.66 -2.05
C GLN J 196 46.96 -19.14 -1.86
N ALA J 197 47.86 -19.41 -0.92
CA ALA J 197 48.31 -20.75 -0.58
C ALA J 197 49.48 -20.65 0.41
N GLN J 198 49.22 -20.08 1.59
CA GLN J 198 50.24 -19.93 2.62
C GLN J 198 50.20 -21.11 3.60
N THR K 1 21.98 -3.81 -24.57
CA THR K 1 23.31 -3.20 -24.80
C THR K 1 24.45 -4.11 -24.41
N THR K 2 25.51 -4.11 -25.23
CA THR K 2 26.70 -4.87 -24.95
C THR K 2 27.88 -3.98 -25.31
N THR K 3 28.78 -3.79 -24.36
CA THR K 3 29.95 -2.98 -24.60
C THR K 3 31.11 -3.63 -23.86
N LEU K 4 32.27 -3.66 -24.50
CA LEU K 4 33.44 -4.21 -23.85
C LEU K 4 34.66 -3.36 -24.16
N ALA K 5 35.70 -3.58 -23.39
CA ALA K 5 36.95 -2.87 -23.56
C ALA K 5 38.02 -3.67 -22.82
N PHE K 6 39.15 -3.89 -23.47
CA PHE K 6 40.21 -4.64 -22.83
C PHE K 6 41.60 -4.14 -23.23
N ARG K 7 42.52 -4.30 -22.29
CA ARG K 7 43.92 -3.91 -22.41
C ARG K 7 44.77 -5.05 -22.96
N PHE K 8 45.69 -4.72 -23.87
CA PHE K 8 46.61 -5.73 -24.42
C PHE K 8 47.92 -5.10 -24.88
N GLN K 9 48.83 -5.94 -25.35
CA GLN K 9 50.12 -5.45 -25.82
C GLN K 9 50.01 -4.26 -26.76
N GLY K 10 49.02 -4.27 -27.64
CA GLY K 10 48.89 -3.17 -28.59
C GLY K 10 48.00 -2.01 -28.19
N GLY K 11 47.65 -1.93 -26.91
CA GLY K 11 46.80 -0.84 -26.46
C GLY K 11 45.44 -1.27 -25.91
N ILE K 12 44.38 -0.65 -26.41
CA ILE K 12 43.03 -0.96 -25.95
C ILE K 12 42.07 -1.18 -27.09
N ILE K 13 41.24 -2.20 -26.96
CA ILE K 13 40.23 -2.50 -27.97
C ILE K 13 38.88 -2.18 -27.34
N VAL K 14 38.04 -1.45 -28.06
CA VAL K 14 36.73 -1.07 -27.56
C VAL K 14 35.70 -1.46 -28.61
N ALA K 15 34.73 -2.28 -28.21
CA ALA K 15 33.69 -2.72 -29.13
C ALA K 15 32.31 -2.60 -28.47
N VAL K 16 31.34 -2.11 -29.24
CA VAL K 16 29.99 -1.93 -28.72
C VAL K 16 28.96 -2.38 -29.75
N ASP K 17 27.70 -2.49 -29.34
CA ASP K 17 26.62 -2.85 -30.26
C ASP K 17 25.94 -1.52 -30.53
N SER K 18 24.80 -1.52 -31.21
CA SER K 18 24.17 -0.24 -31.50
C SER K 18 22.66 -0.25 -31.44
N ARG K 19 22.09 -1.13 -30.63
CA ARG K 19 20.65 -1.21 -30.49
C ARG K 19 20.07 -0.39 -29.34
N ALA K 20 18.86 0.11 -29.55
CA ALA K 20 18.15 0.88 -28.55
C ALA K 20 16.69 0.47 -28.60
N THR K 21 16.12 0.14 -27.46
CA THR K 21 14.73 -0.29 -27.38
C THR K 21 13.91 0.52 -26.39
N ALA K 22 12.61 0.60 -26.67
CA ALA K 22 11.66 1.29 -25.81
C ALA K 22 10.63 0.19 -25.52
N GLY K 23 11.00 -0.71 -24.61
CA GLY K 23 10.14 -1.84 -24.29
C GLY K 23 10.62 -2.98 -25.17
N ASN K 24 9.73 -3.52 -25.99
CA ASN K 24 10.09 -4.61 -26.90
C ASN K 24 10.46 -3.99 -28.24
N TRP K 25 9.91 -2.79 -28.45
CA TRP K 25 10.12 -2.04 -29.67
C TRP K 25 11.53 -1.49 -29.82
N VAL K 26 12.17 -1.87 -30.93
CA VAL K 26 13.52 -1.46 -31.27
C VAL K 26 13.46 -0.06 -31.87
N ALA K 27 13.88 0.95 -31.12
CA ALA K 27 13.83 2.33 -31.56
C ALA K 27 14.95 2.70 -32.52
N SER K 28 16.11 2.08 -32.34
CA SER K 28 17.23 2.37 -33.22
C SER K 28 18.21 1.20 -33.27
N GLN K 29 18.86 1.05 -34.42
CA GLN K 29 19.85 0.01 -34.64
C GLN K 29 21.13 0.73 -35.05
N THR K 30 21.11 2.07 -34.95
CA THR K 30 22.25 2.91 -35.34
C THR K 30 22.70 3.88 -34.26
N VAL K 31 22.80 3.42 -33.02
CA VAL K 31 23.22 4.28 -31.92
C VAL K 31 24.72 4.22 -31.69
N LYS K 32 25.32 5.38 -31.40
CA LYS K 32 26.76 5.44 -31.14
C LYS K 32 26.98 5.22 -29.66
N LYS K 33 27.40 4.02 -29.27
CA LYS K 33 27.63 3.72 -27.87
C LYS K 33 29.08 3.94 -27.45
N VAL K 34 29.84 4.63 -28.29
CA VAL K 34 31.22 4.98 -27.96
C VAL K 34 31.26 6.48 -28.11
N ILE K 35 31.65 7.16 -27.05
CA ILE K 35 31.74 8.61 -27.09
C ILE K 35 33.19 9.03 -27.22
N GLU K 36 33.47 9.80 -28.25
CA GLU K 36 34.82 10.28 -28.52
C GLU K 36 35.06 11.52 -27.68
N ILE K 37 35.47 11.28 -26.42
CA ILE K 37 35.74 12.34 -25.46
C ILE K 37 36.69 13.35 -26.07
N ASN K 38 37.74 12.84 -26.71
CA ASN K 38 38.73 13.65 -27.42
C ASN K 38 39.55 12.65 -28.23
N PRO K 39 40.50 13.13 -29.06
CA PRO K 39 41.33 12.23 -29.87
C PRO K 39 42.11 11.14 -29.13
N PHE K 40 42.23 11.25 -27.81
CA PHE K 40 42.96 10.25 -27.04
C PHE K 40 42.12 9.46 -26.06
N LEU K 41 40.90 9.92 -25.80
CA LEU K 41 40.04 9.26 -24.84
C LEU K 41 38.73 8.78 -25.39
N LEU K 42 38.35 7.56 -25.02
CA LEU K 42 37.09 6.99 -25.47
C LEU K 42 36.22 6.62 -24.25
N GLY K 43 34.90 6.75 -24.42
CA GLY K 43 33.99 6.40 -23.34
C GLY K 43 32.87 5.54 -23.90
N THR K 44 32.51 4.47 -23.21
CA THR K 44 31.43 3.61 -23.68
C THR K 44 30.11 4.00 -23.03
N MET K 45 29.02 3.69 -23.71
CA MET K 45 27.69 4.05 -23.23
C MET K 45 26.79 2.84 -22.89
N ALA K 46 26.31 2.81 -21.64
CA ALA K 46 25.43 1.76 -21.16
C ALA K 46 24.56 2.39 -20.07
N GLY K 47 23.31 1.95 -19.97
CA GLY K 47 22.40 2.51 -18.97
C GLY K 47 21.55 3.56 -19.66
N GLY K 48 21.70 4.82 -19.26
CA GLY K 48 20.92 5.88 -19.90
C GLY K 48 21.74 6.58 -20.99
N ALA K 49 21.18 6.65 -22.19
CA ALA K 49 21.88 7.29 -23.30
C ALA K 49 22.17 8.75 -22.98
N ALA K 50 21.12 9.51 -22.70
CA ALA K 50 21.31 10.91 -22.38
C ALA K 50 22.39 11.08 -21.31
N ASP K 51 22.26 10.36 -20.20
CA ASP K 51 23.24 10.48 -19.11
C ASP K 51 24.68 10.29 -19.55
N CYS K 52 24.96 9.19 -20.25
CA CYS K 52 26.32 8.92 -20.73
C CYS K 52 26.79 9.96 -21.74
N GLN K 53 26.01 10.16 -22.78
CA GLN K 53 26.31 11.12 -23.83
C GLN K 53 26.59 12.52 -23.27
N PHE K 54 25.65 13.02 -22.48
CA PHE K 54 25.79 14.34 -21.90
C PHE K 54 27.02 14.48 -21.00
N TRP K 55 27.12 13.67 -19.96
CA TRP K 55 28.24 13.76 -19.04
C TRP K 55 29.60 13.41 -19.60
N GLU K 56 29.64 12.55 -20.61
CA GLU K 56 30.93 12.19 -21.19
C GLU K 56 31.37 13.28 -22.18
N THR K 57 30.41 13.99 -22.75
CA THR K 57 30.74 15.08 -23.65
C THR K 57 31.26 16.19 -22.74
N TRP K 58 30.62 16.36 -21.60
CA TRP K 58 31.02 17.35 -20.60
C TRP K 58 32.44 16.99 -20.14
N LEU K 59 32.68 15.69 -19.91
CA LEU K 59 33.99 15.25 -19.47
C LEU K 59 35.05 15.74 -20.44
N GLY K 60 34.73 15.66 -21.73
CA GLY K 60 35.66 16.11 -22.76
C GLY K 60 36.01 17.56 -22.56
N SER K 61 35.01 18.37 -22.21
CA SER K 61 35.25 19.78 -21.99
C SER K 61 36.17 19.97 -20.78
N GLN K 62 35.94 19.19 -19.74
CA GLN K 62 36.75 19.30 -18.54
C GLN K 62 38.19 18.92 -18.82
N CYS K 63 38.39 17.89 -19.64
CA CYS K 63 39.73 17.45 -19.98
C CYS K 63 40.47 18.54 -20.75
N ARG K 64 39.77 19.20 -21.66
CA ARG K 64 40.35 20.26 -22.46
C ARG K 64 40.81 21.43 -21.58
N LEU K 65 39.98 21.80 -20.60
CA LEU K 65 40.32 22.88 -19.67
C LEU K 65 41.56 22.51 -18.86
N HIS K 66 41.68 21.22 -18.51
CA HIS K 66 42.82 20.75 -17.73
C HIS K 66 44.08 21.00 -18.53
N GLU K 67 44.09 20.46 -19.75
CA GLU K 67 45.24 20.58 -20.63
C GLU K 67 45.63 22.03 -20.97
N LEU K 68 44.66 22.93 -21.00
CA LEU K 68 44.98 24.32 -21.28
C LEU K 68 45.65 24.91 -20.06
N ARG K 69 45.12 24.56 -18.89
CA ARG K 69 45.63 25.07 -17.64
C ARG K 69 46.99 24.51 -17.27
N GLU K 70 47.13 23.19 -17.38
CA GLU K 70 48.36 22.49 -17.01
C GLU K 70 49.32 22.20 -18.16
N LYS K 71 49.04 22.73 -19.34
CA LYS K 71 49.92 22.51 -20.49
C LYS K 71 50.46 21.09 -20.49
N GLU K 72 49.55 20.13 -20.43
CA GLU K 72 49.92 18.72 -20.40
C GLU K 72 48.71 17.80 -20.53
N ARG K 73 48.87 16.73 -21.28
CA ARG K 73 47.83 15.75 -21.50
C ARG K 73 47.29 15.15 -20.19
N ILE K 74 45.98 15.24 -19.98
CA ILE K 74 45.37 14.71 -18.76
C ILE K 74 45.56 13.19 -18.70
N SER K 75 45.65 12.65 -17.48
CA SER K 75 45.82 11.21 -17.32
C SER K 75 44.46 10.54 -17.29
N VAL K 76 44.42 9.27 -17.69
CA VAL K 76 43.17 8.52 -17.70
C VAL K 76 42.63 8.41 -16.28
N ALA K 77 43.52 8.30 -15.30
CA ALA K 77 43.10 8.20 -13.91
C ALA K 77 42.33 9.46 -13.52
N ALA K 78 42.90 10.62 -13.82
CA ALA K 78 42.29 11.90 -13.51
C ALA K 78 41.00 12.16 -14.28
N ALA K 79 40.99 11.84 -15.57
CA ALA K 79 39.81 12.05 -16.39
C ALA K 79 38.64 11.24 -15.85
N SER K 80 38.89 9.96 -15.60
CA SER K 80 37.87 9.06 -15.09
C SER K 80 37.36 9.50 -13.72
N LYS K 81 38.23 10.07 -12.89
CA LYS K 81 37.80 10.49 -11.56
C LYS K 81 36.94 11.75 -11.60
N ILE K 82 37.16 12.57 -12.62
CA ILE K 82 36.37 13.78 -12.76
C ILE K 82 34.93 13.32 -13.01
N LEU K 83 34.77 12.33 -13.88
CA LEU K 83 33.44 11.81 -14.20
C LEU K 83 32.83 11.17 -12.97
N SER K 84 33.62 10.30 -12.34
CA SER K 84 33.22 9.59 -11.15
C SER K 84 32.73 10.54 -10.06
N ASN K 85 33.56 11.53 -9.71
CA ASN K 85 33.20 12.48 -8.67
C ASN K 85 31.95 13.30 -8.99
N LEU K 86 31.74 13.58 -10.28
CA LEU K 86 30.56 14.33 -10.71
C LEU K 86 29.35 13.43 -10.49
N VAL K 87 29.41 12.24 -11.04
CA VAL K 87 28.34 11.28 -10.92
C VAL K 87 28.02 11.00 -9.45
N TYR K 88 29.03 10.92 -8.61
CA TYR K 88 28.81 10.66 -7.20
C TYR K 88 28.02 11.81 -6.58
N GLN K 89 28.16 13.01 -7.12
CA GLN K 89 27.43 14.17 -6.60
C GLN K 89 25.92 13.92 -6.72
N TYR K 90 25.54 13.17 -7.75
CA TYR K 90 24.15 12.88 -8.01
C TYR K 90 23.65 11.57 -7.44
N LYS K 91 24.49 10.87 -6.68
CA LYS K 91 24.09 9.58 -6.11
C LYS K 91 22.70 9.68 -5.51
N GLY K 92 21.79 8.84 -6.02
CA GLY K 92 20.43 8.83 -5.54
C GLY K 92 19.44 9.58 -6.44
N ALA K 93 19.93 10.49 -7.27
CA ALA K 93 19.05 11.26 -8.15
C ALA K 93 18.42 10.47 -9.28
N GLY K 94 19.03 9.35 -9.66
CA GLY K 94 18.47 8.56 -10.75
C GLY K 94 19.32 8.45 -12.01
N LEU K 95 20.52 9.02 -12.02
CA LEU K 95 21.37 8.88 -13.21
C LEU K 95 21.57 7.39 -13.41
N SER K 96 21.71 6.99 -14.66
CA SER K 96 21.92 5.58 -14.95
C SER K 96 23.01 5.47 -15.99
N MET K 97 24.15 4.96 -15.56
CA MET K 97 25.27 4.81 -16.46
C MET K 97 26.36 3.88 -15.99
N GLY K 98 26.76 2.99 -16.90
CA GLY K 98 27.83 2.03 -16.66
C GLY K 98 28.77 2.32 -17.80
N THR K 99 29.95 2.85 -17.49
CA THR K 99 30.86 3.25 -18.56
C THR K 99 32.32 2.82 -18.40
N MET K 100 33.04 2.80 -19.52
CA MET K 100 34.46 2.49 -19.53
C MET K 100 35.17 3.72 -20.07
N ILE K 101 36.08 4.28 -19.29
CA ILE K 101 36.84 5.44 -19.73
C ILE K 101 38.18 4.85 -20.14
N CYS K 102 38.47 4.90 -21.43
CA CYS K 102 39.69 4.32 -21.98
C CYS K 102 40.70 5.30 -22.54
N GLY K 103 41.95 5.11 -22.15
CA GLY K 103 43.01 5.99 -22.63
C GLY K 103 44.36 5.32 -22.62
N TYR K 104 45.31 5.92 -23.33
CA TYR K 104 46.66 5.39 -23.42
C TYR K 104 47.62 6.56 -23.29
N THR K 105 48.12 6.79 -22.09
CA THR K 105 49.05 7.89 -21.88
C THR K 105 50.45 7.36 -21.63
N ARG K 106 51.42 8.18 -22.00
CA ARG K 106 52.82 7.84 -21.84
C ARG K 106 53.06 7.41 -20.41
N LYS K 107 52.54 8.19 -19.48
CA LYS K 107 52.69 7.94 -18.05
C LYS K 107 52.08 6.63 -17.57
N GLU K 108 50.85 6.34 -17.98
CA GLU K 108 50.11 5.15 -17.53
C GLU K 108 50.08 3.93 -18.43
N GLY K 109 50.23 4.13 -19.74
CA GLY K 109 50.15 3.00 -20.65
C GLY K 109 48.68 2.79 -20.97
N PRO K 110 48.28 1.61 -21.49
CA PRO K 110 46.86 1.43 -21.79
C PRO K 110 46.08 1.39 -20.47
N THR K 111 45.06 2.22 -20.35
CA THR K 111 44.27 2.24 -19.12
C THR K 111 42.78 2.30 -19.34
N ILE K 112 42.06 1.45 -18.59
CA ILE K 112 40.61 1.39 -18.64
C ILE K 112 40.05 1.54 -17.22
N TYR K 113 39.06 2.41 -17.08
CA TYR K 113 38.42 2.62 -15.80
C TYR K 113 36.94 2.39 -15.96
N TYR K 114 36.39 1.49 -15.15
CA TYR K 114 34.96 1.24 -15.17
C TYR K 114 34.37 2.27 -14.21
N VAL K 115 33.35 3.00 -14.67
CA VAL K 115 32.72 4.03 -13.84
C VAL K 115 31.21 3.93 -14.00
N ASP K 116 30.48 3.80 -12.89
CA ASP K 116 29.03 3.75 -12.98
C ASP K 116 28.35 4.81 -12.10
N SER K 117 27.05 4.97 -12.31
CA SER K 117 26.26 5.95 -11.57
C SER K 117 26.13 5.68 -10.07
N ASP K 118 26.58 4.52 -9.62
CA ASP K 118 26.55 4.19 -8.19
C ASP K 118 27.69 4.93 -7.51
N GLY K 119 28.67 5.34 -8.31
CA GLY K 119 29.83 6.04 -7.78
C GLY K 119 31.09 5.19 -7.88
N THR K 120 30.92 3.96 -8.32
CA THR K 120 32.02 3.02 -8.47
C THR K 120 33.01 3.42 -9.56
N ARG K 121 34.30 3.28 -9.26
CA ARG K 121 35.38 3.58 -10.20
C ARG K 121 36.40 2.47 -10.01
N LEU K 122 36.57 1.64 -11.05
CA LEU K 122 37.49 0.50 -11.00
C LEU K 122 38.46 0.43 -12.16
N LYS K 123 39.74 0.30 -11.85
CA LYS K 123 40.73 0.17 -12.91
C LYS K 123 40.80 -1.32 -13.22
N GLY K 124 40.87 -1.68 -14.49
CA GLY K 124 40.92 -3.09 -14.84
C GLY K 124 41.49 -3.38 -16.21
N ASP K 125 41.50 -4.65 -16.59
CA ASP K 125 42.02 -5.09 -17.87
C ASP K 125 40.93 -5.43 -18.87
N ILE K 126 39.85 -6.04 -18.38
CA ILE K 126 38.73 -6.43 -19.23
C ILE K 126 37.43 -6.07 -18.53
N PHE K 127 36.53 -5.40 -19.25
CA PHE K 127 35.24 -5.03 -18.69
C PHE K 127 34.16 -5.14 -19.74
N CYS K 128 32.99 -5.60 -19.32
CA CYS K 128 31.84 -5.72 -20.21
C CYS K 128 30.66 -5.12 -19.46
N VAL K 129 29.87 -4.31 -20.13
CA VAL K 129 28.72 -3.69 -19.48
C VAL K 129 27.50 -3.73 -20.37
N GLY K 130 26.36 -4.11 -19.79
CA GLY K 130 25.13 -4.17 -20.55
C GLY K 130 24.37 -5.46 -20.36
N SER K 131 23.17 -5.52 -20.92
CA SER K 131 22.33 -6.69 -20.83
C SER K 131 22.96 -7.87 -21.57
N GLY K 132 23.95 -7.60 -22.42
CA GLY K 132 24.61 -8.66 -23.16
C GLY K 132 25.97 -9.03 -22.61
N GLN K 133 26.38 -8.36 -21.54
CA GLN K 133 27.70 -8.56 -20.96
C GLN K 133 28.16 -10.00 -20.70
N THR K 134 27.31 -10.82 -20.14
CA THR K 134 27.70 -12.19 -19.83
C THR K 134 28.14 -12.99 -21.04
N PHE K 135 27.50 -12.72 -22.18
CA PHE K 135 27.82 -13.44 -23.40
C PHE K 135 29.20 -13.02 -23.87
N ALA K 136 29.44 -11.72 -23.89
CA ALA K 136 30.73 -11.19 -24.30
C ALA K 136 31.86 -11.70 -23.40
N TYR K 137 31.64 -11.72 -22.09
CA TYR K 137 32.65 -12.21 -21.15
C TYR K 137 33.09 -13.63 -21.46
N GLY K 138 32.13 -14.50 -21.82
CA GLY K 138 32.48 -15.87 -22.15
C GLY K 138 33.51 -15.91 -23.26
N VAL K 139 33.22 -15.26 -24.38
CA VAL K 139 34.12 -15.20 -25.53
C VAL K 139 35.49 -14.64 -25.13
N LEU K 140 35.47 -13.45 -24.53
CA LEU K 140 36.69 -12.78 -24.09
C LEU K 140 37.54 -13.60 -23.13
N ASP K 141 36.95 -14.06 -22.04
CA ASP K 141 37.69 -14.82 -21.05
C ASP K 141 38.48 -16.00 -21.61
N SER K 142 37.88 -16.73 -22.55
CA SER K 142 38.56 -17.91 -23.10
C SER K 142 39.52 -17.65 -24.26
N ASN K 143 39.50 -16.46 -24.83
CA ASN K 143 40.40 -16.16 -25.94
C ASN K 143 41.38 -15.04 -25.68
N TYR K 144 41.19 -14.33 -24.58
CA TYR K 144 42.08 -13.23 -24.27
C TYR K 144 43.50 -13.64 -23.84
N LYS K 145 44.46 -12.96 -24.44
CA LYS K 145 45.89 -13.15 -24.17
C LYS K 145 46.47 -11.74 -24.26
N TRP K 146 47.41 -11.40 -23.40
CA TRP K 146 48.01 -10.07 -23.44
C TRP K 146 48.78 -9.86 -24.75
N ASP K 147 49.29 -10.95 -25.30
CA ASP K 147 50.09 -10.90 -26.50
C ASP K 147 49.32 -10.98 -27.81
N LEU K 148 48.03 -10.66 -27.77
CA LEU K 148 47.21 -10.69 -28.98
C LEU K 148 47.68 -9.62 -29.95
N SER K 149 47.61 -9.91 -31.24
CA SER K 149 48.01 -8.91 -32.22
C SER K 149 46.85 -7.91 -32.37
N VAL K 150 47.17 -6.68 -32.76
CA VAL K 150 46.13 -5.66 -32.92
C VAL K 150 45.03 -6.16 -33.88
N GLU K 151 45.41 -7.03 -34.79
CA GLU K 151 44.46 -7.57 -35.76
C GLU K 151 43.53 -8.59 -35.09
N ASP K 152 44.12 -9.50 -34.34
CA ASP K 152 43.38 -10.53 -33.63
C ASP K 152 42.52 -9.94 -32.52
N ALA K 153 43.13 -9.01 -31.77
CA ALA K 153 42.41 -8.36 -30.67
C ALA K 153 41.14 -7.69 -31.23
N LEU K 154 41.28 -6.98 -32.34
CA LEU K 154 40.14 -6.31 -32.95
C LEU K 154 39.05 -7.31 -33.28
N TYR K 155 39.46 -8.50 -33.71
CA TYR K 155 38.50 -9.54 -34.05
C TYR K 155 37.83 -10.09 -32.81
N LEU K 156 38.63 -10.34 -31.77
CA LEU K 156 38.09 -10.88 -30.52
C LEU K 156 36.97 -9.99 -30.04
N GLY K 157 37.19 -8.68 -30.08
CA GLY K 157 36.17 -7.76 -29.64
C GLY K 157 34.94 -7.93 -30.49
N LYS K 158 35.10 -7.76 -31.81
CA LYS K 158 33.99 -7.88 -32.74
C LYS K 158 33.24 -9.20 -32.52
N ARG K 159 33.98 -10.28 -32.33
CA ARG K 159 33.38 -11.58 -32.14
C ARG K 159 32.58 -11.65 -30.86
N SER K 160 33.12 -11.05 -29.81
CA SER K 160 32.46 -11.04 -28.51
C SER K 160 31.12 -10.29 -28.53
N ILE K 161 31.08 -9.16 -29.22
CA ILE K 161 29.84 -8.41 -29.31
C ILE K 161 28.88 -9.25 -30.15
N LEU K 162 29.40 -9.94 -31.16
CA LEU K 162 28.55 -10.78 -31.99
C LEU K 162 27.86 -11.86 -31.14
N ALA K 163 28.63 -12.48 -30.24
CA ALA K 163 28.10 -13.50 -29.35
C ALA K 163 26.90 -12.94 -28.59
N ALA K 164 27.07 -11.72 -28.07
CA ALA K 164 26.03 -11.04 -27.32
C ALA K 164 24.82 -10.68 -28.17
N ALA K 165 25.08 -10.03 -29.31
CA ALA K 165 23.99 -9.61 -30.19
C ALA K 165 23.09 -10.76 -30.58
N HIS K 166 23.67 -11.95 -30.73
CA HIS K 166 22.92 -13.15 -31.10
C HIS K 166 21.95 -13.62 -30.01
N ARG K 167 22.46 -13.79 -28.79
CA ARG K 167 21.64 -14.25 -27.66
C ARG K 167 20.78 -13.18 -26.97
N ASP K 168 21.34 -11.99 -26.77
CA ASP K 168 20.63 -10.91 -26.09
C ASP K 168 19.65 -10.17 -26.98
N ALA K 169 18.38 -10.26 -26.61
CA ALA K 169 17.32 -9.63 -27.36
C ALA K 169 17.52 -8.12 -27.43
N TYR K 170 18.23 -7.55 -26.44
CA TYR K 170 18.42 -6.11 -26.40
C TYR K 170 19.73 -5.58 -26.98
N SER K 171 20.47 -6.49 -27.62
CA SER K 171 21.73 -6.14 -28.27
C SER K 171 21.65 -6.54 -29.74
N GLY K 172 22.34 -5.77 -30.58
CA GLY K 172 22.33 -6.05 -32.00
C GLY K 172 22.53 -4.82 -32.86
N GLY K 173 22.06 -4.91 -34.10
CA GLY K 173 22.21 -3.80 -35.03
C GLY K 173 23.53 -3.92 -35.79
N SER K 174 24.57 -3.33 -35.20
CA SER K 174 25.89 -3.37 -35.80
C SER K 174 26.94 -3.29 -34.72
N VAL K 175 28.19 -3.53 -35.10
CA VAL K 175 29.29 -3.48 -34.17
C VAL K 175 30.22 -2.32 -34.54
N ASN K 176 30.64 -1.56 -33.52
CA ASN K 176 31.55 -0.44 -33.71
C ASN K 176 32.86 -0.75 -33.01
N LEU K 177 33.95 -0.68 -33.78
CA LEU K 177 35.27 -1.00 -33.28
C LEU K 177 36.20 0.17 -33.14
N TYR K 178 37.06 0.08 -32.13
CA TYR K 178 38.05 1.12 -31.89
C TYR K 178 39.31 0.50 -31.34
N HIS K 179 40.44 1.11 -31.69
CA HIS K 179 41.73 0.68 -31.21
C HIS K 179 42.32 1.95 -30.61
N VAL K 180 42.73 1.86 -29.35
CA VAL K 180 43.30 3.02 -28.67
C VAL K 180 44.81 2.84 -28.49
N THR K 181 45.55 3.76 -29.09
CA THR K 181 47.01 3.77 -29.05
C THR K 181 47.43 5.05 -28.34
N GLU K 182 48.66 5.09 -27.88
CA GLU K 182 49.16 6.26 -27.19
C GLU K 182 49.03 7.55 -28.02
N ASP K 183 48.97 7.42 -29.34
CA ASP K 183 48.86 8.59 -30.20
C ASP K 183 47.42 8.94 -30.51
N GLY K 184 46.50 8.18 -29.93
CA GLY K 184 45.09 8.46 -30.18
C GLY K 184 44.37 7.17 -30.49
N TRP K 185 43.07 7.26 -30.68
CA TRP K 185 42.30 6.07 -31.01
C TRP K 185 42.12 6.04 -32.51
N ILE K 186 41.87 4.85 -33.04
CA ILE K 186 41.67 4.68 -34.46
C ILE K 186 40.37 3.94 -34.63
N TYR K 187 39.42 4.55 -35.35
CA TYR K 187 38.14 3.92 -35.60
C TYR K 187 38.34 2.75 -36.55
N HIS K 188 37.68 1.63 -36.29
CA HIS K 188 37.81 0.46 -37.14
C HIS K 188 36.50 -0.01 -37.73
N GLY K 189 35.64 0.97 -38.04
CA GLY K 189 34.39 0.68 -38.69
C GLY K 189 33.17 0.14 -37.99
N ASN K 190 32.08 0.23 -38.73
CA ASN K 190 30.77 -0.21 -38.29
C ASN K 190 30.42 -1.49 -39.05
N HIS K 191 30.16 -2.57 -38.33
CA HIS K 191 29.88 -3.85 -38.95
C HIS K 191 28.48 -4.36 -38.66
N ASP K 192 27.60 -4.25 -39.64
CA ASP K 192 26.25 -4.74 -39.47
C ASP K 192 26.27 -6.18 -38.96
N VAL K 193 25.54 -6.41 -37.87
CA VAL K 193 25.47 -7.74 -37.27
C VAL K 193 24.80 -8.75 -38.18
N GLY K 194 23.82 -8.28 -38.95
CA GLY K 194 23.14 -9.16 -39.87
C GLY K 194 24.15 -9.85 -40.77
N GLU K 195 24.94 -9.05 -41.50
CA GLU K 195 25.95 -9.56 -42.40
C GLU K 195 27.10 -10.24 -41.65
N LEU K 196 27.54 -9.62 -40.57
CA LEU K 196 28.65 -10.17 -39.80
C LEU K 196 28.40 -11.59 -39.30
N PHE K 197 27.16 -11.88 -38.89
CA PHE K 197 26.79 -13.20 -38.36
C PHE K 197 27.02 -14.35 -39.34
N TRP K 198 26.48 -14.22 -40.54
CA TRP K 198 26.62 -15.25 -41.57
C TRP K 198 28.09 -15.41 -41.95
N LYS K 199 28.77 -14.28 -42.13
CA LYS K 199 30.18 -14.30 -42.47
C LYS K 199 30.93 -15.13 -41.42
N VAL K 200 30.90 -14.67 -40.18
CA VAL K 200 31.59 -15.38 -39.10
C VAL K 200 31.18 -16.84 -39.06
N LYS K 201 29.89 -17.11 -39.19
CA LYS K 201 29.41 -18.48 -39.14
C LYS K 201 30.15 -19.38 -40.12
N GLU K 202 30.08 -19.01 -41.40
CA GLU K 202 30.72 -19.75 -42.47
C GLU K 202 32.23 -19.87 -42.31
N GLU K 203 32.88 -18.73 -42.21
CA GLU K 203 34.34 -18.70 -42.06
C GLU K 203 34.86 -19.35 -40.80
N GLU K 204 34.07 -19.35 -39.75
CA GLU K 204 34.50 -19.88 -38.47
C GLU K 204 33.93 -21.27 -38.15
N GLY K 205 32.77 -21.57 -38.70
CA GLY K 205 32.15 -22.87 -38.45
C GLY K 205 31.37 -22.93 -37.15
N SER K 206 31.30 -21.80 -36.45
CA SER K 206 30.57 -21.70 -35.20
C SER K 206 29.09 -21.46 -35.50
N PHE K 207 28.28 -21.33 -34.45
CA PHE K 207 26.84 -21.13 -34.60
C PHE K 207 26.26 -22.26 -35.42
N ASN K 208 26.78 -23.45 -35.17
CA ASN K 208 26.34 -24.62 -35.89
C ASN K 208 24.84 -24.83 -35.77
N ASN K 209 24.30 -24.56 -34.59
CA ASN K 209 22.87 -24.71 -34.31
C ASN K 209 21.97 -23.91 -35.24
N VAL K 210 22.42 -22.76 -35.71
CA VAL K 210 21.62 -21.93 -36.60
C VAL K 210 21.69 -22.40 -38.06
N ILE K 211 20.54 -22.54 -38.72
CA ILE K 211 20.50 -22.97 -40.13
C ILE K 211 20.82 -21.81 -41.06
N GLY K 212 21.86 -21.98 -41.88
CA GLY K 212 22.25 -20.91 -42.79
C GLY K 212 22.26 -21.30 -44.26
N GLN L 1 -4.15 12.70 -6.99
CA GLN L 1 -2.99 13.63 -6.91
C GLN L 1 -2.72 14.24 -8.29
N PHE L 2 -2.20 15.47 -8.31
CA PHE L 2 -1.91 16.17 -9.56
C PHE L 2 -0.83 15.54 -10.43
N ASN L 3 -1.16 15.35 -11.70
CA ASN L 3 -0.25 14.80 -12.67
C ASN L 3 0.13 15.94 -13.61
N PRO L 4 1.38 16.36 -13.59
CA PRO L 4 1.86 17.47 -14.44
C PRO L 4 1.94 17.14 -15.92
N TYR L 5 1.78 15.87 -16.27
CA TYR L 5 1.88 15.42 -17.66
C TYR L 5 0.59 15.01 -18.35
N GLY L 6 0.59 15.11 -19.67
CA GLY L 6 -0.56 14.71 -20.46
C GLY L 6 -0.04 14.16 -21.78
N ASP L 7 -0.92 13.58 -22.59
CA ASP L 7 -0.53 13.02 -23.89
C ASP L 7 -1.49 13.55 -24.95
N ASN L 8 -0.97 14.32 -25.90
CA ASN L 8 -1.78 14.91 -26.96
C ASN L 8 -1.73 14.13 -28.26
N GLY L 9 -1.16 12.94 -28.21
CA GLY L 9 -1.09 12.10 -29.40
C GLY L 9 -0.23 12.67 -30.51
N GLY L 10 -0.68 12.48 -31.75
CA GLY L 10 0.04 12.98 -32.88
C GLY L 10 1.25 12.11 -33.23
N THR L 11 1.71 12.24 -34.46
CA THR L 11 2.87 11.50 -34.95
C THR L 11 3.63 12.41 -35.91
N ILE L 12 4.96 12.33 -35.88
CA ILE L 12 5.77 13.16 -36.76
C ILE L 12 6.78 12.29 -37.48
N LEU L 13 7.22 12.75 -38.65
CA LEU L 13 8.19 12.01 -39.46
C LEU L 13 9.23 12.95 -40.07
N GLY L 14 10.49 12.55 -40.02
CA GLY L 14 11.54 13.39 -40.59
C GLY L 14 12.47 12.58 -41.48
N ILE L 15 12.63 13.00 -42.73
CA ILE L 15 13.50 12.30 -43.67
C ILE L 15 14.48 13.26 -44.33
N ALA L 16 15.75 12.86 -44.35
CA ALA L 16 16.79 13.67 -44.94
C ALA L 16 17.15 13.21 -46.35
N GLY L 17 16.98 14.12 -47.31
CA GLY L 17 17.31 13.81 -48.69
C GLY L 17 18.75 14.25 -48.93
N GLU L 18 19.28 13.95 -50.11
CA GLU L 18 20.66 14.31 -50.41
C GLU L 18 20.94 15.80 -50.36
N ASP L 19 19.96 16.63 -50.71
CA ASP L 19 20.17 18.07 -50.71
C ASP L 19 18.92 18.78 -50.21
N PHE L 20 18.06 18.03 -49.54
CA PHE L 20 16.83 18.56 -48.98
C PHE L 20 16.50 17.75 -47.74
N ALA L 21 15.41 18.12 -47.06
CA ALA L 21 14.98 17.41 -45.87
C ALA L 21 13.55 17.80 -45.57
N VAL L 22 12.76 16.84 -45.10
CA VAL L 22 11.37 17.13 -44.77
C VAL L 22 11.06 16.68 -43.35
N LEU L 23 10.15 17.43 -42.72
CA LEU L 23 9.71 17.13 -41.37
C LEU L 23 8.18 17.31 -41.45
N ALA L 24 7.45 16.22 -41.32
CA ALA L 24 5.99 16.24 -41.39
C ALA L 24 5.34 15.75 -40.11
N GLY L 25 4.07 16.11 -39.94
CA GLY L 25 3.33 15.68 -38.78
C GLY L 25 1.85 15.90 -38.98
N ASP L 26 1.01 15.04 -38.41
CA ASP L 26 -0.43 15.21 -38.56
C ASP L 26 -0.82 16.46 -37.77
N THR L 27 -2.01 16.97 -38.01
CA THR L 27 -2.43 18.18 -37.32
C THR L 27 -3.52 17.91 -36.27
N ARG L 28 -3.69 16.64 -35.92
CA ARG L 28 -4.67 16.28 -34.92
C ARG L 28 -4.06 16.38 -33.53
N ASN L 29 -4.82 16.95 -32.61
CA ASN L 29 -4.38 17.11 -31.23
C ASN L 29 -5.48 16.49 -30.39
N ILE L 30 -5.14 15.49 -29.59
CA ILE L 30 -6.14 14.81 -28.78
C ILE L 30 -5.91 14.74 -27.28
N THR L 31 -6.94 14.33 -26.56
CA THR L 31 -6.91 14.15 -25.12
C THR L 31 -7.78 12.93 -24.89
N ASP L 32 -7.16 11.81 -24.56
CA ASP L 32 -7.92 10.59 -24.33
C ASP L 32 -8.65 10.22 -25.61
N TYR L 33 -9.99 10.22 -25.57
CA TYR L 33 -10.78 9.85 -26.73
C TYR L 33 -11.43 11.02 -27.44
N SER L 34 -11.13 12.24 -26.99
CA SER L 34 -11.68 13.42 -27.61
C SER L 34 -10.65 14.06 -28.53
N ILE L 35 -11.15 14.82 -29.50
CA ILE L 35 -10.28 15.52 -30.43
C ILE L 35 -10.38 16.97 -29.99
N ASN L 36 -9.23 17.58 -29.69
CA ASN L 36 -9.20 18.97 -29.25
C ASN L 36 -9.21 19.88 -30.46
N SER L 37 -8.51 19.47 -31.50
CA SER L 37 -8.44 20.25 -32.72
C SER L 37 -8.07 19.32 -33.86
N ARG L 38 -8.62 19.61 -35.04
CA ARG L 38 -8.34 18.82 -36.24
C ARG L 38 -7.18 19.49 -36.97
N TYR L 39 -6.93 20.74 -36.60
CA TYR L 39 -5.82 21.49 -37.18
C TYR L 39 -5.08 22.35 -36.14
N GLU L 40 -3.94 21.86 -35.69
CA GLU L 40 -3.11 22.55 -34.72
C GLU L 40 -1.67 22.23 -35.11
N PRO L 41 -1.06 23.07 -35.95
CA PRO L 41 0.32 22.89 -36.43
C PRO L 41 1.25 22.42 -35.32
N LYS L 42 2.07 21.43 -35.65
CA LYS L 42 2.98 20.83 -34.70
C LYS L 42 4.45 20.89 -35.16
N VAL L 43 4.65 21.25 -36.44
CA VAL L 43 5.98 21.38 -37.02
C VAL L 43 6.19 22.88 -37.28
N PHE L 44 7.31 23.43 -36.83
CA PHE L 44 7.57 24.87 -36.97
C PHE L 44 8.88 25.28 -37.64
N ASP L 45 8.84 26.44 -38.30
CA ASP L 45 9.99 27.03 -38.97
C ASP L 45 10.61 27.90 -37.87
N CYS L 46 11.83 27.57 -37.46
CA CYS L 46 12.48 28.32 -36.37
C CYS L 46 13.55 29.33 -36.79
N GLY L 47 13.66 29.59 -38.09
CA GLY L 47 14.65 30.54 -38.55
C GLY L 47 15.91 29.80 -38.96
N ASP L 48 16.87 30.54 -39.51
CA ASP L 48 18.13 29.94 -39.95
C ASP L 48 17.96 28.60 -40.64
N ASN L 49 16.88 28.46 -41.40
CA ASN L 49 16.59 27.24 -42.15
C ASN L 49 16.51 25.98 -41.30
N ILE L 50 15.81 26.07 -40.18
CA ILE L 50 15.65 24.95 -39.27
C ILE L 50 14.19 24.72 -38.96
N VAL L 51 13.74 23.48 -39.12
CA VAL L 51 12.36 23.13 -38.80
C VAL L 51 12.45 22.17 -37.63
N MET L 52 11.49 22.27 -36.71
CA MET L 52 11.50 21.43 -35.54
C MET L 52 10.12 21.06 -35.03
N SER L 53 10.03 19.92 -34.36
CA SER L 53 8.78 19.47 -33.79
C SER L 53 9.06 18.69 -32.51
N ALA L 54 8.32 19.03 -31.46
CA ALA L 54 8.45 18.39 -30.16
C ALA L 54 7.10 17.72 -29.90
N ASN L 55 7.00 16.44 -30.23
CA ASN L 55 5.76 15.71 -30.07
C ASN L 55 5.63 14.94 -28.75
N GLY L 56 4.38 14.81 -28.27
CA GLY L 56 4.09 14.10 -27.02
C GLY L 56 3.17 14.92 -26.17
N PHE L 57 3.68 15.49 -25.09
CA PHE L 57 2.89 16.35 -24.21
C PHE L 57 3.01 17.77 -24.78
N ALA L 58 1.94 18.22 -25.45
CA ALA L 58 1.91 19.53 -26.11
C ALA L 58 2.37 20.76 -25.30
N ALA L 59 2.03 20.81 -24.03
CA ALA L 59 2.45 21.96 -23.23
C ALA L 59 3.96 21.97 -23.18
N ASP L 60 4.56 20.80 -23.07
CA ASP L 60 6.00 20.72 -23.01
C ASP L 60 6.60 20.98 -24.38
N GLY L 61 5.95 20.42 -25.40
CA GLY L 61 6.43 20.61 -26.77
C GLY L 61 6.45 22.08 -27.15
N ASP L 62 5.40 22.81 -26.78
CA ASP L 62 5.31 24.23 -27.08
C ASP L 62 6.40 25.01 -26.36
N ALA L 63 6.58 24.71 -25.07
CA ALA L 63 7.59 25.37 -24.27
C ALA L 63 8.97 25.17 -24.87
N LEU L 64 9.28 23.94 -25.28
CA LEU L 64 10.58 23.65 -25.84
C LEU L 64 10.82 24.44 -27.13
N VAL L 65 9.90 24.33 -28.08
CA VAL L 65 10.02 25.04 -29.35
C VAL L 65 10.16 26.55 -29.11
N LYS L 66 9.28 27.08 -28.29
CA LYS L 66 9.30 28.50 -27.96
C LYS L 66 10.68 28.88 -27.42
N ARG L 67 11.21 28.04 -26.54
CA ARG L 67 12.51 28.27 -25.91
C ARG L 67 13.64 28.17 -26.93
N PHE L 68 13.54 27.21 -27.83
CA PHE L 68 14.57 27.06 -28.85
C PHE L 68 14.59 28.24 -29.82
N LYS L 69 13.41 28.65 -30.28
CA LYS L 69 13.33 29.78 -31.19
C LYS L 69 14.02 30.97 -30.56
N ASN L 70 13.78 31.16 -29.27
CA ASN L 70 14.37 32.29 -28.57
C ASN L 70 15.88 32.11 -28.47
N SER L 71 16.32 30.86 -28.50
CA SER L 71 17.73 30.55 -28.42
C SER L 71 18.39 31.02 -29.73
N VAL L 72 17.73 30.79 -30.85
CA VAL L 72 18.24 31.23 -32.15
C VAL L 72 18.37 32.76 -32.13
N LYS L 73 17.32 33.43 -31.67
CA LYS L 73 17.29 34.89 -31.58
C LYS L 73 18.50 35.45 -30.83
N TRP L 74 18.78 34.90 -29.66
CA TRP L 74 19.91 35.36 -28.87
C TRP L 74 21.24 34.92 -29.44
N TYR L 75 21.22 33.84 -30.21
CA TYR L 75 22.46 33.39 -30.82
C TYR L 75 22.91 34.48 -31.79
N HIS L 76 21.94 35.09 -32.48
CA HIS L 76 22.24 36.17 -33.42
C HIS L 76 22.76 37.39 -32.67
N PHE L 77 22.05 37.77 -31.61
CA PHE L 77 22.45 38.92 -30.78
C PHE L 77 23.88 38.79 -30.25
N ASP L 78 24.21 37.60 -29.76
CA ASP L 78 25.52 37.36 -29.17
C ASP L 78 26.66 37.03 -30.13
N HIS L 79 26.35 36.55 -31.33
CA HIS L 79 27.42 36.21 -32.25
C HIS L 79 27.33 36.82 -33.64
N ASN L 80 27.19 38.13 -33.67
CA ASN L 80 27.11 38.89 -34.91
C ASN L 80 26.23 38.19 -35.94
N ASP L 81 24.94 38.11 -35.67
CA ASP L 81 23.99 37.47 -36.56
C ASP L 81 24.46 36.22 -37.29
N LYS L 82 25.39 35.48 -36.70
CA LYS L 82 25.89 34.25 -37.31
C LYS L 82 24.76 33.23 -37.46
N LYS L 83 24.77 32.51 -38.57
CA LYS L 83 23.73 31.51 -38.80
C LYS L 83 23.97 30.32 -37.87
N LEU L 84 22.88 29.79 -37.34
CA LEU L 84 22.96 28.64 -36.45
C LEU L 84 22.91 27.37 -37.27
N SER L 85 24.06 26.72 -37.41
CA SER L 85 24.13 25.49 -38.17
C SER L 85 23.26 24.42 -37.52
N ILE L 86 22.68 23.55 -38.33
CA ILE L 86 21.81 22.50 -37.84
C ILE L 86 22.49 21.66 -36.75
N ASN L 87 23.79 21.43 -36.87
CA ASN L 87 24.53 20.64 -35.87
C ASN L 87 24.60 21.41 -34.55
N SER L 88 24.80 22.73 -34.64
CA SER L 88 24.89 23.54 -33.44
C SER L 88 23.54 23.63 -32.74
N ALA L 89 22.45 23.76 -33.51
CA ALA L 89 21.12 23.82 -32.91
C ALA L 89 20.85 22.51 -32.19
N ALA L 90 21.33 21.41 -32.76
CA ALA L 90 21.15 20.09 -32.15
C ALA L 90 21.84 20.00 -30.78
N ARG L 91 23.08 20.46 -30.70
CA ARG L 91 23.82 20.43 -29.43
C ARG L 91 23.14 21.36 -28.43
N ASN L 92 22.60 22.46 -28.93
CA ASN L 92 21.92 23.42 -28.08
C ASN L 92 20.68 22.78 -27.48
N ILE L 93 19.92 22.09 -28.31
CA ILE L 93 18.69 21.44 -27.85
C ILE L 93 18.98 20.36 -26.82
N GLN L 94 20.12 19.68 -26.95
CA GLN L 94 20.45 18.65 -25.97
C GLN L 94 20.54 19.33 -24.61
N HIS L 95 21.12 20.51 -24.56
CA HIS L 95 21.26 21.21 -23.31
C HIS L 95 19.96 21.73 -22.75
N LEU L 96 19.06 22.12 -23.64
CA LEU L 96 17.77 22.60 -23.19
C LEU L 96 17.03 21.47 -22.53
N LEU L 97 17.09 20.29 -23.14
CA LEU L 97 16.42 19.11 -22.63
C LEU L 97 17.05 18.56 -21.34
N TYR L 98 18.35 18.38 -21.35
CA TYR L 98 19.00 17.83 -20.18
C TYR L 98 18.91 18.78 -19.01
N GLY L 99 18.61 20.04 -19.29
CA GLY L 99 18.48 21.01 -18.22
C GLY L 99 17.32 20.64 -17.32
N LYS L 100 16.38 19.87 -17.85
CA LYS L 100 15.22 19.43 -17.08
C LYS L 100 15.27 17.91 -16.93
N ARG L 101 16.49 17.40 -16.75
CA ARG L 101 16.74 15.97 -16.59
C ARG L 101 15.91 15.31 -15.49
N PHE L 102 15.57 16.08 -14.46
CA PHE L 102 14.82 15.52 -13.37
C PHE L 102 13.36 15.97 -13.29
N PHE L 103 12.89 16.50 -14.41
CA PHE L 103 11.52 16.96 -14.61
C PHE L 103 11.48 17.26 -16.10
N PRO L 104 11.67 16.21 -16.92
CA PRO L 104 11.71 16.20 -18.37
C PRO L 104 10.58 16.83 -19.13
N TYR L 105 10.89 17.26 -20.35
CA TYR L 105 9.89 17.78 -21.26
C TYR L 105 9.43 16.44 -21.79
N TYR L 106 8.15 16.14 -21.61
CA TYR L 106 7.61 14.86 -22.07
C TYR L 106 7.39 14.87 -23.59
N VAL L 107 8.47 15.01 -24.35
CA VAL L 107 8.35 15.06 -25.80
C VAL L 107 9.51 14.36 -26.50
N HIS L 108 9.24 13.84 -27.69
CA HIS L 108 10.24 13.20 -28.52
C HIS L 108 10.40 14.27 -29.60
N THR L 109 11.57 14.87 -29.69
CA THR L 109 11.77 15.93 -30.65
C THR L 109 12.68 15.64 -31.84
N ILE L 110 12.31 16.20 -32.99
CA ILE L 110 13.06 16.04 -34.23
C ILE L 110 13.22 17.40 -34.92
N ILE L 111 14.40 17.64 -35.49
CA ILE L 111 14.62 18.86 -36.24
C ILE L 111 15.18 18.49 -37.61
N ALA L 112 14.94 19.34 -38.58
CA ALA L 112 15.43 19.09 -39.94
C ALA L 112 15.97 20.35 -40.59
N GLY L 113 16.95 20.15 -41.46
CA GLY L 113 17.58 21.25 -42.17
C GLY L 113 18.67 20.72 -43.07
N LEU L 114 19.66 21.55 -43.36
CA LEU L 114 20.76 21.13 -44.21
C LEU L 114 22.02 21.35 -43.40
N ASP L 115 22.98 20.43 -43.51
CA ASP L 115 24.21 20.61 -42.77
C ASP L 115 25.06 21.69 -43.44
N GLU L 116 26.29 21.87 -42.97
CA GLU L 116 27.14 22.90 -43.53
C GLU L 116 27.65 22.63 -44.95
N ASP L 117 27.34 21.46 -45.49
CA ASP L 117 27.76 21.10 -46.84
C ASP L 117 26.56 21.09 -47.78
N GLY L 118 25.43 21.59 -47.29
CA GLY L 118 24.22 21.62 -48.10
C GLY L 118 23.47 20.31 -48.14
N LYS L 119 23.96 19.30 -47.44
CA LYS L 119 23.30 17.99 -47.41
C LYS L 119 22.09 18.00 -46.49
N GLY L 120 21.13 17.12 -46.77
CA GLY L 120 19.94 17.03 -45.93
C GLY L 120 20.29 16.45 -44.58
N ALA L 121 19.68 16.99 -43.52
CA ALA L 121 19.97 16.50 -42.18
C ALA L 121 18.78 16.43 -41.25
N VAL L 122 18.73 15.37 -40.46
CA VAL L 122 17.69 15.16 -39.48
C VAL L 122 18.33 14.72 -38.16
N TYR L 123 17.82 15.30 -37.07
CA TYR L 123 18.30 15.01 -35.74
C TYR L 123 17.09 14.70 -34.88
N SER L 124 17.14 13.61 -34.13
CA SER L 124 16.02 13.27 -33.26
C SER L 124 16.55 13.18 -31.84
N PHE L 125 15.73 13.64 -30.90
CA PHE L 125 16.10 13.64 -29.49
C PHE L 125 15.26 12.81 -28.55
N ASP L 126 15.89 12.54 -27.40
CA ASP L 126 15.39 11.80 -26.27
C ASP L 126 14.58 12.79 -25.46
N PRO L 127 13.69 12.31 -24.58
CA PRO L 127 12.98 13.33 -23.81
C PRO L 127 13.97 14.03 -22.88
N VAL L 128 15.12 13.41 -22.63
CA VAL L 128 16.12 14.03 -21.77
C VAL L 128 17.43 14.48 -22.42
N GLY L 129 17.46 14.55 -23.74
CA GLY L 129 18.65 15.06 -24.39
C GLY L 129 19.56 14.15 -25.18
N SER L 130 19.23 12.88 -25.28
CA SER L 130 20.05 11.99 -26.05
C SER L 130 19.74 12.31 -27.51
N TYR L 131 20.75 12.42 -28.36
CA TYR L 131 20.50 12.74 -29.77
C TYR L 131 21.47 12.10 -30.77
N GLU L 132 20.98 11.87 -31.98
CA GLU L 132 21.75 11.23 -33.06
C GLU L 132 21.39 11.90 -34.39
N ARG L 133 22.31 11.96 -35.34
CA ARG L 133 21.91 12.52 -36.63
C ARG L 133 21.36 11.30 -37.31
N GLU L 134 20.27 11.44 -38.07
CA GLU L 134 19.69 10.29 -38.73
C GLU L 134 19.15 10.51 -40.13
N GLN L 135 18.92 9.40 -40.84
CA GLN L 135 18.39 9.40 -42.20
C GLN L 135 16.93 9.80 -42.15
N CYS L 136 16.14 9.00 -41.44
CA CYS L 136 14.72 9.28 -41.27
C CYS L 136 14.30 8.76 -39.91
N ARG L 137 13.33 9.42 -39.31
CA ARG L 137 12.86 9.05 -37.99
C ARG L 137 11.42 9.44 -37.77
N ALA L 138 10.62 8.47 -37.34
CA ALA L 138 9.21 8.70 -37.04
C ALA L 138 9.17 8.84 -35.52
N GLY L 139 8.37 9.79 -35.04
CA GLY L 139 8.25 9.99 -33.62
C GLY L 139 6.79 10.10 -33.24
N GLY L 140 6.46 9.76 -32.00
CA GLY L 140 5.08 9.87 -31.58
C GLY L 140 4.29 8.58 -31.62
N ALA L 141 2.98 8.73 -31.51
CA ALA L 141 2.05 7.61 -31.48
C ALA L 141 2.28 6.46 -32.45
N ALA L 142 2.18 6.72 -33.75
CA ALA L 142 2.33 5.66 -34.75
C ALA L 142 3.76 5.37 -35.21
N ALA L 143 4.74 5.84 -34.47
CA ALA L 143 6.12 5.60 -34.85
C ALA L 143 6.43 4.12 -35.09
N SER L 144 5.82 3.23 -34.31
CA SER L 144 6.07 1.79 -34.48
C SER L 144 5.43 1.22 -35.73
N LEU L 145 4.42 1.92 -36.25
CA LEU L 145 3.77 1.46 -37.49
C LEU L 145 4.55 1.93 -38.72
N ILE L 146 5.11 3.12 -38.63
CA ILE L 146 5.84 3.72 -39.73
C ILE L 146 7.28 3.28 -39.92
N MET L 147 8.06 3.16 -38.86
CA MET L 147 9.47 2.78 -39.01
C MET L 147 9.74 1.49 -39.74
N PRO L 148 9.01 0.40 -39.42
CA PRO L 148 9.31 -0.85 -40.14
C PRO L 148 9.21 -0.60 -41.64
N PHE L 149 8.14 0.09 -42.04
CA PHE L 149 7.87 0.44 -43.43
C PHE L 149 9.06 1.17 -44.06
N LEU L 150 9.46 2.28 -43.44
CA LEU L 150 10.58 3.08 -43.93
C LEU L 150 11.89 2.29 -44.01
N ASP L 151 12.08 1.31 -43.12
CA ASP L 151 13.32 0.52 -43.19
C ASP L 151 13.32 -0.26 -44.49
N ASN L 152 12.14 -0.70 -44.88
CA ASN L 152 11.96 -1.50 -46.08
C ASN L 152 11.94 -0.68 -47.36
N GLN L 153 11.16 0.41 -47.36
CA GLN L 153 11.01 1.23 -48.54
C GLN L 153 12.01 2.37 -48.72
N VAL L 154 12.85 2.62 -47.73
CA VAL L 154 13.82 3.69 -47.86
C VAL L 154 15.23 3.12 -47.90
N ASN L 155 15.51 2.16 -47.03
CA ASN L 155 16.83 1.56 -46.98
C ASN L 155 16.82 0.17 -47.60
N PHE L 156 15.72 -0.17 -48.27
CA PHE L 156 15.57 -1.45 -48.93
C PHE L 156 16.05 -2.63 -48.09
N LYS L 157 15.65 -2.65 -46.82
CA LYS L 157 16.04 -3.73 -45.91
C LYS L 157 15.32 -5.02 -46.27
N ASN L 158 16.03 -6.14 -46.15
CA ASN L 158 15.47 -7.45 -46.45
C ASN L 158 15.12 -7.65 -47.93
N GLN L 159 15.38 -6.63 -48.75
CA GLN L 159 15.12 -6.71 -50.19
C GLN L 159 16.41 -7.04 -50.94
N TYR L 160 16.34 -8.06 -51.79
CA TYR L 160 17.51 -8.49 -52.57
C TYR L 160 17.28 -8.50 -54.07
N GLU L 161 18.36 -8.70 -54.81
CA GLU L 161 18.31 -8.75 -56.27
C GLU L 161 17.63 -10.02 -56.74
N PRO L 162 16.53 -9.88 -57.49
CA PRO L 162 15.83 -11.06 -57.98
C PRO L 162 16.79 -11.98 -58.72
N GLY L 163 16.86 -13.24 -58.33
CA GLY L 163 17.75 -14.15 -58.98
C GLY L 163 19.08 -14.34 -58.29
N THR L 164 19.53 -13.34 -57.53
CA THR L 164 20.82 -13.47 -56.84
C THR L 164 20.77 -14.42 -55.65
N ASN L 165 19.57 -14.90 -55.32
CA ASN L 165 19.40 -15.82 -54.21
C ASN L 165 19.64 -15.06 -52.90
N GLY L 166 19.23 -13.80 -52.86
CA GLY L 166 19.46 -13.00 -51.67
C GLY L 166 20.95 -12.85 -51.38
N LYS L 167 21.78 -13.00 -52.41
CA LYS L 167 23.22 -12.88 -52.28
C LYS L 167 23.69 -11.47 -52.65
N VAL L 168 22.79 -10.68 -53.20
CA VAL L 168 23.09 -9.30 -53.60
C VAL L 168 22.00 -8.36 -53.08
N LYS L 169 22.38 -7.43 -52.21
CA LYS L 169 21.42 -6.49 -51.65
C LYS L 169 20.94 -5.49 -52.69
N LYS L 170 19.66 -5.21 -52.70
CA LYS L 170 19.12 -4.24 -53.63
C LYS L 170 19.88 -2.93 -53.38
N PRO L 171 20.45 -2.32 -54.43
CA PRO L 171 21.21 -1.06 -54.34
C PRO L 171 20.42 0.13 -53.77
N LEU L 172 21.08 0.89 -52.91
CA LEU L 172 20.48 2.05 -52.24
C LEU L 172 20.37 3.33 -53.06
N LYS L 173 19.80 3.27 -54.26
CA LYS L 173 19.67 4.50 -55.06
C LYS L 173 18.90 5.52 -54.23
N TYR L 174 19.34 6.77 -54.18
CA TYR L 174 18.60 7.72 -53.36
C TYR L 174 17.49 8.56 -53.99
N LEU L 175 16.45 8.72 -53.18
CA LEU L 175 15.21 9.41 -53.51
C LEU L 175 15.24 10.92 -53.65
N SER L 176 14.24 11.41 -54.38
CA SER L 176 14.05 12.82 -54.65
C SER L 176 12.95 13.34 -53.73
N VAL L 177 12.90 14.65 -53.54
CA VAL L 177 11.88 15.22 -52.67
C VAL L 177 10.49 14.76 -53.07
N GLU L 178 10.33 14.36 -54.33
CA GLU L 178 9.02 13.92 -54.81
C GLU L 178 8.71 12.50 -54.38
N GLU L 179 9.72 11.62 -54.48
CA GLU L 179 9.53 10.23 -54.09
C GLU L 179 9.39 10.15 -52.56
N VAL L 180 10.15 10.97 -51.85
CA VAL L 180 10.09 11.01 -50.40
C VAL L 180 8.70 11.40 -49.95
N ILE L 181 8.17 12.49 -50.48
CA ILE L 181 6.83 12.94 -50.10
C ILE L 181 5.76 11.87 -50.37
N LYS L 182 6.03 10.95 -51.27
CA LYS L 182 5.06 9.89 -51.53
C LYS L 182 5.07 8.92 -50.36
N LEU L 183 6.28 8.57 -49.92
CA LEU L 183 6.45 7.66 -48.80
C LEU L 183 5.86 8.28 -47.54
N VAL L 184 6.11 9.58 -47.35
CA VAL L 184 5.57 10.27 -46.19
C VAL L 184 4.04 10.15 -46.20
N ARG L 185 3.41 10.60 -47.28
CA ARG L 185 1.96 10.55 -47.39
C ARG L 185 1.43 9.14 -47.19
N ASP L 186 2.07 8.15 -47.81
CA ASP L 186 1.63 6.78 -47.65
C ASP L 186 1.76 6.33 -46.20
N SER L 187 2.86 6.73 -45.56
CA SER L 187 3.08 6.38 -44.16
C SER L 187 1.94 6.91 -43.30
N PHE L 188 1.55 8.15 -43.52
CA PHE L 188 0.48 8.71 -42.73
C PHE L 188 -0.90 8.19 -43.03
N THR L 189 -1.20 7.84 -44.27
CA THR L 189 -2.53 7.32 -44.53
C THR L 189 -2.63 5.92 -43.95
N SER L 190 -1.52 5.19 -43.95
CA SER L 190 -1.51 3.86 -43.38
C SER L 190 -1.69 4.01 -41.88
N ALA L 191 -0.87 4.86 -41.25
CA ALA L 191 -0.96 5.08 -39.82
C ALA L 191 -2.37 5.51 -39.43
N THR L 192 -2.97 6.39 -40.21
CA THR L 192 -4.32 6.88 -39.93
C THR L 192 -5.35 5.76 -39.89
N GLU L 193 -5.11 4.71 -40.68
CA GLU L 193 -6.01 3.57 -40.76
C GLU L 193 -5.97 2.69 -39.50
N ARG L 194 -4.78 2.57 -38.90
CA ARG L 194 -4.61 1.69 -37.75
C ARG L 194 -4.33 2.35 -36.41
N HIS L 195 -4.31 3.67 -36.36
CA HIS L 195 -4.06 4.34 -35.10
C HIS L 195 -5.08 5.45 -34.88
N ILE L 196 -5.84 5.33 -33.80
CA ILE L 196 -6.90 6.27 -33.49
C ILE L 196 -6.48 7.69 -33.16
N GLN L 197 -5.19 7.90 -32.91
CA GLN L 197 -4.73 9.25 -32.57
C GLN L 197 -4.15 9.97 -33.79
N VAL L 198 -4.10 9.26 -34.92
CA VAL L 198 -3.57 9.84 -36.14
C VAL L 198 -4.67 10.07 -37.18
N GLY L 199 -4.71 11.29 -37.72
CA GLY L 199 -5.70 11.65 -38.71
C GLY L 199 -5.91 13.14 -38.92
N ASP L 200 -7.05 13.48 -39.52
CA ASP L 200 -7.44 14.87 -39.79
C ASP L 200 -6.65 15.58 -40.89
N GLY L 201 -5.33 15.67 -40.73
CA GLY L 201 -4.52 16.35 -41.73
C GLY L 201 -3.03 16.15 -41.56
N LEU L 202 -2.30 16.23 -42.68
CA LEU L 202 -0.86 16.05 -42.69
C LEU L 202 -0.22 17.34 -43.22
N GLU L 203 0.69 17.92 -42.44
CA GLU L 203 1.36 19.14 -42.87
C GLU L 203 2.84 18.81 -42.98
N ILE L 204 3.41 19.07 -44.15
CA ILE L 204 4.83 18.79 -44.37
C ILE L 204 5.60 20.08 -44.59
N LEU L 205 6.83 20.12 -44.07
CA LEU L 205 7.69 21.28 -44.26
C LEU L 205 8.95 20.80 -44.99
N ILE L 206 9.22 21.38 -46.15
CA ILE L 206 10.39 20.98 -46.93
C ILE L 206 11.50 22.03 -46.82
N VAL L 207 12.72 21.55 -46.54
CA VAL L 207 13.88 22.43 -46.39
C VAL L 207 14.91 22.18 -47.49
N THR L 208 15.18 23.23 -48.27
CA THR L 208 16.16 23.17 -49.36
C THR L 208 17.04 24.40 -49.22
N LYS L 209 18.03 24.53 -50.10
CA LYS L 209 18.92 25.69 -50.05
C LYS L 209 18.13 26.98 -50.27
N ASP L 210 16.94 26.85 -50.85
CA ASP L 210 16.10 28.01 -51.13
C ASP L 210 15.21 28.39 -49.95
N GLY L 211 15.25 27.59 -48.89
CA GLY L 211 14.43 27.88 -47.72
C GLY L 211 13.42 26.83 -47.33
N VAL L 212 12.37 27.27 -46.65
CA VAL L 212 11.33 26.38 -46.16
C VAL L 212 9.99 26.48 -46.91
N ARG L 213 9.49 25.34 -47.39
CA ARG L 213 8.21 25.29 -48.09
C ARG L 213 7.24 24.37 -47.32
N LYS L 214 5.93 24.65 -47.40
CA LYS L 214 4.93 23.85 -46.71
C LYS L 214 3.90 23.23 -47.65
N GLU L 215 3.50 21.99 -47.35
CA GLU L 215 2.47 21.30 -48.13
C GLU L 215 1.49 20.71 -47.12
N PHE L 216 0.22 20.64 -47.48
CA PHE L 216 -0.79 20.11 -46.58
C PHE L 216 -1.76 19.16 -47.25
N TYR L 217 -2.03 18.04 -46.60
CA TYR L 217 -2.97 17.08 -47.15
C TYR L 217 -3.97 16.70 -46.10
N GLU L 218 -5.18 16.35 -46.54
CA GLU L 218 -6.23 15.95 -45.62
C GLU L 218 -6.02 14.47 -45.28
N LEU L 219 -6.52 14.07 -44.12
CA LEU L 219 -6.44 12.68 -43.67
C LEU L 219 -7.83 12.36 -43.11
N LYS L 220 -8.17 11.07 -43.04
CA LYS L 220 -9.48 10.67 -42.52
C LYS L 220 -9.75 11.25 -41.15
N ARG L 221 -10.98 11.68 -40.93
CA ARG L 221 -11.34 12.32 -39.67
C ARG L 221 -12.08 11.47 -38.63
N ASP L 222 -12.11 10.15 -38.79
CA ASP L 222 -12.80 9.30 -37.82
C ASP L 222 -11.95 8.85 -36.62
N THR M 1 0.33 21.17 -5.41
CA THR M 1 -0.70 20.21 -5.86
C THR M 1 -1.90 20.38 -4.94
N GLN M 2 -3.06 20.46 -5.55
CA GLN M 2 -4.28 20.66 -4.81
C GLN M 2 -5.39 19.77 -5.35
N GLN M 3 -6.62 20.16 -5.04
CA GLN M 3 -7.81 19.46 -5.49
C GLN M 3 -8.90 20.50 -5.47
N PRO M 4 -9.65 20.59 -6.57
CA PRO M 4 -10.76 21.56 -6.69
C PRO M 4 -11.85 21.36 -5.63
N ILE M 5 -12.51 22.45 -5.22
CA ILE M 5 -13.57 22.34 -4.22
C ILE M 5 -14.87 22.85 -4.83
N VAL M 6 -14.99 24.16 -5.00
CA VAL M 6 -16.19 24.73 -5.62
C VAL M 6 -15.87 24.78 -7.12
N THR M 7 -16.68 24.11 -7.93
CA THR M 7 -16.39 24.05 -9.37
C THR M 7 -17.45 24.52 -10.37
N GLY M 8 -16.97 24.92 -11.53
CA GLY M 8 -17.85 25.36 -12.60
C GLY M 8 -17.75 24.35 -13.72
N THR M 9 -18.87 23.98 -14.33
CA THR M 9 -18.81 22.99 -15.40
C THR M 9 -18.44 23.58 -16.77
N SER M 10 -18.98 22.99 -17.84
CA SER M 10 -18.69 23.38 -19.23
C SER M 10 -18.67 24.84 -19.64
N VAL M 11 -17.80 25.13 -20.59
CA VAL M 11 -17.68 26.44 -21.21
C VAL M 11 -17.62 26.10 -22.69
N ILE M 12 -18.63 26.48 -23.44
CA ILE M 12 -18.66 26.17 -24.89
C ILE M 12 -18.49 27.43 -25.73
N SER M 13 -18.01 27.26 -26.95
CA SER M 13 -17.80 28.41 -27.82
C SER M 13 -17.46 28.01 -29.26
N MET M 14 -17.70 28.94 -30.17
CA MET M 14 -17.43 28.71 -31.59
C MET M 14 -17.28 30.07 -32.25
N LYS M 15 -16.77 30.08 -33.47
CA LYS M 15 -16.60 31.32 -34.18
C LYS M 15 -17.42 31.32 -35.47
N TYR M 16 -18.10 32.42 -35.75
CA TYR M 16 -18.90 32.56 -36.99
C TYR M 16 -18.22 33.56 -37.90
N ASP M 17 -18.88 33.94 -38.99
CA ASP M 17 -18.30 34.87 -39.97
C ASP M 17 -17.82 36.22 -39.45
N ASN M 18 -18.50 36.78 -38.45
CA ASN M 18 -18.14 38.09 -37.94
C ASN M 18 -17.57 38.17 -36.52
N GLY M 19 -17.53 37.04 -35.83
CA GLY M 19 -16.99 37.07 -34.49
C GLY M 19 -16.95 35.72 -33.81
N VAL M 20 -17.20 35.75 -32.51
CA VAL M 20 -17.19 34.54 -31.70
C VAL M 20 -18.28 34.60 -30.63
N ILE M 21 -18.75 33.42 -30.22
CA ILE M 21 -19.76 33.32 -29.18
C ILE M 21 -19.20 32.40 -28.12
N ILE M 22 -19.57 32.66 -26.87
CA ILE M 22 -19.10 31.85 -25.76
C ILE M 22 -20.16 31.87 -24.65
N ALA M 23 -20.37 30.71 -24.02
CA ALA M 23 -21.37 30.61 -22.96
C ALA M 23 -20.94 29.66 -21.83
N ALA M 24 -21.56 29.85 -20.66
CA ALA M 24 -21.28 29.05 -19.47
C ALA M 24 -22.41 29.23 -18.47
N ASP M 25 -22.92 28.14 -17.90
CA ASP M 25 -24.02 28.29 -16.95
C ASP M 25 -23.55 29.01 -15.68
N ASN M 26 -24.47 29.31 -14.79
CA ASN M 26 -24.14 30.05 -13.58
C ASN M 26 -24.06 29.24 -12.29
N LEU M 27 -23.64 27.99 -12.39
CA LEU M 27 -23.57 27.13 -11.23
C LEU M 27 -22.16 27.00 -10.63
N GLY M 28 -22.12 26.93 -9.31
CA GLY M 28 -20.86 26.74 -8.60
C GLY M 28 -21.11 25.50 -7.75
N SER M 29 -20.71 24.33 -8.23
CA SER M 29 -20.91 23.07 -7.51
C SER M 29 -19.90 22.82 -6.42
N TYR M 30 -20.30 21.99 -5.46
CA TYR M 30 -19.47 21.60 -4.34
C TYR M 30 -19.66 20.10 -4.27
N GLY M 31 -18.96 19.39 -5.14
CA GLY M 31 -19.12 17.95 -5.17
C GLY M 31 -20.43 17.77 -5.91
N SER M 32 -21.31 16.91 -5.41
CA SER M 32 -22.60 16.71 -6.07
C SER M 32 -23.66 17.65 -5.50
N LEU M 33 -23.25 18.55 -4.61
CA LEU M 33 -24.19 19.51 -4.05
C LEU M 33 -24.19 20.77 -4.90
N LEU M 34 -25.30 21.06 -5.56
CA LEU M 34 -25.41 22.23 -6.43
C LEU M 34 -25.51 23.44 -5.50
N ARG M 35 -24.38 23.83 -4.91
CA ARG M 35 -24.35 24.92 -3.94
C ARG M 35 -24.66 26.34 -4.35
N PHE M 36 -23.83 26.95 -5.19
CA PHE M 36 -24.06 28.34 -5.56
C PHE M 36 -24.74 28.54 -6.89
N ASN M 37 -25.66 29.49 -6.95
CA ASN M 37 -26.41 29.70 -8.18
C ASN M 37 -26.31 31.01 -8.95
N GLY M 38 -25.46 31.92 -8.52
CA GLY M 38 -25.36 33.16 -9.27
C GLY M 38 -23.94 33.40 -9.72
N VAL M 39 -23.23 32.32 -10.01
CA VAL M 39 -21.84 32.43 -10.43
C VAL M 39 -21.63 32.80 -11.89
N GLU M 40 -21.01 33.95 -12.12
CA GLU M 40 -20.74 34.39 -13.49
C GLU M 40 -19.38 33.86 -13.83
N ARG M 41 -19.30 33.00 -14.85
CA ARG M 41 -18.04 32.40 -15.25
C ARG M 41 -17.51 32.95 -16.56
N LEU M 42 -18.11 34.04 -17.03
CA LEU M 42 -17.66 34.69 -18.26
C LEU M 42 -17.06 36.03 -17.82
N ILE M 43 -15.78 36.21 -18.08
CA ILE M 43 -15.11 37.46 -17.69
C ILE M 43 -14.76 38.30 -18.90
N PRO M 44 -15.41 39.45 -19.05
CA PRO M 44 -15.10 40.30 -20.19
C PRO M 44 -13.88 41.13 -19.82
N VAL M 45 -12.94 41.26 -20.75
CA VAL M 45 -11.74 42.05 -20.53
C VAL M 45 -11.75 43.10 -21.62
N GLY M 46 -12.07 44.33 -21.26
CA GLY M 46 -12.14 45.38 -22.25
C GLY M 46 -13.46 45.26 -23.00
N ASP M 47 -13.41 45.36 -24.32
CA ASP M 47 -14.63 45.28 -25.12
C ASP M 47 -14.44 44.40 -26.36
N ASN M 48 -13.29 43.72 -26.41
CA ASN M 48 -12.99 42.85 -27.53
C ASN M 48 -12.66 41.43 -27.06
N THR M 49 -12.69 41.21 -25.75
CA THR M 49 -12.35 39.91 -25.19
C THR M 49 -13.28 39.46 -24.07
N VAL M 50 -13.54 38.15 -24.05
CA VAL M 50 -14.34 37.53 -23.00
C VAL M 50 -13.65 36.22 -22.66
N VAL M 51 -13.33 36.03 -21.38
CA VAL M 51 -12.66 34.82 -20.91
C VAL M 51 -13.61 33.91 -20.16
N GLY M 52 -13.85 32.72 -20.72
CA GLY M 52 -14.73 31.74 -20.10
C GLY M 52 -13.90 30.75 -19.28
N ILE M 53 -14.25 30.61 -18.01
CA ILE M 53 -13.51 29.74 -17.09
C ILE M 53 -14.30 28.62 -16.41
N SER M 54 -13.72 27.42 -16.40
CA SER M 54 -14.35 26.31 -15.73
C SER M 54 -13.34 25.76 -14.74
N GLY M 55 -13.80 24.94 -13.80
CA GLY M 55 -12.89 24.40 -12.83
C GLY M 55 -13.08 25.02 -11.46
N ASP M 56 -12.00 25.04 -10.70
CA ASP M 56 -12.04 25.58 -9.35
C ASP M 56 -12.43 27.05 -9.32
N ILE M 57 -13.50 27.35 -8.60
CA ILE M 57 -14.02 28.71 -8.51
C ILE M 57 -13.09 29.68 -7.78
N SER M 58 -12.44 29.22 -6.71
CA SER M 58 -11.55 30.12 -5.98
C SER M 58 -10.42 30.55 -6.92
N ASP M 59 -9.91 29.61 -7.71
CA ASP M 59 -8.85 29.92 -8.67
C ASP M 59 -9.37 30.85 -9.75
N MET M 60 -10.61 30.63 -10.19
CA MET M 60 -11.20 31.49 -11.23
C MET M 60 -11.22 32.93 -10.72
N GLN M 61 -11.67 33.13 -9.49
CA GLN M 61 -11.74 34.46 -8.89
C GLN M 61 -10.35 35.09 -8.86
N HIS M 62 -9.34 34.26 -8.65
CA HIS M 62 -7.96 34.74 -8.61
C HIS M 62 -7.56 35.21 -9.99
N ILE M 63 -7.93 34.43 -11.01
CA ILE M 63 -7.59 34.77 -12.40
C ILE M 63 -8.34 36.03 -12.77
N GLU M 64 -9.55 36.15 -12.26
CA GLU M 64 -10.39 37.31 -12.50
C GLU M 64 -9.69 38.57 -12.00
N ARG M 65 -9.03 38.45 -10.86
CA ARG M 65 -8.31 39.56 -10.25
C ARG M 65 -7.04 39.87 -11.05
N LEU M 66 -6.44 38.85 -11.65
CA LEU M 66 -5.24 39.07 -12.43
C LEU M 66 -5.58 39.86 -13.68
N LEU M 67 -6.78 39.64 -14.19
CA LEU M 67 -7.24 40.32 -15.40
C LEU M 67 -7.52 41.80 -15.12
N LYS M 68 -8.16 42.11 -13.99
CA LYS M 68 -8.44 43.50 -13.67
C LYS M 68 -7.10 44.24 -13.63
N ASP M 69 -6.08 43.61 -13.06
CA ASP M 69 -4.75 44.23 -12.99
C ASP M 69 -4.17 44.45 -14.37
N LEU M 70 -4.29 43.46 -15.24
CA LEU M 70 -3.76 43.61 -16.59
C LEU M 70 -4.28 44.93 -17.13
N VAL M 71 -5.59 45.11 -17.05
CA VAL M 71 -6.21 46.35 -17.52
C VAL M 71 -5.57 47.57 -16.85
N THR M 72 -5.67 47.65 -15.53
CA THR M 72 -5.08 48.75 -14.76
C THR M 72 -3.65 49.04 -15.21
N GLU M 73 -2.84 47.99 -15.28
CA GLU M 73 -1.45 48.13 -15.67
C GLU M 73 -1.26 48.61 -17.11
N ASN M 74 -2.04 48.06 -18.04
CA ASN M 74 -1.90 48.47 -19.44
C ASN M 74 -2.23 49.94 -19.61
N ALA M 75 -2.97 50.49 -18.65
CA ALA M 75 -3.36 51.88 -18.68
C ALA M 75 -2.20 52.79 -18.26
N TYR M 76 -1.37 52.32 -17.33
CA TYR M 76 -0.24 53.11 -16.85
C TYR M 76 0.70 53.61 -17.95
N ASP M 77 0.91 54.93 -17.96
CA ASP M 77 1.79 55.57 -18.93
C ASP M 77 1.50 55.16 -20.37
N ASN M 78 0.23 54.88 -20.64
CA ASN M 78 -0.19 54.47 -21.97
C ASN M 78 -1.26 55.39 -22.50
N PRO M 79 -0.87 56.40 -23.27
CA PRO M 79 -1.81 57.37 -23.85
C PRO M 79 -2.74 56.73 -24.88
N LEU M 80 -2.42 55.51 -25.29
CA LEU M 80 -3.23 54.79 -26.28
C LEU M 80 -3.90 53.54 -25.70
N ALA M 81 -4.21 53.60 -24.40
CA ALA M 81 -4.82 52.48 -23.69
C ALA M 81 -6.18 52.07 -24.24
N ASP M 82 -6.89 53.01 -24.83
CA ASP M 82 -8.19 52.73 -25.40
C ASP M 82 -8.15 52.84 -26.93
N ALA M 83 -6.95 52.70 -27.49
CA ALA M 83 -6.79 52.79 -28.94
C ALA M 83 -5.85 51.72 -29.44
N GLU M 84 -4.76 52.12 -30.08
CA GLU M 84 -3.77 51.19 -30.63
C GLU M 84 -3.07 50.31 -29.60
N GLU M 85 -3.00 50.78 -28.36
CA GLU M 85 -2.32 50.02 -27.32
C GLU M 85 -3.26 49.46 -26.26
N ALA M 86 -4.43 49.03 -26.69
CA ALA M 86 -5.39 48.44 -25.78
C ALA M 86 -5.10 46.95 -25.77
N LEU M 87 -5.61 46.24 -24.77
CA LEU M 87 -5.38 44.81 -24.67
C LEU M 87 -6.07 44.05 -25.79
N GLU M 88 -5.28 43.24 -26.50
CA GLU M 88 -5.78 42.40 -27.58
C GLU M 88 -6.13 41.04 -26.98
N PRO M 89 -7.04 40.31 -27.63
CA PRO M 89 -7.38 39.01 -27.07
C PRO M 89 -6.13 38.12 -27.01
N SER M 90 -5.30 38.19 -28.05
CA SER M 90 -4.09 37.38 -28.08
C SER M 90 -3.14 37.69 -26.92
N TYR M 91 -3.09 38.95 -26.49
CA TYR M 91 -2.21 39.32 -25.38
C TYR M 91 -2.74 38.66 -24.11
N ILE M 92 -4.03 38.83 -23.86
CA ILE M 92 -4.67 38.28 -22.67
C ILE M 92 -4.48 36.76 -22.59
N PHE M 93 -4.60 36.11 -23.75
CA PHE M 93 -4.43 34.67 -23.77
C PHE M 93 -2.98 34.27 -23.46
N GLU M 94 -2.05 34.75 -24.27
CA GLU M 94 -0.64 34.43 -24.08
C GLU M 94 -0.22 34.61 -22.64
N TYR M 95 -0.85 35.59 -21.98
CA TYR M 95 -0.56 35.88 -20.58
C TYR M 95 -1.06 34.75 -19.69
N LEU M 96 -2.37 34.49 -19.74
CA LEU M 96 -2.95 33.42 -18.95
C LEU M 96 -2.24 32.10 -19.26
N ALA M 97 -1.97 31.85 -20.54
CA ALA M 97 -1.28 30.61 -20.94
C ALA M 97 0.04 30.53 -20.19
N THR M 98 0.79 31.62 -20.21
CA THR M 98 2.08 31.65 -19.53
C THR M 98 1.92 31.28 -18.06
N VAL M 99 0.99 31.93 -17.39
CA VAL M 99 0.74 31.67 -15.99
C VAL M 99 0.32 30.22 -15.73
N MET M 100 -0.62 29.72 -16.52
CA MET M 100 -1.11 28.36 -16.33
C MET M 100 0.03 27.35 -16.38
N TYR M 101 0.94 27.53 -17.33
CA TYR M 101 2.06 26.60 -17.48
C TYR M 101 3.13 26.78 -16.41
N GLN M 102 3.34 28.01 -15.94
CA GLN M 102 4.32 28.25 -14.90
C GLN M 102 3.83 27.56 -13.63
N ARG M 103 2.53 27.69 -13.38
CA ARG M 103 1.93 27.09 -12.20
C ARG M 103 1.94 25.56 -12.21
N ARG M 104 1.67 24.92 -13.36
CA ARG M 104 1.71 23.46 -13.38
C ARG M 104 3.16 23.05 -13.27
N SER M 105 4.07 23.91 -13.74
CA SER M 105 5.48 23.60 -13.68
C SER M 105 6.07 23.72 -12.28
N LYS M 106 5.30 24.33 -11.37
CA LYS M 106 5.72 24.47 -9.99
C LYS M 106 4.91 23.47 -9.17
N MET M 107 4.23 22.56 -9.85
CA MET M 107 3.41 21.55 -9.20
C MET M 107 2.35 22.17 -8.31
N ASN M 108 1.89 23.36 -8.69
CA ASN M 108 0.84 24.07 -7.96
C ASN M 108 -0.07 24.72 -9.01
N PRO M 109 -0.87 23.90 -9.70
CA PRO M 109 -1.77 24.40 -10.75
C PRO M 109 -2.94 25.27 -10.35
N LEU M 110 -3.44 26.02 -11.34
CA LEU M 110 -4.64 26.84 -11.21
C LEU M 110 -5.58 25.81 -11.85
N TRP M 111 -6.43 25.21 -11.02
CA TRP M 111 -7.30 24.14 -11.45
C TRP M 111 -8.44 24.52 -12.40
N ASN M 112 -8.09 24.99 -13.59
CA ASN M 112 -9.10 25.40 -14.55
C ASN M 112 -8.90 24.98 -15.98
N ALA M 113 -9.94 25.20 -16.78
CA ALA M 113 -9.96 24.96 -18.21
C ALA M 113 -10.45 26.34 -18.65
N ILE M 114 -9.68 27.00 -19.50
CA ILE M 114 -10.03 28.35 -19.93
C ILE M 114 -10.13 28.50 -21.44
N ILE M 115 -11.11 29.31 -21.87
CA ILE M 115 -11.29 29.60 -23.28
C ILE M 115 -11.33 31.11 -23.43
N VAL M 116 -10.43 31.65 -24.24
CA VAL M 116 -10.39 33.08 -24.46
C VAL M 116 -11.05 33.37 -25.81
N ALA M 117 -12.16 34.10 -25.76
CA ALA M 117 -12.90 34.44 -26.97
C ALA M 117 -12.83 35.92 -27.25
N GLY M 118 -12.53 36.27 -28.50
CA GLY M 118 -12.47 37.67 -28.84
C GLY M 118 -12.17 37.99 -30.30
N VAL M 119 -12.14 39.27 -30.59
CA VAL M 119 -11.86 39.76 -31.92
C VAL M 119 -10.67 40.70 -31.90
N GLN M 120 -9.65 40.34 -32.67
CA GLN M 120 -8.43 41.12 -32.74
C GLN M 120 -8.73 42.50 -33.34
N SER M 121 -7.78 43.42 -33.22
CA SER M 121 -7.95 44.77 -33.74
C SER M 121 -8.13 44.80 -35.27
N ASN M 122 -7.59 43.80 -35.97
CA ASN M 122 -7.72 43.75 -37.42
C ASN M 122 -8.96 42.96 -37.84
N GLY M 123 -9.89 42.79 -36.89
CA GLY M 123 -11.12 42.07 -37.18
C GLY M 123 -11.06 40.56 -37.05
N ASP M 124 -9.85 39.99 -37.03
CA ASP M 124 -9.69 38.54 -36.91
C ASP M 124 -10.33 37.97 -35.65
N GLN M 125 -10.94 36.80 -35.78
CA GLN M 125 -11.57 36.16 -34.63
C GLN M 125 -10.50 35.42 -33.85
N PHE M 126 -10.63 35.40 -32.53
CA PHE M 126 -9.68 34.70 -31.69
C PHE M 126 -10.40 33.74 -30.75
N LEU M 127 -9.95 32.50 -30.76
CA LEU M 127 -10.54 31.48 -29.91
C LEU M 127 -9.48 30.45 -29.58
N ARG M 128 -8.96 30.50 -28.36
CA ARG M 128 -7.96 29.53 -27.95
C ARG M 128 -8.27 29.04 -26.53
N TYR M 129 -7.75 27.85 -26.23
CA TYR M 129 -7.95 27.16 -24.96
C TYR M 129 -6.65 26.93 -24.19
N VAL M 130 -6.76 26.92 -22.87
CA VAL M 130 -5.60 26.66 -22.01
C VAL M 130 -6.15 26.07 -20.71
N ASN M 131 -5.51 25.02 -20.20
CA ASN M 131 -5.99 24.41 -18.95
C ASN M 131 -4.91 24.33 -17.88
N LEU M 132 -5.20 23.59 -16.81
CA LEU M 132 -4.26 23.46 -15.70
C LEU M 132 -2.90 22.88 -16.06
N LEU M 133 -2.82 22.16 -17.18
CA LEU M 133 -1.54 21.59 -17.60
C LEU M 133 -0.72 22.57 -18.45
N GLY M 134 -1.34 23.69 -18.81
CA GLY M 134 -0.65 24.65 -19.64
C GLY M 134 -0.78 24.26 -21.10
N VAL M 135 -1.69 23.32 -21.38
CA VAL M 135 -1.92 22.85 -22.74
C VAL M 135 -2.82 23.83 -23.48
N THR M 136 -2.50 24.09 -24.75
CA THR M 136 -3.27 25.03 -25.56
C THR M 136 -3.56 24.55 -26.97
N TYR M 137 -4.68 25.03 -27.51
CA TYR M 137 -5.09 24.70 -28.86
C TYR M 137 -6.28 25.52 -29.33
N SER M 138 -6.40 25.66 -30.65
CA SER M 138 -7.49 26.40 -31.28
C SER M 138 -8.25 25.45 -32.18
N SER M 139 -9.48 25.84 -32.49
CA SER M 139 -10.37 25.07 -33.34
C SER M 139 -11.62 25.92 -33.55
N PRO M 140 -12.31 25.75 -34.69
CA PRO M 140 -13.54 26.51 -34.98
C PRO M 140 -14.51 26.47 -33.79
N THR M 141 -14.52 25.35 -33.08
CA THR M 141 -15.36 25.20 -31.89
C THR M 141 -14.45 24.73 -30.74
N LEU M 142 -14.72 25.20 -29.53
CA LEU M 142 -13.95 24.82 -28.35
C LEU M 142 -14.87 24.73 -27.14
N ALA M 143 -14.75 23.62 -26.40
CA ALA M 143 -15.55 23.42 -25.20
C ALA M 143 -14.72 22.72 -24.14
N THR M 144 -15.04 22.98 -22.87
CA THR M 144 -14.32 22.34 -21.77
C THR M 144 -15.21 21.33 -21.06
N GLY M 145 -14.60 20.36 -20.40
CA GLY M 145 -15.36 19.36 -19.68
C GLY M 145 -16.39 18.66 -20.53
N PHE M 146 -17.60 18.51 -19.98
CA PHE M 146 -18.70 17.86 -20.68
C PHE M 146 -18.96 18.45 -22.06
N GLY M 147 -18.91 19.77 -22.15
CA GLY M 147 -19.14 20.43 -23.42
C GLY M 147 -18.27 19.85 -24.50
N ALA M 148 -17.08 19.39 -24.14
CA ALA M 148 -16.17 18.82 -25.12
C ALA M 148 -16.76 17.55 -25.72
N HIS M 149 -17.47 16.77 -24.90
CA HIS M 149 -18.07 15.52 -25.37
C HIS M 149 -19.43 15.68 -26.03
N MET M 150 -20.25 16.59 -25.52
CA MET M 150 -21.58 16.77 -26.07
C MET M 150 -21.76 18.00 -26.94
N ALA M 151 -21.16 19.12 -26.56
CA ALA M 151 -21.30 20.32 -27.36
C ALA M 151 -20.51 20.28 -28.67
N ASN M 152 -19.22 19.95 -28.61
CA ASN M 152 -18.44 19.93 -29.83
C ASN M 152 -19.07 19.16 -30.98
N PRO M 153 -19.58 17.93 -30.74
CA PRO M 153 -20.19 17.18 -31.83
C PRO M 153 -21.30 17.95 -32.54
N LEU M 154 -22.11 18.69 -31.77
CA LEU M 154 -23.21 19.47 -32.32
C LEU M 154 -22.65 20.68 -33.07
N LEU M 155 -21.87 21.50 -32.37
CA LEU M 155 -21.28 22.70 -32.94
C LEU M 155 -20.46 22.39 -34.19
N ARG M 156 -19.77 21.26 -34.20
CA ARG M 156 -18.98 20.91 -35.38
C ARG M 156 -19.86 20.58 -36.59
N LYS M 157 -21.13 20.27 -36.35
CA LYS M 157 -22.04 19.96 -37.44
C LYS M 157 -22.38 21.26 -38.18
N VAL M 158 -22.07 22.40 -37.56
CA VAL M 158 -22.30 23.72 -38.13
C VAL M 158 -21.01 24.26 -38.77
N VAL M 159 -19.91 24.19 -38.02
CA VAL M 159 -18.61 24.64 -38.53
C VAL M 159 -17.67 23.43 -38.40
N ASP M 160 -17.61 22.64 -39.45
CA ASP M 160 -16.79 21.43 -39.47
C ASP M 160 -15.35 21.73 -39.84
N ARG M 161 -15.12 22.81 -40.56
CA ARG M 161 -13.77 23.19 -40.93
C ARG M 161 -13.69 24.70 -41.07
N GLU M 162 -12.49 25.22 -41.24
CA GLU M 162 -12.27 26.66 -41.37
C GLU M 162 -13.21 27.36 -42.36
N SER M 163 -13.30 26.78 -43.56
CA SER M 163 -14.15 27.32 -44.62
C SER M 163 -15.61 27.53 -44.24
N ASP M 164 -16.11 26.76 -43.27
CA ASP M 164 -17.51 26.89 -42.86
C ASP M 164 -17.75 28.15 -42.04
N ILE M 165 -16.68 28.77 -41.56
CA ILE M 165 -16.82 29.97 -40.73
C ILE M 165 -17.50 31.13 -41.44
N PRO M 166 -16.91 31.60 -42.56
CA PRO M 166 -17.54 32.72 -43.28
C PRO M 166 -18.99 32.45 -43.69
N LYS M 167 -19.37 31.18 -43.74
CA LYS M 167 -20.71 30.78 -44.12
C LYS M 167 -21.67 30.72 -42.92
N THR M 168 -21.17 31.01 -41.72
CA THR M 168 -22.02 30.92 -40.54
C THR M 168 -22.38 32.29 -39.98
N THR M 169 -23.66 32.48 -39.68
CA THR M 169 -24.13 33.76 -39.14
C THR M 169 -24.40 33.73 -37.64
N VAL M 170 -24.44 34.91 -37.04
CA VAL M 170 -24.68 35.04 -35.61
C VAL M 170 -25.95 34.32 -35.17
N GLN M 171 -26.94 34.25 -36.08
CA GLN M 171 -28.20 33.60 -35.77
C GLN M 171 -27.99 32.10 -35.74
N VAL M 172 -27.36 31.57 -36.78
CA VAL M 172 -27.09 30.14 -36.85
C VAL M 172 -26.23 29.74 -35.66
N ALA M 173 -25.13 30.47 -35.46
CA ALA M 173 -24.22 30.22 -34.36
C ALA M 173 -24.90 30.31 -32.99
N GLU M 174 -25.48 31.47 -32.67
CA GLU M 174 -26.13 31.59 -31.37
C GLU M 174 -27.16 30.51 -31.14
N GLU M 175 -27.78 30.05 -32.21
CA GLU M 175 -28.78 29.01 -32.11
C GLU M 175 -28.12 27.69 -31.70
N ALA M 176 -27.03 27.37 -32.38
CA ALA M 176 -26.29 26.14 -32.08
C ALA M 176 -25.87 26.18 -30.60
N ILE M 177 -25.21 27.26 -30.20
CA ILE M 177 -24.76 27.43 -28.83
C ILE M 177 -25.90 27.23 -27.83
N VAL M 178 -27.05 27.84 -28.08
CA VAL M 178 -28.16 27.70 -27.14
C VAL M 178 -28.73 26.28 -27.08
N ASN M 179 -28.77 25.58 -28.21
CA ASN M 179 -29.28 24.22 -28.20
C ASN M 179 -28.30 23.36 -27.41
N ALA M 180 -27.01 23.62 -27.62
CA ALA M 180 -25.95 22.89 -26.92
C ALA M 180 -26.15 23.03 -25.42
N MET M 181 -26.40 24.25 -24.96
CA MET M 181 -26.61 24.48 -23.54
C MET M 181 -27.78 23.67 -23.01
N ARG M 182 -28.80 23.46 -23.84
CA ARG M 182 -29.96 22.67 -23.41
C ARG M 182 -29.57 21.20 -23.28
N VAL M 183 -28.83 20.70 -24.27
CA VAL M 183 -28.41 19.31 -24.24
C VAL M 183 -27.58 19.07 -22.97
N LEU M 184 -26.63 19.96 -22.70
CA LEU M 184 -25.80 19.82 -21.51
C LEU M 184 -26.68 19.81 -20.25
N TYR M 185 -27.74 20.61 -20.24
CA TYR M 185 -28.62 20.63 -19.05
C TYR M 185 -29.35 19.31 -18.92
N TYR M 186 -29.47 18.58 -20.02
CA TYR M 186 -30.16 17.29 -20.00
C TYR M 186 -29.28 16.18 -19.46
N ARG M 187 -28.01 16.14 -19.88
CA ARG M 187 -27.12 15.06 -19.46
C ARG M 187 -25.98 15.36 -18.48
N ASP M 188 -25.77 16.62 -18.11
CA ASP M 188 -24.70 16.97 -17.17
C ASP M 188 -25.32 17.18 -15.79
N ALA M 189 -24.97 16.33 -14.83
CA ALA M 189 -25.53 16.42 -13.49
C ALA M 189 -24.96 17.56 -12.67
N ARG M 190 -24.01 18.31 -13.23
CA ARG M 190 -23.40 19.43 -12.53
C ARG M 190 -23.71 20.73 -13.30
N SER M 191 -24.87 20.78 -13.93
CA SER M 191 -25.26 21.95 -14.70
C SER M 191 -26.51 22.65 -14.19
N SER M 192 -26.58 23.94 -14.48
CA SER M 192 -27.69 24.79 -14.09
C SER M 192 -28.46 25.15 -15.36
N ARG M 193 -29.73 25.50 -15.18
CA ARG M 193 -30.61 25.89 -16.28
C ARG M 193 -30.29 27.32 -16.70
N ASN M 194 -29.77 28.08 -15.75
CA ASN M 194 -29.42 29.47 -15.99
C ASN M 194 -28.01 29.62 -16.48
N PHE M 195 -27.83 30.49 -17.47
CA PHE M 195 -26.50 30.72 -18.01
C PHE M 195 -26.31 32.09 -18.62
N SER M 196 -25.07 32.39 -18.98
CA SER M 196 -24.72 33.65 -19.59
C SER M 196 -24.12 33.36 -20.94
N LEU M 197 -24.37 34.25 -21.89
CA LEU M 197 -23.84 34.06 -23.25
C LEU M 197 -23.28 35.40 -23.71
N ALA M 198 -22.18 35.35 -24.45
CA ALA M 198 -21.58 36.58 -24.93
C ALA M 198 -21.16 36.47 -26.39
N ILE M 199 -21.32 37.58 -27.09
CA ILE M 199 -20.95 37.65 -28.50
C ILE M 199 -19.95 38.78 -28.67
N ILE M 200 -18.92 38.52 -29.47
CA ILE M 200 -17.93 39.54 -29.75
C ILE M 200 -17.87 39.58 -31.27
N ASP M 201 -18.60 40.54 -31.83
CA ASP M 201 -18.70 40.73 -33.26
C ASP M 201 -17.88 41.93 -33.68
N LYS M 202 -17.10 41.78 -34.76
CA LYS M 202 -16.26 42.88 -35.23
C LYS M 202 -17.01 44.15 -35.63
N ASN M 203 -18.33 44.09 -35.63
CA ASN M 203 -19.14 45.25 -35.99
C ASN M 203 -19.99 45.72 -34.81
N THR M 204 -20.82 44.83 -34.30
CA THR M 204 -21.69 45.16 -33.17
C THR M 204 -20.95 45.22 -31.84
N GLY M 205 -19.68 44.82 -31.84
CA GLY M 205 -18.88 44.83 -30.61
C GLY M 205 -19.13 43.65 -29.68
N LEU M 206 -19.19 43.94 -28.37
CA LEU M 206 -19.41 42.89 -27.38
C LEU M 206 -20.80 42.96 -26.77
N THR M 207 -21.57 41.89 -26.94
CA THR M 207 -22.92 41.79 -26.40
C THR M 207 -22.88 40.74 -25.29
N PHE M 208 -23.17 41.15 -24.06
CA PHE M 208 -23.13 40.22 -22.95
C PHE M 208 -24.54 39.96 -22.46
N LYS M 209 -25.00 38.71 -22.56
CA LYS M 209 -26.34 38.33 -22.14
C LYS M 209 -26.37 37.52 -20.84
N LYS M 210 -27.07 38.05 -19.85
CA LYS M 210 -27.19 37.41 -18.55
C LYS M 210 -28.59 36.83 -18.29
N ASN M 211 -28.66 35.91 -17.34
CA ASN M 211 -29.89 35.27 -16.92
C ASN M 211 -30.70 34.52 -17.96
N LEU M 212 -30.04 33.94 -18.96
CA LEU M 212 -30.75 33.17 -19.98
C LEU M 212 -31.20 31.87 -19.33
N GLN M 213 -32.10 31.15 -19.99
CA GLN M 213 -32.60 29.90 -19.45
C GLN M 213 -32.85 28.88 -20.52
N VAL M 214 -32.63 27.62 -20.18
CA VAL M 214 -32.89 26.56 -21.13
C VAL M 214 -34.41 26.45 -21.20
N GLU M 215 -34.93 26.53 -22.43
CA GLU M 215 -36.37 26.46 -22.64
C GLU M 215 -36.64 25.38 -23.69
N ASN M 216 -37.91 25.20 -24.03
CA ASN M 216 -38.31 24.20 -25.03
C ASN M 216 -37.80 22.80 -24.66
N MET M 217 -38.09 22.38 -23.44
CA MET M 217 -37.65 21.07 -22.95
C MET M 217 -38.66 19.93 -23.09
N LYS M 218 -38.20 18.86 -23.74
CA LYS M 218 -39.01 17.66 -23.98
C LYS M 218 -38.95 16.71 -22.78
N TRP M 219 -40.07 16.55 -22.09
CA TRP M 219 -40.15 15.66 -20.93
C TRP M 219 -41.39 14.77 -20.99
N ASP M 220 -42.40 15.23 -21.71
CA ASP M 220 -43.67 14.53 -21.84
C ASP M 220 -43.59 13.00 -22.04
N PHE M 221 -42.65 12.54 -22.86
CA PHE M 221 -42.50 11.10 -23.09
C PHE M 221 -42.21 10.31 -21.80
N ALA M 222 -41.80 11.01 -20.76
CA ALA M 222 -41.49 10.36 -19.48
C ALA M 222 -42.69 9.67 -18.85
N LYS M 223 -43.91 10.09 -19.23
CA LYS M 223 -45.13 9.51 -18.68
C LYS M 223 -45.42 8.11 -19.23
N ASP M 224 -45.07 7.90 -20.50
CA ASP M 224 -45.30 6.62 -21.18
C ASP M 224 -44.29 5.56 -20.75
N ILE M 225 -43.32 5.96 -19.93
CA ILE M 225 -42.30 5.04 -19.47
C ILE M 225 -42.50 4.62 -18.01
N LYS M 226 -42.71 3.32 -17.80
CA LYS M 226 -42.90 2.77 -16.47
C LYS M 226 -42.09 1.47 -16.30
N GLY M 227 -41.68 1.21 -15.07
CA GLY M 227 -40.89 0.02 -14.79
C GLY M 227 -39.50 0.08 -15.42
N TYR M 228 -38.82 -1.06 -15.44
CA TYR M 228 -37.49 -1.14 -16.02
C TYR M 228 -37.36 -2.40 -16.89
N GLY M 229 -38.51 -2.92 -17.31
CA GLY M 229 -38.51 -4.12 -18.15
C GLY M 229 -39.86 -4.77 -18.40
N THR M 230 -40.31 -5.57 -17.43
CA THR M 230 -41.57 -6.30 -17.56
C THR M 230 -42.80 -5.63 -16.92
N GLN M 231 -42.57 -4.64 -16.07
CA GLN M 231 -43.67 -3.94 -15.40
C GLN M 231 -44.58 -3.23 -16.40
N LYS M 232 -45.88 -3.49 -16.29
CA LYS M 232 -46.85 -2.90 -17.19
C LYS M 232 -47.47 -1.59 -16.70
N ILE M 233 -47.74 -1.49 -15.39
CA ILE M 233 -48.32 -0.26 -14.86
C ILE M 233 -47.31 0.58 -14.07
N THR N 1 -20.70 20.95 13.64
CA THR N 1 -20.88 22.42 13.61
C THR N 1 -22.09 22.77 12.75
N SER N 2 -22.94 23.67 13.24
CA SER N 2 -24.10 24.17 12.48
C SER N 2 -24.07 25.69 12.64
N ILE N 3 -23.85 26.40 11.55
CA ILE N 3 -23.78 27.86 11.59
C ILE N 3 -24.49 28.52 10.41
N MET N 4 -24.94 29.75 10.62
CA MET N 4 -25.61 30.50 9.57
C MET N 4 -25.64 31.99 9.90
N ALA N 5 -25.73 32.81 8.85
CA ALA N 5 -25.82 34.25 9.03
C ALA N 5 -26.92 34.71 8.05
N VAL N 6 -27.87 35.50 8.57
CA VAL N 6 -29.00 36.00 7.78
C VAL N 6 -29.12 37.52 7.82
N THR N 7 -29.25 38.15 6.66
CA THR N 7 -29.38 39.60 6.61
C THR N 7 -30.88 39.89 6.59
N PHE N 8 -31.30 40.87 7.39
CA PHE N 8 -32.71 41.23 7.42
C PHE N 8 -32.85 42.75 7.29
N LYS N 9 -34.07 43.25 7.51
CA LYS N 9 -34.37 44.67 7.40
C LYS N 9 -33.41 45.63 8.13
N ASP N 10 -33.13 45.35 9.41
CA ASP N 10 -32.28 46.22 10.22
C ASP N 10 -30.81 45.84 10.31
N GLY N 11 -30.38 44.87 9.51
CA GLY N 11 -28.98 44.47 9.56
C GLY N 11 -28.75 42.99 9.32
N VAL N 12 -28.07 42.32 10.25
CA VAL N 12 -27.78 40.89 10.10
C VAL N 12 -27.63 40.15 11.43
N ILE N 13 -27.94 38.86 11.43
CA ILE N 13 -27.83 38.04 12.63
C ILE N 13 -27.02 36.77 12.37
N LEU N 14 -26.17 36.40 13.33
CA LEU N 14 -25.35 35.20 13.21
C LEU N 14 -25.82 34.18 14.24
N GLY N 15 -25.91 32.93 13.82
CA GLY N 15 -26.33 31.87 14.72
C GLY N 15 -25.40 30.68 14.64
N ALA N 16 -25.35 29.88 15.71
CA ALA N 16 -24.47 28.72 15.74
C ALA N 16 -24.81 27.79 16.90
N ASP N 17 -24.41 26.52 16.81
CA ASP N 17 -24.64 25.60 17.92
C ASP N 17 -23.42 25.73 18.82
N SER N 18 -23.32 24.92 19.87
CA SER N 18 -22.18 25.05 20.77
C SER N 18 -21.49 23.74 21.09
N ARG N 19 -21.59 22.76 20.19
CA ARG N 19 -20.95 21.48 20.42
C ARG N 19 -19.66 21.28 19.65
N THR N 20 -18.64 20.74 20.33
CA THR N 20 -17.38 20.40 19.68
C THR N 20 -17.13 18.95 20.12
N THR N 21 -16.78 18.11 19.16
CA THR N 21 -16.55 16.71 19.45
C THR N 21 -15.20 16.23 18.96
N THR N 22 -14.78 15.12 19.56
CA THR N 22 -13.55 14.44 19.17
C THR N 22 -14.14 13.04 19.13
N GLY N 23 -14.56 12.62 17.95
CA GLY N 23 -15.17 11.32 17.81
C GLY N 23 -16.62 11.48 18.22
N ALA N 24 -17.16 10.49 18.91
CA ALA N 24 -18.53 10.58 19.37
C ALA N 24 -18.57 11.33 20.69
N TYR N 25 -17.40 11.64 21.24
CA TYR N 25 -17.34 12.35 22.52
C TYR N 25 -17.51 13.86 22.39
N ILE N 26 -18.37 14.43 23.21
CA ILE N 26 -18.60 15.86 23.19
C ILE N 26 -17.57 16.50 24.11
N ALA N 27 -16.49 17.01 23.52
CA ALA N 27 -15.39 17.64 24.27
C ALA N 27 -15.79 18.93 24.97
N ASN N 28 -16.65 19.71 24.34
CA ASN N 28 -17.14 20.96 24.89
C ASN N 28 -18.60 21.12 24.45
N ARG N 29 -19.49 21.47 25.36
CA ARG N 29 -20.89 21.67 24.98
C ARG N 29 -21.38 23.10 25.11
N VAL N 30 -20.46 24.04 25.37
CA VAL N 30 -20.80 25.44 25.50
C VAL N 30 -19.84 26.30 24.67
N THR N 31 -19.40 25.75 23.55
CA THR N 31 -18.48 26.45 22.65
C THR N 31 -19.12 27.68 22.02
N ASP N 32 -18.30 28.70 21.78
CA ASP N 32 -18.79 29.91 21.15
C ASP N 32 -18.17 29.99 19.77
N LYS N 33 -18.96 29.66 18.76
CA LYS N 33 -18.47 29.64 17.39
C LYS N 33 -18.67 30.98 16.67
N LEU N 34 -19.21 31.95 17.39
CA LEU N 34 -19.44 33.28 16.83
C LEU N 34 -18.30 34.16 17.33
N THR N 35 -17.37 34.49 16.43
CA THR N 35 -16.20 35.27 16.78
C THR N 35 -16.18 36.71 16.24
N ARG N 36 -15.78 37.63 17.10
CA ARG N 36 -15.71 39.04 16.78
C ARG N 36 -14.37 39.41 16.15
N VAL N 37 -14.38 39.97 14.94
CA VAL N 37 -13.12 40.40 14.32
C VAL N 37 -13.06 41.92 14.40
N HIS N 38 -14.22 42.54 14.56
CA HIS N 38 -14.34 43.99 14.69
C HIS N 38 -15.65 44.30 15.43
N ASP N 39 -15.82 45.56 15.83
CA ASP N 39 -17.02 45.96 16.55
C ASP N 39 -18.27 45.45 15.89
N LYS N 40 -18.44 45.73 14.61
CA LYS N 40 -19.61 45.25 13.93
C LYS N 40 -19.37 44.31 12.77
N ILE N 41 -18.29 43.52 12.89
CA ILE N 41 -17.95 42.52 11.88
C ILE N 41 -17.60 41.25 12.64
N TRP N 42 -18.46 40.24 12.53
CA TRP N 42 -18.26 38.97 13.20
C TRP N 42 -18.18 37.84 12.20
N CYS N 43 -17.87 36.64 12.68
CA CYS N 43 -17.79 35.48 11.79
C CYS N 43 -18.30 34.20 12.44
N CYS N 44 -18.68 33.25 11.60
CA CYS N 44 -19.15 31.95 12.03
C CYS N 44 -18.05 30.98 11.64
N ARG N 45 -17.59 30.20 12.60
CA ARG N 45 -16.52 29.26 12.34
C ARG N 45 -17.00 27.81 12.13
N SER N 46 -16.37 27.13 11.17
CA SER N 46 -16.65 25.71 10.90
C SER N 46 -15.34 25.12 10.39
N GLY N 47 -15.12 23.83 10.67
CA GLY N 47 -13.90 23.19 10.25
C GLY N 47 -12.97 22.93 11.43
N SER N 48 -11.69 23.20 11.25
CA SER N 48 -10.73 23.00 12.33
C SER N 48 -10.86 24.11 13.36
N ALA N 49 -10.98 23.74 14.63
CA ALA N 49 -11.09 24.74 15.69
C ALA N 49 -9.77 25.50 15.76
N ALA N 50 -8.66 24.78 15.69
CA ALA N 50 -7.36 25.42 15.75
C ALA N 50 -7.18 26.35 14.56
N ASP N 51 -7.53 25.87 13.37
CA ASP N 51 -7.38 26.65 12.15
C ASP N 51 -8.22 27.91 12.11
N THR N 52 -9.50 27.80 12.42
CA THR N 52 -10.39 28.96 12.38
C THR N 52 -10.08 29.98 13.46
N GLN N 53 -9.67 29.52 14.64
CA GLN N 53 -9.31 30.42 15.72
C GLN N 53 -8.07 31.20 15.29
N ALA N 54 -7.06 30.50 14.81
CA ALA N 54 -5.84 31.15 14.36
C ALA N 54 -6.16 32.17 13.25
N ILE N 55 -7.01 31.77 12.32
CA ILE N 55 -7.39 32.64 11.23
C ILE N 55 -8.11 33.88 11.76
N ALA N 56 -9.10 33.66 12.62
CA ALA N 56 -9.86 34.77 13.18
C ALA N 56 -8.92 35.73 13.90
N ASP N 57 -8.04 35.20 14.75
CA ASP N 57 -7.10 36.02 15.49
C ASP N 57 -6.27 36.90 14.55
N ILE N 58 -5.81 36.33 13.44
CA ILE N 58 -5.01 37.11 12.51
C ILE N 58 -5.87 38.20 11.86
N VAL N 59 -7.09 37.87 11.47
CA VAL N 59 -7.98 38.84 10.85
C VAL N 59 -8.24 40.00 11.79
N GLN N 60 -8.60 39.68 13.04
CA GLN N 60 -8.86 40.70 14.04
C GLN N 60 -7.64 41.62 14.13
N TYR N 61 -6.45 41.02 14.10
CA TYR N 61 -5.22 41.78 14.15
C TYR N 61 -5.15 42.75 12.97
N HIS N 62 -5.44 42.25 11.77
CA HIS N 62 -5.40 43.08 10.58
C HIS N 62 -6.41 44.22 10.57
N LEU N 63 -7.62 43.94 11.01
CA LEU N 63 -8.66 44.97 11.02
C LEU N 63 -8.39 46.02 12.09
N GLU N 64 -7.68 45.65 13.15
CA GLU N 64 -7.33 46.60 14.22
C GLU N 64 -6.24 47.56 13.74
N LEU N 65 -5.34 47.08 12.87
CA LEU N 65 -4.28 47.94 12.35
C LEU N 65 -4.85 48.77 11.21
N TYR N 66 -5.79 48.18 10.47
CA TYR N 66 -6.45 48.88 9.37
C TYR N 66 -7.20 50.07 9.95
N THR N 67 -7.86 49.84 11.07
CA THR N 67 -8.63 50.88 11.72
C THR N 67 -7.73 52.00 12.21
N SER N 68 -6.59 51.64 12.80
CA SER N 68 -5.66 52.65 13.29
C SER N 68 -5.23 53.60 12.20
N GLN N 69 -5.23 53.12 10.97
CA GLN N 69 -4.79 53.93 9.85
C GLN N 69 -5.86 54.48 8.90
N TYR N 70 -6.89 53.68 8.63
CA TYR N 70 -7.91 54.10 7.67
C TYR N 70 -9.33 54.14 8.23
N GLY N 71 -9.45 53.99 9.54
CA GLY N 71 -10.76 54.01 10.15
C GLY N 71 -11.47 52.69 9.95
N THR N 72 -12.73 52.63 10.38
CA THR N 72 -13.54 51.44 10.27
C THR N 72 -13.56 50.80 8.88
N PRO N 73 -13.27 49.49 8.81
CA PRO N 73 -13.25 48.72 7.57
C PRO N 73 -14.64 48.25 7.15
N SER N 74 -14.81 48.01 5.85
CA SER N 74 -16.10 47.53 5.37
C SER N 74 -16.21 46.03 5.62
N THR N 75 -17.42 45.49 5.51
CA THR N 75 -17.59 44.08 5.74
C THR N 75 -16.90 43.37 4.59
N GLU N 76 -16.91 43.99 3.42
CA GLU N 76 -16.27 43.41 2.25
C GLU N 76 -14.76 43.27 2.48
N THR N 77 -14.16 44.29 3.09
CA THR N 77 -12.73 44.28 3.37
C THR N 77 -12.37 43.15 4.33
N ALA N 78 -13.23 42.91 5.32
CA ALA N 78 -13.01 41.85 6.29
C ALA N 78 -13.08 40.49 5.58
N ALA N 79 -14.08 40.31 4.75
CA ALA N 79 -14.21 39.07 4.02
C ALA N 79 -12.98 38.91 3.13
N SER N 80 -12.43 40.02 2.67
CA SER N 80 -11.26 39.96 1.81
C SER N 80 -10.05 39.40 2.57
N VAL N 81 -9.79 39.94 3.76
CA VAL N 81 -8.66 39.46 4.55
C VAL N 81 -8.83 37.96 4.88
N PHE N 82 -10.06 37.55 5.17
CA PHE N 82 -10.35 36.15 5.47
C PHE N 82 -10.02 35.32 4.26
N LYS N 83 -10.49 35.78 3.11
CA LYS N 83 -10.26 35.07 1.86
C LYS N 83 -8.77 34.95 1.53
N GLU N 84 -8.05 36.05 1.72
CA GLU N 84 -6.63 36.04 1.44
C GLU N 84 -5.95 34.90 2.22
N LEU N 85 -6.24 34.82 3.51
CA LEU N 85 -5.67 33.77 4.35
C LEU N 85 -6.14 32.37 3.91
N CYS N 86 -7.44 32.22 3.72
CA CYS N 86 -7.98 30.92 3.35
C CYS N 86 -7.55 30.39 1.98
N TYR N 87 -7.48 31.27 0.99
CA TYR N 87 -7.10 30.87 -0.37
C TYR N 87 -5.60 30.61 -0.49
N GLU N 88 -4.81 31.56 -0.01
CA GLU N 88 -3.36 31.48 -0.07
C GLU N 88 -2.79 30.30 0.71
N ASN N 89 -3.54 29.83 1.72
CA ASN N 89 -3.11 28.71 2.55
C ASN N 89 -4.07 27.54 2.51
N LYS N 90 -4.74 27.36 1.38
CA LYS N 90 -5.72 26.28 1.23
C LYS N 90 -5.20 24.87 1.50
N ASP N 91 -3.92 24.65 1.26
CA ASP N 91 -3.32 23.34 1.47
C ASP N 91 -3.15 22.92 2.93
N ASN N 92 -3.09 23.89 3.84
CA ASN N 92 -2.89 23.61 5.25
C ASN N 92 -4.00 24.02 6.17
N LEU N 93 -5.14 24.39 5.60
CA LEU N 93 -6.26 24.81 6.42
C LEU N 93 -7.53 24.06 6.11
N THR N 94 -8.37 23.94 7.13
CA THR N 94 -9.67 23.31 6.99
C THR N 94 -10.56 24.29 7.72
N ALA N 95 -11.00 25.30 6.98
CA ALA N 95 -11.84 26.35 7.52
C ALA N 95 -12.99 26.72 6.59
N GLY N 96 -14.19 26.73 7.16
CA GLY N 96 -15.37 27.13 6.41
C GLY N 96 -15.86 28.32 7.20
N ILE N 97 -15.75 29.52 6.65
CA ILE N 97 -16.15 30.70 7.39
C ILE N 97 -17.23 31.59 6.79
N ILE N 98 -18.15 32.03 7.64
CA ILE N 98 -19.20 32.94 7.21
C ILE N 98 -18.95 34.28 7.88
N VAL N 99 -18.70 35.29 7.07
CA VAL N 99 -18.43 36.65 7.55
C VAL N 99 -19.71 37.47 7.50
N ALA N 100 -20.06 38.09 8.63
CA ALA N 100 -21.27 38.90 8.68
C ALA N 100 -20.97 40.23 9.36
N GLY N 101 -21.43 41.31 8.76
CA GLY N 101 -21.17 42.61 9.35
C GLY N 101 -22.27 43.62 9.10
N TYR N 102 -22.24 44.71 9.87
CA TYR N 102 -23.21 45.77 9.72
C TYR N 102 -22.54 47.12 9.45
N ASP N 103 -22.89 47.67 8.30
CA ASP N 103 -22.38 48.95 7.85
C ASP N 103 -23.58 49.87 7.88
N ASP N 104 -23.36 51.18 7.92
CA ASP N 104 -24.49 52.09 7.94
C ASP N 104 -24.97 52.35 6.53
N LYS N 105 -24.00 52.47 5.63
CA LYS N 105 -24.28 52.71 4.22
C LYS N 105 -24.74 51.42 3.53
N ASN N 106 -24.20 50.29 3.96
CA ASN N 106 -24.53 48.98 3.37
C ASN N 106 -25.49 48.13 4.17
N LYS N 107 -25.76 48.54 5.42
CA LYS N 107 -26.66 47.79 6.28
C LYS N 107 -26.02 46.43 6.59
N GLY N 108 -26.78 45.34 6.47
CA GLY N 108 -26.22 44.03 6.76
C GLY N 108 -25.69 43.32 5.53
N GLU N 109 -24.55 42.65 5.66
CA GLU N 109 -23.96 41.90 4.55
C GLU N 109 -23.46 40.54 5.03
N VAL N 110 -23.53 39.55 4.13
CA VAL N 110 -23.07 38.21 4.46
C VAL N 110 -22.21 37.62 3.34
N TYR N 111 -21.02 37.18 3.72
CA TYR N 111 -20.09 36.56 2.78
C TYR N 111 -19.74 35.17 3.30
N THR N 112 -19.74 34.19 2.40
CA THR N 112 -19.40 32.85 2.82
C THR N 112 -18.09 32.46 2.13
N ILE N 113 -17.20 31.87 2.92
CA ILE N 113 -15.91 31.44 2.43
C ILE N 113 -15.76 29.96 2.70
N PRO N 114 -16.05 29.11 1.70
CA PRO N 114 -15.95 27.66 1.85
C PRO N 114 -14.50 27.19 1.76
N LEU N 115 -14.30 25.88 1.90
CA LEU N 115 -12.98 25.28 1.84
C LEU N 115 -12.01 25.80 0.80
N GLY N 116 -12.40 25.81 -0.47
CA GLY N 116 -11.44 26.29 -1.45
C GLY N 116 -10.78 27.66 -1.18
N GLY N 117 -11.50 28.57 -0.54
CA GLY N 117 -10.96 29.89 -0.29
C GLY N 117 -11.65 30.91 -1.19
N SER N 118 -12.75 30.51 -1.82
CA SER N 118 -13.52 31.41 -2.67
C SER N 118 -14.50 32.20 -1.80
N VAL N 119 -14.94 33.35 -2.29
CA VAL N 119 -15.88 34.19 -1.54
C VAL N 119 -17.21 34.27 -2.25
N HIS N 120 -18.29 34.29 -1.48
CA HIS N 120 -19.63 34.36 -2.06
C HIS N 120 -20.52 35.26 -1.21
N LYS N 121 -21.01 36.35 -1.79
CA LYS N 121 -21.89 37.26 -1.06
C LYS N 121 -23.33 36.77 -1.22
N LEU N 122 -24.04 36.63 -0.10
CA LEU N 122 -25.41 36.13 -0.18
C LEU N 122 -26.35 36.82 0.80
N PRO N 123 -27.67 36.67 0.59
CA PRO N 123 -28.68 37.27 1.46
C PRO N 123 -28.57 36.59 2.81
N TYR N 124 -28.14 35.34 2.79
CA TYR N 124 -27.95 34.53 3.99
C TYR N 124 -27.10 33.33 3.60
N ALA N 125 -26.48 32.69 4.60
CA ALA N 125 -25.65 31.53 4.32
C ALA N 125 -25.70 30.56 5.46
N ILE N 126 -25.53 29.28 5.12
CA ILE N 126 -25.51 28.21 6.11
C ILE N 126 -24.29 27.35 5.80
N ALA N 127 -23.70 26.78 6.83
CA ALA N 127 -22.52 25.95 6.67
C ALA N 127 -22.37 25.04 7.88
N GLY N 128 -21.37 24.18 7.84
CA GLY N 128 -21.15 23.24 8.92
C GLY N 128 -21.83 21.92 8.57
N SER N 129 -21.47 20.86 9.26
CA SER N 129 -22.05 19.55 8.99
C SER N 129 -23.57 19.55 9.02
N GLY N 130 -24.15 20.11 10.08
CA GLY N 130 -25.60 20.15 10.20
C GLY N 130 -26.35 20.95 9.14
N SER N 131 -25.64 21.79 8.40
CA SER N 131 -26.27 22.61 7.39
C SER N 131 -26.93 21.78 6.27
N THR N 132 -26.32 20.65 5.95
CA THR N 132 -26.84 19.81 4.88
C THR N 132 -28.31 19.42 5.05
N PHE N 133 -28.73 19.25 6.30
CA PHE N 133 -30.09 18.86 6.60
C PHE N 133 -31.12 19.96 6.50
N ILE N 134 -30.67 21.21 6.52
CA ILE N 134 -31.62 22.32 6.45
C ILE N 134 -31.58 23.12 5.16
N TYR N 135 -30.97 22.56 4.11
CA TYR N 135 -30.94 23.28 2.84
C TYR N 135 -32.37 23.46 2.35
N GLY N 136 -33.12 22.36 2.29
CA GLY N 136 -34.50 22.44 1.83
C GLY N 136 -35.28 23.44 2.66
N TYR N 137 -35.25 23.27 3.98
CA TYR N 137 -35.98 24.15 4.89
C TYR N 137 -35.67 25.63 4.75
N CYS N 138 -34.39 25.98 4.76
CA CYS N 138 -34.00 27.38 4.63
C CYS N 138 -34.40 28.01 3.30
N ASP N 139 -34.26 27.24 2.22
CA ASP N 139 -34.60 27.75 0.91
C ASP N 139 -36.10 28.01 0.79
N LYS N 140 -36.90 27.27 1.55
CA LYS N 140 -38.35 27.43 1.51
C LYS N 140 -38.84 28.48 2.49
N ASN N 141 -38.04 28.81 3.49
CA ASN N 141 -38.46 29.80 4.48
C ASN N 141 -37.72 31.13 4.53
N PHE N 142 -36.66 31.29 3.74
CA PHE N 142 -35.97 32.56 3.77
C PHE N 142 -36.76 33.60 3.00
N ARG N 143 -36.75 34.83 3.52
CA ARG N 143 -37.42 35.97 2.90
C ARG N 143 -36.56 37.18 3.17
N GLU N 144 -36.37 38.02 2.17
CA GLU N 144 -35.55 39.20 2.36
C GLU N 144 -36.29 40.27 3.15
N ASN N 145 -35.54 41.03 3.95
CA ASN N 145 -36.11 42.10 4.75
C ASN N 145 -37.09 41.69 5.84
N MET N 146 -36.78 40.61 6.54
CA MET N 146 -37.61 40.15 7.64
C MET N 146 -37.33 41.04 8.83
N SER N 147 -38.14 40.96 9.87
CA SER N 147 -37.92 41.78 11.05
C SER N 147 -36.95 41.05 11.97
N LYS N 148 -36.40 41.75 12.95
CA LYS N 148 -35.48 41.11 13.87
C LYS N 148 -36.14 39.86 14.47
N GLU N 149 -37.42 39.96 14.79
CA GLU N 149 -38.14 38.83 15.38
C GLU N 149 -38.30 37.65 14.44
N GLU N 150 -38.67 37.93 13.19
CA GLU N 150 -38.84 36.88 12.21
C GLU N 150 -37.52 36.16 11.96
N THR N 151 -36.46 36.95 11.79
CA THR N 151 -35.11 36.44 11.54
C THR N 151 -34.67 35.54 12.70
N VAL N 152 -34.77 36.05 13.92
CA VAL N 152 -34.39 35.25 15.09
C VAL N 152 -35.17 33.95 15.10
N ASP N 153 -36.35 33.94 14.51
CA ASP N 153 -37.17 32.73 14.49
C ASP N 153 -36.73 31.80 13.37
N PHE N 154 -36.39 32.36 12.22
CA PHE N 154 -35.94 31.60 11.07
C PHE N 154 -34.66 30.85 11.46
N ILE N 155 -33.77 31.55 12.16
CA ILE N 155 -32.51 30.98 12.60
C ILE N 155 -32.72 29.94 13.71
N LYS N 156 -33.58 30.26 14.68
CA LYS N 156 -33.83 29.34 15.78
C LYS N 156 -34.42 28.02 15.27
N HIS N 157 -35.30 28.10 14.28
CA HIS N 157 -35.91 26.91 13.72
C HIS N 157 -34.94 26.13 12.88
N SER N 158 -34.28 26.82 11.95
CA SER N 158 -33.31 26.17 11.09
C SER N 158 -32.27 25.40 11.92
N LEU N 159 -31.59 26.11 12.81
CA LEU N 159 -30.56 25.46 13.62
C LEU N 159 -31.08 24.36 14.54
N SER N 160 -32.32 24.47 15.00
CA SER N 160 -32.84 23.41 15.86
C SER N 160 -33.00 22.15 15.01
N GLN N 161 -33.31 22.33 13.74
CA GLN N 161 -33.44 21.17 12.87
C GLN N 161 -32.06 20.60 12.57
N ALA N 162 -31.10 21.47 12.30
CA ALA N 162 -29.73 21.07 12.02
C ALA N 162 -29.26 20.24 13.19
N ILE N 163 -29.43 20.79 14.39
CA ILE N 163 -29.03 20.10 15.62
C ILE N 163 -29.77 18.77 15.81
N LYS N 164 -31.04 18.74 15.38
CA LYS N 164 -31.87 17.56 15.52
C LYS N 164 -31.32 16.36 14.80
N TRP N 165 -30.86 16.57 13.57
CA TRP N 165 -30.35 15.49 12.76
C TRP N 165 -28.86 15.24 12.84
N ASP N 166 -28.08 16.29 13.08
CA ASP N 166 -26.64 16.18 13.13
C ASP N 166 -26.05 15.98 14.54
N GLY N 167 -25.49 14.80 14.76
CA GLY N 167 -24.91 14.50 16.06
C GLY N 167 -23.68 15.34 16.34
N SER N 168 -23.17 16.00 15.31
CA SER N 168 -21.99 16.82 15.47
C SER N 168 -22.38 18.21 15.96
N SER N 169 -23.68 18.45 16.01
CA SER N 169 -24.20 19.74 16.46
C SER N 169 -25.05 19.54 17.72
N GLY N 170 -25.17 20.60 18.50
CA GLY N 170 -25.96 20.51 19.72
C GLY N 170 -25.60 21.58 20.73
N GLY N 171 -26.11 21.41 21.94
CA GLY N 171 -25.86 22.37 23.00
C GLY N 171 -26.89 23.47 22.93
N VAL N 172 -26.45 24.73 23.05
CA VAL N 172 -27.37 25.85 22.98
C VAL N 172 -27.23 26.54 21.63
N ILE N 173 -28.23 27.32 21.26
CA ILE N 173 -28.13 28.05 20.01
C ILE N 173 -27.74 29.46 20.39
N ARG N 174 -26.59 29.92 19.91
CA ARG N 174 -26.14 31.26 20.20
C ARG N 174 -26.42 32.14 19.00
N MET N 175 -26.64 33.42 19.26
CA MET N 175 -26.90 34.36 18.18
C MET N 175 -26.26 35.68 18.53
N VAL N 176 -25.99 36.46 17.50
CA VAL N 176 -25.42 37.78 17.68
C VAL N 176 -26.12 38.65 16.67
N VAL N 177 -26.77 39.71 17.16
CA VAL N 177 -27.50 40.63 16.30
C VAL N 177 -26.67 41.88 16.05
N LEU N 178 -26.46 42.19 14.77
CA LEU N 178 -25.67 43.34 14.35
C LEU N 178 -26.56 44.35 13.64
N THR N 179 -26.80 45.50 14.28
CA THR N 179 -27.63 46.56 13.69
C THR N 179 -27.04 47.92 14.07
N ALA N 180 -27.68 49.00 13.62
CA ALA N 180 -27.20 50.34 13.94
C ALA N 180 -27.29 50.53 15.44
N ALA N 181 -28.30 49.90 16.04
CA ALA N 181 -28.55 49.98 17.48
C ALA N 181 -27.37 49.47 18.29
N GLY N 182 -26.57 48.59 17.70
CA GLY N 182 -25.44 48.04 18.41
C GLY N 182 -25.28 46.54 18.21
N VAL N 183 -24.78 45.88 19.26
CA VAL N 183 -24.51 44.45 19.22
C VAL N 183 -25.30 43.73 20.31
N GLU N 184 -26.08 42.73 19.91
CA GLU N 184 -26.87 41.98 20.90
C GLU N 184 -26.58 40.48 20.88
N ARG N 185 -26.38 39.93 22.07
CA ARG N 185 -26.11 38.49 22.24
C ARG N 185 -27.39 37.78 22.68
N LEU N 186 -27.69 36.66 22.03
CA LEU N 186 -28.87 35.87 22.38
C LEU N 186 -28.45 34.43 22.61
N ILE N 187 -29.19 33.72 23.45
CA ILE N 187 -28.90 32.32 23.71
C ILE N 187 -30.22 31.59 23.91
N PHE N 188 -30.34 30.40 23.35
CA PHE N 188 -31.57 29.62 23.49
C PHE N 188 -31.20 28.21 23.90
N TYR N 189 -31.74 27.78 25.02
CA TYR N 189 -31.46 26.47 25.56
C TYR N 189 -32.23 25.33 24.91
N PRO N 190 -31.75 24.09 25.08
CA PRO N 190 -32.36 22.89 24.52
C PRO N 190 -33.87 22.83 24.74
N ASP N 191 -34.27 22.90 26.00
CA ASP N 191 -35.69 22.84 26.37
C ASP N 191 -36.61 23.74 25.55
N GLU N 192 -36.07 24.81 24.99
CA GLU N 192 -36.90 25.68 24.18
C GLU N 192 -36.96 25.27 22.71
N TYR N 193 -35.81 25.20 22.04
CA TYR N 193 -35.82 24.85 20.62
C TYR N 193 -36.10 23.39 20.30
N GLU N 194 -35.81 22.48 21.23
CA GLU N 194 -36.06 21.06 21.00
C GLU N 194 -37.53 20.79 20.76
N GLN N 195 -38.39 21.63 21.32
CA GLN N 195 -39.82 21.43 21.15
C GLN N 195 -40.46 22.46 20.22
N LEU N 196 -39.81 22.74 19.10
CA LEU N 196 -40.35 23.68 18.13
C LEU N 196 -40.88 22.87 16.97
N MET O 1 -36.68 -41.74 0.63
CA MET O 1 -36.78 -41.24 -0.77
C MET O 1 -35.54 -41.71 -1.52
N THR O 2 -34.97 -40.81 -2.32
CA THR O 2 -33.77 -41.08 -3.10
C THR O 2 -33.97 -42.31 -3.98
N ASP O 3 -33.83 -42.10 -5.29
CA ASP O 3 -33.96 -43.20 -6.22
C ASP O 3 -32.97 -44.27 -5.75
N ARG O 4 -33.50 -45.42 -5.34
CA ARG O 4 -32.65 -46.50 -4.86
C ARG O 4 -32.56 -47.59 -5.92
N TYR O 5 -33.07 -47.26 -7.11
CA TYR O 5 -33.06 -48.15 -8.26
C TYR O 5 -31.83 -47.80 -9.10
N SER O 6 -30.67 -48.22 -8.63
CA SER O 6 -29.41 -47.93 -9.32
C SER O 6 -28.94 -49.09 -10.19
N PHE O 7 -29.75 -50.15 -10.24
CA PHE O 7 -29.42 -51.32 -11.03
C PHE O 7 -30.25 -51.31 -12.33
N SER O 8 -29.81 -52.08 -13.32
CA SER O 8 -30.51 -52.11 -14.59
C SER O 8 -31.87 -52.76 -14.47
N LEU O 9 -32.83 -52.28 -15.26
CA LEU O 9 -34.17 -52.87 -15.27
C LEU O 9 -34.32 -53.67 -16.57
N THR O 10 -33.29 -53.59 -17.41
CA THR O 10 -33.25 -54.30 -18.68
C THR O 10 -32.02 -55.18 -18.57
N THR O 11 -32.19 -56.50 -18.65
CA THR O 11 -31.06 -57.43 -18.55
C THR O 11 -31.18 -58.52 -19.60
N PHE O 12 -30.17 -59.39 -19.66
CA PHE O 12 -30.19 -60.47 -20.63
C PHE O 12 -30.88 -61.71 -20.09
N SER O 13 -31.85 -62.23 -20.83
CA SER O 13 -32.53 -63.45 -20.41
C SER O 13 -31.66 -64.59 -20.94
N PRO O 14 -31.81 -65.80 -20.40
CA PRO O 14 -30.98 -66.93 -20.86
C PRO O 14 -30.89 -67.10 -22.37
N SER O 15 -31.94 -66.75 -23.09
CA SER O 15 -31.93 -66.90 -24.54
C SER O 15 -31.14 -65.75 -25.20
N GLY O 16 -30.71 -64.79 -24.39
CA GLY O 16 -29.93 -63.67 -24.92
C GLY O 16 -30.77 -62.48 -25.32
N LYS O 17 -32.07 -62.56 -25.10
CA LYS O 17 -32.97 -61.48 -25.46
C LYS O 17 -32.92 -60.40 -24.36
N LEU O 18 -33.27 -59.18 -24.74
CA LEU O 18 -33.32 -58.08 -23.78
C LEU O 18 -34.80 -57.73 -23.74
N GLY O 19 -35.52 -58.49 -22.91
CA GLY O 19 -36.96 -58.36 -22.77
C GLY O 19 -37.57 -56.98 -22.85
N GLN O 20 -37.10 -56.07 -22.01
CA GLN O 20 -37.65 -54.72 -22.00
C GLN O 20 -37.58 -54.03 -23.36
N ILE O 21 -36.51 -54.28 -24.12
CA ILE O 21 -36.39 -53.68 -25.43
C ILE O 21 -37.39 -54.34 -26.37
N ASP O 22 -37.53 -55.66 -26.26
CA ASP O 22 -38.49 -56.38 -27.10
C ASP O 22 -39.89 -55.84 -26.83
N TYR O 23 -40.23 -55.69 -25.56
CA TYR O 23 -41.55 -55.19 -25.17
C TYR O 23 -41.76 -53.77 -25.66
N ALA O 24 -40.72 -52.95 -25.59
CA ALA O 24 -40.82 -51.59 -26.06
C ALA O 24 -41.16 -51.62 -27.56
N LEU O 25 -40.54 -52.53 -28.31
CA LEU O 25 -40.80 -52.65 -29.74
C LEU O 25 -42.26 -53.05 -30.00
N THR O 26 -42.81 -53.85 -29.09
CA THR O 26 -44.19 -54.29 -29.18
C THR O 26 -45.11 -53.07 -29.07
N ALA O 27 -44.78 -52.19 -28.13
CA ALA O 27 -45.56 -50.99 -27.92
C ALA O 27 -45.52 -50.17 -29.21
N VAL O 28 -44.37 -50.18 -29.88
CA VAL O 28 -44.23 -49.43 -31.13
C VAL O 28 -45.14 -49.98 -32.22
N LYS O 29 -45.23 -51.32 -32.30
CA LYS O 29 -46.07 -51.99 -33.29
C LYS O 29 -47.54 -51.64 -33.18
N GLN O 30 -48.01 -51.33 -31.97
CA GLN O 30 -49.40 -50.97 -31.76
C GLN O 30 -49.62 -49.52 -32.18
N GLY O 31 -48.54 -48.77 -32.26
CA GLY O 31 -48.61 -47.36 -32.61
C GLY O 31 -49.14 -47.07 -34.00
N VAL O 32 -49.68 -45.87 -34.16
CA VAL O 32 -50.20 -45.44 -35.46
C VAL O 32 -49.05 -45.42 -36.46
N THR O 33 -49.36 -45.79 -37.70
CA THR O 33 -48.35 -45.86 -38.75
C THR O 33 -47.78 -44.50 -39.13
N SER O 34 -46.47 -44.48 -39.40
CA SER O 34 -45.77 -43.27 -39.84
C SER O 34 -44.72 -43.74 -40.85
N LEU O 35 -44.33 -42.86 -41.76
CA LEU O 35 -43.37 -43.25 -42.78
C LEU O 35 -42.50 -42.12 -43.29
N GLY O 36 -41.47 -42.48 -44.04
CA GLY O 36 -40.57 -41.48 -44.58
C GLY O 36 -40.11 -41.91 -45.95
N ILE O 37 -40.05 -40.96 -46.88
CA ILE O 37 -39.60 -41.26 -48.23
C ILE O 37 -38.57 -40.23 -48.66
N LYS O 38 -37.46 -40.69 -49.19
CA LYS O 38 -36.41 -39.81 -49.63
C LYS O 38 -36.46 -39.65 -51.15
N ALA O 39 -36.51 -38.40 -51.60
CA ALA O 39 -36.51 -38.13 -53.03
C ALA O 39 -35.10 -37.63 -53.35
N THR O 40 -34.89 -37.16 -54.57
CA THR O 40 -33.58 -36.68 -54.96
C THR O 40 -33.33 -35.26 -54.44
N ASN O 41 -34.41 -34.50 -54.29
CA ASN O 41 -34.29 -33.12 -53.85
C ASN O 41 -35.15 -32.85 -52.62
N GLY O 42 -35.20 -33.82 -51.71
CA GLY O 42 -35.99 -33.62 -50.51
C GLY O 42 -36.39 -34.93 -49.88
N VAL O 43 -36.97 -34.84 -48.68
CA VAL O 43 -37.41 -36.02 -47.95
C VAL O 43 -38.79 -35.68 -47.39
N VAL O 44 -39.63 -36.69 -47.21
CA VAL O 44 -40.95 -36.44 -46.66
C VAL O 44 -41.24 -37.43 -45.55
N ILE O 45 -41.83 -36.93 -44.48
CA ILE O 45 -42.21 -37.77 -43.34
C ILE O 45 -43.68 -37.46 -43.08
N ALA O 46 -44.46 -38.52 -42.84
CA ALA O 46 -45.88 -38.34 -42.60
C ALA O 46 -46.40 -39.38 -41.63
N THR O 47 -47.55 -39.08 -41.04
CA THR O 47 -48.19 -39.96 -40.10
C THR O 47 -49.67 -39.56 -40.01
N GLU O 48 -50.44 -40.34 -39.26
CA GLU O 48 -51.87 -40.06 -39.10
C GLU O 48 -52.15 -39.38 -37.76
N LYS O 49 -52.97 -38.33 -37.78
CA LYS O 49 -53.32 -37.64 -36.54
C LYS O 49 -54.56 -38.26 -35.91
N LYS O 50 -54.37 -39.45 -35.35
CA LYS O 50 -55.43 -40.21 -34.69
C LYS O 50 -56.09 -39.45 -33.55
N SER O 51 -57.00 -38.55 -33.87
CA SER O 51 -57.68 -37.76 -32.83
C SER O 51 -58.38 -38.68 -31.82
N SER O 52 -57.96 -38.59 -30.56
CA SER O 52 -58.52 -39.41 -29.49
C SER O 52 -59.88 -38.94 -28.98
N SER O 53 -60.57 -38.15 -29.81
CA SER O 53 -61.88 -37.58 -29.49
C SER O 53 -62.15 -36.43 -30.44
N PRO O 54 -63.41 -36.21 -30.82
CA PRO O 54 -63.71 -35.10 -31.72
C PRO O 54 -63.62 -33.77 -30.99
N LEU O 55 -63.70 -33.82 -29.65
CA LEU O 55 -63.62 -32.61 -28.85
C LEU O 55 -62.18 -32.10 -28.74
N ALA O 56 -61.23 -32.99 -29.01
CA ALA O 56 -59.82 -32.64 -28.96
C ALA O 56 -59.43 -31.86 -30.20
N MET O 57 -58.46 -30.97 -30.07
CA MET O 57 -58.00 -30.16 -31.19
C MET O 57 -56.70 -30.76 -31.70
N SER O 58 -56.81 -31.56 -32.76
CA SER O 58 -55.66 -32.24 -33.35
C SER O 58 -54.47 -31.35 -33.71
N GLU O 59 -54.70 -30.05 -33.91
CA GLU O 59 -53.60 -29.14 -34.25
C GLU O 59 -52.67 -28.95 -33.05
N THR O 60 -53.26 -28.86 -31.86
CA THR O 60 -52.50 -28.68 -30.62
C THR O 60 -51.74 -29.94 -30.27
N LEU O 61 -51.35 -30.69 -31.29
CA LEU O 61 -50.61 -31.91 -31.04
C LEU O 61 -49.91 -32.35 -32.31
N SER O 62 -48.67 -31.90 -32.48
CA SER O 62 -47.90 -32.24 -33.65
C SER O 62 -47.11 -33.51 -33.42
N LYS O 63 -47.28 -34.47 -34.33
CA LYS O 63 -46.56 -35.72 -34.25
C LYS O 63 -45.27 -35.53 -35.05
N VAL O 64 -45.26 -34.50 -35.90
CA VAL O 64 -44.11 -34.18 -36.72
C VAL O 64 -43.46 -32.92 -36.13
N SER O 65 -42.24 -33.08 -35.62
CA SER O 65 -41.55 -31.97 -34.98
C SER O 65 -40.25 -31.56 -35.62
N LEU O 66 -39.98 -30.26 -35.58
CA LEU O 66 -38.75 -29.70 -36.12
C LEU O 66 -37.70 -29.87 -35.02
N LEU O 67 -36.54 -30.39 -35.38
CA LEU O 67 -35.46 -30.54 -34.41
C LEU O 67 -34.45 -29.41 -34.60
N THR O 68 -34.13 -29.13 -35.85
CA THR O 68 -33.22 -28.05 -36.23
C THR O 68 -33.87 -27.50 -37.49
N PRO O 69 -33.46 -26.32 -37.95
CA PRO O 69 -34.13 -25.85 -39.17
C PRO O 69 -33.99 -26.73 -40.41
N ASP O 70 -33.18 -27.78 -40.33
CA ASP O 70 -33.01 -28.69 -41.47
C ASP O 70 -33.24 -30.15 -41.09
N ILE O 71 -33.88 -30.37 -39.95
CA ILE O 71 -34.13 -31.73 -39.51
C ILE O 71 -35.50 -31.83 -38.85
N GLY O 72 -36.23 -32.88 -39.18
CA GLY O 72 -37.55 -33.07 -38.61
C GLY O 72 -37.66 -34.50 -38.13
N ALA O 73 -38.62 -34.77 -37.25
CA ALA O 73 -38.81 -36.13 -36.76
C ALA O 73 -40.29 -36.46 -36.66
N VAL O 74 -40.57 -37.75 -36.69
CA VAL O 74 -41.93 -38.26 -36.59
C VAL O 74 -41.77 -39.60 -35.90
N TYR O 75 -42.85 -40.16 -35.37
CA TYR O 75 -42.70 -41.42 -34.66
C TYR O 75 -43.90 -42.37 -34.71
N SER O 76 -43.74 -43.46 -33.97
CA SER O 76 -44.74 -44.50 -33.80
C SER O 76 -44.48 -45.11 -32.44
N GLY O 77 -45.53 -45.14 -31.61
CA GLY O 77 -45.38 -45.69 -30.29
C GLY O 77 -45.98 -44.77 -29.24
N MET O 78 -45.29 -44.63 -28.12
CA MET O 78 -45.77 -43.81 -27.03
C MET O 78 -45.51 -42.32 -27.19
N GLY O 79 -46.58 -41.59 -27.49
CA GLY O 79 -46.49 -40.15 -27.67
C GLY O 79 -45.68 -39.41 -26.62
N PRO O 80 -46.04 -39.52 -25.33
CA PRO O 80 -45.29 -38.83 -24.27
C PRO O 80 -43.78 -39.07 -24.33
N ASP O 81 -43.36 -40.31 -24.57
CA ASP O 81 -41.92 -40.60 -24.66
C ASP O 81 -41.32 -39.79 -25.81
N TYR O 82 -42.04 -39.72 -26.92
CA TYR O 82 -41.59 -38.98 -28.09
C TYR O 82 -41.44 -37.48 -27.79
N ARG O 83 -42.42 -36.94 -27.09
CA ARG O 83 -42.39 -35.53 -26.76
C ARG O 83 -41.13 -35.16 -25.99
N VAL O 84 -40.83 -35.87 -24.90
CA VAL O 84 -39.64 -35.51 -24.13
C VAL O 84 -38.38 -35.79 -24.96
N LEU O 85 -38.45 -36.80 -25.82
CA LEU O 85 -37.31 -37.13 -26.66
C LEU O 85 -37.04 -35.98 -27.61
N VAL O 86 -38.11 -35.32 -28.05
CA VAL O 86 -37.97 -34.18 -28.95
C VAL O 86 -37.34 -33.01 -28.22
N ASP O 87 -37.75 -32.79 -26.97
CA ASP O 87 -37.18 -31.69 -26.20
C ASP O 87 -35.68 -31.92 -26.01
N LYS O 88 -35.30 -33.14 -25.66
CA LYS O 88 -33.91 -33.47 -25.44
C LYS O 88 -33.10 -33.34 -26.72
N SER O 89 -33.70 -33.72 -27.84
CA SER O 89 -33.01 -33.66 -29.13
C SER O 89 -32.75 -32.23 -29.55
N ARG O 90 -33.73 -31.36 -29.36
CA ARG O 90 -33.55 -29.97 -29.72
C ARG O 90 -32.43 -29.37 -28.89
N LYS O 91 -32.40 -29.71 -27.61
CA LYS O 91 -31.39 -29.17 -26.73
C LYS O 91 -30.00 -29.69 -27.04
N VAL O 92 -29.88 -31.01 -27.17
CA VAL O 92 -28.57 -31.61 -27.44
C VAL O 92 -28.01 -31.08 -28.76
N ALA O 93 -28.90 -30.69 -29.67
CA ALA O 93 -28.45 -30.14 -30.95
C ALA O 93 -27.64 -28.88 -30.69
N HIS O 94 -27.99 -28.16 -29.63
CA HIS O 94 -27.31 -26.92 -29.25
C HIS O 94 -26.11 -27.18 -28.35
N THR O 95 -26.37 -27.78 -27.19
CA THR O 95 -25.34 -28.07 -26.22
C THR O 95 -24.17 -28.88 -26.74
N SER O 96 -24.45 -29.92 -27.52
CA SER O 96 -23.37 -30.74 -28.04
C SER O 96 -22.91 -30.40 -29.44
N TYR O 97 -23.42 -29.31 -30.00
CA TYR O 97 -22.99 -28.98 -31.35
C TYR O 97 -23.00 -27.50 -31.71
N LYS O 98 -24.18 -26.91 -31.81
CA LYS O 98 -24.24 -25.51 -32.19
C LYS O 98 -23.43 -24.59 -31.31
N ARG O 99 -23.41 -24.85 -30.01
CA ARG O 99 -22.65 -24.01 -29.07
C ARG O 99 -21.15 -24.20 -29.16
N ILE O 100 -20.74 -25.23 -29.90
CA ILE O 100 -19.33 -25.53 -30.08
C ILE O 100 -18.79 -25.17 -31.46
N TYR O 101 -19.56 -25.49 -32.50
CA TYR O 101 -19.15 -25.23 -33.88
C TYR O 101 -19.88 -24.08 -34.54
N GLY O 102 -20.86 -23.51 -33.85
CA GLY O 102 -21.59 -22.39 -34.44
C GLY O 102 -22.50 -22.76 -35.60
N GLU O 103 -22.78 -24.05 -35.76
CA GLU O 103 -23.67 -24.49 -36.83
C GLU O 103 -24.47 -25.67 -36.33
N TYR O 104 -25.64 -25.92 -36.91
CA TYR O 104 -26.49 -27.04 -36.50
C TYR O 104 -25.85 -28.34 -36.92
N PRO O 105 -26.11 -29.42 -36.18
CA PRO O 105 -25.50 -30.71 -36.51
C PRO O 105 -26.04 -31.37 -37.78
N PRO O 106 -25.22 -32.22 -38.41
CA PRO O 106 -25.66 -32.91 -39.61
C PRO O 106 -26.57 -34.07 -39.17
N THR O 107 -27.61 -34.33 -39.96
CA THR O 107 -28.58 -35.39 -39.65
C THR O 107 -28.03 -36.64 -38.94
N LYS O 108 -26.98 -37.26 -39.49
CA LYS O 108 -26.43 -38.45 -38.88
C LYS O 108 -25.96 -38.26 -37.45
N LEU O 109 -25.28 -37.15 -37.17
CA LEU O 109 -24.78 -36.90 -35.81
C LEU O 109 -25.88 -36.63 -34.80
N LEU O 110 -26.89 -35.85 -35.18
CA LEU O 110 -27.99 -35.58 -34.26
C LEU O 110 -28.73 -36.88 -34.00
N VAL O 111 -28.87 -37.69 -35.04
CA VAL O 111 -29.53 -38.99 -34.93
C VAL O 111 -28.70 -39.82 -33.95
N SER O 112 -27.38 -39.70 -34.08
CA SER O 112 -26.45 -40.41 -33.24
C SER O 112 -26.68 -40.02 -31.77
N GLU O 113 -26.86 -38.73 -31.53
CA GLU O 113 -27.09 -38.21 -30.18
C GLU O 113 -28.38 -38.78 -29.61
N VAL O 114 -29.46 -38.69 -30.39
CA VAL O 114 -30.76 -39.20 -29.99
C VAL O 114 -30.66 -40.68 -29.67
N ALA O 115 -29.97 -41.42 -30.53
CA ALA O 115 -29.79 -42.86 -30.35
C ALA O 115 -29.08 -43.13 -29.02
N LYS O 116 -28.09 -42.30 -28.71
CA LYS O 116 -27.35 -42.46 -27.47
C LYS O 116 -28.27 -42.32 -26.27
N ILE O 117 -29.14 -41.32 -26.33
CA ILE O 117 -30.09 -41.08 -25.25
C ILE O 117 -30.96 -42.30 -25.03
N MET O 118 -31.38 -42.93 -26.12
CA MET O 118 -32.20 -44.13 -26.03
C MET O 118 -31.40 -45.34 -25.55
N GLN O 119 -30.16 -45.44 -25.99
CA GLN O 119 -29.35 -46.59 -25.58
C GLN O 119 -29.18 -46.56 -24.07
N GLU O 120 -29.04 -45.38 -23.51
CA GLU O 120 -28.84 -45.24 -22.07
C GLU O 120 -30.05 -45.69 -21.26
N ALA O 121 -31.24 -45.40 -21.78
CA ALA O 121 -32.49 -45.77 -21.10
C ALA O 121 -32.68 -47.28 -21.16
N THR O 122 -31.67 -47.94 -21.72
CA THR O 122 -31.65 -49.39 -21.91
C THR O 122 -30.65 -50.05 -20.97
N GLN O 123 -29.84 -49.23 -20.31
CA GLN O 123 -28.80 -49.75 -19.43
C GLN O 123 -28.66 -49.00 -18.09
N SER O 124 -28.97 -47.70 -18.08
CA SER O 124 -28.88 -46.92 -16.84
C SER O 124 -29.73 -47.57 -15.77
N GLY O 125 -29.41 -47.27 -14.51
CA GLY O 125 -30.19 -47.83 -13.44
C GLY O 125 -31.54 -47.17 -13.28
N GLY O 126 -32.52 -47.95 -12.82
CA GLY O 126 -33.86 -47.45 -12.56
C GLY O 126 -34.78 -46.92 -13.65
N VAL O 127 -34.55 -47.29 -14.90
CA VAL O 127 -35.43 -46.80 -15.96
C VAL O 127 -35.81 -47.91 -16.93
N ARG O 128 -36.76 -47.60 -17.81
CA ARG O 128 -37.23 -48.55 -18.83
C ARG O 128 -36.88 -47.90 -20.15
N PRO O 129 -36.79 -48.70 -21.23
CA PRO O 129 -36.46 -48.14 -22.56
C PRO O 129 -37.56 -47.23 -23.06
N PHE O 130 -37.26 -46.39 -24.03
CA PHE O 130 -38.29 -45.51 -24.59
C PHE O 130 -39.20 -46.37 -25.45
N GLY O 131 -40.51 -46.16 -25.35
CA GLY O 131 -41.43 -46.95 -26.14
C GLY O 131 -41.78 -46.35 -27.49
N VAL O 132 -40.76 -45.94 -28.26
CA VAL O 132 -41.03 -45.38 -29.56
C VAL O 132 -39.91 -45.68 -30.55
N SER O 133 -40.23 -45.48 -31.82
CA SER O 133 -39.29 -45.63 -32.90
C SER O 133 -39.45 -44.31 -33.62
N LEU O 134 -38.33 -43.70 -34.00
CA LEU O 134 -38.38 -42.42 -34.67
C LEU O 134 -37.92 -42.52 -36.10
N LEU O 135 -38.39 -41.58 -36.91
CA LEU O 135 -37.97 -41.47 -38.30
C LEU O 135 -37.54 -40.03 -38.33
N ILE O 136 -36.25 -39.82 -38.54
CA ILE O 136 -35.70 -38.48 -38.58
C ILE O 136 -35.23 -38.18 -40.01
N ALA O 137 -35.71 -37.07 -40.56
CA ALA O 137 -35.36 -36.67 -41.91
C ALA O 137 -34.67 -35.32 -41.87
N GLY O 138 -33.55 -35.21 -42.55
CA GLY O 138 -32.85 -33.95 -42.57
C GLY O 138 -31.93 -33.75 -43.76
N HIS O 139 -31.29 -32.59 -43.78
CA HIS O 139 -30.35 -32.24 -44.84
C HIS O 139 -29.21 -31.40 -44.31
N ASP O 140 -28.00 -31.70 -44.76
CA ASP O 140 -26.82 -30.93 -44.37
C ASP O 140 -25.90 -30.82 -45.59
N GLU O 141 -25.13 -29.75 -45.62
CA GLU O 141 -24.24 -29.47 -46.74
C GLU O 141 -23.39 -30.61 -47.30
N PHE O 142 -22.77 -31.38 -46.43
CA PHE O 142 -21.91 -32.43 -46.94
C PHE O 142 -22.52 -33.83 -47.10
N ASN O 143 -23.76 -34.02 -46.67
CA ASN O 143 -24.38 -35.34 -46.80
C ASN O 143 -25.69 -35.27 -47.56
N GLY O 144 -26.08 -34.07 -47.96
CA GLY O 144 -27.32 -33.89 -48.68
C GLY O 144 -28.53 -34.30 -47.84
N PHE O 145 -29.46 -35.01 -48.47
CA PHE O 145 -30.66 -35.46 -47.77
C PHE O 145 -30.49 -36.85 -47.22
N SER O 146 -31.08 -37.10 -46.05
CA SER O 146 -31.01 -38.41 -45.44
C SER O 146 -32.25 -38.68 -44.60
N LEU O 147 -32.48 -39.97 -44.34
CA LEU O 147 -33.62 -40.41 -43.55
C LEU O 147 -33.15 -41.55 -42.66
N TYR O 148 -33.41 -41.45 -41.37
CA TYR O 148 -32.98 -42.47 -40.43
C TYR O 148 -34.12 -42.97 -39.56
N GLN O 149 -33.95 -44.19 -39.08
CA GLN O 149 -34.92 -44.80 -38.20
C GLN O 149 -34.13 -45.12 -36.94
N VAL O 150 -34.71 -44.84 -35.77
CA VAL O 150 -34.03 -45.09 -34.49
C VAL O 150 -34.98 -45.91 -33.63
N ASP O 151 -34.53 -47.10 -33.23
CA ASP O 151 -35.36 -47.98 -32.40
C ASP O 151 -35.09 -47.86 -30.90
N PRO O 152 -35.99 -48.41 -30.07
CA PRO O 152 -35.86 -48.38 -28.61
C PRO O 152 -34.51 -48.87 -28.08
N SER O 153 -33.85 -49.72 -28.85
CA SER O 153 -32.55 -50.25 -28.43
C SER O 153 -31.44 -49.21 -28.57
N GLY O 154 -31.67 -48.21 -29.40
CA GLY O 154 -30.67 -47.20 -29.63
C GLY O 154 -30.05 -47.38 -31.01
N SER O 155 -30.47 -48.43 -31.70
CA SER O 155 -29.98 -48.72 -33.04
C SER O 155 -30.66 -47.83 -34.07
N TYR O 156 -29.90 -47.37 -35.05
CA TYR O 156 -30.45 -46.54 -36.10
C TYR O 156 -29.87 -46.99 -37.42
N PHE O 157 -30.64 -46.79 -38.49
CA PHE O 157 -30.21 -47.18 -39.82
C PHE O 157 -30.78 -46.23 -40.85
N PRO O 158 -30.02 -45.98 -41.92
CA PRO O 158 -30.42 -45.06 -43.01
C PRO O 158 -31.37 -45.77 -43.98
N TRP O 159 -32.37 -45.04 -44.46
CA TRP O 159 -33.36 -45.59 -45.38
C TRP O 159 -33.57 -44.75 -46.62
N LYS O 160 -34.11 -45.38 -47.66
CA LYS O 160 -34.46 -44.69 -48.90
C LYS O 160 -35.92 -44.35 -48.65
N ALA O 161 -36.60 -45.30 -48.00
CA ALA O 161 -38.01 -45.18 -47.63
C ALA O 161 -38.33 -46.30 -46.67
N THR O 162 -39.28 -46.06 -45.77
CA THR O 162 -39.69 -47.08 -44.81
C THR O 162 -40.88 -46.59 -44.00
N ALA O 163 -41.50 -47.52 -43.29
CA ALA O 163 -42.64 -47.19 -42.46
C ALA O 163 -42.46 -47.95 -41.15
N ILE O 164 -43.12 -47.45 -40.10
CA ILE O 164 -43.05 -48.07 -38.79
C ILE O 164 -44.43 -47.99 -38.19
N GLY O 165 -44.70 -48.87 -37.23
CA GLY O 165 -46.00 -48.87 -36.58
C GLY O 165 -46.96 -49.91 -37.11
N LYS O 166 -48.22 -49.79 -36.69
CA LYS O 166 -49.31 -50.67 -37.07
C LYS O 166 -49.14 -51.43 -38.39
N GLY O 167 -49.28 -50.72 -39.50
CA GLY O 167 -49.16 -51.38 -40.79
C GLY O 167 -47.85 -51.18 -41.51
N SER O 168 -46.75 -51.25 -40.76
CA SER O 168 -45.43 -51.09 -41.34
C SER O 168 -45.13 -52.16 -42.38
N VAL O 169 -45.46 -53.42 -42.07
CA VAL O 169 -45.18 -54.51 -43.00
C VAL O 169 -45.77 -54.27 -44.39
N ALA O 170 -47.07 -54.01 -44.43
CA ALA O 170 -47.75 -53.76 -45.68
C ALA O 170 -47.18 -52.51 -46.36
N ALA O 171 -47.16 -51.40 -45.62
CA ALA O 171 -46.65 -50.14 -46.13
C ALA O 171 -45.24 -50.24 -46.70
N LYS O 172 -44.38 -51.00 -46.04
CA LYS O 172 -43.02 -51.15 -46.55
C LYS O 172 -43.05 -51.88 -47.88
N THR O 173 -44.00 -52.81 -48.02
CA THR O 173 -44.12 -53.56 -49.26
C THR O 173 -44.59 -52.62 -50.37
N PHE O 174 -45.63 -51.84 -50.08
CA PHE O 174 -46.13 -50.92 -51.08
C PHE O 174 -45.07 -49.90 -51.47
N LEU O 175 -44.19 -49.58 -50.53
CA LEU O 175 -43.14 -48.61 -50.79
C LEU O 175 -42.08 -49.18 -51.72
N GLU O 176 -41.68 -50.42 -51.49
CA GLU O 176 -40.66 -51.05 -52.33
C GLU O 176 -41.08 -51.00 -53.80
N LYS O 177 -42.39 -51.17 -54.04
CA LYS O 177 -42.92 -51.14 -55.39
C LYS O 177 -42.76 -49.80 -56.10
N ARG O 178 -43.13 -48.72 -55.42
CA ARG O 178 -43.08 -47.40 -56.02
C ARG O 178 -41.77 -46.59 -55.91
N TRP O 179 -40.82 -47.05 -55.11
CA TRP O 179 -39.57 -46.28 -54.95
C TRP O 179 -38.47 -46.53 -55.96
N ASN O 180 -37.88 -45.44 -56.45
CA ASN O 180 -36.77 -45.48 -57.39
C ASN O 180 -35.87 -44.29 -57.06
N ASP O 181 -34.62 -44.35 -57.50
CA ASP O 181 -33.68 -43.28 -57.20
C ASP O 181 -33.76 -42.06 -58.10
N GLU O 182 -34.94 -41.81 -58.67
CA GLU O 182 -35.13 -40.66 -59.54
C GLU O 182 -36.38 -39.87 -59.19
N LEU O 183 -36.92 -40.12 -58.00
CA LEU O 183 -38.11 -39.44 -57.54
C LEU O 183 -37.86 -37.98 -57.19
N GLU O 184 -38.78 -37.11 -57.58
CA GLU O 184 -38.68 -35.70 -57.29
C GLU O 184 -39.51 -35.57 -56.01
N LEU O 185 -39.31 -34.52 -55.23
CA LEU O 185 -40.07 -34.37 -53.98
C LEU O 185 -41.57 -34.61 -54.10
N GLU O 186 -42.22 -33.96 -55.06
CA GLU O 186 -43.66 -34.12 -55.25
C GLU O 186 -44.06 -35.58 -55.44
N ASP O 187 -43.22 -36.33 -56.16
CA ASP O 187 -43.50 -37.75 -56.41
C ASP O 187 -43.54 -38.48 -55.08
N ALA O 188 -42.54 -38.22 -54.24
CA ALA O 188 -42.47 -38.86 -52.93
C ALA O 188 -43.66 -38.47 -52.09
N ILE O 189 -44.04 -37.20 -52.13
CA ILE O 189 -45.19 -36.74 -51.35
C ILE O 189 -46.42 -37.49 -51.82
N HIS O 190 -46.50 -37.69 -53.13
CA HIS O 190 -47.62 -38.40 -53.72
C HIS O 190 -47.63 -39.84 -53.21
N ILE O 191 -46.52 -40.54 -53.39
CA ILE O 191 -46.40 -41.92 -52.95
C ILE O 191 -46.70 -42.03 -51.44
N ALA O 192 -46.23 -41.04 -50.69
CA ALA O 192 -46.43 -41.00 -49.24
C ALA O 192 -47.93 -40.99 -48.95
N LEU O 193 -48.64 -40.11 -49.62
CA LEU O 193 -50.08 -40.00 -49.43
C LEU O 193 -50.81 -41.30 -49.80
N LEU O 194 -50.36 -41.96 -50.87
CA LEU O 194 -50.99 -43.21 -51.29
C LEU O 194 -50.75 -44.29 -50.25
N THR O 195 -49.49 -44.44 -49.83
CA THR O 195 -49.10 -45.43 -48.85
C THR O 195 -49.85 -45.29 -47.53
N LEU O 196 -50.09 -44.04 -47.14
CA LEU O 196 -50.77 -43.74 -45.90
C LEU O 196 -52.27 -44.04 -45.96
N LYS O 197 -52.87 -43.80 -47.12
CA LYS O 197 -54.30 -44.05 -47.29
C LYS O 197 -54.66 -45.48 -46.88
N GLU O 198 -53.81 -46.44 -47.22
CA GLU O 198 -54.07 -47.83 -46.88
C GLU O 198 -54.17 -48.01 -45.36
N SER O 199 -53.31 -47.34 -44.63
CA SER O 199 -53.28 -47.46 -43.18
C SER O 199 -54.34 -46.68 -42.42
N VAL O 200 -55.02 -45.76 -43.11
CA VAL O 200 -56.05 -44.97 -42.44
C VAL O 200 -57.42 -45.60 -42.60
N GLU O 201 -58.14 -45.73 -41.49
CA GLU O 201 -59.48 -46.32 -41.46
C GLU O 201 -60.56 -45.30 -41.82
N GLY O 202 -60.64 -44.23 -41.02
CA GLY O 202 -61.65 -43.21 -41.24
C GLY O 202 -61.31 -42.11 -42.23
N GLU O 203 -61.58 -40.87 -41.83
CA GLU O 203 -61.33 -39.71 -42.68
C GLU O 203 -59.89 -39.57 -43.11
N PHE O 204 -59.69 -39.29 -44.40
CA PHE O 204 -58.36 -39.13 -44.94
C PHE O 204 -58.28 -37.78 -45.64
N ASN O 205 -57.87 -36.75 -44.90
CA ASN O 205 -57.75 -35.40 -45.43
C ASN O 205 -56.66 -34.63 -44.70
N GLY O 206 -56.45 -33.39 -45.11
CA GLY O 206 -55.42 -32.57 -44.50
C GLY O 206 -55.56 -32.26 -43.01
N ASP O 207 -56.67 -32.69 -42.41
CA ASP O 207 -56.89 -32.43 -40.99
C ASP O 207 -56.65 -33.67 -40.14
N THR O 208 -56.61 -34.83 -40.81
CA THR O 208 -56.38 -36.10 -40.12
C THR O 208 -54.99 -36.64 -40.45
N ILE O 209 -54.29 -35.91 -41.31
CA ILE O 209 -52.94 -36.28 -41.73
C ILE O 209 -51.95 -35.18 -41.35
N GLU O 210 -50.75 -35.59 -40.98
CA GLU O 210 -49.71 -34.65 -40.62
C GLU O 210 -48.53 -34.98 -41.53
N LEU O 211 -48.08 -33.98 -42.29
CA LEU O 211 -46.98 -34.23 -43.21
C LEU O 211 -46.00 -33.06 -43.30
N ALA O 212 -44.71 -33.39 -43.31
CA ALA O 212 -43.66 -32.37 -43.39
C ALA O 212 -42.59 -32.81 -44.38
N ILE O 213 -41.83 -31.85 -44.88
CA ILE O 213 -40.78 -32.16 -45.83
C ILE O 213 -39.48 -31.47 -45.47
N ILE O 214 -38.41 -31.92 -46.11
CA ILE O 214 -37.10 -31.33 -45.94
C ILE O 214 -36.77 -31.05 -47.39
N GLY O 215 -36.93 -29.80 -47.81
CA GLY O 215 -36.68 -29.46 -49.21
C GLY O 215 -35.69 -28.34 -49.41
N ASP O 216 -36.12 -27.31 -50.16
CA ASP O 216 -35.25 -26.18 -50.42
C ASP O 216 -35.35 -25.25 -49.23
N GLU O 217 -34.50 -24.22 -49.25
CA GLU O 217 -34.48 -23.25 -48.18
C GLU O 217 -35.68 -22.31 -48.36
N ASN O 218 -36.38 -22.03 -47.27
CA ASN O 218 -37.55 -21.15 -47.28
C ASN O 218 -37.21 -19.77 -46.72
N PRO O 219 -36.53 -18.92 -47.51
CA PRO O 219 -36.16 -17.58 -47.04
C PRO O 219 -37.34 -16.82 -46.44
N ASP O 220 -38.54 -17.18 -46.86
CA ASP O 220 -39.74 -16.55 -46.37
C ASP O 220 -40.04 -16.95 -44.92
N LEU O 221 -39.39 -18.02 -44.45
CA LEU O 221 -39.58 -18.51 -43.10
C LEU O 221 -38.40 -18.21 -42.19
N LEU O 222 -37.51 -17.32 -42.64
CA LEU O 222 -36.34 -16.97 -41.85
C LEU O 222 -36.64 -15.91 -40.79
N GLY O 223 -37.46 -14.93 -41.14
CA GLY O 223 -37.83 -13.89 -40.19
C GLY O 223 -37.00 -12.62 -40.29
N TYR O 224 -35.93 -12.67 -41.08
CA TYR O 224 -35.05 -11.51 -41.24
C TYR O 224 -34.25 -11.62 -42.54
N THR O 225 -33.65 -10.50 -42.93
CA THR O 225 -32.83 -10.43 -44.14
C THR O 225 -31.61 -9.57 -43.87
N GLY O 226 -30.56 -9.78 -44.66
CA GLY O 226 -29.34 -9.00 -44.49
C GLY O 226 -28.10 -9.86 -44.41
N ILE O 227 -28.30 -11.17 -44.21
CA ILE O 227 -27.18 -12.08 -44.10
C ILE O 227 -27.26 -13.09 -45.25
N PRO O 228 -26.60 -12.78 -46.38
CA PRO O 228 -26.56 -13.61 -47.59
C PRO O 228 -26.47 -15.12 -47.36
N THR O 229 -25.67 -15.53 -46.38
CA THR O 229 -25.48 -16.94 -46.09
C THR O 229 -26.67 -17.62 -45.40
N ASP O 230 -27.50 -16.85 -44.70
CA ASP O 230 -28.67 -17.42 -44.02
C ASP O 230 -29.86 -17.31 -44.98
N LYS O 231 -30.23 -18.42 -45.62
CA LYS O 231 -31.33 -18.42 -46.58
C LYS O 231 -32.68 -19.00 -46.13
N GLY O 232 -32.76 -19.50 -44.90
CA GLY O 232 -34.01 -20.05 -44.42
C GLY O 232 -33.94 -21.54 -44.13
N PRO O 233 -34.92 -22.08 -43.39
CA PRO O 233 -34.98 -23.51 -43.04
C PRO O 233 -35.43 -24.40 -44.19
N ARG O 234 -34.88 -25.60 -44.27
CA ARG O 234 -35.26 -26.53 -45.32
C ARG O 234 -36.48 -27.34 -44.88
N PHE O 235 -36.73 -27.35 -43.58
CA PHE O 235 -37.86 -28.09 -43.01
C PHE O 235 -39.13 -27.27 -43.14
N ARG O 236 -40.18 -27.89 -43.65
CA ARG O 236 -41.45 -27.21 -43.78
C ARG O 236 -42.58 -28.19 -43.60
N LYS O 237 -43.47 -27.88 -42.67
CA LYS O 237 -44.62 -28.72 -42.40
C LYS O 237 -45.70 -28.28 -43.38
N LEU O 238 -46.39 -29.22 -44.03
CA LEU O 238 -47.44 -28.83 -44.96
C LEU O 238 -48.69 -28.43 -44.21
N THR O 239 -49.47 -27.53 -44.81
CA THR O 239 -50.70 -27.05 -44.21
C THR O 239 -51.84 -27.99 -44.56
N SER O 240 -52.94 -27.88 -43.83
CA SER O 240 -54.10 -28.72 -44.08
C SER O 240 -54.48 -28.58 -45.55
N GLN O 241 -54.50 -27.34 -46.03
CA GLN O 241 -54.84 -27.06 -47.40
C GLN O 241 -53.89 -27.72 -48.39
N GLU O 242 -52.60 -27.41 -48.29
CA GLU O 242 -51.60 -27.97 -49.20
C GLU O 242 -51.76 -29.48 -49.37
N ILE O 243 -52.28 -30.13 -48.33
CA ILE O 243 -52.47 -31.57 -48.35
C ILE O 243 -53.70 -31.94 -49.18
N ASN O 244 -54.83 -31.31 -48.88
CA ASN O 244 -56.06 -31.57 -49.62
C ASN O 244 -55.86 -31.38 -51.11
N ASP O 245 -55.18 -30.30 -51.48
CA ASP O 245 -54.91 -30.02 -52.88
C ASP O 245 -54.29 -31.23 -53.57
N ARG O 246 -53.31 -31.84 -52.92
CA ARG O 246 -52.64 -33.00 -53.49
C ARG O 246 -53.48 -34.27 -53.37
N LEU O 247 -54.49 -34.24 -52.51
CA LEU O 247 -55.34 -35.41 -52.33
C LEU O 247 -56.29 -35.58 -53.52
N GLU O 248 -56.59 -34.48 -54.20
CA GLU O 248 -57.47 -34.51 -55.35
C GLU O 248 -56.77 -35.19 -56.53
N ALA O 249 -55.46 -34.97 -56.64
CA ALA O 249 -54.67 -35.59 -57.71
C ALA O 249 -54.19 -36.95 -57.22
N LEU O 250 -55.00 -37.60 -56.38
CA LEU O 250 -54.67 -38.90 -55.80
C LEU O 250 -55.11 -40.06 -56.71
N GLY P 1 -39.40 -52.19 -0.33
CA GLY P 1 -38.09 -51.69 -0.86
C GLY P 1 -37.82 -52.06 -2.30
N SER P 2 -36.68 -51.60 -2.82
CA SER P 2 -36.27 -51.86 -4.20
C SER P 2 -35.66 -53.24 -4.45
N ARG P 3 -34.86 -53.71 -3.50
CA ARG P 3 -34.18 -55.00 -3.56
C ARG P 3 -35.00 -56.07 -4.30
N ARG P 4 -36.31 -55.94 -4.20
CA ARG P 4 -37.25 -56.86 -4.82
C ARG P 4 -37.09 -57.01 -6.33
N TYR P 5 -36.87 -55.90 -7.02
CA TYR P 5 -36.74 -55.90 -8.49
C TYR P 5 -35.31 -55.91 -9.02
N ASP P 6 -34.34 -56.13 -8.14
CA ASP P 6 -32.93 -56.15 -8.53
C ASP P 6 -32.50 -57.51 -9.10
N SER P 7 -32.16 -57.53 -10.39
CA SER P 7 -31.73 -58.75 -11.08
C SER P 7 -30.36 -59.23 -10.64
N ARG P 8 -29.60 -58.37 -9.98
CA ARG P 8 -28.25 -58.70 -9.52
C ARG P 8 -27.43 -59.20 -10.71
N THR P 9 -27.21 -58.29 -11.66
CA THR P 9 -26.47 -58.59 -12.87
C THR P 9 -25.02 -59.00 -12.67
N THR P 10 -24.48 -58.82 -11.47
CA THR P 10 -23.07 -59.17 -11.27
C THR P 10 -22.77 -60.27 -10.25
N ILE P 11 -23.53 -61.37 -10.30
CA ILE P 11 -23.26 -62.47 -9.37
C ILE P 11 -22.82 -63.74 -10.07
N PHE P 12 -22.17 -64.60 -9.30
CA PHE P 12 -21.67 -65.88 -9.77
C PHE P 12 -22.75 -66.95 -9.71
N SER P 13 -22.68 -67.91 -10.62
CA SER P 13 -23.62 -69.04 -10.64
C SER P 13 -22.95 -70.08 -9.74
N PRO P 14 -23.73 -71.07 -9.27
CA PRO P 14 -23.10 -72.08 -8.41
C PRO P 14 -21.87 -72.71 -9.07
N GLU P 15 -21.85 -72.71 -10.40
CA GLU P 15 -20.75 -73.27 -11.17
C GLU P 15 -19.61 -72.27 -11.32
N GLY P 16 -19.82 -71.06 -10.82
CA GLY P 16 -18.79 -70.04 -10.90
C GLY P 16 -18.73 -69.36 -12.25
N ARG P 17 -19.89 -69.08 -12.84
CA ARG P 17 -19.97 -68.41 -14.12
C ARG P 17 -20.75 -67.12 -13.94
N LEU P 18 -20.64 -66.21 -14.90
CA LEU P 18 -21.34 -64.94 -14.81
C LEU P 18 -22.57 -64.93 -15.71
N TYR P 19 -23.71 -65.25 -15.11
CA TYR P 19 -24.99 -65.28 -15.82
C TYR P 19 -25.07 -64.29 -16.96
N GLN P 20 -25.14 -63.00 -16.61
CA GLN P 20 -25.25 -61.96 -17.61
C GLN P 20 -24.23 -62.05 -18.73
N VAL P 21 -22.95 -62.28 -18.39
CA VAL P 21 -21.93 -62.39 -19.43
C VAL P 21 -22.28 -63.52 -20.39
N GLU P 22 -22.64 -64.66 -19.82
CA GLU P 22 -23.01 -65.85 -20.59
C GLU P 22 -24.20 -65.57 -21.50
N TYR P 23 -25.19 -64.85 -20.99
CA TYR P 23 -26.39 -64.54 -21.76
C TYR P 23 -26.11 -63.46 -22.82
N ALA P 24 -25.15 -62.59 -22.53
CA ALA P 24 -24.79 -61.54 -23.47
C ALA P 24 -24.15 -62.24 -24.65
N LEU P 25 -23.27 -63.19 -24.36
CA LEU P 25 -22.58 -63.96 -25.39
C LEU P 25 -23.61 -64.68 -26.26
N GLU P 26 -24.64 -65.25 -25.61
CA GLU P 26 -25.69 -65.94 -26.35
C GLU P 26 -26.33 -64.96 -27.32
N SER P 27 -26.49 -63.72 -26.87
CA SER P 27 -27.08 -62.68 -27.69
C SER P 27 -26.20 -62.43 -28.91
N ILE P 28 -24.91 -62.25 -28.65
CA ILE P 28 -23.93 -61.99 -29.70
C ILE P 28 -23.87 -63.09 -30.74
N SER P 29 -24.07 -64.33 -30.33
CA SER P 29 -24.04 -65.49 -31.24
C SER P 29 -25.11 -65.41 -32.34
N HIS P 30 -26.01 -64.43 -32.25
CA HIS P 30 -27.05 -64.26 -33.25
C HIS P 30 -26.79 -63.03 -34.12
N ALA P 31 -25.65 -62.38 -33.90
CA ALA P 31 -25.29 -61.18 -34.66
C ALA P 31 -24.58 -61.54 -35.95
N GLY P 32 -24.68 -60.67 -36.95
CA GLY P 32 -24.01 -60.93 -38.21
C GLY P 32 -22.56 -61.27 -37.95
N THR P 33 -22.06 -62.30 -38.64
CA THR P 33 -20.68 -62.74 -38.48
C THR P 33 -19.64 -61.73 -38.95
N ALA P 34 -18.57 -61.59 -38.17
CA ALA P 34 -17.48 -60.69 -38.52
C ALA P 34 -16.19 -61.49 -38.45
N ILE P 35 -15.31 -61.25 -39.40
CA ILE P 35 -14.05 -61.98 -39.46
C ILE P 35 -12.82 -61.07 -39.54
N GLY P 36 -11.75 -61.52 -38.91
CA GLY P 36 -10.51 -60.78 -38.92
C GLY P 36 -9.39 -61.73 -39.28
N ILE P 37 -8.65 -61.42 -40.34
CA ILE P 37 -7.53 -62.24 -40.77
C ILE P 37 -6.29 -61.39 -40.93
N MET P 38 -5.21 -61.83 -40.30
CA MET P 38 -3.97 -61.09 -40.36
C MET P 38 -2.95 -61.72 -41.29
N ALA P 39 -2.51 -60.95 -42.27
CA ALA P 39 -1.53 -61.42 -43.25
C ALA P 39 -0.16 -60.81 -42.92
N SER P 40 0.84 -61.13 -43.72
CA SER P 40 2.19 -60.63 -43.52
C SER P 40 2.28 -59.14 -43.87
N ASP P 41 1.54 -58.72 -44.89
CA ASP P 41 1.57 -57.34 -45.34
C ASP P 41 0.31 -56.55 -45.03
N GLY P 42 -0.50 -57.04 -44.09
CA GLY P 42 -1.71 -56.31 -43.75
C GLY P 42 -2.76 -57.09 -42.98
N ILE P 43 -3.90 -56.45 -42.70
CA ILE P 43 -4.98 -57.11 -41.97
C ILE P 43 -6.30 -56.91 -42.70
N VAL P 44 -7.17 -57.92 -42.61
CA VAL P 44 -8.47 -57.86 -43.26
C VAL P 44 -9.59 -58.00 -42.26
N LEU P 45 -10.60 -57.15 -42.39
CA LEU P 45 -11.78 -57.19 -41.55
C LEU P 45 -12.97 -57.33 -42.49
N ALA P 46 -13.80 -58.31 -42.22
CA ALA P 46 -14.98 -58.54 -43.05
C ALA P 46 -16.18 -58.82 -42.14
N ALA P 47 -17.34 -58.31 -42.51
CA ALA P 47 -18.54 -58.52 -41.70
C ALA P 47 -19.81 -58.63 -42.54
N GLU P 48 -20.74 -59.44 -42.05
CA GLU P 48 -22.00 -59.66 -42.74
C GLU P 48 -23.11 -58.83 -42.11
N ARG P 49 -23.70 -57.93 -42.87
CA ARG P 49 -24.79 -57.09 -42.37
C ARG P 49 -26.01 -57.94 -42.11
N LYS P 50 -26.38 -58.07 -40.85
CA LYS P 50 -27.56 -58.86 -40.50
C LYS P 50 -28.79 -58.03 -40.86
N VAL P 51 -29.74 -58.65 -41.57
CA VAL P 51 -30.98 -57.99 -42.00
C VAL P 51 -30.78 -56.77 -42.91
N THR P 52 -31.48 -56.78 -44.04
CA THR P 52 -31.42 -55.68 -45.00
C THR P 52 -32.71 -55.62 -45.81
N SER P 53 -32.91 -54.49 -46.48
CA SER P 53 -34.09 -54.27 -47.31
C SER P 53 -33.67 -53.57 -48.60
N THR P 54 -34.58 -53.52 -49.56
CA THR P 54 -34.30 -52.87 -50.82
C THR P 54 -34.05 -51.39 -50.56
N LEU P 55 -34.87 -50.82 -49.67
CA LEU P 55 -34.78 -49.41 -49.35
C LEU P 55 -33.68 -48.99 -48.37
N LEU P 56 -32.99 -49.96 -47.78
CA LEU P 56 -31.92 -49.63 -46.86
C LEU P 56 -30.80 -48.91 -47.60
N GLU P 57 -30.47 -47.71 -47.15
CA GLU P 57 -29.41 -46.89 -47.73
C GLU P 57 -28.07 -47.51 -47.39
N GLN P 58 -27.44 -48.22 -48.33
CA GLN P 58 -26.17 -48.84 -48.00
C GLN P 58 -24.94 -47.95 -48.12
N ASP P 59 -25.04 -46.88 -48.89
CA ASP P 59 -23.92 -45.96 -49.05
C ASP P 59 -23.65 -45.16 -47.79
N THR P 60 -24.72 -44.79 -47.09
CA THR P 60 -24.61 -43.99 -45.88
C THR P 60 -24.63 -44.86 -44.62
N SER P 61 -24.48 -46.18 -44.80
CA SER P 61 -24.51 -47.09 -43.66
C SER P 61 -23.13 -47.57 -43.19
N THR P 62 -23.08 -48.02 -41.93
CA THR P 62 -21.86 -48.52 -41.29
C THR P 62 -22.29 -49.10 -39.93
N GLU P 63 -22.65 -50.37 -39.91
CA GLU P 63 -23.10 -51.00 -38.67
C GLU P 63 -22.07 -51.99 -38.11
N LYS P 64 -20.97 -52.21 -38.82
CA LYS P 64 -20.01 -53.18 -38.31
C LYS P 64 -18.52 -52.80 -38.32
N LEU P 65 -18.13 -51.87 -39.17
CA LEU P 65 -16.74 -51.45 -39.24
C LEU P 65 -16.57 -50.01 -38.81
N TYR P 66 -15.84 -49.82 -37.71
CA TYR P 66 -15.60 -48.50 -37.17
C TYR P 66 -14.12 -48.18 -37.06
N LYS P 67 -13.78 -46.94 -37.36
CA LYS P 67 -12.41 -46.49 -37.28
C LYS P 67 -12.27 -45.94 -35.87
N LEU P 68 -11.24 -46.39 -35.16
CA LEU P 68 -11.00 -45.92 -33.79
C LEU P 68 -9.89 -44.87 -33.81
N ASN P 69 -8.93 -45.14 -34.67
CA ASN P 69 -7.72 -44.34 -34.81
C ASN P 69 -7.36 -44.40 -36.29
N ASP P 70 -6.21 -43.84 -36.65
CA ASP P 70 -5.77 -43.89 -38.04
C ASP P 70 -5.05 -45.21 -38.28
N LYS P 71 -4.72 -45.91 -37.19
CA LYS P 71 -4.02 -47.18 -37.25
C LYS P 71 -4.79 -48.32 -36.61
N ILE P 72 -5.98 -48.03 -36.10
CA ILE P 72 -6.77 -49.06 -35.46
C ILE P 72 -8.23 -48.99 -35.84
N ALA P 73 -8.81 -50.13 -36.19
CA ALA P 73 -10.22 -50.22 -36.55
C ALA P 73 -10.80 -51.45 -35.87
N VAL P 74 -12.12 -51.51 -35.75
CA VAL P 74 -12.75 -52.68 -35.14
C VAL P 74 -13.96 -53.16 -35.92
N ALA P 75 -14.25 -54.44 -35.72
CA ALA P 75 -15.41 -55.08 -36.33
C ALA P 75 -16.33 -55.39 -35.14
N VAL P 76 -17.59 -54.95 -35.25
CA VAL P 76 -18.58 -55.14 -34.19
C VAL P 76 -19.53 -56.31 -34.39
N ALA P 77 -19.86 -56.97 -33.28
CA ALA P 77 -20.81 -58.08 -33.31
C ALA P 77 -21.66 -57.99 -32.05
N GLY P 78 -22.92 -57.60 -32.21
CA GLY P 78 -23.80 -57.47 -31.07
C GLY P 78 -24.65 -56.22 -31.17
N LEU P 79 -24.95 -55.58 -30.03
CA LEU P 79 -25.77 -54.36 -30.02
C LEU P 79 -25.02 -53.16 -30.57
N THR P 80 -25.45 -52.65 -31.72
CA THR P 80 -24.83 -51.50 -32.35
C THR P 80 -24.70 -50.31 -31.40
N ALA P 81 -25.82 -49.92 -30.79
CA ALA P 81 -25.85 -48.80 -29.86
C ALA P 81 -24.85 -48.97 -28.72
N ASP P 82 -24.80 -50.18 -28.13
CA ASP P 82 -23.84 -50.44 -27.06
C ASP P 82 -22.43 -50.24 -27.63
N ALA P 83 -22.18 -50.86 -28.77
CA ALA P 83 -20.88 -50.77 -29.41
C ALA P 83 -20.46 -49.32 -29.59
N GLU P 84 -21.38 -48.47 -30.04
CA GLU P 84 -21.02 -47.07 -30.23
C GLU P 84 -20.54 -46.42 -28.94
N ILE P 85 -21.24 -46.68 -27.84
CA ILE P 85 -20.84 -46.11 -26.56
C ILE P 85 -19.38 -46.45 -26.29
N LEU P 86 -19.04 -47.73 -26.45
CA LEU P 86 -17.67 -48.20 -26.22
C LEU P 86 -16.68 -47.62 -27.22
N ILE P 87 -17.06 -47.62 -28.49
CA ILE P 87 -16.22 -47.10 -29.55
C ILE P 87 -15.80 -45.66 -29.26
N ASN P 88 -16.77 -44.85 -28.84
CA ASN P 88 -16.48 -43.46 -28.55
C ASN P 88 -15.48 -43.28 -27.42
N THR P 89 -15.65 -44.03 -26.33
CA THR P 89 -14.71 -43.85 -25.24
C THR P 89 -13.35 -44.41 -25.66
N ALA P 90 -13.38 -45.37 -26.59
CA ALA P 90 -12.13 -45.95 -27.10
C ALA P 90 -11.40 -44.87 -27.90
N ARG P 91 -12.13 -44.16 -28.75
CA ARG P 91 -11.55 -43.09 -29.58
C ARG P 91 -10.95 -42.00 -28.69
N ILE P 92 -11.58 -41.74 -27.55
CA ILE P 92 -11.07 -40.72 -26.67
C ILE P 92 -9.81 -41.18 -25.95
N HIS P 93 -9.75 -42.46 -25.58
CA HIS P 93 -8.55 -42.95 -24.89
C HIS P 93 -7.35 -42.81 -25.83
N ALA P 94 -7.59 -43.08 -27.10
CA ALA P 94 -6.53 -42.99 -28.11
C ALA P 94 -5.97 -41.57 -28.15
N GLN P 95 -6.85 -40.59 -28.19
CA GLN P 95 -6.44 -39.20 -28.22
C GLN P 95 -5.75 -38.75 -26.94
N ASN P 96 -6.25 -39.19 -25.79
CA ASN P 96 -5.61 -38.82 -24.52
C ASN P 96 -4.17 -39.30 -24.57
N TYR P 97 -3.99 -40.56 -24.96
CA TYR P 97 -2.65 -41.14 -25.03
C TYR P 97 -1.76 -40.30 -25.93
N LEU P 98 -2.28 -39.97 -27.12
CA LEU P 98 -1.54 -39.18 -28.08
C LEU P 98 -1.14 -37.82 -27.50
N LYS P 99 -2.06 -37.16 -26.79
CA LYS P 99 -1.76 -35.86 -26.20
C LYS P 99 -0.72 -35.95 -25.08
N THR P 100 -0.74 -37.05 -24.33
CA THR P 100 0.19 -37.22 -23.23
C THR P 100 1.60 -37.56 -23.67
N TYR P 101 1.72 -38.47 -24.63
CA TYR P 101 3.03 -38.94 -25.08
C TYR P 101 3.48 -38.51 -26.47
N ASN P 102 2.60 -37.90 -27.23
CA ASN P 102 2.94 -37.51 -28.59
C ASN P 102 3.35 -38.68 -29.44
N GLU P 103 2.67 -39.81 -29.20
CA GLU P 103 2.88 -41.06 -29.92
C GLU P 103 1.49 -41.71 -30.00
N ASP P 104 1.23 -42.44 -31.09
CA ASP P 104 -0.06 -43.12 -31.24
C ASP P 104 -0.12 -44.24 -30.23
N ILE P 105 -1.31 -44.51 -29.71
CA ILE P 105 -1.44 -45.55 -28.72
C ILE P 105 -1.20 -46.98 -29.23
N PRO P 106 -0.25 -47.70 -28.61
CA PRO P 106 0.06 -49.08 -29.00
C PRO P 106 -1.25 -49.86 -29.02
N VAL P 107 -1.45 -50.68 -30.04
CA VAL P 107 -2.69 -51.44 -30.18
C VAL P 107 -3.19 -52.16 -28.93
N GLU P 108 -2.33 -52.94 -28.26
CA GLU P 108 -2.81 -53.66 -27.09
C GLU P 108 -3.27 -52.74 -25.98
N ILE P 109 -2.51 -51.69 -25.70
CA ILE P 109 -2.87 -50.77 -24.64
C ILE P 109 -4.31 -50.29 -24.79
N LEU P 110 -4.72 -49.97 -26.01
CA LEU P 110 -6.08 -49.51 -26.24
C LEU P 110 -7.07 -50.66 -26.06
N VAL P 111 -6.74 -51.84 -26.58
CA VAL P 111 -7.61 -53.00 -26.43
C VAL P 111 -7.81 -53.37 -24.95
N ARG P 112 -6.74 -53.31 -24.15
CA ARG P 112 -6.83 -53.64 -22.73
C ARG P 112 -7.72 -52.65 -21.97
N ARG P 113 -7.57 -51.37 -22.25
CA ARG P 113 -8.35 -50.36 -21.57
C ARG P 113 -9.83 -50.59 -21.86
N LEU P 114 -10.17 -50.79 -23.12
CA LEU P 114 -11.56 -51.02 -23.48
C LEU P 114 -12.07 -52.29 -22.83
N SER P 115 -11.21 -53.28 -22.70
CA SER P 115 -11.61 -54.54 -22.08
C SER P 115 -11.87 -54.36 -20.60
N ASP P 116 -11.06 -53.54 -19.96
CA ASP P 116 -11.20 -53.28 -18.53
C ASP P 116 -12.53 -52.60 -18.24
N ILE P 117 -12.96 -51.75 -19.16
CA ILE P 117 -14.21 -51.06 -19.00
C ILE P 117 -15.33 -52.10 -19.01
N LYS P 118 -15.22 -53.08 -19.89
CA LYS P 118 -16.23 -54.12 -19.97
C LYS P 118 -16.18 -54.94 -18.70
N GLN P 119 -14.97 -55.31 -18.29
CA GLN P 119 -14.80 -56.10 -17.08
C GLN P 119 -15.47 -55.42 -15.90
N GLY P 120 -15.45 -54.09 -15.90
CA GLY P 120 -16.08 -53.35 -14.81
C GLY P 120 -17.55 -53.66 -14.64
N TYR P 121 -18.30 -53.56 -15.74
CA TYR P 121 -19.73 -53.83 -15.71
C TYR P 121 -20.03 -55.24 -15.25
N THR P 122 -18.96 -56.00 -15.03
CA THR P 122 -19.03 -57.38 -14.61
C THR P 122 -18.85 -57.62 -13.11
N GLN P 123 -18.23 -56.66 -12.43
CA GLN P 123 -17.96 -56.82 -11.02
C GLN P 123 -18.62 -55.82 -10.08
N HIS P 124 -19.16 -54.74 -10.62
CA HIS P 124 -19.79 -53.75 -9.78
C HIS P 124 -20.72 -52.82 -10.57
N GLY P 125 -21.63 -52.14 -9.86
CA GLY P 125 -22.54 -51.23 -10.52
C GLY P 125 -23.97 -51.69 -10.69
N GLY P 126 -24.19 -53.00 -10.67
CA GLY P 126 -25.53 -53.54 -10.81
C GLY P 126 -26.16 -53.31 -12.17
N LEU P 127 -25.34 -52.96 -13.16
CA LEU P 127 -25.84 -52.72 -14.51
C LEU P 127 -25.60 -53.93 -15.40
N ARG P 128 -26.29 -54.00 -16.52
CA ARG P 128 -26.13 -55.12 -17.44
C ARG P 128 -24.84 -54.90 -18.23
N PRO P 129 -24.21 -55.99 -18.69
CA PRO P 129 -22.98 -55.89 -19.48
C PRO P 129 -23.30 -55.33 -20.84
N PHE P 130 -22.28 -55.01 -21.63
CA PHE P 130 -22.52 -54.52 -22.98
C PHE P 130 -22.63 -55.77 -23.86
N GLY P 131 -23.70 -55.88 -24.64
CA GLY P 131 -23.85 -57.04 -25.51
C GLY P 131 -23.05 -56.82 -26.77
N VAL P 132 -21.74 -56.80 -26.62
CA VAL P 132 -20.85 -56.54 -27.74
C VAL P 132 -19.52 -57.29 -27.71
N SER P 133 -19.10 -57.74 -28.89
CA SER P 133 -17.82 -58.40 -29.04
C SER P 133 -17.11 -57.65 -30.15
N PHE P 134 -15.83 -57.38 -29.96
CA PHE P 134 -15.05 -56.64 -30.94
C PHE P 134 -13.90 -57.45 -31.50
N ILE P 135 -13.54 -57.14 -32.74
CA ILE P 135 -12.36 -57.73 -33.37
C ILE P 135 -11.56 -56.47 -33.65
N TYR P 136 -10.34 -56.41 -33.12
CA TYR P 136 -9.50 -55.24 -33.32
C TYR P 136 -8.40 -55.50 -34.34
N ALA P 137 -8.36 -54.67 -35.38
CA ALA P 137 -7.34 -54.77 -36.40
C ALA P 137 -6.53 -53.48 -36.29
N GLY P 138 -5.25 -53.60 -35.96
CA GLY P 138 -4.44 -52.42 -35.83
C GLY P 138 -2.95 -52.64 -36.02
N TYR P 139 -2.22 -51.52 -36.09
CA TYR P 139 -0.79 -51.58 -36.29
C TYR P 139 -0.03 -50.55 -35.47
N ASP P 140 1.12 -50.97 -34.94
CA ASP P 140 1.97 -50.07 -34.20
C ASP P 140 3.42 -50.50 -34.42
N ASP P 141 4.35 -49.61 -34.11
CA ASP P 141 5.77 -49.88 -34.33
C ASP P 141 6.44 -50.77 -33.29
N ARG P 142 5.66 -51.58 -32.57
CA ARG P 142 6.26 -52.48 -31.58
C ARG P 142 5.92 -53.94 -31.86
N TYR P 143 4.75 -54.16 -32.44
CA TYR P 143 4.30 -55.50 -32.73
C TYR P 143 3.76 -55.55 -34.15
N GLY P 144 3.83 -54.42 -34.84
CA GLY P 144 3.32 -54.36 -36.19
C GLY P 144 1.83 -54.65 -36.25
N TYR P 145 1.44 -55.51 -37.18
CA TYR P 145 0.05 -55.86 -37.34
C TYR P 145 -0.42 -56.76 -36.21
N GLN P 146 -1.56 -56.41 -35.63
CA GLN P 146 -2.14 -57.17 -34.53
C GLN P 146 -3.62 -57.34 -34.73
N LEU P 147 -4.14 -58.47 -34.25
CA LEU P 147 -5.56 -58.78 -34.35
C LEU P 147 -6.00 -59.26 -32.97
N TYR P 148 -6.95 -58.55 -32.38
CA TYR P 148 -7.46 -58.91 -31.05
C TYR P 148 -8.96 -59.12 -31.03
N THR P 149 -9.42 -59.71 -29.94
CA THR P 149 -10.83 -59.95 -29.78
C THR P 149 -11.19 -59.74 -28.31
N SER P 150 -12.32 -59.08 -28.06
CA SER P 150 -12.77 -58.86 -26.69
C SER P 150 -14.29 -59.07 -26.69
N ASN P 151 -14.80 -59.64 -25.60
CA ASN P 151 -16.22 -59.93 -25.45
C ASN P 151 -16.75 -59.32 -24.16
N PRO P 152 -18.06 -59.50 -23.87
CA PRO P 152 -18.71 -58.99 -22.66
C PRO P 152 -17.99 -59.21 -21.32
N SER P 153 -17.26 -60.31 -21.21
CA SER P 153 -16.56 -60.62 -19.96
C SER P 153 -15.44 -59.63 -19.69
N GLY P 154 -14.88 -59.06 -20.74
CA GLY P 154 -13.79 -58.11 -20.59
C GLY P 154 -12.47 -58.80 -20.89
N ASN P 155 -12.56 -60.04 -21.33
CA ASN P 155 -11.38 -60.82 -21.67
C ASN P 155 -10.99 -60.56 -23.13
N TYR P 156 -9.69 -60.52 -23.41
CA TYR P 156 -9.25 -60.30 -24.78
C TYR P 156 -8.07 -61.20 -25.11
N THR P 157 -7.93 -61.51 -26.40
CA THR P 157 -6.85 -62.39 -26.86
C THR P 157 -6.40 -62.02 -28.27
N GLY P 158 -5.20 -62.48 -28.62
CA GLY P 158 -4.64 -62.17 -29.94
C GLY P 158 -4.79 -63.31 -30.91
N TRP P 159 -5.00 -62.99 -32.19
CA TRP P 159 -5.19 -64.01 -33.21
C TRP P 159 -4.52 -63.75 -34.56
N LYS P 160 -4.46 -64.80 -35.37
CA LYS P 160 -3.90 -64.72 -36.73
C LYS P 160 -5.13 -64.61 -37.62
N ALA P 161 -6.22 -65.22 -37.17
CA ALA P 161 -7.50 -65.21 -37.86
C ALA P 161 -8.55 -65.54 -36.79
N ILE P 162 -9.66 -64.83 -36.81
CA ILE P 162 -10.70 -65.06 -35.83
C ILE P 162 -12.03 -64.53 -36.32
N SER P 163 -13.11 -65.03 -35.73
CA SER P 163 -14.44 -64.59 -36.11
C SER P 163 -15.29 -64.42 -34.85
N VAL P 164 -16.31 -63.58 -34.95
CA VAL P 164 -17.21 -63.34 -33.82
C VAL P 164 -18.62 -63.24 -34.38
N GLY P 165 -19.59 -63.51 -33.51
CA GLY P 165 -20.97 -63.46 -33.95
C GLY P 165 -21.57 -64.83 -34.19
N ALA P 166 -22.36 -64.93 -35.25
CA ALA P 166 -23.02 -66.17 -35.61
C ALA P 166 -22.09 -67.20 -36.22
N ASN P 167 -22.45 -68.46 -36.05
CA ASN P 167 -21.71 -69.59 -36.58
C ASN P 167 -20.21 -69.43 -36.52
N THR P 168 -19.69 -69.10 -35.34
CA THR P 168 -18.25 -68.91 -35.21
C THR P 168 -17.52 -70.23 -35.30
N SER P 169 -18.19 -71.29 -34.86
CA SER P 169 -17.61 -72.63 -34.88
C SER P 169 -17.29 -73.04 -36.31
N ALA P 170 -18.29 -72.94 -37.16
CA ALA P 170 -18.13 -73.28 -38.57
C ALA P 170 -17.05 -72.38 -39.17
N ALA P 171 -17.14 -71.09 -38.89
CA ALA P 171 -16.17 -70.12 -39.39
C ALA P 171 -14.74 -70.44 -38.94
N GLN P 172 -14.57 -70.69 -37.65
CA GLN P 172 -13.25 -70.98 -37.11
C GLN P 172 -12.62 -72.22 -37.74
N THR P 173 -13.41 -73.27 -37.91
CA THR P 173 -12.90 -74.51 -38.51
C THR P 173 -12.43 -74.27 -39.94
N LEU P 174 -13.22 -73.51 -40.70
CA LEU P 174 -12.88 -73.20 -42.07
C LEU P 174 -11.61 -72.37 -42.19
N LEU P 175 -11.39 -71.48 -41.21
CA LEU P 175 -10.21 -70.62 -41.21
C LEU P 175 -8.98 -71.41 -40.80
N GLN P 176 -9.14 -72.25 -39.79
CA GLN P 176 -8.04 -73.05 -39.27
C GLN P 176 -7.66 -74.14 -40.27
N MET P 177 -8.45 -74.24 -41.31
CA MET P 177 -8.24 -75.24 -42.34
C MET P 177 -7.48 -74.70 -43.54
N ASP P 178 -7.63 -73.41 -43.83
CA ASP P 178 -6.96 -72.81 -44.97
C ASP P 178 -6.04 -71.63 -44.66
N TYR P 179 -5.84 -71.34 -43.39
CA TYR P 179 -4.98 -70.22 -43.05
C TYR P 179 -3.52 -70.65 -43.06
N LYS P 180 -2.65 -69.79 -43.59
CA LYS P 180 -1.21 -70.07 -43.61
C LYS P 180 -0.42 -68.80 -43.23
N ASP P 181 0.57 -68.98 -42.35
CA ASP P 181 1.41 -67.88 -41.85
C ASP P 181 1.95 -66.90 -42.88
N ASP P 182 2.31 -67.42 -44.06
CA ASP P 182 2.87 -66.60 -45.11
C ASP P 182 1.84 -65.98 -46.05
N MET P 183 0.57 -65.99 -45.65
CA MET P 183 -0.48 -65.41 -46.49
C MET P 183 -0.17 -63.97 -46.86
N LYS P 184 -0.96 -63.45 -47.77
CA LYS P 184 -0.79 -62.09 -48.23
C LYS P 184 -2.18 -61.46 -48.17
N VAL P 185 -2.24 -60.16 -47.90
CA VAL P 185 -3.50 -59.45 -47.80
C VAL P 185 -4.55 -59.92 -48.81
N ASP P 186 -4.15 -60.04 -50.07
CA ASP P 186 -5.07 -60.48 -51.11
C ASP P 186 -5.57 -61.90 -50.86
N ASP P 187 -4.68 -62.76 -50.37
CA ASP P 187 -5.07 -64.14 -50.07
C ASP P 187 -6.09 -64.13 -48.95
N ALA P 188 -5.80 -63.34 -47.91
CA ALA P 188 -6.66 -63.21 -46.75
C ALA P 188 -8.04 -62.66 -47.12
N ILE P 189 -8.07 -61.67 -48.00
CA ILE P 189 -9.32 -61.08 -48.44
C ILE P 189 -10.20 -62.18 -49.01
N GLU P 190 -9.57 -63.06 -49.80
CA GLU P 190 -10.28 -64.16 -50.43
C GLU P 190 -10.79 -65.16 -49.39
N LEU P 191 -9.93 -65.56 -48.45
CA LEU P 191 -10.32 -66.51 -47.41
C LEU P 191 -11.52 -65.98 -46.62
N ALA P 192 -11.47 -64.70 -46.29
CA ALA P 192 -12.54 -64.05 -45.53
C ALA P 192 -13.88 -64.19 -46.23
N LEU P 193 -13.95 -63.75 -47.48
CA LEU P 193 -15.18 -63.84 -48.26
C LEU P 193 -15.66 -65.27 -48.41
N LYS P 194 -14.73 -66.19 -48.63
CA LYS P 194 -15.07 -67.60 -48.78
C LYS P 194 -15.74 -68.09 -47.51
N THR P 195 -15.09 -67.86 -46.38
CA THR P 195 -15.59 -68.28 -45.09
C THR P 195 -17.00 -67.77 -44.83
N LEU P 196 -17.19 -66.46 -45.00
CA LEU P 196 -18.50 -65.86 -44.78
C LEU P 196 -19.51 -66.46 -45.72
N SER P 197 -19.08 -66.68 -46.96
CA SER P 197 -19.94 -67.24 -47.99
C SER P 197 -20.46 -68.64 -47.63
N LYS P 198 -19.67 -69.41 -46.89
CA LYS P 198 -20.07 -70.74 -46.51
C LYS P 198 -20.81 -70.82 -45.18
N THR P 199 -20.73 -69.76 -44.37
CA THR P 199 -21.40 -69.76 -43.06
C THR P 199 -22.64 -68.87 -42.98
N THR P 200 -22.93 -68.15 -44.06
CA THR P 200 -24.10 -67.28 -44.08
C THR P 200 -25.38 -68.09 -43.92
N ASP P 201 -26.36 -67.47 -43.27
CA ASP P 201 -27.65 -68.13 -43.09
C ASP P 201 -28.54 -67.66 -44.23
N SER P 202 -27.99 -66.75 -45.04
CA SER P 202 -28.72 -66.20 -46.17
C SER P 202 -28.49 -66.96 -47.46
N SER P 203 -29.32 -66.65 -48.45
CA SER P 203 -29.26 -67.29 -49.76
C SER P 203 -27.86 -67.20 -50.35
N ALA P 204 -27.53 -66.03 -50.87
CA ALA P 204 -26.23 -65.79 -51.46
C ALA P 204 -25.54 -64.68 -50.67
N LEU P 205 -24.32 -64.37 -51.06
CA LEU P 205 -23.56 -63.34 -50.39
C LEU P 205 -23.34 -62.24 -51.39
N THR P 206 -24.22 -61.25 -51.38
CA THR P 206 -24.11 -60.11 -52.28
C THR P 206 -23.38 -58.98 -51.56
N TYR P 207 -22.92 -57.99 -52.33
CA TYR P 207 -22.17 -56.87 -51.75
C TYR P 207 -22.98 -56.06 -50.74
N ASP P 208 -24.25 -55.81 -51.05
CA ASP P 208 -25.12 -55.04 -50.18
C ASP P 208 -25.19 -55.57 -48.75
N ARG P 209 -24.77 -56.81 -48.54
CA ARG P 209 -24.82 -57.41 -47.22
C ARG P 209 -23.44 -57.54 -46.56
N LEU P 210 -22.45 -56.83 -47.11
CA LEU P 210 -21.11 -56.90 -46.56
C LEU P 210 -20.45 -55.56 -46.27
N GLU P 211 -19.45 -55.60 -45.42
CA GLU P 211 -18.65 -54.44 -45.07
C GLU P 211 -17.23 -54.98 -45.07
N PHE P 212 -16.32 -54.22 -45.68
CA PHE P 212 -14.95 -54.66 -45.79
C PHE P 212 -13.96 -53.56 -45.46
N ALA P 213 -12.84 -53.94 -44.87
CA ALA P 213 -11.81 -52.98 -44.53
C ALA P 213 -10.47 -53.68 -44.46
N THR P 214 -9.42 -52.94 -44.82
CA THR P 214 -8.08 -53.49 -44.80
C THR P 214 -7.09 -52.45 -44.27
N ILE P 215 -6.13 -52.91 -43.48
CA ILE P 215 -5.10 -52.03 -42.95
C ILE P 215 -3.79 -52.49 -43.55
N ARG P 216 -3.35 -51.77 -44.58
CA ARG P 216 -2.11 -52.10 -45.24
C ARG P 216 -1.08 -51.00 -45.11
N LYS P 217 0.16 -51.36 -45.41
CA LYS P 217 1.25 -50.41 -45.35
C LYS P 217 1.75 -50.19 -46.77
N GLY P 218 0.89 -49.60 -47.61
CA GLY P 218 1.22 -49.33 -49.00
C GLY P 218 2.69 -49.13 -49.28
N ALA P 219 3.32 -50.12 -49.92
CA ALA P 219 4.75 -50.09 -50.25
C ALA P 219 5.19 -48.72 -50.77
N ASN P 220 4.36 -48.12 -51.62
CA ASN P 220 4.65 -46.81 -52.19
C ASN P 220 4.16 -45.74 -51.21
N ASP P 221 4.89 -45.58 -50.10
CA ASP P 221 4.54 -44.61 -49.06
C ASP P 221 5.41 -44.81 -47.81
N GLY P 222 5.23 -45.94 -47.14
CA GLY P 222 6.00 -46.22 -45.94
C GLY P 222 5.18 -46.06 -44.66
N GLU P 223 3.90 -45.71 -44.82
CA GLU P 223 2.99 -45.52 -43.68
C GLU P 223 1.83 -46.52 -43.70
N VAL P 224 1.03 -46.53 -42.65
CA VAL P 224 -0.12 -47.44 -42.53
C VAL P 224 -1.42 -46.80 -42.99
N TYR P 225 -2.13 -47.49 -43.89
CA TYR P 225 -3.38 -46.96 -44.41
C TYR P 225 -4.57 -47.91 -44.20
N GLN P 226 -5.68 -47.36 -43.72
CA GLN P 226 -6.90 -48.12 -43.50
C GLN P 226 -7.80 -47.85 -44.67
N LYS P 227 -8.49 -48.87 -45.15
CA LYS P 227 -9.38 -48.69 -46.29
C LYS P 227 -10.73 -49.33 -46.01
N ILE P 228 -11.77 -48.52 -45.84
CA ILE P 228 -13.08 -49.09 -45.61
C ILE P 228 -13.80 -49.14 -46.96
N PHE P 229 -13.70 -50.29 -47.61
CA PHE P 229 -14.28 -50.50 -48.93
C PHE P 229 -15.67 -49.95 -49.11
N LYS P 230 -15.87 -49.31 -50.25
CA LYS P 230 -17.14 -48.70 -50.62
C LYS P 230 -18.00 -49.78 -51.26
N PRO P 231 -19.33 -49.60 -51.24
CA PRO P 231 -20.25 -50.57 -51.83
C PRO P 231 -19.78 -51.13 -53.17
N GLN P 232 -19.35 -50.23 -54.07
CA GLN P 232 -18.87 -50.64 -55.38
C GLN P 232 -17.58 -51.46 -55.27
N GLU P 233 -16.70 -51.05 -54.37
CA GLU P 233 -15.43 -51.75 -54.17
C GLU P 233 -15.66 -53.18 -53.70
N ILE P 234 -16.66 -53.37 -52.86
CA ILE P 234 -17.00 -54.70 -52.34
C ILE P 234 -17.60 -55.50 -53.49
N LYS P 235 -18.48 -54.86 -54.26
CA LYS P 235 -19.14 -55.50 -55.39
C LYS P 235 -18.09 -56.05 -56.36
N ASP P 236 -17.03 -55.26 -56.57
CA ASP P 236 -15.95 -55.62 -57.46
C ASP P 236 -15.20 -56.85 -56.97
N ILE P 237 -14.51 -56.69 -55.84
CA ILE P 237 -13.74 -57.77 -55.24
C ILE P 237 -14.57 -59.05 -55.09
N LEU P 238 -15.88 -58.90 -55.00
CA LEU P 238 -16.77 -60.06 -54.83
C LEU P 238 -16.86 -60.86 -56.13
N VAL P 239 -16.69 -60.19 -57.26
CA VAL P 239 -16.72 -60.83 -58.57
C VAL P 239 -15.38 -61.52 -58.81
N LYS P 240 -14.30 -60.74 -58.67
CA LYS P 240 -12.95 -61.22 -58.87
C LYS P 240 -12.68 -62.50 -58.10
N THR P 241 -13.08 -62.54 -56.84
CA THR P 241 -12.87 -63.72 -56.01
C THR P 241 -13.77 -64.86 -56.44
N GLY P 242 -14.45 -64.66 -57.57
CA GLY P 242 -15.33 -65.69 -58.09
C GLY P 242 -16.54 -66.05 -57.26
N ILE P 243 -17.32 -65.04 -56.88
CA ILE P 243 -18.54 -65.25 -56.11
C ILE P 243 -19.58 -64.40 -56.82
N THR P 244 -19.09 -63.60 -57.78
CA THR P 244 -19.89 -62.69 -58.59
C THR P 244 -20.94 -61.97 -57.75
N GLY Q 1 -23.71 -45.48 -6.41
CA GLY Q 1 -25.12 -45.69 -5.99
C GLY Q 1 -25.44 -47.14 -5.66
N TYR Q 2 -25.16 -48.06 -6.58
CA TYR Q 2 -25.46 -49.46 -6.33
C TYR Q 2 -24.66 -50.01 -5.15
N ASP Q 3 -25.33 -50.59 -4.17
CA ASP Q 3 -24.62 -51.12 -3.01
C ASP Q 3 -25.26 -52.35 -2.38
N ARG Q 4 -25.96 -53.14 -3.19
CA ARG Q 4 -26.60 -54.36 -2.70
C ARG Q 4 -25.54 -55.28 -2.10
N ALA Q 5 -25.84 -55.85 -0.94
CA ALA Q 5 -24.92 -56.76 -0.29
C ALA Q 5 -24.99 -58.08 -1.06
N LEU Q 6 -24.03 -58.28 -1.95
CA LEU Q 6 -24.00 -59.50 -2.76
C LEU Q 6 -23.32 -60.65 -2.04
N SER Q 7 -22.33 -60.35 -1.21
CA SER Q 7 -21.62 -61.36 -0.45
C SER Q 7 -22.15 -61.31 0.97
N ILE Q 8 -23.05 -62.23 1.30
CA ILE Q 8 -23.63 -62.30 2.63
C ILE Q 8 -23.60 -63.72 3.16
N PHE Q 9 -23.93 -63.88 4.44
CA PHE Q 9 -23.94 -65.19 5.09
C PHE Q 9 -25.24 -65.95 4.85
N SER Q 10 -25.13 -67.27 4.78
CA SER Q 10 -26.28 -68.14 4.60
C SER Q 10 -26.39 -68.87 5.94
N PRO Q 11 -27.56 -69.44 6.25
CA PRO Q 11 -27.81 -70.17 7.51
C PRO Q 11 -26.70 -71.08 8.04
N ASP Q 12 -25.98 -71.76 7.15
CA ASP Q 12 -24.91 -72.66 7.58
C ASP Q 12 -23.59 -71.93 7.80
N GLY Q 13 -23.62 -70.61 7.69
CA GLY Q 13 -22.41 -69.82 7.89
C GLY Q 13 -21.51 -69.68 6.67
N HIS Q 14 -22.07 -69.85 5.48
CA HIS Q 14 -21.29 -69.73 4.26
C HIS Q 14 -21.58 -68.45 3.50
N ILE Q 15 -20.61 -68.03 2.70
CA ILE Q 15 -20.76 -66.84 1.88
C ILE Q 15 -20.65 -67.41 0.47
N PHE Q 16 -21.80 -67.78 -0.08
CA PHE Q 16 -21.82 -68.40 -1.38
C PHE Q 16 -21.12 -67.67 -2.52
N GLN Q 17 -21.19 -66.35 -2.55
CA GLN Q 17 -20.51 -65.63 -3.63
C GLN Q 17 -19.00 -65.86 -3.58
N VAL Q 18 -18.46 -66.00 -2.37
CA VAL Q 18 -17.03 -66.24 -2.22
C VAL Q 18 -16.74 -67.70 -2.58
N GLU Q 19 -17.66 -68.57 -2.20
CA GLU Q 19 -17.53 -70.00 -2.49
C GLU Q 19 -17.59 -70.22 -4.01
N TYR Q 20 -18.51 -69.52 -4.65
CA TYR Q 20 -18.67 -69.62 -6.10
C TYR Q 20 -17.48 -69.00 -6.80
N ALA Q 21 -16.85 -68.03 -6.14
CA ALA Q 21 -15.67 -67.39 -6.69
C ALA Q 21 -14.59 -68.46 -6.81
N LEU Q 22 -14.59 -69.40 -5.88
CA LEU Q 22 -13.61 -70.49 -5.90
C LEU Q 22 -13.91 -71.43 -7.06
N GLU Q 23 -15.20 -71.68 -7.31
CA GLU Q 23 -15.60 -72.55 -8.41
C GLU Q 23 -15.04 -72.04 -9.73
N ALA Q 24 -14.87 -70.72 -9.83
CA ALA Q 24 -14.33 -70.10 -11.03
C ALA Q 24 -12.85 -70.43 -11.11
N VAL Q 25 -12.18 -70.43 -9.96
CA VAL Q 25 -10.75 -70.74 -9.91
C VAL Q 25 -10.51 -72.19 -10.33
N LYS Q 26 -11.34 -73.11 -9.81
CA LYS Q 26 -11.23 -74.53 -10.15
C LYS Q 26 -11.29 -74.73 -11.65
N ARG Q 27 -12.11 -73.90 -12.31
CA ARG Q 27 -12.29 -73.97 -13.75
C ARG Q 27 -11.12 -73.38 -14.53
N GLY Q 28 -10.38 -72.48 -13.88
CA GLY Q 28 -9.24 -71.86 -14.53
C GLY Q 28 -8.12 -72.84 -14.84
N THR Q 29 -7.26 -72.49 -15.80
CA THR Q 29 -6.14 -73.35 -16.17
C THR Q 29 -5.23 -73.52 -14.96
N CYS Q 30 -4.54 -74.65 -14.91
CA CYS Q 30 -3.67 -74.95 -13.78
C CYS Q 30 -2.43 -74.07 -13.68
N ALA Q 31 -2.04 -73.78 -12.45
CA ALA Q 31 -0.85 -72.99 -12.18
C ALA Q 31 -0.14 -73.63 -11.00
N VAL Q 32 1.17 -73.66 -11.06
CA VAL Q 32 1.95 -74.26 -9.99
C VAL Q 32 3.23 -73.47 -9.72
N GLY Q 33 3.71 -73.57 -8.49
CA GLY Q 33 4.92 -72.88 -8.12
C GLY Q 33 5.69 -73.70 -7.09
N VAL Q 34 6.99 -73.86 -7.33
CA VAL Q 34 7.83 -74.61 -6.40
C VAL Q 34 9.10 -73.83 -6.13
N LYS Q 35 9.48 -73.75 -4.87
CA LYS Q 35 10.68 -73.03 -4.53
C LYS Q 35 11.86 -73.97 -4.34
N GLY Q 36 12.97 -73.62 -4.99
CA GLY Q 36 14.19 -74.38 -4.90
C GLY Q 36 15.01 -73.87 -3.73
N LYS Q 37 16.30 -74.12 -3.76
CA LYS Q 37 17.16 -73.67 -2.68
C LYS Q 37 17.63 -72.24 -2.95
N ASN Q 38 17.52 -71.81 -4.21
CA ASN Q 38 17.98 -70.50 -4.60
C ASN Q 38 17.16 -69.96 -5.77
N CYS Q 39 15.90 -70.35 -5.83
CA CYS Q 39 15.03 -69.90 -6.90
C CYS Q 39 13.61 -70.35 -6.66
N VAL Q 40 12.69 -69.84 -7.44
CA VAL Q 40 11.28 -70.20 -7.36
C VAL Q 40 10.87 -70.34 -8.81
N VAL Q 41 10.13 -71.39 -9.13
CA VAL Q 41 9.70 -71.61 -10.50
C VAL Q 41 8.18 -71.59 -10.60
N LEU Q 42 7.67 -70.94 -11.65
CA LEU Q 42 6.24 -70.86 -11.86
C LEU Q 42 5.85 -71.46 -13.21
N GLY Q 43 4.93 -72.42 -13.18
CA GLY Q 43 4.47 -73.06 -14.40
C GLY Q 43 2.96 -72.96 -14.52
N CYS Q 44 2.49 -72.80 -15.75
CA CYS Q 44 1.06 -72.70 -16.00
C CYS Q 44 0.73 -73.54 -17.22
N GLU Q 45 -0.49 -74.03 -17.30
CA GLU Q 45 -0.89 -74.82 -18.46
C GLU Q 45 -1.63 -73.91 -19.43
N ARG Q 46 -1.63 -74.28 -20.71
CA ARG Q 46 -2.31 -73.47 -21.72
C ARG Q 46 -3.50 -74.22 -22.33
N ARG Q 47 -4.69 -73.64 -22.15
CA ARG Q 47 -5.92 -74.22 -22.66
C ARG Q 47 -5.73 -74.50 -24.17
N SER Q 48 -6.69 -75.20 -24.76
CA SER Q 48 -6.67 -75.52 -26.19
C SER Q 48 -8.08 -75.59 -26.78
N THR Q 49 -9.02 -74.87 -26.17
CA THR Q 49 -10.42 -74.80 -26.61
C THR Q 49 -10.46 -74.23 -28.05
N LEU Q 50 -9.43 -73.45 -28.36
CA LEU Q 50 -9.23 -72.82 -29.67
C LEU Q 50 -7.71 -72.60 -29.84
N LYS Q 51 -7.14 -73.08 -30.95
CA LYS Q 51 -5.71 -72.91 -31.19
C LYS Q 51 -5.50 -72.37 -32.61
N LEU Q 52 -5.04 -71.13 -32.69
CA LEU Q 52 -4.79 -70.42 -33.95
C LEU Q 52 -4.48 -69.00 -33.48
N GLN Q 53 -4.01 -68.95 -32.24
CA GLN Q 53 -3.67 -67.72 -31.53
C GLN Q 53 -2.34 -67.13 -31.95
N ASP Q 54 -2.14 -65.88 -31.57
CA ASP Q 54 -0.91 -65.17 -31.86
C ASP Q 54 -0.15 -65.03 -30.54
N THR Q 55 0.46 -66.13 -30.11
CA THR Q 55 1.23 -66.21 -28.87
C THR Q 55 2.04 -64.96 -28.46
N ARG Q 56 2.60 -64.26 -29.45
CA ARG Q 56 3.40 -63.06 -29.18
C ARG Q 56 2.63 -62.00 -28.38
N ILE Q 57 1.42 -61.71 -28.85
CA ILE Q 57 0.59 -60.70 -28.21
C ILE Q 57 -0.42 -61.19 -27.16
N THR Q 58 -0.99 -62.38 -27.33
CA THR Q 58 -1.94 -62.90 -26.35
C THR Q 58 -1.32 -62.81 -24.96
N PRO Q 59 -1.98 -62.11 -24.03
CA PRO Q 59 -1.46 -61.96 -22.67
C PRO Q 59 -0.93 -63.28 -22.08
N SER Q 60 0.24 -63.21 -21.43
CA SER Q 60 0.87 -64.37 -20.80
C SER Q 60 0.41 -64.52 -19.34
N LYS Q 61 0.41 -65.76 -18.84
CA LYS Q 61 -0.08 -66.03 -17.49
C LYS Q 61 0.72 -65.51 -16.30
N VAL Q 62 2.04 -65.40 -16.44
CA VAL Q 62 2.84 -64.87 -15.34
C VAL Q 62 3.09 -63.39 -15.57
N SER Q 63 2.96 -62.59 -14.51
CA SER Q 63 3.16 -61.15 -14.62
C SER Q 63 4.13 -60.61 -13.59
N LYS Q 64 4.94 -59.64 -14.00
CA LYS Q 64 5.88 -59.02 -13.08
C LYS Q 64 5.12 -57.89 -12.38
N ILE Q 65 5.22 -57.85 -11.06
CA ILE Q 65 4.58 -56.80 -10.29
C ILE Q 65 5.66 -55.74 -10.17
N ASP Q 66 6.88 -56.20 -9.95
CA ASP Q 66 8.06 -55.34 -9.89
C ASP Q 66 9.18 -56.18 -10.51
N SER Q 67 10.39 -55.64 -10.58
CA SER Q 67 11.46 -56.40 -11.23
C SER Q 67 11.94 -57.62 -10.44
N HIS Q 68 11.44 -57.80 -9.22
CA HIS Q 68 11.86 -58.91 -8.38
C HIS Q 68 10.68 -59.75 -7.88
N VAL Q 69 9.46 -59.46 -8.34
CA VAL Q 69 8.28 -60.21 -7.90
C VAL Q 69 7.33 -60.49 -9.05
N VAL Q 70 6.86 -61.72 -9.14
CA VAL Q 70 5.92 -62.10 -10.19
C VAL Q 70 4.63 -62.66 -9.60
N LEU Q 71 3.57 -62.62 -10.40
CA LEU Q 71 2.29 -63.14 -9.96
C LEU Q 71 1.61 -63.93 -11.07
N SER Q 72 1.23 -65.17 -10.74
CA SER Q 72 0.51 -66.03 -11.70
C SER Q 72 -0.83 -66.30 -11.03
N PHE Q 73 -1.79 -66.80 -11.79
CA PHE Q 73 -3.12 -67.02 -11.23
C PHE Q 73 -3.96 -68.06 -11.97
N SER Q 74 -5.13 -68.36 -11.40
CA SER Q 74 -6.10 -69.27 -11.99
C SER Q 74 -7.44 -68.64 -11.71
N GLY Q 75 -8.30 -68.60 -12.73
CA GLY Q 75 -9.60 -68.01 -12.54
C GLY Q 75 -9.94 -67.09 -13.68
N LEU Q 76 -10.81 -66.11 -13.42
CA LEU Q 76 -11.23 -65.17 -14.44
C LEU Q 76 -10.08 -64.25 -14.88
N ASN Q 77 -9.71 -64.32 -16.15
CA ASN Q 77 -8.62 -63.50 -16.66
C ASN Q 77 -8.86 -62.02 -16.49
N ALA Q 78 -10.06 -61.56 -16.84
CA ALA Q 78 -10.38 -60.14 -16.72
C ALA Q 78 -10.17 -59.65 -15.27
N ASP Q 79 -10.57 -60.46 -14.29
CA ASP Q 79 -10.41 -60.09 -12.88
C ASP Q 79 -8.95 -60.00 -12.48
N SER Q 80 -8.13 -60.93 -12.93
CA SER Q 80 -6.71 -60.91 -12.58
C SER Q 80 -6.06 -59.58 -12.97
N ARG Q 81 -6.48 -58.99 -14.09
CA ARG Q 81 -5.89 -57.74 -14.53
C ARG Q 81 -6.06 -56.62 -13.51
N ILE Q 82 -7.27 -56.51 -12.96
CA ILE Q 82 -7.54 -55.49 -11.97
C ILE Q 82 -6.60 -55.65 -10.78
N LEU Q 83 -6.39 -56.89 -10.35
CA LEU Q 83 -5.51 -57.14 -9.22
C LEU Q 83 -4.06 -56.86 -9.57
N ILE Q 84 -3.66 -57.20 -10.79
CA ILE Q 84 -2.29 -57.00 -11.23
C ILE Q 84 -1.95 -55.53 -11.34
N GLU Q 85 -2.89 -54.74 -11.82
CA GLU Q 85 -2.67 -53.30 -11.95
C GLU Q 85 -2.52 -52.68 -10.55
N LYS Q 86 -3.45 -52.99 -9.66
CA LYS Q 86 -3.42 -52.48 -8.30
C LYS Q 86 -2.12 -52.83 -7.60
N ALA Q 87 -1.65 -54.06 -7.83
CA ALA Q 87 -0.43 -54.52 -7.20
C ALA Q 87 0.77 -53.74 -7.71
N ARG Q 88 0.88 -53.62 -9.02
CA ARG Q 88 1.99 -52.89 -9.64
C ARG Q 88 2.04 -51.45 -9.13
N VAL Q 89 0.87 -50.84 -9.00
CA VAL Q 89 0.80 -49.48 -8.51
C VAL Q 89 1.30 -49.42 -7.08
N GLU Q 90 0.83 -50.34 -6.25
CA GLU Q 90 1.25 -50.36 -4.86
C GLU Q 90 2.76 -50.56 -4.73
N ALA Q 91 3.33 -51.32 -5.65
CA ALA Q 91 4.76 -51.58 -5.62
C ALA Q 91 5.56 -50.30 -5.84
N GLN Q 92 5.09 -49.45 -6.75
CA GLN Q 92 5.77 -48.19 -7.03
C GLN Q 92 5.58 -47.21 -5.87
N SER Q 93 4.37 -47.17 -5.33
CA SER Q 93 4.05 -46.30 -4.22
C SER Q 93 4.97 -46.61 -3.03
N HIS Q 94 5.10 -47.92 -2.72
CA HIS Q 94 5.94 -48.36 -1.61
C HIS Q 94 7.39 -47.92 -1.80
N ARG Q 95 7.91 -48.06 -3.01
CA ARG Q 95 9.30 -47.65 -3.30
C ARG Q 95 9.43 -46.15 -3.11
N LEU Q 96 8.37 -45.43 -3.50
CA LEU Q 96 8.35 -43.98 -3.41
C LEU Q 96 8.27 -43.43 -1.99
N THR Q 97 7.53 -44.10 -1.11
CA THR Q 97 7.41 -43.63 0.26
C THR Q 97 8.36 -44.27 1.28
N LEU Q 98 8.62 -45.57 1.14
CA LEU Q 98 9.52 -46.28 2.07
C LEU Q 98 10.96 -46.28 1.55
N GLU Q 99 11.12 -45.95 0.27
CA GLU Q 99 12.43 -45.95 -0.36
C GLU Q 99 13.05 -47.33 -0.31
N ASP Q 100 12.26 -48.33 -0.68
CA ASP Q 100 12.69 -49.71 -0.72
C ASP Q 100 11.59 -50.52 -1.41
N PRO Q 101 11.95 -51.40 -2.35
CA PRO Q 101 10.89 -52.17 -3.00
C PRO Q 101 10.21 -53.10 -2.01
N VAL Q 102 8.99 -53.49 -2.32
CA VAL Q 102 8.19 -54.37 -1.46
C VAL Q 102 8.77 -55.76 -1.25
N THR Q 103 8.46 -56.36 -0.10
CA THR Q 103 8.88 -57.73 0.17
C THR Q 103 7.80 -58.55 -0.54
N VAL Q 104 8.02 -59.83 -0.74
CA VAL Q 104 7.03 -60.67 -1.39
C VAL Q 104 5.79 -60.81 -0.50
N GLU Q 105 6.03 -60.96 0.80
CA GLU Q 105 4.94 -61.12 1.75
C GLU Q 105 4.08 -59.85 1.80
N TYR Q 106 4.73 -58.70 1.80
CA TYR Q 106 3.99 -57.45 1.85
C TYR Q 106 3.09 -57.30 0.61
N LEU Q 107 3.67 -57.53 -0.56
CA LEU Q 107 2.92 -57.43 -1.80
C LEU Q 107 1.77 -58.43 -1.78
N THR Q 108 2.01 -59.58 -1.14
CA THR Q 108 0.99 -60.62 -1.05
C THR Q 108 -0.12 -60.16 -0.10
N ARG Q 109 0.28 -59.71 1.08
CA ARG Q 109 -0.67 -59.23 2.07
C ARG Q 109 -1.55 -58.14 1.47
N TYR Q 110 -0.96 -57.34 0.57
CA TYR Q 110 -1.71 -56.26 -0.07
C TYR Q 110 -2.80 -56.79 -0.98
N VAL Q 111 -2.41 -57.64 -1.93
CA VAL Q 111 -3.35 -58.22 -2.88
C VAL Q 111 -4.45 -58.98 -2.16
N ALA Q 112 -4.09 -59.72 -1.12
CA ALA Q 112 -5.06 -60.47 -0.36
C ALA Q 112 -6.09 -59.52 0.26
N GLY Q 113 -5.62 -58.35 0.70
CA GLY Q 113 -6.49 -57.36 1.30
C GLY Q 113 -7.51 -56.81 0.31
N VAL Q 114 -7.08 -56.58 -0.93
CA VAL Q 114 -7.98 -56.09 -1.94
C VAL Q 114 -9.06 -57.14 -2.17
N GLN Q 115 -8.67 -58.41 -2.19
CA GLN Q 115 -9.63 -59.48 -2.39
C GLN Q 115 -10.58 -59.57 -1.21
N GLN Q 116 -10.03 -59.59 0.00
CA GLN Q 116 -10.86 -59.67 1.20
C GLN Q 116 -11.92 -58.58 1.19
N ARG Q 117 -11.50 -57.36 0.86
CA ARG Q 117 -12.39 -56.20 0.81
C ARG Q 117 -13.56 -56.38 -0.14
N TYR Q 118 -13.34 -57.04 -1.27
CA TYR Q 118 -14.42 -57.26 -2.23
C TYR Q 118 -15.40 -58.33 -1.76
N THR Q 119 -15.12 -58.93 -0.60
CA THR Q 119 -16.02 -59.94 -0.07
C THR Q 119 -17.00 -59.34 0.92
N GLN Q 120 -16.75 -58.12 1.37
CA GLN Q 120 -17.70 -57.49 2.28
C GLN Q 120 -17.92 -55.99 2.04
N SER Q 121 -18.10 -55.66 0.77
CA SER Q 121 -18.37 -54.31 0.31
C SER Q 121 -19.61 -54.36 -0.59
N GLY Q 122 -20.54 -53.45 -0.36
CA GLY Q 122 -21.75 -53.45 -1.17
C GLY Q 122 -21.56 -53.15 -2.65
N GLY Q 123 -22.42 -53.75 -3.47
CA GLY Q 123 -22.36 -53.52 -4.91
C GLY Q 123 -21.27 -54.17 -5.71
N VAL Q 124 -20.49 -55.07 -5.10
CA VAL Q 124 -19.40 -55.74 -5.81
C VAL Q 124 -19.34 -57.22 -5.50
N ARG Q 125 -18.87 -58.00 -6.47
CA ARG Q 125 -18.72 -59.44 -6.27
C ARG Q 125 -17.24 -59.73 -6.04
N PRO Q 126 -16.93 -60.84 -5.34
CA PRO Q 126 -15.54 -61.21 -5.07
C PRO Q 126 -14.78 -61.50 -6.34
N PHE Q 127 -13.46 -61.49 -6.27
CA PHE Q 127 -12.65 -61.81 -7.44
C PHE Q 127 -12.67 -63.30 -7.70
N GLY Q 128 -12.92 -63.69 -8.95
CA GLY Q 128 -12.93 -65.10 -9.27
C GLY Q 128 -11.50 -65.49 -9.60
N VAL Q 129 -10.59 -65.17 -8.70
CA VAL Q 129 -9.18 -65.45 -8.91
C VAL Q 129 -8.43 -65.92 -7.67
N SER Q 130 -7.37 -66.70 -7.90
CA SER Q 130 -6.50 -67.20 -6.85
C SER Q 130 -5.11 -66.94 -7.39
N THR Q 131 -4.19 -66.52 -6.53
CA THR Q 131 -2.87 -66.21 -7.03
C THR Q 131 -1.70 -66.88 -6.36
N LEU Q 132 -0.59 -66.87 -7.10
CA LEU Q 132 0.68 -67.40 -6.65
C LEU Q 132 1.60 -66.22 -6.85
N ILE Q 133 2.25 -65.78 -5.77
CA ILE Q 133 3.15 -64.65 -5.83
C ILE Q 133 4.52 -65.14 -5.37
N ALA Q 134 5.52 -64.93 -6.22
CA ALA Q 134 6.87 -65.39 -5.91
C ALA Q 134 7.94 -64.36 -6.18
N GLY Q 135 9.06 -64.48 -5.47
CA GLY Q 135 10.15 -63.56 -5.65
C GLY Q 135 11.12 -63.57 -4.48
N PHE Q 136 11.97 -62.55 -4.44
CA PHE Q 136 12.96 -62.42 -3.38
C PHE Q 136 12.91 -61.03 -2.78
N ASP Q 137 12.87 -60.97 -1.45
CA ASP Q 137 12.87 -59.69 -0.75
C ASP Q 137 14.15 -58.96 -1.17
N PRO Q 138 14.10 -57.63 -1.24
CA PRO Q 138 15.29 -56.88 -1.62
C PRO Q 138 16.51 -57.28 -0.79
N ARG Q 139 17.64 -57.49 -1.46
CA ARG Q 139 18.88 -57.86 -0.78
C ARG Q 139 18.83 -59.20 -0.01
N ASP Q 140 17.83 -60.03 -0.30
CA ASP Q 140 17.69 -61.33 0.37
C ASP Q 140 17.78 -62.43 -0.68
N ASP Q 141 18.30 -63.60 -0.28
CA ASP Q 141 18.47 -64.72 -1.20
C ASP Q 141 17.52 -65.88 -0.94
N GLU Q 142 16.76 -65.81 0.14
CA GLU Q 142 15.80 -66.85 0.49
C GLU Q 142 14.51 -66.73 -0.36
N PRO Q 143 14.25 -67.72 -1.23
CA PRO Q 143 13.05 -67.70 -2.09
C PRO Q 143 11.73 -67.62 -1.31
N LYS Q 144 10.77 -66.91 -1.90
CA LYS Q 144 9.45 -66.73 -1.29
C LYS Q 144 8.35 -67.16 -2.24
N LEU Q 145 7.37 -67.89 -1.71
CA LEU Q 145 6.23 -68.34 -2.51
C LEU Q 145 4.98 -68.21 -1.65
N TYR Q 146 3.99 -67.49 -2.17
CA TYR Q 146 2.73 -67.28 -1.45
C TYR Q 146 1.55 -67.54 -2.34
N GLN Q 147 0.41 -67.75 -1.70
CA GLN Q 147 -0.82 -68.02 -2.42
C GLN Q 147 -1.97 -67.25 -1.79
N THR Q 148 -2.82 -66.68 -2.62
CA THR Q 148 -3.99 -65.94 -2.12
C THR Q 148 -5.24 -66.47 -2.83
N GLU Q 149 -6.40 -66.26 -2.22
CA GLU Q 149 -7.65 -66.72 -2.80
C GLU Q 149 -8.81 -65.75 -2.61
N PRO Q 150 -9.92 -65.96 -3.35
CA PRO Q 150 -11.09 -65.09 -3.26
C PRO Q 150 -11.46 -64.57 -1.87
N SER Q 151 -11.40 -65.43 -0.86
CA SER Q 151 -11.76 -65.03 0.50
C SER Q 151 -10.87 -63.92 1.04
N GLY Q 152 -9.61 -63.89 0.60
CA GLY Q 152 -8.67 -62.89 1.05
C GLY Q 152 -7.59 -63.50 1.93
N ILE Q 153 -7.67 -64.81 2.10
CA ILE Q 153 -6.70 -65.55 2.90
C ILE Q 153 -5.44 -65.84 2.10
N TYR Q 154 -4.29 -65.78 2.77
CA TYR Q 154 -3.03 -66.04 2.09
C TYR Q 154 -2.06 -66.71 3.05
N SER Q 155 -1.08 -67.42 2.50
CA SER Q 155 -0.06 -68.11 3.30
C SER Q 155 1.08 -68.50 2.38
N SER Q 156 2.20 -68.95 2.95
CA SER Q 156 3.33 -69.34 2.11
C SER Q 156 3.42 -70.87 1.96
N TRP Q 157 3.99 -71.29 0.84
CA TRP Q 157 4.12 -72.71 0.54
C TRP Q 157 5.52 -73.03 0.05
N SER Q 158 5.90 -74.31 0.18
CA SER Q 158 7.20 -74.79 -0.31
C SER Q 158 6.95 -75.04 -1.79
N ALA Q 159 5.71 -75.45 -2.09
CA ALA Q 159 5.26 -75.72 -3.44
C ALA Q 159 3.74 -75.72 -3.35
N GLN Q 160 3.07 -75.29 -4.42
CA GLN Q 160 1.62 -75.23 -4.41
C GLN Q 160 1.09 -75.08 -5.83
N THR Q 161 -0.18 -75.43 -6.01
CA THR Q 161 -0.81 -75.36 -7.30
C THR Q 161 -2.27 -74.96 -7.12
N ILE Q 162 -2.84 -74.30 -8.13
CA ILE Q 162 -4.22 -73.86 -8.08
C ILE Q 162 -4.80 -74.07 -9.47
N GLY Q 163 -6.12 -74.20 -9.56
CA GLY Q 163 -6.73 -74.40 -10.86
C GLY Q 163 -7.28 -75.79 -11.07
N ARG Q 164 -7.75 -76.05 -12.28
CA ARG Q 164 -8.31 -77.36 -12.61
C ARG Q 164 -7.29 -78.48 -12.43
N ASN Q 165 -7.72 -79.52 -11.72
CA ASN Q 165 -6.88 -80.68 -11.46
C ASN Q 165 -5.70 -80.35 -10.56
N SER Q 166 -5.79 -79.25 -9.82
CA SER Q 166 -4.71 -78.88 -8.91
C SER Q 166 -4.69 -79.93 -7.80
N LYS Q 167 -5.81 -80.64 -7.67
CA LYS Q 167 -5.96 -81.71 -6.68
C LYS Q 167 -4.90 -82.75 -7.00
N THR Q 168 -4.90 -83.18 -8.26
CA THR Q 168 -3.97 -84.17 -8.76
C THR Q 168 -2.51 -83.70 -8.61
N VAL Q 169 -2.20 -82.57 -9.25
CA VAL Q 169 -0.85 -82.02 -9.21
C VAL Q 169 -0.34 -81.71 -7.81
N ARG Q 170 -1.22 -81.43 -6.86
CA ARG Q 170 -0.75 -81.15 -5.51
C ARG Q 170 -0.23 -82.46 -4.91
N GLU Q 171 -1.00 -83.53 -5.09
CA GLU Q 171 -0.63 -84.86 -4.61
C GLU Q 171 0.77 -85.19 -5.09
N PHE Q 172 0.98 -85.04 -6.40
CA PHE Q 172 2.28 -85.30 -6.98
C PHE Q 172 3.34 -84.58 -6.15
N LEU Q 173 3.11 -83.29 -5.92
CA LEU Q 173 4.03 -82.47 -5.16
C LEU Q 173 4.19 -82.93 -3.71
N GLU Q 174 3.08 -83.31 -3.08
CA GLU Q 174 3.13 -83.75 -1.69
C GLU Q 174 3.96 -85.01 -1.51
N LYS Q 175 4.10 -85.78 -2.59
CA LYS Q 175 4.89 -87.01 -2.53
C LYS Q 175 6.00 -86.93 -3.58
N ASN Q 176 6.61 -85.76 -3.69
CA ASN Q 176 7.70 -85.54 -4.63
C ASN Q 176 8.51 -84.30 -4.24
N TYR Q 177 8.14 -83.69 -3.10
CA TYR Q 177 8.85 -82.52 -2.62
C TYR Q 177 9.31 -82.75 -1.18
N ASP Q 178 10.62 -82.73 -1.00
CA ASP Q 178 11.21 -82.95 0.31
C ASP Q 178 11.73 -81.62 0.84
N ARG Q 179 11.12 -81.14 1.92
CA ARG Q 179 11.55 -79.87 2.52
C ARG Q 179 12.99 -79.98 2.99
N LYS Q 180 13.40 -81.20 3.34
CA LYS Q 180 14.76 -81.45 3.81
C LYS Q 180 15.74 -81.01 2.72
N GLU Q 181 15.52 -81.51 1.51
CA GLU Q 181 16.40 -81.20 0.38
C GLU Q 181 15.62 -80.67 -0.82
N PRO Q 182 15.30 -79.37 -0.80
CA PRO Q 182 14.57 -78.73 -1.90
C PRO Q 182 15.43 -78.69 -3.14
N PRO Q 183 14.79 -78.72 -4.33
CA PRO Q 183 15.50 -78.69 -5.60
C PRO Q 183 16.67 -77.70 -5.58
N ALA Q 184 17.85 -78.19 -5.20
CA ALA Q 184 19.05 -77.36 -5.10
C ALA Q 184 19.56 -76.77 -6.40
N THR Q 185 18.79 -76.89 -7.48
CA THR Q 185 19.21 -76.34 -8.76
C THR Q 185 18.06 -75.77 -9.53
N VAL Q 186 18.35 -74.74 -10.31
CA VAL Q 186 17.34 -74.11 -11.14
C VAL Q 186 16.78 -75.21 -12.03
N GLU Q 187 17.68 -76.00 -12.61
CA GLU Q 187 17.31 -77.10 -13.50
C GLU Q 187 16.42 -78.16 -12.86
N GLU Q 188 16.87 -78.73 -11.73
CA GLU Q 188 16.06 -79.75 -11.09
C GLU Q 188 14.78 -79.21 -10.45
N CYS Q 189 14.71 -77.89 -10.28
CA CYS Q 189 13.51 -77.29 -9.73
C CYS Q 189 12.54 -77.14 -10.89
N VAL Q 190 13.06 -76.74 -12.05
CA VAL Q 190 12.24 -76.57 -13.23
C VAL Q 190 11.74 -77.95 -13.70
N LYS Q 191 12.55 -78.97 -13.48
CA LYS Q 191 12.16 -80.33 -13.88
C LYS Q 191 10.97 -80.77 -13.02
N LEU Q 192 11.13 -80.67 -11.70
CA LEU Q 192 10.07 -81.07 -10.79
C LEU Q 192 8.76 -80.35 -11.12
N THR Q 193 8.86 -79.11 -11.60
CA THR Q 193 7.68 -78.32 -11.97
C THR Q 193 7.03 -78.87 -13.23
N VAL Q 194 7.84 -79.15 -14.25
CA VAL Q 194 7.32 -79.69 -15.49
C VAL Q 194 6.70 -81.05 -15.22
N ARG Q 195 7.38 -81.85 -14.39
CA ARG Q 195 6.88 -83.17 -14.03
C ARG Q 195 5.47 -83.09 -13.46
N SER Q 196 5.28 -82.19 -12.50
CA SER Q 196 3.97 -82.01 -11.87
C SER Q 196 2.90 -81.59 -12.88
N LEU Q 197 3.26 -80.71 -13.81
CA LEU Q 197 2.30 -80.26 -14.81
C LEU Q 197 1.93 -81.35 -15.81
N LEU Q 198 2.88 -82.22 -16.14
CA LEU Q 198 2.59 -83.31 -17.07
C LEU Q 198 1.54 -84.26 -16.51
N GLU Q 199 1.47 -84.33 -15.19
CA GLU Q 199 0.48 -85.18 -14.53
C GLU Q 199 -0.94 -84.78 -14.95
N VAL Q 200 -1.07 -83.61 -15.55
CA VAL Q 200 -2.40 -83.12 -15.95
C VAL Q 200 -2.47 -82.48 -17.33
N VAL Q 201 -1.35 -81.97 -17.83
CA VAL Q 201 -1.34 -81.31 -19.14
C VAL Q 201 -1.58 -82.25 -20.32
N GLN Q 202 -1.23 -83.52 -20.16
CA GLN Q 202 -1.42 -84.49 -21.24
C GLN Q 202 -0.70 -84.01 -22.50
N THR Q 203 0.61 -84.26 -22.55
CA THR Q 203 1.46 -83.87 -23.67
C THR Q 203 1.12 -82.46 -24.15
N GLY Q 204 1.76 -81.48 -23.53
CA GLY Q 204 1.51 -80.10 -23.89
C GLY Q 204 2.78 -79.29 -23.98
N ALA Q 205 3.59 -79.56 -25.00
CA ALA Q 205 4.83 -78.82 -25.18
C ALA Q 205 4.47 -77.34 -25.27
N LYS Q 206 3.56 -77.01 -26.19
CA LYS Q 206 3.12 -75.63 -26.38
C LYS Q 206 2.05 -75.28 -25.36
N ASN Q 207 1.74 -76.22 -24.47
CA ASN Q 207 0.72 -76.02 -23.45
C ASN Q 207 1.30 -75.79 -22.06
N ILE Q 208 2.63 -75.78 -21.95
CA ILE Q 208 3.30 -75.56 -20.67
C ILE Q 208 4.36 -74.47 -20.73
N GLU Q 209 4.18 -73.43 -19.92
CA GLU Q 209 5.15 -72.33 -19.88
C GLU Q 209 5.76 -72.21 -18.49
N ILE Q 210 7.07 -72.07 -18.44
CA ILE Q 210 7.79 -71.97 -17.18
C ILE Q 210 8.49 -70.62 -17.06
N THR Q 211 8.58 -70.11 -15.84
CA THR Q 211 9.26 -68.85 -15.56
C THR Q 211 10.13 -69.05 -14.34
N VAL Q 212 11.41 -68.71 -14.46
CA VAL Q 212 12.35 -68.88 -13.36
C VAL Q 212 12.70 -67.53 -12.75
N VAL Q 213 12.66 -67.48 -11.42
CA VAL Q 213 12.97 -66.25 -10.70
C VAL Q 213 14.09 -66.50 -9.70
N LYS Q 214 15.19 -65.77 -9.87
CA LYS Q 214 16.35 -65.88 -8.98
C LYS Q 214 16.49 -64.57 -8.20
N PRO Q 215 17.42 -64.53 -7.24
CA PRO Q 215 17.60 -63.29 -6.46
C PRO Q 215 18.01 -62.12 -7.33
N ASP Q 216 17.87 -60.91 -6.78
CA ASP Q 216 18.24 -59.68 -7.46
C ASP Q 216 17.58 -59.42 -8.82
N SER Q 217 16.26 -59.46 -8.85
CA SER Q 217 15.50 -59.20 -10.06
C SER Q 217 15.90 -60.01 -11.29
N ASP Q 218 16.43 -61.20 -11.08
CA ASP Q 218 16.84 -62.05 -12.19
C ASP Q 218 15.67 -62.95 -12.57
N ILE Q 219 14.81 -62.45 -13.45
CA ILE Q 219 13.65 -63.21 -13.88
C ILE Q 219 13.69 -63.47 -15.38
N VAL Q 220 13.34 -64.69 -15.77
CA VAL Q 220 13.33 -65.06 -17.18
C VAL Q 220 12.38 -66.22 -17.46
N ALA Q 221 11.73 -66.15 -18.62
CA ALA Q 221 10.79 -67.19 -19.02
C ALA Q 221 11.42 -68.10 -20.08
N LEU Q 222 11.28 -69.41 -19.89
CA LEU Q 222 11.82 -70.40 -20.82
C LEU Q 222 11.03 -70.39 -22.12
N SER Q 223 11.69 -70.84 -23.19
CA SER Q 223 11.05 -70.92 -24.51
C SER Q 223 10.64 -72.36 -24.78
N SER Q 224 9.67 -72.53 -25.68
CA SER Q 224 9.16 -73.85 -26.03
C SER Q 224 10.23 -74.93 -25.98
N GLU Q 225 11.30 -74.74 -26.77
CA GLU Q 225 12.40 -75.69 -26.83
C GLU Q 225 12.94 -76.03 -25.46
N GLU Q 226 13.47 -75.02 -24.77
CA GLU Q 226 14.02 -75.20 -23.42
C GLU Q 226 13.12 -76.12 -22.60
N ILE Q 227 11.83 -75.79 -22.59
CA ILE Q 227 10.83 -76.55 -21.86
C ILE Q 227 10.70 -77.94 -22.48
N ASN Q 228 10.40 -77.96 -23.79
CA ASN Q 228 10.23 -79.21 -24.54
C ASN Q 228 11.38 -80.17 -24.31
N GLN Q 229 12.55 -79.62 -24.01
CA GLN Q 229 13.73 -80.43 -23.74
C GLN Q 229 13.54 -81.14 -22.40
N TYR Q 230 12.96 -80.43 -21.45
CA TYR Q 230 12.70 -81.01 -20.13
C TYR Q 230 11.69 -82.15 -20.24
N VAL Q 231 10.66 -81.94 -21.06
CA VAL Q 231 9.63 -82.94 -21.26
C VAL Q 231 10.26 -84.22 -21.82
N THR Q 232 10.96 -84.06 -22.95
CA THR Q 232 11.62 -85.17 -23.61
C THR Q 232 12.42 -85.99 -22.60
N GLN Q 233 13.32 -85.32 -21.89
CA GLN Q 233 14.15 -85.99 -20.90
C GLN Q 233 13.33 -86.67 -19.80
N ILE Q 234 12.13 -86.15 -19.56
CA ILE Q 234 11.24 -86.70 -18.53
C ILE Q 234 10.52 -87.97 -18.98
N GLU Q 235 10.05 -87.98 -20.23
CA GLU Q 235 9.34 -89.13 -20.76
C GLU Q 235 10.27 -90.33 -20.89
N GLN Q 236 11.58 -90.05 -20.95
CA GLN Q 236 12.57 -91.10 -21.04
C GLN Q 236 12.72 -91.76 -19.68
N GLU Q 237 12.74 -90.93 -18.63
CA GLU Q 237 12.87 -91.42 -17.26
C GLU Q 237 11.83 -92.54 -17.04
N LYS Q 238 10.66 -92.35 -17.66
CA LYS Q 238 9.55 -93.31 -17.56
C LYS Q 238 9.82 -94.57 -18.40
N GLN Q 239 9.96 -94.38 -19.70
CA GLN Q 239 10.22 -95.47 -20.62
C GLN Q 239 11.41 -96.32 -20.17
N GLU Q 240 12.42 -95.65 -19.60
CA GLU Q 240 13.60 -96.33 -19.08
C GLU Q 240 13.20 -97.11 -17.83
N GLN Q 241 12.05 -97.78 -17.89
CA GLN Q 241 11.54 -98.56 -16.76
C GLN Q 241 10.28 -99.33 -17.14
N ASP R 1 -35.20 -60.26 -2.23
CA ASP R 1 -34.62 -61.17 -1.18
C ASP R 1 -35.05 -60.70 0.22
N ARG R 2 -34.06 -60.37 1.07
CA ARG R 2 -34.34 -59.92 2.44
C ARG R 2 -33.16 -59.11 3.00
N GLY R 3 -33.47 -58.02 3.71
CA GLY R 3 -32.43 -57.17 4.27
C GLY R 3 -31.34 -57.88 5.06
N VAL R 4 -30.13 -57.32 5.03
CA VAL R 4 -29.01 -57.90 5.76
C VAL R 4 -29.02 -57.48 7.22
N SER R 5 -30.00 -56.67 7.59
CA SER R 5 -30.10 -56.23 8.98
C SER R 5 -31.53 -56.47 9.48
N THR R 6 -32.12 -57.57 9.02
CA THR R 6 -33.46 -57.96 9.38
C THR R 6 -33.48 -58.76 10.69
N PHE R 7 -34.57 -58.64 11.43
CA PHE R 7 -34.76 -59.34 12.70
C PHE R 7 -35.56 -60.62 12.48
N SER R 8 -35.19 -61.69 13.17
CA SER R 8 -35.91 -62.95 13.06
C SER R 8 -37.09 -62.81 14.00
N PRO R 9 -38.09 -63.71 13.89
CA PRO R 9 -39.23 -63.59 14.79
C PRO R 9 -38.86 -63.72 16.27
N GLU R 10 -37.69 -64.31 16.54
CA GLU R 10 -37.21 -64.47 17.91
C GLU R 10 -36.44 -63.24 18.37
N GLY R 11 -36.34 -62.23 17.52
CA GLY R 11 -35.64 -61.02 17.87
C GLY R 11 -34.14 -61.12 17.76
N ARG R 12 -33.66 -61.87 16.78
CA ARG R 12 -32.23 -62.00 16.55
C ARG R 12 -31.91 -61.54 15.15
N LEU R 13 -30.68 -61.09 14.93
CA LEU R 13 -30.28 -60.62 13.62
C LEU R 13 -29.71 -61.78 12.81
N PHE R 14 -30.44 -62.18 11.76
CA PHE R 14 -30.04 -63.27 10.89
C PHE R 14 -28.57 -63.28 10.54
N GLN R 15 -28.10 -62.22 9.89
CA GLN R 15 -26.71 -62.14 9.48
C GLN R 15 -25.74 -62.37 10.61
N VAL R 16 -26.08 -61.92 11.81
CA VAL R 16 -25.18 -62.11 12.95
C VAL R 16 -25.19 -63.56 13.41
N GLU R 17 -26.37 -64.18 13.43
CA GLU R 17 -26.48 -65.58 13.85
C GLU R 17 -25.72 -66.46 12.87
N TYR R 18 -25.97 -66.26 11.58
CA TYR R 18 -25.28 -67.03 10.55
C TYR R 18 -23.78 -66.76 10.66
N SER R 19 -23.44 -65.56 11.11
CA SER R 19 -22.05 -65.18 11.27
C SER R 19 -21.40 -66.09 12.30
N LEU R 20 -22.12 -66.34 13.39
CA LEU R 20 -21.65 -67.20 14.47
C LEU R 20 -21.47 -68.64 14.01
N GLU R 21 -22.22 -69.05 13.00
CA GLU R 21 -22.12 -70.40 12.48
C GLU R 21 -20.78 -70.61 11.80
N ALA R 22 -20.36 -69.63 11.00
CA ALA R 22 -19.09 -69.71 10.29
C ALA R 22 -17.93 -69.77 11.27
N ILE R 23 -18.08 -69.09 12.41
CA ILE R 23 -17.06 -69.06 13.42
C ILE R 23 -16.90 -70.42 14.10
N LYS R 24 -17.99 -71.19 14.14
CA LYS R 24 -17.96 -72.52 14.73
C LYS R 24 -17.07 -73.46 13.93
N LEU R 25 -16.91 -73.17 12.64
CA LEU R 25 -16.09 -73.98 11.77
C LEU R 25 -14.62 -73.59 11.86
N GLY R 26 -14.33 -72.49 12.55
CA GLY R 26 -12.96 -72.03 12.65
C GLY R 26 -12.08 -72.84 13.57
N SER R 27 -10.76 -72.67 13.40
CA SER R 27 -9.78 -73.37 14.23
C SER R 27 -9.98 -72.96 15.68
N THR R 28 -9.69 -73.85 16.60
CA THR R 28 -9.86 -73.55 18.01
C THR R 28 -8.84 -72.51 18.51
N ALA R 29 -9.30 -71.64 19.40
CA ALA R 29 -8.45 -70.63 20.01
C ALA R 29 -8.84 -70.61 21.48
N ILE R 30 -7.86 -70.54 22.37
CA ILE R 30 -8.15 -70.57 23.80
C ILE R 30 -7.37 -69.53 24.59
N GLY R 31 -8.03 -68.95 25.58
CA GLY R 31 -7.38 -67.97 26.41
C GLY R 31 -7.66 -68.21 27.88
N ILE R 32 -6.61 -68.12 28.70
CA ILE R 32 -6.73 -68.32 30.15
C ILE R 32 -6.04 -67.14 30.84
N ALA R 33 -6.76 -66.47 31.74
CA ALA R 33 -6.20 -65.32 32.44
C ALA R 33 -5.88 -65.64 33.90
N THR R 34 -4.64 -65.40 34.30
CA THR R 34 -4.19 -65.65 35.66
C THR R 34 -3.54 -64.39 36.22
N LYS R 35 -3.31 -64.35 37.53
CA LYS R 35 -2.69 -63.19 38.15
C LYS R 35 -1.21 -63.02 37.77
N GLU R 36 -0.71 -63.93 36.95
CA GLU R 36 0.68 -63.87 36.51
C GLU R 36 0.76 -63.59 35.03
N GLY R 37 -0.40 -63.37 34.41
CA GLY R 37 -0.43 -63.09 32.98
C GLY R 37 -1.59 -63.80 32.32
N VAL R 38 -1.76 -63.57 31.03
CA VAL R 38 -2.83 -64.21 30.28
C VAL R 38 -2.20 -65.01 29.17
N VAL R 39 -2.71 -66.22 28.95
CA VAL R 39 -2.18 -67.09 27.90
C VAL R 39 -3.16 -67.21 26.75
N LEU R 40 -2.63 -67.22 25.53
CA LEU R 40 -3.43 -67.33 24.33
C LEU R 40 -2.81 -68.41 23.45
N GLY R 41 -3.62 -69.40 23.10
CA GLY R 41 -3.12 -70.46 22.25
C GLY R 41 -4.09 -70.72 21.12
N VAL R 42 -3.57 -71.11 19.96
CA VAL R 42 -4.41 -71.40 18.80
C VAL R 42 -3.99 -72.66 18.05
N GLU R 43 -4.94 -73.20 17.29
CA GLU R 43 -4.72 -74.37 16.47
C GLU R 43 -4.37 -73.89 15.06
N LYS R 44 -3.12 -74.05 14.65
CA LYS R 44 -2.71 -73.62 13.31
C LYS R 44 -3.64 -74.22 12.24
N ARG R 45 -3.72 -75.55 12.22
CA ARG R 45 -4.56 -76.28 11.27
C ARG R 45 -4.25 -76.05 9.78
N ALA R 46 -3.05 -76.39 9.34
CA ALA R 46 -2.71 -76.22 7.93
C ALA R 46 -3.56 -77.17 7.07
N THR R 47 -3.84 -76.79 5.82
CA THR R 47 -4.65 -77.62 4.94
C THR R 47 -3.84 -78.63 4.14
N SER R 48 -2.52 -78.45 4.11
CA SER R 48 -1.64 -79.34 3.36
C SER R 48 -0.25 -79.33 3.95
N PRO R 49 0.50 -80.43 3.83
CA PRO R 49 1.86 -80.51 4.36
C PRO R 49 2.85 -79.58 3.66
N LEU R 50 2.46 -79.08 2.48
CA LEU R 50 3.34 -78.18 1.72
C LEU R 50 3.21 -76.72 2.19
N LEU R 51 2.22 -76.47 3.03
CA LEU R 51 1.97 -75.15 3.59
C LEU R 51 2.94 -74.92 4.75
N GLU R 52 3.74 -73.86 4.68
CA GLU R 52 4.69 -73.57 5.74
C GLU R 52 3.88 -73.06 6.93
N SER R 53 3.70 -73.93 7.92
CA SER R 53 2.92 -73.61 9.12
C SER R 53 3.20 -72.30 9.85
N ASP R 54 4.45 -71.83 9.85
CA ASP R 54 4.74 -70.60 10.57
C ASP R 54 4.21 -69.34 9.85
N SER R 55 3.72 -69.51 8.63
CA SER R 55 3.17 -68.38 7.90
C SER R 55 1.69 -68.26 8.29
N ILE R 56 1.27 -69.06 9.28
CA ILE R 56 -0.11 -69.00 9.77
C ILE R 56 -0.07 -68.13 11.01
N GLU R 57 -0.69 -66.95 10.91
CA GLU R 57 -0.69 -65.98 12.00
C GLU R 57 -2.07 -65.73 12.57
N LYS R 58 -2.46 -66.53 13.56
CA LYS R 58 -3.77 -66.36 14.18
C LYS R 58 -3.66 -65.75 15.56
N ILE R 59 -2.47 -65.30 15.91
CA ILE R 59 -2.23 -64.62 17.17
C ILE R 59 -1.42 -63.38 16.80
N VAL R 60 -1.97 -62.21 17.08
CA VAL R 60 -1.26 -60.98 16.74
C VAL R 60 -1.19 -60.00 17.88
N GLU R 61 -0.19 -59.13 17.81
CA GLU R 61 0.02 -58.09 18.81
C GLU R 61 -0.72 -56.83 18.41
N ILE R 62 -1.45 -56.25 19.36
CA ILE R 62 -2.17 -55.02 19.11
C ILE R 62 -1.33 -53.86 19.65
N ASP R 63 -0.71 -54.08 20.80
CA ASP R 63 0.19 -53.11 21.42
C ASP R 63 1.05 -53.95 22.38
N ARG R 64 2.03 -53.33 23.02
CA ARG R 64 2.89 -54.08 23.91
C ARG R 64 2.15 -54.76 25.06
N HIS R 65 1.02 -54.18 25.47
CA HIS R 65 0.25 -54.74 26.58
C HIS R 65 -1.05 -55.41 26.15
N ILE R 66 -1.24 -55.60 24.84
CA ILE R 66 -2.45 -56.23 24.32
C ILE R 66 -2.16 -57.12 23.12
N GLY R 67 -2.60 -58.37 23.20
CA GLY R 67 -2.43 -59.29 22.10
C GLY R 67 -3.79 -59.91 21.82
N CYS R 68 -3.96 -60.57 20.69
CA CYS R 68 -5.25 -61.15 20.45
C CYS R 68 -5.21 -62.40 19.57
N ALA R 69 -6.19 -63.28 19.78
CA ALA R 69 -6.30 -64.52 19.01
C ALA R 69 -7.63 -64.51 18.26
N MET R 70 -7.61 -65.07 17.06
CA MET R 70 -8.79 -65.09 16.20
C MET R 70 -9.26 -66.50 15.83
N SER R 71 -10.52 -66.60 15.45
CA SER R 71 -11.11 -67.87 15.05
C SER R 71 -12.27 -67.61 14.11
N GLY R 72 -12.28 -68.29 12.96
CA GLY R 72 -13.35 -68.12 11.99
C GLY R 72 -12.78 -67.75 10.64
N LEU R 73 -13.42 -66.81 9.94
CA LEU R 73 -12.90 -66.34 8.65
C LEU R 73 -11.78 -65.36 9.00
N THR R 74 -10.55 -65.85 9.06
CA THR R 74 -9.41 -65.01 9.45
C THR R 74 -9.12 -63.77 8.61
N ALA R 75 -9.41 -63.80 7.31
CA ALA R 75 -9.15 -62.64 6.48
C ALA R 75 -9.95 -61.44 7.00
N ASP R 76 -11.14 -61.70 7.54
CA ASP R 76 -12.01 -60.65 8.07
C ASP R 76 -11.40 -59.93 9.26
N ALA R 77 -10.44 -60.56 9.92
CA ALA R 77 -9.84 -59.98 11.11
C ALA R 77 -8.75 -58.95 10.85
N ARG R 78 -8.24 -58.88 9.62
CA ARG R 78 -7.17 -57.93 9.31
C ARG R 78 -7.53 -56.48 9.60
N SER R 79 -8.68 -56.02 9.10
CA SER R 79 -9.11 -54.65 9.33
C SER R 79 -9.39 -54.41 10.81
N MET R 80 -9.86 -55.45 11.50
CA MET R 80 -10.14 -55.32 12.92
C MET R 80 -8.82 -55.10 13.67
N ILE R 81 -7.80 -55.86 13.31
CA ILE R 81 -6.50 -55.73 13.95
C ILE R 81 -5.97 -54.33 13.69
N GLU R 82 -6.05 -53.92 12.42
CA GLU R 82 -5.59 -52.60 12.01
C GLU R 82 -6.29 -51.53 12.84
N HIS R 83 -7.61 -51.62 12.90
CA HIS R 83 -8.39 -50.65 13.68
C HIS R 83 -7.88 -50.64 15.10
N ALA R 84 -7.76 -51.83 15.69
CA ALA R 84 -7.29 -52.00 17.06
C ALA R 84 -5.92 -51.34 17.28
N ARG R 85 -4.95 -51.70 16.45
CA ARG R 85 -3.62 -51.13 16.58
C ARG R 85 -3.66 -49.60 16.51
N THR R 86 -4.44 -49.09 15.55
CA THR R 86 -4.58 -47.66 15.38
C THR R 86 -5.20 -47.01 16.63
N ALA R 87 -6.28 -47.59 17.14
CA ALA R 87 -6.94 -47.06 18.33
C ALA R 87 -5.95 -46.96 19.50
N ALA R 88 -5.16 -48.01 19.70
CA ALA R 88 -4.18 -48.04 20.77
C ALA R 88 -3.13 -46.97 20.59
N VAL R 89 -2.48 -46.96 19.42
CA VAL R 89 -1.46 -45.97 19.12
C VAL R 89 -2.06 -44.57 19.23
N THR R 90 -3.22 -44.36 18.61
CA THR R 90 -3.89 -43.05 18.66
C THR R 90 -4.12 -42.59 20.08
N HIS R 91 -4.63 -43.50 20.91
CA HIS R 91 -4.89 -43.18 22.30
C HIS R 91 -3.61 -42.71 22.96
N ASN R 92 -2.52 -43.43 22.73
CA ASN R 92 -1.28 -43.03 23.35
C ASN R 92 -0.80 -41.68 22.88
N LEU R 93 -1.07 -41.34 21.62
CA LEU R 93 -0.67 -40.05 21.08
C LEU R 93 -1.43 -38.91 21.76
N TYR R 94 -2.74 -39.12 21.95
CA TYR R 94 -3.59 -38.12 22.59
C TYR R 94 -3.42 -38.00 24.08
N TYR R 95 -3.20 -39.11 24.78
CA TYR R 95 -3.09 -39.06 26.24
C TYR R 95 -1.79 -39.44 26.89
N ASP R 96 -0.77 -39.70 26.08
CA ASP R 96 0.54 -40.06 26.64
C ASP R 96 0.37 -41.15 27.70
N GLU R 97 -0.27 -42.25 27.31
CA GLU R 97 -0.50 -43.35 28.23
C GLU R 97 -0.99 -44.57 27.44
N ASP R 98 -1.14 -45.70 28.11
CA ASP R 98 -1.62 -46.93 27.48
C ASP R 98 -3.14 -46.95 27.49
N ILE R 99 -3.72 -47.51 26.43
CA ILE R 99 -5.17 -47.60 26.35
C ILE R 99 -5.60 -48.80 27.22
N ASN R 100 -6.70 -48.64 27.95
CA ASN R 100 -7.19 -49.72 28.80
C ASN R 100 -7.68 -50.88 27.93
N VAL R 101 -7.37 -52.10 28.37
CA VAL R 101 -7.78 -53.30 27.62
C VAL R 101 -9.27 -53.28 27.26
N GLU R 102 -10.10 -52.87 28.20
CA GLU R 102 -11.53 -52.82 27.96
C GLU R 102 -11.87 -51.80 26.89
N SER R 103 -11.26 -50.62 26.98
CA SER R 103 -11.48 -49.54 26.04
C SER R 103 -11.14 -49.99 24.62
N LEU R 104 -9.96 -50.59 24.47
CA LEU R 104 -9.53 -51.08 23.17
C LEU R 104 -10.58 -52.06 22.63
N THR R 105 -11.03 -52.96 23.47
CA THR R 105 -12.01 -53.96 23.07
C THR R 105 -13.33 -53.32 22.68
N GLN R 106 -13.75 -52.33 23.44
CA GLN R 106 -15.01 -51.63 23.15
C GLN R 106 -14.90 -50.94 21.80
N SER R 107 -13.72 -50.42 21.49
CA SER R 107 -13.47 -49.73 20.22
C SER R 107 -13.64 -50.70 19.05
N VAL R 108 -13.02 -51.87 19.18
CA VAL R 108 -13.10 -52.89 18.15
C VAL R 108 -14.54 -53.33 17.94
N CYS R 109 -15.27 -53.54 19.02
CA CYS R 109 -16.65 -53.96 18.90
C CYS R 109 -17.54 -52.93 18.27
N ASP R 110 -17.11 -51.67 18.32
CA ASP R 110 -17.90 -50.60 17.73
C ASP R 110 -18.07 -50.84 16.23
N LEU R 111 -17.10 -51.50 15.60
CA LEU R 111 -17.17 -51.78 14.17
C LEU R 111 -18.24 -52.81 13.84
N ALA R 112 -18.29 -53.83 14.68
CA ALA R 112 -19.21 -54.94 14.51
C ALA R 112 -20.55 -54.71 13.80
N LEU R 113 -21.47 -53.99 14.43
CA LEU R 113 -22.79 -53.78 13.83
C LEU R 113 -22.88 -52.71 12.74
N ARG R 114 -21.73 -52.22 12.28
CA ARG R 114 -21.70 -51.23 11.22
C ARG R 114 -21.84 -51.87 9.85
N PHE R 115 -22.96 -52.54 9.60
CA PHE R 115 -23.17 -53.15 8.30
C PHE R 115 -24.61 -52.93 7.88
N GLY R 116 -24.88 -53.12 6.59
CA GLY R 116 -26.23 -52.93 6.07
C GLY R 116 -26.19 -52.39 4.66
N GLU R 117 -27.34 -52.01 4.12
CA GLU R 117 -27.42 -51.48 2.76
C GLU R 117 -27.95 -50.03 2.75
N GLY R 118 -27.88 -49.38 3.90
CA GLY R 118 -28.36 -48.01 4.02
C GLY R 118 -29.12 -47.78 5.31
N ALA R 119 -28.60 -48.34 6.41
CA ALA R 119 -29.22 -48.21 7.74
C ALA R 119 -29.20 -46.76 8.26
N SER R 120 -30.38 -46.26 8.65
CA SER R 120 -30.55 -44.90 9.16
C SER R 120 -30.02 -44.71 10.60
N GLY R 121 -28.71 -44.44 10.72
CA GLY R 121 -28.11 -44.24 12.03
C GLY R 121 -26.73 -43.59 11.93
N GLU R 122 -26.19 -43.60 10.70
CA GLU R 122 -24.88 -43.02 10.39
C GLU R 122 -24.54 -43.42 8.95
N GLU R 123 -23.34 -43.92 8.72
CA GLU R 123 -22.95 -44.36 7.37
C GLU R 123 -22.24 -45.72 7.42
N ARG R 124 -22.96 -46.72 7.94
CA ARG R 124 -22.45 -48.08 8.07
C ARG R 124 -22.28 -48.79 6.72
N LEU R 125 -21.17 -48.49 6.05
CA LEU R 125 -20.87 -49.08 4.76
C LEU R 125 -20.01 -50.34 4.95
N MET R 126 -20.68 -51.48 4.99
CA MET R 126 -20.05 -52.78 5.15
C MET R 126 -21.20 -53.74 4.84
N SER R 127 -21.05 -54.54 3.79
CA SER R 127 -22.14 -55.40 3.35
C SER R 127 -22.55 -56.53 4.28
N ARG R 128 -21.64 -56.98 5.15
CA ARG R 128 -21.96 -58.08 6.04
C ARG R 128 -21.17 -58.01 7.34
N PRO R 129 -21.62 -58.74 8.38
CA PRO R 129 -20.92 -58.74 9.67
C PRO R 129 -19.59 -59.46 9.48
N PHE R 130 -18.68 -59.34 10.45
CA PHE R 130 -17.41 -60.05 10.36
C PHE R 130 -17.68 -61.52 10.63
N GLY R 131 -16.92 -62.40 9.98
CA GLY R 131 -17.10 -63.82 10.20
C GLY R 131 -15.97 -64.40 11.06
N VAL R 132 -15.57 -63.65 12.08
CA VAL R 132 -14.49 -64.07 12.96
C VAL R 132 -14.70 -63.50 14.34
N ALA R 133 -14.33 -64.28 15.36
CA ALA R 133 -14.46 -63.85 16.75
C ALA R 133 -13.05 -63.61 17.26
N LEU R 134 -12.90 -62.82 18.31
CA LEU R 134 -11.57 -62.54 18.83
C LEU R 134 -11.47 -62.66 20.33
N LEU R 135 -10.32 -63.12 20.80
CA LEU R 135 -10.04 -63.21 22.22
C LEU R 135 -8.98 -62.16 22.39
N ILE R 136 -9.35 -61.05 23.03
CA ILE R 136 -8.42 -59.96 23.25
C ILE R 136 -7.90 -60.06 24.67
N ALA R 137 -6.59 -60.20 24.80
CA ALA R 137 -5.97 -60.32 26.12
C ALA R 137 -4.95 -59.24 26.36
N GLY R 138 -4.97 -58.68 27.57
CA GLY R 138 -4.00 -57.65 27.87
C GLY R 138 -3.91 -57.33 29.36
N HIS R 139 -3.18 -56.27 29.65
CA HIS R 139 -3.00 -55.83 31.02
C HIS R 139 -2.95 -54.31 31.09
N ASP R 140 -3.47 -53.77 32.17
CA ASP R 140 -3.42 -52.34 32.37
C ASP R 140 -3.39 -52.11 33.87
N ALA R 141 -3.02 -50.91 34.29
CA ALA R 141 -2.91 -50.60 35.71
C ALA R 141 -4.17 -50.61 36.52
N ASP R 142 -5.30 -50.28 35.90
CA ASP R 142 -6.54 -50.22 36.66
C ASP R 142 -7.26 -51.55 36.88
N ASP R 143 -7.12 -52.50 35.96
CA ASP R 143 -7.79 -53.79 36.09
C ASP R 143 -6.92 -55.02 35.86
N GLY R 144 -5.62 -54.86 36.01
CA GLY R 144 -4.72 -55.99 35.81
C GLY R 144 -4.96 -56.78 34.53
N TYR R 145 -4.61 -58.06 34.57
CA TYR R 145 -4.77 -58.93 33.40
C TYR R 145 -6.24 -59.18 33.05
N GLN R 146 -6.54 -59.09 31.76
CA GLN R 146 -7.90 -59.28 31.30
C GLN R 146 -7.98 -60.08 30.02
N LEU R 147 -9.09 -60.80 29.87
CA LEU R 147 -9.35 -61.62 28.70
C LEU R 147 -10.75 -61.26 28.24
N PHE R 148 -10.89 -60.94 26.96
CA PHE R 148 -12.17 -60.54 26.39
C PHE R 148 -12.49 -61.36 25.15
N HIS R 149 -13.79 -61.53 24.91
CA HIS R 149 -14.26 -62.27 23.76
C HIS R 149 -15.12 -61.28 22.97
N ALA R 150 -14.65 -60.90 21.79
CA ALA R 150 -15.37 -59.96 20.95
C ALA R 150 -16.06 -60.70 19.82
N GLU R 151 -17.38 -60.56 19.72
CA GLU R 151 -18.14 -61.25 18.69
C GLU R 151 -18.63 -60.28 17.62
N PRO R 152 -19.09 -60.83 16.47
CA PRO R 152 -19.60 -60.03 15.34
C PRO R 152 -20.90 -59.31 15.73
N SER R 153 -21.43 -59.64 16.89
CA SER R 153 -22.66 -59.06 17.39
C SER R 153 -22.37 -57.70 18.01
N GLY R 154 -21.09 -57.36 18.12
CA GLY R 154 -20.73 -56.08 18.71
C GLY R 154 -20.61 -56.18 20.22
N THR R 155 -21.09 -57.27 20.81
CA THR R 155 -20.99 -57.41 22.24
C THR R 155 -19.69 -58.17 22.58
N PHE R 156 -19.12 -57.87 23.75
CA PHE R 156 -17.90 -58.52 24.18
C PHE R 156 -18.09 -58.88 25.64
N TYR R 157 -17.53 -60.02 26.03
CA TYR R 157 -17.66 -60.51 27.38
C TYR R 157 -16.28 -60.68 27.97
N ARG R 158 -16.17 -60.51 29.28
CA ARG R 158 -14.89 -60.71 29.94
C ARG R 158 -14.91 -62.15 30.45
N TYR R 159 -13.79 -62.85 30.36
CA TYR R 159 -13.71 -64.23 30.82
C TYR R 159 -12.45 -64.49 31.62
N ASN R 160 -12.48 -65.54 32.44
CA ASN R 160 -11.31 -65.93 33.23
C ASN R 160 -10.58 -66.89 32.31
N ALA R 161 -11.36 -67.55 31.47
CA ALA R 161 -10.87 -68.49 30.49
C ALA R 161 -11.97 -68.61 29.44
N LYS R 162 -11.59 -68.84 28.19
CA LYS R 162 -12.57 -68.95 27.12
C LYS R 162 -11.97 -69.62 25.91
N ALA R 163 -12.82 -70.37 25.21
CA ALA R 163 -12.42 -71.10 24.01
C ALA R 163 -13.45 -70.82 22.92
N ILE R 164 -12.95 -70.56 21.71
CA ILE R 164 -13.81 -70.29 20.56
C ILE R 164 -13.27 -71.12 19.41
N GLY R 165 -14.16 -71.50 18.49
CA GLY R 165 -13.73 -72.30 17.37
C GLY R 165 -14.44 -73.65 17.38
N SER R 166 -14.06 -74.55 16.45
CA SER R 166 -14.70 -75.85 16.36
C SER R 166 -14.80 -76.65 17.67
N GLY R 167 -13.74 -76.66 18.48
CA GLY R 167 -13.80 -77.42 19.71
C GLY R 167 -14.20 -76.63 20.96
N SER R 168 -14.84 -75.48 20.75
CA SER R 168 -15.24 -74.62 21.87
C SER R 168 -16.10 -75.19 23.00
N GLU R 169 -17.29 -75.71 22.69
CA GLU R 169 -18.18 -76.25 23.73
C GLU R 169 -17.50 -77.34 24.55
N GLY R 170 -16.69 -78.17 23.89
CA GLY R 170 -15.99 -79.23 24.59
C GLY R 170 -14.90 -78.62 25.47
N ALA R 171 -14.05 -77.83 24.85
CA ALA R 171 -12.95 -77.18 25.55
C ALA R 171 -13.40 -76.22 26.64
N GLN R 172 -14.59 -75.65 26.49
CA GLN R 172 -15.10 -74.71 27.47
C GLN R 172 -15.48 -75.47 28.74
N ALA R 173 -16.04 -76.67 28.54
CA ALA R 173 -16.43 -77.52 29.67
C ALA R 173 -15.15 -77.87 30.42
N GLU R 174 -14.09 -78.13 29.67
CA GLU R 174 -12.81 -78.46 30.27
C GLU R 174 -12.35 -77.31 31.15
N LEU R 175 -12.31 -76.11 30.58
CA LEU R 175 -11.90 -74.90 31.28
C LEU R 175 -12.72 -74.68 32.54
N LEU R 176 -13.99 -75.03 32.48
CA LEU R 176 -14.90 -74.89 33.62
C LEU R 176 -14.34 -75.60 34.86
N ASN R 177 -13.85 -76.81 34.67
CA ASN R 177 -13.29 -77.60 35.77
C ASN R 177 -11.88 -77.22 36.15
N GLU R 178 -11.02 -77.03 35.15
CA GLU R 178 -9.61 -76.72 35.37
C GLU R 178 -9.28 -75.34 35.94
N TRP R 179 -10.09 -74.34 35.62
CA TRP R 179 -9.79 -72.99 36.09
C TRP R 179 -10.12 -72.67 37.55
N HIS R 180 -9.16 -72.03 38.21
CA HIS R 180 -9.31 -71.58 39.59
C HIS R 180 -8.51 -70.28 39.76
N SER R 181 -9.00 -69.43 40.65
CA SER R 181 -8.40 -68.12 40.91
C SER R 181 -6.93 -68.04 41.32
N SER R 182 -6.20 -69.15 41.27
CA SER R 182 -4.80 -69.09 41.67
C SER R 182 -3.85 -69.87 40.77
N LEU R 183 -4.23 -70.04 39.51
CA LEU R 183 -3.39 -70.74 38.55
C LEU R 183 -2.13 -69.92 38.34
N THR R 184 -1.05 -70.58 37.93
CA THR R 184 0.18 -69.87 37.67
C THR R 184 0.26 -69.79 36.15
N LEU R 185 1.17 -68.96 35.64
CA LEU R 185 1.30 -68.82 34.20
C LEU R 185 1.65 -70.19 33.60
N LYS R 186 2.60 -70.88 34.22
CA LYS R 186 3.03 -72.20 33.75
C LYS R 186 1.86 -73.20 33.71
N GLU R 187 1.00 -73.14 34.72
CA GLU R 187 -0.16 -74.03 34.77
C GLU R 187 -1.07 -73.69 33.62
N ALA R 188 -1.40 -72.41 33.49
CA ALA R 188 -2.28 -71.95 32.40
C ALA R 188 -1.74 -72.40 31.05
N GLU R 189 -0.43 -72.29 30.86
CA GLU R 189 0.21 -72.69 29.61
C GLU R 189 -0.05 -74.16 29.28
N LEU R 190 0.38 -75.04 30.18
CA LEU R 190 0.20 -76.47 30.00
C LEU R 190 -1.28 -76.78 29.79
N LEU R 191 -2.12 -76.11 30.57
CA LEU R 191 -3.56 -76.28 30.52
C LEU R 191 -4.12 -75.96 29.14
N VAL R 192 -3.68 -74.86 28.54
CA VAL R 192 -4.12 -74.48 27.21
C VAL R 192 -3.65 -75.52 26.22
N LEU R 193 -2.37 -75.85 26.32
CA LEU R 193 -1.74 -76.84 25.46
C LEU R 193 -2.48 -78.18 25.52
N LYS R 194 -2.96 -78.55 26.71
CA LYS R 194 -3.68 -79.80 26.90
C LYS R 194 -5.02 -79.81 26.20
N ILE R 195 -5.86 -78.83 26.52
CA ILE R 195 -7.19 -78.75 25.90
C ILE R 195 -7.13 -78.63 24.38
N LEU R 196 -6.12 -77.95 23.85
CA LEU R 196 -6.01 -77.84 22.41
C LEU R 196 -5.83 -79.24 21.86
N LYS R 197 -4.99 -80.02 22.53
CA LYS R 197 -4.70 -81.39 22.14
C LYS R 197 -5.94 -82.29 22.15
N GLN R 198 -6.87 -82.06 23.09
CA GLN R 198 -8.08 -82.89 23.15
C GLN R 198 -9.03 -82.62 22.00
N VAL R 199 -9.20 -81.35 21.63
CA VAL R 199 -10.12 -80.98 20.58
C VAL R 199 -9.55 -80.95 19.17
N MET R 200 -8.23 -80.96 19.04
CA MET R 200 -7.60 -80.93 17.73
C MET R 200 -7.66 -82.26 16.99
N GLU R 201 -8.05 -82.21 15.71
CA GLU R 201 -8.12 -83.40 14.89
C GLU R 201 -6.73 -84.02 14.83
N GLU R 202 -5.73 -83.17 14.57
CA GLU R 202 -4.34 -83.59 14.47
C GLU R 202 -3.67 -83.76 15.81
N LYS R 203 -2.51 -84.41 15.80
CA LYS R 203 -1.77 -84.64 17.03
C LYS R 203 -0.96 -83.39 17.31
N LEU R 204 -1.30 -82.72 18.41
CA LEU R 204 -0.62 -81.49 18.79
C LEU R 204 0.90 -81.58 18.89
N ASP R 205 1.57 -80.68 18.18
CA ASP R 205 3.04 -80.59 18.19
C ASP R 205 3.33 -79.09 18.06
N GLU R 206 4.60 -78.70 18.20
CA GLU R 206 4.94 -77.27 18.11
C GLU R 206 4.78 -76.65 16.73
N ASN R 207 4.32 -77.43 15.76
CA ASN R 207 4.14 -76.91 14.41
C ASN R 207 2.69 -76.65 14.01
N ASN R 208 1.75 -77.31 14.66
CA ASN R 208 0.34 -77.08 14.32
C ASN R 208 -0.39 -76.41 15.47
N ALA R 209 0.38 -75.87 16.41
CA ALA R 209 -0.18 -75.18 17.56
C ALA R 209 0.76 -74.04 17.94
N GLN R 210 0.22 -72.98 18.52
CA GLN R 210 1.03 -71.84 18.91
C GLN R 210 0.53 -71.23 20.20
N LEU R 211 1.49 -70.87 21.07
CA LEU R 211 1.19 -70.27 22.35
C LEU R 211 1.73 -68.86 22.42
N SER R 212 1.28 -68.12 23.42
CA SER R 212 1.74 -66.75 23.64
C SER R 212 1.11 -66.27 24.92
N CYS R 213 1.62 -65.16 25.44
CA CYS R 213 1.09 -64.58 26.67
C CYS R 213 1.39 -63.10 26.71
N ILE R 214 0.92 -62.47 27.77
CA ILE R 214 1.12 -61.06 28.00
C ILE R 214 1.23 -60.89 29.51
N THR R 215 2.40 -60.42 29.93
CA THR R 215 2.69 -60.18 31.34
C THR R 215 3.05 -58.72 31.49
N LYS R 216 2.70 -58.14 32.63
CA LYS R 216 2.98 -56.74 32.91
C LYS R 216 4.44 -56.42 32.68
N GLN R 217 5.32 -57.38 32.94
CA GLN R 217 6.73 -57.15 32.77
C GLN R 217 7.25 -57.13 31.34
N ASP R 218 7.02 -58.21 30.60
CA ASP R 218 7.53 -58.26 29.22
C ASP R 218 6.49 -58.01 28.15
N GLY R 219 5.26 -57.73 28.56
CA GLY R 219 4.21 -57.47 27.60
C GLY R 219 3.85 -58.68 26.78
N PHE R 220 3.30 -58.44 25.60
CA PHE R 220 2.89 -59.53 24.73
C PHE R 220 4.02 -60.18 23.97
N LYS R 221 4.11 -61.51 24.10
CA LYS R 221 5.14 -62.31 23.42
C LYS R 221 4.55 -63.60 22.84
N ILE R 222 4.95 -63.94 21.63
CA ILE R 222 4.47 -65.16 21.01
C ILE R 222 5.60 -66.19 21.20
N TYR R 223 5.26 -67.34 21.76
CA TYR R 223 6.23 -68.40 22.01
C TYR R 223 6.79 -69.01 20.73
N ASP R 224 8.10 -68.95 20.56
CA ASP R 224 8.74 -69.53 19.38
C ASP R 224 8.62 -71.06 19.53
N ASN R 225 8.57 -71.76 18.41
CA ASN R 225 8.41 -73.22 18.41
C ASN R 225 9.20 -74.00 19.47
N GLU R 226 10.51 -73.78 19.53
CA GLU R 226 11.35 -74.48 20.51
C GLU R 226 10.80 -74.37 21.92
N LYS R 227 10.42 -73.16 22.31
CA LYS R 227 9.88 -72.91 23.64
C LYS R 227 8.62 -73.72 23.93
N THR R 228 7.74 -73.81 22.93
CA THR R 228 6.48 -74.56 23.05
C THR R 228 6.73 -76.06 23.02
N ALA R 229 7.62 -76.49 22.12
CA ALA R 229 7.94 -77.91 21.99
C ALA R 229 8.20 -78.50 23.39
N GLU R 230 9.00 -77.80 24.18
CA GLU R 230 9.33 -78.25 25.53
C GLU R 230 8.11 -78.29 26.45
N LEU R 231 7.27 -77.26 26.37
CA LEU R 231 6.08 -77.23 27.19
C LEU R 231 5.13 -78.38 26.82
N ILE R 232 5.27 -78.88 25.59
CA ILE R 232 4.44 -79.99 25.12
C ILE R 232 4.95 -81.26 25.78
N LYS R 233 6.27 -81.45 25.71
CA LYS R 233 6.95 -82.59 26.31
C LYS R 233 6.58 -82.64 27.79
N GLU R 234 6.73 -81.50 28.47
CA GLU R 234 6.42 -81.40 29.89
C GLU R 234 4.98 -81.80 30.17
N LEU R 235 4.11 -81.61 29.18
CA LEU R 235 2.69 -81.94 29.32
C LEU R 235 2.52 -83.46 29.22
N LYS R 236 3.12 -84.05 28.19
CA LYS R 236 3.04 -85.49 27.96
C LYS R 236 3.47 -86.23 29.22
N GLU R 237 4.55 -85.75 29.82
CA GLU R 237 5.10 -86.33 31.04
C GLU R 237 4.14 -86.27 32.21
N LYS R 238 3.73 -85.07 32.60
CA LYS R 238 2.81 -84.93 33.72
C LYS R 238 1.49 -85.69 33.50
N GLU R 239 1.17 -85.97 32.25
CA GLU R 239 -0.06 -86.71 31.94
C GLU R 239 0.16 -88.20 32.12
N ALA R 240 1.29 -88.69 31.61
CA ALA R 240 1.64 -90.11 31.72
C ALA R 240 2.06 -90.38 33.18
N ALA R 241 2.14 -89.31 33.97
CA ALA R 241 2.53 -89.42 35.38
C ALA R 241 1.32 -89.80 36.23
N GLU R 242 0.23 -90.13 35.55
CA GLU R 242 -1.03 -90.54 36.17
C GLU R 242 -2.19 -90.20 35.26
N PHE S 1 -49.36 -65.00 5.50
CA PHE S 1 -49.53 -63.75 6.31
C PHE S 1 -48.15 -63.23 6.75
N ARG S 2 -48.02 -62.97 8.05
CA ARG S 2 -46.80 -62.44 8.68
C ARG S 2 -45.52 -62.58 7.86
N ASN S 3 -45.20 -63.80 7.45
CA ASN S 3 -43.99 -64.03 6.67
C ASN S 3 -43.85 -63.09 5.47
N ASN S 4 -44.98 -62.63 4.95
CA ASN S 4 -44.98 -61.74 3.80
C ASN S 4 -44.84 -60.27 4.17
N TYR S 5 -45.12 -59.96 5.42
CA TYR S 5 -45.06 -58.57 5.87
C TYR S 5 -44.00 -58.27 6.92
N ASP S 6 -43.09 -59.22 7.17
CA ASP S 6 -42.06 -59.01 8.18
C ASP S 6 -40.64 -58.96 7.62
N GLY S 7 -40.52 -58.61 6.35
CA GLY S 7 -39.21 -58.55 5.73
C GLY S 7 -38.41 -57.29 6.05
N ASP S 8 -39.10 -56.22 6.45
CA ASP S 8 -38.46 -54.95 6.78
C ASP S 8 -39.41 -54.07 7.56
N THR S 9 -38.88 -53.00 8.12
CA THR S 9 -39.69 -52.09 8.93
C THR S 9 -40.57 -51.17 8.12
N VAL S 10 -40.31 -51.10 6.83
CA VAL S 10 -41.09 -50.21 5.98
C VAL S 10 -42.41 -50.83 5.51
N THR S 11 -42.75 -52.01 6.04
CA THR S 11 -43.98 -52.67 5.63
C THR S 11 -45.03 -52.87 6.73
N PHE S 12 -46.26 -52.49 6.41
CA PHE S 12 -47.39 -52.64 7.33
C PHE S 12 -48.05 -53.98 7.00
N SER S 13 -48.55 -54.69 8.02
CA SER S 13 -49.23 -55.95 7.75
C SER S 13 -50.68 -55.55 7.53
N PRO S 14 -51.49 -56.43 6.93
CA PRO S 14 -52.91 -56.14 6.66
C PRO S 14 -53.69 -55.64 7.88
N THR S 15 -53.24 -56.02 9.07
CA THR S 15 -53.89 -55.60 10.30
C THR S 15 -53.37 -54.26 10.83
N GLY S 16 -52.25 -53.80 10.27
CA GLY S 16 -51.68 -52.52 10.68
C GLY S 16 -50.51 -52.64 11.65
N ARG S 17 -49.78 -53.75 11.58
CA ARG S 17 -48.65 -53.99 12.46
C ARG S 17 -47.30 -53.92 11.77
N LEU S 18 -46.27 -53.70 12.57
CA LEU S 18 -44.90 -53.62 12.08
C LEU S 18 -44.14 -54.75 12.75
N PHE S 19 -44.12 -55.90 12.08
CA PHE S 19 -43.45 -57.08 12.62
C PHE S 19 -41.99 -56.90 12.99
N GLN S 20 -41.20 -56.28 12.11
CA GLN S 20 -39.80 -56.09 12.43
C GLN S 20 -39.65 -55.39 13.78
N VAL S 21 -40.55 -54.45 14.06
CA VAL S 21 -40.52 -53.74 15.34
C VAL S 21 -40.89 -54.70 16.44
N GLU S 22 -41.93 -55.50 16.21
CA GLU S 22 -42.37 -56.47 17.20
C GLU S 22 -41.28 -57.49 17.45
N TYR S 23 -40.54 -57.84 16.41
CA TYR S 23 -39.45 -58.79 16.56
C TYR S 23 -38.38 -58.14 17.42
N ALA S 24 -38.22 -56.83 17.27
CA ALA S 24 -37.22 -56.10 18.03
C ALA S 24 -37.59 -56.15 19.50
N LEU S 25 -38.86 -55.90 19.80
CA LEU S 25 -39.36 -55.92 21.18
C LEU S 25 -39.10 -57.30 21.79
N GLU S 26 -39.06 -58.31 20.93
CA GLU S 26 -38.85 -59.67 21.40
C GLU S 26 -37.42 -59.86 21.91
N ALA S 27 -36.50 -59.08 21.37
CA ALA S 27 -35.10 -59.17 21.80
C ALA S 27 -34.99 -58.71 23.25
N ILE S 28 -35.93 -57.87 23.66
CA ILE S 28 -35.96 -57.33 25.01
C ILE S 28 -36.38 -58.40 25.99
N LYS S 29 -37.53 -59.03 25.71
CA LYS S 29 -38.05 -60.09 26.58
C LYS S 29 -36.99 -61.15 26.83
N GLN S 30 -36.17 -61.40 25.83
CA GLN S 30 -35.11 -62.39 25.94
C GLN S 30 -33.96 -61.85 26.80
N GLY S 31 -34.02 -60.56 27.13
CA GLY S 31 -32.98 -59.95 27.93
C GLY S 31 -33.14 -60.08 29.43
N SER S 32 -32.03 -60.04 30.16
CA SER S 32 -32.06 -60.16 31.62
C SER S 32 -32.92 -59.06 32.26
N VAL S 33 -33.61 -59.41 33.33
CA VAL S 33 -34.48 -58.46 34.01
C VAL S 33 -33.75 -57.27 34.65
N THR S 34 -34.43 -56.14 34.69
CA THR S 34 -33.91 -54.92 35.28
C THR S 34 -35.12 -54.16 35.82
N VAL S 35 -34.96 -53.53 36.98
CA VAL S 35 -36.06 -52.80 37.62
C VAL S 35 -35.73 -51.34 37.92
N GLY S 36 -36.77 -50.52 37.94
CA GLY S 36 -36.58 -49.11 38.23
C GLY S 36 -37.75 -48.57 39.03
N LEU S 37 -37.45 -47.74 40.02
CA LEU S 37 -38.50 -47.15 40.87
C LEU S 37 -38.02 -45.84 41.48
N ARG S 38 -38.96 -44.98 41.86
CA ARG S 38 -38.62 -43.69 42.43
C ARG S 38 -39.56 -43.22 43.54
N SER S 39 -39.01 -42.44 44.48
CA SER S 39 -39.81 -41.86 45.55
C SER S 39 -40.01 -40.40 45.11
N ASN S 40 -39.81 -39.45 46.00
CA ASN S 40 -39.96 -38.07 45.61
C ASN S 40 -38.63 -37.38 45.78
N THR S 41 -37.65 -38.13 46.27
CA THR S 41 -36.32 -37.60 46.47
C THR S 41 -35.27 -38.44 45.73
N HIS S 42 -35.60 -39.68 45.40
CA HIS S 42 -34.66 -40.54 44.70
C HIS S 42 -35.30 -41.39 43.61
N ALA S 43 -34.43 -41.98 42.79
CA ALA S 43 -34.83 -42.86 41.70
C ALA S 43 -33.78 -43.94 41.72
N VAL S 44 -34.21 -45.19 41.64
CA VAL S 44 -33.27 -46.30 41.68
C VAL S 44 -33.37 -47.27 40.53
N LEU S 45 -32.23 -47.81 40.14
CA LEU S 45 -32.16 -48.77 39.07
C LEU S 45 -31.48 -50.02 39.62
N VAL S 46 -32.21 -51.13 39.61
CA VAL S 46 -31.67 -52.40 40.06
C VAL S 46 -31.71 -53.28 38.82
N ALA S 47 -30.55 -53.83 38.45
CA ALA S 47 -30.51 -54.67 37.27
C ALA S 47 -29.75 -55.96 37.52
N LEU S 48 -30.31 -57.05 37.03
CA LEU S 48 -29.71 -58.38 37.15
C LEU S 48 -28.73 -58.60 35.99
N LYS S 49 -27.43 -58.63 36.30
CA LYS S 49 -26.43 -58.83 35.25
C LYS S 49 -26.34 -60.32 34.90
N ARG S 50 -26.43 -60.63 33.62
CA ARG S 50 -26.37 -62.00 33.12
C ARG S 50 -24.93 -62.40 32.77
N ASN S 51 -24.61 -63.67 32.96
CA ASN S 51 -23.26 -64.18 32.65
C ASN S 51 -23.32 -65.28 31.59
N ALA S 52 -22.31 -65.31 30.71
CA ALA S 52 -22.24 -66.31 29.66
C ALA S 52 -21.88 -67.68 30.25
N ASP S 53 -20.68 -67.77 30.83
CA ASP S 53 -20.17 -68.97 31.47
C ASP S 53 -19.96 -68.66 32.93
N GLU S 54 -19.28 -69.55 33.62
CA GLU S 54 -18.97 -69.34 35.03
C GLU S 54 -17.54 -68.83 35.05
N LEU S 55 -17.00 -68.69 33.85
CA LEU S 55 -15.65 -68.19 33.66
C LEU S 55 -15.80 -66.80 33.03
N SER S 56 -17.06 -66.42 32.77
CA SER S 56 -17.39 -65.13 32.17
C SER S 56 -17.87 -64.10 33.19
N SER S 57 -17.83 -62.84 32.78
CA SER S 57 -18.26 -61.73 33.61
C SER S 57 -19.76 -61.55 33.45
N TYR S 58 -20.33 -60.75 34.35
CA TYR S 58 -21.76 -60.45 34.30
C TYR S 58 -21.90 -59.08 33.64
N GLN S 59 -22.07 -59.10 32.31
CA GLN S 59 -22.17 -57.90 31.48
C GLN S 59 -22.94 -56.74 32.11
N LYS S 60 -22.32 -55.56 32.09
CA LYS S 60 -22.91 -54.35 32.66
C LYS S 60 -24.25 -53.99 32.04
N LYS S 61 -25.18 -53.51 32.86
CA LYS S 61 -26.50 -53.18 32.36
C LYS S 61 -26.90 -51.73 32.67
N ILE S 62 -26.02 -51.01 33.37
CA ILE S 62 -26.32 -49.63 33.74
C ILE S 62 -25.29 -48.64 33.19
N ILE S 63 -25.80 -47.60 32.54
CA ILE S 63 -24.95 -46.57 31.95
C ILE S 63 -25.35 -45.17 32.40
N LYS S 64 -24.34 -44.39 32.78
CA LYS S 64 -24.54 -43.03 33.23
C LYS S 64 -24.52 -42.11 32.02
N CYS S 65 -25.50 -41.21 31.93
CA CYS S 65 -25.56 -40.30 30.81
C CYS S 65 -25.08 -38.91 31.18
N ASP S 66 -25.32 -38.52 32.43
CA ASP S 66 -24.87 -37.23 32.95
C ASP S 66 -24.81 -37.38 34.47
N GLU S 67 -24.56 -36.27 35.16
CA GLU S 67 -24.46 -36.30 36.61
C GLU S 67 -25.82 -36.47 37.25
N HIS S 68 -26.87 -36.19 36.49
CA HIS S 68 -28.22 -36.28 37.01
C HIS S 68 -29.09 -37.28 36.24
N MET S 69 -28.50 -38.10 35.38
CA MET S 69 -29.30 -39.03 34.59
C MET S 69 -28.55 -40.30 34.21
N GLY S 70 -29.30 -41.39 34.07
CA GLY S 70 -28.70 -42.65 33.69
C GLY S 70 -29.78 -43.65 33.32
N LEU S 71 -29.36 -44.80 32.79
CA LEU S 71 -30.34 -45.81 32.39
C LEU S 71 -29.87 -47.25 32.55
N SER S 72 -30.82 -48.17 32.45
CA SER S 72 -30.54 -49.61 32.54
C SER S 72 -31.06 -50.17 31.24
N LEU S 73 -30.35 -51.17 30.71
CA LEU S 73 -30.71 -51.78 29.44
C LEU S 73 -31.09 -53.26 29.51
N ALA S 74 -31.95 -53.67 28.56
CA ALA S 74 -32.40 -55.04 28.45
C ALA S 74 -32.58 -55.32 26.96
N GLY S 75 -31.67 -56.10 26.39
CA GLY S 75 -31.73 -56.41 24.97
C GLY S 75 -30.33 -56.35 24.37
N LEU S 76 -30.21 -55.82 23.15
CA LEU S 76 -28.92 -55.71 22.49
C LEU S 76 -28.03 -54.66 23.15
N ALA S 77 -26.92 -55.10 23.71
CA ALA S 77 -25.99 -54.20 24.37
C ALA S 77 -25.54 -53.08 23.41
N PRO S 78 -25.06 -53.45 22.21
CA PRO S 78 -24.62 -52.45 21.22
C PRO S 78 -25.60 -51.30 21.08
N ASP S 79 -26.87 -51.63 20.84
CA ASP S 79 -27.88 -50.60 20.68
C ASP S 79 -28.02 -49.67 21.87
N ALA S 80 -27.85 -50.20 23.08
CA ALA S 80 -27.95 -49.37 24.27
C ALA S 80 -26.79 -48.39 24.27
N ARG S 81 -25.62 -48.88 23.85
CA ARG S 81 -24.42 -48.06 23.79
C ARG S 81 -24.67 -46.88 22.85
N VAL S 82 -25.28 -47.19 21.70
CA VAL S 82 -25.59 -46.18 20.70
C VAL S 82 -26.57 -45.15 21.23
N LEU S 83 -27.66 -45.62 21.82
CA LEU S 83 -28.70 -44.75 22.37
C LEU S 83 -28.27 -43.94 23.61
N SER S 84 -27.49 -44.56 24.49
CA SER S 84 -27.03 -43.87 25.69
C SER S 84 -26.01 -42.81 25.28
N ASN S 85 -25.20 -43.15 24.29
CA ASN S 85 -24.20 -42.21 23.82
C ASN S 85 -24.91 -40.99 23.23
N TYR S 86 -26.02 -41.24 22.53
CA TYR S 86 -26.79 -40.16 21.94
C TYR S 86 -27.38 -39.30 23.06
N LEU S 87 -27.77 -39.96 24.15
CA LEU S 87 -28.34 -39.25 25.28
C LEU S 87 -27.25 -38.46 25.99
N ARG S 88 -26.05 -39.02 26.04
CA ARG S 88 -24.94 -38.33 26.68
C ARG S 88 -24.66 -37.02 25.95
N GLN S 89 -24.75 -37.04 24.63
CA GLN S 89 -24.50 -35.84 23.83
C GLN S 89 -25.61 -34.83 24.06
N GLN S 90 -26.85 -35.28 24.03
CA GLN S 90 -27.97 -34.38 24.25
C GLN S 90 -27.89 -33.71 25.62
N CYS S 91 -27.44 -34.44 26.63
CA CYS S 91 -27.30 -33.86 27.96
C CYS S 91 -26.19 -32.82 27.89
N ASN S 92 -25.06 -33.24 27.34
CA ASN S 92 -23.89 -32.38 27.19
C ASN S 92 -24.24 -31.10 26.41
N TYR S 93 -25.02 -31.25 25.34
CA TYR S 93 -25.41 -30.10 24.54
C TYR S 93 -26.18 -29.09 25.38
N SER S 94 -27.18 -29.56 26.10
CA SER S 94 -27.99 -28.69 26.94
C SER S 94 -27.15 -27.89 27.94
N SER S 95 -26.16 -28.56 28.53
CA SER S 95 -25.27 -27.93 29.50
C SER S 95 -24.36 -26.87 28.89
N LEU S 96 -23.59 -27.27 27.89
CA LEU S 96 -22.68 -26.36 27.22
C LEU S 96 -23.38 -25.14 26.59
N VAL S 97 -24.38 -25.38 25.77
CA VAL S 97 -25.05 -24.28 25.12
C VAL S 97 -25.96 -23.43 25.99
N PHE S 98 -26.78 -24.08 26.81
CA PHE S 98 -27.73 -23.34 27.66
C PHE S 98 -27.41 -23.29 29.14
N ASN S 99 -26.39 -24.02 29.58
CA ASN S 99 -26.02 -24.02 31.00
C ASN S 99 -27.24 -24.50 31.77
N ARG S 100 -27.86 -25.54 31.23
CA ARG S 100 -29.08 -26.11 31.76
C ARG S 100 -29.02 -27.63 31.72
N LYS S 101 -29.40 -28.29 32.82
CA LYS S 101 -29.38 -29.74 32.84
C LYS S 101 -30.60 -30.22 32.07
N LEU S 102 -30.41 -31.22 31.22
CA LEU S 102 -31.50 -31.72 30.39
C LEU S 102 -32.60 -32.40 31.17
N ALA S 103 -33.84 -31.94 30.95
CA ALA S 103 -35.02 -32.50 31.61
C ALA S 103 -35.22 -33.95 31.21
N VAL S 104 -35.51 -34.79 32.19
CA VAL S 104 -35.74 -36.22 31.96
C VAL S 104 -36.87 -36.46 30.97
N GLU S 105 -37.91 -35.64 31.05
CA GLU S 105 -39.03 -35.80 30.15
C GLU S 105 -38.60 -35.52 28.72
N ARG S 106 -37.67 -34.59 28.58
CA ARG S 106 -37.18 -34.20 27.27
C ARG S 106 -36.22 -35.24 26.70
N ALA S 107 -35.46 -35.87 27.60
CA ALA S 107 -34.52 -36.91 27.19
C ALA S 107 -35.35 -38.05 26.61
N GLY S 108 -36.53 -38.25 27.18
CA GLY S 108 -37.41 -39.29 26.71
C GLY S 108 -37.93 -38.99 25.31
N HIS S 109 -38.25 -37.72 25.08
CA HIS S 109 -38.75 -37.29 23.77
C HIS S 109 -37.67 -37.51 22.71
N LEU S 110 -36.44 -37.17 23.07
CA LEU S 110 -35.33 -37.33 22.13
C LEU S 110 -35.17 -38.79 21.75
N LEU S 111 -35.16 -39.66 22.76
CA LEU S 111 -35.02 -41.09 22.51
C LEU S 111 -36.14 -41.63 21.64
N CYS S 112 -37.36 -41.17 21.91
CA CYS S 112 -38.50 -41.62 21.13
C CYS S 112 -38.28 -41.25 19.67
N ASP S 113 -37.99 -39.99 19.43
CA ASP S 113 -37.79 -39.51 18.07
C ASP S 113 -36.64 -40.18 17.34
N LYS S 114 -35.58 -40.54 18.06
CA LYS S 114 -34.44 -41.18 17.40
C LYS S 114 -34.84 -42.58 16.96
N ALA S 115 -35.51 -43.31 17.85
CA ALA S 115 -35.94 -44.66 17.57
C ALA S 115 -37.01 -44.71 16.48
N GLN S 116 -37.86 -43.69 16.45
CA GLN S 116 -38.94 -43.64 15.47
C GLN S 116 -38.44 -43.66 14.04
N LYS S 117 -37.34 -42.96 13.80
CA LYS S 117 -36.75 -42.86 12.47
C LYS S 117 -36.29 -44.20 11.91
N ASN S 118 -35.92 -45.13 12.79
CA ASN S 118 -35.50 -46.46 12.37
C ASN S 118 -36.68 -47.38 12.18
N THR S 119 -37.88 -46.81 12.05
CA THR S 119 -39.07 -47.64 11.87
C THR S 119 -39.91 -47.19 10.69
N GLN S 120 -39.44 -46.17 9.97
CA GLN S 120 -40.21 -45.66 8.84
C GLN S 120 -39.41 -45.63 7.52
N SER S 121 -38.12 -45.94 7.59
CA SER S 121 -37.28 -45.92 6.40
C SER S 121 -36.64 -47.25 6.05
N TYR S 122 -36.56 -47.50 4.75
CA TYR S 122 -35.99 -48.72 4.21
C TYR S 122 -34.50 -48.77 4.53
N GLY S 123 -33.97 -49.97 4.63
CA GLY S 123 -32.55 -50.13 4.90
C GLY S 123 -32.13 -50.21 6.36
N GLY S 124 -32.88 -49.58 7.24
CA GLY S 124 -32.52 -49.63 8.66
C GLY S 124 -33.22 -50.74 9.39
N ARG S 125 -32.97 -50.83 10.69
CA ARG S 125 -33.61 -51.83 11.53
C ARG S 125 -33.95 -51.12 12.82
N PRO S 126 -34.99 -51.56 13.53
CA PRO S 126 -35.36 -50.92 14.79
C PRO S 126 -34.30 -51.24 15.83
N TYR S 127 -34.23 -50.44 16.89
CA TYR S 127 -33.26 -50.74 17.92
C TYR S 127 -33.79 -51.96 18.64
N GLY S 128 -32.90 -52.86 19.05
CA GLY S 128 -33.34 -54.05 19.74
C GLY S 128 -32.99 -54.03 21.21
N VAL S 129 -33.40 -52.97 21.90
CA VAL S 129 -33.11 -52.85 23.31
C VAL S 129 -34.14 -51.98 24.01
N GLY S 130 -34.44 -52.35 25.26
CA GLY S 130 -35.40 -51.61 26.05
C GLY S 130 -34.58 -50.83 27.07
N LEU S 131 -35.06 -49.66 27.47
CA LEU S 131 -34.31 -48.87 28.41
C LEU S 131 -35.15 -48.25 29.51
N LEU S 132 -34.55 -48.17 30.71
CA LEU S 132 -35.20 -47.56 31.85
C LEU S 132 -34.33 -46.37 32.22
N ILE S 133 -34.92 -45.18 32.15
CA ILE S 133 -34.17 -43.96 32.44
C ILE S 133 -34.62 -43.31 33.73
N ILE S 134 -33.67 -43.02 34.61
CA ILE S 134 -33.96 -42.36 35.88
C ILE S 134 -33.12 -41.09 35.93
N GLY S 135 -33.62 -40.09 36.64
CA GLY S 135 -32.89 -38.85 36.78
C GLY S 135 -33.57 -37.86 37.70
N TYR S 136 -32.80 -36.96 38.28
CA TYR S 136 -33.35 -35.94 39.18
C TYR S 136 -33.12 -34.59 38.52
N ASP S 137 -34.20 -33.92 38.13
CA ASP S 137 -34.09 -32.62 37.48
C ASP S 137 -34.86 -31.52 38.21
N LYS S 138 -35.15 -30.42 37.54
CA LYS S 138 -35.86 -29.31 38.16
C LYS S 138 -37.29 -29.61 38.62
N SER S 139 -37.79 -30.81 38.32
CA SER S 139 -39.14 -31.15 38.75
C SER S 139 -39.14 -32.45 39.54
N GLY S 140 -38.02 -32.73 40.20
CA GLY S 140 -37.92 -33.91 41.02
C GLY S 140 -37.32 -35.16 40.41
N ALA S 141 -37.66 -36.30 41.01
CA ALA S 141 -37.17 -37.59 40.55
C ALA S 141 -38.03 -38.10 39.40
N HIS S 142 -37.43 -38.89 38.52
CA HIS S 142 -38.13 -39.42 37.36
C HIS S 142 -37.68 -40.81 36.93
N LEU S 143 -38.63 -41.55 36.35
CA LEU S 143 -38.39 -42.89 35.81
C LEU S 143 -39.11 -43.00 34.47
N LEU S 144 -38.36 -43.42 33.45
CA LEU S 144 -38.91 -43.56 32.10
C LEU S 144 -38.66 -44.95 31.56
N GLU S 145 -39.60 -45.44 30.76
CA GLU S 145 -39.44 -46.74 30.12
C GLU S 145 -39.45 -46.54 28.61
N PHE S 146 -38.34 -46.93 27.99
CA PHE S 146 -38.15 -46.80 26.56
C PHE S 146 -38.29 -48.12 25.81
N GLN S 147 -39.14 -48.11 24.79
CA GLN S 147 -39.34 -49.29 23.96
C GLN S 147 -38.93 -48.95 22.52
N PRO S 148 -38.22 -49.89 21.85
CA PRO S 148 -37.73 -49.76 20.46
C PRO S 148 -38.78 -49.28 19.49
N SER S 149 -40.04 -49.45 19.85
CA SER S 149 -41.14 -49.02 19.02
C SER S 149 -41.10 -47.50 19.02
N GLY S 150 -40.40 -46.96 20.01
CA GLY S 150 -40.30 -45.52 20.14
C GLY S 150 -41.20 -44.99 21.24
N ASN S 151 -41.91 -45.88 21.93
CA ASN S 151 -42.80 -45.46 23.00
C ASN S 151 -42.08 -45.30 24.31
N VAL S 152 -42.14 -44.09 24.87
CA VAL S 152 -41.49 -43.80 26.15
C VAL S 152 -42.54 -43.36 27.14
N THR S 153 -42.54 -43.98 28.32
CA THR S 153 -43.54 -43.65 29.34
C THR S 153 -42.94 -43.34 30.70
N GLU S 154 -43.55 -42.38 31.39
CA GLU S 154 -43.08 -42.02 32.73
C GLU S 154 -43.87 -42.82 33.76
N LEU S 155 -43.14 -43.40 34.71
CA LEU S 155 -43.75 -44.24 35.74
C LEU S 155 -43.17 -43.99 37.12
N TYR S 156 -43.72 -44.66 38.13
CA TYR S 156 -43.23 -44.57 39.51
C TYR S 156 -42.22 -45.70 39.66
N GLY S 157 -42.45 -46.77 38.90
CA GLY S 157 -41.59 -47.93 38.92
C GLY S 157 -41.99 -48.87 37.79
N THR S 158 -41.11 -49.81 37.45
CA THR S 158 -41.37 -50.78 36.40
C THR S 158 -40.17 -51.70 36.19
N ALA S 159 -40.34 -52.64 35.26
CA ALA S 159 -39.26 -53.58 34.95
C ALA S 159 -39.44 -54.13 33.54
N ILE S 160 -38.33 -54.55 32.95
CA ILE S 160 -38.32 -55.09 31.60
C ILE S 160 -37.34 -56.26 31.57
N GLY S 161 -37.55 -57.15 30.60
CA GLY S 161 -36.69 -58.32 30.48
C GLY S 161 -37.46 -59.59 30.73
N ALA S 162 -36.74 -60.68 30.99
CA ALA S 162 -37.38 -61.98 31.24
C ALA S 162 -38.01 -62.01 32.62
N ARG S 163 -39.24 -62.51 32.69
CA ARG S 163 -39.96 -62.63 33.96
C ARG S 163 -40.15 -61.28 34.65
N SER S 164 -39.90 -60.21 33.92
CA SER S 164 -40.03 -58.86 34.46
C SER S 164 -41.43 -58.65 35.06
N GLN S 165 -42.39 -59.43 34.61
CA GLN S 165 -43.76 -59.31 35.10
C GLN S 165 -43.86 -59.52 36.61
N GLY S 166 -42.99 -60.37 37.16
CA GLY S 166 -43.01 -60.63 38.58
C GLY S 166 -42.83 -59.34 39.36
N ALA S 167 -41.74 -58.64 39.05
CA ALA S 167 -41.40 -57.38 39.70
C ALA S 167 -42.42 -56.30 39.41
N LYS S 168 -42.91 -56.26 38.17
CA LYS S 168 -43.88 -55.26 37.77
C LYS S 168 -45.19 -55.36 38.58
N THR S 169 -45.61 -56.58 38.90
CA THR S 169 -46.83 -56.78 39.68
C THR S 169 -46.55 -56.37 41.12
N TYR S 170 -45.39 -56.80 41.62
CA TYR S 170 -44.97 -56.47 42.97
C TYR S 170 -44.98 -54.95 43.17
N LEU S 171 -44.35 -54.23 42.25
CA LEU S 171 -44.27 -52.78 42.32
C LEU S 171 -45.64 -52.11 42.24
N GLU S 172 -46.53 -52.69 41.44
CA GLU S 172 -47.86 -52.13 41.28
C GLU S 172 -48.62 -52.26 42.58
N ARG S 173 -48.11 -53.16 43.43
CA ARG S 173 -48.69 -53.45 44.74
C ARG S 173 -48.04 -52.53 45.77
N THR S 174 -46.71 -52.65 45.88
CA THR S 174 -45.90 -51.86 46.81
C THR S 174 -45.97 -50.35 46.56
N LEU S 175 -46.62 -49.94 45.47
CA LEU S 175 -46.71 -48.53 45.10
C LEU S 175 -46.85 -47.53 46.25
N ASP S 176 -48.06 -47.43 46.81
CA ASP S 176 -48.33 -46.52 47.92
C ASP S 176 -47.21 -46.52 48.97
N THR S 177 -46.49 -47.63 49.05
CA THR S 177 -45.39 -47.79 50.00
C THR S 177 -44.10 -47.07 49.65
N PHE S 178 -43.42 -47.52 48.60
CA PHE S 178 -42.14 -46.94 48.18
C PHE S 178 -42.23 -45.50 47.65
N ILE S 179 -43.38 -45.13 47.09
CA ILE S 179 -43.55 -43.79 46.55
C ILE S 179 -43.35 -42.75 47.64
N LYS S 180 -43.16 -43.23 48.87
CA LYS S 180 -42.98 -42.33 50.01
C LYS S 180 -41.65 -42.50 50.72
N ILE S 181 -40.78 -43.34 50.18
CA ILE S 181 -39.46 -43.56 50.78
C ILE S 181 -38.54 -42.38 50.46
N ASP S 182 -38.93 -41.20 50.93
CA ASP S 182 -38.17 -39.98 50.69
C ASP S 182 -37.12 -39.79 51.77
N GLY S 183 -35.95 -39.29 51.37
CA GLY S 183 -34.90 -39.05 52.33
C GLY S 183 -34.17 -40.30 52.82
N ASN S 184 -34.49 -41.45 52.25
CA ASN S 184 -33.82 -42.67 52.66
C ASN S 184 -33.52 -43.59 51.48
N PRO S 185 -32.32 -43.45 50.90
CA PRO S 185 -31.91 -44.27 49.77
C PRO S 185 -31.88 -45.77 50.06
N ASP S 186 -31.23 -46.17 51.15
CA ASP S 186 -31.14 -47.58 51.50
C ASP S 186 -32.47 -48.30 51.45
N GLU S 187 -33.55 -47.61 51.82
CA GLU S 187 -34.87 -48.22 51.78
C GLU S 187 -35.36 -48.40 50.35
N LEU S 188 -35.23 -47.35 49.54
CA LEU S 188 -35.66 -47.40 48.14
C LEU S 188 -34.91 -48.50 47.40
N ILE S 189 -33.62 -48.63 47.67
CA ILE S 189 -32.79 -49.65 47.02
C ILE S 189 -33.22 -51.05 47.45
N LYS S 190 -33.50 -51.24 48.74
CA LYS S 190 -33.93 -52.53 49.26
C LYS S 190 -35.26 -52.90 48.60
N ALA S 191 -36.18 -51.93 48.54
CA ALA S 191 -37.48 -52.13 47.92
C ALA S 191 -37.28 -52.52 46.46
N GLY S 192 -36.29 -51.91 45.82
CA GLY S 192 -36.01 -52.24 44.43
C GLY S 192 -35.47 -53.64 44.28
N VAL S 193 -34.61 -54.05 45.21
CA VAL S 193 -34.02 -55.39 45.19
C VAL S 193 -35.07 -56.46 45.47
N GLU S 194 -36.14 -56.08 46.16
CA GLU S 194 -37.21 -57.00 46.50
C GLU S 194 -38.12 -57.17 45.29
N ALA S 195 -38.28 -56.10 44.53
CA ALA S 195 -39.10 -56.14 43.33
C ALA S 195 -38.39 -57.00 42.30
N ILE S 196 -37.08 -56.86 42.20
CA ILE S 196 -36.30 -57.62 41.23
C ILE S 196 -36.26 -59.12 41.52
N SER S 197 -36.21 -59.48 42.80
CA SER S 197 -36.17 -60.88 43.18
C SER S 197 -37.51 -61.56 42.90
N GLN S 198 -38.51 -60.75 42.59
CA GLN S 198 -39.85 -61.23 42.26
C GLN S 198 -39.82 -61.82 40.85
N SER S 199 -38.71 -61.60 40.16
CA SER S 199 -38.53 -62.07 38.80
C SER S 199 -37.40 -63.09 38.71
N LEU S 200 -36.88 -63.50 39.86
CA LEU S 200 -35.82 -64.50 39.89
C LEU S 200 -36.48 -65.85 39.66
N ARG S 201 -35.68 -66.90 39.53
CA ARG S 201 -36.25 -68.22 39.26
C ARG S 201 -35.09 -69.19 39.07
N ASP S 202 -34.11 -68.74 38.29
CA ASP S 202 -32.92 -69.52 37.99
C ASP S 202 -32.09 -69.67 39.26
N GLU S 203 -31.57 -68.54 39.75
CA GLU S 203 -30.74 -68.51 40.94
C GLU S 203 -31.22 -67.43 41.90
N SER S 204 -30.26 -66.82 42.58
CA SER S 204 -30.52 -65.74 43.54
C SER S 204 -29.44 -64.68 43.29
N LEU S 205 -29.79 -63.41 43.45
CA LEU S 205 -28.85 -62.33 43.22
C LEU S 205 -27.62 -62.38 44.13
N THR S 206 -26.47 -62.66 43.51
CA THR S 206 -25.20 -62.74 44.23
C THR S 206 -24.53 -61.37 44.29
N VAL S 207 -23.27 -61.32 44.71
CA VAL S 207 -22.56 -60.04 44.82
C VAL S 207 -22.06 -59.50 43.48
N ASP S 208 -21.43 -60.36 42.68
CA ASP S 208 -20.92 -59.95 41.36
C ASP S 208 -22.03 -60.14 40.33
N ASN S 209 -23.22 -60.40 40.82
CA ASN S 209 -24.39 -60.62 39.99
C ASN S 209 -25.37 -59.46 40.07
N LEU S 210 -25.33 -58.72 41.16
CA LEU S 210 -26.24 -57.60 41.35
C LEU S 210 -25.60 -56.28 40.94
N SER S 211 -26.44 -55.39 40.42
CA SER S 211 -26.00 -54.05 39.98
C SER S 211 -27.06 -53.01 40.29
N ILE S 212 -26.67 -52.00 41.05
CA ILE S 212 -27.58 -50.94 41.47
C ILE S 212 -27.07 -49.54 41.15
N ALA S 213 -28.00 -48.66 40.82
CA ALA S 213 -27.67 -47.27 40.50
C ALA S 213 -28.69 -46.37 41.18
N ILE S 214 -28.24 -45.20 41.61
CA ILE S 214 -29.14 -44.26 42.28
C ILE S 214 -28.83 -42.80 41.92
N VAL S 215 -29.85 -41.96 42.02
CA VAL S 215 -29.72 -40.55 41.73
C VAL S 215 -30.81 -39.83 42.50
N GLY S 216 -30.55 -38.58 42.92
CA GLY S 216 -31.57 -37.85 43.66
C GLY S 216 -31.11 -36.56 44.31
N LYS S 217 -32.09 -35.80 44.80
CA LYS S 217 -31.89 -34.53 45.47
C LYS S 217 -30.43 -34.14 45.67
N ASP S 218 -29.71 -34.85 46.52
CA ASP S 218 -28.30 -34.56 46.74
C ASP S 218 -27.49 -35.82 46.56
N THR S 219 -27.69 -36.44 45.40
CA THR S 219 -27.01 -37.67 45.07
C THR S 219 -26.76 -37.74 43.58
N PRO S 220 -25.52 -37.51 43.14
CA PRO S 220 -25.23 -37.57 41.71
C PRO S 220 -25.32 -39.02 41.25
N PHE S 221 -26.01 -39.25 40.14
CA PHE S 221 -26.17 -40.59 39.60
C PHE S 221 -24.88 -41.38 39.77
N THR S 222 -24.92 -42.41 40.62
CA THR S 222 -23.77 -43.25 40.87
C THR S 222 -24.15 -44.72 40.74
N ILE S 223 -23.20 -45.53 40.30
CA ILE S 223 -23.43 -46.95 40.10
C ILE S 223 -22.69 -47.81 41.11
N TYR S 224 -23.41 -48.75 41.73
CA TYR S 224 -22.83 -49.64 42.72
C TYR S 224 -22.81 -51.08 42.22
N ASP S 225 -21.63 -51.69 42.29
CA ASP S 225 -21.45 -53.07 41.85
C ASP S 225 -20.56 -53.88 42.79
N GLY S 226 -20.93 -55.14 43.01
CA GLY S 226 -20.16 -56.03 43.87
C GLY S 226 -20.27 -55.71 45.35
N GLU S 227 -19.15 -55.83 46.05
CA GLU S 227 -19.06 -55.56 47.48
C GLU S 227 -19.95 -54.40 47.89
N ALA S 228 -20.03 -53.40 47.03
CA ALA S 228 -20.84 -52.21 47.28
C ALA S 228 -22.33 -52.53 47.37
N VAL S 229 -22.76 -53.64 46.78
CA VAL S 229 -24.17 -54.04 46.84
C VAL S 229 -24.37 -55.20 47.82
N ALA S 230 -23.29 -55.65 48.42
CA ALA S 230 -23.32 -56.76 49.38
C ALA S 230 -24.36 -56.49 50.47
N LYS S 231 -24.35 -55.29 51.05
CA LYS S 231 -25.29 -54.94 52.11
C LYS S 231 -26.75 -54.88 51.66
N TYR S 232 -27.04 -55.46 50.49
CA TYR S 232 -28.41 -55.48 49.97
C TYR S 232 -28.87 -56.89 49.62
N ILE S 233 -27.91 -57.80 49.46
CA ILE S 233 -28.20 -59.19 49.14
C ILE S 233 -28.68 -59.91 50.41
N GLY T 1 -52.67 -60.40 -10.89
CA GLY T 1 -51.92 -61.23 -9.90
C GLY T 1 -52.12 -60.78 -8.47
N THR T 2 -51.04 -60.78 -7.68
CA THR T 2 -51.10 -60.35 -6.28
C THR T 2 -49.78 -59.74 -5.82
N GLY T 3 -49.71 -59.38 -4.54
CA GLY T 3 -48.49 -58.78 -4.02
C GLY T 3 -48.53 -57.26 -4.08
N TYR T 4 -49.62 -56.73 -4.65
CA TYR T 4 -49.79 -55.29 -4.78
C TYR T 4 -49.82 -54.57 -3.44
N ASP T 5 -49.83 -55.33 -2.35
CA ASP T 5 -49.89 -54.74 -1.01
C ASP T 5 -48.58 -54.88 -0.23
N LEU T 6 -47.49 -55.22 -0.91
CA LEU T 6 -46.21 -55.39 -0.23
C LEU T 6 -45.33 -54.15 -0.31
N SER T 7 -45.46 -53.38 -1.39
CA SER T 7 -44.67 -52.16 -1.55
C SER T 7 -45.57 -50.93 -1.40
N ASN T 8 -45.01 -49.87 -0.83
CA ASN T 8 -45.76 -48.66 -0.57
C ASN T 8 -46.34 -47.84 -1.71
N SER T 9 -45.60 -47.55 -2.76
CA SER T 9 -46.22 -46.70 -3.77
C SER T 9 -46.92 -47.41 -4.93
N VAL T 10 -47.23 -48.69 -4.75
CA VAL T 10 -47.87 -49.49 -5.80
C VAL T 10 -49.39 -49.38 -5.91
N PHE T 11 -49.88 -49.15 -7.13
CA PHE T 11 -51.32 -49.07 -7.39
C PHE T 11 -51.81 -50.50 -7.61
N SER T 12 -52.83 -50.92 -6.88
CA SER T 12 -53.39 -52.24 -7.07
C SER T 12 -54.27 -52.09 -8.32
N PRO T 13 -54.68 -53.21 -8.93
CA PRO T 13 -55.53 -53.18 -10.15
C PRO T 13 -56.76 -52.29 -10.05
N ASP T 14 -57.27 -52.09 -8.85
CA ASP T 14 -58.43 -51.25 -8.65
C ASP T 14 -58.05 -49.84 -8.25
N GLY T 15 -56.80 -49.47 -8.49
CA GLY T 15 -56.32 -48.12 -8.18
C GLY T 15 -56.12 -47.72 -6.73
N ARG T 16 -55.94 -48.69 -5.84
CA ARG T 16 -55.74 -48.38 -4.43
C ARG T 16 -54.28 -48.57 -4.00
N ASN T 17 -53.94 -48.04 -2.83
CA ASN T 17 -52.59 -48.18 -2.30
C ASN T 17 -52.72 -48.88 -0.95
N PHE T 18 -52.80 -50.19 -1.00
CA PHE T 18 -52.98 -51.00 0.20
C PHE T 18 -52.13 -50.66 1.40
N GLN T 19 -50.85 -50.35 1.19
CA GLN T 19 -50.00 -50.01 2.32
C GLN T 19 -50.56 -48.83 3.10
N VAL T 20 -51.18 -47.89 2.40
CA VAL T 20 -51.78 -46.74 3.07
C VAL T 20 -53.00 -47.23 3.85
N GLU T 21 -53.74 -48.14 3.24
CA GLU T 21 -54.94 -48.68 3.87
C GLU T 21 -54.58 -49.46 5.13
N TYR T 22 -53.47 -50.19 5.09
CA TYR T 22 -53.02 -50.95 6.24
C TYR T 22 -52.59 -49.99 7.35
N ALA T 23 -52.12 -48.81 6.94
CA ALA T 23 -51.70 -47.82 7.92
C ALA T 23 -52.95 -47.35 8.65
N VAL T 24 -54.03 -47.14 7.91
CA VAL T 24 -55.27 -46.72 8.51
C VAL T 24 -55.68 -47.70 9.61
N LYS T 25 -55.38 -48.97 9.42
CA LYS T 25 -55.71 -49.97 10.43
C LYS T 25 -55.04 -49.61 11.76
N ALA T 26 -53.74 -49.32 11.70
CA ALA T 26 -52.99 -48.96 12.90
C ALA T 26 -53.64 -47.76 13.59
N VAL T 27 -54.28 -46.92 12.80
CA VAL T 27 -54.94 -45.73 13.33
C VAL T 27 -56.20 -46.12 14.11
N GLU T 28 -57.05 -46.91 13.47
CA GLU T 28 -58.29 -47.36 14.10
C GLU T 28 -57.98 -48.11 15.37
N ASN T 29 -56.89 -48.85 15.34
CA ASN T 29 -56.49 -49.63 16.50
C ASN T 29 -56.04 -48.76 17.67
N GLY T 30 -55.86 -47.47 17.41
CA GLY T 30 -55.42 -46.58 18.47
C GLY T 30 -56.50 -45.92 19.30
N THR T 31 -56.05 -45.18 20.32
CA THR T 31 -56.91 -44.43 21.24
C THR T 31 -57.81 -43.47 20.47
N THR T 32 -58.92 -43.08 21.07
CA THR T 32 -59.82 -42.15 20.40
C THR T 32 -59.47 -40.72 20.79
N SER T 33 -59.48 -39.83 19.80
CA SER T 33 -59.16 -38.43 20.03
C SER T 33 -60.12 -37.62 19.16
N ILE T 34 -60.38 -36.38 19.56
CA ILE T 34 -61.32 -35.55 18.83
C ILE T 34 -60.99 -34.07 18.80
N GLY T 35 -61.78 -33.34 18.01
CA GLY T 35 -61.61 -31.91 17.91
C GLY T 35 -62.97 -31.30 17.67
N ILE T 36 -63.25 -30.19 18.33
CA ILE T 36 -64.52 -29.49 18.18
C ILE T 36 -64.24 -28.03 17.89
N LYS T 37 -64.75 -27.56 16.76
CA LYS T 37 -64.58 -26.17 16.38
C LYS T 37 -65.71 -25.38 17.03
N CYS T 38 -65.37 -24.33 17.78
CA CYS T 38 -66.40 -23.53 18.41
C CYS T 38 -66.51 -22.17 17.70
N ASN T 39 -67.27 -21.25 18.27
CA ASN T 39 -67.48 -19.94 17.64
C ASN T 39 -66.30 -18.97 17.58
N ASP T 40 -65.17 -19.31 18.20
CA ASP T 40 -64.00 -18.43 18.14
C ASP T 40 -62.71 -19.17 18.47
N GLY T 41 -62.74 -20.50 18.32
CA GLY T 41 -61.56 -21.27 18.62
C GLY T 41 -61.78 -22.74 18.34
N VAL T 42 -60.99 -23.59 18.98
CA VAL T 42 -61.12 -25.04 18.79
C VAL T 42 -60.72 -25.74 20.07
N VAL T 43 -61.24 -26.94 20.26
CA VAL T 43 -60.93 -27.72 21.44
C VAL T 43 -60.44 -29.09 21.01
N PHE T 44 -59.40 -29.57 21.67
CA PHE T 44 -58.85 -30.87 21.36
C PHE T 44 -58.93 -31.68 22.65
N ALA T 45 -59.24 -32.96 22.50
CA ALA T 45 -59.36 -33.86 23.66
C ALA T 45 -58.90 -35.25 23.22
N VAL T 46 -58.41 -36.04 24.17
CA VAL T 46 -57.95 -37.37 23.84
C VAL T 46 -58.05 -38.34 25.02
N GLU T 47 -58.18 -39.61 24.69
CA GLU T 47 -58.28 -40.68 25.67
C GLU T 47 -56.89 -41.25 25.99
N LYS T 48 -56.52 -41.26 27.26
CA LYS T 48 -55.22 -41.80 27.65
C LYS T 48 -55.43 -43.06 28.46
N LEU T 49 -55.30 -44.21 27.82
CA LEU T 49 -55.50 -45.49 28.50
C LEU T 49 -54.50 -45.75 29.62
N ILE T 50 -55.01 -45.94 30.84
CA ILE T 50 -54.16 -46.20 31.99
C ILE T 50 -53.82 -47.69 32.07
N THR T 51 -52.72 -48.07 31.45
CA THR T 51 -52.26 -49.46 31.45
C THR T 51 -52.11 -50.00 32.86
N SER T 52 -51.74 -49.13 33.80
CA SER T 52 -51.56 -49.55 35.18
C SER T 52 -51.49 -48.35 36.11
N LYS T 53 -51.41 -48.62 37.41
CA LYS T 53 -51.32 -47.59 38.44
C LYS T 53 -49.93 -46.98 38.42
N LEU T 54 -48.98 -47.68 37.82
CA LEU T 54 -47.61 -47.21 37.76
C LEU T 54 -47.40 -45.97 36.88
N LEU T 55 -48.31 -45.71 35.96
CA LEU T 55 -48.21 -44.53 35.10
C LEU T 55 -48.45 -43.28 35.94
N VAL T 56 -47.46 -42.39 35.99
CA VAL T 56 -47.63 -41.16 36.76
C VAL T 56 -48.77 -40.38 36.11
N PRO T 57 -49.82 -40.09 36.90
CA PRO T 57 -50.97 -39.33 36.37
C PRO T 57 -50.59 -37.94 35.90
N GLN T 58 -51.30 -37.45 34.88
CA GLN T 58 -51.07 -36.11 34.34
C GLN T 58 -49.73 -35.89 33.64
N LYS T 59 -48.89 -36.92 33.59
CA LYS T 59 -47.58 -36.74 32.98
C LYS T 59 -47.42 -36.98 31.48
N ASN T 60 -47.59 -38.22 31.04
CA ASN T 60 -47.42 -38.54 29.63
C ASN T 60 -48.36 -37.76 28.70
N VAL T 61 -48.12 -36.46 28.57
CA VAL T 61 -48.93 -35.56 27.74
C VAL T 61 -48.96 -36.00 26.27
N LYS T 62 -50.14 -35.99 25.67
CA LYS T 62 -50.29 -36.40 24.28
C LYS T 62 -50.52 -35.26 23.30
N ILE T 63 -51.33 -34.28 23.67
CA ILE T 63 -51.58 -33.17 22.76
C ILE T 63 -50.30 -32.38 22.62
N GLN T 64 -50.05 -31.82 21.43
CA GLN T 64 -48.84 -31.06 21.20
C GLN T 64 -49.15 -29.72 20.58
N VAL T 65 -48.30 -28.74 20.86
CA VAL T 65 -48.48 -27.40 20.31
C VAL T 65 -47.47 -27.15 19.20
N VAL T 66 -47.93 -26.49 18.15
CA VAL T 66 -47.08 -26.14 17.03
C VAL T 66 -47.09 -24.62 17.02
N ASP T 67 -45.91 -24.03 17.09
CA ASP T 67 -45.74 -22.59 17.14
C ASP T 67 -46.33 -22.15 18.48
N ARG T 68 -47.23 -21.17 18.45
CA ARG T 68 -47.84 -20.71 19.68
C ARG T 68 -49.37 -20.65 19.58
N HIS T 69 -49.89 -20.96 18.40
CA HIS T 69 -51.33 -20.88 18.15
C HIS T 69 -51.97 -22.14 17.56
N ILE T 70 -51.22 -23.24 17.48
CA ILE T 70 -51.78 -24.44 16.88
C ILE T 70 -51.73 -25.64 17.80
N GLY T 71 -52.80 -26.43 17.78
CA GLY T 71 -52.88 -27.61 18.60
C GLY T 71 -52.95 -28.83 17.72
N CYS T 72 -52.31 -29.91 18.17
CA CYS T 72 -52.30 -31.15 17.43
C CYS T 72 -52.48 -32.36 18.33
N VAL T 73 -53.33 -33.28 17.89
CA VAL T 73 -53.58 -34.51 18.62
C VAL T 73 -53.75 -35.58 17.55
N TYR T 74 -53.32 -36.79 17.87
CA TYR T 74 -53.42 -37.89 16.91
C TYR T 74 -53.63 -39.26 17.57
N SER T 75 -54.14 -40.20 16.77
CA SER T 75 -54.41 -41.56 17.21
C SER T 75 -53.64 -42.50 16.29
N GLY T 76 -53.05 -43.54 16.87
CA GLY T 76 -52.29 -44.48 16.08
C GLY T 76 -50.92 -44.68 16.69
N LEU T 77 -49.90 -44.83 15.83
CA LEU T 77 -48.52 -44.98 16.29
C LEU T 77 -48.06 -43.63 16.82
N ILE T 78 -47.93 -43.50 18.13
CA ILE T 78 -47.54 -42.23 18.73
C ILE T 78 -46.25 -41.66 18.16
N PRO T 79 -45.19 -42.46 18.09
CA PRO T 79 -43.93 -41.94 17.54
C PRO T 79 -44.12 -41.28 16.18
N ASP T 80 -44.99 -41.86 15.35
CA ASP T 80 -45.22 -41.28 14.02
C ASP T 80 -45.85 -39.90 14.18
N GLY T 81 -46.70 -39.75 15.19
CA GLY T 81 -47.35 -38.47 15.44
C GLY T 81 -46.33 -37.40 15.78
N ARG T 82 -45.42 -37.71 16.70
CA ARG T 82 -44.39 -36.75 17.10
C ARG T 82 -43.58 -36.30 15.88
N HIS T 83 -43.12 -37.27 15.09
CA HIS T 83 -42.35 -37.02 13.89
C HIS T 83 -43.06 -35.97 13.04
N LEU T 84 -44.35 -36.17 12.81
CA LEU T 84 -45.14 -35.25 12.01
C LEU T 84 -45.23 -33.87 12.65
N VAL T 85 -45.29 -33.81 13.98
CA VAL T 85 -45.38 -32.53 14.69
C VAL T 85 -44.05 -31.79 14.57
N ASN T 86 -42.96 -32.54 14.68
CA ASN T 86 -41.64 -31.95 14.55
C ASN T 86 -41.55 -31.26 13.20
N ARG T 87 -41.97 -31.97 12.15
CA ARG T 87 -41.95 -31.41 10.81
C ARG T 87 -42.83 -30.16 10.77
N GLY T 88 -43.98 -30.24 11.43
CA GLY T 88 -44.88 -29.10 11.44
C GLY T 88 -44.23 -27.90 12.12
N ARG T 89 -43.46 -28.18 13.15
CA ARG T 89 -42.77 -27.13 13.88
C ARG T 89 -41.70 -26.44 13.00
N GLU T 90 -40.93 -27.24 12.26
CA GLU T 90 -39.92 -26.69 11.36
C GLU T 90 -40.68 -25.94 10.26
N GLU T 91 -41.74 -26.57 9.79
CA GLU T 91 -42.58 -26.01 8.75
C GLU T 91 -43.07 -24.62 9.16
N ALA T 92 -43.59 -24.51 10.38
CA ALA T 92 -44.12 -23.23 10.90
C ALA T 92 -43.04 -22.20 11.17
N ALA T 93 -41.89 -22.64 11.69
CA ALA T 93 -40.78 -21.74 11.98
C ALA T 93 -40.27 -21.08 10.70
N SER T 94 -40.14 -21.87 9.65
CA SER T 94 -39.67 -21.38 8.36
C SER T 94 -40.62 -20.32 7.78
N PHE T 95 -41.91 -20.62 7.82
CA PHE T 95 -42.93 -19.71 7.31
C PHE T 95 -42.89 -18.35 8.01
N LYS T 96 -42.83 -18.38 9.35
CA LYS T 96 -42.78 -17.14 10.13
C LYS T 96 -41.48 -16.38 9.86
N LYS T 97 -40.38 -17.11 9.69
CA LYS T 97 -39.09 -16.48 9.43
C LYS T 97 -39.10 -15.68 8.15
N LEU T 98 -39.73 -16.21 7.10
CA LEU T 98 -39.76 -15.51 5.82
C LEU T 98 -40.87 -14.46 5.73
N TYR T 99 -42.06 -14.80 6.23
CA TYR T 99 -43.21 -13.93 6.16
C TYR T 99 -43.57 -13.14 7.42
N LYS T 100 -42.83 -13.37 8.49
CA LYS T 100 -43.01 -12.66 9.76
C LYS T 100 -44.26 -13.07 10.52
N THR T 101 -45.38 -13.12 9.82
CA THR T 101 -46.65 -13.49 10.43
C THR T 101 -46.72 -14.99 10.72
N PRO T 102 -47.24 -15.39 11.90
CA PRO T 102 -47.35 -16.82 12.20
C PRO T 102 -48.22 -17.52 11.13
N ILE T 103 -47.87 -18.75 10.82
CA ILE T 103 -48.55 -19.52 9.78
C ILE T 103 -50.06 -19.72 9.94
N PRO T 104 -50.83 -19.37 8.89
CA PRO T 104 -52.28 -19.51 8.88
C PRO T 104 -52.61 -21.00 8.95
N ILE T 105 -53.64 -21.37 9.71
CA ILE T 105 -53.99 -22.78 9.86
C ILE T 105 -54.13 -23.52 8.53
N PRO T 106 -54.82 -22.92 7.54
CA PRO T 106 -54.96 -23.62 6.26
C PRO T 106 -53.58 -23.90 5.66
N ALA T 107 -52.75 -22.86 5.58
CA ALA T 107 -51.41 -22.99 5.05
C ALA T 107 -50.70 -24.12 5.78
N PHE T 108 -50.81 -24.14 7.11
CA PHE T 108 -50.17 -25.16 7.93
C PHE T 108 -50.68 -26.55 7.59
N ALA T 109 -51.98 -26.66 7.38
CA ALA T 109 -52.57 -27.96 7.05
C ALA T 109 -51.96 -28.52 5.77
N ASP T 110 -51.85 -27.69 4.74
CA ASP T 110 -51.27 -28.18 3.50
C ASP T 110 -49.80 -28.58 3.67
N ARG T 111 -49.12 -27.93 4.60
CA ARG T 111 -47.72 -28.26 4.86
C ARG T 111 -47.67 -29.70 5.36
N LEU T 112 -48.53 -30.02 6.32
CA LEU T 112 -48.59 -31.38 6.87
C LEU T 112 -49.14 -32.30 5.79
N GLY T 113 -50.09 -31.80 5.01
CA GLY T 113 -50.69 -32.59 3.95
C GLY T 113 -49.67 -33.04 2.93
N GLN T 114 -48.94 -32.09 2.37
CA GLN T 114 -47.90 -32.37 1.38
C GLN T 114 -46.83 -33.32 1.92
N TYR T 115 -46.45 -33.13 3.18
CA TYR T 115 -45.43 -33.98 3.80
C TYR T 115 -45.91 -35.43 3.90
N VAL T 116 -47.11 -35.62 4.42
CA VAL T 116 -47.67 -36.97 4.57
C VAL T 116 -47.93 -37.60 3.19
N GLN T 117 -48.47 -36.82 2.25
CA GLN T 117 -48.74 -37.34 0.92
C GLN T 117 -47.43 -37.84 0.32
N ALA T 118 -46.35 -37.15 0.65
CA ALA T 118 -45.02 -37.51 0.16
C ALA T 118 -44.59 -38.91 0.57
N HIS T 119 -45.10 -39.40 1.69
CA HIS T 119 -44.71 -40.73 2.15
C HIS T 119 -45.56 -41.85 1.56
N THR T 120 -46.23 -41.53 0.45
CA THR T 120 -47.05 -42.50 -0.27
C THR T 120 -46.59 -42.48 -1.72
N LEU T 121 -45.44 -41.85 -1.96
CA LEU T 121 -44.86 -41.72 -3.30
C LEU T 121 -43.73 -42.71 -3.59
N TYR T 122 -43.09 -43.22 -2.55
CA TYR T 122 -41.96 -44.13 -2.74
C TYR T 122 -42.10 -45.39 -1.89
N ASN T 123 -41.46 -46.48 -2.31
CA ASN T 123 -41.53 -47.72 -1.54
C ASN T 123 -40.39 -47.78 -0.55
N SER T 124 -39.56 -46.74 -0.55
CA SER T 124 -38.44 -46.66 0.35
C SER T 124 -38.89 -46.13 1.72
N VAL T 125 -40.15 -45.73 1.80
CA VAL T 125 -40.70 -45.23 3.05
C VAL T 125 -42.05 -45.86 3.33
N ARG T 126 -42.47 -45.71 4.58
CA ARG T 126 -43.74 -46.24 5.06
C ARG T 126 -44.69 -45.10 5.32
N PRO T 127 -46.00 -45.30 5.09
CA PRO T 127 -46.94 -44.21 5.35
C PRO T 127 -47.03 -43.93 6.85
N PHE T 128 -47.56 -42.77 7.22
CA PHE T 128 -47.69 -42.42 8.62
C PHE T 128 -48.84 -43.19 9.26
N GLY T 129 -48.55 -43.84 10.37
CA GLY T 129 -49.57 -44.62 11.07
C GLY T 129 -50.44 -43.79 12.01
N VAL T 130 -50.84 -42.59 11.59
CA VAL T 130 -51.67 -41.75 12.44
C VAL T 130 -52.59 -40.83 11.67
N SER T 131 -53.71 -40.48 12.31
CA SER T 131 -54.64 -39.52 11.75
C SER T 131 -54.46 -38.39 12.74
N THR T 132 -54.41 -37.17 12.24
CA THR T 132 -54.17 -36.05 13.12
C THR T 132 -55.27 -35.03 13.05
N ILE T 133 -55.68 -34.57 14.24
CA ILE T 133 -56.70 -33.54 14.36
C ILE T 133 -55.91 -32.36 14.89
N PHE T 134 -56.00 -31.23 14.20
CA PHE T 134 -55.24 -30.05 14.59
C PHE T 134 -55.94 -28.81 14.09
N GLY T 135 -55.55 -27.66 14.64
CA GLY T 135 -56.17 -26.42 14.22
C GLY T 135 -55.81 -25.29 15.15
N GLY T 136 -56.43 -24.13 14.95
CA GLY T 136 -56.16 -22.99 15.78
C GLY T 136 -56.82 -21.74 15.26
N VAL T 137 -56.42 -20.59 15.78
CA VAL T 137 -56.98 -19.30 15.40
C VAL T 137 -55.97 -18.50 14.59
N ASP T 138 -56.43 -17.82 13.55
CA ASP T 138 -55.52 -17.01 12.76
C ASP T 138 -56.19 -15.75 12.25
N LYS T 139 -55.43 -14.96 11.49
CA LYS T 139 -55.89 -13.69 10.94
C LYS T 139 -57.39 -13.65 10.65
N ASN T 140 -58.00 -14.76 10.27
CA ASN T 140 -59.44 -14.75 10.03
C ASN T 140 -60.20 -16.01 10.41
N GLY T 141 -60.48 -16.15 11.70
CA GLY T 141 -61.24 -17.28 12.16
C GLY T 141 -60.48 -18.44 12.77
N ALA T 142 -61.25 -19.44 13.19
CA ALA T 142 -60.69 -20.63 13.79
C ALA T 142 -60.85 -21.70 12.72
N HIS T 143 -59.97 -22.70 12.76
CA HIS T 143 -60.02 -23.76 11.78
C HIS T 143 -59.71 -25.09 12.45
N LEU T 144 -60.45 -26.13 12.06
CA LEU T 144 -60.22 -27.47 12.60
C LEU T 144 -59.92 -28.38 11.40
N TYR T 145 -58.93 -29.25 11.55
CA TYR T 145 -58.53 -30.15 10.47
C TYR T 145 -58.21 -31.57 10.93
N MET T 146 -58.35 -32.51 10.01
CA MET T 146 -58.02 -33.91 10.26
C MET T 146 -57.29 -34.41 9.01
N LEU T 147 -56.13 -35.04 9.24
CA LEU T 147 -55.27 -35.53 8.17
C LEU T 147 -55.10 -37.04 8.22
N GLU T 148 -55.43 -37.71 7.12
CA GLU T 148 -55.32 -39.18 7.02
C GLU T 148 -53.94 -39.66 6.54
N PRO T 149 -53.61 -40.94 6.77
CA PRO T 149 -52.32 -41.48 6.35
C PRO T 149 -52.09 -41.31 4.84
N SER T 150 -53.18 -41.17 4.08
CA SER T 150 -53.10 -41.01 2.64
C SER T 150 -52.64 -39.60 2.30
N GLY T 151 -52.69 -38.72 3.29
CA GLY T 151 -52.31 -37.34 3.07
C GLY T 151 -53.56 -36.51 2.86
N SER T 152 -54.70 -37.18 2.81
CA SER T 152 -55.97 -36.49 2.62
C SER T 152 -56.35 -35.70 3.88
N TYR T 153 -56.98 -34.55 3.69
CA TYR T 153 -57.39 -33.73 4.82
C TYR T 153 -58.44 -32.73 4.40
N TRP T 154 -59.32 -32.36 5.35
CA TRP T 154 -60.37 -31.38 5.08
C TRP T 154 -60.61 -30.56 6.33
N GLY T 155 -61.38 -29.50 6.18
CA GLY T 155 -61.73 -28.65 7.30
C GLY T 155 -62.98 -29.25 7.94
N TYR T 156 -62.98 -29.36 9.26
CA TYR T 156 -64.13 -29.93 9.95
C TYR T 156 -64.83 -28.99 10.93
N LYS T 157 -66.09 -29.34 11.23
CA LYS T 157 -66.91 -28.64 12.21
C LYS T 157 -66.56 -29.37 13.50
N GLY T 158 -66.42 -30.67 13.37
CA GLY T 158 -66.06 -31.52 14.49
C GLY T 158 -65.35 -32.69 13.86
N ALA T 159 -64.43 -33.32 14.58
CA ALA T 159 -63.69 -34.46 14.02
C ALA T 159 -63.27 -35.43 15.08
N ALA T 160 -63.17 -36.70 14.68
CA ALA T 160 -62.79 -37.74 15.60
C ALA T 160 -62.12 -38.88 14.87
N THR T 161 -61.22 -39.57 15.56
CA THR T 161 -60.49 -40.69 14.99
C THR T 161 -60.09 -41.64 16.11
N GLY T 162 -59.86 -42.90 15.77
CA GLY T 162 -59.46 -43.87 16.77
C GLY T 162 -60.50 -44.94 17.04
N LYS T 163 -60.19 -45.76 18.05
CA LYS T 163 -61.04 -46.85 18.50
C LYS T 163 -62.52 -46.51 18.48
N GLY T 164 -62.91 -45.51 19.26
CA GLY T 164 -64.31 -45.12 19.33
C GLY T 164 -64.68 -43.89 18.53
N ARG T 165 -64.24 -43.87 17.27
CA ARG T 165 -64.52 -42.73 16.40
C ARG T 165 -66.00 -42.62 16.02
N GLN T 166 -66.68 -43.77 15.89
CA GLN T 166 -68.08 -43.79 15.49
C GLN T 166 -68.98 -43.14 16.53
N SER T 167 -68.76 -43.49 17.80
CA SER T 167 -69.54 -42.91 18.89
C SER T 167 -69.38 -41.41 18.78
N ALA T 168 -68.12 -41.00 18.74
CA ALA T 168 -67.75 -39.60 18.66
C ALA T 168 -68.43 -38.90 17.50
N LYS T 169 -68.22 -39.40 16.29
CA LYS T 169 -68.83 -38.77 15.11
C LYS T 169 -70.32 -38.61 15.30
N ALA T 170 -70.97 -39.59 15.92
CA ALA T 170 -72.40 -39.53 16.17
C ALA T 170 -72.70 -38.34 17.10
N GLU T 171 -71.99 -38.29 18.22
CA GLU T 171 -72.16 -37.23 19.20
C GLU T 171 -71.89 -35.86 18.60
N LEU T 172 -70.88 -35.80 17.75
CA LEU T 172 -70.51 -34.55 17.11
C LEU T 172 -71.62 -34.10 16.16
N GLU T 173 -72.15 -35.03 15.37
CA GLU T 173 -73.23 -34.68 14.45
C GLU T 173 -74.43 -34.13 15.19
N LYS T 174 -74.69 -34.67 16.38
CA LYS T 174 -75.81 -34.18 17.19
C LYS T 174 -75.59 -32.71 17.50
N LEU T 175 -74.42 -32.41 18.04
CA LEU T 175 -74.05 -31.03 18.37
C LEU T 175 -74.19 -30.13 17.14
N VAL T 176 -73.73 -30.61 15.99
CA VAL T 176 -73.81 -29.82 14.76
C VAL T 176 -75.26 -29.43 14.45
N ASP T 177 -76.16 -30.41 14.59
CA ASP T 177 -77.58 -30.17 14.34
C ASP T 177 -78.20 -29.24 15.37
N HIS T 178 -77.98 -29.57 16.64
CA HIS T 178 -78.54 -28.82 17.76
C HIS T 178 -77.87 -27.49 18.08
N HIS T 179 -77.02 -26.99 17.20
CA HIS T 179 -76.34 -25.71 17.45
C HIS T 179 -75.87 -25.03 16.17
N PRO T 180 -76.78 -24.84 15.20
CA PRO T 180 -76.39 -24.20 13.94
C PRO T 180 -75.79 -22.80 14.12
N GLU T 181 -75.92 -22.25 15.33
CA GLU T 181 -75.39 -20.91 15.63
C GLU T 181 -73.94 -20.94 16.12
N GLY T 182 -73.49 -22.10 16.59
CA GLY T 182 -72.12 -22.21 17.05
C GLY T 182 -71.93 -22.38 18.54
N LEU T 183 -71.29 -23.49 18.93
CA LEU T 183 -71.02 -23.79 20.33
C LEU T 183 -69.98 -22.78 20.82
N SER T 184 -69.78 -22.69 22.14
CA SER T 184 -68.80 -21.74 22.67
C SER T 184 -67.56 -22.47 23.14
N ALA T 185 -66.48 -21.73 23.34
CA ALA T 185 -65.23 -22.32 23.80
C ALA T 185 -65.48 -23.06 25.12
N ARG T 186 -66.06 -22.35 26.07
CA ARG T 186 -66.39 -22.91 27.39
C ARG T 186 -67.23 -24.17 27.24
N GLU T 187 -68.26 -24.08 26.41
CA GLU T 187 -69.16 -25.21 26.16
C GLU T 187 -68.50 -26.39 25.48
N ALA T 188 -67.77 -26.11 24.40
CA ALA T 188 -67.07 -27.14 23.64
C ALA T 188 -66.17 -27.97 24.53
N VAL T 189 -65.53 -27.33 25.50
CA VAL T 189 -64.64 -28.03 26.42
C VAL T 189 -65.38 -29.14 27.18
N LYS T 190 -66.54 -28.80 27.73
CA LYS T 190 -67.37 -29.76 28.47
C LYS T 190 -67.84 -30.84 27.51
N GLN T 191 -68.43 -30.38 26.40
CA GLN T 191 -68.96 -31.26 25.37
C GLN T 191 -67.92 -32.28 24.95
N ALA T 192 -66.68 -31.80 24.79
CA ALA T 192 -65.56 -32.64 24.40
C ALA T 192 -65.28 -33.67 25.50
N ALA T 193 -65.27 -33.22 26.74
CA ALA T 193 -65.03 -34.09 27.87
C ALA T 193 -66.05 -35.23 27.87
N LYS T 194 -67.28 -34.91 27.49
CA LYS T 194 -68.33 -35.91 27.44
C LYS T 194 -68.09 -36.92 26.33
N ILE T 195 -67.99 -36.41 25.09
CA ILE T 195 -67.78 -37.27 23.92
C ILE T 195 -66.62 -38.26 24.09
N ILE T 196 -65.58 -37.90 24.84
CA ILE T 196 -64.45 -38.80 25.05
C ILE T 196 -64.91 -39.90 26.01
N TYR T 197 -65.68 -39.51 27.02
CA TYR T 197 -66.20 -40.45 28.00
C TYR T 197 -67.10 -41.49 27.32
N LEU T 198 -67.98 -41.02 26.44
CA LEU T 198 -68.87 -41.91 25.71
C LEU T 198 -68.03 -42.84 24.83
N ALA T 199 -67.30 -42.24 23.90
CA ALA T 199 -66.46 -43.01 23.00
C ALA T 199 -65.52 -43.96 23.73
N HIS T 200 -65.35 -43.75 25.03
CA HIS T 200 -64.46 -44.62 25.80
C HIS T 200 -65.07 -45.99 26.07
N GLU T 201 -66.34 -46.16 25.71
CA GLU T 201 -67.02 -47.44 25.91
C GLU T 201 -66.40 -48.55 25.07
N ASP T 202 -65.94 -48.19 23.87
CA ASP T 202 -65.30 -49.14 22.95
C ASP T 202 -63.93 -49.53 23.50
N ASN T 203 -63.74 -49.30 24.79
CA ASN T 203 -62.47 -49.59 25.43
C ASN T 203 -62.73 -49.60 26.94
N LYS T 204 -64.01 -49.68 27.28
CA LYS T 204 -64.49 -49.69 28.66
C LYS T 204 -63.71 -50.62 29.58
N GLU T 205 -62.99 -51.57 28.98
CA GLU T 205 -62.20 -52.53 29.74
C GLU T 205 -61.11 -51.88 30.58
N LYS T 206 -60.38 -50.93 29.99
CA LYS T 206 -59.28 -50.25 30.68
C LYS T 206 -59.68 -48.86 31.19
N ASP T 207 -59.07 -48.45 32.29
CA ASP T 207 -59.35 -47.14 32.86
C ASP T 207 -58.51 -46.11 32.11
N PHE T 208 -58.97 -44.87 32.06
CA PHE T 208 -58.24 -43.84 31.33
C PHE T 208 -58.09 -42.50 32.04
N GLU T 209 -57.39 -41.58 31.37
CA GLU T 209 -57.16 -40.23 31.86
C GLU T 209 -57.53 -39.28 30.72
N LEU T 210 -58.37 -38.30 31.01
CA LEU T 210 -58.81 -37.34 30.00
C LEU T 210 -57.84 -36.18 29.83
N GLU T 211 -57.68 -35.72 28.58
CA GLU T 211 -56.80 -34.60 28.29
C GLU T 211 -57.49 -33.65 27.33
N ILE T 212 -57.48 -32.37 27.65
CA ILE T 212 -58.12 -31.36 26.81
C ILE T 212 -57.21 -30.14 26.65
N SER T 213 -57.43 -29.42 25.56
CA SER T 213 -56.68 -28.18 25.28
C SER T 213 -57.58 -27.38 24.37
N TRP T 214 -57.34 -26.08 24.32
CA TRP T 214 -58.17 -25.23 23.49
C TRP T 214 -57.41 -24.00 23.02
N CYS T 215 -57.99 -23.34 22.04
CA CYS T 215 -57.40 -22.15 21.47
C CYS T 215 -58.60 -21.28 21.10
N SER T 216 -58.88 -20.28 21.92
CA SER T 216 -60.01 -19.39 21.71
C SER T 216 -59.57 -17.94 21.69
N LEU T 217 -60.10 -17.19 20.73
CA LEU T 217 -59.75 -15.78 20.59
C LEU T 217 -60.04 -15.01 21.88
N SER T 218 -61.13 -15.36 22.54
CA SER T 218 -61.54 -14.68 23.77
C SER T 218 -61.07 -15.39 25.05
N GLU T 219 -61.04 -16.71 25.03
CA GLU T 219 -60.64 -17.45 26.22
C GLU T 219 -59.14 -17.61 26.45
N THR T 220 -58.36 -17.77 25.37
CA THR T 220 -56.91 -17.93 25.50
C THR T 220 -56.11 -16.89 24.74
N ASN T 221 -56.80 -15.94 24.12
CA ASN T 221 -56.14 -14.88 23.36
C ASN T 221 -55.58 -15.37 22.04
N GLY T 222 -56.13 -16.47 21.54
CA GLY T 222 -55.65 -17.01 20.28
C GLY T 222 -54.44 -17.90 20.44
N LEU T 223 -54.07 -18.18 21.69
CA LEU T 223 -52.94 -19.04 21.95
C LEU T 223 -53.42 -20.40 22.43
N HIS T 224 -52.79 -21.46 21.95
CA HIS T 224 -53.17 -22.80 22.36
C HIS T 224 -52.75 -23.04 23.81
N LYS T 225 -53.69 -23.52 24.62
CA LYS T 225 -53.40 -23.79 26.01
C LYS T 225 -54.07 -25.07 26.48
N PHE T 226 -53.48 -25.72 27.48
CA PHE T 226 -54.06 -26.93 28.03
C PHE T 226 -55.10 -26.62 29.11
N VAL T 227 -56.16 -27.41 29.15
CA VAL T 227 -57.19 -27.21 30.16
C VAL T 227 -56.67 -27.89 31.43
N LYS T 228 -56.43 -27.09 32.47
CA LYS T 228 -55.90 -27.62 33.72
C LYS T 228 -56.79 -27.29 34.93
N GLY T 229 -56.47 -27.92 36.05
CA GLY T 229 -57.19 -27.68 37.29
C GLY T 229 -58.71 -27.62 37.28
N ASP T 230 -59.24 -26.54 37.84
CA ASP T 230 -60.69 -26.34 37.95
C ASP T 230 -61.50 -26.55 36.67
N LEU T 231 -61.16 -25.81 35.62
CA LEU T 231 -61.90 -25.92 34.37
C LEU T 231 -61.95 -27.36 33.89
N LEU T 232 -60.86 -28.10 34.16
CA LEU T 232 -60.75 -29.49 33.76
C LEU T 232 -61.68 -30.38 34.59
N GLN T 233 -61.58 -30.26 35.92
CA GLN T 233 -62.42 -31.05 36.82
C GLN T 233 -63.90 -30.78 36.58
N GLU T 234 -64.23 -29.51 36.33
CA GLU T 234 -65.59 -29.12 36.05
C GLU T 234 -66.12 -29.87 34.84
N ALA T 235 -65.29 -30.04 33.82
CA ALA T 235 -65.69 -30.76 32.62
C ALA T 235 -65.68 -32.27 32.85
N ILE T 236 -64.78 -32.76 33.70
CA ILE T 236 -64.72 -34.19 33.98
C ILE T 236 -66.01 -34.61 34.65
N ASP T 237 -66.57 -33.72 35.46
CA ASP T 237 -67.80 -34.03 36.14
C ASP T 237 -68.97 -33.93 35.17
N PHE T 238 -69.02 -32.85 34.40
CA PHE T 238 -70.10 -32.65 33.42
C PHE T 238 -70.28 -33.92 32.57
N ALA T 239 -69.20 -34.68 32.43
CA ALA T 239 -69.23 -35.92 31.67
C ALA T 239 -69.72 -37.05 32.57
N GLN T 240 -69.01 -37.28 33.67
CA GLN T 240 -69.37 -38.32 34.62
C GLN T 240 -70.86 -38.28 34.95
N LYS T 241 -71.44 -37.10 34.85
CA LYS T 241 -72.86 -36.91 35.13
C LYS T 241 -73.72 -37.43 34.00
N GLU T 242 -73.40 -37.02 32.78
CA GLU T 242 -74.16 -37.44 31.61
C GLU T 242 -73.81 -38.81 31.07
N ILE T 243 -72.97 -39.55 31.78
CA ILE T 243 -72.61 -40.89 31.36
C ILE T 243 -73.51 -41.88 32.09
N ASN T 244 -74.36 -41.33 32.96
CA ASN T 244 -75.31 -42.13 33.74
C ASN T 244 -76.73 -41.55 33.64
N ALA U 1 -40.34 -61.49 -12.88
CA ALA U 1 -41.40 -61.62 -13.95
C ALA U 1 -42.67 -60.84 -13.61
N GLY U 2 -43.52 -61.41 -12.74
CA GLY U 2 -44.77 -60.77 -12.35
C GLY U 2 -44.68 -59.41 -11.67
N TYR U 3 -43.49 -58.82 -11.64
CA TYR U 3 -43.30 -57.50 -11.02
C TYR U 3 -43.42 -56.40 -12.05
N ASP U 4 -43.60 -56.78 -13.31
CA ASP U 4 -43.74 -55.81 -14.38
C ASP U 4 -45.08 -55.10 -14.21
N ARG U 5 -45.76 -55.41 -13.10
CA ARG U 5 -47.04 -54.82 -12.82
C ARG U 5 -47.01 -53.97 -11.55
N HIS U 6 -45.84 -53.93 -10.92
CA HIS U 6 -45.66 -53.14 -9.70
C HIS U 6 -44.90 -51.85 -9.95
N ILE U 7 -43.98 -51.89 -10.90
CA ILE U 7 -43.20 -50.71 -11.25
C ILE U 7 -43.44 -50.39 -12.71
N THR U 8 -43.03 -49.21 -13.14
CA THR U 8 -43.26 -48.81 -14.52
C THR U 8 -42.30 -49.33 -15.58
N ILE U 9 -42.34 -50.64 -15.82
CA ILE U 9 -41.51 -51.24 -16.86
C ILE U 9 -42.50 -51.91 -17.81
N PHE U 10 -42.03 -52.31 -18.98
CA PHE U 10 -42.92 -52.91 -19.95
C PHE U 10 -43.39 -54.33 -19.63
N SER U 11 -44.64 -54.61 -19.98
CA SER U 11 -45.21 -55.94 -19.81
C SER U 11 -44.91 -56.57 -21.18
N PRO U 12 -44.98 -57.91 -21.27
CA PRO U 12 -44.69 -58.51 -22.59
C PRO U 12 -45.53 -57.95 -23.74
N GLU U 13 -46.69 -57.36 -23.42
CA GLU U 13 -47.54 -56.78 -24.46
C GLU U 13 -47.16 -55.33 -24.72
N GLY U 14 -46.14 -54.85 -24.02
CA GLY U 14 -45.69 -53.48 -24.19
C GLY U 14 -46.55 -52.50 -23.42
N ARG U 15 -47.14 -52.96 -22.33
CA ARG U 15 -48.00 -52.09 -21.53
C ARG U 15 -47.38 -51.72 -20.20
N LEU U 16 -47.93 -50.68 -19.58
CA LEU U 16 -47.47 -50.19 -18.29
C LEU U 16 -48.65 -50.22 -17.32
N TYR U 17 -48.92 -51.39 -16.76
CA TYR U 17 -50.03 -51.55 -15.84
C TYR U 17 -50.14 -50.47 -14.78
N GLN U 18 -49.02 -50.12 -14.15
CA GLN U 18 -49.05 -49.09 -13.12
C GLN U 18 -49.66 -47.80 -13.61
N VAL U 19 -49.46 -47.49 -14.89
CA VAL U 19 -50.05 -46.28 -15.44
C VAL U 19 -51.55 -46.51 -15.62
N GLU U 20 -51.92 -47.74 -15.99
CA GLU U 20 -53.32 -48.06 -16.21
C GLU U 20 -54.10 -48.00 -14.90
N TYR U 21 -53.52 -48.59 -13.86
CA TYR U 21 -54.17 -48.59 -12.56
C TYR U 21 -54.21 -47.17 -12.00
N ALA U 22 -53.24 -46.34 -12.39
CA ALA U 22 -53.23 -44.96 -11.94
C ALA U 22 -54.46 -44.27 -12.54
N PHE U 23 -54.81 -44.63 -13.77
CA PHE U 23 -56.00 -44.06 -14.41
C PHE U 23 -57.23 -44.48 -13.62
N LYS U 24 -57.22 -45.71 -13.13
CA LYS U 24 -58.34 -46.21 -12.34
C LYS U 24 -58.55 -45.30 -11.13
N ALA U 25 -57.46 -44.94 -10.48
CA ALA U 25 -57.53 -44.09 -9.31
C ALA U 25 -58.21 -42.74 -9.57
N THR U 26 -58.09 -42.23 -10.80
CA THR U 26 -58.70 -40.93 -11.09
C THR U 26 -60.21 -40.87 -10.90
N ASN U 27 -60.86 -42.02 -10.89
CA ASN U 27 -62.31 -42.06 -10.71
C ASN U 27 -62.74 -42.36 -9.28
N GLN U 28 -61.76 -42.58 -8.41
CA GLN U 28 -62.00 -42.89 -7.02
C GLN U 28 -62.93 -41.92 -6.30
N THR U 29 -62.96 -40.66 -6.74
CA THR U 29 -63.79 -39.64 -6.12
C THR U 29 -65.22 -39.67 -6.62
N ASN U 30 -65.44 -40.38 -7.70
CA ASN U 30 -66.77 -40.50 -8.29
C ASN U 30 -67.34 -39.12 -8.62
N ILE U 31 -66.48 -38.23 -9.12
CA ILE U 31 -66.88 -36.87 -9.48
C ILE U 31 -66.68 -36.63 -10.96
N ASN U 32 -67.65 -35.97 -11.58
CA ASN U 32 -67.54 -35.66 -13.00
C ASN U 32 -67.32 -34.16 -13.16
N SER U 33 -66.57 -33.79 -14.19
CA SER U 33 -66.30 -32.38 -14.46
C SER U 33 -66.27 -32.18 -15.97
N LEU U 34 -66.48 -30.95 -16.41
CA LEU U 34 -66.44 -30.66 -17.83
C LEU U 34 -66.03 -29.20 -18.03
N ALA U 35 -65.46 -28.89 -19.19
CA ALA U 35 -65.02 -27.54 -19.49
C ALA U 35 -65.47 -27.16 -20.89
N VAL U 36 -65.86 -25.91 -21.05
CA VAL U 36 -66.31 -25.41 -22.35
C VAL U 36 -65.73 -24.03 -22.56
N ARG U 37 -65.61 -23.62 -23.81
CA ARG U 37 -65.06 -22.33 -24.11
C ARG U 37 -66.10 -21.33 -24.58
N GLY U 38 -66.07 -20.13 -24.00
CA GLY U 38 -66.98 -19.08 -24.38
C GLY U 38 -66.37 -18.26 -25.51
N LYS U 39 -66.99 -17.13 -25.83
CA LYS U 39 -66.49 -16.28 -26.89
C LYS U 39 -65.19 -15.64 -26.43
N ASP U 40 -65.07 -15.46 -25.11
CA ASP U 40 -63.87 -14.86 -24.54
C ASP U 40 -63.70 -15.22 -23.06
N CYS U 41 -64.05 -16.45 -22.72
CA CYS U 41 -63.93 -16.93 -21.35
C CYS U 41 -63.88 -18.45 -21.42
N THR U 42 -63.51 -19.08 -20.32
CA THR U 42 -63.46 -20.53 -20.27
C THR U 42 -64.10 -20.93 -18.95
N VAL U 43 -64.94 -21.95 -18.98
CA VAL U 43 -65.63 -22.40 -17.79
C VAL U 43 -65.39 -23.87 -17.48
N VAL U 44 -65.35 -24.18 -16.19
CA VAL U 44 -65.16 -25.55 -15.76
C VAL U 44 -66.17 -25.85 -14.66
N ILE U 45 -66.94 -26.89 -14.89
CA ILE U 45 -67.97 -27.33 -13.96
C ILE U 45 -67.50 -28.65 -13.37
N SER U 46 -67.79 -28.84 -12.08
CA SER U 46 -67.41 -30.08 -11.42
C SER U 46 -68.40 -30.35 -10.29
N GLN U 47 -68.77 -31.61 -10.15
CA GLN U 47 -69.68 -31.98 -9.09
C GLN U 47 -68.99 -31.79 -7.75
N LYS U 48 -69.75 -31.33 -6.77
CA LYS U 48 -69.23 -31.14 -5.43
C LYS U 48 -70.06 -32.07 -4.56
N LYS U 49 -69.39 -32.98 -3.85
CA LYS U 49 -70.08 -33.92 -2.98
C LYS U 49 -69.50 -33.93 -1.58
N VAL U 50 -70.30 -33.54 -0.60
CA VAL U 50 -69.85 -33.51 0.78
C VAL U 50 -70.72 -34.47 1.60
N PRO U 51 -70.30 -35.74 1.69
CA PRO U 51 -71.03 -36.75 2.43
C PRO U 51 -71.10 -36.52 3.95
N ASP U 52 -69.93 -36.43 4.60
CA ASP U 52 -69.90 -36.24 6.05
C ASP U 52 -70.51 -34.91 6.51
N LYS U 53 -71.40 -34.97 7.50
CA LYS U 53 -72.03 -33.76 8.03
C LYS U 53 -71.07 -32.96 8.91
N LEU U 54 -69.99 -33.61 9.32
CA LEU U 54 -68.97 -33.00 10.15
C LEU U 54 -67.94 -32.17 9.35
N LEU U 55 -68.01 -32.26 8.02
CA LEU U 55 -67.12 -31.52 7.15
C LEU U 55 -67.53 -30.07 6.95
N ASP U 56 -66.53 -29.24 6.72
CA ASP U 56 -66.74 -27.82 6.45
C ASP U 56 -66.77 -27.72 4.92
N PRO U 57 -67.97 -27.74 4.35
CA PRO U 57 -68.20 -27.66 2.90
C PRO U 57 -67.33 -26.66 2.16
N THR U 58 -67.00 -25.55 2.82
CA THR U 58 -66.18 -24.53 2.18
C THR U 58 -64.73 -24.95 1.93
N THR U 59 -64.31 -26.05 2.54
CA THR U 59 -62.95 -26.50 2.36
C THR U 59 -62.86 -27.73 1.45
N VAL U 60 -63.97 -28.13 0.86
CA VAL U 60 -64.00 -29.29 -0.03
C VAL U 60 -64.05 -28.80 -1.48
N SER U 61 -62.91 -28.85 -2.16
CA SER U 61 -62.83 -28.40 -3.55
C SER U 61 -61.80 -29.14 -4.39
N TYR U 62 -62.04 -29.23 -5.69
CA TYR U 62 -61.11 -29.89 -6.60
C TYR U 62 -60.76 -28.91 -7.72
N ILE U 63 -61.09 -27.65 -7.49
CA ILE U 63 -60.78 -26.60 -8.44
C ILE U 63 -59.72 -25.73 -7.77
N PHE U 64 -58.65 -25.42 -8.50
CA PHE U 64 -57.55 -24.63 -7.94
C PHE U 64 -57.19 -23.42 -8.78
N CYS U 65 -56.67 -22.39 -8.10
CA CYS U 65 -56.22 -21.18 -8.76
C CYS U 65 -54.69 -21.29 -8.82
N ILE U 66 -54.18 -21.70 -9.97
CA ILE U 66 -52.74 -21.88 -10.12
C ILE U 66 -52.04 -20.54 -10.22
N SER U 67 -52.65 -19.61 -10.93
CA SER U 67 -52.08 -18.28 -11.09
C SER U 67 -53.18 -17.29 -11.41
N ARG U 68 -52.82 -16.02 -11.44
CA ARG U 68 -53.79 -14.99 -11.76
C ARG U 68 -54.63 -15.39 -12.98
N THR U 69 -54.00 -16.04 -13.97
CA THR U 69 -54.72 -16.40 -15.19
C THR U 69 -55.09 -17.87 -15.41
N ILE U 70 -54.36 -18.78 -14.78
CA ILE U 70 -54.62 -20.21 -14.97
C ILE U 70 -55.40 -20.88 -13.83
N GLY U 71 -56.42 -21.65 -14.23
CA GLY U 71 -57.23 -22.40 -13.28
C GLY U 71 -57.10 -23.88 -13.59
N MET U 72 -57.13 -24.71 -12.56
CA MET U 72 -56.99 -26.15 -12.76
C MET U 72 -58.02 -26.97 -11.96
N VAL U 73 -58.69 -27.89 -12.64
CA VAL U 73 -59.66 -28.76 -11.98
C VAL U 73 -59.03 -30.16 -12.01
N VAL U 74 -59.18 -30.90 -10.92
CA VAL U 74 -58.57 -32.23 -10.84
C VAL U 74 -59.52 -33.37 -10.59
N ASN U 75 -59.37 -34.44 -11.39
CA ASN U 75 -60.18 -35.63 -11.22
C ASN U 75 -59.30 -36.71 -10.61
N GLY U 76 -59.45 -36.94 -9.31
CA GLY U 76 -58.66 -37.95 -8.63
C GLY U 76 -58.57 -37.67 -7.14
N PRO U 77 -57.94 -38.56 -6.36
CA PRO U 77 -57.78 -38.41 -4.90
C PRO U 77 -57.29 -37.00 -4.55
N ILE U 78 -57.72 -36.45 -3.41
CA ILE U 78 -57.31 -35.10 -3.06
C ILE U 78 -55.82 -34.96 -2.72
N PRO U 79 -55.21 -35.95 -2.02
CA PRO U 79 -53.79 -35.77 -1.74
C PRO U 79 -52.93 -35.60 -3.00
N ASP U 80 -53.21 -36.39 -4.04
CA ASP U 80 -52.45 -36.27 -5.29
C ASP U 80 -52.82 -34.98 -6.02
N ALA U 81 -54.09 -34.60 -5.96
CA ALA U 81 -54.54 -33.38 -6.61
C ALA U 81 -53.82 -32.17 -6.05
N ARG U 82 -53.65 -32.16 -4.72
CA ARG U 82 -52.95 -31.05 -4.07
C ARG U 82 -51.45 -31.05 -4.37
N ASN U 83 -50.87 -32.23 -4.52
CA ASN U 83 -49.47 -32.33 -4.87
C ASN U 83 -49.31 -31.62 -6.22
N ALA U 84 -50.12 -32.03 -7.20
CA ALA U 84 -50.09 -31.46 -8.55
C ALA U 84 -50.33 -29.96 -8.53
N ALA U 85 -51.27 -29.52 -7.71
CA ALA U 85 -51.60 -28.10 -7.61
C ALA U 85 -50.41 -27.28 -7.15
N LEU U 86 -49.76 -27.72 -6.07
CA LEU U 86 -48.60 -27.01 -5.55
C LEU U 86 -47.50 -26.89 -6.59
N ARG U 87 -47.18 -28.00 -7.23
CA ARG U 87 -46.14 -28.02 -8.25
C ARG U 87 -46.47 -27.04 -9.36
N ALA U 88 -47.70 -27.12 -9.85
CA ALA U 88 -48.14 -26.23 -10.93
C ALA U 88 -47.99 -24.76 -10.55
N LYS U 89 -48.37 -24.42 -9.33
CA LYS U 89 -48.28 -23.04 -8.84
C LYS U 89 -46.83 -22.56 -8.80
N ALA U 90 -45.95 -23.44 -8.31
CA ALA U 90 -44.52 -23.16 -8.22
C ALA U 90 -43.95 -22.96 -9.62
N GLU U 91 -44.31 -23.85 -10.54
CA GLU U 91 -43.85 -23.78 -11.92
C GLU U 91 -44.32 -22.50 -12.61
N ALA U 92 -45.56 -22.10 -12.33
CA ALA U 92 -46.09 -20.91 -12.95
C ALA U 92 -45.42 -19.65 -12.41
N ALA U 93 -45.07 -19.66 -11.13
CA ALA U 93 -44.42 -18.51 -10.50
C ALA U 93 -42.98 -18.38 -10.99
N GLU U 94 -42.28 -19.50 -11.02
CA GLU U 94 -40.90 -19.51 -11.48
C GLU U 94 -40.79 -19.06 -12.94
N PHE U 95 -41.68 -19.57 -13.79
CA PHE U 95 -41.69 -19.22 -15.20
C PHE U 95 -41.78 -17.71 -15.39
N ARG U 96 -42.68 -17.07 -14.65
CA ARG U 96 -42.87 -15.63 -14.74
C ARG U 96 -41.57 -14.89 -14.40
N TYR U 97 -40.89 -15.38 -13.35
CA TYR U 97 -39.65 -14.80 -12.87
C TYR U 97 -38.53 -14.95 -13.90
N LYS U 98 -38.39 -16.15 -14.45
CA LYS U 98 -37.36 -16.43 -15.43
C LYS U 98 -37.58 -15.84 -16.82
N TYR U 99 -38.81 -15.82 -17.30
CA TYR U 99 -39.07 -15.33 -18.66
C TYR U 99 -39.78 -14.00 -18.84
N GLY U 100 -40.18 -13.37 -17.74
CA GLY U 100 -40.81 -12.06 -17.82
C GLY U 100 -42.26 -11.97 -18.28
N TYR U 101 -42.93 -13.11 -18.46
CA TYR U 101 -44.34 -13.08 -18.85
C TYR U 101 -45.05 -14.28 -18.26
N ASP U 102 -46.36 -14.17 -18.10
CA ASP U 102 -47.17 -15.23 -17.50
C ASP U 102 -47.14 -16.54 -18.27
N MET U 103 -46.95 -17.64 -17.55
CA MET U 103 -46.88 -18.94 -18.18
C MET U 103 -48.20 -19.27 -18.86
N PRO U 104 -48.14 -19.60 -20.16
CA PRO U 104 -49.35 -19.94 -20.90
C PRO U 104 -49.92 -21.27 -20.40
N CYS U 105 -51.23 -21.36 -20.40
CA CYS U 105 -51.96 -22.54 -19.96
C CYS U 105 -51.48 -23.81 -20.67
N ASP U 106 -51.37 -23.76 -21.99
CA ASP U 106 -50.91 -24.91 -22.76
C ASP U 106 -49.48 -25.30 -22.38
N VAL U 107 -48.65 -24.30 -22.09
CA VAL U 107 -47.27 -24.57 -21.71
C VAL U 107 -47.19 -25.24 -20.35
N LEU U 108 -47.95 -24.73 -19.38
CA LEU U 108 -47.98 -25.32 -18.05
C LEU U 108 -48.50 -26.75 -18.13
N ALA U 109 -49.43 -27.01 -19.04
CA ALA U 109 -49.96 -28.34 -19.22
C ALA U 109 -48.82 -29.24 -19.70
N LYS U 110 -48.09 -28.80 -20.72
CA LYS U 110 -46.98 -29.58 -21.27
C LYS U 110 -45.97 -29.89 -20.17
N ARG U 111 -45.62 -28.87 -19.40
CA ARG U 111 -44.68 -29.03 -18.32
C ARG U 111 -45.11 -30.09 -17.32
N MET U 112 -46.40 -30.06 -16.94
CA MET U 112 -46.94 -31.04 -16.00
C MET U 112 -47.01 -32.41 -16.65
N ALA U 113 -47.35 -32.42 -17.94
CA ALA U 113 -47.43 -33.68 -18.67
C ALA U 113 -46.05 -34.33 -18.69
N ASN U 114 -45.01 -33.53 -18.93
CA ASN U 114 -43.64 -34.02 -18.98
C ASN U 114 -43.24 -34.60 -17.62
N LEU U 115 -43.58 -33.89 -16.55
CA LEU U 115 -43.28 -34.36 -15.21
C LEU U 115 -43.92 -35.74 -15.05
N SER U 116 -45.18 -35.89 -15.49
CA SER U 116 -45.88 -37.17 -15.38
C SER U 116 -45.20 -38.26 -16.21
N GLN U 117 -44.85 -37.91 -17.45
CA GLN U 117 -44.17 -38.84 -18.34
C GLN U 117 -42.98 -39.48 -17.61
N ILE U 118 -42.32 -38.68 -16.78
CA ILE U 118 -41.17 -39.18 -16.04
C ILE U 118 -41.50 -40.28 -15.04
N TYR U 119 -42.61 -40.15 -14.30
CA TYR U 119 -42.97 -41.18 -13.33
C TYR U 119 -43.26 -42.50 -14.07
N THR U 120 -43.55 -42.33 -15.36
CA THR U 120 -43.84 -43.39 -16.31
C THR U 120 -42.59 -44.21 -16.70
N GLN U 121 -41.42 -43.53 -16.69
CA GLN U 121 -40.14 -44.15 -17.08
C GLN U 121 -39.20 -44.48 -15.93
N ARG U 122 -39.18 -43.65 -14.89
CA ARG U 122 -38.33 -43.91 -13.73
C ARG U 122 -39.10 -44.79 -12.76
N ALA U 123 -38.47 -45.87 -12.32
CA ALA U 123 -39.11 -46.82 -11.42
C ALA U 123 -39.40 -46.38 -9.99
N TYR U 124 -38.61 -45.46 -9.45
CA TYR U 124 -38.84 -45.05 -8.07
C TYR U 124 -39.97 -44.05 -7.87
N MET U 125 -40.43 -43.43 -8.95
CA MET U 125 -41.54 -42.48 -8.89
C MET U 125 -42.85 -43.15 -9.33
N ARG U 126 -43.91 -42.97 -8.55
CA ARG U 126 -45.21 -43.55 -8.93
C ARG U 126 -46.02 -42.48 -9.65
N PRO U 127 -46.86 -42.88 -10.60
CA PRO U 127 -47.65 -41.87 -11.30
C PRO U 127 -48.67 -41.28 -10.31
N LEU U 128 -49.18 -40.08 -10.60
CA LEU U 128 -50.18 -39.48 -9.74
C LEU U 128 -51.55 -39.87 -10.32
N GLY U 129 -52.41 -40.45 -9.49
CA GLY U 129 -53.72 -40.87 -9.97
C GLY U 129 -54.67 -39.72 -10.20
N VAL U 130 -54.28 -38.78 -11.05
CA VAL U 130 -55.13 -37.63 -11.30
C VAL U 130 -55.11 -37.23 -12.77
N ILE U 131 -56.15 -36.51 -13.17
CA ILE U 131 -56.25 -35.99 -14.52
C ILE U 131 -56.43 -34.49 -14.31
N LEU U 132 -55.54 -33.72 -14.92
CA LEU U 132 -55.56 -32.27 -14.77
C LEU U 132 -56.13 -31.56 -15.98
N THR U 133 -57.08 -30.67 -15.72
CA THR U 133 -57.70 -29.90 -16.79
C THR U 133 -57.33 -28.45 -16.51
N PHE U 134 -56.56 -27.85 -17.41
CA PHE U 134 -56.13 -26.46 -17.22
C PHE U 134 -56.93 -25.56 -18.13
N VAL U 135 -57.32 -24.42 -17.59
CA VAL U 135 -58.10 -23.45 -18.35
C VAL U 135 -57.64 -22.04 -18.09
N SER U 136 -57.88 -21.18 -19.06
CA SER U 136 -57.52 -19.77 -19.00
C SER U 136 -57.93 -19.13 -20.31
N VAL U 137 -57.69 -17.83 -20.39
CA VAL U 137 -57.95 -17.09 -21.61
C VAL U 137 -56.55 -16.58 -21.99
N ASP U 138 -55.81 -17.42 -22.70
CA ASP U 138 -54.46 -17.10 -23.13
C ASP U 138 -54.37 -15.79 -23.91
N GLU U 139 -53.31 -15.01 -23.66
CA GLU U 139 -53.14 -13.74 -24.35
C GLU U 139 -52.81 -13.92 -25.82
N GLU U 140 -52.45 -15.15 -26.21
CA GLU U 140 -52.15 -15.41 -27.60
C GLU U 140 -53.14 -16.37 -28.25
N LEU U 141 -53.59 -17.35 -27.49
CA LEU U 141 -54.52 -18.36 -28.01
C LEU U 141 -55.99 -18.17 -27.63
N GLY U 142 -56.27 -17.24 -26.74
CA GLY U 142 -57.65 -17.04 -26.33
C GLY U 142 -58.08 -18.15 -25.40
N PRO U 143 -59.39 -18.32 -25.16
CA PRO U 143 -59.93 -19.37 -24.28
C PRO U 143 -59.22 -20.68 -24.52
N SER U 144 -58.71 -21.31 -23.46
CA SER U 144 -57.98 -22.56 -23.64
C SER U 144 -58.25 -23.65 -22.61
N ILE U 145 -58.29 -24.89 -23.10
CA ILE U 145 -58.50 -26.06 -22.24
C ILE U 145 -57.44 -27.07 -22.64
N TYR U 146 -56.60 -27.44 -21.68
CA TYR U 146 -55.55 -28.43 -21.92
C TYR U 146 -55.61 -29.43 -20.77
N LYS U 147 -55.63 -30.72 -21.10
CA LYS U 147 -55.75 -31.74 -20.08
C LYS U 147 -54.63 -32.75 -20.14
N THR U 148 -54.16 -33.17 -18.98
CA THR U 148 -53.07 -34.14 -18.90
C THR U 148 -53.48 -35.31 -18.01
N ASP U 149 -52.91 -36.49 -18.29
CA ASP U 149 -53.23 -37.70 -17.54
C ASP U 149 -51.98 -38.41 -16.99
N PRO U 150 -52.17 -39.50 -16.23
CA PRO U 150 -51.04 -40.26 -15.66
C PRO U 150 -50.07 -40.84 -16.68
N ALA U 151 -50.46 -40.83 -17.94
CA ALA U 151 -49.59 -41.37 -18.98
C ALA U 151 -48.61 -40.31 -19.48
N GLY U 152 -48.83 -39.05 -19.09
CA GLY U 152 -47.96 -37.98 -19.53
C GLY U 152 -48.45 -37.42 -20.85
N TYR U 153 -49.68 -37.76 -21.20
CA TYR U 153 -50.28 -37.29 -22.43
C TYR U 153 -51.05 -36.00 -22.19
N TYR U 154 -51.12 -35.14 -23.20
CA TYR U 154 -51.88 -33.90 -23.07
C TYR U 154 -52.28 -33.35 -24.44
N VAL U 155 -53.34 -32.57 -24.45
CA VAL U 155 -53.81 -31.99 -25.70
C VAL U 155 -54.82 -30.91 -25.37
N GLY U 156 -55.09 -30.06 -26.36
CA GLY U 156 -56.06 -28.99 -26.18
C GLY U 156 -57.41 -29.47 -26.65
N TYR U 157 -58.47 -28.92 -26.04
CA TYR U 157 -59.83 -29.30 -26.37
C TYR U 157 -60.70 -28.07 -26.65
N LYS U 158 -61.77 -28.29 -27.42
CA LYS U 158 -62.74 -27.25 -27.72
C LYS U 158 -63.64 -27.24 -26.48
N ALA U 159 -63.73 -28.42 -25.88
CA ALA U 159 -64.51 -28.68 -24.66
C ALA U 159 -64.14 -30.10 -24.25
N THR U 160 -64.34 -30.45 -22.99
CA THR U 160 -63.98 -31.79 -22.55
C THR U 160 -64.69 -32.15 -21.26
N ALA U 161 -64.66 -33.43 -20.91
CA ALA U 161 -65.32 -33.92 -19.69
C ALA U 161 -64.45 -35.00 -19.11
N THR U 162 -64.51 -35.16 -17.79
CA THR U 162 -63.70 -36.16 -17.09
C THR U 162 -64.46 -36.70 -15.90
N GLY U 163 -64.28 -37.99 -15.62
CA GLY U 163 -64.95 -38.62 -14.50
C GLY U 163 -65.64 -39.91 -14.89
N PRO U 164 -66.30 -40.59 -13.94
CA PRO U 164 -67.00 -41.85 -14.20
C PRO U 164 -67.95 -41.80 -15.39
N LYS U 165 -68.76 -40.75 -15.47
CA LYS U 165 -69.71 -40.62 -16.56
C LYS U 165 -69.20 -39.66 -17.61
N GLN U 166 -67.89 -39.72 -17.83
CA GLN U 166 -67.21 -38.89 -18.80
C GLN U 166 -67.78 -39.07 -20.21
N GLN U 167 -67.94 -40.33 -20.62
CA GLN U 167 -68.47 -40.65 -21.95
C GLN U 167 -69.82 -40.01 -22.29
N GLU U 168 -70.75 -40.07 -21.34
CA GLU U 168 -72.07 -39.48 -21.57
C GLU U 168 -71.95 -37.98 -21.78
N ILE U 169 -71.20 -37.33 -20.91
CA ILE U 169 -71.02 -35.89 -21.01
C ILE U 169 -70.34 -35.52 -22.33
N THR U 170 -69.38 -36.34 -22.74
CA THR U 170 -68.66 -36.08 -23.98
C THR U 170 -69.52 -36.19 -25.24
N THR U 171 -70.29 -37.27 -25.37
CA THR U 171 -71.15 -37.43 -26.54
C THR U 171 -72.22 -36.35 -26.55
N ASN U 172 -72.62 -35.90 -25.37
CA ASN U 172 -73.62 -34.84 -25.27
C ASN U 172 -72.99 -33.60 -25.91
N LEU U 173 -71.81 -33.21 -25.41
CA LEU U 173 -71.12 -32.04 -25.94
C LEU U 173 -70.82 -32.20 -27.43
N GLU U 174 -70.39 -33.38 -27.83
CA GLU U 174 -70.08 -33.65 -29.23
C GLU U 174 -71.28 -33.30 -30.10
N ASN U 175 -72.43 -33.84 -29.73
CA ASN U 175 -73.68 -33.62 -30.46
C ASN U 175 -73.96 -32.15 -30.65
N HIS U 176 -73.89 -31.39 -29.56
CA HIS U 176 -74.15 -29.95 -29.63
C HIS U 176 -73.25 -29.22 -30.63
N PHE U 177 -71.96 -29.56 -30.65
CA PHE U 177 -71.05 -28.90 -31.58
C PHE U 177 -71.25 -29.37 -33.02
N LYS U 178 -71.70 -30.60 -33.22
CA LYS U 178 -71.96 -31.11 -34.57
C LYS U 178 -73.07 -30.22 -35.13
N LYS U 179 -73.96 -29.84 -34.24
CA LYS U 179 -75.11 -28.99 -34.55
C LYS U 179 -74.70 -27.54 -34.82
N SER U 180 -74.15 -26.89 -33.79
CA SER U 180 -73.72 -25.49 -33.89
C SER U 180 -72.67 -25.23 -34.97
N LYS U 181 -71.88 -26.25 -35.31
CA LYS U 181 -70.85 -26.12 -36.34
C LYS U 181 -69.67 -25.21 -35.98
N ILE U 182 -69.67 -24.68 -34.75
CA ILE U 182 -68.59 -23.84 -34.27
C ILE U 182 -67.93 -24.59 -33.13
N ASP U 183 -66.70 -24.21 -32.77
CA ASP U 183 -65.97 -24.88 -31.71
C ASP U 183 -65.97 -24.13 -30.38
N HIS U 184 -67.09 -23.50 -30.05
CA HIS U 184 -67.21 -22.74 -28.80
C HIS U 184 -68.64 -22.29 -28.57
N ILE U 185 -68.94 -21.87 -27.35
CA ILE U 185 -70.27 -21.40 -27.00
C ILE U 185 -70.35 -19.92 -27.39
N ASN U 186 -71.07 -19.62 -28.47
CA ASN U 186 -71.18 -18.25 -28.95
C ASN U 186 -71.97 -17.32 -28.02
N GLU U 187 -71.43 -17.11 -26.82
CA GLU U 187 -72.07 -16.24 -25.83
C GLU U 187 -71.09 -15.15 -25.39
N GLU U 188 -71.61 -13.95 -25.12
CA GLU U 188 -70.74 -12.83 -24.74
C GLU U 188 -70.44 -12.81 -23.25
N SER U 189 -71.40 -13.21 -22.44
CA SER U 189 -71.18 -13.22 -20.99
C SER U 189 -70.77 -14.60 -20.52
N TRP U 190 -69.89 -14.64 -19.53
CA TRP U 190 -69.46 -15.93 -19.00
C TRP U 190 -70.61 -16.58 -18.24
N GLU U 191 -71.48 -15.74 -17.67
CA GLU U 191 -72.63 -16.23 -16.92
C GLU U 191 -73.46 -17.19 -17.77
N LYS U 192 -73.71 -16.82 -19.02
CA LYS U 192 -74.48 -17.68 -19.91
C LYS U 192 -73.69 -18.93 -20.28
N VAL U 193 -72.37 -18.80 -20.43
CA VAL U 193 -71.55 -19.96 -20.75
C VAL U 193 -71.62 -20.90 -19.55
N VAL U 194 -71.54 -20.33 -18.35
CA VAL U 194 -71.64 -21.13 -17.14
C VAL U 194 -73.00 -21.87 -17.11
N GLU U 195 -74.05 -21.16 -17.52
CA GLU U 195 -75.40 -21.74 -17.54
C GLU U 195 -75.48 -22.85 -18.59
N PHE U 196 -74.84 -22.62 -19.74
CA PHE U 196 -74.81 -23.62 -20.79
C PHE U 196 -74.13 -24.86 -20.24
N ALA U 197 -72.97 -24.63 -19.64
CA ALA U 197 -72.18 -25.69 -19.04
C ALA U 197 -73.02 -26.51 -18.06
N ILE U 198 -73.63 -25.84 -17.10
CA ILE U 198 -74.46 -26.53 -16.11
C ILE U 198 -75.64 -27.25 -16.75
N THR U 199 -76.27 -26.63 -17.74
CA THR U 199 -77.41 -27.26 -18.40
C THR U 199 -77.02 -28.60 -19.00
N HIS U 200 -76.04 -28.59 -19.90
CA HIS U 200 -75.62 -29.84 -20.54
C HIS U 200 -75.11 -30.85 -19.53
N MET U 201 -74.64 -30.38 -18.39
CA MET U 201 -74.18 -31.26 -17.34
C MET U 201 -75.40 -32.05 -16.84
N ILE U 202 -76.51 -31.33 -16.65
CA ILE U 202 -77.76 -31.93 -16.20
C ILE U 202 -78.35 -32.92 -17.21
N ASP U 203 -78.41 -32.52 -18.48
CA ASP U 203 -78.95 -33.38 -19.54
C ASP U 203 -78.18 -34.69 -19.64
N ALA U 204 -76.86 -34.58 -19.64
CA ALA U 204 -76.00 -35.74 -19.76
C ALA U 204 -76.07 -36.66 -18.55
N LEU U 205 -76.01 -36.10 -17.35
CA LEU U 205 -76.05 -36.92 -16.15
C LEU U 205 -77.49 -37.26 -15.75
N GLY U 206 -78.45 -36.58 -16.35
CA GLY U 206 -79.84 -36.82 -16.03
C GLY U 206 -80.10 -36.55 -14.56
N THR U 207 -79.49 -35.49 -14.01
CA THR U 207 -79.68 -35.15 -12.61
C THR U 207 -79.84 -33.66 -12.43
N GLU U 208 -80.62 -33.30 -11.41
CA GLU U 208 -80.87 -31.91 -11.07
C GLU U 208 -79.79 -31.53 -10.05
N PHE U 209 -79.51 -30.23 -9.93
CA PHE U 209 -78.49 -29.79 -8.99
C PHE U 209 -78.96 -28.66 -8.10
N SER U 210 -78.46 -28.63 -6.86
CA SER U 210 -78.77 -27.55 -5.94
C SER U 210 -77.52 -26.65 -6.00
N LYS U 211 -77.51 -25.56 -5.24
CA LYS U 211 -76.37 -24.66 -5.27
C LYS U 211 -75.14 -25.26 -4.56
N ASN U 212 -75.33 -26.40 -3.89
CA ASN U 212 -74.22 -27.03 -3.20
C ASN U 212 -73.79 -28.35 -3.83
N ASP U 213 -74.33 -28.66 -5.00
CA ASP U 213 -73.99 -29.90 -5.70
C ASP U 213 -72.94 -29.63 -6.76
N LEU U 214 -72.65 -28.35 -6.98
CA LEU U 214 -71.67 -27.95 -7.97
C LEU U 214 -70.52 -27.10 -7.45
N GLU U 215 -69.57 -26.90 -8.35
CA GLU U 215 -68.35 -26.13 -8.12
C GLU U 215 -68.10 -25.51 -9.50
N VAL U 216 -67.93 -24.19 -9.56
CA VAL U 216 -67.70 -23.55 -10.85
C VAL U 216 -66.45 -22.69 -10.87
N GLY U 217 -65.73 -22.72 -11.98
CA GLY U 217 -64.54 -21.92 -12.14
C GLY U 217 -64.66 -21.19 -13.44
N VAL U 218 -64.27 -19.92 -13.47
CA VAL U 218 -64.34 -19.12 -14.69
C VAL U 218 -63.04 -18.40 -14.95
N ALA U 219 -62.61 -18.43 -16.21
CA ALA U 219 -61.38 -17.77 -16.61
C ALA U 219 -61.72 -16.72 -17.66
N THR U 220 -61.16 -15.53 -17.49
CA THR U 220 -61.38 -14.44 -18.43
C THR U 220 -60.04 -13.76 -18.69
N LYS U 221 -60.05 -12.75 -19.56
CA LYS U 221 -58.84 -12.01 -19.86
C LYS U 221 -58.27 -11.49 -18.54
N ASP U 222 -57.04 -11.91 -18.24
CA ASP U 222 -56.36 -11.47 -17.02
C ASP U 222 -56.92 -11.92 -15.68
N LYS U 223 -57.76 -12.94 -15.66
CA LYS U 223 -58.24 -13.44 -14.38
C LYS U 223 -59.06 -14.72 -14.40
N PHE U 224 -58.79 -15.57 -13.40
CA PHE U 224 -59.51 -16.82 -13.21
C PHE U 224 -60.04 -16.82 -11.79
N PHE U 225 -61.34 -17.06 -11.64
CA PHE U 225 -61.98 -17.08 -10.33
C PHE U 225 -63.02 -18.19 -10.24
N THR U 226 -63.38 -18.55 -9.01
CA THR U 226 -64.39 -19.59 -8.79
C THR U 226 -65.63 -18.94 -8.19
N LEU U 227 -66.81 -19.38 -8.64
CA LEU U 227 -68.09 -18.85 -8.15
C LEU U 227 -68.41 -19.36 -6.76
N SER U 228 -69.30 -18.65 -6.08
CA SER U 228 -69.72 -19.02 -4.73
C SER U 228 -71.07 -19.72 -4.80
N ALA U 229 -71.53 -20.26 -3.67
CA ALA U 229 -72.81 -20.95 -3.63
C ALA U 229 -73.90 -20.02 -4.15
N GLU U 230 -73.83 -18.75 -3.76
CA GLU U 230 -74.82 -17.78 -4.21
C GLU U 230 -74.64 -17.34 -5.65
N ASN U 231 -73.40 -17.33 -6.13
CA ASN U 231 -73.12 -16.94 -7.51
C ASN U 231 -73.70 -18.03 -8.40
N ILE U 232 -73.67 -19.26 -7.86
CA ILE U 232 -74.16 -20.45 -8.55
C ILE U 232 -75.69 -20.48 -8.51
N GLU U 233 -76.25 -20.28 -7.33
CA GLU U 233 -77.69 -20.28 -7.14
C GLU U 233 -78.34 -19.36 -8.16
N GLU U 234 -77.69 -18.23 -8.43
CA GLU U 234 -78.19 -17.26 -9.39
C GLU U 234 -78.23 -17.90 -10.78
N ARG U 235 -77.22 -18.72 -11.06
CA ARG U 235 -77.11 -19.43 -12.34
C ARG U 235 -78.22 -20.48 -12.45
N LEU U 236 -78.40 -21.24 -11.39
CA LEU U 236 -79.40 -22.30 -11.31
C LEU U 236 -80.83 -21.76 -11.47
N VAL U 237 -81.04 -20.55 -10.96
CA VAL U 237 -82.35 -19.91 -11.06
C VAL U 237 -82.62 -19.56 -12.52
N ALA U 238 -81.64 -18.92 -13.15
CA ALA U 238 -81.76 -18.51 -14.53
C ALA U 238 -82.07 -19.69 -15.46
N ILE U 239 -81.37 -20.81 -15.31
CA ILE U 239 -81.61 -21.97 -16.17
C ILE U 239 -82.99 -22.53 -15.93
N ALA U 240 -83.49 -22.39 -14.71
CA ALA U 240 -84.81 -22.90 -14.34
C ALA U 240 -85.88 -22.14 -15.11
N GLU U 241 -85.73 -20.82 -15.19
CA GLU U 241 -86.69 -19.97 -15.90
C GLU U 241 -86.44 -20.05 -17.39
N GLN U 242 -86.67 -21.24 -17.95
CA GLN U 242 -86.46 -21.49 -19.36
C GLN U 242 -86.97 -22.90 -19.65
N ASP U 243 -87.01 -23.70 -18.58
CA ASP U 243 -87.48 -25.09 -18.61
C ASP U 243 -88.88 -25.16 -17.98
N THR V 1 -16.45 2.46 -29.26
CA THR V 1 -17.75 1.87 -29.66
C THR V 1 -18.90 2.90 -29.54
N THR V 2 -19.80 2.91 -30.52
CA THR V 2 -20.96 3.81 -30.49
C THR V 2 -22.19 3.00 -30.93
N ILE V 3 -23.16 2.84 -30.05
CA ILE V 3 -24.37 2.11 -30.40
C ILE V 3 -25.57 2.88 -29.93
N VAL V 4 -26.63 2.86 -30.75
CA VAL V 4 -27.86 3.56 -30.42
C VAL V 4 -29.05 2.70 -30.78
N GLY V 5 -30.19 3.04 -30.20
CA GLY V 5 -31.43 2.33 -30.47
C GLY V 5 -32.49 3.42 -30.51
N VAL V 6 -33.33 3.41 -31.53
CA VAL V 6 -34.39 4.42 -31.64
C VAL V 6 -35.74 3.82 -31.99
N LYS V 7 -36.76 4.17 -31.21
CA LYS V 7 -38.12 3.69 -31.44
C LYS V 7 -38.79 4.60 -32.46
N PHE V 8 -39.62 4.02 -33.33
CA PHE V 8 -40.35 4.80 -34.32
C PHE V 8 -41.79 4.28 -34.38
N ASN V 9 -42.70 5.09 -34.92
CA ASN V 9 -44.14 4.75 -34.98
C ASN V 9 -44.59 3.29 -35.06
N ASN V 10 -43.84 2.42 -35.75
CA ASN V 10 -44.27 1.04 -35.86
C ASN V 10 -43.14 0.02 -35.73
N GLY V 11 -42.17 0.32 -34.86
CA GLY V 11 -41.06 -0.59 -34.67
C GLY V 11 -39.89 0.03 -33.92
N VAL V 12 -38.70 -0.46 -34.20
CA VAL V 12 -37.52 0.01 -33.52
C VAL V 12 -36.31 -0.21 -34.44
N VAL V 13 -35.29 0.62 -34.29
CA VAL V 13 -34.08 0.50 -35.10
C VAL V 13 -32.85 0.65 -34.22
N ILE V 14 -31.80 -0.10 -34.54
CA ILE V 14 -30.56 -0.01 -33.78
C ILE V 14 -29.39 0.08 -34.77
N ALA V 15 -28.40 0.90 -34.44
CA ALA V 15 -27.22 1.07 -35.30
C ALA V 15 -25.95 1.07 -34.46
N ALA V 16 -24.81 0.94 -35.13
CA ALA V 16 -23.52 0.92 -34.46
C ALA V 16 -22.38 1.22 -35.44
N ASP V 17 -21.22 1.58 -34.91
CA ASP V 17 -20.08 1.86 -35.77
C ASP V 17 -19.39 0.51 -36.00
N THR V 18 -18.32 0.48 -36.79
CA THR V 18 -17.65 -0.79 -37.06
C THR V 18 -16.19 -0.88 -36.66
N ARG V 19 -15.71 0.10 -35.91
CA ARG V 19 -14.32 0.09 -35.47
C ARG V 19 -14.11 -0.80 -34.24
N SER V 20 -12.97 -1.49 -34.21
CA SER V 20 -12.60 -2.37 -33.11
C SER V 20 -11.16 -2.01 -32.72
N THR V 21 -10.90 -1.79 -31.43
CA THR V 21 -9.56 -1.39 -31.03
C THR V 21 -8.90 -2.19 -29.92
N GLN V 22 -7.57 -2.14 -29.91
CA GLN V 22 -6.75 -2.78 -28.87
C GLN V 22 -5.92 -1.57 -28.44
N GLY V 23 -6.35 -0.92 -27.37
CA GLY V 23 -5.60 0.23 -26.93
C GLY V 23 -5.77 1.27 -28.02
N PRO V 24 -4.70 1.93 -28.47
CA PRO V 24 -4.87 2.95 -29.51
C PRO V 24 -4.84 2.38 -30.95
N ILE V 25 -4.63 1.08 -31.06
CA ILE V 25 -4.55 0.44 -32.37
C ILE V 25 -5.89 -0.06 -32.87
N VAL V 26 -6.18 0.18 -34.14
CA VAL V 26 -7.43 -0.29 -34.75
C VAL V 26 -7.17 -1.70 -35.25
N ALA V 27 -7.70 -2.69 -34.54
CA ALA V 27 -7.53 -4.09 -34.92
C ALA V 27 -8.46 -4.51 -36.07
N ASP V 28 -9.72 -4.08 -36.01
CA ASP V 28 -10.69 -4.42 -37.04
C ASP V 28 -11.40 -3.13 -37.49
N LYS V 29 -11.31 -2.83 -38.78
CA LYS V 29 -11.93 -1.64 -39.31
C LYS V 29 -13.38 -1.87 -39.64
N ASN V 30 -13.79 -3.13 -39.67
CA ASN V 30 -15.19 -3.44 -39.98
C ASN V 30 -15.74 -4.62 -39.19
N CYS V 31 -15.84 -4.47 -37.87
CA CYS V 31 -16.38 -5.57 -37.07
C CYS V 31 -17.84 -5.27 -36.80
N ALA V 32 -18.64 -6.32 -36.65
CA ALA V 32 -20.06 -6.17 -36.40
C ALA V 32 -20.39 -6.06 -34.92
N LYS V 33 -21.04 -4.97 -34.54
CA LYS V 33 -21.42 -4.78 -33.15
C LYS V 33 -22.91 -5.06 -32.94
N LEU V 34 -23.56 -5.55 -34.01
CA LEU V 34 -24.97 -5.89 -33.99
C LEU V 34 -25.09 -7.41 -33.91
N HIS V 35 -25.96 -7.88 -33.03
CA HIS V 35 -26.13 -9.32 -32.82
C HIS V 35 -27.58 -9.75 -32.89
N ARG V 36 -27.83 -10.90 -33.51
CA ARG V 36 -29.18 -11.42 -33.59
C ARG V 36 -29.40 -12.38 -32.42
N ILE V 37 -30.49 -12.19 -31.69
CA ILE V 37 -30.81 -13.07 -30.57
C ILE V 37 -31.81 -14.08 -31.09
N SER V 38 -32.80 -13.58 -31.81
CA SER V 38 -33.82 -14.43 -32.44
C SER V 38 -34.04 -13.70 -33.76
N PRO V 39 -34.87 -14.26 -34.66
CA PRO V 39 -35.07 -13.57 -35.94
C PRO V 39 -35.49 -12.11 -35.81
N LYS V 40 -36.36 -11.79 -34.86
CA LYS V 40 -36.81 -10.42 -34.72
C LYS V 40 -36.43 -9.68 -33.44
N ILE V 41 -35.35 -10.14 -32.81
CA ILE V 41 -34.83 -9.52 -31.60
C ILE V 41 -33.33 -9.37 -31.82
N TRP V 42 -32.87 -8.14 -31.95
CA TRP V 42 -31.46 -7.91 -32.17
C TRP V 42 -30.82 -7.10 -31.06
N CYS V 43 -29.50 -7.16 -31.01
CA CYS V 43 -28.72 -6.50 -30.00
C CYS V 43 -27.59 -5.66 -30.54
N ALA V 44 -27.34 -4.53 -29.88
CA ALA V 44 -26.21 -3.67 -30.23
C ALA V 44 -25.35 -3.84 -28.98
N GLY V 45 -24.09 -4.22 -29.15
CA GLY V 45 -23.25 -4.44 -27.99
C GLY V 45 -21.96 -3.64 -27.87
N ALA V 46 -21.70 -3.18 -26.66
CA ALA V 46 -20.50 -2.40 -26.33
C ALA V 46 -19.80 -3.05 -25.12
N GLY V 47 -18.50 -2.76 -24.96
CA GLY V 47 -17.76 -3.34 -23.85
C GLY V 47 -16.73 -4.35 -24.31
N THR V 48 -16.83 -5.59 -23.84
CA THR V 48 -15.91 -6.64 -24.21
C THR V 48 -16.54 -7.49 -25.30
N ALA V 49 -15.98 -7.39 -26.51
CA ALA V 49 -16.45 -8.09 -27.69
C ALA V 49 -16.72 -9.58 -27.51
N ALA V 50 -15.78 -10.30 -26.91
CA ALA V 50 -15.98 -11.72 -26.70
C ALA V 50 -17.24 -11.91 -25.87
N ASP V 51 -17.46 -10.97 -24.94
CA ASP V 51 -18.61 -11.01 -24.05
C ASP V 51 -19.95 -10.64 -24.69
N THR V 52 -20.00 -9.54 -25.42
CA THR V 52 -21.27 -9.17 -26.04
C THR V 52 -21.71 -10.31 -26.97
N GLU V 53 -20.76 -10.89 -27.68
CA GLU V 53 -21.05 -11.99 -28.60
C GLU V 53 -21.47 -13.27 -27.88
N ALA V 54 -20.72 -13.65 -26.87
CA ALA V 54 -21.00 -14.88 -26.12
C ALA V 54 -22.33 -14.84 -25.38
N VAL V 55 -22.62 -13.71 -24.73
CA VAL V 55 -23.85 -13.57 -23.97
C VAL V 55 -25.04 -13.50 -24.93
N THR V 56 -24.82 -12.91 -26.09
CA THR V 56 -25.85 -12.76 -27.11
C THR V 56 -26.27 -14.10 -27.67
N GLN V 57 -25.31 -14.98 -27.86
CA GLN V 57 -25.62 -16.28 -28.42
C GLN V 57 -26.08 -17.30 -27.41
N LEU V 58 -25.68 -17.13 -26.15
CA LEU V 58 -26.08 -18.07 -25.11
C LEU V 58 -27.58 -17.90 -24.88
N ILE V 59 -27.99 -16.67 -24.64
CA ILE V 59 -29.39 -16.39 -24.43
C ILE V 59 -30.14 -16.69 -25.72
N GLY V 60 -29.50 -16.38 -26.86
CA GLY V 60 -30.14 -16.64 -28.13
C GLY V 60 -30.47 -18.11 -28.26
N SER V 61 -29.52 -18.93 -27.86
CA SER V 61 -29.66 -20.38 -27.90
C SER V 61 -30.82 -20.82 -27.02
N ASN V 62 -30.88 -20.28 -25.81
CA ASN V 62 -31.96 -20.66 -24.91
C ASN V 62 -33.30 -20.10 -25.35
N ILE V 63 -33.28 -18.93 -25.95
CA ILE V 63 -34.51 -18.34 -26.44
C ILE V 63 -35.08 -19.23 -27.54
N GLU V 64 -34.20 -19.74 -28.39
CA GLU V 64 -34.63 -20.61 -29.47
C GLU V 64 -35.27 -21.87 -28.89
N LEU V 65 -34.61 -22.49 -27.92
CA LEU V 65 -35.15 -23.70 -27.30
C LEU V 65 -36.47 -23.39 -26.57
N HIS V 66 -36.58 -22.21 -25.98
CA HIS V 66 -37.79 -21.81 -25.27
C HIS V 66 -38.92 -21.65 -26.27
N SER V 67 -38.58 -21.05 -27.41
CA SER V 67 -39.53 -20.83 -28.49
C SER V 67 -40.10 -22.17 -28.98
N LEU V 68 -39.23 -23.11 -29.30
CA LEU V 68 -39.65 -24.42 -29.75
C LEU V 68 -40.50 -25.12 -28.69
N TYR V 69 -40.12 -24.96 -27.43
CA TYR V 69 -40.83 -25.60 -26.33
C TYR V 69 -42.21 -25.02 -26.10
N THR V 70 -42.35 -23.71 -26.21
CA THR V 70 -43.64 -23.05 -25.99
C THR V 70 -44.44 -22.80 -27.25
N SER V 71 -43.85 -23.08 -28.40
CA SER V 71 -44.52 -22.88 -29.68
C SER V 71 -45.00 -21.44 -29.82
N ARG V 72 -44.17 -20.50 -29.39
CA ARG V 72 -44.48 -19.07 -29.47
C ARG V 72 -43.26 -18.26 -29.93
N GLU V 73 -43.53 -17.11 -30.54
CA GLU V 73 -42.44 -16.25 -30.99
C GLU V 73 -41.77 -15.71 -29.75
N PRO V 74 -40.43 -15.65 -29.75
CA PRO V 74 -39.69 -15.14 -28.60
C PRO V 74 -40.09 -13.71 -28.29
N ARG V 75 -40.11 -13.35 -27.03
CA ARG V 75 -40.45 -11.99 -26.63
C ARG V 75 -39.17 -11.30 -26.17
N VAL V 76 -39.14 -9.99 -26.34
CA VAL V 76 -37.98 -9.20 -25.95
C VAL V 76 -37.83 -9.19 -24.42
N VAL V 77 -38.93 -9.08 -23.69
CA VAL V 77 -38.85 -9.08 -22.23
C VAL V 77 -38.22 -10.39 -21.75
N SER V 78 -38.26 -11.43 -22.58
CA SER V 78 -37.67 -12.71 -22.18
C SER V 78 -36.16 -12.70 -22.39
N ALA V 79 -35.72 -12.21 -23.55
CA ALA V 79 -34.29 -12.15 -23.82
C ALA V 79 -33.69 -11.21 -22.78
N LEU V 80 -34.47 -10.20 -22.41
CA LEU V 80 -34.04 -9.20 -21.42
C LEU V 80 -33.88 -9.79 -20.01
N GLN V 81 -34.85 -10.58 -19.59
CA GLN V 81 -34.80 -11.16 -18.27
C GLN V 81 -33.66 -12.17 -18.18
N MET V 82 -33.48 -12.97 -19.23
CA MET V 82 -32.43 -13.98 -19.24
C MET V 82 -31.06 -13.34 -19.27
N LEU V 83 -30.95 -12.22 -19.98
CA LEU V 83 -29.68 -11.50 -20.07
C LEU V 83 -29.29 -10.86 -18.73
N LYS V 84 -30.20 -10.09 -18.16
CA LYS V 84 -29.89 -9.43 -16.90
C LYS V 84 -29.61 -10.40 -15.76
N GLN V 85 -30.37 -11.48 -15.67
CA GLN V 85 -30.12 -12.43 -14.58
C GLN V 85 -28.76 -13.11 -14.76
N HIS V 86 -28.35 -13.28 -16.02
CA HIS V 86 -27.07 -13.90 -16.30
C HIS V 86 -25.93 -12.91 -15.97
N LEU V 87 -26.06 -11.68 -16.47
CA LEU V 87 -25.06 -10.66 -16.20
C LEU V 87 -24.96 -10.36 -14.72
N PHE V 88 -26.10 -10.29 -14.04
CA PHE V 88 -26.11 -10.00 -12.61
C PHE V 88 -25.34 -11.07 -11.83
N LYS V 89 -25.59 -12.32 -12.18
CA LYS V 89 -24.95 -13.44 -11.54
C LYS V 89 -23.43 -13.26 -11.58
N TYR V 90 -22.91 -12.70 -12.66
CA TYR V 90 -21.47 -12.51 -12.82
C TYR V 90 -20.91 -11.18 -12.34
N GLN V 91 -21.68 -10.50 -11.51
CA GLN V 91 -21.29 -9.24 -10.93
C GLN V 91 -20.47 -8.28 -11.78
N GLY V 92 -20.81 -8.15 -13.06
CA GLY V 92 -20.10 -7.22 -13.93
C GLY V 92 -18.83 -7.74 -14.59
N HIS V 93 -18.44 -8.98 -14.27
CA HIS V 93 -17.23 -9.56 -14.86
C HIS V 93 -17.40 -9.91 -16.33
N ILE V 94 -18.64 -9.96 -16.80
CA ILE V 94 -18.90 -10.21 -18.19
C ILE V 94 -19.22 -8.82 -18.71
N GLY V 95 -18.21 -8.18 -19.29
CA GLY V 95 -18.34 -6.82 -19.80
C GLY V 95 -19.27 -6.57 -20.97
N ALA V 96 -20.54 -6.91 -20.78
CA ALA V 96 -21.53 -6.74 -21.82
C ALA V 96 -22.45 -5.56 -21.52
N TYR V 97 -22.47 -4.60 -22.43
CA TYR V 97 -23.34 -3.43 -22.31
C TYR V 97 -24.13 -3.48 -23.60
N LEU V 98 -25.42 -3.76 -23.48
CA LEU V 98 -26.25 -3.93 -24.66
C LEU V 98 -27.50 -3.08 -24.75
N ILE V 99 -27.89 -2.84 -26.01
CA ILE V 99 -29.12 -2.14 -26.32
C ILE V 99 -29.88 -3.24 -27.05
N VAL V 100 -30.87 -3.80 -26.38
CA VAL V 100 -31.67 -4.88 -26.94
C VAL V 100 -33.04 -4.38 -27.42
N ALA V 101 -33.36 -4.71 -28.68
CA ALA V 101 -34.61 -4.31 -29.28
C ALA V 101 -35.23 -5.45 -30.08
N GLY V 102 -36.47 -5.25 -30.51
CA GLY V 102 -37.13 -6.26 -31.31
C GLY V 102 -38.64 -6.14 -31.26
N VAL V 103 -39.30 -6.95 -32.09
CA VAL V 103 -40.76 -6.95 -32.13
C VAL V 103 -41.21 -8.37 -31.83
N ASP V 104 -42.37 -8.49 -31.20
CA ASP V 104 -42.90 -9.81 -30.86
C ASP V 104 -44.42 -9.69 -30.73
N PRO V 105 -45.11 -10.78 -30.42
CA PRO V 105 -46.56 -10.72 -30.29
C PRO V 105 -47.10 -9.55 -29.47
N THR V 106 -46.32 -9.01 -28.56
CA THR V 106 -46.82 -7.93 -27.73
C THR V 106 -46.47 -6.51 -28.19
N GLY V 107 -45.69 -6.39 -29.27
CA GLY V 107 -45.31 -5.06 -29.75
C GLY V 107 -43.83 -4.88 -30.02
N SER V 108 -43.40 -3.62 -30.11
CA SER V 108 -41.98 -3.31 -30.35
C SER V 108 -41.38 -2.80 -29.05
N HIS V 109 -40.15 -3.22 -28.76
CA HIS V 109 -39.49 -2.84 -27.51
C HIS V 109 -38.05 -2.36 -27.66
N LEU V 110 -37.61 -1.54 -26.70
CA LEU V 110 -36.26 -0.99 -26.66
C LEU V 110 -35.78 -0.89 -25.21
N PHE V 111 -34.70 -1.61 -24.90
CA PHE V 111 -34.13 -1.63 -23.54
C PHE V 111 -32.61 -1.55 -23.61
N SER V 112 -32.01 -1.26 -22.46
CA SER V 112 -30.55 -1.24 -22.35
C SER V 112 -30.21 -2.08 -21.11
N ILE V 113 -29.07 -2.76 -21.16
CA ILE V 113 -28.62 -3.58 -20.05
C ILE V 113 -27.15 -3.29 -19.81
N HIS V 114 -26.77 -3.15 -18.55
CA HIS V 114 -25.39 -2.89 -18.22
C HIS V 114 -24.76 -4.16 -17.69
N ALA V 115 -23.44 -4.23 -17.74
CA ALA V 115 -22.69 -5.41 -17.30
C ALA V 115 -23.13 -5.96 -15.94
N HIS V 116 -23.49 -5.09 -15.03
CA HIS V 116 -23.90 -5.54 -13.70
C HIS V 116 -25.29 -6.12 -13.61
N GLY V 117 -26.09 -5.91 -14.65
CA GLY V 117 -27.43 -6.47 -14.64
C GLY V 117 -28.59 -5.53 -14.53
N SER V 118 -28.34 -4.24 -14.48
CA SER V 118 -29.45 -3.30 -14.41
C SER V 118 -29.99 -3.03 -15.82
N THR V 119 -31.30 -2.79 -15.92
CA THR V 119 -31.90 -2.53 -17.22
C THR V 119 -32.66 -1.21 -17.23
N ASP V 120 -32.79 -0.63 -18.41
CA ASP V 120 -33.50 0.63 -18.61
C ASP V 120 -34.40 0.57 -19.83
N VAL V 121 -35.43 1.39 -19.84
CA VAL V 121 -36.33 1.45 -20.97
C VAL V 121 -36.40 2.90 -21.44
N GLY V 122 -36.50 3.10 -22.75
CA GLY V 122 -36.56 4.45 -23.29
C GLY V 122 -36.88 4.44 -24.77
N TYR V 123 -37.13 5.62 -25.35
CA TYR V 123 -37.45 5.71 -26.77
C TYR V 123 -36.20 5.83 -27.63
N TYR V 124 -35.13 6.29 -27.01
CA TYR V 124 -33.84 6.43 -27.68
C TYR V 124 -32.73 6.23 -26.64
N LEU V 125 -31.72 5.45 -27.00
CA LEU V 125 -30.62 5.15 -26.09
C LEU V 125 -29.28 5.07 -26.83
N SER V 126 -28.21 5.33 -26.10
CA SER V 126 -26.86 5.23 -26.66
C SER V 126 -25.93 4.64 -25.61
N LEU V 127 -24.95 3.88 -26.06
CA LEU V 127 -23.97 3.28 -25.16
C LEU V 127 -22.62 3.30 -25.84
N GLY V 128 -21.55 3.17 -25.06
CA GLY V 128 -20.23 3.16 -25.66
C GLY V 128 -19.49 4.47 -25.47
N SER V 129 -18.26 4.55 -25.96
CA SER V 129 -17.48 5.78 -25.82
C SER V 129 -18.01 6.91 -26.69
N GLY V 130 -18.84 6.57 -27.69
CA GLY V 130 -19.42 7.57 -28.57
C GLY V 130 -20.76 8.00 -27.98
N SER V 131 -21.11 7.30 -26.90
CA SER V 131 -22.33 7.51 -26.15
C SER V 131 -22.77 8.96 -26.06
N LEU V 132 -21.85 9.83 -25.66
CA LEU V 132 -22.16 11.25 -25.50
C LEU V 132 -22.33 12.01 -26.81
N ALA V 133 -21.51 11.68 -27.80
CA ALA V 133 -21.61 12.33 -29.10
C ALA V 133 -22.97 11.97 -29.71
N ALA V 134 -23.31 10.69 -29.65
CA ALA V 134 -24.60 10.20 -30.16
C ALA V 134 -25.78 10.80 -29.39
N MET V 135 -25.71 10.76 -28.07
CA MET V 135 -26.81 11.30 -27.29
C MET V 135 -27.04 12.77 -27.55
N ALA V 136 -25.98 13.51 -27.88
CA ALA V 136 -26.17 14.94 -28.15
C ALA V 136 -27.10 15.07 -29.37
N VAL V 137 -26.83 14.25 -30.38
CA VAL V 137 -27.64 14.24 -31.58
C VAL V 137 -29.08 13.79 -31.28
N LEU V 138 -29.23 12.70 -30.54
CA LEU V 138 -30.56 12.20 -30.20
C LEU V 138 -31.34 13.24 -29.42
N GLU V 139 -30.72 13.83 -28.40
CA GLU V 139 -31.41 14.84 -27.60
C GLU V 139 -31.80 16.04 -28.44
N SER V 140 -31.13 16.21 -29.57
CA SER V 140 -31.42 17.35 -30.42
C SER V 140 -32.41 17.10 -31.54
N HIS V 141 -32.62 15.86 -31.93
CA HIS V 141 -33.54 15.60 -33.03
C HIS V 141 -34.64 14.59 -32.80
N TRP V 142 -34.64 13.91 -31.67
CA TRP V 142 -35.69 12.94 -31.45
C TRP V 142 -37.01 13.66 -31.19
N LYS V 143 -38.09 13.02 -31.62
CA LYS V 143 -39.44 13.52 -31.43
C LYS V 143 -40.33 12.28 -31.44
N GLN V 144 -41.49 12.39 -30.79
CA GLN V 144 -42.41 11.26 -30.75
C GLN V 144 -43.01 11.09 -32.14
N ASP V 145 -43.27 9.85 -32.50
CA ASP V 145 -43.86 9.53 -33.80
C ASP V 145 -42.95 9.75 -35.00
N LEU V 146 -41.77 9.16 -34.95
CA LEU V 146 -40.83 9.27 -36.05
C LEU V 146 -41.27 8.20 -37.03
N THR V 147 -40.95 8.37 -38.31
CA THR V 147 -41.31 7.37 -39.29
C THR V 147 -40.11 6.44 -39.42
N LYS V 148 -40.32 5.27 -40.00
CA LYS V 148 -39.21 4.34 -40.18
C LYS V 148 -37.99 5.02 -40.81
N GLU V 149 -38.21 5.90 -41.78
CA GLU V 149 -37.11 6.59 -42.44
C GLU V 149 -36.49 7.66 -41.58
N GLU V 150 -37.32 8.36 -40.82
CA GLU V 150 -36.82 9.41 -39.93
C GLU V 150 -35.95 8.77 -38.84
N ALA V 151 -36.36 7.60 -38.37
CA ALA V 151 -35.60 6.89 -37.33
C ALA V 151 -34.26 6.42 -37.86
N ILE V 152 -34.25 5.79 -39.04
CA ILE V 152 -32.99 5.31 -39.60
C ILE V 152 -32.01 6.46 -39.81
N LYS V 153 -32.53 7.64 -40.14
CA LYS V 153 -31.69 8.81 -40.36
C LYS V 153 -31.11 9.30 -39.04
N LEU V 154 -31.97 9.38 -38.03
CA LEU V 154 -31.60 9.83 -36.69
C LEU V 154 -30.56 8.91 -36.09
N ALA V 155 -30.86 7.61 -36.09
CA ALA V 155 -29.93 6.61 -35.56
C ALA V 155 -28.61 6.68 -36.32
N SER V 156 -28.72 6.76 -37.64
CA SER V 156 -27.55 6.83 -38.50
C SER V 156 -26.71 8.09 -38.21
N ASP V 157 -27.38 9.20 -37.92
CA ASP V 157 -26.72 10.46 -37.62
C ASP V 157 -25.99 10.37 -36.28
N ALA V 158 -26.65 9.77 -35.31
CA ALA V 158 -26.08 9.60 -33.98
C ALA V 158 -24.80 8.77 -34.03
N ILE V 159 -24.79 7.71 -34.83
CA ILE V 159 -23.58 6.89 -34.94
C ILE V 159 -22.47 7.72 -35.57
N GLN V 160 -22.86 8.55 -36.54
CA GLN V 160 -21.89 9.39 -37.21
C GLN V 160 -21.24 10.35 -36.23
N ALA V 161 -22.05 10.88 -35.30
CA ALA V 161 -21.55 11.80 -34.29
C ALA V 161 -20.36 11.14 -33.57
N GLY V 162 -20.52 9.87 -33.26
CA GLY V 162 -19.46 9.14 -32.58
C GLY V 162 -18.29 8.82 -33.50
N ILE V 163 -18.58 8.40 -34.72
CA ILE V 163 -17.53 8.06 -35.67
C ILE V 163 -16.54 9.22 -35.84
N TRP V 164 -17.07 10.41 -36.09
CA TRP V 164 -16.25 11.59 -36.31
C TRP V 164 -15.67 12.19 -35.04
N ASN V 165 -16.47 12.27 -33.99
CA ASN V 165 -15.99 12.88 -32.77
C ASN V 165 -15.37 11.98 -31.69
N ASP V 166 -15.61 10.68 -31.76
CA ASP V 166 -15.04 9.75 -30.77
C ASP V 166 -13.92 8.92 -31.38
N LEU V 167 -12.77 8.92 -30.71
CA LEU V 167 -11.61 8.18 -31.19
C LEU V 167 -11.84 6.70 -31.02
N GLY V 168 -12.76 6.35 -30.13
CA GLY V 168 -13.07 4.95 -29.89
C GLY V 168 -13.95 4.37 -30.98
N SER V 169 -14.53 5.25 -31.78
CA SER V 169 -15.43 4.85 -32.87
C SER V 169 -14.95 5.31 -34.23
N GLY V 170 -15.32 4.53 -35.26
CA GLY V 170 -14.95 4.88 -36.62
C GLY V 170 -15.51 3.98 -37.71
N SER V 171 -14.97 4.15 -38.91
CA SER V 171 -15.37 3.35 -40.06
C SER V 171 -16.81 3.49 -40.59
N ASN V 172 -17.54 2.39 -40.58
CA ASN V 172 -18.89 2.36 -41.11
C ASN V 172 -20.03 2.38 -40.11
N VAL V 173 -21.25 2.34 -40.65
CA VAL V 173 -22.47 2.33 -39.84
C VAL V 173 -23.32 1.10 -40.20
N ASP V 174 -23.60 0.27 -39.20
CA ASP V 174 -24.44 -0.90 -39.41
C ASP V 174 -25.78 -0.52 -38.80
N VAL V 175 -26.87 -0.98 -39.42
CA VAL V 175 -28.20 -0.68 -38.95
C VAL V 175 -29.07 -1.93 -39.05
N CYS V 176 -30.06 -2.04 -38.17
CA CYS V 176 -30.99 -3.17 -38.21
C CYS V 176 -32.36 -2.63 -37.85
N VAL V 177 -33.29 -2.78 -38.77
CA VAL V 177 -34.65 -2.30 -38.56
C VAL V 177 -35.62 -3.43 -38.25
N MET V 178 -36.38 -3.26 -37.18
CA MET V 178 -37.36 -4.25 -36.77
C MET V 178 -38.73 -3.59 -36.76
N GLU V 179 -39.55 -3.88 -37.76
CA GLU V 179 -40.87 -3.29 -37.87
C GLU V 179 -41.91 -4.34 -37.47
N ILE V 180 -42.94 -3.89 -36.76
CA ILE V 180 -43.97 -4.76 -36.25
C ILE V 180 -44.56 -5.81 -37.18
N GLY V 181 -44.99 -5.42 -38.37
CA GLY V 181 -45.57 -6.44 -39.22
C GLY V 181 -44.64 -7.17 -40.16
N LYS V 182 -43.40 -6.73 -40.29
CA LYS V 182 -42.50 -7.36 -41.24
C LYS V 182 -41.29 -8.13 -40.69
N ASP V 183 -40.43 -8.57 -41.61
CA ASP V 183 -39.21 -9.27 -41.23
C ASP V 183 -38.25 -8.22 -40.74
N ALA V 184 -37.34 -8.60 -39.87
CA ALA V 184 -36.35 -7.65 -39.38
C ALA V 184 -35.33 -7.51 -40.49
N GLU V 185 -34.92 -6.29 -40.81
CA GLU V 185 -33.93 -6.14 -41.85
C GLU V 185 -32.61 -5.58 -41.35
N TYR V 186 -31.58 -6.40 -41.53
CA TYR V 186 -30.22 -6.12 -41.12
C TYR V 186 -29.46 -5.47 -42.27
N LEU V 187 -29.07 -4.22 -42.06
CA LEU V 187 -28.33 -3.46 -43.07
C LEU V 187 -26.87 -3.32 -42.70
N ARG V 188 -26.08 -4.33 -43.02
CA ARG V 188 -24.65 -4.31 -42.73
C ARG V 188 -23.94 -3.29 -43.64
N ASN V 189 -23.24 -2.34 -43.04
CA ASN V 189 -22.52 -1.32 -43.79
C ASN V 189 -23.50 -0.39 -44.51
N TYR V 190 -24.57 -0.05 -43.81
CA TYR V 190 -25.58 0.85 -44.35
C TYR V 190 -24.92 2.14 -44.83
N LEU V 191 -23.80 2.49 -44.22
CA LEU V 191 -23.05 3.69 -44.59
C LEU V 191 -21.57 3.36 -44.53
N THR V 192 -20.81 3.83 -45.51
CA THR V 192 -19.37 3.60 -45.54
C THR V 192 -18.68 4.90 -45.94
N PRO V 193 -18.72 5.91 -45.04
CA PRO V 193 -18.13 7.23 -45.24
C PRO V 193 -16.64 7.36 -44.98
N ASN V 194 -15.94 6.23 -44.87
CA ASN V 194 -14.51 6.25 -44.61
C ASN V 194 -13.70 5.32 -45.50
N VAL V 195 -13.77 5.53 -46.81
CA VAL V 195 -13.01 4.71 -47.75
C VAL V 195 -11.60 5.29 -47.89
N ARG V 196 -10.61 4.43 -47.72
CA ARG V 196 -9.21 4.84 -47.80
C ARG V 196 -8.83 5.33 -49.20
N GLU V 197 -8.33 6.56 -49.31
CA GLU V 197 -7.93 7.10 -50.60
C GLU V 197 -6.86 6.19 -51.19
N GLU V 198 -6.72 6.19 -52.51
CA GLU V 198 -5.73 5.36 -53.16
C GLU V 198 -4.34 5.71 -52.66
N LYS V 199 -3.49 4.71 -52.50
CA LYS V 199 -2.14 4.96 -52.03
C LYS V 199 -1.36 5.75 -53.08
N GLN V 200 -0.26 6.34 -52.66
CA GLN V 200 0.58 7.17 -53.53
C GLN V 200 1.52 6.32 -54.37
N LYS V 201 1.54 5.03 -54.13
CA LYS V 201 2.47 4.18 -54.84
C LYS V 201 2.07 2.72 -54.62
N SER V 202 2.58 1.82 -55.44
CA SER V 202 2.28 0.40 -55.27
C SER V 202 3.50 -0.22 -54.62
N TYR V 203 3.30 -1.15 -53.69
CA TYR V 203 4.43 -1.75 -53.01
C TYR V 203 4.66 -3.19 -53.37
N LYS V 204 4.11 -3.56 -54.52
CA LYS V 204 4.25 -4.91 -55.05
C LYS V 204 5.74 -5.12 -55.30
N PHE V 205 6.29 -6.19 -54.74
CA PHE V 205 7.72 -6.48 -54.86
C PHE V 205 8.07 -7.31 -56.07
N PRO V 206 9.25 -7.08 -56.67
CA PRO V 206 9.60 -7.91 -57.82
C PRO V 206 9.84 -9.32 -57.25
N ARG V 207 9.40 -10.34 -57.97
CA ARG V 207 9.58 -11.70 -57.49
C ARG V 207 11.05 -12.02 -57.33
N GLY V 208 11.38 -12.75 -56.27
CA GLY V 208 12.76 -13.10 -56.00
C GLY V 208 13.41 -12.11 -55.03
N THR V 209 12.65 -11.08 -54.65
CA THR V 209 13.13 -10.07 -53.73
C THR V 209 13.47 -10.63 -52.34
N THR V 210 12.76 -11.68 -51.94
CA THR V 210 12.98 -12.30 -50.63
C THR V 210 13.98 -13.44 -50.64
N ALA V 211 14.89 -13.44 -49.68
CA ALA V 211 15.89 -14.50 -49.59
C ALA V 211 15.26 -15.75 -48.98
N VAL V 212 15.42 -16.89 -49.65
CA VAL V 212 14.87 -18.15 -49.17
C VAL V 212 15.97 -19.15 -48.84
N LEU V 213 15.84 -19.86 -47.73
CA LEU V 213 16.82 -20.84 -47.29
C LEU V 213 16.49 -22.27 -47.67
N LYS V 214 15.22 -22.62 -47.55
CA LYS V 214 14.78 -23.97 -47.84
C LYS V 214 13.35 -23.91 -48.31
N GLU V 215 12.92 -24.95 -49.02
CA GLU V 215 11.57 -24.99 -49.55
C GLU V 215 11.08 -26.42 -49.62
N SER V 216 9.79 -26.62 -49.41
CA SER V 216 9.21 -27.95 -49.46
C SER V 216 7.70 -27.89 -49.61
N ILE V 217 7.11 -29.02 -49.95
CA ILE V 217 5.67 -29.10 -50.12
C ILE V 217 5.08 -29.71 -48.86
N VAL V 218 3.97 -29.14 -48.42
CA VAL V 218 3.31 -29.61 -47.21
C VAL V 218 2.23 -30.63 -47.56
N ASN V 219 2.20 -31.73 -46.82
CA ASN V 219 1.22 -32.78 -47.05
C ASN V 219 -0.10 -32.51 -46.32
N ILE V 220 -1.14 -32.25 -47.10
CA ILE V 220 -2.46 -31.97 -46.57
C ILE V 220 -3.38 -33.19 -46.62
N CYS V 221 -3.04 -34.17 -47.46
CA CYS V 221 -3.84 -35.38 -47.59
C CYS V 221 -3.36 -36.49 -46.65
N ASP V 222 -4.30 -37.11 -45.95
CA ASP V 222 -4.01 -38.19 -45.00
C ASP V 222 -3.70 -39.55 -45.64
N SER W 1 6.25 -10.72 -16.34
CA SER W 1 4.92 -10.30 -15.82
C SER W 1 3.81 -10.52 -16.84
N ASP W 2 3.88 -9.81 -17.97
CA ASP W 2 2.88 -9.98 -19.01
C ASP W 2 3.18 -11.30 -19.72
N PRO W 3 2.30 -12.30 -19.55
CA PRO W 3 2.47 -13.63 -20.15
C PRO W 3 2.65 -13.58 -21.66
N SER W 4 2.16 -12.52 -22.29
CA SER W 4 2.26 -12.40 -23.73
C SER W 4 3.57 -11.80 -24.22
N SER W 5 4.46 -11.47 -23.30
CA SER W 5 5.75 -10.88 -23.67
C SER W 5 6.92 -11.62 -23.07
N ILE W 6 6.69 -12.84 -22.64
CA ILE W 6 7.75 -13.63 -22.03
C ILE W 6 8.54 -14.35 -23.10
N ASN W 7 7.82 -15.01 -24.01
CA ASN W 7 8.41 -15.82 -25.07
C ASN W 7 8.62 -15.09 -26.39
N GLY W 8 7.74 -14.14 -26.69
CA GLY W 8 7.85 -13.37 -27.93
C GLY W 8 7.47 -14.17 -29.16
N GLY W 9 7.45 -13.51 -30.31
CA GLY W 9 7.11 -14.20 -31.54
C GLY W 9 5.94 -13.55 -32.25
N ILE W 10 5.82 -13.79 -33.55
CA ILE W 10 4.72 -13.22 -34.33
C ILE W 10 4.18 -14.15 -35.40
N VAL W 11 2.97 -13.83 -35.85
CA VAL W 11 2.28 -14.57 -36.90
C VAL W 11 1.50 -13.57 -37.74
N VAL W 12 1.37 -13.85 -39.02
CA VAL W 12 0.63 -12.97 -39.92
C VAL W 12 0.03 -13.82 -41.02
N ALA W 13 -1.20 -13.48 -41.41
CA ALA W 13 -1.90 -14.20 -42.45
C ALA W 13 -2.49 -13.21 -43.44
N MET W 14 -2.51 -13.58 -44.72
CA MET W 14 -3.03 -12.75 -45.79
C MET W 14 -3.82 -13.53 -46.82
N THR W 15 -4.79 -12.86 -47.44
CA THR W 15 -5.59 -13.50 -48.48
C THR W 15 -5.14 -12.98 -49.85
N GLY W 16 -5.11 -13.88 -50.82
CA GLY W 16 -4.71 -13.52 -52.16
C GLY W 16 -5.72 -14.05 -53.17
N LYS W 17 -5.30 -14.19 -54.43
CA LYS W 17 -6.19 -14.69 -55.47
C LYS W 17 -6.24 -16.21 -55.41
N ASP W 18 -7.36 -16.74 -54.91
CA ASP W 18 -7.55 -18.18 -54.77
C ASP W 18 -6.47 -18.82 -53.93
N CYS W 19 -5.99 -18.06 -52.93
CA CYS W 19 -4.95 -18.55 -52.03
C CYS W 19 -4.91 -17.73 -50.73
N VAL W 20 -4.20 -18.29 -49.74
CA VAL W 20 -4.02 -17.64 -48.45
C VAL W 20 -2.59 -17.95 -48.06
N ALA W 21 -2.01 -17.08 -47.24
CA ALA W 21 -0.63 -17.27 -46.79
C ALA W 21 -0.54 -16.96 -45.29
N ILE W 22 0.18 -17.80 -44.56
CA ILE W 22 0.34 -17.60 -43.13
C ILE W 22 1.82 -17.78 -42.78
N ALA W 23 2.39 -16.81 -42.07
CA ALA W 23 3.81 -16.85 -41.72
C ALA W 23 4.08 -16.56 -40.25
N CYS W 24 5.25 -16.99 -39.78
CA CYS W 24 5.64 -16.77 -38.40
C CYS W 24 7.16 -16.72 -38.24
N ASP W 25 7.62 -16.12 -37.14
CA ASP W 25 9.05 -16.06 -36.86
C ASP W 25 9.34 -17.39 -36.16
N LEU W 26 10.59 -17.63 -35.76
CA LEU W 26 10.92 -18.90 -35.14
C LEU W 26 11.51 -18.79 -33.75
N ARG W 27 11.51 -17.58 -33.20
CA ARG W 27 12.08 -17.38 -31.89
C ARG W 27 11.18 -17.81 -30.73
N LEU W 28 11.84 -18.27 -29.67
CA LEU W 28 11.22 -18.66 -28.42
C LEU W 28 12.29 -18.16 -27.46
N GLY W 29 11.98 -17.13 -26.71
CA GLY W 29 12.97 -16.63 -25.79
C GLY W 29 12.48 -16.70 -24.38
N SER W 30 13.34 -16.30 -23.47
CA SER W 30 13.01 -16.26 -22.06
C SER W 30 13.38 -14.83 -21.69
N GLN W 31 12.47 -13.91 -21.99
CA GLN W 31 12.68 -12.49 -21.75
C GLN W 31 13.81 -12.09 -22.72
N SER W 32 14.89 -11.53 -22.20
CA SER W 32 15.97 -11.11 -23.07
C SER W 32 16.79 -12.26 -23.68
N LEU W 33 16.79 -13.42 -23.00
CA LEU W 33 17.54 -14.58 -23.46
C LEU W 33 16.88 -15.35 -24.59
N GLY W 34 17.58 -15.48 -25.71
CA GLY W 34 17.03 -16.24 -26.82
C GLY W 34 17.23 -17.70 -26.45
N VAL W 35 16.22 -18.54 -26.64
CA VAL W 35 16.35 -19.94 -26.26
C VAL W 35 16.29 -20.93 -27.42
N SER W 36 15.41 -20.65 -28.38
CA SER W 36 15.27 -21.53 -29.54
C SER W 36 14.99 -20.76 -30.81
N ASN W 37 15.59 -21.22 -31.90
CA ASN W 37 15.42 -20.61 -33.23
C ASN W 37 14.62 -21.56 -34.12
N LYS W 38 13.98 -22.54 -33.49
CA LYS W 38 13.21 -23.50 -34.26
C LYS W 38 11.82 -23.71 -33.69
N PHE W 39 11.30 -22.70 -33.01
CA PHE W 39 9.97 -22.81 -32.43
C PHE W 39 8.96 -22.32 -33.44
N GLU W 40 8.42 -23.26 -34.22
CA GLU W 40 7.42 -22.88 -35.21
C GLU W 40 6.10 -22.63 -34.51
N LYS W 41 5.37 -21.64 -34.99
CA LYS W 41 4.10 -21.26 -34.40
C LYS W 41 2.91 -21.53 -35.30
N ILE W 42 3.14 -22.30 -36.36
CA ILE W 42 2.07 -22.64 -37.30
C ILE W 42 1.85 -24.15 -37.35
N PHE W 43 0.59 -24.55 -37.23
CA PHE W 43 0.24 -25.96 -37.25
C PHE W 43 -0.91 -26.13 -38.22
N HIS W 44 -1.23 -27.37 -38.56
CA HIS W 44 -2.35 -27.60 -39.45
C HIS W 44 -3.04 -28.91 -39.11
N TYR W 45 -4.36 -28.90 -39.30
CA TYR W 45 -5.20 -30.05 -39.05
C TYR W 45 -5.94 -30.18 -40.38
N GLY W 46 -5.51 -31.16 -41.18
CA GLY W 46 -6.12 -31.33 -42.48
C GLY W 46 -5.60 -30.20 -43.33
N HIS W 47 -6.50 -29.51 -44.00
CA HIS W 47 -6.10 -28.40 -44.84
C HIS W 47 -6.25 -27.07 -44.10
N VAL W 48 -6.61 -27.13 -42.82
CA VAL W 48 -6.78 -25.89 -42.06
C VAL W 48 -5.51 -25.56 -41.27
N PHE W 49 -5.03 -24.33 -41.41
CA PHE W 49 -3.82 -23.91 -40.71
C PHE W 49 -4.08 -22.99 -39.53
N LEU W 50 -3.31 -23.20 -38.47
CA LEU W 50 -3.44 -22.41 -37.25
C LEU W 50 -2.10 -21.89 -36.74
N GLY W 51 -1.99 -20.58 -36.61
CA GLY W 51 -0.80 -19.97 -36.07
C GLY W 51 -1.15 -19.50 -34.66
N ILE W 52 -0.22 -19.62 -33.71
CA ILE W 52 -0.52 -19.19 -32.34
C ILE W 52 0.66 -18.46 -31.70
N THR W 53 0.49 -17.17 -31.39
CA THR W 53 1.57 -16.41 -30.74
C THR W 53 1.20 -16.31 -29.26
N GLY W 54 2.15 -15.89 -28.43
CA GLY W 54 1.86 -15.77 -27.01
C GLY W 54 2.71 -16.66 -26.11
N LEU W 55 2.17 -17.02 -24.95
CA LEU W 55 2.91 -17.88 -24.00
C LEU W 55 3.13 -19.25 -24.63
N ALA W 56 4.40 -19.57 -24.86
CA ALA W 56 4.78 -20.83 -25.50
C ALA W 56 4.10 -22.08 -24.96
N THR W 57 4.03 -22.23 -23.64
CA THR W 57 3.38 -23.42 -23.10
C THR W 57 1.93 -23.53 -23.56
N ASP W 58 1.24 -22.40 -23.67
CA ASP W 58 -0.14 -22.38 -24.11
C ASP W 58 -0.24 -22.65 -25.60
N VAL W 59 0.74 -22.13 -26.35
CA VAL W 59 0.78 -22.36 -27.79
C VAL W 59 0.83 -23.88 -27.99
N THR W 60 1.75 -24.54 -27.28
CA THR W 60 1.92 -25.98 -27.35
C THR W 60 0.66 -26.74 -26.92
N THR W 61 0.10 -26.34 -25.78
CA THR W 61 -1.10 -26.96 -25.25
C THR W 61 -2.29 -26.81 -26.21
N LEU W 62 -2.50 -25.59 -26.72
CA LEU W 62 -3.62 -25.38 -27.62
C LEU W 62 -3.47 -26.20 -28.89
N ASN W 63 -2.24 -26.38 -29.35
CA ASN W 63 -2.05 -27.17 -30.55
C ASN W 63 -2.44 -28.62 -30.29
N GLU W 64 -1.96 -29.15 -29.16
CA GLU W 64 -2.27 -30.53 -28.80
C GLU W 64 -3.77 -30.69 -28.58
N MET W 65 -4.43 -29.65 -28.10
CA MET W 65 -5.86 -29.70 -27.86
C MET W 65 -6.63 -29.75 -29.19
N PHE W 66 -6.25 -28.89 -30.12
CA PHE W 66 -6.94 -28.87 -31.40
C PHE W 66 -6.64 -30.09 -32.27
N ARG W 67 -5.48 -30.70 -32.08
CA ARG W 67 -5.17 -31.88 -32.85
C ARG W 67 -6.18 -32.91 -32.36
N TYR W 68 -6.31 -32.99 -31.05
CA TYR W 68 -7.24 -33.90 -30.36
C TYR W 68 -8.69 -33.72 -30.82
N LYS W 69 -9.18 -32.48 -30.81
CA LYS W 69 -10.57 -32.21 -31.21
C LYS W 69 -10.84 -32.41 -32.70
N THR W 70 -9.91 -31.97 -33.56
CA THR W 70 -10.13 -32.14 -34.98
C THR W 70 -10.02 -33.61 -35.36
N ASN W 71 -9.28 -34.37 -34.56
CA ASN W 71 -9.14 -35.80 -34.81
C ASN W 71 -10.47 -36.49 -34.58
N LEU W 72 -11.10 -36.20 -33.45
CA LEU W 72 -12.38 -36.81 -33.12
C LEU W 72 -13.46 -36.26 -34.05
N TYR W 73 -13.26 -35.03 -34.52
CA TYR W 73 -14.23 -34.42 -35.41
C TYR W 73 -14.27 -35.20 -36.70
N LYS W 74 -13.09 -35.51 -37.23
CA LYS W 74 -12.96 -36.25 -38.47
C LYS W 74 -13.61 -37.63 -38.34
N LEU W 75 -13.35 -38.30 -37.22
CA LEU W 75 -13.90 -39.62 -36.98
C LEU W 75 -15.42 -39.65 -36.96
N LYS W 76 -16.04 -38.61 -36.41
CA LYS W 76 -17.50 -38.56 -36.34
C LYS W 76 -18.11 -38.02 -37.61
N GLU W 77 -17.64 -36.85 -38.04
CA GLU W 77 -18.16 -36.20 -39.23
C GLU W 77 -17.81 -36.93 -40.52
N GLU W 78 -16.72 -37.71 -40.46
CA GLU W 78 -16.23 -38.46 -41.62
C GLU W 78 -15.84 -37.50 -42.74
N ARG W 79 -15.25 -36.37 -42.36
CA ARG W 79 -14.77 -35.37 -43.30
C ARG W 79 -13.89 -34.44 -42.49
N ALA W 80 -12.94 -33.79 -43.15
CA ALA W 80 -12.04 -32.88 -42.47
C ALA W 80 -12.76 -31.59 -42.18
N ILE W 81 -12.40 -30.95 -41.07
CA ILE W 81 -13.03 -29.71 -40.66
C ILE W 81 -12.60 -28.56 -41.60
N GLU W 82 -13.51 -27.61 -41.81
CA GLU W 82 -13.26 -26.46 -42.66
C GLU W 82 -12.81 -25.24 -41.85
N PRO W 83 -12.22 -24.23 -42.52
CA PRO W 83 -11.74 -23.05 -41.81
C PRO W 83 -12.83 -22.36 -40.99
N GLU W 84 -13.96 -22.09 -41.61
CA GLU W 84 -15.06 -21.43 -40.91
C GLU W 84 -15.50 -22.18 -39.65
N THR W 85 -15.63 -23.50 -39.77
CA THR W 85 -16.04 -24.32 -38.64
C THR W 85 -14.98 -24.33 -37.55
N PHE W 86 -13.72 -24.51 -37.94
CA PHE W 86 -12.63 -24.56 -36.99
C PHE W 86 -12.56 -23.26 -36.21
N THR W 87 -12.75 -22.14 -36.91
CA THR W 87 -12.71 -20.83 -36.28
C THR W 87 -13.70 -20.81 -35.12
N GLN W 88 -14.89 -21.33 -35.35
CA GLN W 88 -15.91 -21.39 -34.32
C GLN W 88 -15.41 -22.24 -33.17
N LEU W 89 -14.77 -23.35 -33.49
CA LEU W 89 -14.26 -24.26 -32.46
C LEU W 89 -13.17 -23.59 -31.63
N VAL W 90 -12.32 -22.82 -32.30
CA VAL W 90 -11.24 -22.12 -31.60
C VAL W 90 -11.85 -21.11 -30.63
N SER W 91 -12.85 -20.38 -31.12
CA SER W 91 -13.51 -19.37 -30.33
C SER W 91 -14.18 -19.94 -29.08
N SER W 92 -15.02 -20.96 -29.25
CA SER W 92 -15.72 -21.54 -28.11
C SER W 92 -14.75 -22.21 -27.15
N SER W 93 -13.66 -22.76 -27.68
CA SER W 93 -12.68 -23.41 -26.80
C SER W 93 -11.97 -22.36 -25.94
N LEU W 94 -11.71 -21.18 -26.52
CA LEU W 94 -11.03 -20.14 -25.76
C LEU W 94 -11.95 -19.50 -24.73
N TYR W 95 -13.19 -19.19 -25.12
CA TYR W 95 -14.15 -18.56 -24.20
C TYR W 95 -14.50 -19.47 -23.02
N GLU W 96 -14.29 -20.76 -23.22
CA GLU W 96 -14.57 -21.73 -22.18
C GLU W 96 -13.65 -21.49 -20.99
N ARG W 97 -12.56 -20.77 -21.23
CA ARG W 97 -11.59 -20.43 -20.21
C ARG W 97 -11.66 -18.92 -19.96
N ARG W 98 -12.84 -18.35 -20.18
CA ARG W 98 -13.04 -16.91 -20.01
C ARG W 98 -12.39 -16.24 -18.80
N PHE W 99 -12.36 -16.93 -17.66
CA PHE W 99 -11.78 -16.33 -16.47
C PHE W 99 -10.47 -16.95 -16.01
N GLY W 100 -9.72 -17.48 -16.96
CA GLY W 100 -8.43 -18.11 -16.69
C GLY W 100 -8.00 -18.55 -18.06
N PRO W 101 -7.92 -17.60 -19.00
CA PRO W 101 -7.55 -17.77 -20.41
C PRO W 101 -6.14 -18.20 -20.72
N TYR W 102 -5.98 -18.74 -21.92
CA TYR W 102 -4.68 -19.13 -22.41
C TYR W 102 -4.16 -17.80 -22.93
N PHE W 103 -2.90 -17.52 -22.73
CA PHE W 103 -2.33 -16.25 -23.18
C PHE W 103 -1.78 -16.39 -24.59
N VAL W 104 -2.69 -16.41 -25.56
CA VAL W 104 -2.33 -16.59 -26.95
C VAL W 104 -3.09 -15.67 -27.90
N GLY W 105 -2.58 -15.57 -29.13
CA GLY W 105 -3.23 -14.76 -30.15
C GLY W 105 -3.34 -15.67 -31.35
N PRO W 106 -4.39 -16.49 -31.44
CA PRO W 106 -4.58 -17.41 -32.56
C PRO W 106 -4.91 -16.77 -33.90
N VAL W 107 -4.47 -17.42 -34.98
CA VAL W 107 -4.73 -16.98 -36.34
C VAL W 107 -5.04 -18.19 -37.19
N VAL W 108 -6.18 -18.14 -37.89
CA VAL W 108 -6.61 -19.24 -38.74
C VAL W 108 -6.54 -18.87 -40.21
N ALA W 109 -6.04 -19.81 -41.01
CA ALA W 109 -5.93 -19.63 -42.45
C ALA W 109 -6.20 -20.94 -43.17
N GLY W 110 -6.85 -20.84 -44.32
CA GLY W 110 -7.15 -22.02 -45.11
C GLY W 110 -8.16 -21.73 -46.20
N ILE W 111 -8.39 -22.71 -47.07
CA ILE W 111 -9.35 -22.56 -48.15
C ILE W 111 -10.43 -23.61 -48.01
N ASN W 112 -11.68 -23.18 -48.13
CA ASN W 112 -12.79 -24.11 -48.00
C ASN W 112 -12.81 -25.12 -49.13
N SER W 113 -12.51 -26.37 -48.80
CA SER W 113 -12.46 -27.45 -49.80
C SER W 113 -13.68 -27.58 -50.70
N LYS W 114 -14.79 -26.95 -50.35
CA LYS W 114 -15.99 -27.08 -51.17
C LYS W 114 -16.31 -25.83 -51.99
N SER W 115 -16.01 -24.66 -51.44
CA SER W 115 -16.29 -23.41 -52.16
C SER W 115 -15.01 -22.81 -52.72
N GLY W 116 -13.87 -23.31 -52.26
CA GLY W 116 -12.59 -22.81 -52.72
C GLY W 116 -12.28 -21.39 -52.24
N LYS W 117 -13.22 -20.81 -51.49
CA LYS W 117 -13.08 -19.46 -50.97
C LYS W 117 -11.96 -19.36 -49.92
N PRO W 118 -11.06 -18.38 -50.08
CA PRO W 118 -9.94 -18.17 -49.14
C PRO W 118 -10.47 -17.62 -47.82
N PHE W 119 -9.88 -18.07 -46.71
CA PHE W 119 -10.33 -17.67 -45.39
C PHE W 119 -9.24 -17.46 -44.34
N ILE W 120 -9.37 -16.36 -43.59
CA ILE W 120 -8.44 -16.07 -42.51
C ILE W 120 -9.22 -15.45 -41.37
N ALA W 121 -8.75 -15.68 -40.15
CA ALA W 121 -9.39 -15.13 -38.95
C ALA W 121 -8.42 -14.97 -37.79
N GLY W 122 -8.71 -14.00 -36.94
CA GLY W 122 -7.90 -13.75 -35.76
C GLY W 122 -8.79 -13.79 -34.54
N PHE W 123 -8.22 -14.08 -33.36
CA PHE W 123 -8.99 -14.13 -32.12
C PHE W 123 -8.19 -13.49 -30.98
N ASP W 124 -8.87 -12.99 -29.96
CA ASP W 124 -8.17 -12.44 -28.80
C ASP W 124 -8.06 -13.62 -27.83
N LEU W 125 -7.31 -13.47 -26.74
CA LEU W 125 -7.14 -14.59 -25.82
C LEU W 125 -8.43 -15.26 -25.32
N ILE W 126 -9.56 -14.56 -25.35
CA ILE W 126 -10.79 -15.17 -24.89
C ILE W 126 -11.77 -15.56 -25.98
N GLY W 127 -11.28 -15.72 -27.20
CA GLY W 127 -12.13 -16.17 -28.29
C GLY W 127 -12.85 -15.24 -29.25
N CYS W 128 -12.84 -13.93 -29.00
CA CYS W 128 -13.52 -13.04 -29.93
C CYS W 128 -12.91 -13.21 -31.32
N ILE W 129 -13.76 -13.42 -32.32
CA ILE W 129 -13.32 -13.62 -33.69
C ILE W 129 -13.27 -12.37 -34.56
N ASP W 130 -12.19 -12.26 -35.34
CA ASP W 130 -11.99 -11.15 -36.27
C ASP W 130 -11.79 -11.79 -37.63
N GLU W 131 -12.80 -11.71 -38.49
CA GLU W 131 -12.68 -12.30 -39.80
C GLU W 131 -12.38 -11.20 -40.79
N ALA W 132 -11.10 -11.04 -41.09
CA ALA W 132 -10.67 -10.01 -42.02
C ALA W 132 -10.64 -10.56 -43.44
N LYS W 133 -10.79 -9.66 -44.40
CA LYS W 133 -10.75 -10.04 -45.80
C LYS W 133 -9.32 -9.90 -46.32
N ASP W 134 -8.54 -9.05 -45.67
CA ASP W 134 -7.16 -8.81 -46.08
C ASP W 134 -6.09 -9.53 -45.29
N PHE W 135 -5.81 -9.05 -44.08
CA PHE W 135 -4.76 -9.65 -43.25
C PHE W 135 -5.08 -9.69 -41.75
N ILE W 136 -4.33 -10.54 -41.04
CA ILE W 136 -4.47 -10.73 -39.60
C ILE W 136 -3.06 -10.76 -39.03
N VAL W 137 -2.81 -9.98 -37.98
CA VAL W 137 -1.49 -9.95 -37.36
C VAL W 137 -1.61 -10.35 -35.90
N SER W 138 -0.51 -10.86 -35.34
CA SER W 138 -0.53 -11.30 -33.94
C SER W 138 0.89 -11.44 -33.40
N GLY W 139 1.07 -11.15 -32.11
CA GLY W 139 2.40 -11.27 -31.54
C GLY W 139 2.97 -9.99 -30.96
N THR W 140 4.20 -10.11 -30.45
CA THR W 140 4.89 -8.99 -29.82
C THR W 140 5.27 -7.85 -30.75
N ALA W 141 5.12 -8.05 -32.05
CA ALA W 141 5.44 -6.99 -33.01
C ALA W 141 4.22 -6.73 -33.91
N SER W 142 3.03 -6.84 -33.32
CA SER W 142 1.78 -6.64 -34.04
C SER W 142 1.58 -5.21 -34.53
N ASP W 143 2.09 -4.24 -33.78
CA ASP W 143 1.96 -2.85 -34.21
C ASP W 143 2.75 -2.69 -35.50
N GLN W 144 3.96 -3.25 -35.51
CA GLN W 144 4.82 -3.18 -36.67
C GLN W 144 4.15 -3.89 -37.84
N LEU W 145 3.60 -5.08 -37.59
CA LEU W 145 2.92 -5.85 -38.63
C LEU W 145 1.76 -5.04 -39.21
N PHE W 146 0.98 -4.39 -38.36
CA PHE W 146 -0.13 -3.57 -38.84
C PHE W 146 0.42 -2.49 -39.75
N GLY W 147 1.53 -1.89 -39.33
CA GLY W 147 2.14 -0.86 -40.14
C GLY W 147 2.56 -1.41 -41.49
N MET W 148 3.29 -2.51 -41.48
CA MET W 148 3.73 -3.14 -42.72
C MET W 148 2.55 -3.50 -43.61
N CYS W 149 1.65 -4.31 -43.09
CA CYS W 149 0.48 -4.76 -43.85
C CYS W 149 -0.36 -3.64 -44.44
N GLU W 150 -0.64 -2.62 -43.65
CA GLU W 150 -1.47 -1.53 -44.14
C GLU W 150 -0.87 -0.87 -45.40
N SER W 151 0.45 -0.93 -45.55
CA SER W 151 1.11 -0.33 -46.69
C SER W 151 1.38 -1.32 -47.82
N LEU W 152 2.09 -2.40 -47.49
CA LEU W 152 2.46 -3.40 -48.48
C LEU W 152 1.31 -4.16 -49.13
N TYR W 153 0.22 -4.35 -48.40
CA TYR W 153 -0.90 -5.13 -48.93
C TYR W 153 -1.79 -4.49 -49.98
N GLU W 154 -2.25 -5.34 -50.89
CA GLU W 154 -3.20 -4.99 -51.95
C GLU W 154 -3.91 -6.32 -52.27
N PRO W 155 -5.20 -6.25 -52.66
CA PRO W 155 -6.05 -7.40 -52.98
C PRO W 155 -5.67 -8.28 -54.16
N ASN W 156 -6.20 -9.49 -54.14
CA ASN W 156 -6.00 -10.49 -55.19
C ASN W 156 -4.59 -10.75 -55.71
N LEU W 157 -3.59 -10.67 -54.85
CA LEU W 157 -2.24 -10.94 -55.30
C LEU W 157 -2.14 -12.43 -55.68
N GLU W 158 -1.28 -12.74 -56.64
CA GLU W 158 -1.09 -14.12 -57.05
C GLU W 158 -0.19 -14.78 -56.02
N PRO W 159 -0.28 -16.10 -55.87
CA PRO W 159 0.54 -16.83 -54.90
C PRO W 159 2.00 -16.39 -54.81
N GLU W 160 2.66 -16.25 -55.95
CA GLU W 160 4.07 -15.86 -56.00
C GLU W 160 4.32 -14.42 -55.55
N ASP W 161 3.31 -13.58 -55.71
CA ASP W 161 3.41 -12.19 -55.32
C ASP W 161 3.07 -12.06 -53.83
N LEU W 162 1.99 -12.72 -53.41
CA LEU W 162 1.58 -12.68 -52.02
C LEU W 162 2.76 -13.13 -51.15
N PHE W 163 3.49 -14.13 -51.62
CA PHE W 163 4.64 -14.62 -50.86
C PHE W 163 5.66 -13.51 -50.60
N GLU W 164 5.94 -12.70 -51.61
CA GLU W 164 6.90 -11.61 -51.46
C GLU W 164 6.35 -10.61 -50.45
N THR W 165 5.09 -10.23 -50.66
CA THR W 165 4.43 -9.28 -49.78
C THR W 165 4.41 -9.73 -48.32
N ILE W 166 3.85 -10.91 -48.06
CA ILE W 166 3.78 -11.37 -46.68
C ILE W 166 5.17 -11.52 -46.03
N SER W 167 6.16 -12.01 -46.79
CA SER W 167 7.51 -12.18 -46.25
C SER W 167 8.14 -10.85 -45.84
N GLN W 168 7.93 -9.82 -46.65
CA GLN W 168 8.50 -8.52 -46.35
C GLN W 168 7.81 -7.88 -45.16
N ALA W 169 6.55 -8.22 -44.99
CA ALA W 169 5.77 -7.68 -43.87
C ALA W 169 6.29 -8.33 -42.58
N LEU W 170 6.46 -9.64 -42.61
CA LEU W 170 6.94 -10.38 -41.45
C LEU W 170 8.37 -10.00 -41.10
N LEU W 171 9.24 -10.06 -42.10
CA LEU W 171 10.65 -9.76 -41.95
C LEU W 171 10.98 -8.38 -41.40
N ASN W 172 10.37 -7.35 -41.95
CA ASN W 172 10.67 -6.00 -41.50
C ASN W 172 10.04 -5.63 -40.19
N ALA W 173 8.96 -6.33 -39.85
CA ALA W 173 8.29 -6.09 -38.59
C ALA W 173 9.15 -6.71 -37.49
N ALA W 174 9.55 -7.96 -37.70
CA ALA W 174 10.35 -8.69 -36.72
C ALA W 174 11.70 -8.07 -36.44
N ASP W 175 12.19 -7.27 -37.39
CA ASP W 175 13.48 -6.63 -37.19
C ASP W 175 13.38 -5.34 -36.36
N ARG W 176 12.15 -4.97 -36.02
CA ARG W 176 11.91 -3.80 -35.19
C ARG W 176 11.39 -4.28 -33.82
N ASP W 177 11.40 -5.60 -33.63
CA ASP W 177 10.94 -6.19 -32.38
C ASP W 177 12.06 -7.03 -31.77
N ALA W 178 12.47 -6.67 -30.56
CA ALA W 178 13.54 -7.34 -29.86
C ALA W 178 13.24 -8.81 -29.58
N LEU W 179 11.96 -9.13 -29.39
CA LEU W 179 11.55 -10.49 -29.07
C LEU W 179 11.11 -11.37 -30.24
N SER W 180 11.32 -10.90 -31.47
CA SER W 180 10.95 -11.67 -32.65
C SER W 180 12.13 -11.84 -33.60
N GLY W 181 12.06 -12.85 -34.46
CA GLY W 181 13.11 -13.12 -35.39
C GLY W 181 13.74 -14.49 -35.22
N TRP W 182 15.05 -14.58 -35.44
CA TRP W 182 15.76 -15.85 -35.30
C TRP W 182 15.29 -16.91 -36.29
N GLY W 183 14.74 -16.46 -37.40
CA GLY W 183 14.24 -17.39 -38.39
C GLY W 183 12.80 -17.05 -38.69
N ALA W 184 12.28 -17.55 -39.80
CA ALA W 184 10.89 -17.28 -40.18
C ALA W 184 10.52 -18.34 -41.19
N VAL W 185 9.23 -18.64 -41.26
CA VAL W 185 8.74 -19.64 -42.21
C VAL W 185 7.44 -19.11 -42.78
N VAL W 186 7.26 -19.27 -44.09
CA VAL W 186 6.05 -18.79 -44.75
C VAL W 186 5.32 -19.94 -45.44
N TYR W 187 4.00 -19.95 -45.32
CA TYR W 187 3.18 -20.98 -45.93
C TYR W 187 2.31 -20.36 -47.00
N ILE W 188 2.44 -20.87 -48.23
CA ILE W 188 1.59 -20.39 -49.32
C ILE W 188 0.60 -21.53 -49.52
N ILE W 189 -0.69 -21.22 -49.41
CA ILE W 189 -1.73 -22.23 -49.51
C ILE W 189 -2.68 -22.04 -50.67
N LYS W 190 -2.89 -23.12 -51.44
CA LYS W 190 -3.78 -23.12 -52.59
C LYS W 190 -4.69 -24.34 -52.44
N LYS W 191 -5.81 -24.34 -53.17
CA LYS W 191 -6.77 -25.45 -53.12
C LYS W 191 -6.17 -26.85 -53.19
N ASP W 192 -5.17 -27.00 -54.05
CA ASP W 192 -4.52 -28.28 -54.27
C ASP W 192 -3.16 -28.49 -53.63
N GLU W 193 -2.39 -27.42 -53.42
CA GLU W 193 -1.08 -27.58 -52.80
C GLU W 193 -0.70 -26.48 -51.83
N VAL W 194 0.22 -26.85 -50.94
CA VAL W 194 0.73 -25.96 -49.92
C VAL W 194 2.25 -26.04 -49.94
N VAL W 195 2.90 -24.89 -50.11
CA VAL W 195 4.36 -24.82 -50.12
C VAL W 195 4.84 -24.06 -48.89
N LYS W 196 5.88 -24.58 -48.26
CA LYS W 196 6.44 -24.00 -47.06
C LYS W 196 7.90 -23.58 -47.30
N ARG W 197 8.19 -22.30 -47.12
CA ARG W 197 9.54 -21.80 -47.33
C ARG W 197 10.11 -21.15 -46.09
N TYR W 198 11.40 -21.41 -45.83
CA TYR W 198 12.08 -20.79 -44.70
C TYR W 198 12.84 -19.59 -45.25
N LEU W 199 12.71 -18.44 -44.60
CA LEU W 199 13.39 -17.23 -45.04
C LEU W 199 14.75 -17.05 -44.37
N LYS W 200 15.59 -16.20 -44.96
CA LYS W 200 16.91 -15.91 -44.40
C LYS W 200 16.85 -14.50 -43.83
N MET W 201 17.21 -14.36 -42.55
CA MET W 201 17.15 -13.06 -41.89
C MET W 201 18.22 -12.88 -40.82
N ARG W 202 18.34 -11.66 -40.30
CA ARG W 202 19.34 -11.39 -39.27
C ARG W 202 19.09 -12.35 -38.11
N GLN W 203 20.14 -12.63 -37.35
CA GLN W 203 19.99 -13.53 -36.22
C GLN W 203 20.32 -12.83 -34.89
N ASP W 204 19.90 -11.56 -34.75
CA ASP W 204 20.18 -10.81 -33.54
C ASP W 204 18.94 -10.15 -32.90
N MET X 1 19.93 -19.22 -8.43
CA MET X 1 19.56 -20.64 -8.64
C MET X 1 20.80 -21.54 -8.80
N ASP X 2 20.54 -22.84 -8.92
CA ASP X 2 21.59 -23.85 -9.09
C ASP X 2 22.00 -23.92 -10.56
N ILE X 3 23.04 -24.69 -10.86
CA ILE X 3 23.48 -24.83 -12.23
C ILE X 3 22.95 -26.12 -12.82
N ILE X 4 22.31 -25.99 -13.97
CA ILE X 4 21.73 -27.11 -14.68
C ILE X 4 22.08 -26.96 -16.16
N LEU X 5 23.04 -27.76 -16.61
CA LEU X 5 23.47 -27.71 -18.00
C LEU X 5 23.28 -29.05 -18.66
N GLY X 6 23.19 -29.01 -19.98
CA GLY X 6 23.04 -30.22 -20.73
C GLY X 6 23.55 -30.03 -22.13
N ILE X 7 24.25 -31.03 -22.63
CA ILE X 7 24.77 -30.96 -23.99
C ILE X 7 24.61 -32.32 -24.66
N ARG X 8 24.11 -32.25 -25.89
CA ARG X 8 23.87 -33.43 -26.70
C ARG X 8 24.95 -33.56 -27.78
N VAL X 9 25.82 -34.55 -27.64
CA VAL X 9 26.88 -34.74 -28.62
C VAL X 9 26.49 -35.82 -29.63
N GLN X 10 27.50 -36.43 -30.25
CA GLN X 10 27.26 -37.45 -31.25
C GLN X 10 26.44 -38.64 -30.78
N ASP X 11 26.89 -39.32 -29.74
CA ASP X 11 26.19 -40.49 -29.29
C ASP X 11 25.78 -40.54 -27.84
N SER X 12 25.55 -39.38 -27.24
CA SER X 12 25.13 -39.34 -25.85
C SER X 12 24.73 -37.94 -25.44
N VAL X 13 24.10 -37.87 -24.27
CA VAL X 13 23.67 -36.61 -23.69
C VAL X 13 24.42 -36.50 -22.39
N ILE X 14 24.89 -35.29 -22.08
CA ILE X 14 25.62 -35.06 -20.84
C ILE X 14 24.92 -34.00 -20.02
N LEU X 15 24.75 -34.29 -18.73
CA LEU X 15 24.10 -33.36 -17.80
C LEU X 15 25.05 -32.98 -16.67
N ALA X 16 25.20 -31.66 -16.47
CA ALA X 16 26.07 -31.15 -15.43
C ALA X 16 25.16 -30.39 -14.46
N SER X 17 25.24 -30.73 -13.17
CA SER X 17 24.41 -30.11 -12.15
C SER X 17 25.21 -29.75 -10.91
N SER X 18 25.07 -28.52 -10.43
CA SER X 18 25.81 -28.07 -9.25
C SER X 18 25.50 -28.92 -8.03
N LYS X 19 26.46 -29.02 -7.12
CA LYS X 19 26.31 -29.85 -5.93
C LYS X 19 25.85 -29.13 -4.67
N ALA X 20 25.85 -27.81 -4.70
CA ALA X 20 25.44 -27.05 -3.52
C ALA X 20 23.93 -27.02 -3.26
N VAL X 21 23.59 -26.98 -1.98
CA VAL X 21 22.20 -26.88 -1.52
C VAL X 21 22.26 -25.83 -0.41
N THR X 22 21.76 -24.64 -0.71
CA THR X 22 21.80 -23.56 0.26
C THR X 22 20.44 -23.19 0.80
N ARG X 23 20.43 -22.80 2.07
CA ARG X 23 19.23 -22.35 2.74
C ARG X 23 19.60 -21.05 3.45
N GLY X 24 19.50 -19.95 2.70
CA GLY X 24 19.82 -18.64 3.22
C GLY X 24 21.28 -18.34 3.52
N ILE X 25 21.63 -18.36 4.81
CA ILE X 25 23.00 -18.05 5.27
C ILE X 25 23.98 -19.22 5.17
N SER X 26 23.48 -20.44 5.21
CA SER X 26 24.38 -21.60 5.14
C SER X 26 24.18 -22.57 3.99
N VAL X 27 25.29 -23.18 3.60
CA VAL X 27 25.31 -24.18 2.55
C VAL X 27 25.18 -25.49 3.31
N LEU X 28 23.96 -26.04 3.33
CA LEU X 28 23.68 -27.28 4.05
C LEU X 28 24.37 -28.53 3.50
N LYS X 29 24.61 -28.54 2.20
CA LYS X 29 25.24 -29.69 1.57
C LYS X 29 26.01 -29.24 0.34
N ASP X 30 27.05 -30.00 -0.01
CA ASP X 30 27.89 -29.67 -1.16
C ASP X 30 28.12 -30.90 -2.04
N SER X 31 27.29 -31.91 -1.85
CA SER X 31 27.40 -33.15 -2.59
C SER X 31 26.02 -33.62 -3.05
N ASP X 32 25.16 -32.68 -3.38
CA ASP X 32 23.81 -32.99 -3.80
C ASP X 32 23.70 -33.40 -5.27
N ASP X 33 23.06 -34.54 -5.51
CA ASP X 33 22.87 -35.04 -6.87
C ASP X 33 21.47 -34.63 -7.35
N LYS X 34 21.38 -33.52 -8.06
CA LYS X 34 20.10 -33.00 -8.58
C LYS X 34 19.59 -33.75 -9.81
N THR X 35 19.54 -35.07 -9.71
CA THR X 35 19.12 -35.89 -10.84
C THR X 35 18.33 -37.14 -10.41
N ARG X 36 17.51 -37.65 -11.33
CA ARG X 36 16.76 -38.89 -11.08
C ARG X 36 16.70 -39.65 -12.39
N GLN X 37 16.95 -40.95 -12.33
CA GLN X 37 16.89 -41.78 -13.52
C GLN X 37 15.44 -42.23 -13.71
N LEU X 38 14.83 -41.81 -14.82
CA LEU X 38 13.44 -42.17 -15.08
C LEU X 38 13.33 -43.58 -15.67
N SER X 39 14.32 -43.99 -16.46
CA SER X 39 14.37 -45.33 -17.04
C SER X 39 15.82 -45.57 -17.39
N PRO X 40 16.18 -46.83 -17.68
CA PRO X 40 17.59 -47.13 -18.01
C PRO X 40 18.31 -46.18 -18.98
N HIS X 41 17.59 -45.59 -19.94
CA HIS X 41 18.23 -44.69 -20.89
C HIS X 41 17.73 -43.25 -20.85
N THR X 42 17.05 -42.90 -19.77
CA THR X 42 16.55 -41.54 -19.62
C THR X 42 16.86 -40.95 -18.24
N LEU X 43 17.53 -39.81 -18.25
CA LEU X 43 17.91 -39.11 -17.02
C LEU X 43 17.28 -37.73 -16.98
N MET X 44 16.88 -37.28 -15.80
CA MET X 44 16.29 -35.95 -15.67
C MET X 44 16.95 -35.18 -14.53
N SER X 45 17.45 -33.99 -14.84
CA SER X 45 18.09 -33.12 -13.85
C SER X 45 17.06 -32.03 -13.57
N PHE X 46 17.16 -31.40 -12.39
CA PHE X 46 16.18 -30.38 -12.02
C PHE X 46 16.71 -29.33 -11.05
N ALA X 47 16.01 -28.19 -11.01
CA ALA X 47 16.35 -27.08 -10.13
C ALA X 47 15.10 -26.24 -9.90
N GLY X 48 15.01 -25.62 -8.73
CA GLY X 48 13.85 -24.79 -8.46
C GLY X 48 13.53 -24.67 -6.98
N GLU X 49 12.24 -24.53 -6.67
CA GLU X 49 11.72 -24.37 -5.31
C GLU X 49 12.12 -25.55 -4.39
N ALA X 50 12.57 -25.20 -3.18
CA ALA X 50 13.01 -26.14 -2.17
C ALA X 50 12.41 -27.54 -2.11
N GLY X 51 11.13 -27.65 -1.81
CA GLY X 51 10.59 -29.00 -1.72
C GLY X 51 10.05 -29.59 -3.01
N ASP X 52 9.42 -28.74 -3.82
CA ASP X 52 8.82 -29.13 -5.09
C ASP X 52 9.79 -29.87 -5.97
N THR X 53 11.02 -29.39 -5.96
CA THR X 53 12.10 -29.93 -6.74
C THR X 53 12.23 -31.47 -6.70
N VAL X 54 12.52 -32.05 -5.54
CA VAL X 54 12.64 -33.48 -5.43
C VAL X 54 11.28 -34.20 -5.45
N GLN X 55 10.24 -33.57 -4.90
CA GLN X 55 8.92 -34.20 -4.89
C GLN X 55 8.49 -34.46 -6.31
N PHE X 56 8.67 -33.48 -7.18
CA PHE X 56 8.28 -33.62 -8.59
C PHE X 56 9.11 -34.69 -9.28
N ALA X 57 10.43 -34.59 -9.18
CA ALA X 57 11.31 -35.56 -9.80
C ALA X 57 10.95 -36.99 -9.43
N GLU X 58 10.78 -37.26 -8.13
CA GLU X 58 10.45 -38.61 -7.68
C GLU X 58 9.04 -39.04 -8.13
N TYR X 59 8.13 -38.08 -8.23
CA TYR X 59 6.79 -38.36 -8.69
C TYR X 59 6.86 -38.83 -10.15
N ILE X 60 7.63 -38.10 -10.96
CA ILE X 60 7.79 -38.47 -12.37
C ILE X 60 8.47 -39.84 -12.47
N GLN X 61 9.56 -40.00 -11.74
CA GLN X 61 10.26 -41.27 -11.76
C GLN X 61 9.30 -42.44 -11.51
N ALA X 62 8.52 -42.35 -10.42
CA ALA X 62 7.57 -43.40 -10.09
C ALA X 62 6.64 -43.69 -11.28
N ASN X 63 6.07 -42.65 -11.88
CA ASN X 63 5.18 -42.85 -13.02
C ASN X 63 5.82 -43.55 -14.22
N ILE X 64 7.06 -43.19 -14.54
CA ILE X 64 7.71 -43.84 -15.66
C ILE X 64 8.02 -45.30 -15.31
N GLN X 65 8.47 -45.57 -14.09
CA GLN X 65 8.76 -46.95 -13.68
C GLN X 65 7.49 -47.80 -13.74
N LEU X 66 6.37 -47.23 -13.34
CA LEU X 66 5.10 -47.95 -13.38
C LEU X 66 4.76 -48.29 -14.83
N TYR X 67 4.96 -47.33 -15.73
CA TYR X 67 4.68 -47.54 -17.14
C TYR X 67 5.57 -48.68 -17.65
N SER X 68 6.85 -48.63 -17.30
CA SER X 68 7.81 -49.63 -17.71
C SER X 68 7.36 -51.03 -17.33
N ILE X 69 6.89 -51.19 -16.10
CA ILE X 69 6.45 -52.49 -15.65
C ILE X 69 5.14 -52.94 -16.28
N ARG X 70 4.19 -52.02 -16.42
CA ARG X 70 2.92 -52.39 -17.02
C ARG X 70 3.10 -52.87 -18.46
N GLU X 71 3.85 -52.11 -19.24
CA GLU X 71 4.06 -52.44 -20.64
C GLU X 71 5.33 -53.24 -20.95
N ASP X 72 6.17 -53.47 -19.95
CA ASP X 72 7.43 -54.17 -20.18
C ASP X 72 8.08 -53.51 -21.39
N TYR X 73 8.24 -52.19 -21.31
CA TYR X 73 8.80 -51.44 -22.42
C TYR X 73 9.30 -50.11 -21.87
N GLU X 74 10.31 -49.52 -22.52
CA GLU X 74 10.86 -48.25 -22.09
C GLU X 74 10.43 -47.14 -23.06
N LEU X 75 9.60 -46.23 -22.57
CA LEU X 75 9.11 -45.12 -23.39
C LEU X 75 10.25 -44.37 -24.03
N SER X 76 10.02 -43.83 -25.21
CA SER X 76 11.04 -43.08 -25.91
C SER X 76 11.29 -41.77 -25.16
N PRO X 77 12.50 -41.22 -25.28
CA PRO X 77 12.80 -39.95 -24.60
C PRO X 77 11.73 -38.93 -24.93
N GLN X 78 11.30 -38.89 -26.18
CA GLN X 78 10.28 -37.95 -26.61
C GLN X 78 8.99 -38.17 -25.81
N ALA X 79 8.57 -39.43 -25.70
CA ALA X 79 7.35 -39.74 -24.96
C ALA X 79 7.44 -39.25 -23.53
N VAL X 80 8.54 -39.58 -22.86
CA VAL X 80 8.73 -39.17 -21.48
C VAL X 80 8.72 -37.66 -21.30
N SER X 81 9.30 -36.93 -22.24
CA SER X 81 9.34 -35.48 -22.12
C SER X 81 7.98 -34.85 -22.38
N SER X 82 7.14 -35.50 -23.16
CA SER X 82 5.81 -34.96 -23.43
C SER X 82 4.97 -35.20 -22.19
N PHE X 83 5.19 -36.35 -21.56
CA PHE X 83 4.48 -36.68 -20.35
C PHE X 83 4.82 -35.64 -19.29
N VAL X 84 6.10 -35.37 -19.15
CA VAL X 84 6.57 -34.40 -18.18
C VAL X 84 6.06 -32.98 -18.49
N ARG X 85 6.02 -32.59 -19.76
CA ARG X 85 5.54 -31.25 -20.07
C ARG X 85 4.08 -31.11 -19.64
N GLN X 86 3.27 -32.11 -19.95
CA GLN X 86 1.87 -32.10 -19.58
C GLN X 86 1.71 -31.95 -18.07
N GLU X 87 2.50 -32.68 -17.30
CA GLU X 87 2.41 -32.59 -15.85
C GLU X 87 2.69 -31.16 -15.39
N LEU X 88 3.73 -30.53 -15.94
CA LEU X 88 4.07 -29.16 -15.57
C LEU X 88 3.01 -28.18 -16.08
N ALA X 89 2.47 -28.42 -17.26
CA ALA X 89 1.44 -27.55 -17.80
C ALA X 89 0.15 -27.56 -16.96
N LYS X 90 -0.12 -28.67 -16.29
CA LYS X 90 -1.32 -28.78 -15.43
C LYS X 90 -1.01 -27.99 -14.17
N SER X 91 0.16 -28.27 -13.63
CA SER X 91 0.65 -27.66 -12.42
C SER X 91 0.65 -26.14 -12.44
N ILE X 92 0.98 -25.53 -13.57
CA ILE X 92 1.04 -24.08 -13.62
C ILE X 92 -0.31 -23.41 -13.38
N ARG X 93 -1.40 -24.13 -13.64
CA ARG X 93 -2.73 -23.56 -13.44
C ARG X 93 -3.44 -24.18 -12.24
N SER X 94 -2.68 -24.86 -11.38
CA SER X 94 -3.24 -25.50 -10.19
C SER X 94 -3.13 -24.56 -8.98
N ARG X 95 -3.67 -24.98 -7.84
CA ARG X 95 -3.65 -24.16 -6.63
C ARG X 95 -2.24 -23.73 -6.25
N ARG X 96 -1.33 -24.69 -6.15
CA ARG X 96 0.06 -24.39 -5.83
C ARG X 96 0.97 -25.11 -6.81
N PRO X 97 1.39 -24.42 -7.88
CA PRO X 97 2.26 -24.94 -8.94
C PRO X 97 3.64 -25.41 -8.49
N TYR X 98 4.13 -26.47 -9.14
CA TYR X 98 5.45 -27.01 -8.87
C TYR X 98 6.41 -26.02 -9.50
N GLN X 99 7.31 -25.44 -8.72
CA GLN X 99 8.27 -24.52 -9.29
C GLN X 99 9.57 -25.26 -9.57
N VAL X 100 9.54 -26.11 -10.60
CA VAL X 100 10.68 -26.91 -10.97
C VAL X 100 10.96 -26.83 -12.46
N ASN X 101 12.24 -26.68 -12.80
CA ASN X 101 12.67 -26.62 -14.20
C ASN X 101 13.48 -27.89 -14.43
N VAL X 102 13.36 -28.50 -15.60
CA VAL X 102 14.10 -29.72 -15.81
C VAL X 102 14.78 -29.85 -17.16
N LEU X 103 15.75 -30.75 -17.21
CA LEU X 103 16.47 -31.08 -18.43
C LEU X 103 16.30 -32.59 -18.54
N ILE X 104 15.81 -33.07 -19.67
CA ILE X 104 15.67 -34.51 -19.80
C ILE X 104 16.62 -34.99 -20.88
N GLY X 105 17.57 -35.82 -20.47
CA GLY X 105 18.53 -36.38 -21.39
C GLY X 105 18.27 -37.87 -21.55
N GLY X 106 18.11 -38.31 -22.78
CA GLY X 106 17.87 -39.72 -23.00
C GLY X 106 18.42 -40.22 -24.33
N TYR X 107 18.71 -41.51 -24.38
CA TYR X 107 19.20 -42.11 -25.60
C TYR X 107 18.06 -42.96 -26.15
N ASP X 108 17.58 -42.60 -27.32
CA ASP X 108 16.48 -43.34 -27.93
C ASP X 108 17.05 -44.59 -28.59
N LYS X 109 16.85 -45.75 -27.97
CA LYS X 109 17.37 -47.01 -28.50
C LYS X 109 16.79 -47.41 -29.85
N LYS X 110 15.61 -46.90 -30.17
CA LYS X 110 14.98 -47.21 -31.45
C LYS X 110 15.61 -46.35 -32.54
N LYS X 111 15.67 -45.03 -32.35
CA LYS X 111 16.26 -44.12 -33.33
C LYS X 111 17.78 -44.17 -33.27
N ASN X 112 18.30 -44.72 -32.17
CA ASN X 112 19.74 -44.82 -31.91
C ASN X 112 20.38 -43.45 -32.01
N LYS X 113 19.83 -42.50 -31.26
CA LYS X 113 20.30 -41.12 -31.22
C LYS X 113 20.02 -40.52 -29.85
N PRO X 114 20.91 -39.65 -29.36
CA PRO X 114 20.69 -39.02 -28.06
C PRO X 114 19.77 -37.81 -28.22
N GLU X 115 19.04 -37.47 -27.16
CA GLU X 115 18.13 -36.34 -27.20
C GLU X 115 18.15 -35.55 -25.90
N LEU X 116 18.11 -34.23 -26.02
CA LEU X 116 18.10 -33.34 -24.86
C LEU X 116 16.85 -32.45 -24.92
N TYR X 117 16.09 -32.46 -23.85
CA TYR X 117 14.87 -31.66 -23.75
C TYR X 117 14.95 -30.68 -22.58
N GLN X 118 14.52 -29.46 -22.83
CA GLN X 118 14.51 -28.43 -21.80
C GLN X 118 13.06 -28.05 -21.55
N ILE X 119 12.61 -28.18 -20.30
CA ILE X 119 11.23 -27.84 -19.94
C ILE X 119 11.22 -27.01 -18.65
N ASP X 120 10.61 -25.83 -18.70
CA ASP X 120 10.53 -25.00 -17.48
C ASP X 120 9.23 -25.26 -16.76
N TYR X 121 9.08 -24.72 -15.56
CA TYR X 121 7.89 -24.97 -14.76
C TYR X 121 6.56 -24.56 -15.40
N LEU X 122 6.59 -23.75 -16.46
CA LEU X 122 5.33 -23.35 -17.09
C LEU X 122 4.86 -24.42 -18.06
N GLY X 123 5.73 -25.41 -18.30
CA GLY X 123 5.39 -26.46 -19.24
C GLY X 123 5.90 -26.09 -20.62
N THR X 124 6.95 -25.27 -20.68
CA THR X 124 7.53 -24.84 -21.92
C THR X 124 8.66 -25.82 -22.27
N LYS X 125 8.44 -26.61 -23.32
CA LYS X 125 9.41 -27.61 -23.77
C LYS X 125 10.02 -27.23 -25.10
N VAL X 126 11.30 -27.57 -25.27
CA VAL X 126 12.01 -27.29 -26.50
C VAL X 126 13.13 -28.35 -26.58
N GLU X 127 13.48 -28.79 -27.79
CA GLU X 127 14.56 -29.78 -27.93
C GLU X 127 15.81 -29.03 -28.36
N LEU X 128 16.94 -29.35 -27.73
CA LEU X 128 18.17 -28.61 -28.05
C LEU X 128 19.46 -29.41 -28.10
N PRO X 129 20.49 -28.83 -28.77
CA PRO X 129 21.82 -29.45 -28.90
C PRO X 129 22.40 -29.36 -27.48
N TYR X 130 22.15 -28.22 -26.85
CA TYR X 130 22.58 -27.93 -25.47
C TYR X 130 21.61 -26.90 -24.89
N GLY X 131 21.39 -26.99 -23.59
CA GLY X 131 20.49 -26.07 -22.92
C GLY X 131 20.85 -25.91 -21.46
N ALA X 132 20.18 -24.96 -20.81
CA ALA X 132 20.41 -24.67 -19.40
C ALA X 132 19.18 -24.04 -18.78
N HIS X 133 19.16 -23.98 -17.45
CA HIS X 133 18.05 -23.35 -16.75
C HIS X 133 18.61 -22.29 -15.81
N GLY X 134 17.89 -21.20 -15.66
CA GLY X 134 18.34 -20.14 -14.77
C GLY X 134 19.31 -19.20 -15.44
N TYR X 135 20.34 -18.83 -14.70
CA TYR X 135 21.35 -17.91 -15.19
C TYR X 135 22.45 -18.64 -15.91
N SER X 136 22.52 -19.95 -15.71
CA SER X 136 23.54 -20.78 -16.33
C SER X 136 23.79 -20.49 -17.81
N GLY X 137 22.71 -20.33 -18.59
CA GLY X 137 22.87 -20.06 -20.00
C GLY X 137 23.58 -18.76 -20.33
N PHE X 138 23.33 -17.73 -19.53
CA PHE X 138 23.94 -16.42 -19.74
C PHE X 138 25.47 -16.42 -19.79
N TYR X 139 26.12 -17.28 -19.03
CA TYR X 139 27.57 -17.32 -19.00
C TYR X 139 28.17 -18.33 -19.96
N THR X 140 27.41 -19.38 -20.23
CA THR X 140 27.88 -20.48 -21.07
C THR X 140 27.43 -20.56 -22.54
N PHE X 141 26.27 -20.00 -22.86
CA PHE X 141 25.79 -20.09 -24.23
C PHE X 141 26.72 -19.51 -25.29
N SER X 142 27.43 -18.43 -24.98
CA SER X 142 28.32 -17.86 -25.99
C SER X 142 29.43 -18.85 -26.30
N LEU X 143 29.82 -19.63 -25.30
CA LEU X 143 30.87 -20.63 -25.47
C LEU X 143 30.36 -21.82 -26.29
N LEU X 144 29.17 -22.32 -25.92
CA LEU X 144 28.60 -23.45 -26.63
C LEU X 144 28.27 -23.06 -28.07
N ASP X 145 27.72 -21.87 -28.26
CA ASP X 145 27.38 -21.39 -29.59
C ASP X 145 28.62 -21.39 -30.46
N HIS X 146 29.78 -21.24 -29.84
CA HIS X 146 31.02 -21.19 -30.59
C HIS X 146 31.62 -22.56 -30.91
N HIS X 147 31.92 -23.32 -29.87
CA HIS X 147 32.54 -24.63 -30.01
C HIS X 147 31.66 -25.84 -30.36
N TYR X 148 30.35 -25.75 -30.14
CA TYR X 148 29.51 -26.91 -30.43
C TYR X 148 29.53 -27.40 -31.88
N ARG X 149 29.67 -28.72 -32.01
CA ARG X 149 29.67 -29.41 -33.31
C ARG X 149 28.87 -30.72 -33.11
N PRO X 150 27.87 -30.98 -33.97
CA PRO X 150 27.01 -32.16 -33.92
C PRO X 150 27.72 -33.50 -33.88
N ASP X 151 28.96 -33.52 -34.36
CA ASP X 151 29.73 -34.75 -34.38
C ASP X 151 30.71 -34.95 -33.23
N MET X 152 30.63 -34.10 -32.20
CA MET X 152 31.52 -34.21 -31.05
C MET X 152 31.46 -35.57 -30.38
N THR X 153 32.61 -36.04 -29.90
CA THR X 153 32.65 -37.30 -29.20
C THR X 153 32.25 -36.95 -27.78
N THR X 154 31.96 -37.94 -26.95
CA THR X 154 31.59 -37.68 -25.58
C THR X 154 32.73 -36.96 -24.89
N GLU X 155 33.96 -37.29 -25.28
CA GLU X 155 35.14 -36.68 -24.68
C GLU X 155 35.26 -35.19 -25.00
N GLU X 156 34.97 -34.81 -26.24
CA GLU X 156 35.04 -33.42 -26.65
C GLU X 156 33.98 -32.65 -25.88
N GLY X 157 32.81 -33.25 -25.74
CA GLY X 157 31.72 -32.63 -25.01
C GLY X 157 32.12 -32.33 -23.57
N LEU X 158 32.70 -33.33 -22.90
CA LEU X 158 33.13 -33.14 -21.53
C LEU X 158 34.13 -32.01 -21.42
N ASP X 159 34.91 -31.80 -22.46
CA ASP X 159 35.91 -30.72 -22.43
C ASP X 159 35.23 -29.36 -22.60
N LEU X 160 34.22 -29.33 -23.46
CA LEU X 160 33.49 -28.09 -23.71
C LEU X 160 32.74 -27.73 -22.43
N LEU X 161 32.23 -28.73 -21.72
CA LEU X 161 31.52 -28.50 -20.46
C LEU X 161 32.48 -27.93 -19.44
N LYS X 162 33.65 -28.55 -19.35
CA LYS X 162 34.66 -28.11 -18.41
C LYS X 162 34.93 -26.63 -18.63
N LEU X 163 35.01 -26.23 -19.89
CA LEU X 163 35.26 -24.82 -20.22
C LEU X 163 34.10 -23.97 -19.70
N CYS X 164 32.88 -24.46 -19.91
CA CYS X 164 31.68 -23.77 -19.45
C CYS X 164 31.70 -23.60 -17.94
N VAL X 165 31.98 -24.69 -17.24
CA VAL X 165 32.01 -24.67 -15.79
C VAL X 165 33.07 -23.72 -15.27
N GLN X 166 34.18 -23.60 -16.00
CA GLN X 166 35.25 -22.70 -15.58
C GLN X 166 34.79 -21.25 -15.70
N GLU X 167 34.09 -20.95 -16.81
CA GLU X 167 33.58 -19.59 -17.01
C GLU X 167 32.58 -19.30 -15.91
N LEU X 168 31.79 -20.31 -15.55
CA LEU X 168 30.79 -20.15 -14.50
C LEU X 168 31.46 -19.87 -13.16
N GLU X 169 32.50 -20.63 -12.84
CA GLU X 169 33.18 -20.43 -11.58
C GLU X 169 33.87 -19.08 -11.51
N LYS X 170 34.18 -18.51 -12.67
CA LYS X 170 34.85 -17.22 -12.68
C LYS X 170 33.92 -16.00 -12.57
N ARG X 171 32.91 -15.94 -13.42
CA ARG X 171 31.98 -14.80 -13.44
C ARG X 171 30.73 -14.85 -12.56
N MET X 172 30.41 -16.01 -11.99
CA MET X 172 29.22 -16.10 -11.15
C MET X 172 29.51 -15.81 -9.68
N PRO X 173 28.65 -14.98 -9.06
CA PRO X 173 28.73 -14.55 -7.66
C PRO X 173 28.59 -15.64 -6.61
N MET X 174 27.81 -16.66 -6.92
CA MET X 174 27.58 -17.76 -5.98
C MET X 174 28.59 -18.89 -6.11
N ASP X 175 28.80 -19.61 -5.02
CA ASP X 175 29.70 -20.75 -4.99
C ASP X 175 28.80 -21.99 -5.05
N PHE X 176 28.66 -22.58 -6.23
CA PHE X 176 27.79 -23.75 -6.39
C PHE X 176 28.47 -25.07 -6.07
N LYS X 177 29.65 -25.00 -5.46
CA LYS X 177 30.43 -26.17 -5.05
C LYS X 177 30.65 -27.26 -6.11
N GLY X 178 30.99 -26.85 -7.33
CA GLY X 178 31.22 -27.82 -8.39
C GLY X 178 29.97 -28.44 -8.95
N VAL X 179 30.16 -29.36 -9.89
CA VAL X 179 29.05 -30.03 -10.54
C VAL X 179 29.25 -31.54 -10.63
N ILE X 180 28.15 -32.28 -10.67
CA ILE X 180 28.20 -33.72 -10.84
C ILE X 180 27.79 -33.87 -12.30
N VAL X 181 28.54 -34.67 -13.04
CA VAL X 181 28.28 -34.86 -14.47
C VAL X 181 27.87 -36.30 -14.75
N LYS X 182 26.93 -36.48 -15.66
CA LYS X 182 26.46 -37.82 -16.00
C LYS X 182 26.27 -37.98 -17.51
N ILE X 183 26.55 -39.18 -17.99
CA ILE X 183 26.42 -39.47 -19.40
C ILE X 183 25.33 -40.49 -19.66
N VAL X 184 24.54 -40.22 -20.69
CA VAL X 184 23.46 -41.11 -21.08
C VAL X 184 23.72 -41.53 -22.52
N ASP X 185 23.90 -42.82 -22.75
CA ASP X 185 24.15 -43.31 -24.11
C ASP X 185 23.45 -44.63 -24.34
N LYS X 186 23.76 -45.26 -25.47
CA LYS X 186 23.17 -46.53 -25.84
C LYS X 186 23.29 -47.58 -24.74
N ASP X 187 24.29 -47.43 -23.88
CA ASP X 187 24.49 -48.39 -22.81
C ASP X 187 23.93 -48.00 -21.46
N GLY X 188 23.23 -46.87 -21.41
CA GLY X 188 22.66 -46.46 -20.14
C GLY X 188 23.19 -45.16 -19.58
N ILE X 189 23.12 -45.04 -18.26
CA ILE X 189 23.55 -43.84 -17.55
C ILE X 189 24.71 -44.13 -16.62
N ARG X 190 25.80 -43.38 -16.75
CA ARG X 190 26.96 -43.57 -15.88
C ARG X 190 27.43 -42.19 -15.41
N GLN X 191 28.04 -42.14 -14.23
CA GLN X 191 28.51 -40.86 -13.66
C GLN X 191 30.01 -40.67 -13.77
N VAL X 192 30.42 -39.51 -14.30
CA VAL X 192 31.83 -39.17 -14.44
C VAL X 192 32.39 -38.73 -13.10
N ASP X 193 32.61 -39.69 -12.21
CA ASP X 193 33.13 -39.41 -10.87
C ASP X 193 34.44 -38.58 -10.83
N ASP X 194 35.02 -38.32 -12.00
CA ASP X 194 36.26 -37.54 -12.07
C ASP X 194 36.15 -36.27 -12.92
N PHE X 195 35.52 -35.24 -12.36
CA PHE X 195 35.37 -33.96 -13.07
C PHE X 195 35.87 -32.86 -12.13
N GLN X 196 36.22 -33.26 -10.91
CA GLN X 196 36.74 -32.34 -9.89
C GLN X 196 38.13 -31.89 -10.33
N ALA X 197 38.56 -32.43 -11.47
CA ALA X 197 39.87 -32.12 -12.05
C ALA X 197 40.11 -33.06 -13.25
N GLN X 198 39.25 -32.95 -14.26
CA GLN X 198 39.36 -33.79 -15.46
C GLN X 198 40.16 -33.06 -16.55
N THR Y 1 18.27 -20.34 18.81
CA THR Y 1 18.39 -21.83 18.82
C THR Y 1 19.62 -22.33 18.09
N THR Y 2 20.25 -23.36 18.67
CA THR Y 2 21.40 -24.00 18.05
C THR Y 2 21.22 -25.50 18.30
N THR Y 3 21.27 -26.26 17.21
CA THR Y 3 21.13 -27.69 17.30
C THR Y 3 22.05 -28.28 16.25
N LEU Y 4 22.73 -29.37 16.62
CA LEU Y 4 23.61 -30.06 15.70
C LEU Y 4 23.47 -31.56 15.85
N ALA Y 5 23.99 -32.27 14.87
CA ALA Y 5 23.95 -33.72 14.87
C ALA Y 5 24.96 -34.16 13.84
N PHE Y 6 25.81 -35.12 14.19
CA PHE Y 6 26.80 -35.61 13.24
C PHE Y 6 27.09 -37.10 13.42
N ARG Y 7 27.44 -37.71 12.30
CA ARG Y 7 27.76 -39.13 12.19
C ARG Y 7 29.24 -39.39 12.41
N PHE Y 8 29.55 -40.46 13.13
CA PHE Y 8 30.95 -40.84 13.34
C PHE Y 8 31.09 -42.34 13.59
N GLN Y 9 32.32 -42.79 13.75
CA GLN Y 9 32.59 -44.21 14.00
C GLN Y 9 31.69 -44.80 15.09
N GLY Y 10 31.44 -44.05 16.17
CA GLY Y 10 30.62 -44.56 17.25
C GLY Y 10 29.13 -44.28 17.18
N GLY Y 11 28.64 -43.86 16.03
CA GLY Y 11 27.21 -43.59 15.89
C GLY Y 11 26.87 -42.13 15.58
N ILE Y 12 25.96 -41.57 16.35
CA ILE Y 12 25.52 -40.19 16.15
C ILE Y 12 25.52 -39.38 17.43
N ILE Y 13 26.01 -38.15 17.34
CA ILE Y 13 26.02 -37.27 18.50
C ILE Y 13 25.01 -36.16 18.22
N VAL Y 14 24.14 -35.88 19.17
CA VAL Y 14 23.12 -34.86 19.01
C VAL Y 14 23.23 -33.91 20.20
N ALA Y 15 23.40 -32.62 19.90
CA ALA Y 15 23.51 -31.63 20.95
C ALA Y 15 22.65 -30.41 20.61
N VAL Y 16 21.96 -29.87 21.61
CA VAL Y 16 21.10 -28.72 21.40
C VAL Y 16 21.23 -27.73 22.56
N ASP Y 17 20.67 -26.53 22.41
CA ASP Y 17 20.70 -25.55 23.49
C ASP Y 17 19.30 -25.64 24.07
N SER Y 18 18.92 -24.71 24.95
CA SER Y 18 17.58 -24.82 25.52
C SER Y 18 16.89 -23.50 25.77
N ARG Y 19 17.25 -22.48 24.98
CA ARG Y 19 16.65 -21.16 25.15
C ARG Y 19 15.42 -20.91 24.24
N ALA Y 20 14.48 -20.14 24.76
CA ALA Y 20 13.29 -19.76 24.02
C ALA Y 20 13.01 -18.29 24.32
N THR Y 21 12.83 -17.49 23.27
CA THR Y 21 12.56 -16.07 23.45
C THR Y 21 11.28 -15.62 22.75
N ALA Y 22 10.67 -14.58 23.31
CA ALA Y 22 9.47 -13.96 22.77
C ALA Y 22 9.89 -12.51 22.56
N GLY Y 23 10.66 -12.30 21.49
CA GLY Y 23 11.19 -10.98 21.21
C GLY Y 23 12.57 -10.95 21.82
N ASN Y 24 12.82 -10.02 22.74
CA ASN Y 24 14.12 -9.93 23.40
C ASN Y 24 14.00 -10.70 24.71
N TRP Y 25 12.77 -10.82 25.17
CA TRP Y 25 12.46 -11.51 26.41
C TRP Y 25 12.66 -13.02 26.33
N VAL Y 26 13.51 -13.53 27.22
CA VAL Y 26 13.82 -14.95 27.33
C VAL Y 26 12.69 -15.62 28.10
N ALA Y 27 11.87 -16.39 27.41
CA ALA Y 27 10.73 -17.05 28.03
C ALA Y 27 11.11 -18.32 28.78
N SER Y 28 12.12 -19.03 28.29
CA SER Y 28 12.57 -20.24 28.95
C SER Y 28 14.03 -20.54 28.65
N GLN Y 29 14.69 -21.17 29.62
CA GLN Y 29 16.09 -21.57 29.48
C GLN Y 29 16.12 -23.08 29.72
N THR Y 30 14.93 -23.69 29.77
CA THR Y 30 14.77 -25.12 30.03
C THR Y 30 13.90 -25.86 29.01
N VAL Y 31 14.10 -25.58 27.73
CA VAL Y 31 13.32 -26.21 26.69
C VAL Y 31 13.98 -27.46 26.15
N LYS Y 32 13.18 -28.50 25.89
CA LYS Y 32 13.72 -29.74 25.35
C LYS Y 32 13.70 -29.66 23.82
N LYS Y 33 14.86 -29.40 23.22
CA LYS Y 33 14.94 -29.28 21.78
C LYS Y 33 15.31 -30.60 21.10
N VAL Y 34 15.22 -31.68 21.84
CA VAL Y 34 15.47 -33.00 21.28
C VAL Y 34 14.22 -33.78 21.61
N ILE Y 35 13.58 -34.34 20.59
CA ILE Y 35 12.38 -35.10 20.79
C ILE Y 35 12.70 -36.58 20.65
N GLU Y 36 12.37 -37.31 21.71
CA GLU Y 36 12.60 -38.74 21.75
C GLU Y 36 11.44 -39.42 21.03
N ILE Y 37 11.59 -39.53 19.71
CA ILE Y 37 10.58 -40.14 18.84
C ILE Y 37 10.25 -41.54 19.37
N ASN Y 38 11.29 -42.29 19.70
CA ASN Y 38 11.19 -43.62 20.30
C ASN Y 38 12.61 -43.97 20.79
N PRO Y 39 12.78 -45.11 21.46
CA PRO Y 39 14.11 -45.50 21.96
C PRO Y 39 15.26 -45.56 20.94
N PHE Y 40 14.94 -45.55 19.66
CA PHE Y 40 15.98 -45.64 18.64
C PHE Y 40 16.07 -44.41 17.74
N LEU Y 41 15.07 -43.54 17.81
CA LEU Y 41 15.06 -42.36 16.97
C LEU Y 41 15.00 -41.04 17.72
N LEU Y 42 15.83 -40.09 17.29
CA LEU Y 42 15.85 -38.77 17.91
C LEU Y 42 15.52 -37.69 16.86
N GLY Y 43 14.86 -36.63 17.30
CA GLY Y 43 14.52 -35.54 16.40
C GLY Y 43 14.88 -34.22 17.06
N THR Y 44 15.50 -33.31 16.32
CA THR Y 44 15.87 -32.02 16.90
C THR Y 44 14.80 -30.97 16.60
N MET Y 45 14.74 -29.95 17.44
CA MET Y 45 13.74 -28.91 17.31
C MET Y 45 14.30 -27.51 17.01
N ALA Y 46 13.85 -26.93 15.90
CA ALA Y 46 14.27 -25.60 15.48
C ALA Y 46 13.12 -25.00 14.66
N GLY Y 47 12.91 -23.70 14.79
CA GLY Y 47 11.81 -23.05 14.08
C GLY Y 47 10.67 -22.90 15.04
N GLY Y 48 9.56 -23.59 14.78
CA GLY Y 48 8.42 -23.51 15.68
C GLY Y 48 8.41 -24.68 16.66
N ALA Y 49 8.35 -24.38 17.95
CA ALA Y 49 8.32 -25.42 18.97
C ALA Y 49 7.12 -26.33 18.78
N ALA Y 50 5.93 -25.76 18.81
CA ALA Y 50 4.72 -26.55 18.64
C ALA Y 50 4.83 -27.44 17.42
N ASP Y 51 5.18 -26.85 16.28
CA ASP Y 51 5.29 -27.61 15.03
C ASP Y 51 6.19 -28.83 15.12
N CYS Y 52 7.40 -28.64 15.62
CA CYS Y 52 8.35 -29.74 15.77
C CYS Y 52 7.85 -30.78 16.78
N GLN Y 53 7.57 -30.31 17.98
CA GLN Y 53 7.08 -31.16 19.06
C GLN Y 53 5.88 -32.00 18.63
N PHE Y 54 4.85 -31.33 18.11
CA PHE Y 54 3.65 -32.02 17.68
C PHE Y 54 3.89 -33.05 16.58
N TRP Y 55 4.43 -32.60 15.44
CA TRP Y 55 4.65 -33.51 14.34
C TRP Y 55 5.68 -34.60 14.56
N GLU Y 56 6.67 -34.34 15.41
CA GLU Y 56 7.67 -35.37 15.66
C GLU Y 56 7.14 -36.40 16.66
N THR Y 57 6.19 -35.98 17.50
CA THR Y 57 5.57 -36.90 18.46
C THR Y 57 4.66 -37.77 17.61
N TRP Y 58 4.00 -37.13 16.65
CA TRP Y 58 3.11 -37.83 15.73
C TRP Y 58 3.96 -38.83 14.95
N LEU Y 59 5.14 -38.40 14.52
CA LEU Y 59 6.03 -39.29 13.77
C LEU Y 59 6.28 -40.57 14.56
N GLY Y 60 6.48 -40.41 15.87
CA GLY Y 60 6.72 -41.54 16.74
C GLY Y 60 5.56 -42.53 16.65
N SER Y 61 4.34 -42.01 16.62
CA SER Y 61 3.18 -42.86 16.52
C SER Y 61 3.17 -43.59 15.18
N GLN Y 62 3.53 -42.90 14.11
CA GLN Y 62 3.55 -43.51 12.79
C GLN Y 62 4.58 -44.63 12.71
N CYS Y 63 5.75 -44.41 13.31
CA CYS Y 63 6.80 -45.40 13.33
C CYS Y 63 6.34 -46.65 14.06
N ARG Y 64 5.63 -46.46 15.17
CA ARG Y 64 5.13 -47.57 15.97
C ARG Y 64 4.14 -48.44 15.17
N LEU Y 65 3.24 -47.79 14.43
CA LEU Y 65 2.27 -48.49 13.60
C LEU Y 65 2.99 -49.28 12.50
N HIS Y 66 4.07 -48.71 11.98
CA HIS Y 66 4.84 -49.37 10.93
C HIS Y 66 5.36 -50.70 11.47
N GLU Y 67 6.08 -50.62 12.58
CA GLU Y 67 6.68 -51.78 13.22
C GLU Y 67 5.67 -52.84 13.65
N LEU Y 68 4.46 -52.43 14.01
CA LEU Y 68 3.45 -53.41 14.39
C LEU Y 68 2.99 -54.13 13.13
N ARG Y 69 2.78 -53.36 12.08
CA ARG Y 69 2.32 -53.88 10.80
C ARG Y 69 3.34 -54.76 10.08
N GLU Y 70 4.58 -54.26 10.01
CA GLU Y 70 5.66 -54.95 9.31
C GLU Y 70 6.59 -55.80 10.19
N LYS Y 71 6.25 -55.94 11.46
CA LYS Y 71 7.08 -56.73 12.38
C LYS Y 71 8.55 -56.52 12.09
N GLU Y 72 8.98 -55.27 12.10
CA GLU Y 72 10.36 -54.93 11.82
C GLU Y 72 10.63 -53.44 12.09
N ARG Y 73 11.82 -53.17 12.64
CA ARG Y 73 12.23 -51.81 12.96
C ARG Y 73 12.23 -50.90 11.72
N ILE Y 74 11.53 -49.77 11.81
CA ILE Y 74 11.46 -48.84 10.68
C ILE Y 74 12.84 -48.27 10.38
N SER Y 75 13.10 -47.95 9.10
CA SER Y 75 14.38 -47.39 8.72
C SER Y 75 14.36 -45.86 8.90
N VAL Y 76 15.53 -45.28 9.15
CA VAL Y 76 15.62 -43.84 9.32
C VAL Y 76 15.19 -43.14 8.04
N ALA Y 77 15.48 -43.75 6.89
CA ALA Y 77 15.09 -43.17 5.62
C ALA Y 77 13.58 -43.04 5.57
N ALA Y 78 12.89 -44.15 5.86
CA ALA Y 78 11.43 -44.18 5.84
C ALA Y 78 10.79 -43.26 6.88
N ALA Y 79 11.33 -43.26 8.09
CA ALA Y 79 10.79 -42.43 9.17
C ALA Y 79 10.85 -40.97 8.79
N SER Y 80 12.03 -40.54 8.33
CA SER Y 80 12.26 -39.17 7.92
C SER Y 80 11.35 -38.76 6.76
N LYS Y 81 11.09 -39.69 5.84
CA LYS Y 81 10.26 -39.36 4.69
C LYS Y 81 8.79 -39.23 5.08
N ILE Y 82 8.39 -39.94 6.13
CA ILE Y 82 7.00 -39.84 6.56
C ILE Y 82 6.79 -38.40 7.05
N LEU Y 83 7.76 -37.89 7.80
CA LEU Y 83 7.68 -36.52 8.33
C LEU Y 83 7.72 -35.54 7.17
N SER Y 84 8.71 -35.73 6.31
CA SER Y 84 8.89 -34.90 5.13
C SER Y 84 7.62 -34.79 4.29
N ASN Y 85 7.05 -35.93 3.90
CA ASN Y 85 5.85 -35.94 3.08
C ASN Y 85 4.65 -35.28 3.77
N LEU Y 86 4.59 -35.39 5.09
CA LEU Y 86 3.49 -34.79 5.84
C LEU Y 86 3.67 -33.29 5.75
N VAL Y 87 4.85 -32.83 6.14
CA VAL Y 87 5.18 -31.43 6.11
C VAL Y 87 4.97 -30.81 4.72
N TYR Y 88 5.31 -31.58 3.69
CA TYR Y 88 5.14 -31.09 2.33
C TYR Y 88 3.66 -30.88 2.02
N GLN Y 89 2.79 -31.64 2.68
CA GLN Y 89 1.35 -31.48 2.47
C GLN Y 89 0.91 -30.07 2.86
N TYR Y 90 1.59 -29.50 3.84
CA TYR Y 90 1.29 -28.18 4.36
C TYR Y 90 2.10 -27.05 3.75
N LYS Y 91 2.94 -27.36 2.76
CA LYS Y 91 3.76 -26.32 2.14
C LYS Y 91 2.92 -25.08 1.83
N GLY Y 92 3.33 -23.97 2.41
CA GLY Y 92 2.64 -22.71 2.21
C GLY Y 92 1.74 -22.32 3.37
N ALA Y 93 1.34 -23.28 4.21
CA ALA Y 93 0.45 -22.99 5.33
C ALA Y 93 1.10 -22.20 6.45
N GLY Y 94 2.42 -22.25 6.56
CA GLY Y 94 3.08 -21.53 7.62
C GLY Y 94 3.82 -22.37 8.68
N LEU Y 95 3.86 -23.68 8.52
CA LEU Y 95 4.60 -24.50 9.46
C LEU Y 95 6.04 -23.98 9.45
N SER Y 96 6.71 -24.04 10.57
CA SER Y 96 8.07 -23.60 10.64
C SER Y 96 8.87 -24.63 11.39
N MET Y 97 9.76 -25.33 10.69
CA MET Y 97 10.57 -26.34 11.32
C MET Y 97 11.79 -26.79 10.53
N GLY Y 98 12.92 -26.84 11.23
CA GLY Y 98 14.18 -27.27 10.65
C GLY Y 98 14.59 -28.38 11.60
N THR Y 99 14.59 -29.61 11.13
CA THR Y 99 14.89 -30.72 12.02
C THR Y 99 15.87 -31.75 11.52
N MET Y 100 16.46 -32.50 12.45
CA MET Y 100 17.36 -33.60 12.11
C MET Y 100 16.71 -34.87 12.64
N ILE Y 101 16.48 -35.83 11.76
CA ILE Y 101 15.90 -37.11 12.17
C ILE Y 101 17.10 -38.04 12.23
N CYS Y 102 17.44 -38.47 13.44
CA CYS Y 102 18.61 -39.32 13.65
C CYS Y 102 18.33 -40.75 14.12
N GLY Y 103 18.98 -41.70 13.45
CA GLY Y 103 18.78 -43.09 13.80
C GLY Y 103 19.97 -43.96 13.44
N TYR Y 104 20.01 -45.15 14.02
CA TYR Y 104 21.10 -46.09 13.77
C TYR Y 104 20.50 -47.47 13.58
N THR Y 105 20.28 -47.85 12.34
CA THR Y 105 19.70 -49.16 12.08
C THR Y 105 20.73 -50.10 11.49
N ARG Y 106 20.53 -51.38 11.75
CA ARG Y 106 21.42 -52.42 11.25
C ARG Y 106 21.60 -52.24 9.76
N LYS Y 107 20.48 -52.05 9.07
CA LYS Y 107 20.46 -51.86 7.62
C LYS Y 107 21.24 -50.66 7.11
N GLU Y 108 21.03 -49.50 7.74
CA GLU Y 108 21.65 -48.25 7.30
C GLU Y 108 22.88 -47.73 8.04
N GLY Y 109 23.03 -48.11 9.30
CA GLY Y 109 24.16 -47.63 10.07
C GLY Y 109 23.75 -46.30 10.66
N PRO Y 110 24.70 -45.45 11.07
CA PRO Y 110 24.28 -44.16 11.65
C PRO Y 110 23.72 -43.30 10.53
N THR Y 111 22.50 -42.80 10.71
CA THR Y 111 21.88 -41.98 9.69
C THR Y 111 21.21 -40.72 10.20
N ILE Y 112 21.46 -39.61 9.52
CA ILE Y 112 20.88 -38.33 9.85
C ILE Y 112 20.21 -37.73 8.62
N TYR Y 113 18.99 -37.27 8.79
CA TYR Y 113 18.24 -36.66 7.70
C TYR Y 113 17.79 -35.27 8.13
N TYR Y 114 18.19 -34.26 7.36
CA TYR Y 114 17.75 -32.90 7.65
C TYR Y 114 16.39 -32.78 6.97
N VAL Y 115 15.39 -32.29 7.69
CA VAL Y 115 14.05 -32.12 7.14
C VAL Y 115 13.48 -30.79 7.59
N ASP Y 116 13.04 -29.96 6.65
CA ASP Y 116 12.45 -28.68 7.04
C ASP Y 116 11.05 -28.49 6.45
N SER Y 117 10.37 -27.46 6.95
CA SER Y 117 9.02 -27.15 6.53
C SER Y 117 8.88 -26.71 5.08
N ASP Y 118 10.00 -26.51 4.38
CA ASP Y 118 9.97 -26.14 2.96
C ASP Y 118 9.71 -27.41 2.14
N GLY Y 119 9.93 -28.56 2.78
CA GLY Y 119 9.74 -29.84 2.11
C GLY Y 119 11.08 -30.54 1.85
N THR Y 120 12.17 -29.85 2.15
CA THR Y 120 13.51 -30.39 1.97
C THR Y 120 13.83 -31.58 2.88
N ARG Y 121 14.46 -32.59 2.32
CA ARG Y 121 14.88 -33.79 3.04
C ARG Y 121 16.26 -34.12 2.50
N LEU Y 122 17.28 -33.99 3.35
CA LEU Y 122 18.67 -34.24 2.97
C LEU Y 122 19.40 -35.20 3.90
N LYS Y 123 20.04 -36.21 3.31
CA LYS Y 123 20.82 -37.14 4.12
C LYS Y 123 22.21 -36.51 4.23
N GLY Y 124 22.80 -36.56 5.41
CA GLY Y 124 24.11 -35.97 5.56
C GLY Y 124 24.90 -36.49 6.74
N ASP Y 125 26.10 -35.96 6.93
CA ASP Y 125 26.99 -36.37 8.01
C ASP Y 125 27.00 -35.36 9.16
N ILE Y 126 26.98 -34.07 8.81
CA ILE Y 126 26.97 -33.01 9.82
C ILE Y 126 25.91 -31.97 9.47
N PHE Y 127 25.07 -31.61 10.43
CA PHE Y 127 24.05 -30.59 10.20
C PHE Y 127 23.89 -29.73 11.42
N CYS Y 128 23.68 -28.44 11.21
CA CYS Y 128 23.44 -27.49 12.31
C CYS Y 128 22.25 -26.66 11.88
N VAL Y 129 21.32 -26.44 12.81
CA VAL Y 129 20.13 -25.66 12.49
C VAL Y 129 19.82 -24.67 13.59
N GLY Y 130 19.50 -23.44 13.20
CA GLY Y 130 19.17 -22.44 14.20
C GLY Y 130 19.92 -21.13 14.01
N SER Y 131 19.54 -20.14 14.81
CA SER Y 131 20.17 -18.83 14.73
C SER Y 131 21.62 -18.92 15.18
N GLY Y 132 22.00 -20.02 15.83
CA GLY Y 132 23.38 -20.16 16.28
C GLY Y 132 24.19 -21.10 15.42
N GLN Y 133 23.57 -21.66 14.40
CA GLN Y 133 24.22 -22.62 13.52
C GLN Y 133 25.62 -22.31 13.01
N THR Y 134 25.84 -21.09 12.51
CA THR Y 134 27.14 -20.74 11.96
C THR Y 134 28.29 -20.88 12.96
N PHE Y 135 28.00 -20.58 14.23
CA PHE Y 135 29.02 -20.68 15.26
C PHE Y 135 29.37 -22.14 15.47
N ALA Y 136 28.35 -22.98 15.60
CA ALA Y 136 28.55 -24.41 15.80
C ALA Y 136 29.32 -25.03 14.64
N TYR Y 137 28.98 -24.66 13.41
CA TYR Y 137 29.66 -25.21 12.23
C TYR Y 137 31.17 -24.95 12.27
N GLY Y 138 31.55 -23.76 12.71
CA GLY Y 138 32.97 -23.44 12.79
C GLY Y 138 33.70 -24.47 13.64
N VAL Y 139 33.23 -24.65 14.86
CA VAL Y 139 33.82 -25.59 15.80
C VAL Y 139 33.86 -27.00 15.20
N LEU Y 140 32.70 -27.48 14.79
CA LEU Y 140 32.56 -28.81 14.19
C LEU Y 140 33.47 -29.04 12.98
N ASP Y 141 33.36 -28.18 11.97
CA ASP Y 141 34.16 -28.33 10.77
C ASP Y 141 35.65 -28.52 11.01
N SER Y 142 36.22 -27.76 11.94
CA SER Y 142 37.66 -27.87 12.18
C SER Y 142 38.11 -28.97 13.15
N ASN Y 143 37.18 -29.60 13.85
CA ASN Y 143 37.56 -30.65 14.79
C ASN Y 143 36.96 -32.01 14.48
N TYR Y 144 36.03 -32.04 13.52
CA TYR Y 144 35.41 -33.30 13.20
C TYR Y 144 36.30 -34.28 12.45
N LYS Y 145 36.29 -35.53 12.92
CA LYS Y 145 37.02 -36.64 12.33
C LYS Y 145 36.07 -37.82 12.48
N TRP Y 146 36.03 -38.70 11.50
CA TRP Y 146 35.15 -39.87 11.57
C TRP Y 146 35.58 -40.81 12.70
N ASP Y 147 36.87 -40.79 13.00
CA ASP Y 147 37.44 -41.65 14.02
C ASP Y 147 37.44 -41.10 15.43
N LEU Y 148 36.58 -40.13 15.68
CA LEU Y 148 36.50 -39.55 17.02
C LEU Y 148 35.97 -40.60 18.01
N SER Y 149 36.46 -40.56 19.24
CA SER Y 149 35.98 -41.50 20.23
C SER Y 149 34.61 -40.99 20.73
N VAL Y 150 33.76 -41.90 21.19
CA VAL Y 150 32.45 -41.50 21.71
C VAL Y 150 32.58 -40.43 22.78
N GLU Y 151 33.69 -40.45 23.50
CA GLU Y 151 33.93 -39.49 24.56
C GLU Y 151 34.26 -38.12 23.98
N ASP Y 152 35.17 -38.10 23.01
CA ASP Y 152 35.59 -36.88 22.34
C ASP Y 152 34.46 -36.29 21.51
N ALA Y 153 33.76 -37.14 20.77
CA ALA Y 153 32.64 -36.71 19.95
C ALA Y 153 31.61 -35.99 20.83
N LEU Y 154 31.29 -36.58 21.97
CA LEU Y 154 30.32 -35.98 22.88
C LEU Y 154 30.79 -34.60 23.30
N TYR Y 155 32.09 -34.44 23.47
CA TYR Y 155 32.63 -33.15 23.89
C TYR Y 155 32.54 -32.14 22.75
N LEU Y 156 32.91 -32.59 21.55
CA LEU Y 156 32.87 -31.72 20.37
C LEU Y 156 31.50 -31.10 20.23
N GLY Y 157 30.48 -31.93 20.39
CA GLY Y 157 29.13 -31.43 20.30
C GLY Y 157 28.89 -30.39 21.38
N LYS Y 158 29.09 -30.77 22.62
CA LYS Y 158 28.90 -29.86 23.75
C LYS Y 158 29.66 -28.55 23.54
N ARG Y 159 30.89 -28.65 23.07
CA ARG Y 159 31.73 -27.48 22.85
C ARG Y 159 31.15 -26.60 21.75
N SER Y 160 30.66 -27.24 20.69
CA SER Y 160 30.07 -26.51 19.57
C SER Y 160 28.82 -25.71 19.95
N ILE Y 161 27.95 -26.30 20.76
CA ILE Y 161 26.76 -25.59 21.21
C ILE Y 161 27.25 -24.44 22.11
N LEU Y 162 28.30 -24.68 22.90
CA LEU Y 162 28.83 -23.64 23.77
C LEU Y 162 29.28 -22.44 22.95
N ALA Y 163 29.96 -22.71 21.84
CA ALA Y 163 30.44 -21.64 20.97
C ALA Y 163 29.24 -20.77 20.53
N ALA Y 164 28.16 -21.43 20.15
CA ALA Y 164 26.94 -20.75 19.72
C ALA Y 164 26.26 -20.00 20.86
N ALA Y 165 26.04 -20.66 21.98
CA ALA Y 165 25.37 -20.02 23.11
C ALA Y 165 26.06 -18.74 23.52
N HIS Y 166 27.37 -18.70 23.39
CA HIS Y 166 28.16 -17.53 23.76
C HIS Y 166 27.91 -16.33 22.85
N ARG Y 167 28.01 -16.54 21.55
CA ARG Y 167 27.83 -15.48 20.57
C ARG Y 167 26.39 -15.14 20.21
N ASP Y 168 25.55 -16.17 20.06
CA ASP Y 168 24.16 -15.99 19.68
C ASP Y 168 23.27 -15.59 20.83
N ALA Y 169 22.69 -14.40 20.71
CA ALA Y 169 21.81 -13.87 21.72
C ALA Y 169 20.60 -14.78 21.93
N TYR Y 170 20.22 -15.53 20.90
CA TYR Y 170 19.05 -16.38 21.02
C TYR Y 170 19.30 -17.84 21.40
N SER Y 171 20.55 -18.14 21.74
CA SER Y 171 20.94 -19.48 22.15
C SER Y 171 21.57 -19.40 23.53
N GLY Y 172 21.39 -20.46 24.32
CA GLY Y 172 21.93 -20.50 25.66
C GLY Y 172 21.12 -21.38 26.60
N GLY Y 173 21.22 -21.08 27.90
CA GLY Y 173 20.52 -21.86 28.91
C GLY Y 173 21.36 -23.05 29.35
N SER Y 174 21.23 -24.16 28.62
CA SER Y 174 21.97 -25.36 28.96
C SER Y 174 22.14 -26.18 27.71
N VAL Y 175 23.01 -27.18 27.78
CA VAL Y 175 23.26 -28.06 26.66
C VAL Y 175 22.75 -29.47 26.94
N ASN Y 176 22.05 -30.07 25.97
CA ASN Y 176 21.54 -31.42 26.12
C ASN Y 176 22.26 -32.31 25.13
N LEU Y 177 22.83 -33.39 25.66
CA LEU Y 177 23.60 -34.34 24.87
C LEU Y 177 22.98 -35.70 24.67
N TYR Y 178 23.20 -36.26 23.50
CA TYR Y 178 22.70 -37.59 23.20
C TYR Y 178 23.69 -38.33 22.33
N HIS Y 179 23.74 -39.64 22.53
CA HIS Y 179 24.60 -40.51 21.74
C HIS Y 179 23.65 -41.55 21.18
N VAL Y 180 23.64 -41.70 19.87
CA VAL Y 180 22.75 -42.67 19.24
C VAL Y 180 23.53 -43.87 18.75
N THR Y 181 23.19 -45.03 19.29
CA THR Y 181 23.83 -46.30 18.95
C THR Y 181 22.76 -47.18 18.33
N GLU Y 182 23.17 -48.23 17.64
CA GLU Y 182 22.24 -49.14 17.01
C GLU Y 182 21.24 -49.74 17.99
N ASP Y 183 21.60 -49.80 19.27
CA ASP Y 183 20.71 -50.36 20.28
C ASP Y 183 19.84 -49.32 20.94
N GLY Y 184 19.95 -48.08 20.46
CA GLY Y 184 19.13 -47.02 21.02
C GLY Y 184 20.00 -45.82 21.31
N TRP Y 185 19.37 -44.74 21.78
CA TRP Y 185 20.13 -43.54 22.11
C TRP Y 185 20.38 -43.56 23.59
N ILE Y 186 21.42 -42.85 24.00
CA ILE Y 186 21.77 -42.76 25.41
C ILE Y 186 21.87 -41.28 25.77
N TYR Y 187 21.05 -40.85 26.72
CA TYR Y 187 21.08 -39.46 27.14
C TYR Y 187 22.39 -39.20 27.88
N HIS Y 188 23.01 -38.06 27.63
CA HIS Y 188 24.27 -37.71 28.29
C HIS Y 188 24.20 -36.42 29.07
N GLY Y 189 23.04 -36.19 29.67
CA GLY Y 189 22.87 -35.03 30.52
C GLY Y 189 22.64 -33.63 30.01
N ASN Y 190 22.24 -32.80 30.96
CA ASN Y 190 21.93 -31.40 30.76
C ASN Y 190 23.05 -30.60 31.41
N HIS Y 191 23.70 -29.75 30.63
CA HIS Y 191 24.82 -28.97 31.13
C HIS Y 191 24.58 -27.48 31.06
N ASP Y 192 24.30 -26.88 32.20
CA ASP Y 192 24.08 -25.45 32.27
C ASP Y 192 25.23 -24.72 31.58
N VAL Y 193 24.89 -23.84 30.64
CA VAL Y 193 25.89 -23.08 29.90
C VAL Y 193 26.65 -22.12 30.82
N GLY Y 194 25.96 -21.59 31.81
CA GLY Y 194 26.62 -20.69 32.73
C GLY Y 194 27.85 -21.36 33.30
N GLU Y 195 27.66 -22.49 33.95
CA GLU Y 195 28.75 -23.24 34.57
C GLU Y 195 29.70 -23.82 33.53
N LEU Y 196 29.14 -24.39 32.45
CA LEU Y 196 29.97 -24.99 31.41
C LEU Y 196 30.99 -24.03 30.80
N PHE Y 197 30.59 -22.77 30.62
CA PHE Y 197 31.46 -21.75 30.02
C PHE Y 197 32.76 -21.54 30.78
N TRP Y 198 32.64 -21.25 32.07
CA TRP Y 198 33.81 -21.01 32.92
C TRP Y 198 34.70 -22.27 32.96
N LYS Y 199 34.07 -23.42 33.13
CA LYS Y 199 34.78 -24.68 33.17
C LYS Y 199 35.62 -24.81 31.91
N VAL Y 200 34.95 -24.85 30.75
CA VAL Y 200 35.65 -24.98 29.47
C VAL Y 200 36.72 -23.90 29.33
N LYS Y 201 36.40 -22.66 29.70
CA LYS Y 201 37.37 -21.59 29.57
C LYS Y 201 38.68 -21.93 30.28
N GLU Y 202 38.58 -22.21 31.57
CA GLU Y 202 39.74 -22.54 32.39
C GLU Y 202 40.49 -23.77 31.88
N GLU Y 203 39.78 -24.89 31.82
CA GLU Y 203 40.37 -26.14 31.38
C GLU Y 203 40.92 -26.13 29.97
N GLU Y 204 40.33 -25.32 29.10
CA GLU Y 204 40.73 -25.28 27.70
C GLU Y 204 41.60 -24.09 27.33
N GLY Y 205 41.47 -22.99 28.08
CA GLY Y 205 42.26 -21.81 27.80
C GLY Y 205 41.70 -20.93 26.69
N SER Y 206 40.55 -21.32 26.19
CA SER Y 206 39.87 -20.59 25.12
C SER Y 206 39.07 -19.45 25.75
N PHE Y 207 38.37 -18.67 24.91
CA PHE Y 207 37.58 -17.54 25.37
C PHE Y 207 38.47 -16.59 26.14
N ASN Y 208 39.69 -16.46 25.64
CA ASN Y 208 40.67 -15.60 26.28
C ASN Y 208 40.14 -14.17 26.47
N ASN Y 209 39.44 -13.68 25.46
CA ASN Y 209 38.87 -12.34 25.46
C ASN Y 209 37.96 -12.05 26.66
N VAL Y 210 37.26 -13.06 27.16
CA VAL Y 210 36.36 -12.87 28.29
C VAL Y 210 37.10 -12.89 29.64
N ILE Y 211 36.84 -11.90 30.49
CA ILE Y 211 37.48 -11.82 31.80
C ILE Y 211 36.81 -12.78 32.79
N GLY Y 212 37.59 -13.69 33.35
CA GLY Y 212 37.03 -14.64 34.29
C GLY Y 212 37.69 -14.66 35.66
N GLN Z 1 -11.42 -3.31 9.23
CA GLN Z 1 -11.72 -4.75 9.03
C GLN Z 1 -11.86 -5.45 10.39
N PHE Z 2 -12.69 -6.48 10.45
CA PHE Z 2 -12.91 -7.22 11.70
C PHE Z 2 -11.71 -7.97 12.23
N ASN Z 3 -11.44 -7.76 13.51
CA ASN Z 3 -10.34 -8.42 14.20
C ASN Z 3 -10.97 -9.40 15.17
N PRO Z 4 -10.78 -10.70 14.94
CA PRO Z 4 -11.34 -11.74 15.80
C PRO Z 4 -10.71 -11.85 17.17
N TYR Z 5 -9.61 -11.13 17.39
CA TYR Z 5 -8.90 -11.20 18.65
C TYR Z 5 -8.96 -9.96 19.53
N GLY Z 6 -8.76 -10.16 20.83
CA GLY Z 6 -8.75 -9.09 21.80
C GLY Z 6 -7.76 -9.44 22.89
N ASP Z 7 -7.50 -8.51 23.81
CA ASP Z 7 -6.57 -8.74 24.91
C ASP Z 7 -7.23 -8.28 26.20
N ASN Z 8 -7.49 -9.22 27.11
CA ASN Z 8 -8.13 -8.94 28.38
C ASN Z 8 -7.16 -8.78 29.54
N GLY Z 9 -5.87 -8.68 29.23
CA GLY Z 9 -4.87 -8.50 30.26
C GLY Z 9 -4.75 -9.65 31.23
N GLY Z 10 -4.55 -9.30 32.50
CA GLY Z 10 -4.39 -10.33 33.51
C GLY Z 10 -3.04 -11.01 33.47
N THR Z 11 -2.68 -11.63 34.59
CA THR Z 11 -1.42 -12.35 34.72
C THR Z 11 -1.68 -13.59 35.59
N ILE Z 12 -1.01 -14.70 35.28
CA ILE Z 12 -1.19 -15.89 36.08
C ILE Z 12 0.17 -16.45 36.47
N LEU Z 13 0.21 -17.21 37.56
CA LEU Z 13 1.45 -17.80 38.05
C LEU Z 13 1.22 -19.22 38.56
N GLY Z 14 2.11 -20.13 38.19
CA GLY Z 14 1.99 -21.51 38.63
C GLY Z 14 3.29 -22.05 39.20
N ILE Z 15 3.24 -22.54 40.42
CA ILE Z 15 4.45 -23.07 41.06
C ILE Z 15 4.19 -24.47 41.61
N ALA Z 16 5.12 -25.38 41.32
CA ALA Z 16 5.00 -26.75 41.78
C ALA Z 16 5.85 -27.02 43.03
N GLY Z 17 5.19 -27.43 44.09
CA GLY Z 17 5.88 -27.75 45.33
C GLY Z 17 6.19 -29.24 45.32
N GLU Z 18 6.94 -29.71 46.32
CA GLU Z 18 7.31 -31.12 46.36
C GLU Z 18 6.12 -32.08 46.45
N ASP Z 19 5.04 -31.66 47.10
CA ASP Z 19 3.88 -32.53 47.23
C ASP Z 19 2.59 -31.73 47.09
N PHE Z 20 2.72 -30.53 46.52
CA PHE Z 20 1.59 -29.63 46.31
C PHE Z 20 1.90 -28.81 45.07
N ALA Z 21 0.96 -27.95 44.68
CA ALA Z 21 1.14 -27.09 43.52
C ALA Z 21 0.09 -25.99 43.59
N VAL Z 22 0.47 -24.79 43.17
CA VAL Z 22 -0.46 -23.68 43.17
C VAL Z 22 -0.52 -23.02 41.81
N LEU Z 23 -1.70 -22.50 41.48
CA LEU Z 23 -1.92 -21.80 40.22
C LEU Z 23 -2.73 -20.58 40.66
N ALA Z 24 -2.13 -19.40 40.53
CA ALA Z 24 -2.79 -18.16 40.92
C ALA Z 24 -2.95 -17.19 39.75
N GLY Z 25 -3.87 -16.24 39.90
CA GLY Z 25 -4.08 -15.26 38.87
C GLY Z 25 -4.88 -14.09 39.41
N ASP Z 26 -4.63 -12.88 38.94
CA ASP Z 26 -5.39 -11.72 39.40
C ASP Z 26 -6.80 -11.88 38.86
N THR Z 27 -7.74 -11.12 39.40
CA THR Z 27 -9.11 -11.23 38.96
C THR Z 27 -9.57 -10.04 38.15
N ARG Z 28 -8.61 -9.24 37.68
CA ARG Z 28 -8.95 -8.08 36.88
C ARG Z 28 -9.06 -8.49 35.41
N ASN Z 29 -10.09 -7.99 34.74
CA ASN Z 29 -10.32 -8.27 33.34
C ASN Z 29 -10.45 -6.91 32.67
N ILE Z 30 -9.59 -6.62 31.70
CA ILE Z 30 -9.62 -5.32 31.05
C ILE Z 30 -9.77 -5.30 29.53
N THR Z 31 -10.04 -4.12 29.01
CA THR Z 31 -10.15 -3.87 27.57
C THR Z 31 -9.53 -2.50 27.37
N ASP Z 32 -8.34 -2.47 26.79
CA ASP Z 32 -7.66 -1.20 26.57
C ASP Z 32 -7.40 -0.54 27.92
N TYR Z 33 -7.99 0.63 28.15
CA TYR Z 33 -7.79 1.34 29.41
C TYR Z 33 -8.97 1.25 30.38
N SER Z 34 -9.97 0.46 30.04
CA SER Z 34 -11.13 0.29 30.88
C SER Z 34 -11.05 -1.01 31.65
N ILE Z 35 -11.71 -1.06 32.80
CA ILE Z 35 -11.74 -2.27 33.61
C ILE Z 35 -13.13 -2.83 33.38
N ASN Z 36 -13.21 -4.07 32.93
CA ASN Z 36 -14.50 -4.71 32.67
C ASN Z 36 -15.05 -5.29 33.95
N SER Z 37 -14.16 -5.82 34.77
CA SER Z 37 -14.55 -6.41 36.02
C SER Z 37 -13.35 -6.42 36.95
N ARG Z 38 -13.60 -6.24 38.25
CA ARG Z 38 -12.53 -6.27 39.24
C ARG Z 38 -12.44 -7.68 39.80
N TYR Z 39 -13.48 -8.47 39.52
CA TYR Z 39 -13.53 -9.86 39.96
C TYR Z 39 -14.17 -10.78 38.91
N GLU Z 40 -13.33 -11.49 38.17
CA GLU Z 40 -13.77 -12.42 37.13
C GLU Z 40 -12.75 -13.55 37.18
N PRO Z 41 -13.04 -14.61 37.96
CA PRO Z 41 -12.17 -15.77 38.12
C PRO Z 41 -11.56 -16.22 36.81
N LYS Z 42 -10.26 -16.48 36.84
CA LYS Z 42 -9.52 -16.87 35.65
C LYS Z 42 -8.83 -18.24 35.79
N VAL Z 43 -8.78 -18.73 37.03
CA VAL Z 43 -8.19 -20.04 37.32
C VAL Z 43 -9.35 -20.96 37.73
N PHE Z 44 -9.42 -22.16 37.12
CA PHE Z 44 -10.51 -23.09 37.39
C PHE Z 44 -10.15 -24.52 37.83
N ASP Z 45 -11.06 -25.10 38.61
CA ASP Z 45 -10.92 -26.48 39.07
C ASP Z 45 -11.62 -27.28 37.99
N CYS Z 46 -10.88 -28.15 37.31
CA CYS Z 46 -11.46 -28.92 36.21
C CYS Z 46 -11.76 -30.38 36.51
N GLY Z 47 -11.70 -30.75 37.78
CA GLY Z 47 -11.96 -32.13 38.17
C GLY Z 47 -10.67 -32.94 38.19
N ASP Z 48 -10.77 -34.19 38.62
CA ASP Z 48 -9.61 -35.07 38.69
C ASP Z 48 -8.36 -34.37 39.24
N ASN Z 49 -8.56 -33.45 40.18
CA ASN Z 49 -7.47 -32.71 40.82
C ASN Z 49 -6.58 -31.94 39.85
N ILE Z 50 -7.22 -31.22 38.92
CA ILE Z 50 -6.50 -30.44 37.93
C ILE Z 50 -7.02 -29.02 37.91
N VAL Z 51 -6.12 -28.05 38.02
CA VAL Z 51 -6.50 -26.64 37.94
C VAL Z 51 -5.86 -26.11 36.66
N MET Z 52 -6.58 -25.21 35.98
CA MET Z 52 -6.07 -24.67 34.74
C MET Z 52 -6.49 -23.24 34.50
N SER Z 53 -5.67 -22.53 33.72
CA SER Z 53 -5.94 -21.16 33.37
C SER Z 53 -5.42 -20.87 31.97
N ALA Z 54 -6.27 -20.25 31.15
CA ALA Z 54 -5.92 -19.90 29.78
C ALA Z 54 -5.97 -18.38 29.74
N ASN Z 55 -4.83 -17.72 29.90
CA ASN Z 55 -4.79 -16.27 29.92
C ASN Z 55 -4.48 -15.62 28.57
N GLY Z 56 -5.01 -14.42 28.35
CA GLY Z 56 -4.79 -13.69 27.11
C GLY Z 56 -6.11 -13.15 26.59
N PHE Z 57 -6.59 -13.73 25.49
CA PHE Z 57 -7.87 -13.33 24.94
C PHE Z 57 -8.93 -14.18 25.64
N ALA Z 58 -9.65 -13.58 26.58
CA ALA Z 58 -10.67 -14.26 27.36
C ALA Z 58 -11.70 -15.12 26.64
N ALA Z 59 -12.17 -14.70 25.48
CA ALA Z 59 -13.15 -15.52 24.75
C ALA Z 59 -12.50 -16.84 24.38
N ASP Z 60 -11.24 -16.78 23.99
CA ASP Z 60 -10.54 -17.99 23.62
C ASP Z 60 -10.20 -18.80 24.88
N GLY Z 61 -9.79 -18.10 25.94
CA GLY Z 61 -9.45 -18.76 27.17
C GLY Z 61 -10.64 -19.52 27.72
N ASP Z 62 -11.83 -18.91 27.67
CA ASP Z 62 -13.03 -19.56 28.16
C ASP Z 62 -13.37 -20.79 27.33
N ALA Z 63 -13.31 -20.64 26.01
CA ALA Z 63 -13.60 -21.74 25.12
C ALA Z 63 -12.68 -22.92 25.40
N LEU Z 64 -11.40 -22.65 25.56
CA LEU Z 64 -10.44 -23.72 25.82
C LEU Z 64 -10.75 -24.47 27.10
N VAL Z 65 -10.85 -23.73 28.21
CA VAL Z 65 -11.15 -24.34 29.51
C VAL Z 65 -12.45 -25.15 29.42
N LYS Z 66 -13.49 -24.53 28.89
CA LYS Z 66 -14.77 -25.18 28.73
C LYS Z 66 -14.61 -26.50 27.95
N ARG Z 67 -13.83 -26.44 26.88
CA ARG Z 67 -13.58 -27.60 26.04
C ARG Z 67 -12.78 -28.67 26.79
N PHE Z 68 -11.80 -28.24 27.58
CA PHE Z 68 -10.99 -29.20 28.33
C PHE Z 68 -11.82 -29.90 29.40
N LYS Z 69 -12.60 -29.12 30.15
CA LYS Z 69 -13.42 -29.71 31.18
C LYS Z 69 -14.28 -30.79 30.57
N ASN Z 70 -14.83 -30.51 29.40
CA ASN Z 70 -15.68 -31.48 28.74
C ASN Z 70 -14.87 -32.69 28.30
N SER Z 71 -13.57 -32.48 28.11
CA SER Z 71 -12.69 -33.56 27.69
C SER Z 71 -12.53 -34.52 28.86
N VAL Z 72 -12.42 -33.97 30.06
CA VAL Z 72 -12.30 -34.79 31.26
C VAL Z 72 -13.56 -35.64 31.40
N LYS Z 73 -14.71 -34.99 31.27
CA LYS Z 73 -16.01 -35.65 31.37
C LYS Z 73 -16.11 -36.86 30.46
N TRP Z 74 -15.74 -36.71 29.20
CA TRP Z 74 -15.81 -37.81 28.26
C TRP Z 74 -14.72 -38.83 28.49
N TYR Z 75 -13.61 -38.40 29.07
CA TYR Z 75 -12.55 -39.34 29.34
C TYR Z 75 -13.10 -40.36 30.33
N HIS Z 76 -13.90 -39.90 31.29
CA HIS Z 76 -14.52 -40.79 32.27
C HIS Z 76 -15.51 -41.72 31.59
N PHE Z 77 -16.39 -41.16 30.76
CA PHE Z 77 -17.37 -41.94 30.02
C PHE Z 77 -16.72 -43.05 29.19
N ASP Z 78 -15.64 -42.71 28.50
CA ASP Z 78 -14.99 -43.66 27.63
C ASP Z 78 -13.98 -44.61 28.27
N HIS Z 79 -13.46 -44.26 29.44
CA HIS Z 79 -12.48 -45.15 30.06
C HIS Z 79 -12.77 -45.54 31.51
N ASN Z 80 -13.97 -46.05 31.72
CA ASN Z 80 -14.40 -46.50 33.04
C ASN Z 80 -13.96 -45.54 34.14
N ASP Z 81 -14.54 -44.34 34.14
CA ASP Z 81 -14.22 -43.31 35.13
C ASP Z 81 -12.76 -43.24 35.57
N LYS Z 82 -11.83 -43.61 34.70
CA LYS Z 82 -10.41 -43.54 35.05
C LYS Z 82 -10.01 -42.09 35.31
N LYS Z 83 -9.16 -41.88 36.30
CA LYS Z 83 -8.71 -40.54 36.62
C LYS Z 83 -7.75 -40.05 35.52
N LEU Z 84 -7.89 -38.78 35.16
CA LEU Z 84 -7.04 -38.20 34.13
C LEU Z 84 -5.78 -37.65 34.78
N SER Z 85 -4.67 -38.36 34.59
CA SER Z 85 -3.41 -37.94 35.16
C SER Z 85 -3.00 -36.59 34.56
N ILE Z 86 -2.35 -35.75 35.37
CA ILE Z 86 -1.92 -34.43 34.94
C ILE Z 86 -1.11 -34.49 33.64
N ASN Z 87 -0.30 -35.53 33.47
CA ASN Z 87 0.49 -35.67 32.26
C ASN Z 87 -0.42 -35.94 31.05
N SER Z 88 -1.46 -36.73 31.26
CA SER Z 88 -2.37 -37.06 30.18
C SER Z 88 -3.19 -35.84 29.79
N ALA Z 89 -3.62 -35.06 30.77
CA ALA Z 89 -4.39 -33.85 30.48
C ALA Z 89 -3.53 -32.91 29.65
N ALA Z 90 -2.24 -32.84 29.99
CA ALA Z 90 -1.31 -31.99 29.27
C ALA Z 90 -1.22 -32.37 27.80
N ARG Z 91 -1.05 -33.66 27.51
CA ARG Z 91 -0.96 -34.12 26.13
C ARG Z 91 -2.28 -33.86 25.42
N ASN Z 92 -3.38 -33.97 26.15
CA ASN Z 92 -4.69 -33.75 25.58
C ASN Z 92 -4.82 -32.29 25.19
N ILE Z 93 -4.37 -31.40 26.07
CA ILE Z 93 -4.47 -29.98 25.78
C ILE Z 93 -3.61 -29.58 24.58
N GLN Z 94 -2.48 -30.26 24.38
CA GLN Z 94 -1.65 -29.95 23.23
C GLN Z 94 -2.47 -30.16 21.98
N HIS Z 95 -3.25 -31.24 21.96
CA HIS Z 95 -4.06 -31.53 20.80
C HIS Z 95 -5.21 -30.56 20.59
N LEU Z 96 -5.76 -30.07 21.69
CA LEU Z 96 -6.86 -29.13 21.60
C LEU Z 96 -6.32 -27.84 20.97
N LEU Z 97 -5.15 -27.41 21.42
CA LEU Z 97 -4.52 -26.20 20.91
C LEU Z 97 -4.06 -26.33 19.47
N TYR Z 98 -3.31 -27.39 19.17
CA TYR Z 98 -2.79 -27.54 17.82
C TYR Z 98 -3.90 -27.79 16.82
N GLY Z 99 -5.08 -28.15 17.32
CA GLY Z 99 -6.21 -28.37 16.44
C GLY Z 99 -6.59 -27.08 15.76
N LYS Z 100 -6.21 -25.95 16.36
CA LYS Z 100 -6.50 -24.64 15.81
C LYS Z 100 -5.18 -23.94 15.47
N ARG Z 101 -4.24 -24.73 14.97
CA ARG Z 101 -2.92 -24.24 14.59
C ARG Z 101 -2.96 -23.06 13.62
N PHE Z 102 -3.99 -23.00 12.78
CA PHE Z 102 -4.07 -21.93 11.82
C PHE Z 102 -5.14 -20.89 12.09
N PHE Z 103 -5.56 -20.86 13.35
CA PHE Z 103 -6.54 -19.90 13.88
C PHE Z 103 -6.50 -20.20 15.37
N PRO Z 104 -5.34 -20.01 15.99
CA PRO Z 104 -5.00 -20.22 17.39
C PRO Z 104 -5.90 -19.62 18.44
N TYR Z 105 -5.87 -20.25 19.62
CA TYR Z 105 -6.58 -19.74 20.78
C TYR Z 105 -5.52 -18.75 21.23
N TYR Z 106 -5.87 -17.47 21.29
CA TYR Z 106 -4.91 -16.46 21.68
C TYR Z 106 -4.70 -16.45 23.21
N VAL Z 107 -4.19 -17.55 23.73
CA VAL Z 107 -3.98 -17.66 25.18
C VAL Z 107 -2.70 -18.41 25.51
N HIS Z 108 -2.13 -18.07 26.66
CA HIS Z 108 -0.95 -18.76 27.18
C HIS Z 108 -1.59 -19.55 28.32
N THR Z 109 -1.55 -20.87 28.23
CA THR Z 109 -2.19 -21.67 29.26
C THR Z 109 -1.27 -22.49 30.19
N ILE Z 110 -1.69 -22.57 31.46
CA ILE Z 110 -0.96 -23.31 32.47
C ILE Z 110 -1.92 -24.17 33.29
N ILE Z 111 -1.48 -25.38 33.62
CA ILE Z 111 -2.30 -26.26 34.45
C ILE Z 111 -1.43 -26.74 35.60
N ALA Z 112 -2.08 -27.08 36.72
CA ALA Z 112 -1.36 -27.53 37.89
C ALA Z 112 -2.08 -28.70 38.57
N GLY Z 113 -1.29 -29.56 39.19
CA GLY Z 113 -1.83 -30.70 39.89
C GLY Z 113 -0.68 -31.51 40.47
N LEU Z 114 -0.90 -32.82 40.66
CA LEU Z 114 0.12 -33.69 41.19
C LEU Z 114 0.33 -34.78 40.17
N ASP Z 115 1.59 -35.19 39.96
CA ASP Z 115 1.84 -36.25 39.00
C ASP Z 115 1.42 -37.58 39.61
N GLU Z 116 1.71 -38.67 38.92
CA GLU Z 116 1.31 -39.98 39.41
C GLU Z 116 2.08 -40.49 40.63
N ASP Z 117 3.05 -39.71 41.10
CA ASP Z 117 3.84 -40.08 42.27
C ASP Z 117 3.51 -39.16 43.43
N GLY Z 118 2.47 -38.34 43.25
CA GLY Z 118 2.07 -37.42 44.30
C GLY Z 118 2.88 -36.14 44.34
N LYS Z 119 3.84 -36.00 43.41
CA LYS Z 119 4.67 -34.80 43.35
C LYS Z 119 3.92 -33.62 42.71
N GLY Z 120 4.32 -32.40 43.09
CA GLY Z 120 3.69 -31.21 42.52
C GLY Z 120 4.08 -31.07 41.05
N ALA Z 121 3.13 -30.68 40.22
CA ALA Z 121 3.41 -30.54 38.80
C ALA Z 121 2.72 -29.33 38.13
N VAL Z 122 3.46 -28.69 37.24
CA VAL Z 122 2.97 -27.55 36.48
C VAL Z 122 3.36 -27.74 35.03
N TYR Z 123 2.40 -27.44 34.15
CA TYR Z 123 2.60 -27.55 32.71
C TYR Z 123 2.14 -26.24 32.09
N SER Z 124 2.96 -25.67 31.22
CA SER Z 124 2.59 -24.44 30.56
C SER Z 124 2.61 -24.66 29.06
N PHE Z 125 1.65 -24.06 28.37
CA PHE Z 125 1.50 -24.20 26.93
C PHE Z 125 1.64 -22.95 26.08
N ASP Z 126 1.91 -23.24 24.83
CA ASP Z 126 2.10 -22.31 23.73
C ASP Z 126 0.71 -21.97 23.22
N PRO Z 127 0.56 -20.84 22.52
CA PRO Z 127 -0.80 -20.62 22.04
C PRO Z 127 -1.17 -21.70 21.02
N VAL Z 128 -0.17 -22.39 20.48
CA VAL Z 128 -0.45 -23.43 19.50
C VAL Z 128 -0.10 -24.85 19.91
N GLY Z 129 0.09 -25.09 21.22
CA GLY Z 129 0.34 -26.45 21.64
C GLY Z 129 1.71 -26.89 22.09
N SER Z 130 2.69 -26.01 22.10
CA SER Z 130 4.00 -26.42 22.57
C SER Z 130 3.88 -26.48 24.10
N TYR Z 131 4.40 -27.54 24.74
CA TYR Z 131 4.31 -27.63 26.19
C TYR Z 131 5.50 -28.30 26.88
N GLU Z 132 5.73 -27.91 28.12
CA GLU Z 132 6.85 -28.42 28.92
C GLU Z 132 6.37 -28.58 30.36
N ARG Z 133 6.92 -29.53 31.11
CA ARG Z 133 6.55 -29.62 32.51
C ARG Z 133 7.51 -28.63 33.15
N GLU Z 134 7.06 -27.86 34.13
CA GLU Z 134 7.95 -26.87 34.74
C GLU Z 134 7.81 -26.68 36.24
N GLN Z 135 8.81 -26.05 36.83
CA GLN Z 135 8.85 -25.77 38.27
C GLN Z 135 7.84 -24.68 38.57
N CYS Z 136 8.05 -23.52 37.96
CA CYS Z 136 7.13 -22.40 38.12
C CYS Z 136 7.12 -21.62 36.82
N ARG Z 137 5.98 -21.00 36.53
CA ARG Z 137 5.83 -20.27 35.29
C ARG Z 137 4.80 -19.16 35.41
N ALA Z 138 5.20 -17.95 35.05
CA ALA Z 138 4.29 -16.82 35.08
C ALA Z 138 3.83 -16.66 33.64
N GLY Z 139 2.55 -16.34 33.48
CA GLY Z 139 2.01 -16.16 32.15
C GLY Z 139 1.18 -14.89 32.09
N GLY Z 140 1.09 -14.28 30.91
CA GLY Z 140 0.28 -13.08 30.81
C GLY Z 140 1.06 -11.78 30.85
N ALA Z 141 0.33 -10.69 31.04
CA ALA Z 141 0.87 -9.34 31.07
C ALA Z 141 2.18 -9.11 31.81
N ALA Z 142 2.17 -9.31 33.12
CA ALA Z 142 3.36 -9.07 33.93
C ALA Z 142 4.36 -10.23 34.04
N ALA Z 143 4.24 -11.23 33.18
CA ALA Z 143 5.15 -12.36 33.23
C ALA Z 143 6.62 -11.95 33.22
N SER Z 144 6.96 -10.90 32.47
CA SER Z 144 8.35 -10.45 32.39
C SER Z 144 8.81 -9.79 33.69
N LEU Z 145 7.87 -9.30 34.49
CA LEU Z 145 8.22 -8.67 35.75
C LEU Z 145 8.43 -9.71 36.85
N ILE Z 146 7.64 -10.77 36.79
CA ILE Z 146 7.67 -11.83 37.79
C ILE Z 146 8.75 -12.91 37.63
N MET Z 147 8.96 -13.39 36.41
CA MET Z 147 9.95 -14.44 36.22
C MET Z 147 11.36 -14.15 36.72
N PRO Z 148 11.90 -12.96 36.41
CA PRO Z 148 13.27 -12.71 36.90
C PRO Z 148 13.33 -12.92 38.40
N PHE Z 149 12.32 -12.39 39.09
CA PHE Z 149 12.20 -12.50 40.54
C PHE Z 149 12.23 -13.95 40.99
N LEU Z 150 11.32 -14.76 40.45
CA LEU Z 150 11.24 -16.17 40.78
C LEU Z 150 12.53 -16.94 40.50
N ASP Z 151 13.28 -16.53 39.49
CA ASP Z 151 14.53 -17.23 39.19
C ASP Z 151 15.47 -17.02 40.34
N ASN Z 152 15.40 -15.83 40.91
CA ASN Z 152 16.27 -15.44 42.01
C ASN Z 152 15.80 -15.97 43.38
N GLN Z 153 14.51 -15.82 43.67
CA GLN Z 153 13.97 -16.24 44.94
C GLN Z 153 13.46 -17.68 45.05
N VAL Z 154 13.41 -18.40 43.94
CA VAL Z 154 12.96 -19.78 44.00
C VAL Z 154 14.09 -20.73 43.67
N ASN Z 155 14.86 -20.39 42.65
CA ASN Z 155 15.97 -21.26 42.26
C ASN Z 155 17.30 -20.67 42.69
N PHE Z 156 17.23 -19.63 43.53
CA PHE Z 156 18.44 -18.97 44.04
C PHE Z 156 19.49 -18.73 42.96
N LYS Z 157 19.07 -18.21 41.81
CA LYS Z 157 19.99 -17.91 40.72
C LYS Z 157 20.87 -16.71 41.07
N ASN Z 158 22.13 -16.77 40.65
CA ASN Z 158 23.09 -15.71 40.91
C ASN Z 158 23.43 -15.49 42.39
N GLN Z 159 22.82 -16.31 43.26
CA GLN Z 159 23.07 -16.22 44.69
C GLN Z 159 24.09 -17.27 45.10
N TYR Z 160 25.13 -16.85 45.82
CA TYR Z 160 26.17 -17.76 46.28
C TYR Z 160 26.39 -17.74 47.79
N GLU Z 161 27.21 -18.69 48.25
CA GLU Z 161 27.53 -18.80 49.68
C GLU Z 161 28.43 -17.66 50.11
N PRO Z 162 27.97 -16.86 51.08
CA PRO Z 162 28.79 -15.75 51.56
C PRO Z 162 30.17 -16.25 51.96
N GLY Z 163 31.22 -15.65 51.40
CA GLY Z 163 32.55 -16.08 51.75
C GLY Z 163 33.16 -17.06 50.77
N THR Z 164 32.34 -17.82 50.06
CA THR Z 164 32.87 -18.79 49.10
C THR Z 164 33.42 -18.15 47.84
N ASN Z 165 33.25 -16.84 47.72
CA ASN Z 165 33.74 -16.12 46.55
C ASN Z 165 32.92 -16.53 45.34
N GLY Z 166 31.64 -16.77 45.55
CA GLY Z 166 30.79 -17.19 44.44
C GLY Z 166 31.26 -18.51 43.87
N LYS Z 167 31.98 -19.28 44.67
CA LYS Z 167 32.50 -20.58 44.27
C LYS Z 167 31.56 -21.71 44.70
N VAL Z 168 30.58 -21.37 45.52
CA VAL Z 168 29.60 -22.35 46.02
C VAL Z 168 28.19 -21.78 45.86
N LYS Z 169 27.37 -22.44 45.05
CA LYS Z 169 26.00 -21.99 44.82
C LYS Z 169 25.14 -22.19 46.07
N LYS Z 170 24.32 -21.19 46.38
CA LYS Z 170 23.43 -21.32 47.52
C LYS Z 170 22.58 -22.58 47.27
N PRO Z 171 22.51 -23.49 48.24
CA PRO Z 171 21.74 -24.74 48.16
C PRO Z 171 20.25 -24.55 47.91
N LEU Z 172 19.70 -25.39 47.03
CA LEU Z 172 18.28 -25.35 46.65
C LEU Z 172 17.29 -25.97 47.63
N LYS Z 173 17.33 -25.58 48.91
CA LYS Z 173 16.37 -26.16 49.86
C LYS Z 173 14.96 -25.87 49.35
N TYR Z 174 14.06 -26.84 49.37
CA TYR Z 174 12.73 -26.55 48.84
C TYR Z 174 11.64 -26.07 49.79
N LEU Z 175 10.87 -25.13 49.25
CA LEU Z 175 9.78 -24.42 49.91
C LEU Z 175 8.51 -25.18 50.23
N SER Z 176 7.80 -24.65 51.20
CA SER Z 176 6.53 -25.19 51.68
C SER Z 176 5.41 -24.37 51.08
N VAL Z 177 4.20 -24.91 51.05
CA VAL Z 177 3.07 -24.20 50.50
C VAL Z 177 2.92 -22.82 51.14
N GLU Z 178 3.46 -22.65 52.34
CA GLU Z 178 3.36 -21.36 53.02
C GLU Z 178 4.37 -20.36 52.50
N GLU Z 179 5.59 -20.82 52.26
CA GLU Z 179 6.64 -19.96 51.74
C GLU Z 179 6.32 -19.60 50.29
N VAL Z 180 5.80 -20.56 49.54
CA VAL Z 180 5.44 -20.36 48.16
C VAL Z 180 4.37 -19.27 48.06
N ILE Z 181 3.31 -19.40 48.84
CA ILE Z 181 2.25 -18.41 48.80
C ILE Z 181 2.75 -17.00 49.14
N LYS Z 182 3.87 -16.89 49.85
CA LYS Z 182 4.42 -15.58 50.17
C LYS Z 182 5.02 -14.97 48.90
N LEU Z 183 5.78 -15.79 48.18
CA LEU Z 183 6.40 -15.38 46.93
C LEU Z 183 5.34 -15.01 45.92
N VAL Z 184 4.28 -15.81 45.86
CA VAL Z 184 3.20 -15.53 44.92
C VAL Z 184 2.62 -14.16 45.24
N ARG Z 185 2.19 -13.96 46.48
CA ARG Z 185 1.61 -12.69 46.89
C ARG Z 185 2.53 -11.52 46.63
N ASP Z 186 3.81 -11.69 46.96
CA ASP Z 186 4.76 -10.62 46.72
C ASP Z 186 4.90 -10.34 45.23
N SER Z 187 4.93 -11.40 44.44
CA SER Z 187 5.04 -11.26 42.99
C SER Z 187 3.90 -10.42 42.45
N PHE Z 188 2.69 -10.69 42.91
CA PHE Z 188 1.55 -9.93 42.42
C PHE Z 188 1.44 -8.51 42.94
N THR Z 189 1.86 -8.25 44.16
CA THR Z 189 1.78 -6.87 44.65
C THR Z 189 2.85 -6.05 43.93
N SER Z 190 3.97 -6.67 43.59
CA SER Z 190 5.02 -5.97 42.87
C SER Z 190 4.50 -5.68 41.46
N ALA Z 191 4.01 -6.71 40.80
CA ALA Z 191 3.47 -6.57 39.45
C ALA Z 191 2.38 -5.50 39.43
N THR Z 192 1.51 -5.49 40.43
CA THR Z 192 0.43 -4.51 40.51
C THR Z 192 0.92 -3.08 40.55
N GLU Z 193 2.11 -2.89 41.11
CA GLU Z 193 2.72 -1.57 41.24
C GLU Z 193 3.23 -1.03 39.91
N ARG Z 194 3.75 -1.93 39.07
CA ARG Z 194 4.34 -1.54 37.81
C ARG Z 194 3.62 -1.92 36.53
N HIS Z 195 2.48 -2.57 36.64
CA HIS Z 195 1.74 -2.94 35.45
C HIS Z 195 0.29 -2.55 35.58
N ILE Z 196 -0.17 -1.70 34.67
CA ILE Z 196 -1.54 -1.19 34.70
C ILE Z 196 -2.66 -2.19 34.47
N GLN Z 197 -2.33 -3.38 33.98
CA GLN Z 197 -3.37 -4.38 33.74
C GLN Z 197 -3.47 -5.38 34.87
N VAL Z 198 -2.61 -5.21 35.88
CA VAL Z 198 -2.61 -6.11 37.03
C VAL Z 198 -3.10 -5.41 38.28
N GLY Z 199 -4.08 -6.02 38.96
CA GLY Z 199 -4.61 -5.45 40.19
C GLY Z 199 -5.96 -6.01 40.62
N ASP Z 200 -6.64 -5.26 41.50
CA ASP Z 200 -7.96 -5.62 42.03
C ASP Z 200 -8.01 -6.78 43.02
N GLY Z 201 -7.54 -7.95 42.60
CA GLY Z 201 -7.55 -9.10 43.47
C GLY Z 201 -6.72 -10.28 42.96
N LEU Z 202 -6.24 -11.09 43.90
CA LEU Z 202 -5.44 -12.27 43.59
C LEU Z 202 -6.15 -13.51 44.13
N GLU Z 203 -6.42 -14.46 43.26
CA GLU Z 203 -7.09 -15.69 43.68
C GLU Z 203 -6.11 -16.83 43.43
N ILE Z 204 -5.83 -17.60 44.48
CA ILE Z 204 -4.92 -18.72 44.37
C ILE Z 204 -5.64 -20.05 44.58
N LEU Z 205 -5.25 -21.07 43.81
CA LEU Z 205 -5.84 -22.39 43.98
C LEU Z 205 -4.70 -23.33 44.34
N ILE Z 206 -4.84 -24.00 45.49
CA ILE Z 206 -3.81 -24.93 45.97
C ILE Z 206 -4.24 -26.39 45.76
N VAL Z 207 -3.35 -27.18 45.16
CA VAL Z 207 -3.64 -28.59 44.89
C VAL Z 207 -2.72 -29.51 45.72
N THR Z 208 -3.35 -30.34 46.54
CA THR Z 208 -2.63 -31.29 47.39
C THR Z 208 -3.33 -32.63 47.22
N LYS Z 209 -2.81 -33.68 47.87
CA LYS Z 209 -3.44 -35.00 47.78
C LYS Z 209 -4.86 -34.96 48.34
N ASP Z 210 -5.16 -33.92 49.13
CA ASP Z 210 -6.48 -33.77 49.72
C ASP Z 210 -7.45 -33.02 48.82
N GLY Z 211 -6.97 -32.56 47.68
CA GLY Z 211 -7.83 -31.84 46.76
C GLY Z 211 -7.45 -30.41 46.44
N VAL Z 212 -8.45 -29.61 46.07
CA VAL Z 212 -8.25 -28.22 45.70
C VAL Z 212 -8.78 -27.21 46.72
N ARG Z 213 -7.90 -26.29 47.14
CA ARG Z 213 -8.29 -25.24 48.09
C ARG Z 213 -8.08 -23.85 47.44
N LYS Z 214 -8.90 -22.87 47.80
CA LYS Z 214 -8.79 -21.52 47.25
C LYS Z 214 -8.52 -20.45 48.31
N GLU Z 215 -7.69 -19.48 47.96
CA GLU Z 215 -7.38 -18.35 48.84
C GLU Z 215 -7.52 -17.09 48.00
N PHE Z 216 -7.95 -15.99 48.61
CA PHE Z 216 -8.12 -14.76 47.86
C PHE Z 216 -7.59 -13.55 48.60
N TYR Z 217 -6.89 -12.69 47.88
CA TYR Z 217 -6.34 -11.49 48.48
C TYR Z 217 -6.69 -10.29 47.63
N GLU Z 218 -6.84 -9.14 48.26
CA GLU Z 218 -7.14 -7.93 47.53
C GLU Z 218 -5.84 -7.35 46.99
N LEU Z 219 -5.95 -6.58 45.91
CA LEU Z 219 -4.81 -5.92 45.29
C LEU Z 219 -5.27 -4.49 44.99
N LYS Z 220 -4.31 -3.57 44.83
CA LYS Z 220 -4.65 -2.18 44.55
C LYS Z 220 -5.56 -2.05 43.34
N ARG Z 221 -6.54 -1.15 43.44
CA ARG Z 221 -7.51 -0.98 42.37
C ARG Z 221 -7.32 0.18 41.40
N ASP Z 222 -6.16 0.83 41.42
CA ASP Z 222 -5.93 1.97 40.52
C ASP Z 222 -5.42 1.57 39.11
N THR AA 1 -17.14 -11.09 7.86
CA THR AA 1 -16.68 -9.76 8.35
C THR AA 1 -17.54 -8.69 7.74
N GLN AA 2 -18.01 -7.78 8.57
CA GLN AA 2 -18.88 -6.74 8.13
C GLN AA 2 -18.51 -5.41 8.78
N GLN AA 3 -19.45 -4.50 8.76
CA GLN AA 3 -19.29 -3.19 9.35
C GLN AA 3 -20.70 -2.73 9.71
N PRO AA 4 -20.87 -2.26 10.95
CA PRO AA 4 -22.18 -1.79 11.40
C PRO AA 4 -22.71 -0.62 10.57
N ILE AA 5 -24.02 -0.50 10.46
CA ILE AA 5 -24.62 0.60 9.70
C ILE AA 5 -25.52 1.41 10.65
N VAL AA 6 -26.68 0.87 11.00
CA VAL AA 6 -27.58 1.55 11.92
C VAL AA 6 -27.17 1.07 13.31
N THR AA 7 -26.78 1.99 14.19
CA THR AA 7 -26.30 1.58 15.52
C THR AA 7 -26.96 2.16 16.76
N GLY AA 8 -26.86 1.41 17.85
CA GLY AA 8 -27.42 1.83 19.11
C GLY AA 8 -26.25 2.07 20.04
N THR AA 9 -26.30 3.14 20.82
CA THR AA 9 -25.20 3.44 21.73
C THR AA 9 -25.25 2.66 23.06
N SER AA 10 -24.77 3.29 24.12
CA SER AA 10 -24.68 2.68 25.46
C SER AA 10 -25.87 1.92 26.04
N VAL AA 11 -25.52 0.90 26.82
CA VAL AA 11 -26.49 0.10 27.56
C VAL AA 11 -25.86 0.01 28.94
N ILE AA 12 -26.49 0.63 29.93
CA ILE AA 12 -25.94 0.61 31.28
C ILE AA 12 -26.77 -0.24 32.25
N SER AA 13 -26.13 -0.73 33.30
CA SER AA 13 -26.85 -1.57 34.26
C SER AA 13 -26.05 -1.83 35.52
N MET AA 14 -26.77 -2.20 36.58
CA MET AA 14 -26.15 -2.51 37.86
C MET AA 14 -27.12 -3.37 38.65
N LYS AA 15 -26.64 -3.98 39.72
CA LYS AA 15 -27.52 -4.81 40.52
C LYS AA 15 -27.61 -4.27 41.96
N TYR AA 16 -28.83 -4.22 42.50
CA TYR AA 16 -29.04 -3.75 43.87
C TYR AA 16 -29.43 -4.95 44.75
N ASP AA 17 -29.82 -4.68 45.99
CA ASP AA 17 -30.16 -5.75 46.94
C ASP AA 17 -31.24 -6.75 46.51
N ASN AA 18 -32.23 -6.29 45.75
CA ASN AA 18 -33.32 -7.18 45.34
C ASN AA 18 -33.42 -7.53 43.87
N GLY AA 19 -32.56 -6.95 43.05
CA GLY AA 19 -32.62 -7.26 41.63
C GLY AA 19 -31.58 -6.58 40.79
N VAL AA 20 -31.98 -6.20 39.57
CA VAL AA 20 -31.11 -5.53 38.63
C VAL AA 20 -31.86 -4.48 37.84
N ILE AA 21 -31.14 -3.46 37.40
CA ILE AA 21 -31.74 -2.40 36.60
C ILE AA 21 -30.91 -2.31 35.33
N ILE AA 22 -31.56 -1.97 34.22
CA ILE AA 22 -30.87 -1.84 32.95
C ILE AA 22 -31.59 -0.79 32.11
N ALA AA 23 -30.82 0.02 31.39
CA ALA AA 23 -31.38 1.08 30.56
C ALA AA 23 -30.61 1.29 29.24
N ALA AA 24 -31.30 1.90 28.27
CA ALA AA 24 -30.73 2.19 26.96
C ALA AA 24 -31.60 3.22 26.25
N ASP AA 25 -30.99 4.24 25.66
CA ASP AA 25 -31.79 5.24 24.96
C ASP AA 25 -32.48 4.65 23.73
N ASN AA 26 -33.34 5.44 23.09
CA ASN AA 26 -34.11 4.94 21.95
C ASN AA 26 -33.64 5.43 20.60
N LEU AA 27 -32.34 5.63 20.45
CA LEU AA 27 -31.80 6.13 19.20
C LEU AA 27 -31.19 5.04 18.31
N GLY AA 28 -31.39 5.21 17.01
CA GLY AA 28 -30.81 4.30 16.03
C GLY AA 28 -30.02 5.22 15.10
N SER AA 29 -28.71 5.36 15.35
CA SER AA 29 -27.88 6.23 14.53
C SER AA 29 -27.41 5.60 13.22
N TYR AA 30 -27.10 6.47 12.27
CA TYR AA 30 -26.61 6.09 10.96
C TYR AA 30 -25.40 6.97 10.72
N GLY AA 31 -24.28 6.61 11.34
CA GLY AA 31 -23.11 7.43 11.21
C GLY AA 31 -23.40 8.54 12.17
N SER AA 32 -23.13 9.78 11.78
CA SER AA 32 -23.39 10.90 12.68
C SER AA 32 -24.80 11.45 12.47
N LEU AA 33 -25.59 10.78 11.62
CA LEU AA 33 -26.96 11.22 11.39
C LEU AA 33 -27.87 10.50 12.39
N LEU AA 34 -28.48 11.25 13.30
CA LEU AA 34 -29.38 10.67 14.31
C LEU AA 34 -30.68 10.29 13.59
N ARG AA 35 -30.63 9.21 12.82
CA ARG AA 35 -31.76 8.78 12.00
C ARG AA 35 -33.06 8.31 12.65
N PHE AA 36 -33.04 7.20 13.37
CA PHE AA 36 -34.28 6.68 13.94
C PHE AA 36 -34.45 7.02 15.41
N ASN AA 37 -35.68 7.35 15.80
CA ASN AA 37 -35.94 7.74 17.18
C ASN AA 37 -36.87 6.94 18.06
N GLY AA 38 -37.38 5.81 17.58
CA GLY AA 38 -38.26 5.04 18.42
C GLY AA 38 -37.74 3.63 18.60
N VAL AA 39 -36.41 3.48 18.59
CA VAL AA 39 -35.80 2.18 18.72
C VAL AA 39 -35.72 1.65 20.14
N GLU AA 40 -36.39 0.53 20.39
CA GLU AA 40 -36.37 -0.08 21.71
C GLU AA 40 -35.21 -1.07 21.68
N ARG AA 41 -34.23 -0.85 22.55
CA ARG AA 41 -33.06 -1.72 22.60
C ARG AA 41 -33.03 -2.60 23.84
N LEU AA 42 -34.15 -2.66 24.56
CA LEU AA 42 -34.25 -3.51 25.74
C LEU AA 42 -35.25 -4.61 25.37
N ILE AA 43 -34.78 -5.85 25.36
CA ILE AA 43 -35.64 -6.97 25.01
C ILE AA 43 -35.96 -7.86 26.20
N PRO AA 44 -37.22 -7.83 26.64
CA PRO AA 44 -37.60 -8.65 27.78
C PRO AA 44 -37.86 -10.06 27.26
N VAL AA 45 -37.33 -11.05 27.98
CA VAL AA 45 -37.52 -12.45 27.63
C VAL AA 45 -38.22 -13.07 28.82
N GLY AA 46 -39.52 -13.33 28.69
CA GLY AA 46 -40.27 -13.90 29.79
C GLY AA 46 -40.59 -12.80 30.77
N ASP AA 47 -40.37 -13.06 32.06
CA ASP AA 47 -40.67 -12.07 33.08
C ASP AA 47 -39.56 -11.97 34.12
N ASN AA 48 -38.45 -12.65 33.85
CA ASN AA 48 -37.32 -12.63 34.76
C ASN AA 48 -36.03 -12.18 34.07
N THR AA 49 -36.13 -11.88 32.78
CA THR AA 49 -34.96 -11.49 32.00
C THR AA 49 -35.22 -10.33 31.06
N VAL AA 50 -34.21 -9.48 30.92
CA VAL AA 50 -34.25 -8.34 29.99
C VAL AA 50 -32.87 -8.28 29.35
N VAL AA 51 -32.83 -8.31 28.02
CA VAL AA 51 -31.57 -8.26 27.28
C VAL AA 51 -31.37 -6.89 26.63
N GLY AA 52 -30.32 -6.19 27.06
CA GLY AA 52 -30.00 -4.89 26.52
C GLY AA 52 -28.94 -5.02 25.44
N ILE AA 53 -29.25 -4.47 24.26
CA ILE AA 53 -28.35 -4.60 23.12
C ILE AA 53 -27.88 -3.29 22.49
N SER AA 54 -26.58 -3.21 22.20
CA SER AA 54 -26.03 -2.04 21.54
C SER AA 54 -25.31 -2.54 20.30
N GLY AA 55 -24.99 -1.61 19.40
CA GLY AA 55 -24.31 -2.02 18.18
C GLY AA 55 -25.21 -1.99 16.96
N ASP AA 56 -24.92 -2.87 16.00
CA ASP AA 56 -25.68 -2.92 14.76
C ASP AA 56 -27.14 -3.29 15.00
N ILE AA 57 -28.04 -2.40 14.57
CA ILE AA 57 -29.46 -2.60 14.77
C ILE AA 57 -30.05 -3.76 13.99
N SER AA 58 -29.57 -3.98 12.76
CA SER AA 58 -30.10 -5.09 11.97
C SER AA 58 -29.79 -6.41 12.70
N ASP AA 59 -28.57 -6.49 13.24
CA ASP AA 59 -28.16 -7.67 13.99
C ASP AA 59 -28.99 -7.81 15.27
N MET AA 60 -29.26 -6.68 15.92
CA MET AA 60 -30.05 -6.70 17.15
C MET AA 60 -31.43 -7.33 16.86
N GLN AA 61 -32.06 -6.87 15.78
CA GLN AA 61 -33.36 -7.37 15.37
C GLN AA 61 -33.30 -8.87 15.14
N HIS AA 62 -32.17 -9.34 14.61
CA HIS AA 62 -31.98 -10.75 14.36
C HIS AA 62 -31.93 -11.50 15.68
N ILE AA 63 -31.17 -10.95 16.64
CA ILE AA 63 -31.04 -11.56 17.96
C ILE AA 63 -32.40 -11.57 18.64
N GLU AA 64 -33.16 -10.52 18.41
CA GLU AA 64 -34.50 -10.36 18.96
C GLU AA 64 -35.38 -11.52 18.49
N ARG AA 65 -35.21 -11.89 17.22
CA ARG AA 65 -35.98 -12.96 16.61
C ARG AA 65 -35.52 -14.30 17.16
N LEU AA 66 -34.24 -14.42 17.49
CA LEU AA 66 -33.71 -15.66 18.03
C LEU AA 66 -34.30 -15.91 19.42
N LEU AA 67 -34.54 -14.82 20.15
CA LEU AA 67 -35.08 -14.91 21.49
C LEU AA 67 -36.55 -15.31 21.48
N LYS AA 68 -37.34 -14.77 20.55
CA LYS AA 68 -38.73 -15.15 20.46
C LYS AA 68 -38.81 -16.66 20.24
N ASP AA 69 -37.91 -17.19 19.40
CA ASP AA 69 -37.88 -18.62 19.13
C ASP AA 69 -37.53 -19.40 20.37
N LEU AA 70 -36.52 -18.95 21.11
CA LEU AA 70 -36.14 -19.64 22.34
C LEU AA 70 -37.41 -19.89 23.13
N VAL AA 71 -38.17 -18.82 23.36
CA VAL AA 71 -39.42 -18.93 24.10
C VAL AA 71 -40.34 -19.98 23.46
N THR AA 72 -40.73 -19.77 22.21
CA THR AA 72 -41.58 -20.72 21.48
C THR AA 72 -41.11 -22.16 21.66
N GLU AA 73 -39.81 -22.37 21.44
CA GLU AA 73 -39.24 -23.70 21.54
C GLU AA 73 -39.26 -24.28 22.94
N ASN AA 74 -38.95 -23.46 23.94
CA ASN AA 74 -38.94 -23.93 25.32
C ASN AA 74 -40.34 -24.37 25.73
N ALA AA 75 -41.33 -23.87 25.02
CA ALA AA 75 -42.72 -24.21 25.31
C ALA AA 75 -43.07 -25.59 24.77
N TYR AA 76 -42.48 -25.98 23.65
CA TYR AA 76 -42.77 -27.28 23.04
C TYR AA 76 -42.55 -28.47 23.97
N ASP AA 77 -43.60 -29.28 24.12
CA ASP AA 77 -43.55 -30.48 24.96
C ASP AA 77 -43.02 -30.22 26.35
N ASN AA 78 -43.28 -29.01 26.85
CA ASN AA 78 -42.83 -28.62 28.18
C ASN AA 78 -44.01 -28.18 29.03
N PRO AA 79 -44.56 -29.11 29.82
CA PRO AA 79 -45.70 -28.82 30.69
C PRO AA 79 -45.36 -27.85 31.82
N LEU AA 80 -44.06 -27.58 32.00
CA LEU AA 80 -43.61 -26.66 33.03
C LEU AA 80 -42.94 -25.42 32.44
N ALA AA 81 -43.40 -25.02 31.25
CA ALA AA 81 -42.84 -23.86 30.54
C ALA AA 81 -42.97 -22.55 31.32
N ASP AA 82 -43.98 -22.45 32.16
CA ASP AA 82 -44.20 -21.26 32.95
C ASP AA 82 -43.96 -21.53 34.43
N ALA AA 83 -43.19 -22.58 34.71
CA ALA AA 83 -42.88 -22.95 36.08
C ALA AA 83 -41.42 -23.32 36.23
N GLU AA 84 -41.16 -24.54 36.70
CA GLU AA 84 -39.79 -25.02 36.90
C GLU AA 84 -38.93 -25.08 35.65
N GLU AA 85 -39.57 -25.21 34.49
CA GLU AA 85 -38.82 -25.31 33.24
C GLU AA 85 -38.98 -24.09 32.35
N ALA AA 86 -39.05 -22.92 32.95
CA ALA AA 86 -39.15 -21.68 32.20
C ALA AA 86 -37.72 -21.21 31.95
N LEU AA 87 -37.55 -20.32 30.98
CA LEU AA 87 -36.22 -19.81 30.66
C LEU AA 87 -35.63 -19.00 31.79
N GLU AA 88 -34.42 -19.38 32.21
CA GLU AA 88 -33.68 -18.69 33.25
C GLU AA 88 -32.79 -17.66 32.59
N PRO AA 89 -32.43 -16.60 33.31
CA PRO AA 89 -31.55 -15.62 32.67
C PRO AA 89 -30.24 -16.27 32.23
N SER AA 90 -29.71 -17.15 33.07
CA SER AA 90 -28.46 -17.83 32.76
C SER AA 90 -28.56 -18.66 31.48
N TYR AA 91 -29.72 -19.22 31.20
CA TYR AA 91 -29.87 -20.03 30.00
C TYR AA 91 -29.80 -19.10 28.79
N ILE AA 92 -30.59 -18.04 28.82
CA ILE AA 92 -30.64 -17.07 27.73
C ILE AA 92 -29.25 -16.51 27.44
N PHE AA 93 -28.49 -16.23 28.49
CA PHE AA 93 -27.16 -15.69 28.30
C PHE AA 93 -26.23 -16.72 27.66
N GLU AA 94 -26.07 -17.86 28.32
CA GLU AA 94 -25.19 -18.91 27.80
C GLU AA 94 -25.48 -19.19 26.32
N TYR AA 95 -26.73 -19.03 25.93
CA TYR AA 95 -27.14 -19.24 24.56
C TYR AA 95 -26.57 -18.16 23.65
N LEU AA 96 -26.91 -16.90 23.95
CA LEU AA 96 -26.41 -15.78 23.18
C LEU AA 96 -24.88 -15.79 23.15
N ALA AA 97 -24.27 -16.07 24.30
CA ALA AA 97 -22.82 -16.11 24.40
C ALA AA 97 -22.31 -17.14 23.39
N THR AA 98 -22.91 -18.32 23.41
CA THR AA 98 -22.51 -19.37 22.47
C THR AA 98 -22.56 -18.86 21.04
N VAL AA 99 -23.69 -18.29 20.65
CA VAL AA 99 -23.87 -17.76 19.31
C VAL AA 99 -22.86 -16.70 18.96
N MET AA 100 -22.68 -15.73 19.86
CA MET AA 100 -21.74 -14.65 19.61
C MET AA 100 -20.35 -15.16 19.29
N TYR AA 101 -19.89 -16.16 20.03
CA TYR AA 101 -18.56 -16.70 19.83
C TYR AA 101 -18.46 -17.58 18.58
N GLN AA 102 -19.54 -18.28 18.24
CA GLN AA 102 -19.52 -19.12 17.06
C GLN AA 102 -19.40 -18.21 15.85
N ARG AA 103 -20.15 -17.11 15.89
CA ARG AA 103 -20.15 -16.14 14.81
C ARG AA 103 -18.81 -15.42 14.63
N ARG AA 104 -18.14 -15.04 15.72
CA ARG AA 104 -16.85 -14.37 15.53
C ARG AA 104 -15.86 -15.42 15.07
N SER AA 105 -16.12 -16.66 15.43
CA SER AA 105 -15.21 -17.74 15.04
C SER AA 105 -15.36 -18.12 13.58
N LYS AA 106 -16.41 -17.64 12.94
CA LYS AA 106 -16.62 -17.91 11.52
C LYS AA 106 -16.30 -16.62 10.78
N MET AA 107 -15.65 -15.69 11.48
CA MET AA 107 -15.29 -14.41 10.88
C MET AA 107 -16.49 -13.65 10.33
N ASN AA 108 -17.66 -13.89 10.94
CA ASN AA 108 -18.90 -13.23 10.54
C ASN AA 108 -19.64 -12.88 11.84
N PRO AA 109 -19.16 -11.87 12.57
CA PRO AA 109 -19.76 -11.46 13.82
C PRO AA 109 -21.14 -10.79 13.80
N LEU AA 110 -21.80 -10.86 14.96
CA LEU AA 110 -23.07 -10.19 15.19
C LEU AA 110 -22.47 -8.96 15.87
N TRP AA 111 -22.50 -7.84 15.17
CA TRP AA 111 -21.87 -6.62 15.65
C TRP AA 111 -22.50 -5.93 16.85
N ASN AA 112 -22.50 -6.60 17.99
CA ASN AA 112 -23.12 -6.02 19.16
C ASN AA 112 -22.36 -6.19 20.47
N ALA AA 113 -22.86 -5.47 21.48
CA ALA AA 113 -22.36 -5.53 22.84
C ALA AA 113 -23.70 -5.82 23.54
N ILE AA 114 -23.74 -6.92 24.29
CA ILE AA 114 -24.98 -7.31 24.96
C ILE AA 114 -24.85 -7.47 26.47
N ILE AA 115 -25.88 -7.07 27.18
CA ILE AA 115 -25.92 -7.23 28.63
C ILE AA 115 -27.22 -7.95 28.95
N VAL AA 116 -27.11 -9.07 29.66
CA VAL AA 116 -28.31 -9.82 30.03
C VAL AA 116 -28.58 -9.55 31.51
N ALA AA 117 -29.71 -8.92 31.79
CA ALA AA 117 -30.06 -8.60 33.16
C ALA AA 117 -31.27 -9.40 33.61
N GLY AA 118 -31.18 -9.99 34.80
CA GLY AA 118 -32.29 -10.78 35.28
C GLY AA 118 -32.13 -11.36 36.66
N VAL AA 119 -33.19 -12.04 37.11
CA VAL AA 119 -33.21 -12.68 38.41
C VAL AA 119 -33.50 -14.17 38.25
N GLN AA 120 -32.57 -14.98 38.74
CA GLN AA 120 -32.68 -16.42 38.67
C GLN AA 120 -33.88 -16.89 39.48
N SER AA 121 -34.29 -18.14 39.27
CA SER AA 121 -35.43 -18.70 39.99
C SER AA 121 -35.22 -18.75 41.51
N ASN AA 122 -33.96 -18.81 41.96
CA ASN AA 122 -33.68 -18.87 43.38
C ASN AA 122 -33.45 -17.47 43.94
N GLY AA 123 -33.92 -16.45 43.22
CA GLY AA 123 -33.78 -15.08 43.67
C GLY AA 123 -32.46 -14.40 43.33
N ASP AA 124 -31.43 -15.17 42.98
CA ASP AA 124 -30.12 -14.60 42.64
C ASP AA 124 -30.19 -13.62 41.47
N GLN AA 125 -29.42 -12.54 41.58
CA GLN AA 125 -29.39 -11.54 40.52
C GLN AA 125 -28.42 -12.03 39.44
N PHE AA 126 -28.75 -11.74 38.19
CA PHE AA 126 -27.89 -12.14 37.09
C PHE AA 126 -27.57 -10.94 36.21
N LEU AA 127 -26.28 -10.73 35.98
CA LEU AA 127 -25.84 -9.63 35.14
C LEU AA 127 -24.53 -10.01 34.46
N ARG AA 128 -24.60 -10.34 33.18
CA ARG AA 128 -23.39 -10.69 32.45
C ARG AA 128 -23.41 -9.99 31.09
N TYR AA 129 -22.21 -9.85 30.52
CA TYR AA 129 -21.96 -9.17 29.26
C TYR AA 129 -21.35 -10.09 28.22
N VAL AA 130 -21.65 -9.85 26.95
CA VAL AA 130 -21.09 -10.61 25.83
C VAL AA 130 -21.10 -9.70 24.60
N ASN AA 131 -20.01 -9.69 23.84
CA ASN AA 131 -19.95 -8.83 22.67
C ASN AA 131 -19.62 -9.60 21.39
N LEU AA 132 -19.33 -8.86 20.33
CA LEU AA 132 -19.04 -9.47 19.03
C LEU AA 132 -17.83 -10.42 19.03
N LEU AA 133 -16.95 -10.30 20.01
CA LEU AA 133 -15.78 -11.18 20.08
C LEU AA 133 -16.09 -12.47 20.85
N GLY AA 134 -17.27 -12.51 21.47
CA GLY AA 134 -17.64 -13.68 22.26
C GLY AA 134 -17.06 -13.55 23.67
N VAL AA 135 -16.57 -12.37 23.99
CA VAL AA 135 -15.99 -12.10 25.31
C VAL AA 135 -17.08 -11.87 26.33
N THR AA 136 -16.90 -12.44 27.53
CA THR AA 136 -17.90 -12.31 28.59
C THR AA 136 -17.33 -12.01 29.96
N TYR AA 137 -18.13 -11.35 30.78
CA TYR AA 137 -17.73 -11.00 32.14
C TYR AA 137 -18.88 -10.42 32.95
N SER AA 138 -18.76 -10.56 34.26
CA SER AA 138 -19.75 -10.04 35.20
C SER AA 138 -19.10 -9.01 36.11
N SER AA 139 -19.94 -8.17 36.71
CA SER AA 139 -19.49 -7.14 37.62
C SER AA 139 -20.74 -6.47 38.19
N PRO AA 140 -20.67 -5.95 39.43
CA PRO AA 140 -21.80 -5.29 40.06
C PRO AA 140 -22.45 -4.28 39.11
N THR AA 141 -21.63 -3.64 38.27
CA THR AA 141 -22.12 -2.69 37.27
C THR AA 141 -21.55 -3.10 35.90
N LEU AA 142 -22.33 -2.93 34.85
CA LEU AA 142 -21.90 -3.27 33.49
C LEU AA 142 -22.49 -2.28 32.51
N ALA AA 143 -21.63 -1.76 31.63
CA ALA AA 143 -22.07 -0.82 30.61
C ALA AA 143 -21.32 -1.07 29.31
N THR AA 144 -21.94 -0.77 28.18
CA THR AA 144 -21.30 -0.96 26.89
C THR AA 144 -20.96 0.38 26.26
N GLY AA 145 -19.98 0.40 25.36
CA GLY AA 145 -19.60 1.63 24.69
C GLY AA 145 -19.29 2.77 25.64
N PHE AA 146 -19.83 3.96 25.36
CA PHE AA 146 -19.60 5.14 26.18
C PHE AA 146 -19.94 4.92 27.65
N GLY AA 147 -21.03 4.22 27.90
CA GLY AA 147 -21.44 3.95 29.26
C GLY AA 147 -20.32 3.35 30.06
N ALA AA 148 -19.46 2.57 29.40
CA ALA AA 148 -18.36 1.94 30.09
C ALA AA 148 -17.41 2.97 30.63
N HIS AA 149 -17.22 4.06 29.88
CA HIS AA 149 -16.30 5.10 30.29
C HIS AA 149 -16.90 6.14 31.23
N MET AA 150 -18.17 6.49 31.02
CA MET AA 150 -18.80 7.49 31.86
C MET AA 150 -19.76 6.94 32.90
N ALA AA 151 -20.54 5.93 32.55
CA ALA AA 151 -21.48 5.38 33.51
C ALA AA 151 -20.83 4.54 34.59
N ASN AA 152 -19.97 3.60 34.23
CA ASN AA 152 -19.35 2.78 35.26
C ASN AA 152 -18.72 3.55 36.41
N PRO AA 153 -17.94 4.61 36.12
CA PRO AA 153 -17.33 5.36 37.22
C PRO AA 153 -18.35 5.88 38.24
N LEU AA 154 -19.51 6.32 37.75
CA LEU AA 154 -20.57 6.81 38.62
C LEU AA 154 -21.21 5.66 39.37
N LEU AA 155 -21.75 4.70 38.62
CA LEU AA 155 -22.39 3.54 39.22
C LEU AA 155 -21.49 2.82 40.22
N ARG AA 156 -20.19 2.78 39.96
CA ARG AA 156 -19.29 2.09 40.88
C ARG AA 156 -19.14 2.85 42.20
N LYS AA 157 -19.48 4.13 42.19
CA LYS AA 157 -19.40 4.94 43.41
C LYS AA 157 -20.54 4.52 44.36
N VAL AA 158 -21.51 3.78 43.83
CA VAL AA 158 -22.65 3.29 44.60
C VAL AA 158 -22.40 1.82 45.01
N VAL AA 159 -22.01 0.99 44.05
CA VAL AA 159 -21.69 -0.41 44.32
C VAL AA 159 -20.26 -0.63 43.84
N ASP AA 160 -19.30 -0.44 44.75
CA ASP AA 160 -17.90 -0.58 44.44
C ASP AA 160 -17.43 -2.01 44.53
N ARG AA 161 -18.13 -2.82 45.32
CA ARG AA 161 -17.78 -4.23 45.44
C ARG AA 161 -19.03 -5.04 45.76
N GLU AA 162 -18.90 -6.36 45.76
CA GLU AA 162 -20.02 -7.25 46.01
C GLU AA 162 -20.84 -6.90 47.25
N SER AA 163 -20.14 -6.70 48.35
CA SER AA 163 -20.76 -6.35 49.64
C SER AA 163 -21.67 -5.13 49.61
N ASP AA 164 -21.44 -4.21 48.67
CA ASP AA 164 -22.26 -3.00 48.57
C ASP AA 164 -23.64 -3.28 47.98
N ILE AA 165 -23.80 -4.46 47.38
CA ILE AA 165 -25.07 -4.79 46.74
C ILE AA 165 -26.24 -4.85 47.72
N PRO AA 166 -26.15 -5.72 48.75
CA PRO AA 166 -27.25 -5.81 49.71
C PRO AA 166 -27.60 -4.46 50.37
N LYS AA 167 -26.63 -3.54 50.35
CA LYS AA 167 -26.81 -2.22 50.95
C LYS AA 167 -27.43 -1.20 49.98
N THR AA 168 -27.71 -1.63 48.76
CA THR AA 168 -28.27 -0.70 47.77
C THR AA 168 -29.74 -0.97 47.48
N THR AA 169 -30.55 0.09 47.48
CA THR AA 169 -31.98 -0.06 47.22
C THR AA 169 -32.38 0.37 45.82
N VAL AA 170 -33.56 -0.06 45.39
CA VAL AA 170 -34.07 0.27 44.07
C VAL AA 170 -34.11 1.78 43.83
N GLN AA 171 -34.29 2.54 44.91
CA GLN AA 171 -34.36 4.00 44.79
C GLN AA 171 -32.98 4.54 44.53
N VAL AA 172 -32.02 4.11 45.33
CA VAL AA 172 -30.63 4.54 45.16
C VAL AA 172 -30.16 4.13 43.77
N ALA AA 173 -30.34 2.86 43.44
CA ALA AA 173 -29.93 2.33 42.15
C ALA AA 173 -30.61 3.04 40.98
N GLU AA 174 -31.94 3.03 40.93
CA GLU AA 174 -32.61 3.69 39.82
C GLU AA 174 -32.18 5.13 39.68
N GLU AA 175 -31.83 5.76 40.79
CA GLU AA 175 -31.40 7.15 40.77
C GLU AA 175 -30.05 7.25 40.08
N ALA AA 176 -29.13 6.36 40.45
CA ALA AA 176 -27.81 6.35 39.86
C ALA AA 176 -27.97 6.16 38.34
N ILE AA 177 -28.70 5.12 37.96
CA ILE AA 177 -28.93 4.82 36.55
C ILE AA 177 -29.47 6.02 35.79
N VAL AA 178 -30.45 6.71 36.36
CA VAL AA 178 -31.02 7.85 35.66
C VAL AA 178 -30.07 9.03 35.54
N ASN AA 179 -29.23 9.25 36.55
CA ASN AA 179 -28.27 10.36 36.48
C ASN AA 179 -27.26 10.02 35.40
N ALA AA 180 -26.86 8.75 35.35
CA ALA AA 180 -25.91 8.26 34.37
C ALA AA 180 -26.44 8.56 32.98
N MET AA 181 -27.69 8.24 32.74
CA MET AA 181 -28.28 8.49 31.44
C MET AA 181 -28.22 9.97 31.07
N ARG AA 182 -28.30 10.84 32.06
CA ARG AA 182 -28.24 12.28 31.79
C ARG AA 182 -26.82 12.67 31.40
N VAL AA 183 -25.84 12.15 32.15
CA VAL AA 183 -24.46 12.44 31.84
C VAL AA 183 -24.14 12.00 30.41
N LEU AA 184 -24.54 10.78 30.06
CA LEU AA 184 -24.30 10.28 28.72
C LEU AA 184 -24.95 11.20 27.67
N TYR AA 185 -26.12 11.75 27.98
CA TYR AA 185 -26.76 12.62 27.01
C TYR AA 185 -25.97 13.91 26.87
N TYR AA 186 -25.17 14.23 27.88
CA TYR AA 186 -24.35 15.45 27.85
C TYR AA 186 -23.11 15.29 26.99
N ARG AA 187 -22.44 14.14 27.13
CA ARG AA 187 -21.19 13.94 26.41
C ARG AA 187 -21.13 12.93 25.26
N ASP AA 188 -22.22 12.21 25.02
CA ASP AA 188 -22.23 11.24 23.92
C ASP AA 188 -22.99 11.85 22.74
N ALA AA 189 -22.29 12.07 21.63
CA ALA AA 189 -22.90 12.67 20.45
C ALA AA 189 -23.83 11.73 19.69
N ARG AA 190 -23.91 10.48 20.13
CA ARG AA 190 -24.76 9.50 19.46
C ARG AA 190 -25.86 9.06 20.43
N SER AA 191 -26.30 9.97 21.29
CA SER AA 191 -27.33 9.65 22.26
C SER AA 191 -28.61 10.46 22.11
N SER AA 192 -29.69 9.87 22.58
CA SER AA 192 -31.01 10.48 22.54
C SER AA 192 -31.41 10.81 23.98
N ARG AA 193 -32.33 11.76 24.11
CA ARG AA 193 -32.82 12.21 25.41
C ARG AA 193 -33.84 11.21 25.92
N ASN AA 194 -34.46 10.49 25.00
CA ASN AA 194 -35.47 9.49 25.32
C ASN AA 194 -34.86 8.12 25.53
N PHE AA 195 -35.33 7.43 26.56
CA PHE AA 195 -34.82 6.10 26.83
C PHE AA 195 -35.80 5.21 27.56
N SER AA 196 -35.42 3.94 27.68
CA SER AA 196 -36.25 2.96 28.36
C SER AA 196 -35.44 2.43 29.52
N LEU AA 197 -36.11 2.07 30.60
CA LEU AA 197 -35.44 1.53 31.78
C LEU AA 197 -36.26 0.35 32.28
N ALA AA 198 -35.57 -0.67 32.77
CA ALA AA 198 -36.26 -1.85 33.26
C ALA AA 198 -35.68 -2.33 34.58
N ILE AA 199 -36.56 -2.82 35.44
CA ILE AA 199 -36.17 -3.34 36.73
C ILE AA 199 -36.66 -4.76 36.84
N ILE AA 200 -35.80 -5.64 37.35
CA ILE AA 200 -36.17 -7.03 37.54
C ILE AA 200 -35.87 -7.29 39.01
N ASP AA 201 -36.92 -7.21 39.81
CA ASP AA 201 -36.84 -7.38 41.25
C ASP AA 201 -37.43 -8.72 41.65
N LYS AA 202 -36.72 -9.46 42.51
CA LYS AA 202 -37.20 -10.77 42.92
C LYS AA 202 -38.55 -10.77 43.64
N ASN AA 203 -39.10 -9.58 43.91
CA ASN AA 203 -40.40 -9.48 44.57
C ASN AA 203 -41.43 -8.81 43.67
N THR AA 204 -41.14 -7.61 43.22
CA THR AA 204 -42.06 -6.87 42.36
C THR AA 204 -42.05 -7.37 40.90
N GLY AA 205 -41.12 -8.29 40.60
CA GLY AA 205 -41.03 -8.82 39.25
C GLY AA 205 -40.32 -7.93 38.24
N LEU AA 206 -40.86 -7.86 37.02
CA LEU AA 206 -40.27 -7.04 35.99
C LEU AA 206 -41.09 -5.79 35.68
N THR AA 207 -40.46 -4.64 35.89
CA THR AA 207 -41.09 -3.35 35.61
C THR AA 207 -40.39 -2.75 34.39
N PHE AA 208 -41.13 -2.54 33.33
CA PHE AA 208 -40.52 -1.98 32.12
C PHE AA 208 -41.02 -0.57 31.91
N LYS AA 209 -40.13 0.40 31.95
CA LYS AA 209 -40.49 1.80 31.77
C LYS AA 209 -40.08 2.39 30.42
N LYS AA 210 -41.07 2.87 29.67
CA LYS AA 210 -40.84 3.45 28.36
C LYS AA 210 -41.01 4.97 28.31
N ASN AA 211 -40.43 5.59 27.29
CA ASN AA 211 -40.52 7.02 27.06
C ASN AA 211 -40.01 7.96 28.15
N LEU AA 212 -39.00 7.52 28.91
CA LEU AA 212 -38.45 8.39 29.94
C LEU AA 212 -37.67 9.48 29.24
N GLN AA 213 -37.31 10.53 29.98
CA GLN AA 213 -36.55 11.62 29.41
C GLN AA 213 -35.54 12.20 30.38
N VAL AA 214 -34.41 12.65 29.85
CA VAL AA 214 -33.39 13.26 30.69
C VAL AA 214 -33.97 14.62 31.07
N GLU AA 215 -34.02 14.89 32.37
CA GLU AA 215 -34.55 16.14 32.87
C GLU AA 215 -33.52 16.77 33.79
N ASN AA 216 -33.86 17.93 34.36
CA ASN AA 216 -32.98 18.62 35.29
C ASN AA 216 -31.61 18.90 34.66
N MET AA 217 -31.63 19.51 33.48
CA MET AA 217 -30.40 19.80 32.75
C MET AA 217 -29.82 21.20 32.96
N LYS AA 218 -28.55 21.24 33.35
CA LYS AA 218 -27.82 22.48 33.59
C LYS AA 218 -27.21 23.03 32.30
N TRP AA 219 -27.72 24.17 31.84
CA TRP AA 219 -27.22 24.81 30.63
C TRP AA 219 -27.00 26.30 30.82
N ASP AA 220 -27.70 26.88 31.80
CA ASP AA 220 -27.63 28.30 32.09
C ASP AA 220 -26.23 28.93 32.08
N PHE AA 221 -25.23 28.23 32.62
CA PHE AA 221 -23.87 28.76 32.64
C PHE AA 221 -23.33 29.06 31.24
N ALA AA 222 -23.96 28.49 30.22
CA ALA AA 222 -23.54 28.69 28.84
C ALA AA 222 -23.60 30.13 28.40
N LYS AA 223 -24.43 30.93 29.07
CA LYS AA 223 -24.58 32.35 28.71
C LYS AA 223 -23.37 33.20 29.12
N ASP AA 224 -22.77 32.85 30.26
CA ASP AA 224 -21.62 33.57 30.81
C ASP AA 224 -20.34 33.26 30.05
N ILE AA 225 -20.42 32.34 29.09
CA ILE AA 225 -19.25 31.94 28.31
C ILE AA 225 -19.29 32.49 26.88
N LYS AA 226 -18.29 33.32 26.58
CA LYS AA 226 -18.18 33.92 25.26
C LYS AA 226 -16.74 33.85 24.75
N GLY AA 227 -16.58 33.76 23.44
CA GLY AA 227 -15.25 33.68 22.85
C GLY AA 227 -14.55 32.38 23.18
N TYR AA 228 -13.25 32.34 22.91
CA TYR AA 228 -12.46 31.15 23.19
C TYR AA 228 -11.14 31.52 23.85
N GLY AA 229 -11.10 32.73 24.43
CA GLY AA 229 -9.90 33.18 25.10
C GLY AA 229 -9.87 34.63 25.53
N THR AA 230 -9.58 35.53 24.59
CA THR AA 230 -9.49 36.96 24.89
C THR AA 230 -10.75 37.78 24.60
N GLN AA 231 -11.70 37.21 23.87
CA GLN AA 231 -12.93 37.92 23.53
C GLN AA 231 -13.74 38.25 24.78
N LYS AA 232 -14.12 39.52 24.91
CA LYS AA 232 -14.88 39.96 26.06
C LYS AA 232 -16.40 39.94 25.87
N ILE AA 233 -16.87 40.29 24.68
CA ILE AA 233 -18.31 40.28 24.45
C ILE AA 233 -18.74 39.10 23.59
N THR BA 1 -30.33 9.69 -6.32
CA THR BA 1 -31.70 9.14 -6.05
C THR BA 1 -32.36 9.92 -4.91
N SER BA 2 -33.64 10.28 -5.08
CA SER BA 2 -34.44 10.97 -4.06
C SER BA 2 -35.78 10.24 -4.04
N ILE BA 3 -36.08 9.57 -2.93
CA ILE BA 3 -37.31 8.80 -2.80
C ILE BA 3 -37.94 8.95 -1.42
N MET BA 4 -39.26 8.79 -1.37
CA MET BA 4 -40.01 8.89 -0.11
C MET BA 4 -41.39 8.24 -0.25
N ALA BA 5 -41.92 7.82 0.88
CA ALA BA 5 -43.25 7.20 0.93
C ALA BA 5 -43.92 7.82 2.15
N VAL BA 6 -45.14 8.33 1.95
CA VAL BA 6 -45.91 8.97 3.03
C VAL BA 6 -47.30 8.35 3.20
N THR BA 7 -47.66 8.00 4.43
CA THR BA 7 -48.98 7.44 4.68
C THR BA 7 -49.90 8.59 5.04
N PHE BA 8 -51.10 8.59 4.49
CA PHE BA 8 -52.06 9.64 4.80
C PHE BA 8 -53.41 9.03 5.15
N LYS BA 9 -54.43 9.88 5.25
CA LYS BA 9 -55.79 9.45 5.59
C LYS BA 9 -56.34 8.25 4.79
N ASP BA 10 -56.23 8.31 3.47
CA ASP BA 10 -56.78 7.25 2.61
C ASP BA 10 -55.81 6.15 2.17
N GLY BA 11 -54.61 6.13 2.74
CA GLY BA 11 -53.65 5.12 2.35
C GLY BA 11 -52.20 5.60 2.35
N VAL BA 12 -51.52 5.44 1.22
CA VAL BA 12 -50.12 5.86 1.12
C VAL BA 12 -49.69 6.26 -0.30
N ILE BA 13 -48.70 7.16 -0.39
CA ILE BA 13 -48.19 7.60 -1.68
C ILE BA 13 -46.66 7.46 -1.75
N LEU BA 14 -46.16 7.01 -2.90
CA LEU BA 14 -44.73 6.86 -3.12
C LEU BA 14 -44.27 7.88 -4.14
N GLY BA 15 -43.13 8.52 -3.88
CA GLY BA 15 -42.59 9.50 -4.80
C GLY BA 15 -41.11 9.26 -5.06
N ALA BA 16 -40.62 9.69 -6.22
CA ALA BA 16 -39.23 9.51 -6.58
C ALA BA 16 -38.83 10.39 -7.75
N ASP BA 17 -37.52 10.66 -7.90
CA ASP BA 17 -37.06 11.45 -9.05
C ASP BA 17 -36.81 10.43 -10.16
N SER BA 18 -36.29 10.87 -11.30
CA SER BA 18 -36.08 9.93 -12.39
C SER BA 18 -34.69 9.99 -13.01
N ARG BA 19 -33.70 10.41 -12.23
CA ARG BA 19 -32.34 10.50 -12.75
C ARG BA 19 -31.43 9.39 -12.31
N THR BA 20 -30.64 8.86 -13.24
CA THR BA 20 -29.64 7.84 -12.93
C THR BA 20 -28.38 8.36 -13.59
N THR BA 21 -27.29 8.33 -12.85
CA THR BA 21 -26.03 8.83 -13.36
C THR BA 21 -24.91 7.83 -13.23
N THR BA 22 -23.88 8.07 -14.02
CA THR BA 22 -22.65 7.29 -13.98
C THR BA 22 -21.68 8.46 -13.99
N GLY BA 23 -21.24 8.87 -12.81
CA GLY BA 23 -20.37 10.01 -12.73
C GLY BA 23 -21.24 11.25 -12.81
N ALA BA 24 -20.77 12.27 -13.50
CA ALA BA 24 -21.57 13.49 -13.63
C ALA BA 24 -22.51 13.33 -14.82
N TYR BA 25 -22.37 12.23 -15.56
CA TYR BA 25 -23.24 12.00 -16.71
C TYR BA 25 -24.59 11.42 -16.34
N ILE BA 26 -25.66 12.00 -16.89
CA ILE BA 26 -27.00 11.49 -16.64
C ILE BA 26 -27.28 10.40 -17.68
N ALA BA 27 -27.13 9.15 -17.26
CA ALA BA 27 -27.33 8.01 -18.14
C ALA BA 27 -28.79 7.83 -18.59
N ASN BA 28 -29.71 8.13 -17.69
CA ASN BA 28 -31.13 8.01 -17.97
C ASN BA 28 -31.83 9.13 -17.21
N ARG BA 29 -32.72 9.87 -17.87
CA ARG BA 29 -33.43 10.94 -17.17
C ARG BA 29 -34.93 10.69 -17.01
N VAL BA 30 -35.38 9.49 -17.35
CA VAL BA 30 -36.79 9.13 -17.21
C VAL BA 30 -36.94 7.78 -16.50
N THR BA 31 -36.03 7.51 -15.58
CA THR BA 31 -36.02 6.28 -14.82
C THR BA 31 -37.24 6.14 -13.93
N ASP BA 32 -37.71 4.92 -13.74
CA ASP BA 32 -38.86 4.68 -12.87
C ASP BA 32 -38.34 3.92 -11.64
N LYS BA 33 -38.20 4.65 -10.54
CA LYS BA 33 -37.68 4.07 -9.31
C LYS BA 33 -38.78 3.52 -8.40
N LEU BA 34 -40.03 3.60 -8.87
CA LEU BA 34 -41.16 3.10 -8.11
C LEU BA 34 -41.52 1.74 -8.72
N THR BA 35 -41.22 0.67 -8.00
CA THR BA 35 -41.45 -0.67 -8.50
C THR BA 35 -42.57 -1.44 -7.81
N ARG BA 36 -43.35 -2.15 -8.62
CA ARG BA 36 -44.49 -2.91 -8.13
C ARG BA 36 -44.08 -4.33 -7.75
N VAL BA 37 -44.33 -4.74 -6.50
CA VAL BA 37 -44.01 -6.11 -6.10
C VAL BA 37 -45.32 -6.88 -6.00
N HIS BA 38 -46.42 -6.14 -5.82
CA HIS BA 38 -47.76 -6.72 -5.77
C HIS BA 38 -48.76 -5.65 -6.17
N ASP BA 39 -50.01 -6.05 -6.35
CA ASP BA 39 -51.05 -5.11 -6.76
C ASP BA 39 -51.01 -3.85 -5.92
N LYS BA 40 -51.08 -4.00 -4.61
CA LYS BA 40 -51.04 -2.83 -3.76
C LYS BA 40 -49.87 -2.76 -2.80
N ILE BA 41 -48.73 -3.30 -3.23
CA ILE BA 41 -47.49 -3.24 -2.46
C ILE BA 41 -46.39 -2.85 -3.43
N TRP BA 42 -45.89 -1.62 -3.28
CA TRP BA 42 -44.84 -1.10 -4.14
C TRP BA 42 -43.60 -0.75 -3.30
N CYS BA 43 -42.51 -0.39 -3.97
CA CYS BA 43 -41.29 -0.01 -3.28
C CYS BA 43 -40.54 1.11 -3.98
N CYS BA 44 -39.72 1.81 -3.20
CA CYS BA 44 -38.88 2.89 -3.70
C CYS BA 44 -37.46 2.35 -3.66
N ARG BA 45 -36.77 2.44 -4.79
CA ARG BA 45 -35.41 1.94 -4.89
C ARG BA 45 -34.33 3.02 -4.79
N SER BA 46 -33.25 2.68 -4.07
CA SER BA 46 -32.09 3.57 -3.93
C SER BA 46 -30.89 2.65 -3.77
N GLY BA 47 -29.73 3.10 -4.25
CA GLY BA 47 -28.52 2.30 -4.16
C GLY BA 47 -28.14 1.75 -5.52
N SER BA 48 -27.78 0.49 -5.59
CA SER BA 48 -27.40 -0.12 -6.86
C SER BA 48 -28.65 -0.41 -7.70
N ALA BA 49 -28.64 0.03 -8.95
CA ALA BA 49 -29.77 -0.21 -9.83
C ALA BA 49 -29.86 -1.72 -10.08
N ALA BA 50 -28.71 -2.34 -10.35
CA ALA BA 50 -28.70 -3.78 -10.59
C ALA BA 50 -29.18 -4.52 -9.34
N ASP BA 51 -28.66 -4.13 -8.18
CA ASP BA 51 -29.03 -4.79 -6.93
C ASP BA 51 -30.50 -4.67 -6.55
N THR BA 52 -31.02 -3.46 -6.58
CA THR BA 52 -32.42 -3.24 -6.21
C THR BA 52 -33.41 -3.86 -7.22
N GLN BA 53 -33.05 -3.87 -8.51
CA GLN BA 53 -33.92 -4.47 -9.52
C GLN BA 53 -33.95 -5.99 -9.26
N ALA BA 54 -32.78 -6.59 -9.11
CA ALA BA 54 -32.71 -8.02 -8.84
C ALA BA 54 -33.49 -8.37 -7.58
N ILE BA 55 -33.35 -7.55 -6.54
CA ILE BA 55 -34.05 -7.78 -5.29
C ILE BA 55 -35.56 -7.69 -5.48
N ALA BA 56 -36.00 -6.61 -6.13
CA ALA BA 56 -37.43 -6.41 -6.38
C ALA BA 56 -37.99 -7.58 -7.16
N ASP BA 57 -37.30 -7.99 -8.23
CA ASP BA 57 -37.76 -9.11 -9.05
C ASP BA 57 -37.94 -10.37 -8.21
N ILE BA 58 -37.01 -10.63 -7.30
CA ILE BA 58 -37.13 -11.82 -6.45
C ILE BA 58 -38.32 -11.68 -5.50
N VAL BA 59 -38.49 -10.50 -4.92
CA VAL BA 59 -39.61 -10.28 -4.00
C VAL BA 59 -40.95 -10.50 -4.74
N GLN BA 60 -41.09 -9.86 -5.89
CA GLN BA 60 -42.30 -10.00 -6.69
C GLN BA 60 -42.56 -11.49 -6.91
N TYR BA 61 -41.51 -12.23 -7.22
CA TYR BA 61 -41.63 -13.66 -7.44
C TYR BA 61 -42.19 -14.32 -6.17
N HIS BA 62 -41.63 -13.98 -5.03
CA HIS BA 62 -42.09 -14.57 -3.76
C HIS BA 62 -43.52 -14.24 -3.39
N LEU BA 63 -43.91 -13.00 -3.61
CA LEU BA 63 -45.27 -12.59 -3.27
C LEU BA 63 -46.29 -13.19 -4.24
N GLU BA 64 -45.87 -13.50 -5.46
CA GLU BA 64 -46.76 -14.11 -6.44
C GLU BA 64 -47.01 -15.58 -6.06
N LEU BA 65 -46.01 -16.24 -5.50
CA LEU BA 65 -46.17 -17.64 -5.11
C LEU BA 65 -46.92 -17.69 -3.78
N TYR BA 66 -46.67 -16.68 -2.94
CA TYR BA 66 -47.33 -16.58 -1.64
C TYR BA 66 -48.83 -16.43 -1.89
N THR BA 67 -49.16 -15.61 -2.87
CA THR BA 67 -50.55 -15.36 -3.21
C THR BA 67 -51.24 -16.62 -3.74
N SER BA 68 -50.54 -17.36 -4.58
CA SER BA 68 -51.09 -18.59 -5.14
C SER BA 68 -51.49 -19.55 -4.05
N GLN BA 69 -50.82 -19.46 -2.91
CA GLN BA 69 -51.09 -20.38 -1.82
C GLN BA 69 -51.84 -19.83 -0.61
N TYR BA 70 -51.56 -18.59 -0.24
CA TYR BA 70 -52.19 -18.03 0.96
C TYR BA 70 -52.97 -16.75 0.72
N GLY BA 71 -53.17 -16.41 -0.54
CA GLY BA 71 -53.91 -15.20 -0.86
C GLY BA 71 -53.03 -13.97 -0.67
N THR BA 72 -53.65 -12.80 -0.82
CA THR BA 72 -52.94 -11.53 -0.70
C THR BA 72 -52.09 -11.39 0.57
N PRO BA 73 -50.81 -11.00 0.40
CA PRO BA 73 -49.87 -10.83 1.51
C PRO BA 73 -50.01 -9.46 2.16
N SER BA 74 -49.58 -9.34 3.41
CA SER BA 74 -49.67 -8.06 4.10
C SER BA 74 -48.46 -7.22 3.67
N THR BA 75 -48.52 -5.92 3.96
CA THR BA 75 -47.41 -5.06 3.61
C THR BA 75 -46.23 -5.45 4.49
N GLU BA 76 -46.52 -5.90 5.70
CA GLU BA 76 -45.49 -6.32 6.63
C GLU BA 76 -44.75 -7.54 6.07
N THR BA 77 -45.51 -8.47 5.49
CA THR BA 77 -44.91 -9.68 4.92
C THR BA 77 -43.97 -9.32 3.76
N ALA BA 78 -44.36 -8.34 2.96
CA ALA BA 78 -43.54 -7.91 1.84
C ALA BA 78 -42.24 -7.30 2.38
N ALA BA 79 -42.36 -6.44 3.37
CA ALA BA 79 -41.17 -5.82 3.94
C ALA BA 79 -40.28 -6.92 4.53
N SER BA 80 -40.91 -7.99 5.00
CA SER BA 80 -40.15 -9.09 5.59
C SER BA 80 -39.30 -9.77 4.52
N VAL BA 81 -39.90 -10.10 3.39
CA VAL BA 81 -39.14 -10.75 2.33
C VAL BA 81 -37.99 -9.85 1.84
N PHE BA 82 -38.24 -8.55 1.77
CA PHE BA 82 -37.22 -7.61 1.34
C PHE BA 82 -36.09 -7.65 2.36
N LYS BA 83 -36.45 -7.59 3.63
CA LYS BA 83 -35.47 -7.62 4.71
C LYS BA 83 -34.64 -8.89 4.69
N GLU BA 84 -35.30 -10.02 4.50
CA GLU BA 84 -34.61 -11.29 4.47
C GLU BA 84 -33.49 -11.24 3.43
N LEU BA 85 -33.82 -10.77 2.23
CA LEU BA 85 -32.83 -10.66 1.17
C LEU BA 85 -31.73 -9.66 1.50
N CYS BA 86 -32.13 -8.47 1.95
CA CYS BA 86 -31.17 -7.41 2.26
C CYS BA 86 -30.22 -7.71 3.43
N TYR BA 87 -30.75 -8.32 4.48
CA TYR BA 87 -29.94 -8.64 5.66
C TYR BA 87 -29.01 -9.83 5.44
N GLU BA 88 -29.59 -10.92 4.95
CA GLU BA 88 -28.86 -12.14 4.69
C GLU BA 88 -27.75 -11.96 3.65
N ASN BA 89 -27.88 -10.97 2.78
CA ASN BA 89 -26.88 -10.70 1.74
C ASN BA 89 -26.29 -9.30 1.83
N LYS BA 90 -26.20 -8.77 3.04
CA LYS BA 90 -25.67 -7.42 3.25
C LYS BA 90 -24.26 -7.18 2.69
N ASP BA 91 -23.45 -8.22 2.63
CA ASP BA 91 -22.09 -8.07 2.14
C ASP BA 91 -21.96 -7.84 0.65
N ASN BA 92 -22.96 -8.26 -0.11
CA ASN BA 92 -22.93 -8.12 -1.57
C ASN BA 92 -23.98 -7.22 -2.18
N LEU BA 93 -24.69 -6.49 -1.35
CA LEU BA 93 -25.72 -5.61 -1.86
C LEU BA 93 -25.56 -4.18 -1.37
N THR BA 94 -26.05 -3.27 -2.20
CA THR BA 94 -26.07 -1.85 -1.88
C THR BA 94 -27.47 -1.46 -2.28
N ALA BA 95 -28.39 -1.63 -1.34
CA ALA BA 95 -29.79 -1.33 -1.55
C ALA BA 95 -30.44 -0.66 -0.35
N GLY BA 96 -31.11 0.45 -0.64
CA GLY BA 96 -31.83 1.19 0.37
C GLY BA 96 -33.25 1.15 -0.16
N ILE BA 97 -34.13 0.42 0.50
CA ILE BA 97 -35.49 0.29 0.01
C ILE BA 97 -36.62 0.72 0.93
N ILE BA 98 -37.59 1.44 0.36
CA ILE BA 98 -38.75 1.85 1.12
C ILE BA 98 -39.95 1.07 0.58
N VAL BA 99 -40.55 0.26 1.45
CA VAL BA 99 -41.70 -0.56 1.08
C VAL BA 99 -42.98 0.15 1.50
N ALA BA 100 -43.91 0.30 0.57
CA ALA BA 100 -45.17 0.97 0.87
C ALA BA 100 -46.32 0.16 0.32
N GLY BA 101 -47.36 -0.02 1.13
CA GLY BA 101 -48.49 -0.80 0.67
C GLY BA 101 -49.80 -0.36 1.28
N TYR BA 102 -50.90 -0.80 0.66
CA TYR BA 102 -52.23 -0.49 1.15
C TYR BA 102 -53.04 -1.73 1.43
N ASP BA 103 -53.44 -1.85 2.68
CA ASP BA 103 -54.22 -2.96 3.18
C ASP BA 103 -55.58 -2.36 3.52
N ASP BA 104 -56.62 -3.18 3.60
CA ASP BA 104 -57.92 -2.62 3.93
C ASP BA 104 -58.06 -2.51 5.44
N LYS BA 105 -57.55 -3.52 6.12
CA LYS BA 105 -57.58 -3.57 7.58
C LYS BA 105 -56.52 -2.64 8.18
N ASN BA 106 -55.38 -2.52 7.50
CA ASN BA 106 -54.27 -1.68 7.99
C ASN BA 106 -54.13 -0.33 7.30
N LYS BA 107 -54.87 -0.14 6.20
CA LYS BA 107 -54.81 1.11 5.46
C LYS BA 107 -53.40 1.26 4.84
N GLY BA 108 -52.78 2.41 4.99
CA GLY BA 108 -51.45 2.59 4.42
C GLY BA 108 -50.33 2.30 5.42
N GLU BA 109 -49.26 1.67 4.96
CA GLU BA 109 -48.12 1.37 5.83
C GLU BA 109 -46.82 1.65 5.10
N VAL BA 110 -45.81 2.07 5.86
CA VAL BA 110 -44.49 2.36 5.28
C VAL BA 110 -43.36 1.74 6.10
N TYR BA 111 -42.51 0.99 5.43
CA TYR BA 111 -41.36 0.34 6.07
C TYR BA 111 -40.11 0.77 5.32
N THR BA 112 -39.07 1.12 6.06
CA THR BA 112 -37.84 1.53 5.43
C THR BA 112 -36.77 0.49 5.76
N ILE BA 113 -36.04 0.09 4.74
CA ILE BA 113 -34.97 -0.90 4.88
C ILE BA 113 -33.66 -0.27 4.39
N PRO BA 114 -32.86 0.26 5.33
CA PRO BA 114 -31.58 0.87 4.98
C PRO BA 114 -30.50 -0.17 4.70
N LEU BA 115 -29.31 0.30 4.35
CA LEU BA 115 -28.18 -0.57 4.05
C LEU BA 115 -28.00 -1.79 4.92
N GLY BA 116 -27.88 -1.62 6.23
CA GLY BA 116 -27.68 -2.80 7.04
C GLY BA 116 -28.63 -4.00 6.83
N GLY BA 117 -29.88 -3.73 6.47
CA GLY BA 117 -30.83 -4.80 6.30
C GLY BA 117 -31.86 -4.81 7.42
N SER BA 118 -31.86 -3.74 8.22
CA SER BA 118 -32.81 -3.61 9.34
C SER BA 118 -34.12 -3.03 8.79
N VAL BA 119 -35.21 -3.25 9.52
CA VAL BA 119 -36.51 -2.73 9.08
C VAL BA 119 -37.04 -1.71 10.06
N HIS BA 120 -37.68 -0.67 9.54
CA HIS BA 120 -38.23 0.40 10.38
C HIS BA 120 -39.59 0.84 9.85
N LYS BA 121 -40.63 0.68 10.65
CA LYS BA 121 -41.97 1.08 10.26
C LYS BA 121 -42.15 2.55 10.65
N LEU BA 122 -42.57 3.38 9.70
CA LEU BA 122 -42.74 4.81 9.98
C LEU BA 122 -43.97 5.40 9.33
N PRO BA 123 -44.39 6.60 9.80
CA PRO BA 123 -45.55 7.29 9.24
C PRO BA 123 -45.19 7.69 7.81
N TYR BA 124 -43.90 7.93 7.60
CA TYR BA 124 -43.38 8.28 6.27
C TYR BA 124 -41.88 8.09 6.33
N ALA BA 125 -41.25 7.96 5.16
CA ALA BA 125 -39.81 7.77 5.11
C ALA BA 125 -39.22 8.42 3.89
N ILE BA 126 -37.97 8.84 4.02
CA ILE BA 126 -37.24 9.46 2.92
C ILE BA 126 -35.88 8.77 2.87
N ALA BA 127 -35.34 8.65 1.66
CA ALA BA 127 -34.05 8.02 1.48
C ALA BA 127 -33.44 8.47 0.15
N GLY BA 128 -32.23 8.01 -0.13
CA GLY BA 128 -31.56 8.42 -1.35
C GLY BA 128 -30.63 9.59 -1.03
N SER BA 129 -29.70 9.87 -1.92
CA SER BA 129 -28.76 10.96 -1.70
C SER BA 129 -29.46 12.29 -1.40
N GLY BA 130 -30.42 12.64 -2.24
CA GLY BA 130 -31.14 13.90 -2.06
C GLY BA 130 -31.95 14.03 -0.78
N SER BA 131 -32.19 12.92 -0.10
CA SER BA 131 -32.98 12.95 1.13
C SER BA 131 -32.32 13.77 2.24
N THR BA 132 -31.00 13.75 2.28
CA THR BA 132 -30.27 14.48 3.33
C THR BA 132 -30.64 15.96 3.42
N PHE BA 133 -30.94 16.56 2.29
CA PHE BA 133 -31.27 17.96 2.23
C PHE BA 133 -32.67 18.32 2.67
N ILE BA 134 -33.57 17.34 2.73
CA ILE BA 134 -34.93 17.62 3.12
C ILE BA 134 -35.35 17.05 4.47
N TYR BA 135 -34.37 16.65 5.28
CA TYR BA 135 -34.70 16.13 6.61
C TYR BA 135 -35.39 17.23 7.40
N GLY BA 136 -34.75 18.39 7.48
CA GLY BA 136 -35.34 19.50 8.21
C GLY BA 136 -36.73 19.81 7.70
N TYR BA 137 -36.85 20.03 6.39
CA TYR BA 137 -38.13 20.36 5.78
C TYR BA 137 -39.25 19.35 6.04
N CYS BA 138 -39.00 18.07 5.81
CA CYS BA 138 -40.01 17.04 6.02
C CYS BA 138 -40.46 16.94 7.47
N ASP BA 139 -39.51 17.03 8.39
CA ASP BA 139 -39.81 16.92 9.80
C ASP BA 139 -40.67 18.09 10.27
N LYS BA 140 -40.55 19.24 9.61
CA LYS BA 140 -41.34 20.42 9.98
C LYS BA 140 -42.69 20.45 9.27
N ASN BA 141 -42.82 19.72 8.16
CA ASN BA 141 -44.07 19.75 7.42
C ASN BA 141 -44.91 18.48 7.41
N PHE BA 142 -44.40 17.38 7.94
CA PHE BA 142 -45.22 16.17 7.93
C PHE BA 142 -46.31 16.26 8.98
N ARG BA 143 -47.48 15.73 8.63
CA ARG BA 143 -48.64 15.69 9.51
C ARG BA 143 -49.36 14.41 9.20
N GLU BA 144 -49.80 13.71 10.24
CA GLU BA 144 -50.51 12.47 10.04
C GLU BA 144 -51.94 12.69 9.57
N ASN BA 145 -52.41 11.79 8.72
CA ASN BA 145 -53.77 11.85 8.20
C ASN BA 145 -54.08 13.03 7.30
N MET BA 146 -53.15 13.38 6.42
CA MET BA 146 -53.35 14.46 5.48
C MET BA 146 -54.26 13.93 4.37
N SER BA 147 -54.77 14.80 3.53
CA SER BA 147 -55.63 14.36 2.43
C SER BA 147 -54.75 14.00 1.25
N LYS BA 148 -55.33 13.31 0.27
CA LYS BA 148 -54.55 12.94 -0.90
C LYS BA 148 -53.89 14.17 -1.51
N GLU BA 149 -54.60 15.28 -1.52
CA GLU BA 149 -54.07 16.52 -2.09
C GLU BA 149 -52.91 17.10 -1.29
N GLU BA 150 -53.07 17.15 0.03
CA GLU BA 150 -52.02 17.68 0.89
C GLU BA 150 -50.75 16.82 0.77
N THR BA 151 -50.94 15.50 0.80
CA THR BA 151 -49.83 14.56 0.69
C THR BA 151 -49.09 14.74 -0.64
N VAL BA 152 -49.83 14.76 -1.74
CA VAL BA 152 -49.21 14.93 -3.05
C VAL BA 152 -48.43 16.25 -3.07
N ASP BA 153 -48.83 17.20 -2.24
CA ASP BA 153 -48.14 18.48 -2.18
C ASP BA 153 -46.89 18.42 -1.32
N PHE BA 154 -47.00 17.71 -0.20
CA PHE BA 154 -45.88 17.53 0.72
C PHE BA 154 -44.76 16.82 -0.03
N ILE BA 155 -45.12 15.79 -0.81
CA ILE BA 155 -44.15 15.03 -1.57
C ILE BA 155 -43.58 15.85 -2.73
N LYS BA 156 -44.45 16.56 -3.44
CA LYS BA 156 -43.98 17.36 -4.57
C LYS BA 156 -42.99 18.44 -4.12
N HIS BA 157 -43.25 19.05 -2.97
CA HIS BA 157 -42.38 20.08 -2.44
C HIS BA 157 -41.07 19.49 -1.94
N SER BA 158 -41.18 18.47 -1.07
CA SER BA 158 -40.00 17.83 -0.53
C SER BA 158 -39.04 17.41 -1.64
N LEU BA 159 -39.54 16.59 -2.57
CA LEU BA 159 -38.70 16.12 -3.66
C LEU BA 159 -38.17 17.21 -4.58
N SER BA 160 -38.91 18.30 -4.73
CA SER BA 160 -38.40 19.35 -5.61
C SER BA 160 -37.19 19.98 -4.92
N GLN BA 161 -37.22 20.01 -3.59
CA GLN BA 161 -36.09 20.57 -2.86
C GLN BA 161 -34.92 19.61 -2.94
N ALA BA 162 -35.19 18.32 -2.75
CA ALA BA 162 -34.17 17.30 -2.83
C ALA BA 162 -33.46 17.44 -4.17
N ILE BA 163 -34.27 17.47 -5.23
CA ILE BA 163 -33.75 17.60 -6.59
C ILE BA 163 -32.97 18.90 -6.77
N LYS BA 164 -33.44 19.95 -6.11
CA LYS BA 164 -32.80 21.26 -6.22
C LYS BA 164 -31.36 21.27 -5.78
N TRP BA 165 -31.08 20.61 -4.67
CA TRP BA 165 -29.73 20.59 -4.12
C TRP BA 165 -28.87 19.42 -4.53
N ASP BA 166 -29.49 18.28 -4.80
CA ASP BA 166 -28.75 17.09 -5.18
C ASP BA 166 -28.60 16.85 -6.69
N GLY BA 167 -27.38 16.96 -7.18
CA GLY BA 167 -27.13 16.76 -8.59
C GLY BA 167 -27.35 15.33 -9.01
N SER BA 168 -27.49 14.44 -8.04
CA SER BA 168 -27.72 13.03 -8.34
C SER BA 168 -29.20 12.76 -8.57
N SER BA 169 -30.02 13.77 -8.31
CA SER BA 169 -31.46 13.67 -8.48
C SER BA 169 -31.92 14.64 -9.54
N GLY BA 170 -33.07 14.36 -10.13
CA GLY BA 170 -33.60 15.24 -11.15
C GLY BA 170 -34.58 14.56 -12.08
N GLY BA 171 -34.92 15.23 -13.17
CA GLY BA 171 -35.87 14.69 -14.13
C GLY BA 171 -37.28 15.05 -13.70
N VAL BA 172 -38.20 14.09 -13.77
CA VAL BA 172 -39.56 14.35 -13.37
C VAL BA 172 -39.80 13.72 -11.99
N ILE BA 173 -40.86 14.15 -11.31
CA ILE BA 173 -41.18 13.57 -10.03
C ILE BA 173 -42.31 12.59 -10.31
N ARG BA 174 -42.10 11.32 -10.01
CA ARG BA 174 -43.13 10.32 -10.23
C ARG BA 174 -43.78 9.99 -8.90
N MET BA 175 -45.04 9.62 -8.94
CA MET BA 175 -45.74 9.26 -7.73
C MET BA 175 -46.67 8.11 -8.03
N VAL BA 176 -47.01 7.36 -6.99
CA VAL BA 176 -47.95 6.26 -7.12
C VAL BA 176 -48.80 6.33 -5.88
N VAL BA 177 -50.12 6.45 -6.07
CA VAL BA 177 -51.06 6.53 -4.97
C VAL BA 177 -51.72 5.18 -4.75
N LEU BA 178 -51.64 4.69 -3.51
CA LEU BA 178 -52.20 3.41 -3.14
C LEU BA 178 -53.33 3.58 -2.15
N THR BA 179 -54.57 3.34 -2.58
CA THR BA 179 -55.72 3.47 -1.69
C THR BA 179 -56.73 2.36 -1.99
N ALA BA 180 -57.85 2.34 -1.28
CA ALA BA 180 -58.86 1.33 -1.53
C ALA BA 180 -59.40 1.50 -2.94
N ALA BA 181 -59.45 2.76 -3.39
CA ALA BA 181 -59.92 3.11 -4.73
C ALA BA 181 -59.12 2.44 -5.83
N GLY BA 182 -57.87 2.07 -5.53
CA GLY BA 182 -57.03 1.43 -6.52
C GLY BA 182 -55.60 1.98 -6.57
N VAL BA 183 -55.03 2.01 -7.76
CA VAL BA 183 -53.66 2.47 -7.97
C VAL BA 183 -53.60 3.63 -8.95
N GLU BA 184 -53.02 4.75 -8.52
CA GLU BA 184 -52.92 5.91 -9.40
C GLU BA 184 -51.48 6.38 -9.63
N ARG BA 185 -51.16 6.62 -10.89
CA ARG BA 185 -49.85 7.09 -11.30
C ARG BA 185 -49.88 8.59 -11.56
N LEU BA 186 -48.91 9.32 -11.00
CA LEU BA 186 -48.82 10.76 -11.19
C LEU BA 186 -47.42 11.12 -11.69
N ILE BA 187 -47.31 12.21 -12.45
CA ILE BA 187 -46.02 12.65 -12.93
C ILE BA 187 -46.03 14.18 -12.94
N PHE BA 188 -44.93 14.78 -12.50
CA PHE BA 188 -44.83 16.23 -12.48
C PHE BA 188 -43.52 16.63 -13.12
N TYR BA 189 -43.62 17.45 -14.16
CA TYR BA 189 -42.45 17.90 -14.92
C TYR BA 189 -41.68 19.04 -14.26
N PRO BA 190 -40.42 19.23 -14.68
CA PRO BA 190 -39.54 20.28 -14.16
C PRO BA 190 -40.22 21.64 -14.07
N ASP BA 191 -40.71 22.12 -15.21
CA ASP BA 191 -41.37 23.43 -15.26
C ASP BA 191 -42.40 23.69 -14.18
N GLU BA 192 -42.97 22.63 -13.60
CA GLU BA 192 -43.93 22.84 -12.55
C GLU BA 192 -43.29 22.90 -11.15
N TYR BA 193 -42.58 21.86 -10.76
CA TYR BA 193 -41.98 21.85 -9.42
C TYR BA 193 -40.76 22.75 -9.24
N GLU BA 194 -40.04 23.05 -10.31
CA GLU BA 194 -38.87 23.91 -10.21
C GLU BA 194 -39.25 25.30 -9.70
N GLN BA 195 -40.48 25.72 -9.96
CA GLN BA 195 -40.91 27.04 -9.52
C GLN BA 195 -41.88 27.00 -8.35
N LEU BA 196 -41.61 26.14 -7.38
CA LEU BA 196 -42.47 26.04 -6.19
C LEU BA 196 -41.75 26.74 -5.06
C1 BFO CA . 16.50 -3.01 -18.96
C2 BFO CA . 17.08 -4.25 -18.53
C3 BFO CA . 16.85 -5.48 -19.25
C4 BFO CA . 17.59 -6.77 -18.72
O5 BFO CA . 18.79 -6.23 -18.09
C6 BFO CA . 19.79 -6.95 -17.51
O7 BFO CA . 19.86 -8.20 -17.42
N8 BFO CA . 20.71 -6.01 -17.04
C9 BFO CA . 22.00 -6.11 -16.32
C10 BFO CA . 22.87 -7.31 -16.82
C11 BFO CA . 22.74 -4.76 -16.49
O12 BFO CA . 23.19 -4.17 -15.52
N13 BFO CA . 22.84 -4.28 -17.78
C14 BFO CA . 22.44 -2.93 -18.29
C15 BFO CA . 23.35 -1.79 -17.82
O16 BFO CA . 24.56 -1.89 -18.07
O17 BFO CA . 22.80 -0.71 -17.19
C18 BFO CA . 23.75 0.36 -16.82
C19 BFO CA . 24.26 0.37 -15.37
C20 BFO CA . 23.65 1.23 -14.41
C21 BFO CA . 24.11 1.26 -13.06
C22 BFO CA . 25.20 0.42 -12.66
C23 BFO CA . 25.82 -0.43 -13.61
C24 BFO CA . 25.35 -0.47 -14.96
C25 BFO CA . 20.90 -2.63 -18.09
C26 BFO CA . 20.38 -1.73 -19.29
C27 BFO CA . 20.05 -2.57 -20.60
N28 BFO CA . 20.31 -1.85 -21.88
C29 BFO CA . 19.35 -1.09 -22.58
O30 BFO CA . 18.18 -0.95 -22.20
C31 BFO CA . 19.75 -0.40 -23.87
O32 BFO CA . 20.18 -1.35 -24.84
C33 BFO CA . 20.88 0.68 -23.63
C34 BFO CA . 21.10 1.71 -24.82
C35 BFO CA . 19.78 2.47 -25.18
C36 BFO CA . 22.25 2.71 -24.41
C37 BFO CA . 22.59 3.79 -25.47
C38 BFO CA . 22.21 -0.02 -23.36
O39 BFO CA . 22.77 0.01 -22.27
C40 BFO CA . 16.00 -5.45 -20.40
C41 BFO CA . 15.40 -4.19 -20.86
C42 BFO CA . 14.54 -4.14 -22.01
C43 BFO CA . 13.97 -2.88 -22.43
C44 BFO CA . 14.23 -1.68 -21.71
C45 BFO CA . 15.07 -1.73 -20.54
C46 BFO CA . 15.66 -2.97 -20.11
C1 BFO DA . 13.95 -15.25 14.56
C2 BFO DA . 15.19 -15.14 13.88
C3 BFO DA . 16.32 -14.45 14.47
C4 BFO DA . 17.66 -14.40 13.65
O5 BFO DA . 17.61 -15.62 12.86
C6 BFO DA . 18.55 -16.08 12.01
O7 BFO DA . 19.66 -15.54 11.75
N8 BFO DA . 18.05 -17.27 11.48
C9 BFO DA . 18.56 -18.26 10.50
C10 BFO DA . 20.11 -18.51 10.63
C11 BFO DA . 17.76 -19.56 10.68
O12 BFO DA . 17.25 -20.12 9.70
N13 BFO DA . 17.66 -20.07 11.96
C14 BFO DA . 16.41 -20.40 12.71
C15 BFO DA . 15.73 -21.68 12.21
O16 BFO DA . 16.40 -22.71 12.20
O17 BFO DA . 14.42 -21.62 11.83
C18 BFO DA . 13.85 -22.92 11.41
C19 BFO DA . 13.77 -23.19 9.91
C20 BFO DA . 12.55 -22.96 9.22
C21 BFO DA . 12.43 -23.22 7.82
C22 BFO DA . 13.55 -23.71 7.10
C23 BFO DA . 14.78 -23.94 7.78
C24 BFO DA . 14.89 -23.69 9.18
C25 BFO DA . 15.43 -19.19 12.87
C26 BFO DA . 14.65 -19.31 14.25
C27 BFO DA . 15.49 -18.76 15.49
N28 BFO DA . 15.26 -19.50 16.77
C29 BFO DA . 14.32 -19.11 17.73
O30 BFO DA . 13.60 -18.13 17.62
C31 BFO DA . 14.15 -19.96 19.00
O32 BFO DA . 15.37 -19.99 19.74
C33 BFO DA . 13.68 -21.43 18.66
C34 BFO DA . 13.13 -22.25 19.90
C35 BFO DA . 11.95 -21.52 20.62
C36 BFO DA . 12.68 -23.67 19.38
C37 BFO DA . 12.11 -24.62 20.47
C38 BFO DA . 14.83 -22.22 18.05
O39 BFO DA . 14.82 -22.60 16.88
C40 BFO DA . 16.16 -13.86 15.79
C41 BFO DA . 14.88 -13.99 16.49
C42 BFO DA . 14.70 -13.43 17.80
C43 BFO DA . 13.43 -13.57 18.49
C44 BFO DA . 12.34 -14.27 17.88
C45 BFO DA . 12.52 -14.83 16.57
C46 BFO DA . 13.77 -14.69 15.87
#